data_9E2W
#
_entry.id   9E2W
#
_cell.length_a   1.00
_cell.length_b   1.00
_cell.length_c   1.00
_cell.angle_alpha   90.00
_cell.angle_beta   90.00
_cell.angle_gamma   90.00
#
_symmetry.space_group_name_H-M   'P 1'
#
loop_
_entity.id
_entity.type
_entity.pdbx_description
1 polymer 'DNA replication licensing factor MCM2'
2 polymer 'DNA replication licensing factor MCM3'
3 polymer 'DNA replication licensing factor MCM4'
4 polymer 'Minichromosome maintenance protein 5'
5 polymer 'DNA replication licensing factor MCM6'
6 polymer 'DNA replication licensing factor MCM7'
7 polymer 'DNA replication complex GINS protein PSF1'
8 polymer 'DNA replication complex GINS protein PSF2'
9 polymer 'DNA replication complex GINS protein PSF3'
10 polymer 'DNA replication complex GINS protein SLD5'
11 polymer 'Cell division control protein 45'
12 polymer 'Leading strand DNA template'
13 polymer 'Lagging strand DNA template'
14 polymer 'Topoisomerase 1-associated factor 1'
15 polymer 'Chromosome segregation in meiosis protein 3'
16 non-polymer "ADENOSINE-5'-DIPHOSPHATE"
17 non-polymer 'MAGNESIUM ION'
18 non-polymer 'ZINC ION'
19 non-polymer "ADENOSINE-5'-TRIPHOSPHATE"
#
loop_
_entity_poly.entity_id
_entity_poly.type
_entity_poly.pdbx_seq_one_letter_code
_entity_poly.pdbx_strand_id
1 'polypeptide(L)'
;MSDNRRRRREEDDSDSENELPPSSPQQHFRGGMNPVSSPIGSPDMINPEGDDNEVDDVPDIDEVEEQMNEVDLMDDNMYE
DYAADHNRDRYDPDQVDDREQQELSLSERRRIDAQLNERDRLLRNVAYIDDEDEEQEGAAQLDEMGLPVQRRRRRRQYED
LENSDDDLLSDMDIDPLREELTLESLSNVKANSYSEWITQPNVSRTIARELKSFLLEYTDETGRSVYGARIRTLGEMNSE
SLEVNYRHLAESKAILALFLAKCPEEMLKIFDLVAMEATELHYPDYARIHSEIHVRISDFPTIYSLRELRESNLSSLVRV
TGVVTRRTGVFPQLKYVKFNCLKCGSILGPFFQDSNEEIRISFCTNCKSKGPFRVNGEKTVYRNYQRVTLQEAPGTVPPG
RLPRHREVILLADLVDVSKPGEEVEVTGIYKNNYDGNLNAKNGFPVFATIIEANSIKRREGNTANEGEEGLDVFSWTEEE
EREFRKISRDRGIIDKIISSMAPSIYGHRDIKTAVACSLFGGVPKNVNGKHSIRGDINVLLLGDPGTAKSQILKYVEKTA
HRAVFATGQGASAVGLTASVRKDPITKEWTLEGGALVLADKGVCLIDEFDKMNDQDRTSIHEAMEQQSISISKAGIVTTL
QARCSIIAAANPNGGRYNSTLPLAQNVSLTEPILSRFDILCVVRDLVDEEADERLATFVVDSHVRSHPENDEDREGEELK
NNGESAIEQGEDEINEQLNARQRRLQRQRKKEEEISPIPQELLMKYIHYARTKIYPKLHQMDMDKVSRVYADLRRESIST
GSFPITVRHLESILRIAESFAKMRLSEFVSSYDLDRAIKVVVDSFVDAQKVSVRRQLRRSFAIYTLGH
;
2
2 'polypeptide(L)'
;MEGSTGFDGDATTFFAPDAVFGDRVRRFQEFLDTFTSYRDSVRSIQVYNSNNAANYNDDQDDADERDLLGDDDGDDLEKE
KKAASSTSLNILPHRIIISLDDLREFDRSFWSGILVEPAYFIPPAEKALTDLADSMDDVPHPNASAVSSRHPWKLSFKGS
FGAHALSPRTLTAQHLNKLVSVEGIVTKTSLVRPKLIRSVHYAAKTGRFHYRDYTDATTTLTTRIPTPAIYPTEDTEGNK
LTTEYGYSTFIDHQRITVQEMPEMAPAGQLPRSIDVILDDDLVDKTKPGDRVNVVGVFKSLGAGGMNQSNSNTLIGFKTL
ILGNTVYPLHARSTGVAARQMLTDFDIRNINKLSKKKDIFDILSQSLAPSIYGHDHIKKAILLMLMGGVEKNLENGSHLR
GDINILMVGDPSTAKSQLLRFVLNTASLAIATTGRGSSGVGLTAAVTTDRETGERRLEAGAMVLADRGVVCIDEFDKMTD
VDRVAIHEVMEQQTVTIAKAGIHTTLNARCSVIAAANPVFGQYDVNRDPHQNIALPDSLLSRFDLLFVVTDDINEIRDRS
ISEHVLRTHRYLPPGYLEGEPVRERLNLSLAVGEDADINPEEHSNSGAGVENEGEDDEDHVFEKFNPLLQAGAKLAKNKG
NYNGTEIPKLVTIPFLRKYVQYAKERVIPQLTQEAINVIVKNYTDLRNDDNTKKSPITARTLETLIRLATAHAKVRLSKT
VNKVDAKVAANLLRFALLGEDIGNDIDEEESEYEEALSKRSPQKSPKKRQRVRQPASNSGSPIKSTPRRSTASSVNATPS
SARRILRFQDDEQNAGEDDNDIMSPLPADEEAELQRRLQLGLRVSPRRREHLHAPEEGSSGPLTEVGTPRLPNVSSAGQD
DEQQQSVISFDNVEPGTISTGRLSLISGIIARLMQTEIFEEESYPVASLFERINEELPEEEKFSAQEYLAGLKIMSDRNN
LMVADDKVWRV
;
3
3 'polypeptide(L)'
;MSQQSSSPTKEDNNSSSPVVPNPDSVPPQLSSPALFYSSSSSQGDIYGRNNSQNLSQGEGNIRAAIGSSPLNFPSSSQRQ
NSDVFQSQGRQGRIRSSASASGRSRYHSDLRSDRALPTSSSSLGRNGQNRVHMRRNDIHTSDLSSPRRIVDFDTRSGVNT
LDTSSSSAPPSEASEPLRIIWGTNVSIQECTTNFRNFLMSFKYKFRKILDEREEFINNTTDEELYYIKQLNEMRELGTSN
LNLDARNLLAYKQTEDLYHQLLNYPQEVISIMDQTIKDCMVSLIVDNNLDYDLDEIETKFYKVRPYNVGSCKGMRELNPN
DIDKLINLKGLVLRSTPVIPDMKVAFFKCNVCDHTMAVEIDRGVIQEPARCERIDCNEPNSMSLIHNRCSFADKQVIKLQ
ETPDFVPDGQTPHSISLCVYDELVDSCRAGDRIEVTGTFRSIPIRANSRQRVLKSLYKTYVDVVHVKKVSDKRLDVDTST
IEQELMQNKVDHNEVEEVRQITDQDLAKIREVAAREDLYSLLARSIAPSIYELEDVKKGILLQLFGGTNKTFTKGGRYRG
DINILLCGDPSTSKSQILQYVHKITPRGVYTSGKGSSAVGLTAYITRDVDTKQLVLESGALVLSDGGVCCIDEFDKMSDS
TRSVLHEVMEQQTISIAKAGIITTLNARSSILASANPIGSRYNPNLPVTENIDLPPPLLSRFDLVYLVLDKVDEKNDREL
AKHLTNLYLEDKPEHISQDDVLPVEFLTMYISYAKEHIHPIITEAAKTELVRAYVGMRKMGDDSRSDEKRITATTRQLES
MIRLAEAHAKMKLKNVVELEDVQEAVRLIRSAIKDYATDPKTGKIDMNLVQTGKSVIQRKLQEDLSREIMNVLKDQASDS
MSFNELIKQINEHSQDRVESSDIQEALSRLQQEDKVIVLGEGVRRSVRLNNRV
;
4
4 'polypeptide(L)'
;MSFDRPEIYSAPVLQGESPNDDDNTEIIKSFKNFILEFRLDSQFIYRDQLRNNILVKNYSLTVNMEHLIGYNEDIYKKLS
DEPSDIIPLFETAITQVAKRISILSRAQSANNNDKDPENTSMDTDSLLLNSLPTFQLILNSNANQIPLRDLDSEHVSKIV
RLSGIIISTSVLSSRATYLSIMCRNCRHTTSITINNFNSITGNTVSLPRSCLSTIESESSMANESNIGDESTKKNCGPDP
YIIIHESSKFIDQQFLKLQEIPELVPVGEMPRNLTMTCDRYLTNKVIPGTRVTIVGIYSIYNSKNGAGSGRSGGGNGGSG
VAIRTPYIKILGIQSDVETSSIWNSVTMFTEEEEEEFLQLSRNPKLYEILTNSIAPSIFGNEDIKKAIVCLLMGGSKKIL
PDGMRLRGDINVLLLGDPGTAKSQLLKFVEKVSPIAVYTSGKGSSAAGLTASVQRDPMTREFYLEGGAMVLADGGVVCID
EFDKMRDEDRVAIHEAMEQQTISIAKAGITTVLNSRTSVLAAANPIYGRYDDLKSPGDNIDFQTTILSRFDMIFIVKDDH
NEERDISIANHVINIHTGNANAMQNQQEENGSEISIEKMKRYITYCRLKCAPRLSPQAAEKLSSNFVTIRKQLLINELES
TERSSIPITIRQLEAIIRITESLAKLELSPIAQERHVDEAIRLFQASTMDAASQDPIGGLNQASGTSLSEIRRFEQELKR
RLPIGWSTSYQTLRREFVDTHRFSQLALDKALYALEKHETIQLRHQGQNIYRSGV
;
5
5 'polypeptide(L)'
;MSSPFPADTPSSNRPSNSSPPPSSIGAGFGSSSGLDSQIGSRLHFPSSSQPHVSNSQTGPFVNDSTQFSSQRLQTDGSAT
NDMEGNEPARSFKSRALNHVKKVDDVTGEKVREAFEQFLEDFSVQSTDTGEVEKVYRAQIEFMKIYDLNTIYIDYQHLSM
RENGALAMAISEQYYRFLPFLQKGLRRVVRKYAPELLNTSDSLKRSEGDEGQADEDEQQDDDMNGSSLPRDSGSSAAPGN
GTSAMATRSITTSTSPEQTERVFQISFFNLPTVHRIRDIRSEKIGSLLSISGTVTRTSEVRPELYKASFTCDMCRAIVDN
VEQSFKYTEPTFCPNPSCENRAFWTLNVTRSRFLDWQKVRIQENANEIPTGSMPRTLDVILRGDSVERAKPGDRCKFTGV
EIVVPDVTQLGLPGVKPSSTLDTRGISKTTEGLNSGVTGLRSLGVRDLTYKISFLACHVISIGSNIGASSPDANSNNRET
ELQMAANLQANNVYQDNERDQEVFLNSLSSDEINELKEMVKDEHIYDKLVRSIAPAVFGHEAVKKGILLQMLGGVHKSTV
EGIKLRGDINICVVGDPSTSKSQFLKYVVGFAPRSVYTSGKASSAAGLTAAVVRDEEGGDYTIEAGALMLADNGICCIDE
FDKMDISDQVAIHEAMEQQTISIAKAGIHATLNARTSILAAANPVGGRYNRKLSLRGNLNMTAPIMSRFDLFFVILDDCN
EKIDTELASHIVDLHMKRDEAIEPPFSAEQLRRYIKYARTFKPILTKEARSYLVEKYKELRKDDAQGFSRSSYRITVRQL
ESMIRLSEAIARANCVDEITPSFIAEAYDLLRQSIIRVDVDDVEMDEEFDNIESQSHAASGNNDDNDDGTGSGVITSEPP
ADIEEGQSEATARPGTSEKKKTTVTYDKYVSMMNMIVRKIAEVDREGAEELTAVDIVDWYLLQKENDLGSLAEYWEERRL
AFKVIKRLVKDRILMEIHGTRHNLRDLENEENENNKTVYVIHPNCEVLDQLEPQDSS
;
6
6 'polypeptide(L)'
;MSAALPSIQLPVDYNNLFNEITDFLVTFKQDTLSSDATRNENEDENLDAENIEQHLLEKGPKYMAMLQKVANRELNSVII
DLDDILQYQNEKFLQGTQADDLVSAIQQNANHFTELFCRAIDNNMPLPTKEIDYKDDVLDVILNQRRLRNERMLSDRTNE
IRSENLMDTTMDPPSSMNDALREVVEDETELFPPNLTRRYFLYFKPLSQNCARRYRKKAISSKPLSVRQIKGDFLGQLIT
VRGIITRVSDVKPAVEVIAYTCDQCGYEVFQEVNSRTFTPLSECTSEECSQNQTKGQLFMSTRASKFSAFQECKIQELSQ
QVPVGHIPRSLNIHVNGTLVRSLSPGDIVDVTGIFLPAPYTGFKALKAGLLTETYLEAQFVRQHKKKFASFSLTSDVEER
VMELITSGDVYNRLAKSIAPEIYGNLDVKKALLLLLVGGVDKRVGDGMKIRGDINVCLMGDPGVAKSQLLKAICKISPRG
VYTTGKGSSGVGLTAAVMKDPVTDEMILEGGALVLADNGICCIDEFDKMDESDRTAIHEVMEQQTISISKAGINTTLNAR
TSILAAANPLYGRYNPRLSPLDNINLPAALLSRFDILFLMLDIPSRDDDEKLAEHVTYVHMHNKQPDLDFTPVEPSKMRE
YIAYAKTKRPVMSEAVNDYVVQAYIRLRQDSKREMDSKFSFGQATPRTLLGIIRLSQALAKLRLADMVDIDDVEEALRLV
RVSKESLYQETNKSKEDESPTTKIFTIIKKMLQETGKNTLSYENIVKTVRLRGFTMLQLSNCIQEYSYLNVWHLINEGNT
LKFVDDGTMDTDQEDSLVSTPKLAPQTTASANVSAQDSDIDLQDA
;
7
7 'polypeptide(L)'
;MYGDLGNKLVLEAKRTKQLYARSNQDVNLPMYHEDIIRNILKEVSNLRKNTEYLKEQQQLGMLDDKVAKCQYFVTLLCME
RNKRCLLAYQRLRTDILDSMAWNNNGLDLMSSITFSQQDTNNLSHQEQEYLKEYCDLITDLKSGDLVDIDLSGSLVPPSD
VFIDVRVLKDAGEIQTEYGVFNLIKDSQFFVRQSDVERLIQQGYLQKI
;
A
8 'polypeptide(L)'
;MSLPAHLQQTFSPEEIQFIVENEPIKIFPRITTRQKIRGDDRGTGNHTRWQLITTDDKALNNMVAMRSTEVVLWIALLLK
QQSKCSIVAPQWLTTKELDRKIQYEKTHPDRFSELPWNWLVLARILFNKAKDDFHDPIHELRGKIQDLREIRQIKVLKGL
KYLNESHLQLDNLSLLEINELRPFITEIMDKLREIHTASLTAGTENDEEEFNI
;
B
9 'polypeptide(L)'
;MGSSHHHHHHSSGLVPRGSHMASMGYYDIDDVLADGTEFPCKFQYDIPGLGYLENNPGRPITKNTKLSLPLWLARILAIV
GGDEALVDEEPVPFVELLPPDMFSTKVMNAIKTDPVALDLHSINSHFFSLAIKWIMLFSEKELANVVSELLLQRAQELNH
HASSLSIDLNADSTGKNSANTNIATSTFLLKLEEMEKEIYKKSHESYKDTKRWMFKK
;
C
10 'polypeptide(L)'
;MDINIDDILAELDKETTAVDSTKITQGSSSTTHRDANTIVGSSLDLNDKTQIYVSPQQDFSDLMKSWKNERCSPELLPYP
HQLMKRLLNRISMQSQLIENISMGFLDMQNASNANPPMPNESKLPLLCMETELERLKFVIRSYIRCRLSKIDKFSLYLRQ
LNEDENSLISLTDLLSKDEIKYHDTHSLIWLKLVNDSILKYMPEELQAINDTEGSVNMIDEPDWNKFVFIHVNGPPDGKW
NEDPLLQENEFGKPCYTVTIPDLKEEVELTIGSIYVMRYEVIRDLLRDDKVALI
;
D
11 'polypeptide(L)'
;MYYGISQFSEAYNKILRNSSSHSSCQLVIFVSCLNIDALCATKMLSLLFKKQLVQSQIVPIFGYSELRRHYSQLDDNINS
LLLVGFGGVIDLEAFLEIDPQEYVIDTDEKSGEQSFRRDIYVLDAHRPWNLDNIFGSQIIQCFDDGTVDDTLGEQKEAYY
KLLELDEESGDDELSGDENDNNGGDDEATDADEVTDEDEEDEDETISNKRGNSSIGPNDLSKRKQRKKQIHEYEGVLEEY
YSQGTTVVNSISAQIYSLLSAIGETNLSNLWLNILGTTSLDIAYAQVYNRLYPLLQDEVKRLTPSSRNSVKTPDTLTLNI
QPDYYLFLLRHSSLYDSFYYSNYVNAKLSLWNENGKKRLHKMFARMGIPLSTAQETWLYMDHSIKRELGIIFDKNLDRYG
LQDIIRDGFVRTLGYRGSISASEFVEALTALLEVGNSTDKDSVKINNDNNDDTDGEEEEDNSAQKLTNLRKRWVSNFWLS
WDALDDRKVELLNRGIQLAQDLQRAIFNTGVAILEKKLIKHLRIYRLCVLQDGPDLDLYRNPLTLLRLGNWLIECCAESE
DKQLLPMVLASIDENTDTYLVAGLTPRYPRGLDTIHTKKPILNNFSMAFQQITAETDAKVRIDNFESSIIEIRREDLSPF
LEKLTLSGLL
;
E
12 'polydeoxyribonucleotide'
;(DT)(DC)(DG)(DT)(DG)(DC)(DT)(DG)(DA)(DG)(DT)(DG)(DA)(DT)(DA)(DT)(DC)(DT)(DG)(DC)
(DT)(DT)(DT)(DG)(DG)(DG)(DT)(DG)(DG)(DG)(DT)(DG)(DG)(DG)(DT)(DG)(DG)(DG)(DT)(DT)
(DG)(DA)(DG)(DG)(DC)(DA)(DA)(DT)
;
F
13 'polydeoxyribonucleotide'
;(DA)(DG)(DC)(DA)(DG)(DA)(DT)(DA)(DT)(DC)(DA)(DC)(DT)(DC)(DA)(DG)(DC)(DA)(DC)(DG)
(DA)
;
G
14 'polypeptide(L)'
;MSADLQQGTTNAADFSLTVLRARIALLATAIGGPDYTSQIDPPPYKLGDDCLACLKDLKRWFKLVDDQQKRWDVAMAVAE
YRILTDDLLPILIDWENKCSLAAKLAKNNPDHEEFRNKAYYDKIALNCLQLLVLMTWPLIVTEQSSSNQITLYGELKKHQ
LVYKKTILSMESGKVLRAAIRLALDVIKIDRLSRTPRDNMVLKLVLNFFRNVIAIEPGEFTINTKKSMPKKGITSIDTLP
PNVSMDDISLNTVISSFHKNKVFGFLLTLTSSLSKEFDQDFINIPLLEIMFYFTKDVNQELLFPRQFETGTHSKVVNKNE
SSSANNIVTSAGFELSKLLQKEHQMRKNVIKHTSARHSRFGGLLSIQTPDKTRLTVSGSQALVDEKIALQKLDDSKKWNK
RIIKKHQSVAAEGLPNSLLNSQTGKAIFFTESNGKHFKEFINNFIDSGFNILLHSVTNYFTTEQDRMVTLEQVEYLLFFA
WFVKYQLLRSKIDNSADIKQVSEALKEVTFILVSSLLRSAYDLKNWTVTHAGMIAFNELLNLVSRTKAAQEEDSTDIEFI
VSRLFSDERIQLLSNLPKIGSKYSLQFMKSCIELTHSVLKVLEQYSDDKTLVIEGKSRRQKKFNISEGDITKLIEEENVD
RDEALDILTSSLRSIEVNFQKVQANYMTEPVIETYINFLERFRELEDDSIKKVFSFFHRVFVQAKEQALLFRFDLIILLR
EMLSPDGLDRMSRSRKYVSQFSDYFLARLKKRLKKSPAWFVGLLFPPLHNSEVGFYQRYGEYNVLNNESMYAAPASQFKP
IPDEEALPPSILLDMKYGVLVSTLLDDGKTELLDQLLKHITHTLDIFKSWLTVNVNAGKETVNPPNEYFTLTGVLNNDPI
FKDKDYRALLLLIGYSIPRKINEPCFLPGTVEVSDLTVSCELVKKYLSTPFETPNGLPSSSYLLRVRSEKDSFSHNEQDG
WEGDDDYDYNDPYIVPDDQILSKSDAAYFKDLDNNASDKLKGTKFSKGIARSKKKDKRKRRKGEAKTNLPMFGDQDDERP
QTVRERHGVFSKEFISDSEDDEDLMNPIFFENETYMRWLLDKNNGQLTEDRYIQFAKFAAERMNNGGVVTGDYTSLFGGS
IPSIESIRATESSSFAPDKSLISLASHVASEMSIFDVNNNNNNQLSDDDVNSESRNSLGSSQPSNSQNMFQSEVYSRKES
TKRSLEASAADESDEDEEAIRLFGKKSRVVLSQGDSDD
;
X
15 'polypeptide(L)'
;RRPQVKLTAEKLLSDKGLPYVLKNAHKRIRISSKKNSYDNLSNIIQFYQLWAHELFPKAKFKDFMKICQTVGKTDPVLRE
YRVSLFRDEMGM
;
Y
#
# COMPACT_ATOMS: atom_id res chain seq x y z
N ILE A 174 47.99 39.83 -12.32
CA ILE A 174 47.21 38.59 -12.57
C ILE A 174 46.38 38.24 -11.34
N ASP A 175 45.10 37.95 -11.56
CA ASP A 175 44.22 37.59 -10.46
C ASP A 175 44.67 36.25 -9.88
N PRO A 176 44.97 36.18 -8.57
CA PRO A 176 45.43 34.90 -8.01
C PRO A 176 44.39 33.80 -8.13
N LEU A 177 43.10 34.13 -8.08
CA LEU A 177 42.06 33.11 -8.18
C LEU A 177 42.01 32.46 -9.55
N ARG A 178 42.67 33.03 -10.56
CA ARG A 178 42.69 32.47 -11.90
C ARG A 178 43.97 31.73 -12.24
N GLU A 179 44.96 31.73 -11.35
CA GLU A 179 46.19 30.99 -11.60
C GLU A 179 45.96 29.50 -11.40
N GLU A 180 46.74 28.68 -12.11
CA GLU A 180 46.59 27.24 -12.08
C GLU A 180 47.96 26.59 -11.90
N LEU A 181 47.94 25.40 -11.29
CA LEU A 181 49.15 24.63 -11.05
C LEU A 181 49.37 23.66 -12.20
N THR A 182 50.30 22.72 -12.03
CA THR A 182 50.59 21.69 -13.01
C THR A 182 50.19 20.32 -12.44
N LEU A 183 50.37 19.28 -13.26
CA LEU A 183 49.93 17.95 -12.87
C LEU A 183 50.80 17.38 -11.74
N GLU A 184 52.13 17.50 -11.86
CA GLU A 184 52.99 17.00 -10.80
C GLU A 184 52.78 17.79 -9.51
N SER A 185 52.57 19.10 -9.62
CA SER A 185 52.24 19.90 -8.44
C SER A 185 50.86 19.54 -7.92
N LEU A 186 49.93 19.18 -8.81
CA LEU A 186 48.62 18.73 -8.36
C LEU A 186 48.72 17.45 -7.56
N SER A 187 49.65 16.56 -7.93
CA SER A 187 49.81 15.31 -7.18
C SER A 187 50.19 15.59 -5.73
N ASN A 188 51.07 16.55 -5.50
CA ASN A 188 51.47 16.90 -4.15
C ASN A 188 50.32 17.61 -3.44
N VAL A 189 49.83 16.99 -2.36
CA VAL A 189 48.68 17.51 -1.62
C VAL A 189 49.19 18.35 -0.46
N LYS A 190 48.55 19.50 -0.24
CA LYS A 190 48.95 20.42 0.81
C LYS A 190 47.80 20.77 1.75
N ALA A 191 46.69 20.04 1.70
CA ALA A 191 45.53 20.30 2.54
C ALA A 191 45.38 19.21 3.59
N ASN A 192 44.43 19.39 4.49
CA ASN A 192 44.16 18.43 5.55
C ASN A 192 43.32 17.25 5.07
N SER A 193 42.68 17.35 3.90
CA SER A 193 41.86 16.27 3.38
C SER A 193 41.75 16.42 1.87
N TYR A 194 41.35 15.33 1.22
CA TYR A 194 41.21 15.35 -0.22
C TYR A 194 40.15 16.34 -0.68
N SER A 195 39.02 16.38 0.04
CA SER A 195 37.95 17.30 -0.35
C SER A 195 38.41 18.74 -0.26
N GLU A 196 39.13 19.10 0.80
CA GLU A 196 39.63 20.47 0.92
C GLU A 196 40.60 20.80 -0.19
N TRP A 197 41.46 19.86 -0.57
CA TRP A 197 42.39 20.10 -1.68
C TRP A 197 41.64 20.31 -2.98
N ILE A 198 40.63 19.48 -3.25
CA ILE A 198 39.90 19.58 -4.51
C ILE A 198 39.09 20.88 -4.57
N THR A 199 38.52 21.29 -3.44
CA THR A 199 37.63 22.44 -3.44
C THR A 199 38.36 23.76 -3.64
N GLN A 200 39.68 23.79 -3.49
CA GLN A 200 40.40 25.04 -3.63
C GLN A 200 40.27 25.55 -5.07
N PRO A 201 40.12 26.87 -5.27
CA PRO A 201 39.90 27.39 -6.63
C PRO A 201 40.92 26.91 -7.66
N ASN A 202 42.21 27.12 -7.38
CA ASN A 202 43.24 26.77 -8.36
C ASN A 202 43.25 25.27 -8.64
N VAL A 203 43.12 24.46 -7.59
CA VAL A 203 43.09 23.01 -7.77
C VAL A 203 41.88 22.60 -8.59
N SER A 204 40.73 23.22 -8.34
CA SER A 204 39.53 22.90 -9.11
C SER A 204 39.72 23.26 -10.58
N ARG A 205 40.31 24.41 -10.86
CA ARG A 205 40.56 24.79 -12.25
C ARG A 205 41.51 23.82 -12.92
N THR A 206 42.57 23.41 -12.22
CA THR A 206 43.51 22.45 -12.78
C THR A 206 42.83 21.12 -13.08
N ILE A 207 42.01 20.65 -12.15
CA ILE A 207 41.32 19.38 -12.35
C ILE A 207 40.38 19.47 -13.54
N ALA A 208 39.63 20.57 -13.65
CA ALA A 208 38.71 20.73 -14.77
C ALA A 208 39.47 20.75 -16.10
N ARG A 209 40.59 21.49 -16.15
CA ARG A 209 41.38 21.54 -17.37
C ARG A 209 41.89 20.16 -17.74
N GLU A 210 42.40 19.41 -16.77
CA GLU A 210 42.94 18.08 -17.07
C GLU A 210 41.84 17.13 -17.52
N LEU A 211 40.66 17.20 -16.91
CA LEU A 211 39.56 16.35 -17.33
C LEU A 211 39.12 16.68 -18.75
N LYS A 212 39.05 17.98 -19.08
CA LYS A 212 38.70 18.37 -20.45
C LYS A 212 39.74 17.85 -21.43
N SER A 213 41.02 17.96 -21.08
CA SER A 213 42.07 17.45 -21.96
C SER A 213 41.93 15.94 -22.15
N PHE A 214 41.65 15.21 -21.07
CA PHE A 214 41.48 13.77 -21.17
C PHE A 214 40.31 13.44 -22.09
N LEU A 215 39.19 14.13 -21.93
CA LEU A 215 38.02 13.86 -22.76
C LEU A 215 38.31 14.15 -24.22
N LEU A 216 39.02 15.26 -24.51
CA LEU A 216 39.22 15.67 -25.89
C LEU A 216 40.29 14.84 -26.60
N GLU A 217 41.35 14.47 -25.89
CA GLU A 217 42.56 13.94 -26.53
C GLU A 217 42.75 12.44 -26.38
N TYR A 218 41.94 11.75 -25.60
CA TYR A 218 42.15 10.33 -25.39
C TYR A 218 41.91 9.56 -26.68
N THR A 219 42.79 8.60 -26.96
CA THR A 219 42.70 7.76 -28.15
C THR A 219 42.87 6.30 -27.76
N ASP A 220 42.14 5.44 -28.47
CA ASP A 220 42.19 4.00 -28.24
C ASP A 220 43.24 3.38 -29.16
N GLU A 221 43.24 2.04 -29.24
CA GLU A 221 44.17 1.37 -30.14
C GLU A 221 43.92 1.77 -31.59
N THR A 222 42.65 1.97 -31.95
CA THR A 222 42.33 2.40 -33.32
C THR A 222 42.94 3.77 -33.61
N GLY A 223 42.90 4.68 -32.64
CA GLY A 223 43.45 6.00 -32.78
C GLY A 223 42.42 7.12 -32.82
N ARG A 224 41.13 6.79 -32.87
CA ARG A 224 40.09 7.80 -32.89
C ARG A 224 39.64 8.13 -31.47
N SER A 225 39.14 9.36 -31.31
CA SER A 225 38.67 9.82 -30.01
C SER A 225 37.43 9.03 -29.61
N VAL A 226 37.54 8.21 -28.57
CA VAL A 226 36.41 7.42 -28.10
C VAL A 226 35.31 8.34 -27.60
N TYR A 227 35.67 9.30 -26.75
CA TYR A 227 34.68 10.15 -26.11
C TYR A 227 34.08 11.18 -27.05
N GLY A 228 34.79 11.55 -28.13
CA GLY A 228 34.16 12.39 -29.14
C GLY A 228 32.98 11.68 -29.78
N ALA A 229 33.16 10.42 -30.17
CA ALA A 229 32.07 9.64 -30.72
C ALA A 229 30.99 9.39 -29.68
N ARG A 230 31.38 9.16 -28.44
CA ARG A 230 30.38 8.97 -27.38
C ARG A 230 29.53 10.22 -27.21
N ILE A 231 30.15 11.39 -27.25
CA ILE A 231 29.41 12.64 -27.12
C ILE A 231 28.51 12.86 -28.32
N ARG A 232 28.99 12.54 -29.52
CA ARG A 232 28.15 12.65 -30.70
C ARG A 232 26.90 11.79 -30.56
N THR A 233 27.08 10.53 -30.14
CA THR A 233 25.93 9.65 -29.96
C THR A 233 25.02 10.17 -28.86
N LEU A 234 25.59 10.67 -27.77
CA LEU A 234 24.80 11.21 -26.68
C LEU A 234 23.90 12.34 -27.17
N GLY A 235 24.46 13.27 -27.95
CA GLY A 235 23.66 14.35 -28.49
C GLY A 235 22.63 13.88 -29.49
N GLU A 236 22.95 12.85 -30.27
CA GLU A 236 22.01 12.35 -31.26
C GLU A 236 20.76 11.76 -30.60
N MET A 237 20.93 11.06 -29.49
CA MET A 237 19.83 10.35 -28.84
C MET A 237 19.11 11.19 -27.79
N ASN A 238 19.48 12.46 -27.62
CA ASN A 238 18.84 13.33 -26.64
C ASN A 238 18.93 12.74 -25.23
N SER A 239 20.11 12.25 -24.89
CA SER A 239 20.37 11.68 -23.58
C SER A 239 21.14 12.68 -22.71
N GLU A 240 21.20 12.38 -21.41
CA GLU A 240 21.85 13.23 -20.43
C GLU A 240 22.79 12.42 -19.56
N SER A 241 23.49 11.46 -20.15
CA SER A 241 24.43 10.62 -19.41
C SER A 241 25.57 10.24 -20.32
N LEU A 242 26.78 10.66 -19.96
CA LEU A 242 27.99 10.32 -20.70
C LEU A 242 28.75 9.25 -19.92
N GLU A 243 28.98 8.11 -20.55
CA GLU A 243 29.64 6.98 -19.89
C GLU A 243 31.15 7.11 -20.07
N VAL A 244 31.88 7.06 -18.96
CA VAL A 244 33.33 7.16 -18.96
C VAL A 244 33.89 5.90 -18.32
N ASN A 245 34.80 5.24 -19.02
CA ASN A 245 35.42 4.02 -18.50
C ASN A 245 36.50 4.38 -17.48
N TYR A 246 36.45 3.74 -16.31
CA TYR A 246 37.40 4.05 -15.26
C TYR A 246 38.83 3.70 -15.68
N ARG A 247 38.99 2.60 -16.42
CA ARG A 247 40.32 2.18 -16.82
C ARG A 247 40.98 3.22 -17.71
N HIS A 248 40.22 3.81 -18.64
CA HIS A 248 40.77 4.83 -19.52
C HIS A 248 41.31 6.00 -18.71
N LEU A 249 40.53 6.49 -17.75
CA LEU A 249 40.97 7.59 -16.91
C LEU A 249 42.19 7.20 -16.08
N ALA A 250 42.19 5.98 -15.53
CA ALA A 250 43.31 5.54 -14.71
C ALA A 250 44.61 5.52 -15.51
N GLU A 251 44.57 4.97 -16.72
CA GLU A 251 45.78 4.96 -17.55
C GLU A 251 46.17 6.36 -17.97
N SER A 252 45.20 7.18 -18.39
CA SER A 252 45.52 8.51 -18.89
C SER A 252 45.97 9.43 -17.75
N LYS A 253 45.21 9.46 -16.66
CA LYS A 253 45.50 10.36 -15.53
C LYS A 253 45.30 9.58 -14.24
N ALA A 254 46.40 9.05 -13.69
CA ALA A 254 46.31 8.25 -12.48
C ALA A 254 45.83 9.08 -11.29
N ILE A 255 46.34 10.30 -11.15
CA ILE A 255 46.00 11.11 -9.99
C ILE A 255 44.51 11.44 -9.99
N LEU A 256 43.96 11.77 -11.16
CA LEU A 256 42.53 12.08 -11.22
C LEU A 256 41.70 10.85 -10.88
N ALA A 257 42.12 9.67 -11.33
CA ALA A 257 41.41 8.46 -10.98
C ALA A 257 41.46 8.21 -9.47
N LEU A 258 42.61 8.46 -8.85
CA LEU A 258 42.71 8.31 -7.40
C LEU A 258 41.76 9.28 -6.70
N PHE A 259 41.74 10.54 -7.15
CA PHE A 259 40.84 11.52 -6.55
C PHE A 259 39.38 11.09 -6.69
N LEU A 260 39.01 10.59 -7.87
CA LEU A 260 37.64 10.13 -8.09
C LEU A 260 37.31 8.98 -7.16
N ALA A 261 38.25 8.05 -6.98
CA ALA A 261 38.02 6.92 -6.09
C ALA A 261 37.84 7.38 -4.65
N LYS A 262 38.65 8.35 -4.21
CA LYS A 262 38.65 8.76 -2.81
C LYS A 262 37.57 9.79 -2.50
N CYS A 263 37.33 10.75 -3.40
CA CYS A 263 36.36 11.82 -3.18
C CYS A 263 35.41 11.87 -4.37
N PRO A 264 34.47 10.92 -4.45
CA PRO A 264 33.61 10.86 -5.64
C PRO A 264 32.74 12.09 -5.85
N GLU A 265 32.30 12.79 -4.85
CA GLU A 265 31.34 13.83 -4.89
C GLU A 265 31.80 15.02 -5.71
N GLU A 266 32.82 15.70 -5.19
CA GLU A 266 33.31 16.89 -5.86
C GLU A 266 33.95 16.56 -7.19
N MET A 267 34.65 15.42 -7.28
CA MET A 267 35.21 15.01 -8.55
C MET A 267 34.12 14.79 -9.59
N LEU A 268 33.01 14.17 -9.19
CA LEU A 268 31.90 13.96 -10.12
C LEU A 268 31.25 15.28 -10.51
N LYS A 269 31.17 16.23 -9.59
CA LYS A 269 30.63 17.55 -9.94
C LYS A 269 31.49 18.21 -11.01
N ILE A 270 32.81 18.22 -10.80
CA ILE A 270 33.70 18.83 -11.78
C ILE A 270 33.62 18.08 -13.10
N PHE A 271 33.53 16.74 -13.04
CA PHE A 271 33.44 15.95 -14.26
C PHE A 271 32.15 16.25 -15.02
N ASP A 272 31.05 16.43 -14.30
CA ASP A 272 29.80 16.79 -14.96
C ASP A 272 29.91 18.14 -15.65
N LEU A 273 30.52 19.12 -14.98
CA LEU A 273 30.69 20.43 -15.60
C LEU A 273 31.54 20.33 -16.86
N VAL A 274 32.67 19.64 -16.78
CA VAL A 274 33.58 19.56 -17.93
C VAL A 274 32.93 18.75 -19.05
N ALA A 275 31.90 17.97 -18.81
CA ALA A 275 31.27 17.17 -19.86
C ALA A 275 30.25 17.99 -20.65
N MET A 276 29.59 18.97 -20.05
CA MET A 276 28.59 19.84 -20.73
C MET A 276 29.35 20.89 -21.48
N GLU A 277 30.66 20.94 -21.43
CA GLU A 277 31.48 21.89 -22.19
C GLU A 277 32.14 21.16 -23.32
N ALA A 278 32.10 19.84 -23.31
CA ALA A 278 32.59 19.01 -24.41
C ALA A 278 31.38 18.66 -25.24
N THR A 279 30.23 18.44 -24.61
CA THR A 279 28.99 18.23 -25.36
C THR A 279 28.76 19.56 -26.00
N GLU A 280 28.74 20.66 -25.26
CA GLU A 280 28.43 21.91 -25.93
C GLU A 280 29.41 22.25 -27.02
N LEU A 281 30.65 21.75 -26.91
CA LEU A 281 31.61 21.95 -27.99
C LEU A 281 31.08 21.39 -29.31
N HIS A 282 30.45 20.20 -29.27
CA HIS A 282 29.91 19.58 -30.47
C HIS A 282 28.54 20.14 -30.85
N TYR A 283 27.66 20.33 -29.87
CA TYR A 283 26.32 20.89 -30.09
C TYR A 283 26.21 22.18 -29.30
N PRO A 284 26.47 23.34 -29.92
CA PRO A 284 26.55 24.58 -29.13
C PRO A 284 25.30 24.87 -28.32
N ASP A 285 24.11 24.60 -28.86
CA ASP A 285 22.86 24.93 -28.19
C ASP A 285 22.23 23.74 -27.50
N TYR A 286 23.04 22.80 -27.01
CA TYR A 286 22.50 21.63 -26.33
C TYR A 286 21.85 21.98 -25.00
N ALA A 287 22.20 23.11 -24.41
CA ALA A 287 21.62 23.50 -23.14
C ALA A 287 20.11 23.63 -23.22
N ARG A 288 19.56 23.86 -24.40
CA ARG A 288 18.12 23.96 -24.57
C ARG A 288 17.42 22.60 -24.55
N ILE A 289 18.17 21.51 -24.61
CA ILE A 289 17.59 20.17 -24.57
C ILE A 289 17.67 19.65 -23.14
N HIS A 290 18.89 19.54 -22.60
CA HIS A 290 19.11 19.08 -21.24
C HIS A 290 20.01 20.07 -20.53
N SER A 291 19.58 20.51 -19.35
CA SER A 291 20.33 21.54 -18.63
C SER A 291 21.70 21.02 -18.20
N GLU A 292 21.76 19.79 -17.69
CA GLU A 292 22.98 19.24 -17.13
C GLU A 292 23.23 17.85 -17.71
N ILE A 293 24.48 17.42 -17.66
CA ILE A 293 24.90 16.12 -18.15
C ILE A 293 25.63 15.39 -17.03
N HIS A 294 25.30 14.11 -16.83
CA HIS A 294 25.87 13.31 -15.76
C HIS A 294 26.94 12.40 -16.31
N VAL A 295 28.00 12.19 -15.51
CA VAL A 295 29.10 11.30 -15.86
C VAL A 295 28.93 10.00 -15.07
N ARG A 296 29.00 8.87 -15.76
CA ARG A 296 28.78 7.57 -15.16
C ARG A 296 30.03 6.71 -15.33
N ILE A 297 30.49 6.15 -14.21
CA ILE A 297 31.69 5.31 -14.21
C ILE A 297 31.27 3.88 -14.52
N SER A 298 32.01 3.23 -15.43
CA SER A 298 31.58 1.95 -15.97
C SER A 298 32.20 0.77 -15.23
N ASP A 299 33.53 0.66 -15.23
CA ASP A 299 34.23 -0.51 -14.70
C ASP A 299 35.14 -0.09 -13.55
N PHE A 300 34.59 -0.07 -12.35
CA PHE A 300 35.41 0.15 -11.16
C PHE A 300 36.22 -1.11 -10.88
N PRO A 301 37.55 -1.02 -10.70
CA PRO A 301 38.36 -2.24 -10.61
C PRO A 301 37.97 -3.16 -9.47
N THR A 302 37.54 -2.62 -8.33
CA THR A 302 37.25 -3.42 -7.16
C THR A 302 35.75 -3.63 -7.01
N ILE A 303 35.37 -4.87 -6.70
CA ILE A 303 33.97 -5.24 -6.50
C ILE A 303 33.82 -5.74 -5.07
N TYR A 304 32.81 -5.21 -4.37
CA TYR A 304 32.54 -5.56 -2.99
C TYR A 304 31.19 -6.26 -2.88
N SER A 305 31.04 -7.03 -1.82
CA SER A 305 29.76 -7.60 -1.43
C SER A 305 29.16 -6.78 -0.30
N LEU A 306 27.83 -6.86 -0.17
CA LEU A 306 27.17 -6.10 0.89
C LEU A 306 27.65 -6.53 2.27
N ARG A 307 28.21 -7.73 2.40
CA ARG A 307 28.81 -8.13 3.66
C ARG A 307 30.16 -7.49 3.90
N GLU A 308 30.93 -7.24 2.84
CA GLU A 308 32.29 -6.72 2.96
C GLU A 308 32.34 -5.23 3.27
N LEU A 309 31.24 -4.51 3.14
CA LEU A 309 31.26 -3.07 3.40
C LEU A 309 31.56 -2.79 4.86
N ARG A 310 32.42 -1.81 5.10
CA ARG A 310 32.84 -1.43 6.43
C ARG A 310 32.83 0.10 6.52
N GLU A 311 33.35 0.62 7.63
CA GLU A 311 33.42 2.07 7.81
C GLU A 311 34.52 2.71 6.98
N SER A 312 35.54 1.96 6.59
CA SER A 312 36.62 2.51 5.79
C SER A 312 36.19 2.83 4.36
N ASN A 313 35.03 2.34 3.93
CA ASN A 313 34.52 2.61 2.59
C ASN A 313 33.56 3.80 2.55
N LEU A 314 33.29 4.46 3.62
CA LEU A 314 32.43 5.57 3.75
C LEU A 314 32.92 6.74 2.92
N SER A 315 32.00 7.44 2.25
CA SER A 315 32.34 8.61 1.44
C SER A 315 33.36 8.26 0.36
N SER A 316 33.26 7.06 -0.20
CA SER A 316 34.13 6.63 -1.28
C SER A 316 33.31 5.79 -2.26
N LEU A 317 33.77 5.77 -3.51
CA LEU A 317 33.07 5.02 -4.55
C LEU A 317 33.19 3.52 -4.29
N VAL A 318 32.07 2.81 -4.37
CA VAL A 318 32.02 1.37 -4.18
C VAL A 318 31.23 0.75 -5.32
N ARG A 319 31.48 -0.53 -5.55
CA ARG A 319 30.78 -1.31 -6.57
C ARG A 319 30.26 -2.58 -5.93
N VAL A 320 28.94 -2.74 -5.88
CA VAL A 320 28.31 -3.87 -5.22
C VAL A 320 27.30 -4.51 -6.17
N THR A 321 26.98 -5.76 -5.89
CA THR A 321 26.03 -6.53 -6.67
C THR A 321 24.95 -7.08 -5.73
N GLY A 322 23.75 -7.25 -6.29
CA GLY A 322 22.64 -7.73 -5.48
C GLY A 322 21.39 -7.90 -6.31
N VAL A 323 20.29 -8.13 -5.69
CA VAL A 323 18.99 -8.37 -6.16
C VAL A 323 18.05 -7.26 -5.77
N VAL A 324 17.31 -6.66 -6.65
CA VAL A 324 16.35 -5.64 -6.45
C VAL A 324 15.10 -6.21 -5.86
N THR A 325 14.97 -6.37 -4.59
CA THR A 325 13.87 -6.93 -3.89
C THR A 325 12.65 -6.04 -3.90
N ARG A 326 12.86 -4.74 -3.70
CA ARG A 326 11.78 -3.77 -3.55
C ARG A 326 12.13 -2.49 -4.27
N ARG A 327 11.11 -1.80 -4.75
CA ARG A 327 11.11 -0.63 -5.53
C ARG A 327 10.01 0.33 -5.14
N THR A 328 10.24 1.63 -5.28
CA THR A 328 9.23 2.68 -5.10
C THR A 328 8.86 3.30 -6.44
N GLY A 329 7.78 4.04 -6.50
CA GLY A 329 7.42 4.87 -7.53
C GLY A 329 8.24 6.09 -7.70
N VAL A 330 8.41 6.61 -8.86
CA VAL A 330 9.15 7.76 -9.20
C VAL A 330 8.49 8.99 -8.64
N PHE A 331 9.20 9.79 -7.84
CA PHE A 331 8.66 11.01 -7.23
C PHE A 331 9.49 12.21 -7.68
N PRO A 332 8.89 13.38 -7.88
CA PRO A 332 9.63 14.60 -8.08
C PRO A 332 10.23 15.14 -6.82
N GLN A 333 11.52 15.35 -6.69
CA GLN A 333 12.21 15.89 -5.53
C GLN A 333 12.74 17.27 -5.86
N LEU A 334 12.58 18.21 -4.95
CA LEU A 334 12.99 19.56 -4.96
C LEU A 334 14.49 19.65 -5.10
N LYS A 335 15.03 20.17 -6.16
CA LYS A 335 16.41 20.39 -6.41
C LYS A 335 16.99 21.44 -5.49
N TYR A 336 16.32 22.54 -5.31
CA TYR A 336 16.61 23.67 -4.52
C TYR A 336 15.46 24.05 -3.62
N VAL A 337 15.65 24.28 -2.36
CA VAL A 337 14.73 24.60 -1.34
C VAL A 337 14.89 26.03 -0.89
N LYS A 338 13.89 26.83 -0.87
CA LYS A 338 13.79 28.19 -0.49
C LYS A 338 13.02 28.37 0.80
N PHE A 339 13.51 29.07 1.77
CA PHE A 339 13.01 29.30 3.07
C PHE A 339 12.66 30.74 3.33
N ASN A 340 11.60 30.99 4.10
CA ASN A 340 11.20 32.33 4.48
C ASN A 340 10.88 32.38 5.96
N CYS A 341 11.27 33.47 6.61
CA CYS A 341 11.05 33.63 8.04
C CYS A 341 9.56 33.78 8.34
N LEU A 342 9.07 33.13 9.35
CA LEU A 342 7.75 33.21 9.86
C LEU A 342 7.42 34.61 10.32
N LYS A 343 8.27 35.21 11.07
CA LYS A 343 8.18 36.47 11.71
C LYS A 343 8.62 37.62 10.84
N CYS A 344 9.91 37.61 10.51
CA CYS A 344 10.48 38.69 9.71
C CYS A 344 9.84 38.74 8.33
N GLY A 345 9.62 37.59 7.70
CA GLY A 345 9.09 37.51 6.37
C GLY A 345 10.13 37.51 5.28
N SER A 346 11.41 37.72 5.61
CA SER A 346 12.46 37.67 4.62
C SER A 346 12.62 36.26 4.08
N ILE A 347 12.87 36.15 2.78
CA ILE A 347 12.98 34.87 2.09
C ILE A 347 14.45 34.56 1.88
N LEU A 348 14.93 33.49 2.51
CA LEU A 348 16.31 33.08 2.33
C LEU A 348 16.52 32.50 0.94
N GLY A 349 17.76 32.57 0.46
CA GLY A 349 18.10 32.08 -0.86
C GLY A 349 17.96 30.57 -0.97
N PRO A 350 17.76 30.08 -2.18
CA PRO A 350 17.69 28.65 -2.39
C PRO A 350 18.92 27.90 -1.97
N PHE A 351 18.84 26.71 -1.48
CA PHE A 351 19.84 25.85 -1.00
C PHE A 351 19.81 24.49 -1.64
N PHE A 352 20.92 23.88 -1.92
CA PHE A 352 21.07 22.58 -2.45
C PHE A 352 20.43 21.56 -1.55
N GLN A 353 19.59 20.68 -2.12
CA GLN A 353 18.95 19.55 -1.44
C GLN A 353 19.82 18.29 -1.58
N ASP A 354 20.41 17.84 -0.47
CA ASP A 354 21.05 16.53 -0.42
C ASP A 354 20.03 15.41 -0.68
N SER A 355 20.42 14.42 -1.48
CA SER A 355 19.61 13.23 -1.77
C SER A 355 19.37 12.36 -0.52
N ASN A 356 20.31 12.42 0.42
CA ASN A 356 20.42 11.53 1.58
C ASN A 356 19.49 11.93 2.73
N GLU A 357 19.44 13.21 3.08
CA GLU A 357 18.76 13.76 4.25
C GLU A 357 18.42 15.25 4.04
N GLU A 358 17.52 15.76 4.87
CA GLU A 358 16.85 17.01 4.81
C GLU A 358 17.78 18.15 5.11
N ILE A 359 17.59 19.30 4.56
CA ILE A 359 18.23 20.55 4.75
C ILE A 359 17.37 21.48 5.56
N ARG A 360 17.81 22.03 6.64
CA ARG A 360 17.17 22.93 7.52
C ARG A 360 18.02 24.11 7.88
N ILE A 361 17.48 25.25 8.15
CA ILE A 361 18.03 26.47 8.57
C ILE A 361 17.65 26.76 10.00
N SER A 362 18.55 26.85 10.93
CA SER A 362 18.41 27.10 12.31
C SER A 362 18.61 28.54 12.72
N PHE A 363 19.67 29.15 12.29
CA PHE A 363 20.12 30.47 12.50
C PHE A 363 19.92 31.33 11.28
N CYS A 364 19.11 32.33 11.29
CA CYS A 364 18.83 33.26 10.26
C CYS A 364 19.94 34.27 10.13
N THR A 365 20.40 34.54 8.90
CA THR A 365 21.47 35.51 8.71
C THR A 365 21.05 36.91 9.13
N ASN A 366 19.82 37.29 8.79
CA ASN A 366 19.34 38.66 9.04
C ASN A 366 18.48 38.76 10.30
N CYS A 367 17.40 38.05 10.40
CA CYS A 367 16.49 38.06 11.48
C CYS A 367 17.10 37.60 12.77
N LYS A 368 17.85 36.55 12.74
CA LYS A 368 18.43 35.93 13.88
C LYS A 368 17.37 35.43 14.83
N SER A 369 16.40 34.70 14.38
CA SER A 369 15.26 34.18 15.03
C SER A 369 15.34 32.71 15.27
N LYS A 370 15.17 32.25 16.53
CA LYS A 370 15.17 30.81 16.89
C LYS A 370 14.04 30.03 16.20
N GLY A 371 12.93 30.69 15.87
CA GLY A 371 11.82 30.14 15.31
C GLY A 371 11.97 29.56 13.96
N PRO A 372 11.12 28.59 13.55
CA PRO A 372 11.29 27.90 12.27
C PRO A 372 10.94 28.78 11.08
N PHE A 373 11.20 28.31 9.86
CA PHE A 373 10.93 29.05 8.61
C PHE A 373 9.89 28.28 7.81
N ARG A 374 8.81 28.94 7.38
CA ARG A 374 7.85 28.29 6.45
C ARG A 374 8.66 28.05 5.19
N VAL A 375 8.50 26.94 4.48
CA VAL A 375 9.33 26.65 3.28
C VAL A 375 8.50 27.06 2.07
N ASN A 376 8.90 28.11 1.34
CA ASN A 376 8.13 28.62 0.21
C ASN A 376 9.08 29.01 -0.90
N GLY A 377 8.59 28.96 -2.13
CA GLY A 377 9.40 29.30 -3.28
C GLY A 377 8.59 29.70 -4.49
N GLU A 378 8.96 30.83 -5.11
CA GLU A 378 8.25 31.28 -6.31
C GLU A 378 8.39 30.28 -7.44
N LYS A 379 9.59 29.76 -7.66
CA LYS A 379 9.84 28.77 -8.71
C LYS A 379 10.87 27.78 -8.20
N THR A 380 10.61 26.52 -8.26
CA THR A 380 11.38 25.40 -7.88
C THR A 380 11.60 24.43 -9.00
N VAL A 381 12.78 23.94 -9.24
CA VAL A 381 13.20 22.96 -10.16
C VAL A 381 13.15 21.60 -9.53
N TYR A 382 12.48 20.64 -10.07
CA TYR A 382 12.26 19.31 -9.62
C TYR A 382 13.20 18.31 -10.25
N ARG A 383 13.49 17.23 -9.61
CA ARG A 383 14.34 16.17 -9.95
C ARG A 383 13.70 14.82 -9.75
N ASN A 384 13.83 13.88 -10.63
CA ASN A 384 13.38 12.55 -10.54
C ASN A 384 14.02 11.86 -9.36
N TYR A 385 13.27 11.11 -8.57
CA TYR A 385 13.79 10.39 -7.41
C TYR A 385 13.11 9.03 -7.30
N GLN A 386 13.87 8.02 -6.93
CA GLN A 386 13.50 6.67 -6.72
C GLN A 386 14.40 5.97 -5.73
N ARG A 387 13.88 5.03 -4.95
CA ARG A 387 14.65 4.24 -3.99
C ARG A 387 14.32 2.76 -4.14
N VAL A 388 15.32 1.90 -4.08
CA VAL A 388 15.32 0.49 -4.18
C VAL A 388 15.99 -0.17 -3.00
N THR A 389 15.67 -1.37 -2.68
CA THR A 389 16.18 -2.22 -1.67
C THR A 389 17.06 -3.28 -2.27
N LEU A 390 18.34 -3.11 -2.36
CA LEU A 390 19.32 -4.00 -2.85
C LEU A 390 19.60 -5.09 -1.87
N GLN A 391 19.55 -6.34 -2.23
CA GLN A 391 19.76 -7.52 -1.47
C GLN A 391 20.82 -8.41 -2.06
N GLU A 392 21.57 -9.10 -1.21
CA GLU A 392 22.60 -10.01 -1.71
C GLU A 392 21.98 -11.06 -2.63
N ALA A 393 22.63 -11.30 -3.76
CA ALA A 393 22.14 -12.29 -4.70
C ALA A 393 22.27 -13.68 -4.09
N PRO A 394 21.30 -14.58 -4.34
CA PRO A 394 21.43 -15.94 -3.84
C PRO A 394 22.69 -16.65 -4.22
N GLY A 395 23.21 -16.34 -5.41
CA GLY A 395 24.41 -17.02 -5.87
C GLY A 395 25.63 -16.66 -5.05
N THR A 396 25.75 -15.41 -4.63
CA THR A 396 26.94 -14.95 -3.93
C THR A 396 26.87 -15.13 -2.42
N VAL A 397 25.67 -15.17 -1.85
CA VAL A 397 25.55 -15.33 -0.39
C VAL A 397 26.06 -16.71 0.01
N PRO A 398 26.69 -16.87 1.17
CA PRO A 398 27.10 -18.20 1.60
C PRO A 398 25.88 -19.09 1.75
N PRO A 399 26.03 -20.39 1.51
CA PRO A 399 24.85 -21.29 1.56
C PRO A 399 24.30 -21.40 2.97
N GLY A 400 23.00 -21.15 3.11
CA GLY A 400 22.32 -21.31 4.38
C GLY A 400 22.41 -20.13 5.32
N ARG A 401 22.91 -18.98 4.87
CA ARG A 401 23.05 -17.79 5.69
C ARG A 401 22.12 -16.70 5.18
N LEU A 402 21.59 -15.90 6.04
CA LEU A 402 20.72 -14.82 5.79
C LEU A 402 21.39 -13.78 4.91
N PRO A 403 20.73 -13.21 3.92
CA PRO A 403 21.31 -12.16 3.11
C PRO A 403 21.40 -10.82 3.78
N ARG A 404 22.30 -9.98 3.31
CA ARG A 404 22.41 -8.59 3.75
C ARG A 404 21.91 -7.68 2.63
N HIS A 405 21.38 -6.54 2.94
CA HIS A 405 20.74 -5.61 2.12
C HIS A 405 21.16 -4.18 2.37
N ARG A 406 21.09 -3.32 1.42
CA ARG A 406 21.31 -1.92 1.41
C ARG A 406 20.27 -1.19 0.60
N GLU A 407 19.97 0.03 0.90
CA GLU A 407 19.09 0.93 0.25
C GLU A 407 19.82 1.79 -0.75
N VAL A 408 19.54 1.74 -2.00
CA VAL A 408 20.10 2.43 -3.10
C VAL A 408 19.20 3.55 -3.55
N ILE A 409 19.72 4.78 -3.68
CA ILE A 409 18.97 5.94 -4.12
C ILE A 409 19.37 6.27 -5.55
N LEU A 410 18.39 6.28 -6.45
CA LEU A 410 18.44 6.56 -7.84
C LEU A 410 17.91 7.93 -8.13
N LEU A 411 18.67 8.86 -8.60
CA LEU A 411 18.36 10.18 -8.97
C LEU A 411 17.90 10.25 -10.41
N ALA A 412 17.71 11.39 -10.97
CA ALA A 412 17.24 11.65 -12.28
C ALA A 412 18.04 10.91 -13.31
N ASP A 413 17.45 10.35 -14.32
CA ASP A 413 17.97 9.63 -15.42
C ASP A 413 18.33 8.20 -15.06
N LEU A 414 18.30 7.79 -13.84
CA LEU A 414 18.57 6.52 -13.29
C LEU A 414 17.37 5.73 -12.85
N VAL A 415 16.22 6.30 -12.79
CA VAL A 415 14.98 5.76 -12.37
C VAL A 415 14.43 4.81 -13.39
N ASP A 416 13.81 3.74 -13.02
CA ASP A 416 13.18 2.75 -13.81
C ASP A 416 14.13 1.88 -14.60
N VAL A 417 15.44 2.06 -14.42
CA VAL A 417 16.49 1.31 -15.19
C VAL A 417 16.60 -0.08 -14.60
N SER A 418 16.34 -0.23 -13.30
CA SER A 418 16.41 -1.53 -12.59
C SER A 418 14.99 -1.92 -12.19
N LYS A 419 14.55 -3.14 -12.49
CA LYS A 419 13.16 -3.59 -12.28
C LYS A 419 13.19 -4.68 -11.23
N PRO A 420 12.16 -4.83 -10.38
CA PRO A 420 12.28 -5.74 -9.26
C PRO A 420 12.52 -7.20 -9.68
N GLY A 421 13.35 -7.91 -8.92
CA GLY A 421 13.74 -9.31 -9.19
C GLY A 421 14.97 -9.44 -10.06
N GLU A 422 15.55 -8.34 -10.53
CA GLU A 422 16.72 -8.41 -11.46
C GLU A 422 18.02 -8.47 -10.66
N GLU A 423 19.13 -8.80 -11.28
CA GLU A 423 20.47 -8.82 -10.69
C GLU A 423 21.28 -7.71 -11.34
N VAL A 424 21.80 -6.80 -10.52
CA VAL A 424 22.45 -5.59 -11.02
C VAL A 424 23.75 -5.37 -10.26
N GLU A 425 24.64 -4.60 -10.88
CA GLU A 425 25.86 -4.10 -10.25
C GLU A 425 25.74 -2.58 -10.13
N VAL A 426 25.87 -2.03 -8.98
CA VAL A 426 25.66 -0.68 -8.58
C VAL A 426 26.97 -0.02 -8.25
N THR A 427 27.39 1.00 -8.94
CA THR A 427 28.45 1.90 -8.69
C THR A 427 27.94 3.15 -8.05
N GLY A 428 28.29 3.48 -6.85
CA GLY A 428 27.88 4.57 -6.11
C GLY A 428 28.70 5.01 -4.98
N ILE A 429 28.29 5.97 -4.22
CA ILE A 429 28.89 6.58 -3.09
C ILE A 429 28.34 6.01 -1.82
N TYR A 430 29.12 5.47 -0.93
CA TYR A 430 28.81 4.97 0.35
C TYR A 430 28.68 6.09 1.34
N LYS A 431 27.53 6.44 1.82
CA LYS A 431 27.18 7.52 2.65
C LYS A 431 26.48 7.11 3.92
N ASN A 432 26.64 7.78 5.00
CA ASN A 432 26.09 7.61 6.28
C ASN A 432 25.42 8.84 6.82
N ASN A 433 24.41 8.75 7.62
CA ASN A 433 23.65 9.77 8.22
C ASN A 433 23.12 9.39 9.57
N TYR A 434 22.80 10.31 10.42
CA TYR A 434 22.25 10.16 11.70
C TYR A 434 20.82 9.67 11.64
N ASP A 435 20.44 8.64 12.31
CA ASP A 435 19.17 8.05 12.46
C ASP A 435 18.75 7.94 13.90
N GLY A 436 17.78 8.66 14.38
CA GLY A 436 17.35 8.60 15.68
C GLY A 436 16.77 7.32 16.14
N ASN A 437 15.89 6.73 15.33
CA ASN A 437 15.25 5.46 15.67
C ASN A 437 16.27 4.33 15.75
N LEU A 438 17.30 4.32 14.91
CA LEU A 438 18.37 3.40 14.92
C LEU A 438 19.09 3.42 16.25
N ASN A 439 19.47 4.57 16.70
CA ASN A 439 20.09 4.84 17.94
C ASN A 439 19.25 4.37 19.10
N ALA A 440 17.98 4.67 19.09
CA ALA A 440 17.02 4.31 20.05
C ALA A 440 16.93 2.81 20.21
N LYS A 441 16.80 2.10 19.08
CA LYS A 441 16.62 0.64 19.01
C LYS A 441 17.86 -0.14 19.43
N ASN A 442 19.03 0.23 18.93
CA ASN A 442 20.30 -0.37 19.16
C ASN A 442 20.89 0.00 20.49
N GLY A 443 20.70 1.18 20.97
CA GLY A 443 21.25 1.72 22.10
C GLY A 443 22.62 2.27 22.08
N PHE A 444 23.22 2.37 20.95
CA PHE A 444 24.50 2.85 20.62
C PHE A 444 24.47 3.91 19.54
N PRO A 445 25.45 4.80 19.47
CA PRO A 445 25.45 5.81 18.38
C PRO A 445 25.86 5.22 17.03
N VAL A 446 24.97 4.60 16.33
CA VAL A 446 25.07 3.94 15.09
C VAL A 446 24.39 4.73 14.00
N PHE A 447 25.00 4.99 12.89
CA PHE A 447 24.59 5.73 11.77
C PHE A 447 24.07 4.86 10.66
N ALA A 448 22.95 5.13 10.08
CA ALA A 448 22.40 4.51 8.94
C ALA A 448 23.27 4.72 7.73
N THR A 449 23.27 3.84 6.78
CA THR A 449 24.03 3.80 5.59
C THR A 449 23.20 3.61 4.35
N ILE A 450 23.52 4.21 3.26
CA ILE A 450 22.91 4.15 1.98
C ILE A 450 23.90 4.19 0.85
N ILE A 451 23.53 3.99 -0.37
CA ILE A 451 24.25 4.07 -1.58
C ILE A 451 23.60 5.02 -2.56
N GLU A 452 24.24 6.02 -3.04
CA GLU A 452 23.85 6.94 -4.05
C GLU A 452 24.30 6.42 -5.39
N ALA A 453 23.47 5.80 -6.17
CA ALA A 453 23.75 5.18 -7.40
C ALA A 453 24.37 6.15 -8.38
N ASN A 454 25.46 5.83 -9.01
CA ASN A 454 26.12 6.48 -10.08
C ASN A 454 25.95 5.82 -11.42
N SER A 455 25.86 4.53 -11.49
CA SER A 455 25.69 3.71 -12.62
C SER A 455 25.16 2.35 -12.27
N ILE A 456 24.35 1.74 -13.08
CA ILE A 456 23.74 0.48 -12.97
C ILE A 456 24.01 -0.40 -14.16
N LYS A 457 24.42 -1.65 -13.94
CA LYS A 457 24.69 -2.60 -15.00
C LYS A 457 23.80 -3.82 -14.76
N ARG A 458 23.02 -4.19 -15.78
CA ARG A 458 22.09 -5.31 -15.66
C ARG A 458 22.88 -6.62 -15.73
N ARG A 459 23.07 -7.27 -14.57
CA ARG A 459 23.80 -8.53 -14.49
C ARG A 459 22.90 -9.74 -14.70
N GLU A 460 21.58 -9.55 -14.75
CA GLU A 460 20.67 -10.67 -14.88
C GLU A 460 20.99 -11.48 -16.14
N GLY A 461 21.13 -12.80 -15.96
CA GLY A 461 21.39 -13.67 -17.10
C GLY A 461 22.69 -13.38 -17.82
N ASN A 462 23.62 -12.67 -17.18
CA ASN A 462 24.87 -12.28 -17.80
C ASN A 462 26.08 -12.75 -16.98
N THR A 463 25.95 -13.89 -16.32
CA THR A 463 27.06 -14.40 -15.50
C THR A 463 28.28 -14.70 -16.37
N ALA A 464 28.07 -15.28 -17.55
CA ALA A 464 29.17 -15.64 -18.43
C ALA A 464 29.68 -14.47 -19.25
N ASN A 465 29.03 -13.31 -19.18
CA ASN A 465 29.44 -12.12 -19.92
C ASN A 465 30.19 -11.13 -19.04
N GLU A 466 30.60 -11.54 -17.84
CA GLU A 466 31.29 -10.62 -16.93
C GLU A 466 32.69 -10.26 -17.37
N GLY A 467 33.22 -10.93 -18.40
CA GLY A 467 34.55 -10.63 -18.89
C GLY A 467 34.65 -9.45 -19.82
N GLU A 468 33.54 -8.81 -20.16
CA GLU A 468 33.52 -7.67 -21.06
C GLU A 468 33.56 -6.37 -20.25
N GLU A 469 33.51 -5.25 -20.96
CA GLU A 469 33.56 -3.93 -20.35
C GLU A 469 32.38 -3.09 -20.83
N GLY A 470 32.03 -2.10 -20.03
CA GLY A 470 30.94 -1.21 -20.33
C GLY A 470 29.68 -1.54 -19.54
N LEU A 471 28.82 -0.54 -19.41
CA LEU A 471 27.57 -0.73 -18.68
C LEU A 471 26.65 -1.70 -19.39
N ASP A 472 26.62 -1.66 -20.72
CA ASP A 472 25.80 -2.57 -21.52
C ASP A 472 26.69 -3.27 -22.54
N VAL A 473 26.76 -4.60 -22.46
CA VAL A 473 27.59 -5.35 -23.40
C VAL A 473 26.89 -5.57 -24.73
N PHE A 474 25.58 -5.39 -24.78
CA PHE A 474 24.82 -5.56 -26.03
C PHE A 474 24.69 -4.27 -26.81
N SER A 475 25.19 -3.14 -26.30
CA SER A 475 25.16 -1.89 -27.03
C SER A 475 26.28 -1.87 -28.07
N TRP A 476 26.12 -0.98 -29.04
CA TRP A 476 27.03 -0.91 -30.18
C TRP A 476 27.40 0.54 -30.46
N THR A 477 28.55 0.71 -31.13
CA THR A 477 29.02 2.00 -31.60
C THR A 477 28.83 2.10 -33.11
N GLU A 478 29.06 3.30 -33.64
CA GLU A 478 28.87 3.51 -35.07
C GLU A 478 29.82 2.65 -35.90
N GLU A 479 31.08 2.55 -35.47
CA GLU A 479 32.02 1.70 -36.17
C GLU A 479 31.58 0.25 -36.15
N GLU A 480 31.07 -0.21 -35.00
CA GLU A 480 30.55 -1.56 -34.93
C GLU A 480 29.33 -1.75 -35.82
N GLU A 481 28.51 -0.72 -35.98
CA GLU A 481 27.40 -0.81 -36.91
C GLU A 481 27.88 -0.94 -38.35
N ARG A 482 28.92 -0.17 -38.71
CA ARG A 482 29.50 -0.32 -40.05
C ARG A 482 30.06 -1.72 -40.25
N GLU A 483 30.72 -2.26 -39.22
CA GLU A 483 31.23 -3.63 -39.30
C GLU A 483 30.10 -4.63 -39.47
N PHE A 484 28.98 -4.41 -38.77
CA PHE A 484 27.83 -5.28 -38.92
C PHE A 484 27.31 -5.25 -40.35
N ARG A 485 27.21 -4.05 -40.93
CA ARG A 485 26.77 -3.94 -42.32
C ARG A 485 27.73 -4.68 -43.25
N LYS A 486 29.03 -4.49 -43.05
CA LYS A 486 30.01 -5.17 -43.90
C LYS A 486 29.88 -6.68 -43.79
N ILE A 487 29.70 -7.19 -42.58
CA ILE A 487 29.52 -8.62 -42.38
C ILE A 487 28.26 -9.10 -43.08
N SER A 488 27.17 -8.33 -42.95
CA SER A 488 25.89 -8.76 -43.53
C SER A 488 25.96 -8.81 -45.05
N ARG A 489 26.70 -7.89 -45.67
CA ARG A 489 26.76 -7.87 -47.13
C ARG A 489 27.34 -9.16 -47.70
N ASP A 490 28.06 -9.94 -46.89
CA ASP A 490 28.63 -11.19 -47.38
C ASP A 490 27.53 -12.19 -47.75
N ARG A 491 27.80 -12.97 -48.79
CA ARG A 491 26.81 -13.92 -49.28
C ARG A 491 26.54 -15.03 -48.27
N GLY A 492 27.59 -15.58 -47.68
CA GLY A 492 27.44 -16.71 -46.78
C GLY A 492 27.32 -16.33 -45.33
N ILE A 493 26.55 -15.27 -45.05
CA ILE A 493 26.42 -14.81 -43.67
C ILE A 493 25.61 -15.80 -42.84
N ILE A 494 24.55 -16.37 -43.42
CA ILE A 494 23.68 -17.26 -42.66
C ILE A 494 24.43 -18.52 -42.26
N ASP A 495 25.24 -19.07 -43.16
CA ASP A 495 26.00 -20.28 -42.83
C ASP A 495 26.98 -20.01 -41.69
N LYS A 496 27.66 -18.88 -41.73
CA LYS A 496 28.58 -18.53 -40.65
C LYS A 496 27.84 -18.34 -39.34
N ILE A 497 26.67 -17.68 -39.38
CA ILE A 497 25.90 -17.48 -38.16
C ILE A 497 25.50 -18.82 -37.56
N ILE A 498 25.03 -19.74 -38.41
CA ILE A 498 24.63 -21.05 -37.90
C ILE A 498 25.83 -21.79 -37.33
N SER A 499 26.97 -21.74 -38.03
CA SER A 499 28.16 -22.44 -37.54
C SER A 499 28.67 -21.85 -36.24
N SER A 500 28.40 -20.57 -35.98
CA SER A 500 28.89 -19.92 -34.77
C SER A 500 28.01 -20.18 -33.55
N MET A 501 26.92 -20.92 -33.70
CA MET A 501 26.03 -21.21 -32.58
C MET A 501 26.61 -22.40 -31.80
N ALA A 502 27.05 -22.14 -30.57
CA ALA A 502 27.60 -23.17 -29.71
C ALA A 502 28.74 -23.88 -30.43
N PRO A 503 29.86 -23.19 -30.68
CA PRO A 503 30.96 -23.82 -31.43
C PRO A 503 31.55 -25.04 -30.75
N SER A 504 31.42 -25.17 -29.43
CA SER A 504 31.99 -26.30 -28.71
C SER A 504 31.19 -27.58 -28.90
N ILE A 505 29.96 -27.50 -29.37
CA ILE A 505 29.16 -28.68 -29.67
C ILE A 505 29.50 -29.14 -31.08
N TYR A 506 29.86 -30.43 -31.21
CA TYR A 506 30.42 -30.93 -32.46
C TYR A 506 29.47 -30.74 -33.64
N GLY A 507 28.32 -31.41 -33.61
CA GLY A 507 27.41 -31.40 -34.75
C GLY A 507 26.07 -30.78 -34.45
N HIS A 508 25.00 -31.53 -34.71
CA HIS A 508 23.63 -31.08 -34.47
C HIS A 508 23.36 -29.78 -35.24
N ARG A 509 23.64 -29.77 -36.54
CA ARG A 509 23.47 -28.56 -37.37
C ARG A 509 22.00 -28.25 -37.55
N ASP A 510 21.12 -29.10 -37.06
CA ASP A 510 19.67 -28.90 -37.13
C ASP A 510 19.17 -28.30 -35.84
N ILE A 511 19.92 -28.44 -34.76
CA ILE A 511 19.58 -27.87 -33.45
C ILE A 511 20.22 -26.50 -33.41
N LYS A 512 21.29 -26.26 -34.13
CA LYS A 512 21.90 -24.92 -34.20
C LYS A 512 21.10 -24.00 -35.10
N THR A 513 20.60 -24.51 -36.23
CA THR A 513 19.78 -23.70 -37.12
C THR A 513 18.51 -23.25 -36.40
N ALA A 514 17.85 -24.17 -35.71
CA ALA A 514 16.63 -23.82 -34.98
C ALA A 514 16.92 -22.79 -33.90
N VAL A 515 18.03 -22.96 -33.18
CA VAL A 515 18.39 -22.03 -32.12
C VAL A 515 18.66 -20.64 -32.69
N ALA A 516 19.38 -20.57 -33.80
CA ALA A 516 19.63 -19.27 -34.44
C ALA A 516 18.34 -18.62 -34.88
N CYS A 517 17.44 -19.39 -35.49
CA CYS A 517 16.17 -18.83 -35.94
C CYS A 517 15.37 -18.31 -34.75
N SER A 518 15.33 -19.06 -33.65
CA SER A 518 14.63 -18.60 -32.47
C SER A 518 15.26 -17.34 -31.91
N LEU A 519 16.59 -17.28 -31.87
CA LEU A 519 17.28 -16.11 -31.33
C LEU A 519 16.96 -14.87 -32.13
N PHE A 520 16.98 -14.97 -33.47
CA PHE A 520 16.69 -13.80 -34.28
C PHE A 520 15.19 -13.48 -34.28
N GLY A 521 14.35 -14.50 -34.38
CA GLY A 521 12.91 -14.31 -34.27
C GLY A 521 12.29 -13.72 -35.51
N GLY A 522 10.96 -13.60 -35.46
CA GLY A 522 10.18 -13.05 -36.56
C GLY A 522 9.72 -11.63 -36.30
N VAL A 523 8.82 -11.17 -37.16
CA VAL A 523 8.29 -9.82 -37.12
C VAL A 523 6.82 -9.91 -36.70
N PRO A 524 6.43 -9.41 -35.53
CA PRO A 524 5.01 -9.39 -35.17
C PRO A 524 4.22 -8.47 -36.10
N LYS A 525 2.95 -8.82 -36.30
CA LYS A 525 2.09 -8.10 -37.22
C LYS A 525 0.76 -7.79 -36.54
N ASN A 526 0.18 -6.65 -36.92
CA ASN A 526 -1.12 -6.21 -36.42
C ASN A 526 -1.91 -5.71 -37.62
N VAL A 527 -2.81 -6.55 -38.13
CA VAL A 527 -3.53 -6.25 -39.35
C VAL A 527 -4.70 -5.33 -39.01
N ASN A 528 -4.64 -4.09 -39.49
CA ASN A 528 -5.71 -3.11 -39.35
C ASN A 528 -6.07 -2.83 -37.88
N GLY A 529 -5.22 -3.25 -36.95
CA GLY A 529 -5.49 -3.04 -35.54
C GLY A 529 -6.49 -4.01 -34.93
N LYS A 530 -6.96 -5.00 -35.69
CA LYS A 530 -7.92 -5.97 -35.20
C LYS A 530 -7.34 -7.36 -35.01
N HIS A 531 -6.38 -7.76 -35.84
CA HIS A 531 -5.80 -9.10 -35.79
C HIS A 531 -4.36 -9.00 -35.33
N SER A 532 -4.00 -9.80 -34.32
CA SER A 532 -2.65 -9.84 -33.79
C SER A 532 -2.03 -11.20 -34.10
N ILE A 533 -0.83 -11.18 -34.66
CA ILE A 533 -0.12 -12.39 -35.06
C ILE A 533 1.20 -12.44 -34.32
N ARG A 534 1.48 -13.59 -33.69
CA ARG A 534 2.73 -13.77 -32.97
C ARG A 534 3.91 -13.69 -33.93
N GLY A 535 5.02 -13.15 -33.44
CA GLY A 535 6.21 -12.99 -34.25
C GLY A 535 7.45 -13.63 -33.63
N ASP A 536 7.25 -14.64 -32.79
CA ASP A 536 8.35 -15.32 -32.11
C ASP A 536 8.30 -16.80 -32.47
N ILE A 537 9.46 -17.44 -32.38
CA ILE A 537 9.64 -18.84 -32.77
C ILE A 537 9.96 -19.66 -31.53
N ASN A 538 9.22 -20.75 -31.33
CA ASN A 538 9.45 -21.66 -30.23
C ASN A 538 10.08 -22.95 -30.74
N VAL A 539 11.01 -23.50 -29.97
CA VAL A 539 11.76 -24.69 -30.35
C VAL A 539 11.68 -25.69 -29.21
N LEU A 540 11.58 -26.97 -29.56
CA LEU A 540 11.55 -28.06 -28.59
C LEU A 540 12.60 -29.09 -28.98
N LEU A 541 13.40 -29.52 -28.00
CA LEU A 541 14.44 -30.52 -28.21
C LEU A 541 14.06 -31.79 -27.45
N LEU A 542 13.64 -32.81 -28.19
CA LEU A 542 13.27 -34.11 -27.64
C LEU A 542 14.33 -35.11 -28.09
N GLY A 543 15.23 -35.49 -27.18
CA GLY A 543 16.37 -36.29 -27.56
C GLY A 543 16.90 -37.22 -26.48
N ASP A 544 18.05 -37.83 -26.75
CA ASP A 544 18.64 -38.81 -25.86
C ASP A 544 19.35 -38.13 -24.69
N PRO A 545 19.67 -38.88 -23.64
CA PRO A 545 20.20 -38.24 -22.42
C PRO A 545 21.47 -37.43 -22.64
N GLY A 546 22.38 -37.89 -23.48
CA GLY A 546 23.68 -37.26 -23.60
C GLY A 546 23.96 -36.62 -24.95
N THR A 547 23.01 -35.85 -25.47
CA THR A 547 23.12 -35.26 -26.80
C THR A 547 23.28 -33.75 -26.76
N ALA A 548 23.79 -33.21 -25.65
CA ALA A 548 24.16 -31.80 -25.55
C ALA A 548 22.96 -30.89 -25.82
N LYS A 549 21.95 -30.99 -24.94
CA LYS A 549 20.80 -30.11 -24.97
C LYS A 549 20.89 -29.02 -23.90
N SER A 550 21.26 -29.39 -22.67
CA SER A 550 21.39 -28.40 -21.62
C SER A 550 22.50 -27.39 -21.94
N GLN A 551 23.59 -27.86 -22.56
CA GLN A 551 24.64 -26.94 -22.97
C GLN A 551 24.14 -25.96 -24.02
N ILE A 552 23.31 -26.43 -24.95
CA ILE A 552 22.73 -25.55 -25.95
C ILE A 552 21.85 -24.51 -25.28
N LEU A 553 21.05 -24.93 -24.30
CA LEU A 553 20.21 -23.98 -23.57
C LEU A 553 21.05 -22.95 -22.83
N LYS A 554 22.15 -23.39 -22.23
CA LYS A 554 23.04 -22.45 -21.54
C LYS A 554 23.64 -21.45 -22.51
N TYR A 555 24.05 -21.91 -23.69
CA TYR A 555 24.60 -20.99 -24.68
C TYR A 555 23.54 -19.99 -25.12
N VAL A 556 22.31 -20.44 -25.34
CA VAL A 556 21.24 -19.51 -25.72
C VAL A 556 21.01 -18.49 -24.62
N GLU A 557 21.04 -18.93 -23.36
CA GLU A 557 20.91 -17.99 -22.25
C GLU A 557 22.01 -16.95 -22.29
N LYS A 558 23.25 -17.38 -22.53
CA LYS A 558 24.36 -16.43 -22.57
C LYS A 558 24.20 -15.43 -23.70
N THR A 559 23.80 -15.91 -24.88
CA THR A 559 23.77 -15.04 -26.06
C THR A 559 22.57 -14.10 -26.06
N ALA A 560 21.42 -14.54 -25.58
CA ALA A 560 20.21 -13.73 -25.66
C ALA A 560 20.32 -12.48 -24.80
N HIS A 561 19.71 -11.40 -25.27
CA HIS A 561 19.76 -10.13 -24.55
C HIS A 561 19.07 -10.25 -23.20
N ARG A 562 17.89 -10.85 -23.17
CA ARG A 562 17.15 -11.10 -21.94
C ARG A 562 16.77 -12.58 -21.92
N ALA A 563 17.32 -13.32 -20.97
CA ALA A 563 17.08 -14.76 -20.88
C ALA A 563 16.79 -15.14 -19.43
N VAL A 564 15.97 -16.11 -19.22
CA VAL A 564 15.56 -16.73 -18.01
C VAL A 564 15.65 -18.22 -18.11
N PHE A 565 16.27 -18.89 -17.14
CA PHE A 565 16.43 -20.33 -17.14
C PHE A 565 15.62 -20.93 -16.00
N ALA A 566 14.88 -21.96 -16.24
CA ALA A 566 14.05 -22.70 -15.38
C ALA A 566 14.15 -24.19 -15.60
N THR A 567 14.00 -25.00 -14.62
CA THR A 567 14.01 -26.42 -14.57
C THR A 567 12.62 -26.99 -14.47
N GLY A 568 12.41 -28.22 -14.76
CA GLY A 568 11.20 -28.86 -14.75
C GLY A 568 10.30 -28.66 -13.59
N GLN A 569 10.61 -29.18 -12.45
CA GLN A 569 9.94 -29.11 -11.22
C GLN A 569 10.29 -27.92 -10.36
N GLY A 570 11.29 -27.18 -10.68
CA GLY A 570 11.65 -26.00 -10.08
C GLY A 570 10.89 -24.78 -10.36
N ALA A 571 10.00 -24.83 -11.29
CA ALA A 571 9.11 -23.84 -11.77
C ALA A 571 7.68 -24.10 -11.41
N SER A 572 6.98 -23.15 -10.82
CA SER A 572 5.55 -23.27 -10.47
C SER A 572 4.66 -22.57 -11.50
N ALA A 573 3.36 -22.87 -11.49
CA ALA A 573 2.42 -22.32 -12.47
C ALA A 573 2.32 -20.79 -12.45
N VAL A 574 2.59 -20.15 -11.32
CA VAL A 574 2.59 -18.69 -11.10
C VAL A 574 3.98 -18.10 -10.88
N GLY A 575 5.02 -18.94 -10.81
CA GLY A 575 6.41 -18.49 -10.87
C GLY A 575 6.77 -18.09 -12.28
N LEU A 576 6.29 -18.83 -13.27
CA LEU A 576 6.06 -18.43 -14.60
C LEU A 576 4.83 -17.55 -14.68
N THR A 577 4.71 -16.69 -15.63
CA THR A 577 3.63 -15.81 -15.76
C THR A 577 3.67 -14.72 -14.73
N ALA A 578 2.66 -14.50 -13.89
CA ALA A 578 2.58 -13.48 -12.86
C ALA A 578 1.84 -14.03 -11.64
N SER A 579 2.14 -13.48 -10.47
CA SER A 579 1.58 -13.93 -9.18
C SER A 579 1.05 -12.76 -8.37
N VAL A 580 0.12 -13.06 -7.46
CA VAL A 580 -0.53 -12.08 -6.60
C VAL A 580 -0.03 -12.24 -5.16
N ARG A 581 0.33 -11.13 -4.53
CA ARG A 581 0.74 -11.05 -3.12
C ARG A 581 0.08 -9.88 -2.43
N LYS A 582 0.18 -9.83 -1.11
CA LYS A 582 -0.12 -8.61 -0.33
C LYS A 582 1.15 -7.84 -0.07
N ASP A 583 1.16 -6.56 -0.39
CA ASP A 583 2.20 -5.63 -0.21
C ASP A 583 2.52 -5.46 1.25
N PRO A 584 3.75 -5.69 1.73
CA PRO A 584 4.04 -5.44 3.14
C PRO A 584 3.77 -4.06 3.63
N ILE A 585 4.00 -3.03 2.81
CA ILE A 585 3.94 -1.63 3.27
C ILE A 585 2.50 -1.12 3.25
N THR A 586 1.83 -1.26 2.11
CA THR A 586 0.48 -0.75 1.85
C THR A 586 -0.64 -1.74 2.18
N LYS A 587 -0.34 -3.02 2.47
CA LYS A 587 -1.23 -4.02 2.92
C LYS A 587 -2.35 -4.24 1.92
N GLU A 588 -2.08 -4.19 0.66
CA GLU A 588 -2.94 -4.29 -0.46
C GLU A 588 -2.45 -5.29 -1.48
N TRP A 589 -3.38 -5.97 -2.16
CA TRP A 589 -3.01 -6.92 -3.20
C TRP A 589 -2.31 -6.23 -4.36
N THR A 590 -1.25 -6.84 -4.86
CA THR A 590 -0.38 -6.39 -5.88
C THR A 590 0.07 -7.49 -6.80
N LEU A 591 0.57 -7.20 -7.95
CA LEU A 591 1.00 -8.02 -9.01
C LEU A 591 2.50 -8.10 -9.13
N GLU A 592 3.09 -9.23 -9.26
CA GLU A 592 4.45 -9.55 -9.49
C GLU A 592 4.67 -10.29 -10.79
N GLY A 593 5.72 -10.06 -11.49
CA GLY A 593 6.11 -10.74 -12.61
C GLY A 593 6.69 -12.07 -12.43
N GLY A 594 6.85 -12.86 -13.45
CA GLY A 594 7.41 -14.11 -13.50
C GLY A 594 8.49 -14.39 -14.47
N ALA A 595 8.82 -15.58 -14.80
CA ALA A 595 9.79 -15.96 -15.76
C ALA A 595 9.50 -15.36 -17.12
N LEU A 596 8.30 -15.46 -17.59
CA LEU A 596 7.81 -14.96 -18.81
C LEU A 596 7.93 -13.47 -18.91
N VAL A 597 7.55 -12.75 -17.90
CA VAL A 597 7.60 -11.35 -17.78
C VAL A 597 9.02 -10.84 -17.88
N LEU A 598 9.93 -11.41 -17.15
CA LEU A 598 11.31 -11.15 -17.15
C LEU A 598 11.96 -11.44 -18.48
N ALA A 599 11.35 -12.31 -19.26
CA ALA A 599 11.85 -12.68 -20.57
C ALA A 599 11.15 -11.93 -21.70
N ASP A 600 10.49 -10.83 -21.39
CA ASP A 600 9.82 -10.04 -22.43
C ASP A 600 10.82 -9.63 -23.50
N LYS A 601 10.44 -9.82 -24.76
CA LYS A 601 11.34 -9.56 -25.88
C LYS A 601 12.66 -10.31 -25.69
N GLY A 602 12.56 -11.53 -25.19
CA GLY A 602 13.73 -12.34 -24.91
C GLY A 602 13.41 -13.81 -25.10
N VAL A 603 14.06 -14.66 -24.32
CA VAL A 603 13.92 -16.11 -24.41
C VAL A 603 13.74 -16.68 -23.01
N CYS A 604 12.86 -17.60 -22.84
CA CYS A 604 12.59 -18.41 -21.71
C CYS A 604 13.01 -19.83 -21.95
N LEU A 605 13.93 -20.38 -21.15
CA LEU A 605 14.48 -21.70 -21.36
C LEU A 605 13.98 -22.61 -20.24
N ILE A 606 13.36 -23.73 -20.62
CA ILE A 606 12.74 -24.65 -19.67
C ILE A 606 13.39 -26.01 -19.88
N ASP A 607 14.41 -26.32 -19.11
CA ASP A 607 15.04 -27.62 -19.14
C ASP A 607 14.17 -28.64 -18.40
N GLU A 608 14.27 -29.89 -18.81
CA GLU A 608 13.45 -30.97 -18.23
C GLU A 608 11.97 -30.65 -18.40
N PHE A 609 11.58 -30.37 -19.64
CA PHE A 609 10.19 -30.00 -19.92
C PHE A 609 9.23 -31.13 -19.58
N ASP A 610 9.61 -32.37 -19.89
CA ASP A 610 8.71 -33.50 -19.69
C ASP A 610 8.48 -33.80 -18.21
N LYS A 611 9.38 -33.36 -17.33
CA LYS A 611 9.25 -33.59 -15.90
C LYS A 611 8.40 -32.54 -15.21
N MET A 612 7.92 -31.53 -15.85
CA MET A 612 7.05 -30.53 -15.39
C MET A 612 5.75 -31.11 -14.92
N ASN A 613 5.13 -30.58 -13.90
CA ASN A 613 3.82 -30.82 -13.49
C ASN A 613 2.84 -30.39 -14.56
N ASP A 614 1.73 -31.03 -14.72
CA ASP A 614 0.71 -30.72 -15.65
C ASP A 614 0.23 -29.31 -15.49
N GLN A 615 -0.07 -28.90 -14.30
CA GLN A 615 -0.49 -27.61 -13.93
C GLN A 615 0.49 -26.54 -14.36
N ASP A 616 1.74 -26.73 -14.07
CA ASP A 616 2.82 -25.88 -14.43
C ASP A 616 2.94 -25.73 -15.92
N ARG A 617 2.89 -26.80 -16.65
CA ARG A 617 2.97 -26.87 -18.05
C ARG A 617 1.87 -26.09 -18.73
N THR A 618 0.67 -26.26 -18.30
CA THR A 618 -0.52 -25.67 -18.80
C THR A 618 -0.54 -24.16 -18.71
N SER A 619 0.23 -23.56 -17.86
CA SER A 619 0.29 -22.18 -17.60
C SER A 619 0.68 -21.37 -18.81
N ILE A 620 1.67 -21.79 -19.53
CA ILE A 620 2.29 -21.15 -20.64
C ILE A 620 1.48 -21.19 -21.90
N HIS A 621 0.33 -21.87 -21.89
CA HIS A 621 -0.45 -22.02 -23.11
C HIS A 621 -0.84 -20.66 -23.69
N GLU A 622 -1.42 -19.79 -22.86
CA GLU A 622 -1.82 -18.48 -23.35
C GLU A 622 -0.60 -17.64 -23.74
N ALA A 623 0.46 -17.65 -23.00
CA ALA A 623 1.63 -16.88 -23.18
C ALA A 623 2.36 -17.20 -24.45
N MET A 624 2.36 -18.47 -24.83
CA MET A 624 3.16 -18.91 -25.97
C MET A 624 2.55 -18.54 -27.31
N GLU A 625 1.26 -18.21 -27.36
CA GLU A 625 0.61 -17.81 -28.61
C GLU A 625 0.05 -16.40 -28.55
N GLN A 626 -0.71 -16.07 -27.52
CA GLN A 626 -1.29 -14.73 -27.42
C GLN A 626 -0.26 -13.68 -27.02
N GLN A 627 0.90 -14.10 -26.54
CA GLN A 627 1.94 -13.17 -26.08
C GLN A 627 1.40 -12.24 -25.00
N SER A 628 0.54 -12.76 -24.13
CA SER A 628 -0.05 -11.97 -23.07
C SER A 628 -0.45 -12.90 -21.93
N ILE A 629 -0.49 -12.41 -20.73
CA ILE A 629 -0.85 -13.00 -19.50
C ILE A 629 -2.05 -12.33 -18.89
N SER A 630 -3.12 -12.98 -18.63
CA SER A 630 -4.34 -12.57 -18.05
C SER A 630 -4.47 -13.03 -16.62
N ILE A 631 -4.66 -12.20 -15.66
CA ILE A 631 -4.77 -12.41 -14.26
C ILE A 631 -6.06 -11.85 -13.72
N SER A 632 -6.90 -12.61 -13.10
CA SER A 632 -8.12 -12.31 -12.42
C SER A 632 -8.09 -12.87 -11.02
N LYS A 633 -7.44 -12.22 -10.07
CA LYS A 633 -7.27 -12.74 -8.70
C LYS A 633 -7.38 -11.61 -7.70
N ALA A 634 -8.01 -11.85 -6.55
CA ALA A 634 -8.12 -10.87 -5.47
C ALA A 634 -8.57 -9.44 -5.88
N GLY A 635 -9.42 -9.30 -6.90
CA GLY A 635 -9.85 -8.12 -7.45
C GLY A 635 -9.01 -7.39 -8.40
N ILE A 636 -7.98 -7.99 -8.90
CA ILE A 636 -7.02 -7.54 -9.84
C ILE A 636 -7.35 -8.11 -11.19
N VAL A 637 -7.85 -7.37 -12.13
CA VAL A 637 -8.23 -7.67 -13.46
C VAL A 637 -7.33 -6.95 -14.43
N THR A 638 -6.29 -7.52 -14.93
CA THR A 638 -5.30 -6.97 -15.78
C THR A 638 -4.71 -7.95 -16.75
N THR A 639 -4.18 -7.53 -17.84
CA THR A 639 -3.51 -8.23 -18.87
C THR A 639 -2.12 -7.70 -19.09
N LEU A 640 -1.09 -8.47 -18.98
CA LEU A 640 0.28 -8.18 -19.18
C LEU A 640 0.75 -8.50 -20.58
N GLN A 641 1.93 -8.16 -20.93
CA GLN A 641 2.67 -8.44 -22.10
C GLN A 641 3.76 -9.45 -21.87
N ALA A 642 3.78 -10.58 -22.50
CA ALA A 642 4.74 -11.62 -22.52
C ALA A 642 5.15 -11.94 -23.94
N ARG A 643 6.06 -11.16 -24.51
CA ARG A 643 6.51 -11.37 -25.89
C ARG A 643 7.84 -12.13 -25.89
N CYS A 644 7.81 -13.31 -25.28
CA CYS A 644 9.00 -14.11 -25.07
C CYS A 644 8.92 -15.42 -25.86
N SER A 645 10.03 -15.81 -26.46
CA SER A 645 10.14 -17.09 -27.14
C SER A 645 10.58 -18.15 -26.14
N ILE A 646 10.15 -19.39 -26.37
CA ILE A 646 10.39 -20.50 -25.46
C ILE A 646 11.16 -21.58 -26.21
N ILE A 647 12.31 -21.97 -25.64
CA ILE A 647 13.09 -23.11 -26.12
C ILE A 647 13.17 -24.10 -24.97
N ALA A 648 12.72 -25.32 -25.20
CA ALA A 648 12.61 -26.33 -24.16
C ALA A 648 13.32 -27.60 -24.56
N ALA A 649 13.88 -28.29 -23.57
CA ALA A 649 14.53 -29.57 -23.74
C ALA A 649 13.75 -30.64 -22.98
N ALA A 650 13.49 -31.77 -23.64
CA ALA A 650 12.68 -32.83 -23.07
C ALA A 650 13.31 -34.17 -23.38
N ASN A 651 12.96 -35.16 -22.56
CA ASN A 651 13.40 -36.53 -22.74
C ASN A 651 12.22 -37.40 -23.15
N PRO A 652 12.36 -38.27 -24.15
CA PRO A 652 11.22 -39.10 -24.56
C PRO A 652 10.84 -40.10 -23.47
N ASN A 653 9.58 -40.53 -23.54
CA ASN A 653 9.07 -41.48 -22.56
C ASN A 653 9.93 -42.74 -22.56
N GLY A 654 10.25 -43.22 -21.36
CA GLY A 654 11.13 -44.36 -21.20
C GLY A 654 12.60 -44.03 -21.14
N GLY A 655 12.98 -42.76 -21.31
CA GLY A 655 14.36 -42.34 -21.24
C GLY A 655 15.13 -42.46 -22.53
N ARG A 656 14.52 -42.99 -23.59
CA ARG A 656 15.21 -43.13 -24.87
C ARG A 656 14.18 -43.17 -25.98
N TYR A 657 14.49 -42.49 -27.08
CA TYR A 657 13.56 -42.43 -28.21
C TYR A 657 13.43 -43.80 -28.86
N ASN A 658 12.20 -44.17 -29.20
CA ASN A 658 11.89 -45.40 -29.92
C ASN A 658 11.52 -44.99 -31.34
N SER A 659 12.48 -45.07 -32.25
CA SER A 659 12.28 -44.57 -33.61
C SER A 659 11.18 -45.34 -34.35
N THR A 660 10.86 -46.55 -33.90
CA THR A 660 9.82 -47.34 -34.58
C THR A 660 8.43 -46.78 -34.35
N LEU A 661 8.14 -46.31 -33.13
CA LEU A 661 6.81 -45.81 -32.82
C LEU A 661 6.63 -44.38 -33.32
N PRO A 662 5.39 -43.94 -33.50
CA PRO A 662 5.15 -42.55 -33.89
C PRO A 662 5.68 -41.57 -32.86
N LEU A 663 5.74 -40.30 -33.26
CA LEU A 663 6.22 -39.27 -32.35
C LEU A 663 5.30 -39.13 -31.15
N ALA A 664 3.99 -39.22 -31.36
CA ALA A 664 3.04 -39.01 -30.27
C ALA A 664 3.24 -40.02 -29.15
N GLN A 665 3.57 -41.27 -29.49
CA GLN A 665 3.75 -42.31 -28.49
C GLN A 665 5.08 -42.21 -27.77
N ASN A 666 6.03 -41.44 -28.29
CA ASN A 666 7.33 -41.28 -27.64
C ASN A 666 7.34 -40.17 -26.59
N VAL A 667 6.32 -39.31 -26.57
CA VAL A 667 6.24 -38.23 -25.60
C VAL A 667 4.83 -38.18 -25.04
N SER A 668 4.72 -37.61 -23.83
CA SER A 668 3.45 -37.52 -23.13
C SER A 668 2.75 -36.18 -23.35
N LEU A 669 3.33 -35.28 -24.13
CA LEU A 669 2.70 -33.99 -24.38
C LEU A 669 1.44 -34.16 -25.23
N THR A 670 0.54 -33.19 -25.09
CA THR A 670 -0.75 -33.22 -25.77
C THR A 670 -0.68 -32.41 -27.06
N GLU A 671 -1.75 -32.47 -27.85
CA GLU A 671 -1.76 -31.81 -29.15
C GLU A 671 -1.56 -30.30 -29.07
N PRO A 672 -2.22 -29.56 -28.19
CA PRO A 672 -2.05 -28.10 -28.22
C PRO A 672 -0.62 -27.65 -27.95
N ILE A 673 0.01 -28.18 -26.90
CA ILE A 673 1.37 -27.78 -26.56
C ILE A 673 2.32 -28.13 -27.69
N LEU A 674 2.16 -29.31 -28.29
CA LEU A 674 3.00 -29.69 -29.42
C LEU A 674 2.80 -28.76 -30.60
N SER A 675 1.56 -28.39 -30.90
CA SER A 675 1.28 -27.49 -32.01
C SER A 675 1.87 -26.11 -31.78
N ARG A 676 1.93 -25.67 -30.52
CA ARG A 676 2.47 -24.34 -30.23
C ARG A 676 3.96 -24.24 -30.52
N PHE A 677 4.66 -25.34 -30.75
CA PHE A 677 6.09 -25.34 -30.99
C PHE A 677 6.34 -25.27 -32.49
N ASP A 678 7.10 -24.27 -32.92
CA ASP A 678 7.30 -24.05 -34.35
C ASP A 678 8.23 -25.10 -34.95
N ILE A 679 9.34 -25.41 -34.27
CA ILE A 679 10.36 -26.33 -34.79
C ILE A 679 10.54 -27.45 -33.78
N LEU A 680 10.54 -28.69 -34.28
CA LEU A 680 10.81 -29.87 -33.46
C LEU A 680 12.13 -30.48 -33.92
N CYS A 681 13.04 -30.70 -32.98
CA CYS A 681 14.36 -31.26 -33.25
C CYS A 681 14.51 -32.54 -32.44
N VAL A 682 14.38 -33.69 -33.11
CA VAL A 682 14.54 -34.99 -32.46
C VAL A 682 16.01 -35.39 -32.56
N VAL A 683 16.58 -35.77 -31.42
CA VAL A 683 18.00 -36.12 -31.31
C VAL A 683 18.09 -37.59 -30.96
N ARG A 684 18.82 -38.36 -31.78
CA ARG A 684 19.01 -39.79 -31.57
C ARG A 684 20.47 -40.08 -31.33
N ASP A 685 20.74 -41.01 -30.41
CA ASP A 685 22.08 -41.46 -30.10
C ASP A 685 22.26 -42.86 -30.68
N LEU A 686 23.05 -42.97 -31.73
CA LEU A 686 23.27 -44.23 -32.43
C LEU A 686 24.76 -44.54 -32.46
N VAL A 687 25.09 -45.83 -32.35
CA VAL A 687 26.47 -46.27 -32.36
C VAL A 687 26.94 -46.34 -33.81
N ASP A 688 27.99 -45.59 -34.13
CA ASP A 688 28.58 -45.58 -35.46
C ASP A 688 30.07 -45.31 -35.33
N GLU A 689 30.88 -46.11 -36.01
CA GLU A 689 32.32 -46.01 -35.86
C GLU A 689 32.83 -44.63 -36.26
N GLU A 690 32.46 -44.16 -37.45
CA GLU A 690 32.97 -42.88 -37.93
C GLU A 690 32.43 -41.73 -37.08
N ALA A 691 31.13 -41.74 -36.80
CA ALA A 691 30.55 -40.67 -35.99
C ALA A 691 31.16 -40.65 -34.59
N ASP A 692 31.31 -41.82 -33.97
CA ASP A 692 31.92 -41.88 -32.65
C ASP A 692 33.35 -41.37 -32.68
N GLU A 693 34.12 -41.77 -33.68
CA GLU A 693 35.51 -41.31 -33.78
C GLU A 693 35.57 -39.80 -33.90
N ARG A 694 34.77 -39.22 -34.80
CA ARG A 694 34.82 -37.79 -35.02
C ARG A 694 34.37 -37.03 -33.78
N LEU A 695 33.28 -37.48 -33.15
CA LEU A 695 32.79 -36.80 -31.96
C LEU A 695 33.80 -36.87 -30.82
N ALA A 696 34.42 -38.05 -30.62
CA ALA A 696 35.42 -38.17 -29.56
C ALA A 696 36.62 -37.28 -29.85
N THR A 697 37.08 -37.23 -31.10
CA THR A 697 38.21 -36.38 -31.43
C THR A 697 37.89 -34.92 -31.15
N PHE A 698 36.70 -34.47 -31.55
CA PHE A 698 36.32 -33.09 -31.32
C PHE A 698 36.21 -32.78 -29.83
N VAL A 699 35.63 -33.71 -29.06
CA VAL A 699 35.48 -33.49 -27.62
C VAL A 699 36.84 -33.40 -26.95
N VAL A 700 37.77 -34.29 -27.32
CA VAL A 700 39.10 -34.25 -26.72
C VAL A 700 39.81 -32.96 -27.09
N ASP A 701 39.70 -32.54 -28.36
CA ASP A 701 40.33 -31.29 -28.76
C ASP A 701 39.75 -30.11 -27.99
N SER A 702 38.44 -30.09 -27.81
CA SER A 702 37.81 -29.00 -27.05
C SER A 702 38.28 -29.01 -25.60
N HIS A 703 38.36 -30.19 -24.99
CA HIS A 703 38.82 -30.27 -23.61
C HIS A 703 40.24 -29.78 -23.46
N VAL A 704 41.12 -30.14 -24.41
CA VAL A 704 42.49 -29.65 -24.35
C VAL A 704 42.53 -28.14 -24.58
N ARG A 705 41.66 -27.63 -25.45
CA ARG A 705 41.65 -26.21 -25.74
C ARG A 705 41.25 -25.38 -24.53
N SER A 706 40.38 -25.90 -23.68
CA SER A 706 39.83 -25.16 -22.56
C SER A 706 40.63 -25.34 -21.27
N HIS A 707 41.76 -26.03 -21.32
CA HIS A 707 42.55 -26.24 -20.12
C HIS A 707 42.97 -24.90 -19.53
N PRO A 708 42.73 -24.65 -18.24
CA PRO A 708 43.08 -23.33 -17.69
C PRO A 708 44.53 -22.96 -17.90
N GLU A 709 45.46 -23.92 -17.74
CA GLU A 709 46.87 -23.62 -17.93
C GLU A 709 47.16 -23.25 -19.39
N ASN A 710 46.55 -23.96 -20.32
CA ASN A 710 46.76 -23.69 -21.74
C ASN A 710 46.06 -22.39 -22.15
N ASN A 739 50.19 -5.11 -24.04
CA ASN A 739 50.02 -5.15 -22.58
C ASN A 739 49.53 -6.53 -22.14
N ALA A 740 49.52 -6.77 -20.83
CA ALA A 740 49.05 -8.04 -20.31
C ALA A 740 47.59 -8.28 -20.68
N ARG A 741 46.75 -7.26 -20.51
CA ARG A 741 45.35 -7.39 -20.91
C ARG A 741 45.24 -7.59 -22.42
N GLN A 742 46.02 -6.83 -23.19
CA GLN A 742 46.00 -7.00 -24.64
C GLN A 742 46.48 -8.38 -25.05
N ARG A 743 47.53 -8.88 -24.38
CA ARG A 743 48.02 -10.23 -24.68
C ARG A 743 46.96 -11.28 -24.36
N ARG A 744 46.28 -11.14 -23.23
CA ARG A 744 45.23 -12.08 -22.87
C ARG A 744 44.12 -12.06 -23.90
N LEU A 745 43.70 -10.86 -24.32
CA LEU A 745 42.65 -10.75 -25.33
C LEU A 745 43.09 -11.37 -26.65
N GLN A 746 44.35 -11.15 -27.04
CA GLN A 746 44.84 -11.71 -28.29
C GLN A 746 44.85 -13.23 -28.26
N ARG A 747 45.33 -13.81 -27.16
CA ARG A 747 45.35 -15.27 -27.07
C ARG A 747 43.93 -15.84 -27.02
N GLN A 748 43.02 -15.16 -26.33
CA GLN A 748 41.63 -15.60 -26.34
C GLN A 748 41.04 -15.56 -27.74
N ARG A 749 41.34 -14.49 -28.49
CA ARG A 749 40.85 -14.39 -29.86
C ARG A 749 41.43 -15.50 -30.73
N LYS A 750 42.72 -15.80 -30.55
CA LYS A 750 43.33 -16.88 -31.31
C LYS A 750 42.67 -18.22 -31.00
N LYS A 751 42.39 -18.47 -29.72
CA LYS A 751 41.71 -19.71 -29.34
C LYS A 751 40.31 -19.76 -29.96
N GLU A 752 39.59 -18.64 -29.94
CA GLU A 752 38.22 -18.62 -30.46
C GLU A 752 38.20 -18.84 -31.96
N GLU A 753 39.19 -18.29 -32.68
CA GLU A 753 39.17 -18.35 -34.14
C GLU A 753 39.11 -19.78 -34.65
N GLU A 754 39.60 -20.74 -33.88
CA GLU A 754 39.66 -22.12 -34.34
C GLU A 754 38.28 -22.70 -34.61
N ILE A 755 37.32 -22.42 -33.72
CA ILE A 755 36.05 -23.12 -33.72
C ILE A 755 34.87 -22.25 -34.13
N SER A 756 35.04 -20.93 -34.22
CA SER A 756 33.93 -20.04 -34.57
C SER A 756 34.39 -19.03 -35.61
N PRO A 757 33.66 -18.89 -36.73
CA PRO A 757 34.06 -17.89 -37.73
C PRO A 757 33.77 -16.46 -37.34
N ILE A 758 32.93 -16.23 -36.33
CA ILE A 758 32.55 -14.89 -35.93
C ILE A 758 32.82 -14.73 -34.43
N PRO A 759 33.37 -13.60 -33.98
CA PRO A 759 33.56 -13.42 -32.53
C PRO A 759 32.23 -13.49 -31.79
N GLN A 760 32.28 -14.08 -30.60
CA GLN A 760 31.04 -14.30 -29.85
C GLN A 760 30.41 -12.97 -29.43
N GLU A 761 31.22 -12.05 -28.88
CA GLU A 761 30.68 -10.76 -28.47
C GLU A 761 30.13 -10.00 -29.67
N LEU A 762 30.85 -10.03 -30.80
CA LEU A 762 30.33 -9.43 -32.02
C LEU A 762 29.03 -10.10 -32.44
N LEU A 763 28.92 -11.42 -32.24
CA LEU A 763 27.69 -12.12 -32.58
C LEU A 763 26.53 -11.65 -31.72
N MET A 764 26.75 -11.47 -30.42
CA MET A 764 25.68 -10.98 -29.56
C MET A 764 25.26 -9.57 -29.96
N LYS A 765 26.23 -8.71 -30.24
CA LYS A 765 25.89 -7.36 -30.68
C LYS A 765 25.12 -7.39 -32.00
N TYR A 766 25.54 -8.26 -32.92
CA TYR A 766 24.85 -8.40 -34.20
C TYR A 766 23.41 -8.84 -34.00
N ILE A 767 23.19 -9.82 -33.13
CA ILE A 767 21.83 -10.30 -32.88
C ILE A 767 20.98 -9.19 -32.30
N HIS A 768 21.52 -8.45 -31.32
CA HIS A 768 20.76 -7.37 -30.71
C HIS A 768 20.42 -6.29 -31.74
N TYR A 769 21.39 -5.91 -32.57
CA TYR A 769 21.15 -4.89 -33.59
C TYR A 769 20.09 -5.34 -34.58
N ALA A 770 20.20 -6.59 -35.04
CA ALA A 770 19.22 -7.10 -36.00
C ALA A 770 17.82 -7.12 -35.41
N ARG A 771 17.71 -7.58 -34.15
CA ARG A 771 16.39 -7.60 -33.52
C ARG A 771 15.82 -6.19 -33.36
N THR A 772 16.66 -5.23 -32.97
CA THR A 772 16.16 -3.90 -32.65
C THR A 772 15.81 -3.10 -33.90
N LYS A 773 16.64 -3.14 -34.93
CA LYS A 773 16.59 -2.17 -36.01
C LYS A 773 16.12 -2.73 -37.35
N ILE A 774 15.80 -4.03 -37.43
CA ILE A 774 15.46 -4.66 -38.70
C ILE A 774 14.08 -5.28 -38.59
N TYR A 775 13.19 -4.93 -39.53
CA TYR A 775 11.84 -5.48 -39.58
C TYR A 775 11.52 -5.86 -41.02
N PRO A 776 11.92 -7.06 -41.45
CA PRO A 776 11.70 -7.45 -42.85
C PRO A 776 10.23 -7.62 -43.17
N LYS A 777 9.92 -7.50 -44.46
CA LYS A 777 8.55 -7.61 -44.98
C LYS A 777 8.54 -8.52 -46.18
N LEU A 778 7.37 -9.11 -46.45
CA LEU A 778 7.17 -9.97 -47.60
C LEU A 778 6.35 -9.22 -48.65
N HIS A 779 6.90 -9.11 -49.85
CA HIS A 779 6.18 -8.50 -50.97
C HIS A 779 6.15 -9.37 -52.21
N GLN A 780 7.23 -10.09 -52.49
CA GLN A 780 7.30 -11.01 -53.62
C GLN A 780 7.56 -12.41 -53.08
N MET A 781 6.67 -13.34 -53.40
CA MET A 781 6.78 -14.70 -52.87
C MET A 781 5.87 -15.61 -53.67
N ASP A 782 6.24 -16.89 -53.72
CA ASP A 782 5.49 -17.89 -54.47
C ASP A 782 4.34 -18.40 -53.60
N MET A 783 3.13 -17.89 -53.85
CA MET A 783 1.97 -18.32 -53.09
C MET A 783 1.69 -19.80 -53.30
N ASP A 784 1.75 -20.26 -54.55
CA ASP A 784 1.39 -21.65 -54.85
C ASP A 784 2.33 -22.62 -54.16
N LYS A 785 3.62 -22.31 -54.12
CA LYS A 785 4.58 -23.21 -53.47
C LYS A 785 4.23 -23.42 -52.01
N VAL A 786 4.02 -22.33 -51.27
CA VAL A 786 3.71 -22.45 -49.86
C VAL A 786 2.37 -23.14 -49.64
N SER A 787 1.37 -22.80 -50.46
CA SER A 787 0.07 -23.44 -50.32
C SER A 787 0.16 -24.94 -50.54
N ARG A 788 0.88 -25.36 -51.57
CA ARG A 788 1.03 -26.78 -51.85
C ARG A 788 1.81 -27.48 -50.73
N VAL A 789 2.85 -26.83 -50.21
CA VAL A 789 3.60 -27.43 -49.10
C VAL A 789 2.70 -27.63 -47.90
N TYR A 790 1.88 -26.62 -47.57
CA TYR A 790 0.97 -26.74 -46.43
C TYR A 790 -0.03 -27.87 -46.66
N ALA A 791 -0.61 -27.94 -47.85
CA ALA A 791 -1.59 -28.98 -48.13
C ALA A 791 -0.96 -30.37 -48.03
N ASP A 792 0.24 -30.54 -48.58
CA ASP A 792 0.92 -31.83 -48.49
C ASP A 792 1.23 -32.18 -47.05
N LEU A 793 1.68 -31.21 -46.26
CA LEU A 793 1.96 -31.48 -44.85
C LEU A 793 0.70 -31.93 -44.12
N ARG A 794 -0.43 -31.27 -44.38
CA ARG A 794 -1.67 -31.69 -43.73
C ARG A 794 -2.06 -33.10 -44.16
N ARG A 795 -1.96 -33.39 -45.46
CA ARG A 795 -2.34 -34.71 -45.95
C ARG A 795 -1.48 -35.80 -45.33
N GLU A 796 -0.17 -35.56 -45.22
CA GLU A 796 0.71 -36.55 -44.61
C GLU A 796 0.51 -36.63 -43.10
N SER A 797 0.06 -35.55 -42.47
CA SER A 797 -0.15 -35.53 -41.03
C SER A 797 -1.52 -36.05 -40.62
N ILE A 798 -2.42 -36.33 -41.56
CA ILE A 798 -3.71 -36.90 -41.24
C ILE A 798 -3.53 -38.21 -40.48
N SER A 799 -2.38 -38.85 -40.66
CA SER A 799 -2.13 -40.15 -40.04
C SER A 799 -2.20 -40.04 -38.51
N THR A 800 -2.72 -41.09 -37.89
CA THR A 800 -2.88 -41.10 -36.44
C THR A 800 -1.54 -41.10 -35.74
N GLY A 801 -1.43 -40.32 -34.67
CA GLY A 801 -0.22 -40.26 -33.88
C GLY A 801 0.89 -39.42 -34.47
N SER A 802 0.66 -38.77 -35.61
CA SER A 802 1.68 -37.96 -36.25
C SER A 802 1.82 -36.61 -35.57
N PHE A 803 2.85 -35.88 -35.96
CA PHE A 803 3.08 -34.55 -35.40
C PHE A 803 1.96 -33.61 -35.84
N PRO A 804 1.30 -32.92 -34.92
CA PRO A 804 0.16 -32.08 -35.32
C PRO A 804 0.57 -31.00 -36.30
N ILE A 805 -0.32 -30.70 -37.24
CA ILE A 805 -0.11 -29.67 -38.25
C ILE A 805 -1.37 -28.80 -38.30
N THR A 806 -1.17 -27.48 -38.25
CA THR A 806 -2.28 -26.54 -38.32
C THR A 806 -1.78 -25.28 -39.02
N VAL A 807 -2.66 -24.27 -39.10
CA VAL A 807 -2.28 -22.99 -39.68
C VAL A 807 -1.11 -22.38 -38.92
N ARG A 808 -0.95 -22.74 -37.64
CA ARG A 808 0.19 -22.28 -36.87
C ARG A 808 1.49 -22.59 -37.58
N HIS A 809 1.58 -23.73 -38.28
CA HIS A 809 2.84 -24.10 -38.92
C HIS A 809 3.05 -23.36 -40.24
N LEU A 810 1.99 -23.01 -40.95
CA LEU A 810 2.16 -22.11 -42.09
C LEU A 810 2.67 -20.75 -41.62
N GLU A 811 2.08 -20.23 -40.55
CA GLU A 811 2.59 -18.99 -39.99
C GLU A 811 4.02 -19.14 -39.49
N SER A 812 4.38 -20.33 -39.00
CA SER A 812 5.74 -20.57 -38.56
C SER A 812 6.70 -20.60 -39.74
N ILE A 813 6.27 -21.14 -40.88
CA ILE A 813 7.08 -21.09 -42.09
C ILE A 813 7.35 -19.64 -42.46
N LEU A 814 6.30 -18.82 -42.45
CA LEU A 814 6.49 -17.40 -42.76
C LEU A 814 7.41 -16.72 -41.75
N ARG A 815 7.26 -17.07 -40.47
CA ARG A 815 8.10 -16.47 -39.43
C ARG A 815 9.56 -16.86 -39.62
N ILE A 816 9.83 -18.12 -39.97
CA ILE A 816 11.20 -18.56 -40.17
C ILE A 816 11.80 -17.89 -41.40
N ALA A 817 10.99 -17.69 -42.44
CA ALA A 817 11.46 -16.91 -43.59
C ALA A 817 11.83 -15.50 -43.17
N GLU A 818 10.98 -14.87 -42.35
CA GLU A 818 11.30 -13.53 -41.85
C GLU A 818 12.59 -13.53 -41.06
N SER A 819 12.79 -14.53 -40.21
CA SER A 819 14.01 -14.61 -39.40
C SER A 819 15.24 -14.78 -40.27
N PHE A 820 15.16 -15.64 -41.29
CA PHE A 820 16.29 -15.82 -42.18
C PHE A 820 16.61 -14.53 -42.92
N ALA A 821 15.58 -13.80 -43.35
CA ALA A 821 15.81 -12.49 -43.95
C ALA A 821 16.49 -11.55 -42.96
N LYS A 822 16.04 -11.58 -41.71
CA LYS A 822 16.62 -10.72 -40.68
C LYS A 822 18.09 -11.04 -40.43
N MET A 823 18.48 -12.31 -40.56
CA MET A 823 19.87 -12.69 -40.32
C MET A 823 20.84 -11.95 -41.22
N ARG A 824 20.38 -11.47 -42.38
CA ARG A 824 21.22 -10.75 -43.31
C ARG A 824 21.04 -9.24 -43.22
N LEU A 825 20.28 -8.75 -42.24
CA LEU A 825 19.97 -7.33 -42.11
C LEU A 825 19.27 -6.81 -43.35
N SER A 826 18.52 -7.67 -44.02
CA SER A 826 17.80 -7.29 -45.23
C SER A 826 16.40 -6.80 -44.87
N GLU A 827 15.94 -5.78 -45.58
CA GLU A 827 14.64 -5.18 -45.33
C GLU A 827 13.50 -5.90 -46.01
N PHE A 828 13.79 -6.90 -46.86
CA PHE A 828 12.76 -7.63 -47.59
C PHE A 828 13.13 -9.10 -47.65
N VAL A 829 12.12 -9.96 -47.48
CA VAL A 829 12.33 -11.40 -47.56
C VAL A 829 12.54 -11.80 -49.01
N SER A 830 13.59 -12.58 -49.26
CA SER A 830 13.90 -13.06 -50.59
C SER A 830 13.36 -14.48 -50.78
N SER A 831 13.38 -14.93 -52.03
CA SER A 831 12.89 -16.28 -52.32
C SER A 831 13.78 -17.34 -51.68
N TYR A 832 15.09 -17.07 -51.61
CA TYR A 832 16.00 -18.04 -51.00
C TYR A 832 15.66 -18.28 -49.54
N ASP A 833 15.33 -17.21 -48.81
CA ASP A 833 14.98 -17.37 -47.39
C ASP A 833 13.71 -18.19 -47.23
N LEU A 834 12.71 -17.95 -48.07
CA LEU A 834 11.49 -18.73 -48.01
C LEU A 834 11.76 -20.20 -48.32
N ASP A 835 12.61 -20.47 -49.32
CA ASP A 835 12.96 -21.85 -49.64
C ASP A 835 13.67 -22.51 -48.48
N ARG A 836 14.58 -21.78 -47.82
CA ARG A 836 15.29 -22.34 -46.67
C ARG A 836 14.32 -22.66 -45.53
N ALA A 837 13.37 -21.76 -45.26
CA ALA A 837 12.39 -22.02 -44.21
C ALA A 837 11.54 -23.23 -44.55
N ILE A 838 11.11 -23.35 -45.81
CA ILE A 838 10.33 -24.51 -46.23
C ILE A 838 11.14 -25.78 -46.03
N LYS A 839 12.41 -25.76 -46.42
CA LYS A 839 13.26 -26.92 -46.26
C LYS A 839 13.39 -27.29 -44.79
N VAL A 840 13.58 -26.30 -43.91
CA VAL A 840 13.73 -26.58 -42.49
C VAL A 840 12.48 -27.26 -41.95
N VAL A 841 11.30 -26.68 -42.24
CA VAL A 841 10.07 -27.24 -41.69
C VAL A 841 9.81 -28.63 -42.24
N VAL A 842 10.00 -28.83 -43.55
CA VAL A 842 9.74 -30.13 -44.14
C VAL A 842 10.71 -31.17 -43.61
N ASP A 843 11.98 -30.80 -43.43
CA ASP A 843 12.96 -31.73 -42.88
C ASP A 843 12.59 -32.13 -41.47
N SER A 844 12.17 -31.17 -40.64
CA SER A 844 11.74 -31.50 -39.28
C SER A 844 10.55 -32.46 -39.31
N PHE A 845 9.57 -32.17 -40.16
CA PHE A 845 8.40 -33.04 -40.23
C PHE A 845 8.78 -34.44 -40.67
N VAL A 846 9.66 -34.56 -41.68
CA VAL A 846 10.07 -35.87 -42.16
C VAL A 846 10.82 -36.63 -41.07
N ASP A 847 11.73 -35.95 -40.38
CA ASP A 847 12.50 -36.61 -39.33
C ASP A 847 11.60 -37.05 -38.18
N ALA A 848 10.49 -36.36 -37.96
CA ALA A 848 9.59 -36.74 -36.87
C ALA A 848 8.82 -38.03 -37.15
N GLN A 849 8.88 -38.56 -38.36
CA GLN A 849 8.08 -39.72 -38.73
C GLN A 849 8.74 -41.02 -38.25
N LYS A 850 8.11 -42.14 -38.57
CA LYS A 850 8.61 -43.45 -38.19
C LYS A 850 9.64 -43.95 -39.20
N VAL A 851 10.34 -45.02 -38.82
CA VAL A 851 11.34 -45.61 -39.71
C VAL A 851 10.68 -46.19 -40.95
N SER A 852 9.56 -46.89 -40.78
CA SER A 852 8.96 -47.61 -41.91
C SER A 852 8.53 -46.66 -43.03
N VAL A 853 7.91 -45.53 -42.67
CA VAL A 853 7.36 -44.61 -43.66
C VAL A 853 8.29 -43.43 -43.92
N ARG A 854 9.43 -43.36 -43.24
CA ARG A 854 10.33 -42.23 -43.43
C ARG A 854 10.86 -42.18 -44.86
N ARG A 855 11.21 -43.34 -45.43
CA ARG A 855 11.72 -43.36 -46.80
C ARG A 855 10.67 -42.84 -47.78
N GLN A 856 9.43 -43.29 -47.63
CA GLN A 856 8.37 -42.83 -48.52
C GLN A 856 8.14 -41.33 -48.37
N LEU A 857 8.12 -40.85 -47.11
CA LEU A 857 7.91 -39.42 -46.89
C LEU A 857 9.04 -38.59 -47.51
N ARG A 858 10.28 -39.04 -47.32
CA ARG A 858 11.42 -38.30 -47.88
C ARG A 858 11.38 -38.29 -49.40
N ARG A 859 11.03 -39.43 -50.01
CA ARG A 859 10.91 -39.46 -51.46
C ARG A 859 9.80 -38.54 -51.94
N SER A 860 8.67 -38.51 -51.24
CA SER A 860 7.56 -37.67 -51.66
C SER A 860 7.91 -36.19 -51.58
N PHE A 861 8.61 -35.78 -50.52
CA PHE A 861 8.90 -34.37 -50.28
C PHE A 861 10.25 -33.93 -50.83
N ALA A 862 10.90 -34.75 -51.65
CA ALA A 862 12.21 -34.40 -52.18
C ALA A 862 12.17 -33.12 -53.01
N ILE A 863 11.01 -32.77 -53.58
CA ILE A 863 10.94 -31.60 -54.46
C ILE A 863 11.25 -30.33 -53.66
N TYR A 864 10.67 -30.19 -52.48
CA TYR A 864 10.84 -28.97 -51.70
C TYR A 864 12.22 -28.90 -51.04
N THR A 865 12.78 -30.04 -50.67
CA THR A 865 14.09 -30.07 -50.02
C THR A 865 15.18 -30.45 -51.02
N ALA B 19 -35.12 38.22 16.41
CA ALA B 19 -36.21 38.98 15.71
C ALA B 19 -36.96 38.07 14.75
N VAL B 20 -36.28 37.62 13.71
CA VAL B 20 -36.90 36.71 12.74
C VAL B 20 -37.27 35.39 13.41
N PHE B 21 -36.47 34.95 14.38
CA PHE B 21 -36.76 33.70 15.08
C PHE B 21 -38.12 33.78 15.77
N GLY B 22 -38.39 34.89 16.44
CA GLY B 22 -39.67 35.04 17.11
C GLY B 22 -40.83 35.09 16.12
N ASP B 23 -40.63 35.75 14.99
CA ASP B 23 -41.68 35.80 13.97
C ASP B 23 -41.99 34.41 13.44
N ARG B 24 -40.95 33.61 13.17
CA ARG B 24 -41.17 32.25 12.71
C ARG B 24 -41.86 31.40 13.77
N VAL B 25 -41.47 31.58 15.04
CA VAL B 25 -42.14 30.85 16.12
C VAL B 25 -43.61 31.19 16.16
N ARG B 26 -43.94 32.49 16.04
CA ARG B 26 -45.33 32.90 16.05
C ARG B 26 -46.09 32.33 14.86
N ARG B 27 -45.47 32.34 13.68
CA ARG B 27 -46.13 31.82 12.50
C ARG B 27 -46.42 30.32 12.65
N PHE B 28 -45.46 29.57 13.17
CA PHE B 28 -45.70 28.14 13.37
C PHE B 28 -46.74 27.90 14.47
N GLN B 29 -46.80 28.77 15.48
CA GLN B 29 -47.86 28.68 16.47
C GLN B 29 -49.22 28.87 15.81
N GLU B 30 -49.34 29.85 14.91
CA GLU B 30 -50.58 30.04 14.18
C GLU B 30 -50.91 28.81 13.34
N PHE B 31 -49.91 28.24 12.67
CA PHE B 31 -50.15 27.05 11.86
C PHE B 31 -50.67 25.90 12.72
N LEU B 32 -50.05 25.68 13.87
CA LEU B 32 -50.51 24.62 14.77
C LEU B 32 -51.92 24.89 15.27
N ASP B 33 -52.23 26.16 15.55
CA ASP B 33 -53.58 26.50 15.99
C ASP B 33 -54.60 26.21 14.91
N THR B 34 -54.26 26.49 13.65
CA THR B 34 -55.21 26.27 12.56
C THR B 34 -55.58 24.81 12.43
N PHE B 35 -54.58 23.92 12.51
CA PHE B 35 -54.80 22.47 12.42
C PHE B 35 -54.85 21.91 13.83
N THR B 36 -56.05 21.51 14.28
CA THR B 36 -56.24 21.04 15.63
C THR B 36 -55.85 19.57 15.81
N SER B 37 -55.54 18.85 14.73
CA SER B 37 -55.16 17.45 14.86
C SER B 37 -53.88 17.31 15.68
N TYR B 38 -52.89 18.17 15.45
CA TYR B 38 -51.64 18.09 16.19
C TYR B 38 -51.86 18.44 17.65
N ARG B 39 -52.71 19.43 17.93
CA ARG B 39 -53.04 19.76 19.31
C ARG B 39 -53.70 18.59 20.01
N ASP B 40 -54.63 17.91 19.32
CA ASP B 40 -55.27 16.74 19.90
C ASP B 40 -54.28 15.63 20.16
N SER B 41 -53.34 15.42 19.24
CA SER B 41 -52.33 14.39 19.43
C SER B 41 -51.45 14.70 20.64
N VAL B 42 -51.05 15.96 20.78
CA VAL B 42 -50.23 16.35 21.93
C VAL B 42 -51.00 16.15 23.22
N ARG B 43 -52.28 16.54 23.23
CA ARG B 43 -53.10 16.34 24.42
C ARG B 43 -53.23 14.86 24.77
N SER B 44 -53.42 14.02 23.76
CA SER B 44 -53.53 12.58 24.00
C SER B 44 -52.24 12.02 24.58
N ILE B 45 -51.09 12.43 24.02
CA ILE B 45 -49.82 11.96 24.53
C ILE B 45 -49.63 12.37 25.99
N GLN B 46 -49.94 13.64 26.30
CA GLN B 46 -49.79 14.12 27.66
C GLN B 46 -50.72 13.38 28.61
N VAL B 47 -51.96 13.14 28.19
CA VAL B 47 -52.91 12.44 29.04
C VAL B 47 -52.43 11.02 29.31
N TYR B 48 -51.95 10.33 28.27
CA TYR B 48 -51.46 8.97 28.46
C TYR B 48 -50.27 8.96 29.41
N ASN B 49 -49.33 9.90 29.24
CA ASN B 49 -48.17 9.94 30.12
C ASN B 49 -48.58 10.21 31.56
N SER B 50 -49.51 11.13 31.78
CA SER B 50 -49.96 11.44 33.13
C SER B 50 -50.67 10.25 33.76
N ASN B 51 -51.48 9.53 32.98
CA ASN B 51 -52.27 8.43 33.53
C ASN B 51 -51.38 7.35 34.12
N ASN B 52 -50.31 6.99 33.42
CA ASN B 52 -49.41 5.96 33.90
C ASN B 52 -48.19 6.58 34.59
N ASN B 90 -44.32 2.07 27.75
CA ASN B 90 -44.92 2.62 28.97
C ASN B 90 -45.19 4.11 28.82
N ILE B 91 -44.26 4.81 28.17
CA ILE B 91 -44.39 6.24 27.92
C ILE B 91 -44.14 6.51 26.44
N LEU B 92 -44.81 7.55 25.92
CA LEU B 92 -44.66 7.92 24.52
C LEU B 92 -43.69 9.08 24.38
N PRO B 93 -42.73 9.02 23.45
CA PRO B 93 -41.78 10.12 23.31
C PRO B 93 -42.47 11.40 22.84
N HIS B 94 -41.88 12.53 23.22
CA HIS B 94 -42.39 13.84 22.84
C HIS B 94 -42.03 14.08 21.38
N ARG B 95 -42.85 13.52 20.49
CA ARG B 95 -42.64 13.64 19.06
C ARG B 95 -43.98 13.77 18.36
N ILE B 96 -44.04 14.62 17.34
CA ILE B 96 -45.26 14.87 16.59
C ILE B 96 -44.94 14.78 15.10
N ILE B 97 -45.74 14.01 14.37
CA ILE B 97 -45.59 13.85 12.92
C ILE B 97 -46.52 14.84 12.24
N ILE B 98 -45.96 15.74 11.45
CA ILE B 98 -46.72 16.75 10.73
C ILE B 98 -46.64 16.47 9.24
N SER B 99 -47.69 16.85 8.53
CA SER B 99 -47.80 16.62 7.09
C SER B 99 -47.29 17.84 6.34
N LEU B 100 -46.29 17.63 5.47
CA LEU B 100 -45.76 18.74 4.69
C LEU B 100 -46.80 19.32 3.75
N ASP B 101 -47.76 18.49 3.30
CA ASP B 101 -48.80 18.98 2.41
C ASP B 101 -49.67 20.03 3.11
N ASP B 102 -50.05 19.78 4.36
CA ASP B 102 -50.84 20.74 5.11
C ASP B 102 -50.07 22.05 5.30
N LEU B 103 -48.78 21.96 5.61
CA LEU B 103 -47.97 23.16 5.77
C LEU B 103 -47.88 23.94 4.47
N ARG B 104 -47.69 23.24 3.35
CA ARG B 104 -47.64 23.91 2.05
C ARG B 104 -48.96 24.60 1.75
N GLU B 105 -50.08 23.94 2.05
CA GLU B 105 -51.37 24.55 1.81
C GLU B 105 -51.56 25.78 2.68
N PHE B 106 -51.08 25.73 3.93
CA PHE B 106 -51.27 26.85 4.86
C PHE B 106 -50.34 28.02 4.51
N ASP B 107 -49.04 27.80 4.57
CA ASP B 107 -48.05 28.86 4.33
C ASP B 107 -46.97 28.30 3.42
N ARG B 108 -46.92 28.80 2.19
CA ARG B 108 -45.91 28.32 1.23
C ARG B 108 -44.50 28.67 1.71
N SER B 109 -44.31 29.87 2.26
CA SER B 109 -42.98 30.30 2.65
C SER B 109 -42.37 29.41 3.72
N PHE B 110 -43.15 29.06 4.74
CA PHE B 110 -42.64 28.21 5.81
C PHE B 110 -42.30 26.83 5.30
N TRP B 111 -43.17 26.25 4.46
CA TRP B 111 -42.90 24.93 3.90
C TRP B 111 -41.62 24.94 3.07
N SER B 112 -41.47 25.95 2.20
CA SER B 112 -40.26 26.04 1.40
C SER B 112 -39.03 26.20 2.27
N GLY B 113 -39.11 27.04 3.30
CA GLY B 113 -37.97 27.22 4.18
C GLY B 113 -37.59 25.95 4.91
N ILE B 114 -38.58 25.22 5.41
CA ILE B 114 -38.30 23.95 6.07
C ILE B 114 -37.65 22.98 5.10
N LEU B 115 -38.08 22.99 3.84
CA LEU B 115 -37.54 22.03 2.88
C LEU B 115 -36.10 22.38 2.48
N VAL B 116 -35.80 23.66 2.26
CA VAL B 116 -34.51 24.04 1.71
C VAL B 116 -33.57 24.56 2.79
N GLU B 117 -34.13 25.13 3.86
CA GLU B 117 -33.33 25.69 4.96
C GLU B 117 -33.88 25.18 6.29
N PRO B 118 -33.76 23.87 6.55
CA PRO B 118 -34.25 23.35 7.83
C PRO B 118 -33.56 23.94 9.04
N ALA B 119 -32.27 24.29 8.92
CA ALA B 119 -31.53 24.74 10.08
C ALA B 119 -32.16 25.98 10.72
N TYR B 120 -32.73 26.87 9.92
CA TYR B 120 -33.31 28.11 10.42
C TYR B 120 -34.81 28.03 10.67
N PHE B 121 -35.49 27.00 10.16
CA PHE B 121 -36.94 26.92 10.25
C PHE B 121 -37.45 25.81 11.14
N ILE B 122 -36.62 24.82 11.47
CA ILE B 122 -37.06 23.70 12.29
C ILE B 122 -37.04 24.10 13.77
N PRO B 123 -35.96 24.71 14.28
CA PRO B 123 -35.92 25.05 15.71
C PRO B 123 -37.06 25.96 16.12
N PRO B 124 -37.44 26.94 15.29
CA PRO B 124 -38.63 27.73 15.65
C PRO B 124 -39.89 26.90 15.78
N ALA B 125 -40.10 25.95 14.87
CA ALA B 125 -41.28 25.09 14.96
C ALA B 125 -41.23 24.23 16.22
N GLU B 126 -40.06 23.69 16.54
CA GLU B 126 -39.92 22.88 17.74
C GLU B 126 -40.21 23.71 18.99
N LYS B 127 -39.71 24.94 19.03
CA LYS B 127 -39.97 25.80 20.18
C LYS B 127 -41.45 26.13 20.29
N ALA B 128 -42.11 26.41 19.16
CA ALA B 128 -43.54 26.68 19.20
C ALA B 128 -44.32 25.48 19.70
N LEU B 129 -43.98 24.29 19.23
CA LEU B 129 -44.66 23.08 19.71
C LEU B 129 -44.42 22.86 21.19
N THR B 130 -43.19 23.09 21.65
CA THR B 130 -42.88 22.94 23.07
C THR B 130 -43.68 23.93 23.91
N ASP B 131 -43.77 25.18 23.45
CA ASP B 131 -44.55 26.17 24.18
C ASP B 131 -46.02 25.79 24.23
N LEU B 132 -46.56 25.30 23.11
CA LEU B 132 -47.96 24.88 23.11
C LEU B 132 -48.18 23.75 24.10
N ALA B 133 -47.29 22.75 24.09
CA ALA B 133 -47.43 21.64 25.02
C ALA B 133 -47.32 22.10 26.47
N ASP B 134 -46.37 22.98 26.75
CA ASP B 134 -46.20 23.46 28.13
C ASP B 134 -47.42 24.22 28.60
N SER B 135 -47.98 25.08 27.73
CA SER B 135 -49.22 25.77 28.08
C SER B 135 -50.34 24.77 28.31
N MET B 136 -50.39 23.70 27.51
CA MET B 136 -51.40 22.67 27.69
C MET B 136 -51.22 21.92 28.99
N ASP B 137 -49.98 21.69 29.40
CA ASP B 137 -49.71 20.87 30.58
C ASP B 137 -50.38 21.47 31.82
N ASP B 138 -50.98 20.60 32.63
CA ASP B 138 -51.67 21.01 33.85
C ASP B 138 -51.27 20.12 35.02
N VAL B 139 -50.05 19.61 35.02
CA VAL B 139 -49.60 18.75 36.12
C VAL B 139 -49.51 19.57 37.40
N PRO B 140 -50.13 19.15 38.50
CA PRO B 140 -50.12 19.97 39.72
C PRO B 140 -48.73 20.13 40.32
N HIS B 141 -48.06 19.00 40.58
CA HIS B 141 -46.76 19.00 41.23
C HIS B 141 -45.70 18.52 40.26
N PRO B 142 -44.77 19.37 39.81
CA PRO B 142 -43.69 18.89 38.94
C PRO B 142 -42.52 18.32 39.73
N ASN B 143 -42.14 17.08 39.44
CA ASN B 143 -41.04 16.45 40.15
C ASN B 143 -39.72 17.17 39.84
N ALA B 144 -38.81 17.13 40.81
CA ALA B 144 -37.54 17.83 40.67
C ALA B 144 -36.84 17.43 39.38
N SER B 145 -36.83 16.14 39.07
CA SER B 145 -36.27 15.69 37.80
C SER B 145 -37.01 16.31 36.63
N ALA B 146 -38.35 16.39 36.73
CA ALA B 146 -39.12 17.00 35.66
C ALA B 146 -38.76 18.47 35.47
N VAL B 147 -38.59 19.20 36.58
CA VAL B 147 -38.22 20.60 36.47
C VAL B 147 -36.84 20.74 35.83
N SER B 148 -35.89 19.91 36.27
CA SER B 148 -34.54 19.96 35.72
C SER B 148 -34.40 19.27 34.38
N SER B 149 -35.40 18.51 33.95
CA SER B 149 -35.30 17.77 32.70
C SER B 149 -35.31 18.71 31.50
N ARG B 150 -34.41 18.44 30.56
CA ARG B 150 -34.37 19.16 29.28
C ARG B 150 -34.99 18.25 28.21
N HIS B 151 -36.31 18.29 28.13
CA HIS B 151 -37.08 17.40 27.26
C HIS B 151 -38.02 18.22 26.40
N PRO B 152 -37.49 18.93 25.41
CA PRO B 152 -38.36 19.65 24.48
C PRO B 152 -38.97 18.72 23.44
N TRP B 153 -40.12 19.13 22.92
CA TRP B 153 -40.79 18.35 21.88
C TRP B 153 -40.00 18.44 20.58
N LYS B 154 -39.93 17.32 19.86
CA LYS B 154 -39.20 17.21 18.61
C LYS B 154 -40.17 17.01 17.46
N LEU B 155 -39.95 17.74 16.37
CA LEU B 155 -40.86 17.70 15.24
C LEU B 155 -40.51 16.56 14.31
N SER B 156 -41.53 16.04 13.64
CA SER B 156 -41.40 14.90 12.73
C SER B 156 -42.20 15.19 11.47
N PHE B 157 -41.68 14.74 10.33
CA PHE B 157 -42.22 15.11 9.05
C PHE B 157 -42.70 13.90 8.26
N LYS B 158 -43.71 14.13 7.42
CA LYS B 158 -44.21 13.16 6.45
C LYS B 158 -44.70 13.91 5.23
N GLY B 159 -45.22 13.17 4.25
CA GLY B 159 -45.81 13.75 3.06
C GLY B 159 -45.00 13.41 1.81
N SER B 160 -44.88 14.38 0.92
CA SER B 160 -44.23 14.20 -0.37
C SER B 160 -43.03 15.15 -0.46
N PHE B 161 -41.84 14.57 -0.62
CA PHE B 161 -40.62 15.33 -0.88
C PHE B 161 -40.38 15.28 -2.38
N GLY B 162 -40.77 16.34 -3.09
CA GLY B 162 -40.76 16.33 -4.54
C GLY B 162 -39.43 15.90 -5.14
N ALA B 163 -38.40 16.73 -4.99
CA ALA B 163 -37.09 16.44 -5.53
C ALA B 163 -36.07 16.06 -4.46
N HIS B 164 -36.47 16.11 -3.19
CA HIS B 164 -35.58 15.74 -2.08
C HIS B 164 -35.69 14.27 -1.71
N ALA B 165 -36.54 13.50 -2.39
CA ALA B 165 -36.64 12.06 -2.17
C ALA B 165 -35.54 11.40 -2.97
N LEU B 166 -34.44 11.03 -2.29
CA LEU B 166 -33.26 10.52 -2.97
C LEU B 166 -32.83 9.19 -2.39
N SER B 167 -31.68 8.70 -2.81
CA SER B 167 -31.06 7.48 -2.32
C SER B 167 -29.61 7.78 -1.99
N PRO B 168 -28.91 6.84 -1.34
CA PRO B 168 -27.50 7.08 -1.00
C PRO B 168 -26.64 7.38 -2.21
N ARG B 169 -27.00 6.88 -3.39
CA ARG B 169 -26.20 7.13 -4.59
C ARG B 169 -26.40 8.55 -5.10
N THR B 170 -27.62 9.09 -5.00
CA THR B 170 -27.95 10.38 -5.58
C THR B 170 -27.68 11.55 -4.63
N LEU B 171 -27.23 11.28 -3.41
CA LEU B 171 -26.90 12.37 -2.48
C LEU B 171 -25.58 13.01 -2.91
N THR B 172 -25.63 14.30 -3.21
CA THR B 172 -24.47 15.04 -3.69
C THR B 172 -24.32 16.32 -2.87
N ALA B 173 -23.26 17.07 -3.17
CA ALA B 173 -22.98 18.29 -2.41
C ALA B 173 -24.08 19.34 -2.58
N GLN B 174 -24.83 19.29 -3.67
CA GLN B 174 -25.89 20.29 -3.88
C GLN B 174 -27.04 20.13 -2.90
N HIS B 175 -27.15 18.98 -2.23
CA HIS B 175 -28.24 18.71 -1.31
C HIS B 175 -27.88 19.00 0.14
N LEU B 176 -26.67 19.51 0.41
CA LEU B 176 -26.25 19.77 1.77
C LEU B 176 -27.12 20.85 2.41
N ASN B 177 -27.33 20.71 3.72
CA ASN B 177 -28.12 21.66 4.49
C ASN B 177 -29.57 21.71 4.02
N LYS B 178 -30.09 20.59 3.53
CA LYS B 178 -31.47 20.50 3.07
C LYS B 178 -32.12 19.25 3.64
N LEU B 179 -33.44 19.32 3.81
CA LEU B 179 -34.21 18.17 4.27
C LEU B 179 -34.36 17.18 3.13
N VAL B 180 -33.95 15.94 3.36
CA VAL B 180 -33.96 14.91 2.33
C VAL B 180 -34.56 13.63 2.91
N SER B 181 -35.01 12.76 2.00
CA SER B 181 -35.49 11.44 2.35
C SER B 181 -34.61 10.41 1.66
N VAL B 182 -34.07 9.48 2.45
CA VAL B 182 -33.12 8.48 1.96
C VAL B 182 -33.73 7.11 2.17
N GLU B 183 -33.68 6.28 1.12
CA GLU B 183 -34.22 4.93 1.15
C GLU B 183 -33.10 3.94 0.86
N GLY B 184 -32.99 2.91 1.68
CA GLY B 184 -31.93 1.94 1.51
C GLY B 184 -32.08 0.79 2.48
N ILE B 185 -30.96 0.10 2.72
CA ILE B 185 -30.91 -1.05 3.60
C ILE B 185 -29.87 -0.81 4.68
N VAL B 186 -30.23 -1.11 5.92
CA VAL B 186 -29.32 -0.94 7.05
C VAL B 186 -28.29 -2.07 7.03
N THR B 187 -27.02 -1.70 7.06
CA THR B 187 -25.93 -2.67 7.06
C THR B 187 -25.13 -2.70 8.35
N LYS B 188 -25.03 -1.66 9.09
CA LYS B 188 -24.35 -1.48 10.32
C LYS B 188 -25.18 -0.75 11.34
N THR B 189 -24.95 -0.94 12.60
CA THR B 189 -25.62 -0.37 13.71
C THR B 189 -24.73 -0.25 14.91
N SER B 190 -24.32 0.97 15.29
CA SER B 190 -23.45 1.14 16.43
C SER B 190 -24.21 0.87 17.73
N LEU B 191 -23.52 0.67 18.80
CA LEU B 191 -23.98 0.47 20.12
C LEU B 191 -24.63 1.70 20.68
N VAL B 192 -25.62 1.53 21.55
CA VAL B 192 -26.31 2.67 22.15
C VAL B 192 -25.54 3.14 23.37
N ARG B 193 -25.22 4.42 23.41
CA ARG B 193 -24.54 5.03 24.55
C ARG B 193 -25.21 6.34 24.90
N PRO B 194 -25.24 6.71 26.18
CA PRO B 194 -25.83 7.99 26.57
C PRO B 194 -24.92 9.15 26.22
N LYS B 195 -25.54 10.31 25.97
CA LYS B 195 -24.84 11.53 25.64
C LYS B 195 -25.27 12.63 26.59
N LEU B 196 -24.35 13.42 27.08
CA LEU B 196 -24.51 14.47 28.03
C LEU B 196 -24.92 15.75 27.35
N ILE B 197 -26.05 16.35 27.75
CA ILE B 197 -26.49 17.63 27.22
C ILE B 197 -26.57 18.70 28.30
N ARG B 198 -27.06 18.34 29.48
CA ARG B 198 -27.18 19.27 30.61
C ARG B 198 -26.60 18.61 31.86
N SER B 199 -25.98 19.37 32.70
CA SER B 199 -25.39 19.03 33.96
C SER B 199 -25.91 19.91 35.06
N VAL B 200 -26.37 19.34 36.17
CA VAL B 200 -26.90 20.09 37.30
C VAL B 200 -26.00 19.86 38.50
N HIS B 201 -25.59 20.89 39.17
CA HIS B 201 -24.72 20.93 40.29
C HIS B 201 -25.36 21.56 41.50
N TYR B 202 -24.83 21.26 42.68
CA TYR B 202 -25.35 21.78 43.93
C TYR B 202 -24.22 22.40 44.75
N ALA B 203 -24.52 23.53 45.38
CA ALA B 203 -23.59 24.22 46.29
C ALA B 203 -24.20 24.17 47.69
N ALA B 204 -23.56 23.42 48.59
CA ALA B 204 -24.14 23.22 49.91
C ALA B 204 -24.25 24.52 50.69
N LYS B 205 -23.20 25.34 50.66
CA LYS B 205 -23.21 26.57 51.48
C LYS B 205 -24.23 27.58 50.95
N THR B 206 -24.29 27.78 49.64
CA THR B 206 -25.29 28.69 49.09
C THR B 206 -26.68 28.05 49.07
N GLY B 207 -26.76 26.73 48.94
CA GLY B 207 -28.04 26.07 48.90
C GLY B 207 -28.80 26.23 47.61
N ARG B 208 -28.11 26.52 46.51
CA ARG B 208 -28.72 26.72 45.21
C ARG B 208 -28.12 25.78 44.18
N PHE B 209 -28.91 25.41 43.19
CA PHE B 209 -28.49 24.49 42.14
C PHE B 209 -28.04 25.29 40.92
N HIS B 210 -26.86 24.97 40.41
CA HIS B 210 -26.32 25.59 39.21
C HIS B 210 -26.21 24.54 38.12
N TYR B 211 -26.52 24.95 36.88
CA TYR B 211 -26.57 24.04 35.76
C TYR B 211 -25.76 24.60 34.59
N ARG B 212 -25.30 23.74 33.73
CA ARG B 212 -24.57 23.97 32.53
C ARG B 212 -25.16 23.22 31.36
N ASP B 213 -25.19 23.83 30.18
CA ASP B 213 -25.73 23.21 28.98
C ASP B 213 -24.61 22.96 27.98
N TYR B 214 -24.58 21.82 27.38
CA TYR B 214 -23.64 21.33 26.43
C TYR B 214 -24.23 21.20 25.05
N THR B 215 -23.39 21.34 24.03
CA THR B 215 -23.82 21.22 22.64
C THR B 215 -22.77 20.46 21.85
N ASP B 216 -23.11 19.94 20.72
CA ASP B 216 -22.35 19.15 19.83
C ASP B 216 -22.70 19.38 18.39
N ALA B 217 -21.87 19.03 17.46
CA ALA B 217 -22.06 19.15 16.07
C ALA B 217 -23.31 18.44 15.59
N THR B 218 -23.65 17.34 16.27
CA THR B 218 -24.77 16.51 15.86
C THR B 218 -26.03 16.74 16.71
N THR B 219 -25.90 17.35 17.88
CA THR B 219 -27.06 17.54 18.75
C THR B 219 -27.98 18.65 18.27
N THR B 220 -27.42 19.70 17.65
CA THR B 220 -28.20 20.85 17.21
C THR B 220 -27.95 21.13 15.74
N LEU B 221 -28.97 21.65 15.08
CA LEU B 221 -28.86 21.96 13.65
C LEU B 221 -27.97 23.18 13.41
N THR B 222 -28.04 24.18 14.28
CA THR B 222 -27.26 25.40 14.12
C THR B 222 -25.91 25.26 14.82
N THR B 223 -24.87 25.76 14.17
CA THR B 223 -23.54 25.66 14.71
C THR B 223 -23.41 26.51 15.97
N ARG B 224 -22.65 26.01 16.94
CA ARG B 224 -22.41 26.71 18.19
C ARG B 224 -21.00 26.40 18.67
N ILE B 225 -20.53 27.21 19.61
CA ILE B 225 -19.16 27.03 20.13
C ILE B 225 -19.05 25.67 20.80
N PRO B 226 -18.04 24.85 20.47
CA PRO B 226 -17.90 23.56 21.13
C PRO B 226 -17.74 23.66 22.62
N THR B 227 -18.28 22.76 23.38
CA THR B 227 -18.30 22.68 24.80
C THR B 227 -17.67 21.40 25.30
N PRO B 228 -16.44 21.39 25.82
CA PRO B 228 -15.91 20.20 26.43
C PRO B 228 -16.77 19.66 27.54
N ALA B 229 -16.84 18.38 27.74
CA ALA B 229 -17.60 17.66 28.67
C ALA B 229 -17.11 17.76 30.10
N ILE B 230 -16.11 18.60 30.38
CA ILE B 230 -15.54 18.76 31.72
C ILE B 230 -16.61 19.33 32.64
N TYR B 231 -17.02 18.58 33.65
CA TYR B 231 -17.97 18.94 34.63
C TYR B 231 -17.49 20.13 35.42
N PRO B 232 -18.25 21.22 35.57
CA PRO B 232 -17.86 22.28 36.48
C PRO B 232 -17.59 21.78 37.87
N THR B 233 -16.55 22.23 38.52
CA THR B 233 -16.10 21.87 39.81
C THR B 233 -16.25 22.92 40.89
N GLU B 234 -16.21 24.17 40.56
CA GLU B 234 -16.24 25.31 41.39
C GLU B 234 -17.28 26.32 40.96
N ASP B 235 -17.86 27.03 41.91
CA ASP B 235 -18.84 28.07 41.61
C ASP B 235 -18.14 29.34 41.17
N THR B 236 -18.93 30.36 40.83
CA THR B 236 -18.36 31.63 40.39
C THR B 236 -17.54 32.28 41.50
N GLU B 237 -18.03 32.22 42.74
CA GLU B 237 -17.36 32.82 43.87
C GLU B 237 -16.34 31.88 44.53
N GLY B 238 -16.13 30.70 43.96
CA GLY B 238 -15.23 29.73 44.55
C GLY B 238 -15.88 28.67 45.42
N ASN B 239 -17.20 28.51 45.35
CA ASN B 239 -17.88 27.53 46.17
C ASN B 239 -17.75 26.15 45.53
N LYS B 240 -17.50 25.14 46.36
CA LYS B 240 -17.41 23.78 45.87
C LYS B 240 -18.77 23.32 45.33
N LEU B 241 -18.73 22.52 44.27
CA LEU B 241 -19.94 22.04 43.61
C LEU B 241 -19.98 20.52 43.61
N THR B 242 -21.17 19.97 43.81
CA THR B 242 -21.39 18.52 43.77
C THR B 242 -22.32 18.21 42.61
N THR B 243 -21.93 17.32 41.74
CA THR B 243 -22.67 16.89 40.60
C THR B 243 -23.91 16.14 41.01
N GLU B 244 -25.07 16.52 40.46
CA GLU B 244 -26.33 15.82 40.72
C GLU B 244 -26.66 15.00 39.47
N TYR B 245 -26.19 13.76 39.44
CA TYR B 245 -26.40 12.91 38.28
C TYR B 245 -27.88 12.63 38.08
N GLY B 246 -28.62 12.40 39.17
CA GLY B 246 -30.04 12.11 39.06
C GLY B 246 -30.84 13.22 38.43
N TYR B 247 -30.37 14.46 38.54
CA TYR B 247 -31.05 15.61 37.97
C TYR B 247 -30.47 16.06 36.64
N SER B 248 -29.29 15.55 36.27
CA SER B 248 -28.74 15.86 34.96
C SER B 248 -29.52 15.13 33.88
N THR B 249 -29.37 15.60 32.64
CA THR B 249 -30.11 15.06 31.49
C THR B 249 -29.13 14.41 30.53
N PHE B 250 -29.38 13.14 30.22
CA PHE B 250 -28.64 12.41 29.19
C PHE B 250 -29.62 11.88 28.16
N ILE B 251 -29.15 11.81 26.91
CA ILE B 251 -29.96 11.28 25.81
C ILE B 251 -29.17 10.19 25.11
N ASP B 252 -29.89 9.23 24.54
CA ASP B 252 -29.25 8.13 23.83
C ASP B 252 -28.73 8.61 22.48
N HIS B 253 -27.69 7.93 22.01
CA HIS B 253 -27.05 8.26 20.74
C HIS B 253 -26.70 6.97 20.01
N GLN B 254 -26.89 6.97 18.69
CA GLN B 254 -26.58 5.81 17.87
C GLN B 254 -26.30 6.27 16.45
N ARG B 255 -25.45 5.61 15.75
CA ARG B 255 -25.04 5.77 14.41
C ARG B 255 -25.32 4.55 13.58
N ILE B 256 -26.04 4.69 12.47
CA ILE B 256 -26.33 3.57 11.58
C ILE B 256 -25.84 3.92 10.18
N THR B 257 -25.62 2.88 9.39
CA THR B 257 -25.20 3.03 7.99
C THR B 257 -26.32 2.49 7.10
N VAL B 258 -26.80 3.33 6.20
CA VAL B 258 -27.85 2.96 5.26
C VAL B 258 -27.21 2.78 3.89
N GLN B 259 -27.40 1.68 3.25
CA GLN B 259 -26.86 1.22 2.03
C GLN B 259 -27.84 1.24 0.90
N GLU B 260 -27.40 1.64 -0.30
CA GLU B 260 -28.27 1.62 -1.46
C GLU B 260 -28.70 0.18 -1.77
N MET B 261 -29.94 0.02 -2.19
CA MET B 261 -30.45 -1.30 -2.50
C MET B 261 -29.67 -1.86 -3.69
N PRO B 262 -29.13 -3.09 -3.60
CA PRO B 262 -28.31 -3.60 -4.72
C PRO B 262 -29.03 -3.64 -6.04
N GLU B 263 -30.33 -3.95 -6.04
CA GLU B 263 -31.06 -4.09 -7.31
C GLU B 263 -31.12 -2.77 -8.06
N MET B 264 -31.10 -1.64 -7.36
CA MET B 264 -31.23 -0.33 -7.97
C MET B 264 -29.89 0.28 -8.35
N ALA B 265 -28.78 -0.37 -8.04
CA ALA B 265 -27.48 0.20 -8.33
C ALA B 265 -27.23 0.25 -9.84
N PRO B 266 -26.38 1.16 -10.30
CA PRO B 266 -26.04 1.20 -11.73
C PRO B 266 -25.36 -0.08 -12.19
N ALA B 267 -25.07 -0.18 -13.48
CA ALA B 267 -24.45 -1.37 -14.05
C ALA B 267 -22.95 -1.33 -13.78
N GLY B 268 -22.43 -2.38 -13.12
CA GLY B 268 -21.01 -2.50 -12.90
C GLY B 268 -20.45 -1.71 -11.74
N GLN B 269 -21.31 -1.09 -10.93
CA GLN B 269 -20.87 -0.29 -9.79
C GLN B 269 -21.47 -0.86 -8.51
N LEU B 270 -20.71 -1.02 -7.49
CA LEU B 270 -21.07 -1.48 -6.21
C LEU B 270 -21.93 -0.48 -5.48
N PRO B 271 -22.88 -0.91 -4.66
CA PRO B 271 -23.73 0.02 -3.95
C PRO B 271 -22.99 0.96 -3.02
N ARG B 272 -23.49 2.19 -2.88
CA ARG B 272 -22.94 3.18 -1.97
C ARG B 272 -23.81 3.28 -0.72
N SER B 273 -23.25 3.90 0.32
CA SER B 273 -23.92 4.01 1.61
C SER B 273 -23.68 5.38 2.20
N ILE B 274 -24.56 5.77 3.11
CA ILE B 274 -24.50 7.05 3.81
C ILE B 274 -24.71 6.79 5.30
N ASP B 275 -24.07 7.62 6.13
CA ASP B 275 -24.17 7.49 7.58
C ASP B 275 -25.33 8.32 8.10
N VAL B 276 -26.02 7.79 9.12
CA VAL B 276 -27.18 8.43 9.72
C VAL B 276 -27.01 8.45 11.23
N ILE B 277 -27.47 9.54 11.86
CA ILE B 277 -27.38 9.72 13.30
C ILE B 277 -28.79 9.71 13.87
N LEU B 278 -29.00 8.87 14.89
CA LEU B 278 -30.28 8.76 15.57
C LEU B 278 -30.11 9.11 17.04
N ASP B 279 -31.03 9.90 17.57
CA ASP B 279 -30.96 10.38 18.95
C ASP B 279 -32.30 10.20 19.65
N ASP B 280 -32.24 10.01 20.96
CA ASP B 280 -33.42 10.00 21.83
C ASP B 280 -34.28 8.80 21.47
N ASP B 281 -35.52 8.97 21.01
CA ASP B 281 -36.45 7.87 20.85
C ASP B 281 -36.21 7.04 19.58
N LEU B 282 -35.45 7.56 18.63
CA LEU B 282 -35.15 6.84 17.39
C LEU B 282 -33.92 5.95 17.52
N VAL B 283 -33.50 5.64 18.74
CA VAL B 283 -32.22 4.98 18.93
C VAL B 283 -32.24 3.54 18.44
N ASP B 284 -33.30 2.79 18.75
CA ASP B 284 -33.37 1.36 18.47
C ASP B 284 -34.59 1.02 17.62
N LYS B 285 -34.83 1.82 16.58
CA LYS B 285 -35.94 1.59 15.67
C LYS B 285 -35.57 0.71 14.48
N THR B 286 -34.29 0.35 14.33
CA THR B 286 -33.84 -0.41 13.18
C THR B 286 -32.83 -1.47 13.61
N LYS B 287 -32.72 -2.51 12.79
CA LYS B 287 -31.71 -3.54 12.94
C LYS B 287 -31.10 -3.84 11.57
N PRO B 288 -29.88 -4.38 11.53
CA PRO B 288 -29.25 -4.64 10.24
C PRO B 288 -30.12 -5.55 9.37
N GLY B 289 -30.12 -5.28 8.07
CA GLY B 289 -30.93 -6.00 7.13
C GLY B 289 -32.32 -5.44 6.90
N ASP B 290 -32.70 -4.39 7.62
CA ASP B 290 -34.01 -3.80 7.47
C ASP B 290 -34.01 -2.81 6.30
N ARG B 291 -35.17 -2.69 5.65
CA ARG B 291 -35.38 -1.69 4.61
C ARG B 291 -36.13 -0.51 5.23
N VAL B 292 -35.54 0.67 5.17
CA VAL B 292 -36.02 1.83 5.89
C VAL B 292 -36.10 3.03 4.95
N ASN B 293 -36.89 4.02 5.36
CA ASN B 293 -37.00 5.30 4.68
C ASN B 293 -36.73 6.39 5.71
N VAL B 294 -35.51 6.93 5.68
CA VAL B 294 -35.04 7.85 6.71
C VAL B 294 -35.19 9.28 6.21
N VAL B 295 -35.75 10.15 7.05
CA VAL B 295 -35.87 11.57 6.76
C VAL B 295 -34.95 12.32 7.70
N GLY B 296 -34.16 13.22 7.16
CA GLY B 296 -33.25 13.99 7.99
C GLY B 296 -32.66 15.16 7.23
N VAL B 297 -31.73 15.84 7.88
CA VAL B 297 -31.05 17.00 7.33
C VAL B 297 -29.63 16.60 6.96
N PHE B 298 -29.27 16.73 5.69
CA PHE B 298 -27.92 16.45 5.25
C PHE B 298 -26.99 17.53 5.79
N LYS B 299 -25.90 17.11 6.43
CA LYS B 299 -25.03 18.01 7.17
C LYS B 299 -23.57 17.71 6.84
N SER B 300 -22.68 18.60 7.17
CA SER B 300 -21.28 18.58 7.10
C SER B 300 -20.62 18.92 8.40
N LEU B 301 -19.63 18.23 8.86
CA LEU B 301 -18.93 18.33 10.08
C LEU B 301 -17.43 18.44 9.91
N GLY B 302 -16.74 19.04 10.83
CA GLY B 302 -15.38 19.14 10.89
C GLY B 302 -14.72 20.15 10.04
N ALA B 303 -13.44 20.35 10.14
CA ALA B 303 -12.63 21.21 9.35
C ALA B 303 -12.46 20.73 7.93
N GLY B 304 -12.44 19.47 7.70
CA GLY B 304 -12.21 18.90 6.46
C GLY B 304 -10.95 19.22 5.78
N GLY B 305 -9.87 19.22 6.48
CA GLY B 305 -8.61 19.55 6.06
C GLY B 305 -8.19 20.96 5.99
N MET B 306 -9.06 21.86 6.32
CA MET B 306 -8.87 23.26 6.37
C MET B 306 -7.80 23.64 7.35
N ASN B 307 -7.76 23.01 8.48
CA ASN B 307 -6.80 23.15 9.51
C ASN B 307 -5.41 22.87 9.02
N GLN B 308 -4.42 23.59 9.41
CA GLN B 308 -3.05 23.44 9.08
C GLN B 308 -2.48 22.12 9.51
N SER B 309 -3.07 21.43 10.50
CA SER B 309 -2.59 20.13 10.98
C SER B 309 -2.71 19.03 9.92
N ASN B 310 -3.70 19.14 9.02
CA ASN B 310 -3.86 18.25 7.87
C ASN B 310 -3.14 18.85 6.65
N SER B 311 -2.12 18.15 6.15
CA SER B 311 -1.30 18.45 5.04
C SER B 311 -1.78 17.85 3.74
N ASN B 312 -2.90 17.11 3.80
CA ASN B 312 -3.43 16.33 2.70
C ASN B 312 -3.85 17.21 1.52
N THR B 313 -4.52 18.36 1.77
CA THR B 313 -4.99 19.35 0.89
C THR B 313 -5.88 18.81 -0.21
N LEU B 314 -6.23 17.57 -0.22
CA LEU B 314 -6.97 16.82 -1.17
C LEU B 314 -8.14 16.04 -0.62
N ILE B 315 -8.53 16.24 0.60
CA ILE B 315 -9.51 15.57 1.36
C ILE B 315 -10.70 16.44 1.63
N GLY B 316 -11.90 16.03 1.39
CA GLY B 316 -13.08 16.68 1.64
C GLY B 316 -13.62 16.63 3.01
N PHE B 317 -14.74 17.19 3.29
CA PHE B 317 -15.44 17.23 4.51
C PHE B 317 -16.14 15.93 4.81
N LYS B 318 -16.57 15.70 6.01
CA LYS B 318 -17.40 14.67 6.48
C LYS B 318 -18.85 15.01 6.29
N THR B 319 -19.70 14.00 6.06
CA THR B 319 -21.11 14.24 5.83
C THR B 319 -21.93 13.10 6.43
N LEU B 320 -23.12 13.44 6.93
CA LEU B 320 -24.04 12.47 7.48
C LEU B 320 -25.42 13.11 7.56
N ILE B 321 -26.39 12.34 8.06
CA ILE B 321 -27.78 12.77 8.14
C ILE B 321 -28.22 12.69 9.59
N LEU B 322 -28.89 13.74 10.06
CA LEU B 322 -29.49 13.78 11.40
C LEU B 322 -30.94 13.36 11.24
N GLY B 323 -31.21 12.07 11.48
CA GLY B 323 -32.52 11.51 11.23
C GLY B 323 -33.65 12.15 12.03
N ASN B 324 -34.76 12.45 11.37
CA ASN B 324 -35.99 12.90 12.02
C ASN B 324 -37.02 11.78 12.16
N THR B 325 -37.14 10.93 11.15
CA THR B 325 -38.09 9.81 11.14
C THR B 325 -37.40 8.56 10.63
N VAL B 326 -37.95 7.41 10.99
CA VAL B 326 -37.56 6.12 10.43
C VAL B 326 -38.85 5.38 10.07
N TYR B 327 -39.07 5.14 8.78
CA TYR B 327 -40.29 4.54 8.31
C TYR B 327 -40.02 3.11 7.87
N PRO B 328 -40.53 2.10 8.57
CA PRO B 328 -40.34 0.71 8.10
C PRO B 328 -40.96 0.51 6.73
N LEU B 329 -40.32 -0.34 5.94
CA LEU B 329 -40.80 -0.67 4.61
C LEU B 329 -41.19 -2.14 4.53
N ALA B 338 -42.61 -4.26 6.18
CA ALA B 338 -42.40 -5.66 6.54
C ALA B 338 -43.71 -6.31 6.95
N ARG B 339 -44.50 -5.60 7.77
CA ARG B 339 -45.78 -6.07 8.24
C ARG B 339 -46.88 -5.26 7.57
N GLN B 340 -47.77 -5.95 6.86
CA GLN B 340 -48.88 -5.29 6.17
C GLN B 340 -50.06 -5.18 7.14
N MET B 341 -50.55 -3.95 7.31
CA MET B 341 -51.68 -3.72 8.20
C MET B 341 -52.92 -4.45 7.67
N LEU B 342 -53.64 -5.10 8.58
CA LEU B 342 -54.82 -5.89 8.24
C LEU B 342 -56.07 -5.09 8.58
N THR B 343 -56.94 -4.90 7.59
CA THR B 343 -58.19 -4.21 7.80
C THR B 343 -59.31 -5.22 8.11
N ASP B 344 -60.44 -4.69 8.56
CA ASP B 344 -61.59 -5.56 8.84
C ASP B 344 -62.05 -6.27 7.58
N PHE B 345 -62.07 -5.56 6.45
CA PHE B 345 -62.41 -6.19 5.19
C PHE B 345 -61.42 -7.30 4.85
N ASP B 346 -60.13 -7.05 5.05
CA ASP B 346 -59.13 -8.07 4.76
C ASP B 346 -59.32 -9.29 5.67
N ILE B 347 -59.60 -9.07 6.95
CA ILE B 347 -59.79 -10.18 7.87
C ILE B 347 -61.02 -11.00 7.47
N ARG B 348 -62.11 -10.32 7.13
CA ARG B 348 -63.32 -11.03 6.71
C ARG B 348 -63.06 -11.82 5.43
N ASN B 349 -62.34 -11.25 4.49
CA ASN B 349 -62.00 -11.97 3.26
C ASN B 349 -61.14 -13.19 3.57
N ILE B 350 -60.18 -13.04 4.49
CA ILE B 350 -59.32 -14.16 4.85
C ILE B 350 -60.15 -15.29 5.45
N ASN B 351 -61.06 -14.94 6.36
CA ASN B 351 -61.90 -15.97 6.97
C ASN B 351 -62.77 -16.66 5.92
N LYS B 352 -63.40 -15.87 5.04
CA LYS B 352 -64.28 -16.45 4.04
C LYS B 352 -63.49 -17.39 3.11
N LEU B 353 -62.30 -16.98 2.69
CA LEU B 353 -61.50 -17.83 1.83
C LEU B 353 -61.05 -19.08 2.56
N SER B 354 -60.70 -18.95 3.84
CA SER B 354 -60.27 -20.11 4.62
C SER B 354 -61.40 -21.12 4.79
N LYS B 355 -62.65 -20.65 4.85
CA LYS B 355 -63.75 -21.58 5.03
C LYS B 355 -63.94 -22.53 3.84
N LYS B 356 -63.30 -22.25 2.71
CA LYS B 356 -63.39 -23.15 1.56
C LYS B 356 -62.71 -24.48 1.87
N LYS B 357 -63.29 -25.56 1.37
CA LYS B 357 -62.73 -26.89 1.61
C LYS B 357 -61.36 -27.05 0.96
N ASP B 358 -61.19 -26.52 -0.24
CA ASP B 358 -59.95 -26.68 -1.01
C ASP B 358 -59.06 -25.45 -0.90
N ILE B 359 -59.04 -24.79 0.26
CA ILE B 359 -58.19 -23.63 0.45
C ILE B 359 -56.73 -24.00 0.23
N PHE B 360 -56.33 -25.18 0.70
CA PHE B 360 -54.94 -25.59 0.56
C PHE B 360 -54.53 -25.65 -0.90
N ASP B 361 -55.38 -26.23 -1.76
CA ASP B 361 -55.04 -26.35 -3.17
C ASP B 361 -54.88 -24.97 -3.82
N ILE B 362 -55.82 -24.06 -3.54
CA ILE B 362 -55.76 -22.73 -4.14
C ILE B 362 -54.50 -22.00 -3.69
N LEU B 363 -54.23 -22.03 -2.38
CA LEU B 363 -53.06 -21.33 -1.86
C LEU B 363 -51.78 -21.92 -2.44
N SER B 364 -51.68 -23.24 -2.52
CA SER B 364 -50.49 -23.86 -3.08
C SER B 364 -50.32 -23.49 -4.55
N GLN B 365 -51.41 -23.50 -5.32
CA GLN B 365 -51.31 -23.16 -6.74
C GLN B 365 -50.92 -21.70 -6.93
N SER B 366 -51.35 -20.82 -6.03
CA SER B 366 -51.05 -19.40 -6.18
C SER B 366 -49.56 -19.09 -6.04
N LEU B 367 -48.76 -20.02 -5.54
CA LEU B 367 -47.33 -19.80 -5.38
C LEU B 367 -46.61 -20.09 -6.69
N ALA B 368 -45.86 -19.10 -7.17
CA ALA B 368 -45.07 -19.26 -8.39
C ALA B 368 -45.96 -19.69 -9.55
N PRO B 369 -46.87 -18.83 -10.01
CA PRO B 369 -47.72 -19.21 -11.15
C PRO B 369 -46.96 -19.50 -12.43
N SER B 370 -45.73 -18.99 -12.55
CA SER B 370 -44.93 -19.17 -13.76
C SER B 370 -44.16 -20.48 -13.77
N ILE B 371 -44.25 -21.28 -12.73
CA ILE B 371 -43.58 -22.57 -12.65
C ILE B 371 -44.62 -23.66 -12.93
N TYR B 372 -44.36 -24.49 -13.93
CA TYR B 372 -45.30 -25.54 -14.31
C TYR B 372 -45.06 -26.79 -13.46
N GLY B 373 -46.13 -27.33 -12.90
CA GLY B 373 -46.01 -28.52 -12.09
C GLY B 373 -45.46 -28.23 -10.71
N HIS B 374 -44.78 -29.23 -10.14
CA HIS B 374 -44.18 -29.12 -8.81
C HIS B 374 -45.23 -28.74 -7.77
N ASP B 375 -46.41 -29.37 -7.86
CA ASP B 375 -47.48 -29.06 -6.92
C ASP B 375 -47.09 -29.44 -5.49
N HIS B 376 -46.49 -30.61 -5.31
CA HIS B 376 -46.13 -31.05 -3.97
C HIS B 376 -45.06 -30.17 -3.35
N ILE B 377 -44.08 -29.75 -4.15
CA ILE B 377 -43.06 -28.85 -3.63
C ILE B 377 -43.68 -27.52 -3.23
N LYS B 378 -44.66 -27.05 -4.01
CA LYS B 378 -45.35 -25.82 -3.65
C LYS B 378 -46.12 -25.98 -2.34
N LYS B 379 -46.78 -27.12 -2.16
CA LYS B 379 -47.47 -27.38 -0.89
C LYS B 379 -46.49 -27.38 0.27
N ALA B 380 -45.33 -28.02 0.08
CA ALA B 380 -44.33 -28.05 1.13
C ALA B 380 -43.82 -26.65 1.46
N ILE B 381 -43.63 -25.82 0.42
CA ILE B 381 -43.17 -24.46 0.65
C ILE B 381 -44.23 -23.66 1.42
N LEU B 382 -45.51 -23.84 1.08
CA LEU B 382 -46.57 -23.16 1.81
C LEU B 382 -46.58 -23.58 3.27
N LEU B 383 -46.45 -24.87 3.53
CA LEU B 383 -46.45 -25.34 4.91
C LEU B 383 -45.23 -24.81 5.66
N MET B 384 -44.08 -24.73 4.98
CA MET B 384 -42.90 -24.15 5.60
C MET B 384 -43.12 -22.68 5.95
N LEU B 385 -43.75 -21.93 5.04
CA LEU B 385 -44.04 -20.54 5.32
C LEU B 385 -44.96 -20.41 6.53
N MET B 386 -46.01 -21.23 6.58
CA MET B 386 -46.91 -21.17 7.73
C MET B 386 -46.21 -21.63 9.00
N GLY B 387 -45.41 -22.69 8.92
CA GLY B 387 -44.64 -23.15 10.06
C GLY B 387 -45.49 -23.81 11.13
N GLY B 388 -44.87 -24.69 11.91
CA GLY B 388 -45.55 -25.37 13.00
C GLY B 388 -45.52 -24.56 14.28
N VAL B 389 -45.91 -25.23 15.37
CA VAL B 389 -45.95 -24.64 16.70
C VAL B 389 -44.70 -25.06 17.46
N GLU B 390 -43.99 -24.08 18.02
CA GLU B 390 -42.76 -24.35 18.76
C GLU B 390 -43.10 -24.53 20.24
N LYS B 391 -42.71 -25.68 20.80
CA LYS B 391 -42.98 -26.01 22.18
C LYS B 391 -41.67 -26.27 22.90
N ASN B 392 -41.48 -25.62 24.04
CA ASN B 392 -40.32 -25.83 24.90
C ASN B 392 -40.80 -26.41 26.23
N LEU B 393 -40.26 -27.57 26.59
CA LEU B 393 -40.73 -28.28 27.77
C LEU B 393 -40.00 -27.77 29.03
N GLU B 394 -40.63 -28.02 30.18
CA GLU B 394 -40.06 -27.59 31.45
C GLU B 394 -38.71 -28.25 31.70
N ASN B 395 -38.60 -29.54 31.40
CA ASN B 395 -37.34 -30.25 31.65
C ASN B 395 -36.18 -29.61 30.90
N GLY B 396 -36.44 -28.99 29.76
CA GLY B 396 -35.40 -28.33 29.00
C GLY B 396 -35.42 -28.67 27.53
N SER B 397 -36.03 -29.79 27.18
CA SER B 397 -36.10 -30.19 25.78
C SER B 397 -36.84 -29.14 24.96
N HIS B 398 -36.28 -28.80 23.80
CA HIS B 398 -36.84 -27.80 22.92
C HIS B 398 -37.23 -28.45 21.60
N LEU B 399 -38.49 -28.28 21.20
CA LEU B 399 -39.03 -28.83 19.97
C LEU B 399 -39.33 -27.69 19.00
N ARG B 400 -38.61 -27.65 17.89
CA ARG B 400 -38.75 -26.57 16.92
C ARG B 400 -40.00 -26.77 16.08
N GLY B 401 -40.60 -25.65 15.68
CA GLY B 401 -41.74 -25.64 14.80
C GLY B 401 -41.43 -25.32 13.36
N ASP B 402 -40.15 -25.10 13.03
CA ASP B 402 -39.76 -24.78 11.67
C ASP B 402 -39.63 -26.05 10.82
N ILE B 403 -39.94 -25.91 9.54
CA ILE B 403 -39.89 -27.02 8.58
C ILE B 403 -38.78 -26.74 7.59
N ASN B 404 -37.86 -27.69 7.44
CA ASN B 404 -36.74 -27.58 6.51
C ASN B 404 -37.00 -28.43 5.29
N ILE B 405 -36.61 -27.91 4.12
CA ILE B 405 -36.87 -28.56 2.84
C ILE B 405 -35.57 -28.62 2.04
N LEU B 406 -35.34 -29.75 1.39
CA LEU B 406 -34.19 -29.94 0.52
C LEU B 406 -34.64 -30.51 -0.80
N MET B 407 -34.10 -29.98 -1.90
CA MET B 407 -34.41 -30.43 -3.24
C MET B 407 -33.12 -30.83 -3.95
N VAL B 408 -33.05 -32.08 -4.39
CA VAL B 408 -31.93 -32.60 -5.16
C VAL B 408 -32.49 -33.10 -6.48
N GLY B 409 -31.97 -32.59 -7.59
CA GLY B 409 -32.51 -32.96 -8.89
C GLY B 409 -31.56 -32.61 -10.01
N ASP B 410 -32.02 -32.91 -11.23
CA ASP B 410 -31.26 -32.66 -12.44
C ASP B 410 -31.25 -31.17 -12.78
N PRO B 411 -30.33 -30.74 -13.64
CA PRO B 411 -30.30 -29.33 -14.03
C PRO B 411 -31.59 -28.89 -14.71
N SER B 412 -31.92 -27.61 -14.56
CA SER B 412 -33.10 -27.01 -15.16
C SER B 412 -34.37 -27.71 -14.68
N THR B 413 -34.60 -27.62 -13.35
CA THR B 413 -35.79 -28.17 -12.74
C THR B 413 -36.53 -27.15 -11.90
N ALA B 414 -36.18 -25.86 -12.00
CA ALA B 414 -36.89 -24.77 -11.33
C ALA B 414 -36.63 -24.74 -9.83
N LYS B 415 -35.49 -25.30 -9.38
CA LYS B 415 -35.15 -25.19 -7.96
C LYS B 415 -34.73 -23.78 -7.61
N SER B 416 -33.86 -23.17 -8.42
CA SER B 416 -33.41 -21.81 -8.15
C SER B 416 -34.56 -20.82 -8.25
N GLN B 417 -35.46 -21.02 -9.22
CA GLN B 417 -36.61 -20.13 -9.34
C GLN B 417 -37.53 -20.25 -8.12
N LEU B 418 -37.72 -21.46 -7.62
CA LEU B 418 -38.52 -21.64 -6.40
C LEU B 418 -37.85 -20.96 -5.21
N LEU B 419 -36.52 -21.07 -5.11
CA LEU B 419 -35.81 -20.38 -4.04
C LEU B 419 -36.00 -18.86 -4.16
N ARG B 420 -35.90 -18.33 -5.37
CA ARG B 420 -36.09 -16.89 -5.56
C ARG B 420 -37.52 -16.48 -5.18
N PHE B 421 -38.50 -17.28 -5.56
CA PHE B 421 -39.89 -16.94 -5.23
C PHE B 421 -40.12 -16.95 -3.72
N VAL B 422 -39.60 -17.97 -3.02
CA VAL B 422 -39.78 -18.01 -1.58
C VAL B 422 -38.99 -16.87 -0.92
N LEU B 423 -37.88 -16.46 -1.54
CA LEU B 423 -37.16 -15.30 -1.05
C LEU B 423 -38.01 -14.03 -1.14
N ASN B 424 -38.71 -13.87 -2.27
CA ASN B 424 -39.51 -12.66 -2.48
C ASN B 424 -40.77 -12.67 -1.61
N THR B 425 -41.44 -13.82 -1.51
CA THR B 425 -42.73 -13.86 -0.83
C THR B 425 -42.57 -13.79 0.68
N ALA B 426 -41.60 -14.51 1.24
CA ALA B 426 -41.46 -14.58 2.68
C ALA B 426 -41.21 -13.19 3.26
N SER B 427 -41.83 -12.92 4.42
CA SER B 427 -41.69 -11.61 5.05
C SER B 427 -40.24 -11.33 5.39
N LEU B 428 -39.55 -12.31 5.97
CA LEU B 428 -38.13 -12.21 6.29
C LEU B 428 -37.41 -13.36 5.59
N ALA B 429 -36.44 -13.03 4.75
CA ALA B 429 -35.72 -14.07 4.02
C ALA B 429 -34.35 -13.53 3.62
N ILE B 430 -33.33 -14.34 3.67
CA ILE B 430 -31.97 -14.13 3.37
C ILE B 430 -31.47 -15.14 2.38
N ALA B 431 -30.84 -14.71 1.30
CA ALA B 431 -30.37 -15.59 0.24
C ALA B 431 -28.86 -15.74 0.33
N THR B 432 -28.33 -16.92 0.29
CA THR B 432 -26.98 -17.32 0.29
C THR B 432 -26.68 -18.42 -0.70
N THR B 433 -25.50 -18.53 -1.19
CA THR B 433 -24.97 -19.49 -2.08
C THR B 433 -23.92 -20.37 -1.46
N GLY B 434 -23.63 -21.49 -2.01
CA GLY B 434 -22.66 -22.36 -1.54
C GLY B 434 -21.27 -21.89 -1.54
N ARG B 435 -20.81 -21.38 -2.64
CA ARG B 435 -19.52 -20.87 -2.91
C ARG B 435 -19.31 -19.43 -2.52
N GLY B 436 -20.31 -18.70 -2.22
CA GLY B 436 -20.32 -17.39 -1.79
C GLY B 436 -20.36 -17.05 -0.36
N SER B 437 -20.51 -18.01 0.49
CA SER B 437 -20.64 -18.00 1.90
C SER B 437 -19.47 -18.65 2.60
N SER B 438 -19.31 -18.36 3.90
CA SER B 438 -18.30 -18.92 4.79
C SER B 438 -18.93 -19.25 6.13
N GLY B 439 -18.29 -20.07 6.97
CA GLY B 439 -18.67 -20.31 8.27
C GLY B 439 -18.88 -19.14 9.13
N VAL B 440 -17.91 -18.22 9.14
CA VAL B 440 -18.00 -16.96 9.88
C VAL B 440 -19.10 -16.06 9.33
N GLY B 441 -19.22 -15.94 8.02
CA GLY B 441 -20.25 -15.14 7.38
C GLY B 441 -21.68 -15.63 7.61
N LEU B 442 -21.87 -16.88 8.00
CA LEU B 442 -23.10 -17.49 8.33
C LEU B 442 -23.53 -17.29 9.76
N THR B 443 -22.65 -17.39 10.70
CA THR B 443 -22.85 -17.34 12.10
C THR B 443 -22.78 -15.96 12.68
N ALA B 444 -21.58 -15.39 12.80
CA ALA B 444 -21.29 -14.04 13.28
C ALA B 444 -19.80 -13.71 13.19
N ALA B 445 -19.46 -12.46 12.85
CA ALA B 445 -18.09 -11.97 12.77
C ALA B 445 -17.75 -11.05 13.95
N VAL B 446 -16.56 -11.18 14.53
CA VAL B 446 -16.04 -10.24 15.54
C VAL B 446 -15.51 -8.98 14.85
N THR B 447 -15.99 -7.81 15.25
CA THR B 447 -15.56 -6.52 14.72
C THR B 447 -15.55 -5.45 15.81
N THR B 448 -15.13 -4.24 15.45
CA THR B 448 -14.99 -3.10 16.26
C THR B 448 -15.99 -2.02 15.94
N ASP B 449 -16.53 -1.32 16.87
CA ASP B 449 -17.45 -0.25 16.79
C ASP B 449 -16.75 1.06 16.57
N ARG B 450 -16.96 1.77 15.51
CA ARG B 450 -16.38 3.03 15.19
C ARG B 450 -16.69 4.07 16.23
N GLU B 451 -17.93 4.20 16.61
CA GLU B 451 -18.44 5.15 17.52
C GLU B 451 -17.78 5.06 18.87
N THR B 452 -17.68 3.89 19.43
CA THR B 452 -17.23 3.54 20.71
C THR B 452 -15.90 2.85 20.80
N GLY B 453 -15.42 2.24 19.78
CA GLY B 453 -14.27 1.47 19.78
C GLY B 453 -14.24 0.30 20.68
N GLU B 454 -15.30 -0.44 20.73
CA GLU B 454 -15.59 -1.57 21.53
C GLU B 454 -15.75 -2.83 20.72
N ARG B 455 -15.10 -3.92 21.12
CA ARG B 455 -15.25 -5.21 20.44
C ARG B 455 -16.65 -5.76 20.63
N ARG B 456 -17.31 -6.18 19.55
CA ARG B 456 -18.64 -6.61 19.40
C ARG B 456 -18.79 -7.74 18.42
N LEU B 457 -19.97 -8.13 18.08
CA LEU B 457 -20.40 -9.12 17.16
C LEU B 457 -21.27 -8.58 16.07
N GLU B 458 -21.14 -9.01 14.87
CA GLU B 458 -21.91 -8.74 13.70
C GLU B 458 -22.72 -9.93 13.29
N ALA B 459 -24.01 -9.87 13.21
CA ALA B 459 -24.90 -10.90 12.85
C ALA B 459 -24.59 -11.45 11.49
N GLY B 460 -24.64 -12.72 11.27
CA GLY B 460 -24.53 -13.39 10.09
C GLY B 460 -25.75 -13.70 9.34
N ALA B 461 -25.73 -14.52 8.34
CA ALA B 461 -26.83 -14.96 7.57
C ALA B 461 -27.88 -15.63 8.42
N MET B 462 -27.49 -16.55 9.25
CA MET B 462 -28.29 -17.32 10.12
C MET B 462 -28.95 -16.49 11.18
N VAL B 463 -28.21 -15.64 11.84
CA VAL B 463 -28.62 -14.77 12.86
C VAL B 463 -29.60 -13.74 12.36
N LEU B 464 -29.32 -13.11 11.27
CA LEU B 464 -30.10 -12.14 10.60
C LEU B 464 -31.48 -12.64 10.28
N ALA B 465 -31.56 -13.92 9.92
CA ALA B 465 -32.80 -14.55 9.50
C ALA B 465 -33.56 -15.18 10.67
N ASP B 466 -33.33 -14.71 11.89
CA ASP B 466 -34.03 -15.25 13.04
C ASP B 466 -35.54 -15.11 12.86
N ARG B 467 -36.27 -16.17 13.16
CA ARG B 467 -37.72 -16.21 12.96
C ARG B 467 -38.09 -15.95 11.50
N GLY B 468 -37.22 -16.36 10.58
CA GLY B 468 -37.45 -16.18 9.16
C GLY B 468 -37.09 -17.40 8.36
N VAL B 469 -36.57 -17.19 7.15
CA VAL B 469 -36.19 -18.27 6.26
C VAL B 469 -34.86 -17.91 5.61
N VAL B 470 -33.98 -18.90 5.47
CA VAL B 470 -32.70 -18.73 4.79
C VAL B 470 -32.67 -19.69 3.60
N CYS B 471 -32.46 -19.14 2.41
CA CYS B 471 -32.42 -19.91 1.19
C CYS B 471 -30.97 -20.14 0.79
N ILE B 472 -30.57 -21.40 0.71
CA ILE B 472 -29.19 -21.78 0.38
C ILE B 472 -29.20 -22.44 -0.99
N ASP B 473 -28.53 -21.82 -1.96
CA ASP B 473 -28.42 -22.35 -3.30
C ASP B 473 -27.06 -23.01 -3.48
N GLU B 474 -27.03 -24.06 -4.31
CA GLU B 474 -25.82 -24.85 -4.51
C GLU B 474 -25.32 -25.42 -3.18
N PHE B 475 -26.22 -26.10 -2.47
CA PHE B 475 -25.91 -26.59 -1.14
C PHE B 475 -24.73 -27.57 -1.15
N ASP B 476 -24.55 -28.30 -2.25
CA ASP B 476 -23.49 -29.30 -2.33
C ASP B 476 -22.14 -28.72 -2.73
N LYS B 477 -22.09 -27.46 -3.17
CA LYS B 477 -20.86 -26.83 -3.59
C LYS B 477 -20.09 -26.18 -2.44
N MET B 478 -20.40 -26.41 -1.22
CA MET B 478 -19.85 -25.89 -0.03
C MET B 478 -18.63 -26.67 0.42
N THR B 479 -18.04 -26.36 1.52
CA THR B 479 -16.98 -26.97 2.22
C THR B 479 -17.42 -27.52 3.55
N ASP B 480 -16.73 -28.53 4.05
CA ASP B 480 -17.09 -29.10 5.35
C ASP B 480 -16.95 -28.07 6.46
N VAL B 481 -15.96 -27.24 6.45
CA VAL B 481 -15.70 -26.19 7.36
C VAL B 481 -16.91 -25.30 7.51
N ASP B 482 -17.50 -24.91 6.43
CA ASP B 482 -18.69 -24.15 6.32
C ASP B 482 -19.92 -24.93 6.71
N ARG B 483 -20.01 -26.17 6.36
CA ARG B 483 -21.05 -27.07 6.64
C ARG B 483 -21.27 -27.27 8.12
N VAL B 484 -20.18 -27.19 8.89
CA VAL B 484 -20.26 -27.44 10.33
C VAL B 484 -21.15 -26.40 10.98
N ALA B 485 -21.04 -25.15 10.65
CA ALA B 485 -21.81 -24.07 11.14
C ALA B 485 -23.29 -24.31 10.95
N ILE B 486 -23.70 -24.68 9.78
CA ILE B 486 -25.02 -24.99 9.42
C ILE B 486 -25.53 -26.17 10.21
N HIS B 487 -24.68 -27.20 10.31
CA HIS B 487 -25.06 -28.38 11.09
C HIS B 487 -25.44 -27.98 12.50
N GLU B 488 -24.59 -27.18 13.15
CA GLU B 488 -24.89 -26.71 14.50
C GLU B 488 -26.17 -25.88 14.54
N VAL B 489 -26.40 -25.01 13.61
CA VAL B 489 -27.52 -24.15 13.52
C VAL B 489 -28.81 -24.94 13.49
N MET B 490 -28.89 -25.86 12.53
CA MET B 490 -30.11 -26.67 12.41
C MET B 490 -30.30 -27.56 13.63
N GLU B 491 -29.22 -28.16 14.14
CA GLU B 491 -29.38 -29.10 15.25
C GLU B 491 -29.86 -28.40 16.51
N GLN B 492 -29.25 -27.26 16.85
CA GLN B 492 -29.53 -26.60 18.11
C GLN B 492 -30.37 -25.34 17.99
N GLN B 493 -30.46 -24.76 16.79
CA GLN B 493 -31.16 -23.50 16.56
C GLN B 493 -30.52 -22.35 17.34
N THR B 494 -29.26 -22.50 17.72
CA THR B 494 -28.51 -21.45 18.40
C THR B 494 -27.08 -21.45 17.88
N VAL B 495 -26.40 -20.36 18.00
CA VAL B 495 -25.07 -20.06 17.61
C VAL B 495 -24.20 -19.78 18.79
N THR B 496 -23.14 -20.47 19.02
CA THR B 496 -22.16 -20.37 20.03
C THR B 496 -20.88 -19.77 19.52
N ILE B 497 -20.37 -18.71 20.05
CA ILE B 497 -19.24 -17.95 19.70
C ILE B 497 -18.24 -17.88 20.83
N ALA B 498 -17.00 -18.21 20.64
CA ALA B 498 -15.88 -18.16 21.52
C ALA B 498 -14.69 -17.52 20.84
N LYS B 499 -14.65 -16.20 20.71
CA LYS B 499 -13.58 -15.49 20.00
C LYS B 499 -13.26 -14.19 20.74
N ALA B 500 -11.99 -13.78 20.79
CA ALA B 500 -11.57 -12.48 21.30
C ALA B 500 -12.21 -12.05 22.65
N GLY B 501 -12.39 -13.01 23.56
CA GLY B 501 -12.99 -12.90 24.79
C GLY B 501 -14.42 -12.62 24.85
N ILE B 502 -15.18 -13.14 23.94
CA ILE B 502 -16.57 -13.08 23.75
C ILE B 502 -17.20 -14.43 23.94
N HIS B 503 -18.09 -14.64 24.86
CA HIS B 503 -18.79 -15.80 25.22
C HIS B 503 -20.28 -15.57 25.26
N THR B 504 -21.05 -15.94 24.29
CA THR B 504 -22.42 -15.69 24.09
C THR B 504 -23.10 -16.73 23.25
N THR B 505 -24.43 -16.80 23.34
CA THR B 505 -25.23 -17.67 22.49
C THR B 505 -26.25 -16.81 21.76
N LEU B 506 -26.27 -16.85 20.47
CA LEU B 506 -27.11 -16.17 19.55
C LEU B 506 -28.28 -17.01 19.12
N ASN B 507 -29.50 -16.46 19.17
CA ASN B 507 -30.67 -17.18 18.73
C ASN B 507 -30.74 -17.18 17.21
N ALA B 508 -30.82 -18.31 16.58
CA ALA B 508 -30.95 -18.61 15.21
C ALA B 508 -32.08 -19.58 14.96
N ARG B 509 -33.32 -19.11 14.91
CA ARG B 509 -34.49 -19.96 14.73
C ARG B 509 -35.06 -19.64 13.35
N CYS B 510 -34.53 -20.31 12.33
CA CYS B 510 -34.91 -20.07 10.94
C CYS B 510 -35.16 -21.38 10.23
N SER B 511 -36.09 -21.36 9.29
CA SER B 511 -36.37 -22.50 8.42
C SER B 511 -35.39 -22.48 7.26
N VAL B 512 -34.80 -23.64 6.96
CA VAL B 512 -33.78 -23.76 5.93
C VAL B 512 -34.40 -24.45 4.72
N ILE B 513 -34.35 -23.80 3.57
CA ILE B 513 -34.75 -24.38 2.29
C ILE B 513 -33.56 -24.28 1.36
N ALA B 514 -33.14 -25.42 0.81
CA ALA B 514 -31.91 -25.49 0.03
C ALA B 514 -32.13 -26.34 -1.21
N ALA B 515 -31.28 -26.12 -2.21
CA ALA B 515 -31.29 -26.88 -3.45
C ALA B 515 -29.89 -27.42 -3.70
N ALA B 516 -29.82 -28.62 -4.27
CA ALA B 516 -28.54 -29.28 -4.51
C ALA B 516 -28.64 -30.13 -5.77
N ASN B 517 -27.48 -30.60 -6.22
CA ASN B 517 -27.39 -31.45 -7.40
C ASN B 517 -26.74 -32.79 -7.05
N PRO B 518 -27.01 -33.84 -7.81
CA PRO B 518 -26.32 -35.11 -7.57
C PRO B 518 -24.84 -35.00 -7.88
N VAL B 519 -24.08 -35.96 -7.35
CA VAL B 519 -22.62 -35.94 -7.53
C VAL B 519 -22.27 -36.02 -9.01
N PHE B 520 -22.95 -36.88 -9.76
CA PHE B 520 -22.70 -37.01 -11.19
C PHE B 520 -23.33 -35.89 -12.00
N GLY B 521 -24.14 -35.04 -11.38
CA GLY B 521 -24.86 -34.01 -12.10
C GLY B 521 -26.20 -34.44 -12.65
N GLN B 522 -26.53 -35.73 -12.58
CA GLN B 522 -27.80 -36.23 -13.06
C GLN B 522 -28.19 -37.44 -12.21
N TYR B 523 -29.41 -37.43 -11.69
CA TYR B 523 -29.85 -38.53 -10.84
C TYR B 523 -29.83 -39.84 -11.62
N ASP B 524 -29.27 -40.87 -11.00
CA ASP B 524 -29.21 -42.21 -11.58
C ASP B 524 -30.10 -43.14 -10.77
N VAL B 525 -31.06 -43.77 -11.45
CA VAL B 525 -31.99 -44.66 -10.76
C VAL B 525 -31.27 -45.91 -10.27
N ASN B 526 -30.33 -46.42 -11.07
CA ASN B 526 -29.66 -47.67 -10.72
C ASN B 526 -28.91 -47.55 -9.40
N ARG B 527 -28.18 -46.46 -9.21
CA ARG B 527 -27.38 -46.28 -8.01
C ARG B 527 -28.27 -45.90 -6.83
N ASP B 528 -27.87 -46.34 -5.64
CA ASP B 528 -28.66 -46.10 -4.44
C ASP B 528 -28.63 -44.62 -4.06
N PRO B 529 -29.60 -44.17 -3.26
CA PRO B 529 -29.62 -42.75 -2.89
C PRO B 529 -28.35 -42.27 -2.22
N HIS B 530 -27.69 -43.12 -1.42
CA HIS B 530 -26.51 -42.69 -0.70
C HIS B 530 -25.40 -42.26 -1.66
N GLN B 531 -25.19 -43.02 -2.73
CA GLN B 531 -24.14 -42.69 -3.69
C GLN B 531 -24.48 -41.42 -4.45
N ASN B 532 -25.77 -41.21 -4.75
CA ASN B 532 -26.16 -40.06 -5.56
C ASN B 532 -25.85 -38.74 -4.87
N ILE B 533 -26.12 -38.67 -3.56
CA ILE B 533 -25.95 -37.44 -2.79
C ILE B 533 -24.74 -37.60 -1.88
N ALA B 534 -23.81 -36.64 -1.97
CA ALA B 534 -22.58 -36.68 -1.19
C ALA B 534 -22.70 -36.01 0.17
N LEU B 535 -23.81 -35.36 0.47
CA LEU B 535 -23.94 -34.67 1.73
C LEU B 535 -23.95 -35.67 2.89
N PRO B 536 -23.46 -35.28 4.07
CA PRO B 536 -23.44 -36.21 5.20
C PRO B 536 -24.84 -36.66 5.59
N ASP B 537 -24.95 -37.89 6.08
CA ASP B 537 -26.24 -38.42 6.50
C ASP B 537 -26.79 -37.64 7.68
N SER B 538 -25.93 -37.24 8.62
CA SER B 538 -26.38 -36.48 9.77
C SER B 538 -27.00 -35.16 9.34
N LEU B 539 -26.36 -34.46 8.40
CA LEU B 539 -26.93 -33.22 7.88
C LEU B 539 -28.23 -33.47 7.15
N LEU B 540 -28.30 -34.58 6.40
CA LEU B 540 -29.52 -34.90 5.66
C LEU B 540 -30.69 -35.14 6.61
N SER B 541 -30.45 -35.83 7.73
CA SER B 541 -31.54 -36.20 8.61
C SER B 541 -32.27 -35.00 9.19
N ARG B 542 -31.64 -33.83 9.21
CA ARG B 542 -32.29 -32.67 9.81
C ARG B 542 -33.38 -32.11 8.90
N PHE B 543 -33.30 -32.35 7.60
CA PHE B 543 -34.32 -31.86 6.68
C PHE B 543 -35.60 -32.67 6.83
N ASP B 544 -36.71 -31.98 7.10
CA ASP B 544 -37.98 -32.67 7.29
C ASP B 544 -38.44 -33.38 6.03
N LEU B 545 -38.30 -32.72 4.87
CA LEU B 545 -38.74 -33.28 3.60
C LEU B 545 -37.60 -33.23 2.60
N LEU B 546 -37.44 -34.32 1.85
CA LEU B 546 -36.47 -34.41 0.77
C LEU B 546 -37.22 -34.72 -0.52
N PHE B 547 -37.10 -33.82 -1.49
CA PHE B 547 -37.76 -33.98 -2.79
C PHE B 547 -36.72 -34.26 -3.84
N VAL B 548 -36.87 -35.38 -4.54
CA VAL B 548 -36.00 -35.74 -5.66
C VAL B 548 -36.81 -35.50 -6.94
N VAL B 549 -36.36 -34.53 -7.74
CA VAL B 549 -37.03 -34.15 -8.98
C VAL B 549 -36.10 -34.46 -10.14
N THR B 550 -36.62 -35.15 -11.15
CA THR B 550 -35.86 -35.55 -12.31
C THR B 550 -36.53 -35.05 -13.58
N ASP B 551 -35.73 -34.78 -14.61
CA ASP B 551 -36.23 -34.31 -15.90
C ASP B 551 -36.48 -35.54 -16.76
N ASP B 552 -37.75 -35.90 -16.94
CA ASP B 552 -38.16 -37.04 -17.73
C ASP B 552 -38.71 -36.58 -19.06
N ILE B 553 -38.26 -37.20 -20.14
CA ILE B 553 -38.64 -36.80 -21.49
C ILE B 553 -39.95 -37.53 -21.84
N ASN B 554 -41.03 -36.77 -21.97
CA ASN B 554 -42.32 -37.31 -22.38
C ASN B 554 -42.98 -36.31 -23.32
N GLU B 555 -43.60 -36.83 -24.38
CA GLU B 555 -44.15 -35.96 -25.42
C GLU B 555 -45.20 -35.01 -24.85
N ILE B 556 -46.14 -35.55 -24.08
CA ILE B 556 -47.23 -34.72 -23.56
C ILE B 556 -46.68 -33.68 -22.59
N ARG B 557 -45.86 -34.11 -21.63
CA ARG B 557 -45.30 -33.18 -20.67
C ARG B 557 -44.38 -32.17 -21.34
N ASP B 558 -43.59 -32.62 -22.32
CA ASP B 558 -42.71 -31.69 -23.03
C ASP B 558 -43.51 -30.63 -23.77
N ARG B 559 -44.58 -31.03 -24.45
CA ARG B 559 -45.41 -30.06 -25.16
C ARG B 559 -46.05 -29.08 -24.18
N SER B 560 -46.57 -29.59 -23.06
CA SER B 560 -47.21 -28.71 -22.08
C SER B 560 -46.22 -27.70 -21.54
N ILE B 561 -45.02 -28.16 -21.16
CA ILE B 561 -44.03 -27.26 -20.58
C ILE B 561 -43.58 -26.24 -21.61
N SER B 562 -43.35 -26.67 -22.85
CA SER B 562 -42.93 -25.74 -23.89
C SER B 562 -43.98 -24.67 -24.13
N GLU B 563 -45.25 -25.08 -24.20
CA GLU B 563 -46.32 -24.11 -24.42
C GLU B 563 -46.41 -23.14 -23.25
N HIS B 564 -46.27 -23.63 -22.01
CA HIS B 564 -46.32 -22.75 -20.86
C HIS B 564 -45.18 -21.74 -20.89
N VAL B 565 -43.97 -22.21 -21.21
CA VAL B 565 -42.82 -21.31 -21.26
C VAL B 565 -43.00 -20.26 -22.34
N LEU B 566 -43.48 -20.68 -23.52
CA LEU B 566 -43.69 -19.73 -24.61
C LEU B 566 -44.75 -18.69 -24.23
N ARG B 567 -45.82 -19.12 -23.58
CA ARG B 567 -46.85 -18.17 -23.14
C ARG B 567 -46.27 -17.18 -22.13
N THR B 568 -45.46 -17.68 -21.18
CA THR B 568 -44.87 -16.80 -20.19
C THR B 568 -43.94 -15.78 -20.83
N HIS B 569 -43.15 -16.21 -21.81
CA HIS B 569 -42.18 -15.32 -22.45
C HIS B 569 -42.84 -14.23 -23.30
N ARG B 570 -44.13 -14.34 -23.57
CA ARG B 570 -44.85 -13.34 -24.36
C ARG B 570 -45.49 -12.27 -23.49
N TYR B 571 -45.27 -12.29 -22.18
CA TYR B 571 -45.89 -11.31 -21.30
C TYR B 571 -45.34 -9.92 -21.56
N LEU B 572 -46.22 -8.92 -21.50
CA LEU B 572 -45.83 -7.52 -21.58
C LEU B 572 -46.37 -6.77 -20.38
N PRO B 573 -45.61 -5.81 -19.82
CA PRO B 573 -46.09 -5.10 -18.64
C PRO B 573 -47.10 -4.03 -19.04
N PRO B 574 -48.02 -3.68 -18.14
CA PRO B 574 -48.97 -2.61 -18.46
C PRO B 574 -48.25 -1.29 -18.73
N GLY B 575 -48.80 -0.52 -19.67
CA GLY B 575 -48.23 0.77 -19.99
C GLY B 575 -46.95 0.72 -20.79
N TYR B 576 -46.69 -0.38 -21.49
CA TYR B 576 -45.49 -0.53 -22.30
C TYR B 576 -45.88 -0.91 -23.72
N LEU B 577 -45.23 -0.27 -24.70
CA LEU B 577 -45.43 -0.62 -26.09
C LEU B 577 -44.58 -1.83 -26.46
N GLU B 578 -44.96 -2.49 -27.54
CA GLU B 578 -44.21 -3.64 -28.01
C GLU B 578 -42.82 -3.22 -28.46
N GLY B 579 -41.82 -4.00 -28.07
CA GLY B 579 -40.43 -3.70 -28.39
C GLY B 579 -39.76 -2.70 -27.47
N GLU B 580 -40.44 -2.22 -26.44
CA GLU B 580 -39.85 -1.27 -25.52
C GLU B 580 -39.18 -2.01 -24.37
N PRO B 581 -37.88 -1.80 -24.13
CA PRO B 581 -37.23 -2.52 -23.03
C PRO B 581 -37.77 -2.11 -21.67
N VAL B 582 -37.69 -3.04 -20.72
CA VAL B 582 -38.18 -2.78 -19.37
C VAL B 582 -37.15 -1.95 -18.62
N ARG B 583 -37.60 -0.88 -18.00
CA ARG B 583 -36.73 0.00 -17.22
C ARG B 583 -36.83 -0.30 -15.73
N SER B 589 -40.65 7.82 -4.87
CA SER B 589 -42.08 7.61 -4.71
C SER B 589 -42.82 8.94 -4.60
N LEU B 590 -44.16 8.89 -4.69
CA LEU B 590 -44.95 10.11 -4.60
C LEU B 590 -45.00 10.63 -3.18
N ALA B 591 -45.13 9.74 -2.19
CA ALA B 591 -45.24 10.13 -0.79
C ALA B 591 -44.34 9.24 0.05
N VAL B 592 -44.08 9.69 1.27
CA VAL B 592 -43.18 8.99 2.20
C VAL B 592 -43.97 8.41 3.37
N GLY B 593 -44.68 9.25 4.13
CA GLY B 593 -45.41 8.75 5.28
C GLY B 593 -46.49 7.78 4.89
N GLU B 594 -47.27 8.11 3.87
CA GLU B 594 -48.37 7.25 3.41
C GLU B 594 -49.35 6.97 4.54
N PRO B 648 -61.45 -22.12 -8.12
CA PRO B 648 -60.17 -22.40 -8.77
C PRO B 648 -59.51 -21.15 -9.35
N LYS B 649 -59.61 -20.05 -8.60
CA LYS B 649 -59.05 -18.76 -9.01
C LYS B 649 -57.80 -18.48 -8.17
N LEU B 650 -56.72 -18.08 -8.85
CA LEU B 650 -55.48 -17.79 -8.16
C LEU B 650 -55.65 -16.61 -7.22
N VAL B 651 -54.91 -16.64 -6.11
CA VAL B 651 -54.95 -15.59 -5.10
C VAL B 651 -53.74 -14.67 -5.32
N THR B 652 -53.99 -13.37 -5.32
CA THR B 652 -52.92 -12.42 -5.57
C THR B 652 -51.89 -12.47 -4.45
N ILE B 653 -50.63 -12.19 -4.81
CA ILE B 653 -49.54 -12.37 -3.85
C ILE B 653 -49.72 -11.53 -2.59
N PRO B 654 -50.07 -10.24 -2.68
CA PRO B 654 -50.28 -9.48 -1.44
C PRO B 654 -51.33 -10.10 -0.53
N PHE B 655 -52.41 -10.61 -1.09
CA PHE B 655 -53.41 -11.29 -0.27
C PHE B 655 -52.84 -12.54 0.35
N LEU B 656 -51.98 -13.25 -0.39
CA LEU B 656 -51.33 -14.43 0.18
C LEU B 656 -50.45 -14.06 1.36
N ARG B 657 -49.71 -12.94 1.24
CA ARG B 657 -48.88 -12.49 2.35
C ARG B 657 -49.73 -12.12 3.55
N LYS B 658 -50.85 -11.43 3.33
CA LYS B 658 -51.74 -11.10 4.44
C LYS B 658 -52.29 -12.36 5.10
N TYR B 659 -52.69 -13.33 4.29
CA TYR B 659 -53.20 -14.59 4.82
C TYR B 659 -52.15 -15.30 5.66
N VAL B 660 -50.91 -15.36 5.15
CA VAL B 660 -49.84 -16.03 5.88
C VAL B 660 -49.58 -15.32 7.21
N GLN B 661 -49.54 -13.98 7.18
CA GLN B 661 -49.32 -13.24 8.41
C GLN B 661 -50.42 -13.51 9.43
N TYR B 662 -51.67 -13.43 8.98
CA TYR B 662 -52.80 -13.67 9.89
C TYR B 662 -52.72 -15.05 10.50
N ALA B 663 -52.53 -16.08 9.66
CA ALA B 663 -52.53 -17.44 10.15
C ALA B 663 -51.37 -17.70 11.10
N LYS B 664 -50.18 -17.21 10.76
CA LYS B 664 -49.01 -17.44 11.60
C LYS B 664 -49.04 -16.61 12.88
N GLU B 665 -49.83 -15.54 12.92
CA GLU B 665 -49.88 -14.70 14.10
C GLU B 665 -50.98 -15.10 15.07
N ARG B 666 -52.19 -15.41 14.58
CA ARG B 666 -53.35 -15.56 15.44
C ARG B 666 -53.90 -16.99 15.49
N VAL B 667 -53.07 -17.99 15.20
CA VAL B 667 -53.50 -19.39 15.27
C VAL B 667 -52.39 -20.22 15.88
N ILE B 668 -52.74 -21.05 16.86
CA ILE B 668 -51.82 -22.00 17.46
C ILE B 668 -52.56 -23.33 17.57
N PRO B 669 -52.58 -24.15 16.52
CA PRO B 669 -53.35 -25.41 16.58
C PRO B 669 -52.84 -26.33 17.67
N GLN B 670 -53.78 -27.03 18.32
CA GLN B 670 -53.48 -28.04 19.33
C GLN B 670 -53.86 -29.41 18.78
N LEU B 671 -53.09 -30.42 19.16
CA LEU B 671 -53.32 -31.77 18.65
C LEU B 671 -54.57 -32.39 19.29
N THR B 672 -55.07 -33.44 18.65
CA THR B 672 -56.24 -34.17 19.11
C THR B 672 -55.97 -35.67 19.00
N GLN B 673 -56.94 -36.47 19.46
CA GLN B 673 -56.73 -37.92 19.51
C GLN B 673 -56.81 -38.55 18.13
N GLU B 674 -57.76 -38.13 17.30
CA GLU B 674 -57.93 -38.73 15.98
C GLU B 674 -56.70 -38.50 15.11
N ALA B 675 -56.17 -37.27 15.12
CA ALA B 675 -54.94 -36.99 14.39
C ALA B 675 -53.81 -37.87 14.89
N ILE B 676 -53.75 -38.09 16.20
CA ILE B 676 -52.70 -38.94 16.76
C ILE B 676 -52.83 -40.37 16.27
N ASN B 677 -54.06 -40.90 16.25
CA ASN B 677 -54.28 -42.26 15.75
C ASN B 677 -53.82 -42.37 14.31
N VAL B 678 -54.19 -41.39 13.48
CA VAL B 678 -53.79 -41.41 12.07
C VAL B 678 -52.27 -41.36 11.96
N ILE B 679 -51.64 -40.48 12.74
CA ILE B 679 -50.20 -40.31 12.64
C ILE B 679 -49.46 -41.58 13.03
N VAL B 680 -49.87 -42.22 14.13
CA VAL B 680 -49.18 -43.43 14.57
C VAL B 680 -49.44 -44.56 13.59
N LYS B 681 -50.65 -44.66 13.04
CA LYS B 681 -50.91 -45.68 12.02
C LYS B 681 -49.99 -45.48 10.82
N ASN B 682 -49.89 -44.24 10.34
CA ASN B 682 -49.05 -43.97 9.19
C ASN B 682 -47.58 -44.27 9.48
N TYR B 683 -47.11 -43.88 10.66
CA TYR B 683 -45.71 -44.13 11.02
C TYR B 683 -45.42 -45.63 11.08
N THR B 684 -46.31 -46.39 11.73
CA THR B 684 -46.11 -47.82 11.83
C THR B 684 -46.11 -48.47 10.45
N ASP B 685 -47.03 -48.05 9.58
CA ASP B 685 -47.05 -48.61 8.23
C ASP B 685 -45.78 -48.24 7.45
N LEU B 686 -45.31 -47.00 7.53
CA LEU B 686 -44.17 -46.57 6.68
C LEU B 686 -42.87 -47.20 7.16
N ARG B 687 -42.58 -47.16 8.45
CA ARG B 687 -41.27 -47.60 8.99
C ARG B 687 -41.00 -49.08 8.74
N ASN B 688 -42.00 -49.95 8.92
CA ASN B 688 -41.80 -51.42 8.78
C ASN B 688 -42.51 -51.87 7.49
N ASP B 689 -42.03 -51.43 6.31
CA ASP B 689 -42.64 -51.83 5.05
C ASP B 689 -41.55 -52.24 4.07
N ASP B 690 -41.83 -53.30 3.30
CA ASP B 690 -40.82 -53.86 2.42
C ASP B 690 -40.38 -52.85 1.36
N ASN B 691 -41.30 -52.02 0.89
CA ASN B 691 -40.97 -51.07 -0.17
C ASN B 691 -39.84 -50.15 0.27
N THR B 692 -38.86 -49.96 -0.62
CA THR B 692 -37.73 -49.10 -0.31
C THR B 692 -38.14 -47.64 -0.30
N LYS B 693 -37.37 -46.83 0.41
CA LYS B 693 -37.61 -45.41 0.55
C LYS B 693 -36.37 -44.63 0.14
N LYS B 694 -36.59 -43.49 -0.51
CA LYS B 694 -35.47 -42.64 -0.90
C LYS B 694 -34.74 -42.08 0.31
N SER B 695 -35.40 -41.99 1.46
CA SER B 695 -34.78 -41.57 2.70
C SER B 695 -35.17 -42.52 3.81
N PRO B 696 -34.26 -42.85 4.72
CA PRO B 696 -34.60 -43.81 5.78
C PRO B 696 -35.64 -43.24 6.74
N ILE B 697 -36.45 -44.14 7.29
CA ILE B 697 -37.44 -43.75 8.29
C ILE B 697 -36.78 -43.68 9.65
N THR B 698 -37.22 -42.74 10.47
CA THR B 698 -36.63 -42.52 11.78
C THR B 698 -37.67 -41.86 12.68
N ALA B 699 -37.38 -41.84 13.98
CA ALA B 699 -38.27 -41.17 14.91
C ALA B 699 -38.46 -39.70 14.57
N ARG B 700 -37.51 -39.10 13.86
CA ARG B 700 -37.68 -37.73 13.39
C ARG B 700 -38.84 -37.61 12.41
N THR B 701 -39.18 -38.71 11.72
CA THR B 701 -40.30 -38.67 10.80
C THR B 701 -41.62 -38.44 11.53
N LEU B 702 -41.75 -38.97 12.75
CA LEU B 702 -42.95 -38.71 13.54
C LEU B 702 -43.08 -37.21 13.86
N GLU B 703 -41.97 -36.58 14.25
CA GLU B 703 -42.00 -35.15 14.51
C GLU B 703 -42.31 -34.37 13.23
N THR B 704 -41.76 -34.81 12.11
CA THR B 704 -42.07 -34.16 10.84
C THR B 704 -43.56 -34.26 10.52
N LEU B 705 -44.15 -35.43 10.74
CA LEU B 705 -45.58 -35.60 10.50
C LEU B 705 -46.39 -34.69 11.38
N ILE B 706 -46.02 -34.60 12.67
CA ILE B 706 -46.75 -33.73 13.59
C ILE B 706 -46.62 -32.28 13.14
N ARG B 707 -45.43 -31.87 12.72
CA ARG B 707 -45.22 -30.50 12.28
C ARG B 707 -46.06 -30.19 11.04
N LEU B 708 -46.09 -31.11 10.08
CA LEU B 708 -46.87 -30.89 8.87
C LEU B 708 -48.37 -30.83 9.19
N ALA B 709 -48.84 -31.69 10.09
CA ALA B 709 -50.24 -31.63 10.50
C ALA B 709 -50.55 -30.29 11.15
N THR B 710 -49.67 -29.80 12.02
CA THR B 710 -49.89 -28.51 12.65
C THR B 710 -49.92 -27.38 11.62
N ALA B 711 -49.00 -27.43 10.64
CA ALA B 711 -48.98 -26.42 9.60
C ALA B 711 -50.27 -26.42 8.79
N HIS B 712 -50.74 -27.62 8.41
CA HIS B 712 -51.99 -27.71 7.66
C HIS B 712 -53.16 -27.19 8.49
N ALA B 713 -53.17 -27.48 9.78
CA ALA B 713 -54.20 -26.91 10.66
C ALA B 713 -54.13 -25.39 10.65
N LYS B 714 -52.92 -24.83 10.70
CA LYS B 714 -52.76 -23.39 10.62
C LYS B 714 -53.32 -22.85 9.31
N VAL B 715 -53.17 -23.61 8.22
CA VAL B 715 -53.67 -23.15 6.92
C VAL B 715 -55.16 -22.85 6.99
N ARG B 716 -55.92 -23.70 7.67
CA ARG B 716 -57.36 -23.58 7.75
C ARG B 716 -57.83 -22.66 8.87
N LEU B 717 -56.91 -22.08 9.64
CA LEU B 717 -57.28 -21.24 10.77
C LEU B 717 -58.12 -22.03 11.78
N SER B 718 -57.67 -23.24 12.09
CA SER B 718 -58.35 -24.14 13.00
C SER B 718 -57.56 -24.24 14.30
N LYS B 719 -58.26 -24.15 15.43
CA LYS B 719 -57.60 -24.22 16.73
C LYS B 719 -57.15 -25.63 17.07
N THR B 720 -57.59 -26.65 16.33
CA THR B 720 -57.25 -28.03 16.63
C THR B 720 -56.81 -28.73 15.35
N VAL B 721 -55.96 -29.73 15.51
CA VAL B 721 -55.49 -30.56 14.40
C VAL B 721 -56.46 -31.72 14.24
N ASN B 722 -57.03 -31.85 13.04
CA ASN B 722 -58.06 -32.82 12.76
C ASN B 722 -57.52 -33.93 11.87
N LYS B 723 -58.38 -34.90 11.56
CA LYS B 723 -57.99 -36.05 10.74
C LYS B 723 -57.53 -35.60 9.35
N VAL B 724 -58.14 -34.55 8.81
CA VAL B 724 -57.77 -34.08 7.48
C VAL B 724 -56.31 -33.64 7.46
N ASP B 725 -55.89 -32.92 8.49
CA ASP B 725 -54.50 -32.46 8.54
C ASP B 725 -53.54 -33.64 8.58
N ALA B 726 -53.84 -34.65 9.40
CA ALA B 726 -52.99 -35.82 9.48
C ALA B 726 -52.92 -36.54 8.14
N LYS B 727 -54.07 -36.69 7.47
CA LYS B 727 -54.08 -37.36 6.17
C LYS B 727 -53.24 -36.59 5.15
N VAL B 728 -53.37 -35.27 5.13
CA VAL B 728 -52.60 -34.47 4.17
C VAL B 728 -51.12 -34.58 4.46
N ALA B 729 -50.73 -34.51 5.74
CA ALA B 729 -49.32 -34.63 6.10
C ALA B 729 -48.78 -36.00 5.70
N ALA B 730 -49.56 -37.06 5.96
CA ALA B 730 -49.12 -38.40 5.58
C ALA B 730 -48.96 -38.52 4.08
N ASN B 731 -49.90 -37.98 3.31
CA ASN B 731 -49.79 -38.04 1.86
C ASN B 731 -48.55 -37.30 1.37
N LEU B 732 -48.29 -36.11 1.91
CA LEU B 732 -47.12 -35.35 1.50
C LEU B 732 -45.84 -36.10 1.83
N LEU B 733 -45.75 -36.67 3.03
CA LEU B 733 -44.55 -37.41 3.41
C LEU B 733 -44.37 -38.64 2.53
N ARG B 734 -45.46 -39.35 2.23
CA ARG B 734 -45.36 -40.53 1.39
C ARG B 734 -44.90 -40.17 -0.02
N PHE B 735 -45.41 -39.07 -0.57
CA PHE B 735 -44.94 -38.63 -1.87
C PHE B 735 -43.47 -38.26 -1.83
N ALA B 736 -43.05 -37.54 -0.79
CA ALA B 736 -41.65 -37.13 -0.70
C ALA B 736 -40.73 -38.32 -0.55
N LEU B 737 -41.20 -39.39 0.09
CA LEU B 737 -40.35 -40.56 0.35
C LEU B 737 -40.33 -41.54 -0.82
N LEU B 738 -41.50 -42.07 -1.18
CA LEU B 738 -41.60 -43.11 -2.20
C LEU B 738 -42.07 -42.56 -3.54
N GLY B 739 -42.14 -41.25 -3.71
CA GLY B 739 -42.59 -40.67 -4.96
C GLY B 739 -44.02 -41.02 -5.29
N GLU C 175 17.20 13.60 74.85
CA GLU C 175 18.12 12.96 73.86
C GLU C 175 17.31 12.67 72.61
N PRO C 176 17.90 12.55 71.41
CA PRO C 176 17.09 12.20 70.28
C PRO C 176 16.56 10.81 70.61
N LEU C 177 15.28 10.54 70.39
CA LEU C 177 14.63 9.23 70.65
C LEU C 177 14.00 8.83 69.34
N ARG C 178 14.41 7.71 68.79
CA ARG C 178 14.01 7.22 67.47
C ARG C 178 12.80 6.31 67.62
N ILE C 179 11.76 6.59 66.84
CA ILE C 179 10.51 5.86 66.89
C ILE C 179 10.07 5.52 65.47
N ILE C 180 9.55 4.31 65.28
CA ILE C 180 9.01 3.92 63.98
C ILE C 180 7.80 4.80 63.68
N TRP C 181 7.76 5.33 62.46
CA TRP C 181 6.69 6.26 62.09
C TRP C 181 5.33 5.61 62.24
N GLY C 182 4.39 6.34 62.84
CA GLY C 182 3.04 5.87 62.99
C GLY C 182 2.79 4.95 64.17
N THR C 183 3.82 4.64 64.96
CA THR C 183 3.69 3.75 66.10
C THR C 183 4.41 4.37 67.29
N ASN C 184 4.41 3.64 68.41
CA ASN C 184 5.07 4.08 69.63
C ASN C 184 6.13 3.08 70.09
N VAL C 185 6.66 2.29 69.17
CA VAL C 185 7.68 1.28 69.50
C VAL C 185 9.06 1.91 69.36
N SER C 186 9.88 1.76 70.39
CA SER C 186 11.22 2.34 70.39
C SER C 186 12.17 1.40 69.65
N ILE C 187 12.98 1.98 68.76
CA ILE C 187 13.93 1.16 68.00
C ILE C 187 15.00 0.60 68.92
N GLN C 188 15.41 1.37 69.93
CA GLN C 188 16.40 0.89 70.87
C GLN C 188 15.91 -0.36 71.60
N GLU C 189 14.64 -0.35 72.02
CA GLU C 189 14.08 -1.50 72.71
C GLU C 189 14.08 -2.73 71.81
N CYS C 190 13.68 -2.57 70.55
CA CYS C 190 13.68 -3.69 69.61
C CYS C 190 15.10 -4.22 69.40
N THR C 191 16.07 -3.32 69.24
CA THR C 191 17.44 -3.74 69.02
C THR C 191 17.96 -4.55 70.20
N THR C 192 17.76 -4.04 71.42
CA THR C 192 18.27 -4.74 72.59
C THR C 192 17.54 -6.06 72.79
N ASN C 193 16.23 -6.11 72.54
CA ASN C 193 15.50 -7.35 72.68
C ASN C 193 16.00 -8.40 71.71
N PHE C 194 16.21 -8.01 70.44
CA PHE C 194 16.70 -8.97 69.46
C PHE C 194 18.11 -9.44 69.80
N ARG C 195 18.97 -8.52 70.26
CA ARG C 195 20.32 -8.91 70.64
C ARG C 195 20.30 -9.90 71.80
N ASN C 196 19.45 -9.65 72.79
CA ASN C 196 19.33 -10.58 73.92
C ASN C 196 18.81 -11.94 73.45
N PHE C 197 17.82 -11.93 72.55
CA PHE C 197 17.28 -13.19 72.06
C PHE C 197 18.34 -13.99 71.32
N LEU C 198 19.11 -13.33 70.45
CA LEU C 198 20.15 -14.03 69.70
C LEU C 198 21.25 -14.54 70.62
N MET C 199 21.66 -13.72 71.58
CA MET C 199 22.78 -14.10 72.44
C MET C 199 22.45 -15.31 73.30
N SER C 200 21.22 -15.35 73.85
CA SER C 200 20.82 -16.41 74.77
C SER C 200 19.48 -16.98 74.30
N PHE C 201 19.53 -18.17 73.70
CA PHE C 201 18.32 -18.86 73.28
C PHE C 201 18.65 -20.32 73.06
N LYS C 202 17.74 -21.20 73.49
CA LYS C 202 17.91 -22.64 73.37
C LYS C 202 16.65 -23.26 72.79
N TYR C 203 16.82 -24.33 72.03
CA TYR C 203 15.69 -24.98 71.37
C TYR C 203 14.74 -25.63 72.36
N LYS C 204 15.16 -25.83 73.61
CA LYS C 204 14.27 -26.38 74.62
C LYS C 204 13.08 -25.47 74.87
N PHE C 205 13.27 -24.15 74.73
CA PHE C 205 12.15 -23.22 74.84
C PHE C 205 11.12 -23.49 73.75
N ARG C 206 11.58 -23.71 72.51
CA ARG C 206 10.67 -24.06 71.44
C ARG C 206 9.99 -25.39 71.73
N LYS C 207 10.73 -26.36 72.26
CA LYS C 207 10.15 -27.66 72.56
C LYS C 207 9.04 -27.55 73.59
N ILE C 208 9.26 -26.79 74.65
CA ILE C 208 8.22 -26.62 75.66
C ILE C 208 7.04 -25.85 75.09
N LEU C 209 7.31 -24.83 74.25
CA LEU C 209 6.23 -24.08 73.65
C LEU C 209 5.34 -24.97 72.78
N ASP C 210 5.96 -25.87 72.01
CA ASP C 210 5.24 -26.75 71.10
C ASP C 210 4.61 -27.94 71.80
N GLU C 211 4.63 -27.97 73.14
CA GLU C 211 4.08 -29.10 73.90
C GLU C 211 4.79 -30.40 73.54
N ARG C 212 6.10 -30.30 73.31
CA ARG C 212 6.96 -31.46 73.06
C ARG C 212 8.07 -31.53 74.09
N GLU C 213 7.75 -31.13 75.33
CA GLU C 213 8.77 -31.03 76.37
C GLU C 213 9.40 -32.38 76.69
N GLU C 214 8.66 -33.47 76.51
CA GLU C 214 9.17 -34.79 76.87
C GLU C 214 10.13 -35.36 75.84
N PHE C 215 10.29 -34.70 74.69
CA PHE C 215 11.30 -35.07 73.70
C PHE C 215 12.63 -34.36 73.92
N ILE C 216 12.76 -33.59 75.00
CA ILE C 216 13.97 -32.79 75.21
C ILE C 216 15.14 -33.70 75.55
N ASN C 217 16.25 -33.52 74.84
CA ASN C 217 17.49 -34.22 75.16
C ASN C 217 18.32 -33.35 76.11
N ASN C 218 19.58 -33.72 76.32
CA ASN C 218 20.44 -33.04 77.28
C ASN C 218 21.59 -32.28 76.66
N THR C 219 21.83 -32.43 75.35
CA THR C 219 22.97 -31.80 74.70
C THR C 219 22.54 -30.73 73.68
N THR C 220 21.73 -31.10 72.70
CA THR C 220 21.38 -30.16 71.64
C THR C 220 20.39 -29.10 72.13
N ASP C 221 19.38 -29.52 72.91
CA ASP C 221 18.35 -28.59 73.35
C ASP C 221 18.84 -27.66 74.44
N GLU C 222 19.91 -28.02 75.16
CA GLU C 222 20.47 -27.18 76.21
C GLU C 222 21.64 -26.32 75.71
N GLU C 223 21.93 -26.36 74.41
CA GLU C 223 23.03 -25.60 73.84
C GLU C 223 22.49 -24.43 73.03
N LEU C 224 23.22 -23.32 73.05
CA LEU C 224 22.78 -22.13 72.33
C LEU C 224 22.66 -22.44 70.85
N TYR C 225 21.56 -21.99 70.23
CA TYR C 225 21.23 -22.32 68.86
C TYR C 225 21.76 -21.27 67.88
N TYR C 226 21.32 -20.02 68.03
CA TYR C 226 21.69 -18.99 67.08
C TYR C 226 23.14 -18.55 67.22
N ILE C 227 23.74 -18.70 68.41
CA ILE C 227 25.18 -18.47 68.52
C ILE C 227 25.93 -19.47 67.66
N LYS C 228 25.53 -20.75 67.73
CA LYS C 228 26.14 -21.76 66.88
C LYS C 228 25.90 -21.45 65.40
N GLN C 229 24.68 -20.99 65.07
CA GLN C 229 24.40 -20.63 63.68
C GLN C 229 25.33 -19.52 63.20
N LEU C 230 25.52 -18.49 64.02
CA LEU C 230 26.40 -17.39 63.63
C LEU C 230 27.84 -17.87 63.49
N ASN C 231 28.30 -18.72 64.41
CA ASN C 231 29.66 -19.24 64.30
C ASN C 231 29.85 -20.04 63.03
N GLU C 232 28.89 -20.90 62.70
CA GLU C 232 28.98 -21.68 61.46
C GLU C 232 28.93 -20.76 60.24
N MET C 233 28.11 -19.72 60.29
CA MET C 233 28.05 -18.77 59.17
C MET C 233 29.39 -18.09 58.97
N ARG C 234 30.03 -17.67 60.07
CA ARG C 234 31.36 -17.06 59.96
C ARG C 234 32.36 -18.07 59.40
N GLU C 235 32.30 -19.31 59.84
CA GLU C 235 33.22 -20.32 59.33
C GLU C 235 33.04 -20.52 57.83
N LEU C 236 31.80 -20.58 57.36
CA LEU C 236 31.52 -20.81 55.96
C LEU C 236 31.56 -19.54 55.12
N GLY C 237 31.58 -18.36 55.75
CA GLY C 237 31.65 -17.11 55.04
C GLY C 237 30.32 -16.60 54.51
N THR C 238 29.22 -17.29 54.79
CA THR C 238 27.91 -16.85 54.33
C THR C 238 27.42 -15.68 55.20
N SER C 239 26.33 -15.07 54.77
CA SER C 239 25.77 -13.92 55.46
C SER C 239 24.30 -14.08 55.82
N ASN C 240 23.51 -14.72 54.97
CA ASN C 240 22.08 -14.84 55.23
C ASN C 240 21.82 -15.78 56.40
N LEU C 241 20.85 -15.40 57.23
CA LEU C 241 20.45 -16.18 58.40
C LEU C 241 18.98 -16.52 58.29
N ASN C 242 18.65 -17.79 58.49
CA ASN C 242 17.27 -18.25 58.48
C ASN C 242 16.72 -18.24 59.91
N LEU C 243 15.62 -17.53 60.11
CA LEU C 243 15.02 -17.37 61.43
C LEU C 243 13.63 -17.98 61.42
N ASP C 244 13.32 -18.78 62.45
CA ASP C 244 11.99 -19.33 62.63
C ASP C 244 11.20 -18.37 63.53
N ALA C 245 10.14 -17.78 62.98
CA ALA C 245 9.38 -16.78 63.72
C ALA C 245 8.82 -17.35 65.02
N ARG C 246 8.50 -18.64 65.04
CA ARG C 246 7.95 -19.24 66.25
C ARG C 246 8.96 -19.18 67.40
N ASN C 247 10.25 -19.18 67.10
CA ASN C 247 11.25 -19.07 68.16
C ASN C 247 11.12 -17.77 68.93
N LEU C 248 10.67 -16.70 68.26
CA LEU C 248 10.42 -15.45 68.98
C LEU C 248 9.32 -15.62 70.01
N LEU C 249 8.24 -16.33 69.65
CA LEU C 249 7.20 -16.63 70.63
C LEU C 249 7.73 -17.54 71.72
N ALA C 250 8.69 -18.42 71.40
CA ALA C 250 9.27 -19.30 72.39
C ALA C 250 10.05 -18.56 73.46
N TYR C 251 10.38 -17.29 73.23
CA TYR C 251 11.10 -16.48 74.20
C TYR C 251 10.19 -15.38 74.74
N LYS C 252 10.25 -15.17 76.05
CA LYS C 252 9.34 -14.21 76.69
C LYS C 252 9.55 -12.81 76.15
N GLN C 253 10.81 -12.39 76.00
CA GLN C 253 11.09 -11.00 75.65
C GLN C 253 10.55 -10.64 74.26
N THR C 254 10.66 -11.55 73.31
CA THR C 254 10.51 -11.22 71.90
C THR C 254 9.12 -11.52 71.35
N GLU C 255 8.12 -11.74 72.21
CA GLU C 255 6.76 -11.87 71.70
C GLU C 255 6.28 -10.56 71.09
N ASP C 256 6.58 -9.43 71.75
CA ASP C 256 6.28 -8.13 71.15
C ASP C 256 7.02 -7.93 69.85
N LEU C 257 8.29 -8.38 69.79
CA LEU C 257 9.05 -8.27 68.55
C LEU C 257 8.43 -9.09 67.44
N TYR C 258 7.93 -10.29 67.76
CA TYR C 258 7.25 -11.12 66.77
C TYR C 258 6.00 -10.43 66.26
N HIS C 259 5.21 -9.85 67.16
CA HIS C 259 4.00 -9.15 66.73
C HIS C 259 4.36 -7.96 65.85
N GLN C 260 5.40 -7.20 66.22
CA GLN C 260 5.82 -6.07 65.40
C GLN C 260 6.30 -6.53 64.03
N LEU C 261 7.06 -7.61 63.98
CA LEU C 261 7.49 -8.15 62.69
C LEU C 261 6.30 -8.52 61.83
N LEU C 262 5.28 -9.13 62.45
CA LEU C 262 4.07 -9.45 61.70
C LEU C 262 3.35 -8.21 61.22
N ASN C 263 3.44 -7.11 61.98
CA ASN C 263 2.72 -5.88 61.65
C ASN C 263 3.56 -4.86 60.89
N TYR C 264 4.82 -4.67 61.28
CA TYR C 264 5.71 -3.67 60.67
C TYR C 264 6.98 -4.38 60.23
N PRO C 265 6.95 -5.04 59.07
CA PRO C 265 8.08 -5.92 58.70
C PRO C 265 9.32 -5.17 58.23
N GLN C 266 9.18 -4.06 57.52
CA GLN C 266 10.35 -3.43 56.91
C GLN C 266 11.32 -2.91 57.97
N GLU C 267 10.84 -2.10 58.91
CA GLU C 267 11.72 -1.54 59.92
C GLU C 267 12.28 -2.62 60.82
N VAL C 268 11.46 -3.60 61.20
CA VAL C 268 11.93 -4.68 62.06
C VAL C 268 13.01 -5.48 61.34
N ILE C 269 12.85 -5.71 60.04
CA ILE C 269 13.84 -6.47 59.28
C ILE C 269 15.15 -5.70 59.18
N SER C 270 15.07 -4.39 58.94
CA SER C 270 16.30 -3.59 58.91
C SER C 270 17.01 -3.63 60.25
N ILE C 271 16.24 -3.48 61.34
CA ILE C 271 16.82 -3.54 62.68
C ILE C 271 17.46 -4.90 62.92
N MET C 272 16.79 -5.97 62.48
CA MET C 272 17.35 -7.31 62.66
C MET C 272 18.65 -7.48 61.89
N ASP C 273 18.72 -6.96 60.67
CA ASP C 273 19.95 -7.05 59.90
C ASP C 273 21.09 -6.33 60.59
N GLN C 274 20.84 -5.09 61.04
CA GLN C 274 21.89 -4.35 61.71
C GLN C 274 22.32 -5.04 62.99
N THR C 275 21.35 -5.57 63.76
CA THR C 275 21.68 -6.27 64.99
C THR C 275 22.50 -7.53 64.71
N ILE C 276 22.15 -8.24 63.63
CA ILE C 276 22.91 -9.44 63.28
C ILE C 276 24.35 -9.08 62.99
N LYS C 277 24.56 -8.01 62.22
CA LYS C 277 25.93 -7.56 61.96
C LYS C 277 26.64 -7.17 63.25
N ASP C 278 25.93 -6.49 64.15
CA ASP C 278 26.53 -6.06 65.41
C ASP C 278 26.98 -7.26 66.25
N CYS C 279 26.12 -8.27 66.38
CA CYS C 279 26.52 -9.46 67.14
C CYS C 279 27.64 -10.21 66.44
N MET C 280 27.62 -10.25 65.09
CA MET C 280 28.69 -10.93 64.38
C MET C 280 30.04 -10.29 64.67
N VAL C 281 30.10 -8.96 64.64
CA VAL C 281 31.36 -8.28 64.94
C VAL C 281 31.70 -8.43 66.43
N SER C 282 30.70 -8.38 67.30
CA SER C 282 30.95 -8.45 68.73
C SER C 282 31.49 -9.82 69.14
N LEU C 283 31.09 -10.88 68.45
CA LEU C 283 31.63 -12.21 68.74
C LEU C 283 33.15 -12.20 68.57
N ILE C 284 33.63 -11.66 67.45
CA ILE C 284 35.07 -11.61 67.22
C ILE C 284 35.74 -10.66 68.21
N VAL C 285 35.08 -9.54 68.51
CA VAL C 285 35.67 -8.57 69.43
C VAL C 285 35.88 -9.19 70.81
N ASP C 286 34.86 -9.89 71.31
CA ASP C 286 34.93 -10.45 72.66
C ASP C 286 35.84 -11.68 72.70
N ASN C 287 35.75 -12.54 71.69
CA ASN C 287 36.52 -13.78 71.70
C ASN C 287 37.95 -13.57 71.22
N ASN C 288 38.34 -12.35 70.89
CA ASN C 288 39.68 -12.02 70.40
C ASN C 288 40.22 -13.11 69.48
N LEU C 289 39.38 -13.49 68.52
CA LEU C 289 39.77 -14.51 67.55
C LEU C 289 40.74 -13.93 66.52
N ASP C 290 41.40 -14.82 65.81
CA ASP C 290 42.36 -14.42 64.77
C ASP C 290 41.69 -14.11 63.44
N TYR C 291 40.37 -14.27 63.34
CA TYR C 291 39.68 -13.99 62.10
C TYR C 291 39.80 -12.51 61.75
N ASP C 292 39.98 -12.23 60.47
CA ASP C 292 40.13 -10.86 60.01
C ASP C 292 38.82 -10.09 60.20
N LEU C 293 38.91 -8.89 60.76
CA LEU C 293 37.73 -8.07 61.01
C LEU C 293 37.34 -7.24 59.79
N ASP C 294 38.32 -6.77 59.02
CA ASP C 294 38.00 -5.93 57.86
C ASP C 294 37.08 -6.65 56.88
N GLU C 295 37.28 -7.96 56.70
CA GLU C 295 36.40 -8.71 55.83
C GLU C 295 34.97 -8.69 56.34
N ILE C 296 34.79 -8.85 57.66
CA ILE C 296 33.45 -8.83 58.23
C ILE C 296 32.81 -7.45 58.06
N GLU C 297 33.58 -6.39 58.30
CA GLU C 297 33.01 -5.05 58.29
C GLU C 297 32.46 -4.69 56.92
N THR C 298 32.99 -5.26 55.85
CA THR C 298 32.62 -4.90 54.49
C THR C 298 31.49 -5.73 53.92
N LYS C 299 30.89 -6.62 54.71
CA LYS C 299 29.84 -7.50 54.23
C LYS C 299 28.46 -6.92 54.53
N PHE C 300 27.48 -7.43 53.79
CA PHE C 300 26.06 -7.11 54.02
C PHE C 300 25.38 -8.34 54.60
N TYR C 301 24.62 -8.15 55.68
CA TYR C 301 23.96 -9.23 56.37
C TYR C 301 22.45 -9.07 56.27
N LYS C 302 21.75 -10.20 56.22
CA LYS C 302 20.30 -10.23 56.04
C LYS C 302 19.71 -11.31 56.92
N VAL C 303 18.39 -11.23 57.10
CA VAL C 303 17.63 -12.23 57.85
C VAL C 303 16.45 -12.67 56.99
N ARG C 304 16.12 -13.95 57.04
CA ARG C 304 15.10 -14.56 56.19
C ARG C 304 14.09 -15.28 57.07
N PRO C 305 13.16 -14.56 57.68
CA PRO C 305 12.16 -15.21 58.53
C PRO C 305 11.22 -16.10 57.72
N TYR C 306 10.69 -17.13 58.38
CA TYR C 306 9.73 -18.02 57.77
C TYR C 306 8.83 -18.59 58.86
N ASN C 307 7.76 -19.25 58.44
CA ASN C 307 6.77 -19.82 59.36
C ASN C 307 6.18 -18.73 60.25
N VAL C 308 5.50 -17.79 59.60
CA VAL C 308 4.94 -16.62 60.27
C VAL C 308 3.43 -16.75 60.44
N GLY C 309 2.88 -17.96 60.32
CA GLY C 309 1.48 -18.21 60.52
C GLY C 309 0.89 -19.05 59.41
N SER C 310 -0.42 -19.26 59.49
CA SER C 310 -1.11 -20.06 58.48
C SER C 310 -1.05 -19.37 57.13
N CYS C 311 -0.90 -20.17 56.07
CA CYS C 311 -0.83 -19.64 54.73
C CYS C 311 -2.21 -19.26 54.23
N LYS C 312 -2.35 -18.03 53.73
CA LYS C 312 -3.61 -17.59 53.17
C LYS C 312 -3.71 -17.98 51.70
N GLY C 313 -4.79 -17.58 51.06
CA GLY C 313 -4.99 -17.83 49.64
C GLY C 313 -4.87 -16.57 48.82
N MET C 314 -4.52 -16.71 47.55
CA MET C 314 -4.44 -15.54 46.67
C MET C 314 -5.77 -14.83 46.55
N ARG C 315 -6.88 -15.50 46.83
CA ARG C 315 -8.20 -14.90 46.77
C ARG C 315 -8.63 -14.25 48.07
N GLU C 316 -7.89 -14.45 49.16
CA GLU C 316 -8.24 -13.92 50.47
C GLU C 316 -7.42 -12.68 50.84
N LEU C 317 -6.67 -12.12 49.90
CA LEU C 317 -5.82 -10.96 50.17
C LEU C 317 -6.64 -9.69 49.96
N ASN C 318 -7.02 -9.06 51.05
CA ASN C 318 -7.76 -7.81 51.05
C ASN C 318 -6.83 -6.63 51.30
N PRO C 319 -7.31 -5.40 51.13
CA PRO C 319 -6.46 -4.24 51.40
C PRO C 319 -5.95 -4.18 52.83
N ASN C 320 -6.64 -4.82 53.78
CA ASN C 320 -6.20 -4.79 55.17
C ASN C 320 -4.83 -5.45 55.35
N ASP C 321 -4.42 -6.30 54.42
CA ASP C 321 -3.17 -7.04 54.53
C ASP C 321 -1.99 -6.30 53.91
N ILE C 322 -2.20 -5.08 53.43
CA ILE C 322 -1.13 -4.32 52.78
C ILE C 322 -0.03 -4.01 53.79
N ASP C 323 1.21 -4.06 53.33
CA ASP C 323 2.38 -3.76 54.17
C ASP C 323 2.42 -4.64 55.41
N LYS C 324 2.09 -5.92 55.24
CA LYS C 324 2.13 -6.89 56.33
C LYS C 324 2.74 -8.19 55.83
N LEU C 325 3.31 -9.00 56.72
CA LEU C 325 4.03 -10.24 56.34
C LEU C 325 3.04 -11.36 56.14
N ILE C 326 3.08 -12.04 55.00
CA ILE C 326 2.13 -13.10 54.61
C ILE C 326 2.90 -14.34 54.17
N ASN C 327 2.27 -15.50 54.15
CA ASN C 327 2.84 -16.76 53.63
C ASN C 327 1.92 -17.17 52.48
N LEU C 328 2.42 -17.62 51.35
CA LEU C 328 1.61 -18.01 50.17
C LEU C 328 2.24 -19.23 49.51
N LYS C 329 1.51 -20.31 49.28
CA LYS C 329 1.98 -21.51 48.56
C LYS C 329 1.39 -21.51 47.16
N GLY C 330 2.14 -21.92 46.16
CA GLY C 330 1.74 -21.92 44.77
C GLY C 330 2.78 -22.59 43.90
N LEU C 331 2.53 -22.52 42.58
CA LEU C 331 3.38 -23.14 41.57
C LEU C 331 4.00 -22.04 40.72
N VAL C 332 5.31 -22.14 40.50
CA VAL C 332 6.01 -21.14 39.69
C VAL C 332 5.66 -21.37 38.22
N LEU C 333 5.35 -20.26 37.52
CA LEU C 333 4.93 -20.31 36.13
C LEU C 333 5.94 -19.68 35.16
N ARG C 334 6.69 -18.69 35.61
CA ARG C 334 7.69 -18.04 34.76
C ARG C 334 8.53 -17.13 35.64
N SER C 335 9.76 -16.86 35.17
CA SER C 335 10.68 -15.99 35.87
C SER C 335 11.46 -15.18 34.86
N THR C 336 11.40 -13.86 34.99
CA THR C 336 12.09 -12.98 34.05
C THR C 336 13.60 -13.05 34.28
N PRO C 337 14.39 -12.67 33.28
CA PRO C 337 15.85 -12.64 33.48
C PRO C 337 16.24 -11.66 34.56
N VAL C 338 17.53 -11.70 34.94
CA VAL C 338 18.02 -10.83 36.00
C VAL C 338 17.92 -9.38 35.55
N ILE C 339 17.35 -8.54 36.39
CA ILE C 339 17.20 -7.11 36.14
C ILE C 339 18.15 -6.37 37.05
N PRO C 340 19.01 -5.48 36.55
CA PRO C 340 19.90 -4.72 37.43
C PRO C 340 19.14 -3.60 38.13
N ASP C 341 19.24 -3.57 39.46
CA ASP C 341 18.60 -2.55 40.28
C ASP C 341 19.66 -1.65 40.90
N MET C 342 19.48 -0.35 40.74
CA MET C 342 20.50 0.61 41.16
C MET C 342 20.52 0.76 42.68
N LYS C 343 21.73 0.86 43.23
CA LYS C 343 21.92 1.10 44.66
C LYS C 343 22.65 2.40 44.95
N VAL C 344 23.79 2.64 44.32
CA VAL C 344 24.59 3.84 44.53
C VAL C 344 24.88 4.46 43.18
N ALA C 345 24.70 5.78 43.09
CA ALA C 345 24.92 6.52 41.85
C ALA C 345 26.29 7.18 41.87
N PHE C 346 26.99 7.10 40.75
CA PHE C 346 28.35 7.61 40.61
C PHE C 346 28.33 8.81 39.66
N PHE C 347 28.78 9.95 40.15
CA PHE C 347 28.78 11.19 39.39
C PHE C 347 30.20 11.70 39.17
N LYS C 348 30.39 12.39 38.06
CA LYS C 348 31.69 12.94 37.69
C LYS C 348 31.54 14.39 37.27
N CYS C 349 32.40 15.26 37.68
CA CYS C 349 32.51 16.63 37.33
C CYS C 349 33.13 16.79 35.96
N ASN C 350 32.58 17.56 35.08
CA ASN C 350 33.00 17.83 33.76
C ASN C 350 34.10 18.84 33.64
N VAL C 351 34.48 19.51 34.68
CA VAL C 351 35.40 20.57 34.78
C VAL C 351 36.67 20.28 35.55
N CYS C 352 36.59 19.41 36.55
CA CYS C 352 37.74 19.12 37.39
C CYS C 352 38.01 17.62 37.55
N ASP C 353 37.23 16.75 36.89
CA ASP C 353 37.44 15.31 36.95
C ASP C 353 37.34 14.79 38.38
N HIS C 354 36.53 15.33 39.21
CA HIS C 354 36.21 14.98 40.54
C HIS C 354 35.02 14.06 40.60
N THR C 355 35.10 12.97 41.37
CA THR C 355 34.03 11.99 41.45
C THR C 355 33.46 11.94 42.86
N MET C 356 32.21 11.68 43.01
CA MET C 356 31.45 11.53 44.19
C MET C 356 30.32 10.56 44.05
N ALA C 357 30.05 9.76 45.08
CA ALA C 357 28.96 8.79 45.07
C ALA C 357 27.84 9.28 45.97
N VAL C 358 26.62 9.26 45.45
CA VAL C 358 25.44 9.71 46.19
C VAL C 358 24.48 8.52 46.29
N GLU C 359 23.98 8.28 47.49
CA GLU C 359 23.07 7.16 47.70
C GLU C 359 21.72 7.43 47.06
N ILE C 360 20.94 6.38 46.91
CA ILE C 360 19.61 6.43 46.30
C ILE C 360 18.58 6.08 47.34
N ASP C 361 17.54 6.90 47.46
CA ASP C 361 16.44 6.66 48.40
C ASP C 361 15.14 6.64 47.62
N ARG C 362 14.36 5.59 47.74
CA ARG C 362 13.08 5.39 47.03
C ARG C 362 13.29 5.56 45.55
N GLY C 363 14.39 5.18 45.01
CA GLY C 363 14.69 5.26 43.67
C GLY C 363 14.91 6.56 43.04
N VAL C 364 15.18 7.57 43.81
CA VAL C 364 15.42 8.93 43.50
C VAL C 364 16.88 9.24 43.62
N ILE C 365 17.55 9.61 42.53
CA ILE C 365 18.96 9.94 42.57
C ILE C 365 19.11 11.38 43.05
N GLN C 366 19.87 11.61 44.08
CA GLN C 366 20.14 12.87 44.70
C GLN C 366 21.35 13.55 44.10
N GLU C 367 21.31 13.88 42.85
CA GLU C 367 22.34 14.50 42.11
C GLU C 367 22.73 15.81 42.73
N PRO C 368 24.01 16.11 42.95
CA PRO C 368 24.39 17.40 43.48
C PRO C 368 24.01 18.55 42.60
N ALA C 369 23.67 19.68 43.12
CA ALA C 369 23.42 20.90 42.45
C ALA C 369 24.68 21.49 41.85
N ARG C 370 25.80 21.31 42.52
CA ARG C 370 27.10 21.83 42.11
C ARG C 370 28.19 20.98 42.73
N CYS C 371 29.37 21.06 42.17
CA CYS C 371 30.57 20.44 42.60
C CYS C 371 30.80 20.68 44.06
N GLU C 372 31.14 19.71 44.85
CA GLU C 372 31.42 19.76 46.23
C GLU C 372 32.77 20.33 46.59
N ARG C 373 33.66 20.49 45.68
CA ARG C 373 34.94 21.06 45.82
C ARG C 373 34.86 22.55 46.01
N ILE C 374 35.49 23.14 46.96
CA ILE C 374 35.57 24.53 47.22
C ILE C 374 36.19 25.26 46.06
N ASP C 375 37.34 24.76 45.63
CA ASP C 375 38.07 25.41 44.54
C ASP C 375 37.27 25.39 43.25
N CYS C 376 36.65 24.32 42.87
CA CYS C 376 35.80 24.08 41.78
C CYS C 376 34.36 24.05 42.22
N ASN C 377 33.63 25.11 42.15
CA ASN C 377 32.26 25.31 42.45
C ASN C 377 31.35 25.41 41.25
N GLU C 378 31.72 24.91 40.12
CA GLU C 378 31.03 24.93 38.90
C GLU C 378 29.64 24.38 39.08
N PRO C 379 28.55 25.15 38.86
CA PRO C 379 27.21 24.62 39.02
C PRO C 379 26.78 23.84 37.77
N ASN C 380 25.95 22.82 37.97
CA ASN C 380 25.22 22.14 36.97
C ASN C 380 26.11 21.49 35.93
N SER C 381 27.14 20.82 36.32
CA SER C 381 28.15 20.20 35.53
C SER C 381 28.50 18.79 35.90
N MET C 382 27.64 18.03 36.51
CA MET C 382 27.75 16.71 36.99
C MET C 382 27.17 15.71 36.02
N SER C 383 27.91 14.66 35.68
CA SER C 383 27.47 13.64 34.74
C SER C 383 27.43 12.28 35.41
N LEU C 384 26.39 11.50 35.10
CA LEU C 384 26.22 10.19 35.69
C LEU C 384 26.91 9.15 34.82
N ILE C 385 27.85 8.42 35.41
CA ILE C 385 28.57 7.34 34.72
C ILE C 385 27.83 6.05 35.02
N HIS C 386 27.10 5.53 34.02
CA HIS C 386 26.22 4.40 34.27
C HIS C 386 26.99 3.15 34.68
N ASN C 387 28.11 2.87 34.02
CA ASN C 387 28.81 1.61 34.22
C ASN C 387 29.66 1.58 35.47
N ARG C 388 29.86 2.72 36.15
CA ARG C 388 30.65 2.78 37.37
C ARG C 388 29.78 2.80 38.62
N CYS C 389 28.48 2.58 38.48
CA CYS C 389 27.56 2.59 39.61
C CYS C 389 27.38 1.19 40.18
N SER C 390 26.79 1.12 41.37
CA SER C 390 26.55 -0.14 42.06
C SER C 390 25.11 -0.58 41.80
N PHE C 391 24.94 -1.85 41.44
CA PHE C 391 23.65 -2.41 41.09
C PHE C 391 23.34 -3.61 41.97
N ALA C 392 22.08 -4.03 41.93
CA ALA C 392 21.60 -5.20 42.64
C ALA C 392 20.81 -6.08 41.69
N ASP C 393 20.52 -7.30 42.13
CA ASP C 393 19.81 -8.28 41.32
C ASP C 393 18.33 -8.26 41.67
N LYS C 394 17.49 -8.18 40.65
CA LYS C 394 16.04 -8.23 40.81
C LYS C 394 15.45 -9.19 39.78
N GLN C 395 14.34 -9.82 40.15
CA GLN C 395 13.68 -10.78 39.29
C GLN C 395 12.20 -10.84 39.66
N VAL C 396 11.34 -10.94 38.64
CA VAL C 396 9.90 -10.99 38.82
C VAL C 396 9.43 -12.40 38.48
N ILE C 397 8.63 -12.98 39.36
CA ILE C 397 8.15 -14.35 39.22
C ILE C 397 6.64 -14.37 39.33
N LYS C 398 5.99 -15.14 38.47
CA LYS C 398 4.54 -15.31 38.49
C LYS C 398 4.20 -16.60 39.23
N LEU C 399 3.25 -16.50 40.17
CA LEU C 399 2.86 -17.62 41.01
C LEU C 399 1.38 -17.90 40.85
N GLN C 400 1.03 -19.18 40.76
CA GLN C 400 -0.35 -19.63 40.66
C GLN C 400 -0.74 -20.43 41.90
N GLU C 401 -1.97 -20.24 42.34
CA GLU C 401 -2.45 -20.95 43.53
C GLU C 401 -2.45 -22.45 43.29
N THR C 402 -2.29 -23.20 44.37
CA THR C 402 -2.27 -24.65 44.27
C THR C 402 -3.64 -25.18 43.82
N PRO C 403 -3.68 -26.37 43.22
CA PRO C 403 -4.97 -26.88 42.73
C PRO C 403 -6.03 -26.99 43.81
N ASP C 404 -5.65 -27.34 45.04
CA ASP C 404 -6.63 -27.49 46.11
C ASP C 404 -7.29 -26.18 46.49
N PHE C 405 -6.66 -25.04 46.19
CA PHE C 405 -7.21 -23.75 46.56
C PHE C 405 -8.37 -23.32 45.68
N VAL C 406 -8.53 -23.93 44.50
CA VAL C 406 -9.61 -23.56 43.59
C VAL C 406 -10.92 -24.07 44.17
N PRO C 407 -11.91 -23.21 44.43
CA PRO C 407 -13.13 -23.70 45.09
C PRO C 407 -14.03 -24.52 44.18
N ASP C 408 -14.23 -24.07 42.95
CA ASP C 408 -15.16 -24.73 42.03
C ASP C 408 -14.50 -25.34 40.81
N GLY C 409 -13.41 -24.75 40.32
CA GLY C 409 -12.73 -25.26 39.14
C GLY C 409 -12.50 -24.21 38.08
N GLN C 410 -12.66 -22.94 38.45
CA GLN C 410 -12.42 -21.85 37.52
C GLN C 410 -10.92 -21.69 37.29
N THR C 411 -10.56 -20.73 36.45
CA THR C 411 -9.16 -20.48 36.17
C THR C 411 -8.44 -20.04 37.44
N PRO C 412 -7.39 -20.73 37.88
CA PRO C 412 -6.69 -20.29 39.10
C PRO C 412 -6.12 -18.89 38.95
N HIS C 413 -6.16 -18.13 40.04
CA HIS C 413 -5.60 -16.79 40.05
C HIS C 413 -4.09 -16.85 40.20
N SER C 414 -3.44 -15.71 39.96
CA SER C 414 -1.99 -15.63 40.02
C SER C 414 -1.58 -14.34 40.72
N ILE C 415 -0.37 -14.37 41.30
CA ILE C 415 0.21 -13.23 42.00
C ILE C 415 1.65 -13.07 41.52
N SER C 416 2.13 -11.83 41.56
CA SER C 416 3.48 -11.51 41.12
C SER C 416 4.41 -11.41 42.33
N LEU C 417 5.60 -11.99 42.20
CA LEU C 417 6.60 -12.00 43.26
C LEU C 417 7.85 -11.28 42.78
N CYS C 418 8.57 -10.68 43.73
CA CYS C 418 9.85 -10.02 43.48
C CYS C 418 10.89 -10.58 44.42
N VAL C 419 12.03 -10.97 43.88
CA VAL C 419 13.13 -11.55 44.66
C VAL C 419 14.40 -10.77 44.35
N TYR C 420 15.19 -10.50 45.39
CA TYR C 420 16.39 -9.70 45.26
C TYR C 420 17.59 -10.46 45.81
N ASP C 421 18.74 -10.26 45.17
CA ASP C 421 20.02 -10.77 45.66
C ASP C 421 20.06 -12.30 45.64
N GLU C 422 20.34 -12.93 46.79
CA GLU C 422 20.56 -14.37 46.79
C GLU C 422 19.32 -15.13 46.34
N LEU C 423 18.13 -14.62 46.66
CA LEU C 423 16.90 -15.32 46.30
C LEU C 423 16.69 -15.41 44.80
N VAL C 424 17.43 -14.63 44.00
CA VAL C 424 17.31 -14.71 42.56
C VAL C 424 17.75 -16.08 42.08
N ASP C 425 17.03 -16.62 41.09
CA ASP C 425 17.32 -17.94 40.54
C ASP C 425 17.23 -19.03 41.61
N SER C 426 16.39 -18.81 42.62
CA SER C 426 16.18 -19.78 43.69
C SER C 426 15.00 -20.70 43.43
N CYS C 427 14.33 -20.56 42.29
CA CYS C 427 13.18 -21.40 41.97
C CYS C 427 12.90 -21.31 40.48
N ARG C 428 12.82 -22.46 39.82
CA ARG C 428 12.59 -22.52 38.39
C ARG C 428 11.10 -22.68 38.10
N ALA C 429 10.76 -22.60 36.81
CA ALA C 429 9.37 -22.74 36.40
C ALA C 429 8.86 -24.15 36.70
N GLY C 430 7.60 -24.24 37.08
CA GLY C 430 6.98 -25.53 37.36
C GLY C 430 7.27 -26.09 38.73
N ASP C 431 7.96 -25.35 39.59
CA ASP C 431 8.31 -25.81 40.93
C ASP C 431 7.31 -25.26 41.94
N ARG C 432 6.81 -26.13 42.80
CA ARG C 432 5.94 -25.70 43.88
C ARG C 432 6.77 -25.16 45.04
N ILE C 433 6.48 -23.94 45.46
CA ILE C 433 7.27 -23.25 46.48
C ILE C 433 6.35 -22.59 47.49
N GLU C 434 6.91 -22.29 48.65
CA GLU C 434 6.28 -21.48 49.68
C GLU C 434 7.11 -20.23 49.91
N VAL C 435 6.48 -19.07 49.84
CA VAL C 435 7.18 -17.80 49.85
C VAL C 435 6.67 -16.96 51.02
N THR C 436 7.60 -16.37 51.76
CA THR C 436 7.29 -15.41 52.81
C THR C 436 7.73 -14.03 52.35
N GLY C 437 6.84 -13.05 52.48
CA GLY C 437 7.16 -11.72 52.02
C GLY C 437 6.17 -10.70 52.53
N THR C 438 6.32 -9.47 52.03
CA THR C 438 5.48 -8.35 52.41
C THR C 438 4.50 -8.04 51.28
N PHE C 439 3.22 -7.93 51.63
CA PHE C 439 2.19 -7.58 50.67
C PHE C 439 2.24 -6.09 50.43
N ARG C 440 2.59 -5.68 49.21
CA ARG C 440 2.83 -4.29 48.88
C ARG C 440 1.95 -3.85 47.73
N SER C 441 1.68 -2.54 47.68
CA SER C 441 0.94 -1.91 46.60
C SER C 441 1.75 -0.75 46.05
N ILE C 442 1.78 -0.63 44.73
CA ILE C 442 2.55 0.41 44.06
C ILE C 442 1.67 1.12 43.04
N PRO C 443 1.64 2.46 43.01
CA PRO C 443 0.92 3.17 41.98
C PRO C 443 1.44 2.90 40.59
N ILE C 444 0.64 2.95 39.58
CA ILE C 444 0.89 2.80 38.19
C ILE C 444 0.64 4.08 37.46
N ARG C 445 1.57 4.65 36.77
CA ARG C 445 1.48 5.82 35.99
C ARG C 445 0.53 5.65 34.84
N ALA C 446 -0.33 6.58 34.55
CA ALA C 446 -1.23 6.60 33.47
C ALA C 446 -0.50 6.53 32.15
N ASN C 447 0.46 7.42 31.98
CA ASN C 447 1.31 7.48 30.80
C ASN C 447 2.72 7.91 31.20
N SER C 448 3.66 7.75 30.30
CA SER C 448 5.05 7.92 30.44
C SER C 448 5.52 9.35 30.49
N ARG C 449 4.67 10.32 30.10
CA ARG C 449 4.99 11.77 30.03
C ARG C 449 4.86 12.52 31.35
N GLN C 450 4.02 12.03 32.27
CA GLN C 450 3.46 12.81 33.38
C GLN C 450 3.54 12.07 34.72
N ARG C 451 3.43 12.81 35.82
CA ARG C 451 3.32 12.28 37.19
C ARG C 451 1.94 11.69 37.52
N VAL C 452 0.95 11.79 36.62
CA VAL C 452 -0.42 11.30 36.83
C VAL C 452 -0.45 9.79 37.08
N LEU C 453 -1.22 9.34 38.07
CA LEU C 453 -1.36 8.03 38.58
C LEU C 453 -2.75 7.48 38.45
N LYS C 454 -2.93 6.22 38.26
CA LYS C 454 -4.14 5.50 38.26
C LYS C 454 -4.68 5.29 39.66
N SER C 455 -5.95 5.37 39.88
CA SER C 455 -6.60 5.12 41.12
C SER C 455 -6.32 3.74 41.64
N LEU C 456 -6.48 2.77 40.75
CA LEU C 456 -6.28 1.36 41.12
C LEU C 456 -4.80 1.08 41.33
N TYR C 457 -4.48 0.37 42.41
CA TYR C 457 -3.12 0.00 42.75
C TYR C 457 -2.88 -1.46 42.39
N LYS C 458 -1.63 -1.78 42.07
CA LYS C 458 -1.21 -3.13 41.76
C LYS C 458 -0.55 -3.76 42.98
N THR C 459 -0.92 -5.00 43.27
CA THR C 459 -0.42 -5.73 44.43
C THR C 459 0.66 -6.71 44.00
N TYR C 460 1.64 -6.90 44.89
CA TYR C 460 2.71 -7.87 44.68
C TYR C 460 3.30 -8.22 46.04
N VAL C 461 4.22 -9.18 46.04
CA VAL C 461 4.82 -9.69 47.26
C VAL C 461 6.32 -9.46 47.20
N ASP C 462 6.87 -8.83 48.23
CA ASP C 462 8.31 -8.65 48.38
C ASP C 462 8.84 -9.85 49.17
N VAL C 463 9.35 -10.85 48.45
CA VAL C 463 9.74 -12.10 49.09
C VAL C 463 10.99 -11.91 49.93
N VAL C 464 10.99 -12.51 51.11
CA VAL C 464 12.17 -12.52 51.96
C VAL C 464 12.71 -13.92 52.23
N HIS C 465 11.94 -14.96 51.94
CA HIS C 465 12.40 -16.34 52.13
C HIS C 465 11.63 -17.24 51.19
N VAL C 466 12.32 -18.20 50.59
CA VAL C 466 11.74 -19.11 49.62
C VAL C 466 12.04 -20.55 50.05
N LYS C 467 11.01 -21.39 50.00
CA LYS C 467 11.13 -22.81 50.35
C LYS C 467 10.49 -23.65 49.25
N LYS C 468 11.14 -24.76 48.92
CA LYS C 468 10.64 -25.67 47.91
C LYS C 468 10.07 -26.92 48.57
N VAL C 469 8.84 -27.27 48.18
CA VAL C 469 8.17 -28.43 48.76
C VAL C 469 7.86 -29.45 47.68
N ILE C 501 26.93 -38.57 46.58
CA ILE C 501 27.40 -39.89 46.96
C ILE C 501 28.41 -39.76 48.09
N THR C 502 28.25 -40.58 49.11
CA THR C 502 29.11 -40.56 50.30
C THR C 502 29.85 -41.88 50.41
N ASP C 503 30.74 -41.96 51.41
CA ASP C 503 31.50 -43.19 51.63
C ASP C 503 30.56 -44.34 52.00
N GLN C 504 29.56 -44.06 52.83
CA GLN C 504 28.60 -45.11 53.18
C GLN C 504 27.83 -45.58 51.94
N ASP C 505 27.48 -44.65 51.06
CA ASP C 505 26.80 -45.03 49.83
C ASP C 505 27.67 -45.95 48.98
N LEU C 506 28.96 -45.62 48.86
CA LEU C 506 29.87 -46.47 48.09
C LEU C 506 30.00 -47.84 48.74
N ALA C 507 30.09 -47.88 50.07
CA ALA C 507 30.17 -49.17 50.77
C ALA C 507 28.93 -50.01 50.49
N LYS C 508 27.75 -49.39 50.54
CA LYS C 508 26.53 -50.12 50.25
C LYS C 508 26.52 -50.62 48.81
N ILE C 509 26.98 -49.79 47.87
CA ILE C 509 27.02 -50.19 46.46
C ILE C 509 27.93 -51.40 46.29
N ARG C 510 29.10 -51.36 46.91
CA ARG C 510 30.04 -52.48 46.80
C ARG C 510 29.47 -53.74 47.44
N GLU C 511 28.80 -53.60 48.59
CA GLU C 511 28.17 -54.75 49.22
C GLU C 511 27.11 -55.36 48.31
N VAL C 512 26.29 -54.51 47.68
CA VAL C 512 25.26 -55.02 46.77
C VAL C 512 25.91 -55.72 45.59
N ALA C 513 26.98 -55.14 45.03
CA ALA C 513 27.66 -55.75 43.90
C ALA C 513 28.22 -57.12 44.29
N ALA C 514 28.78 -57.23 45.50
CA ALA C 514 29.34 -58.50 45.93
C ALA C 514 28.29 -59.60 46.03
N ARG C 515 27.01 -59.25 46.08
CA ARG C 515 25.96 -60.25 46.20
C ARG C 515 25.96 -61.16 44.98
N GLU C 516 25.76 -62.46 45.22
CA GLU C 516 25.81 -63.43 44.13
C GLU C 516 24.65 -63.22 43.16
N ASP C 517 23.42 -63.11 43.68
CA ASP C 517 22.24 -62.96 42.84
C ASP C 517 21.94 -61.49 42.56
N LEU C 518 22.94 -60.77 42.06
CA LEU C 518 22.74 -59.35 41.76
C LEU C 518 21.91 -59.16 40.52
N TYR C 519 22.13 -59.99 39.49
CA TYR C 519 21.39 -59.84 38.24
C TYR C 519 19.89 -60.02 38.47
N SER C 520 19.50 -61.11 39.13
CA SER C 520 18.09 -61.34 39.40
C SER C 520 17.50 -60.26 40.29
N LEU C 521 18.28 -59.81 41.28
CA LEU C 521 17.80 -58.76 42.18
C LEU C 521 17.49 -57.48 41.41
N LEU C 522 18.42 -57.06 40.54
CA LEU C 522 18.18 -55.86 39.75
C LEU C 522 17.00 -56.04 38.80
N ALA C 523 16.89 -57.21 38.17
CA ALA C 523 15.78 -57.45 37.26
C ALA C 523 14.44 -57.36 37.99
N ARG C 524 14.37 -57.96 39.18
CA ARG C 524 13.13 -57.87 39.97
C ARG C 524 12.85 -56.44 40.39
N SER C 525 13.88 -55.72 40.83
CA SER C 525 13.68 -54.37 41.33
C SER C 525 13.24 -53.42 40.24
N ILE C 526 13.65 -53.66 39.00
CA ILE C 526 13.29 -52.76 37.91
C ILE C 526 11.77 -52.69 37.76
N ALA C 527 11.11 -53.85 37.69
CA ALA C 527 9.67 -53.92 37.42
C ALA C 527 8.99 -54.86 38.41
N PRO C 528 8.82 -54.42 39.66
CA PRO C 528 8.13 -55.28 40.64
C PRO C 528 6.71 -55.65 40.23
N SER C 529 5.98 -54.75 39.56
CA SER C 529 4.57 -54.96 39.29
C SER C 529 4.30 -55.70 37.99
N ILE C 530 5.33 -56.00 37.20
CA ILE C 530 5.18 -56.72 35.94
C ILE C 530 5.50 -58.18 36.20
N TYR C 531 4.64 -59.07 35.70
CA TYR C 531 4.70 -60.49 36.01
C TYR C 531 5.21 -61.27 34.81
N GLU C 532 6.27 -62.05 35.03
CA GLU C 532 6.76 -63.05 34.07
C GLU C 532 7.17 -62.39 32.74
N LEU C 533 8.14 -61.49 32.83
CA LEU C 533 8.82 -60.93 31.67
C LEU C 533 10.31 -60.82 31.96
N GLU C 534 10.88 -61.87 32.57
CA GLU C 534 12.26 -61.82 33.03
C GLU C 534 13.21 -61.37 31.93
N ASP C 535 13.06 -61.93 30.72
CA ASP C 535 13.99 -61.61 29.64
C ASP C 535 13.91 -60.13 29.27
N VAL C 536 12.70 -59.59 29.17
CA VAL C 536 12.54 -58.19 28.84
C VAL C 536 13.16 -57.31 29.92
N LYS C 537 12.95 -57.66 31.18
CA LYS C 537 13.53 -56.88 32.27
C LYS C 537 15.06 -56.93 32.23
N LYS C 538 15.63 -58.10 31.92
CA LYS C 538 17.08 -58.21 31.82
C LYS C 538 17.61 -57.34 30.69
N GLY C 539 16.94 -57.37 29.53
CA GLY C 539 17.35 -56.52 28.43
C GLY C 539 17.26 -55.05 28.79
N ILE C 540 16.19 -54.66 29.50
CA ILE C 540 16.04 -53.27 29.91
C ILE C 540 17.16 -52.88 30.87
N LEU C 541 17.51 -53.76 31.80
CA LEU C 541 18.60 -53.47 32.73
C LEU C 541 19.91 -53.25 31.98
N LEU C 542 20.20 -54.15 31.03
CA LEU C 542 21.44 -54.02 30.28
C LEU C 542 21.46 -52.75 29.46
N GLN C 543 20.31 -52.36 28.89
CA GLN C 543 20.23 -51.10 28.18
C GLN C 543 20.48 -49.93 29.13
N LEU C 544 19.89 -49.97 30.32
CA LEU C 544 20.06 -48.88 31.27
C LEU C 544 21.53 -48.70 31.62
N PHE C 545 22.21 -49.79 31.94
CA PHE C 545 23.63 -49.67 32.26
C PHE C 545 24.43 -49.23 31.05
N GLY C 546 24.11 -49.77 29.87
CA GLY C 546 24.71 -49.31 28.64
C GLY C 546 26.12 -49.85 28.44
N GLY C 547 26.61 -49.69 27.21
CA GLY C 547 27.95 -50.13 26.85
C GLY C 547 28.98 -49.05 27.05
N THR C 548 30.20 -49.35 26.62
CA THR C 548 31.32 -48.42 26.73
C THR C 548 31.39 -47.55 25.48
N ASN C 549 31.46 -46.24 25.68
CA ASN C 549 31.61 -45.30 24.57
C ASN C 549 33.08 -45.23 24.17
N LYS C 550 33.36 -45.46 22.89
CA LYS C 550 34.76 -45.51 22.39
C LYS C 550 34.98 -44.24 21.60
N THR C 551 36.05 -43.52 21.88
CA THR C 551 36.43 -42.28 21.16
C THR C 551 37.70 -42.64 20.41
N PHE C 552 37.58 -43.02 19.16
CA PHE C 552 38.72 -43.57 18.39
C PHE C 552 39.48 -42.54 17.58
N THR C 553 40.81 -42.63 17.57
CA THR C 553 41.63 -41.79 16.68
C THR C 553 41.86 -42.69 15.48
N LYS C 554 41.66 -42.21 14.25
CA LYS C 554 41.82 -42.99 12.99
C LYS C 554 40.54 -43.75 12.64
N GLY C 555 39.68 -44.07 13.61
CA GLY C 555 38.48 -44.90 13.37
C GLY C 555 37.21 -44.11 13.34
N GLY C 556 37.04 -43.18 14.28
CA GLY C 556 35.84 -42.34 14.35
C GLY C 556 35.17 -42.55 15.67
N ARG C 557 33.86 -42.77 15.65
CA ARG C 557 33.08 -42.91 16.88
C ARG C 557 32.28 -44.19 16.82
N TYR C 558 32.43 -45.02 17.83
CA TYR C 558 31.57 -46.19 17.95
C TYR C 558 30.64 -46.02 19.13
N ARG C 559 29.34 -46.18 18.88
CA ARG C 559 28.35 -45.95 19.91
C ARG C 559 28.25 -47.15 20.85
N GLY C 560 28.12 -46.86 22.14
CA GLY C 560 27.91 -47.87 23.16
C GLY C 560 26.50 -48.00 23.66
N ASP C 561 25.54 -47.34 23.02
CA ASP C 561 24.14 -47.40 23.44
C ASP C 561 23.50 -48.70 22.99
N ILE C 562 22.38 -49.03 23.63
CA ILE C 562 21.60 -50.21 23.30
C ILE C 562 20.16 -49.79 23.05
N ASN C 563 19.60 -50.24 21.94
CA ASN C 563 18.23 -49.91 21.55
C ASN C 563 17.38 -51.17 21.62
N ILE C 564 16.19 -51.05 22.20
CA ILE C 564 15.28 -52.17 22.38
C ILE C 564 13.90 -51.76 21.89
N LEU C 565 13.25 -52.64 21.14
CA LEU C 565 11.91 -52.41 20.62
C LEU C 565 10.94 -53.36 21.31
N LEU C 566 9.87 -52.79 21.86
CA LEU C 566 8.86 -53.55 22.60
C LEU C 566 7.59 -53.61 21.75
N CYS C 567 7.45 -54.69 20.99
CA CYS C 567 6.31 -54.88 20.10
C CYS C 567 5.57 -56.15 20.50
N GLY C 568 4.27 -56.16 20.22
CA GLY C 568 3.44 -57.31 20.53
C GLY C 568 1.99 -56.89 20.69
N ASP C 569 1.23 -57.77 21.32
CA ASP C 569 -0.21 -57.53 21.47
C ASP C 569 -0.45 -56.33 22.39
N PRO C 570 -1.57 -55.63 22.21
CA PRO C 570 -1.85 -54.46 23.06
C PRO C 570 -2.25 -54.82 24.47
N SER C 571 -2.76 -56.03 24.71
CA SER C 571 -3.22 -56.40 26.04
C SER C 571 -2.07 -56.40 27.05
N THR C 572 -0.90 -56.90 26.63
CA THR C 572 0.22 -57.03 27.54
C THR C 572 0.72 -55.65 27.98
N SER C 573 1.44 -55.64 29.10
CA SER C 573 1.93 -54.41 29.69
C SER C 573 3.20 -53.98 28.97
N LYS C 574 3.13 -52.86 28.25
CA LYS C 574 4.28 -52.31 27.55
C LYS C 574 4.53 -50.85 27.90
N SER C 575 3.48 -50.06 28.12
CA SER C 575 3.67 -48.66 28.50
C SER C 575 4.13 -48.54 29.95
N GLN C 576 3.66 -49.43 30.83
CA GLN C 576 4.11 -49.40 32.21
C GLN C 576 5.60 -49.63 32.31
N ILE C 577 6.14 -50.49 31.44
CA ILE C 577 7.58 -50.72 31.42
C ILE C 577 8.32 -49.45 31.05
N LEU C 578 7.80 -48.71 30.07
CA LEU C 578 8.43 -47.44 29.69
C LEU C 578 8.36 -46.43 30.82
N GLN C 579 7.23 -46.38 31.53
CA GLN C 579 7.12 -45.47 32.66
C GLN C 579 8.12 -45.83 33.75
N TYR C 580 8.28 -47.13 34.02
CA TYR C 580 9.27 -47.57 34.99
C TYR C 580 10.68 -47.19 34.56
N VAL C 581 11.00 -47.39 33.28
CA VAL C 581 12.32 -47.04 32.78
C VAL C 581 12.58 -45.55 32.96
N HIS C 582 11.57 -44.72 32.66
CA HIS C 582 11.71 -43.29 32.91
C HIS C 582 11.96 -43.01 34.38
N LYS C 583 11.19 -43.66 35.26
CA LYS C 583 11.35 -43.44 36.68
C LYS C 583 12.75 -43.83 37.15
N ILE C 584 13.38 -44.78 36.46
CA ILE C 584 14.69 -45.28 36.89
C ILE C 584 15.82 -44.50 36.22
N THR C 585 15.72 -44.23 34.93
CA THR C 585 16.84 -43.63 34.21
C THR C 585 17.12 -42.23 34.76
N PRO C 586 18.39 -41.91 35.05
CA PRO C 586 18.69 -40.54 35.51
C PRO C 586 18.33 -39.47 34.51
N ARG C 587 18.45 -39.75 33.21
CA ARG C 587 18.14 -38.81 32.15
C ARG C 587 17.24 -39.47 31.13
N GLY C 588 16.22 -38.75 30.68
CA GLY C 588 15.32 -39.29 29.68
C GLY C 588 14.08 -38.43 29.57
N VAL C 589 13.32 -38.69 28.51
CA VAL C 589 12.09 -37.97 28.23
C VAL C 589 11.06 -38.97 27.71
N TYR C 590 9.79 -38.68 27.99
CA TYR C 590 8.67 -39.50 27.54
C TYR C 590 8.03 -38.84 26.32
N THR C 591 7.84 -39.61 25.26
CA THR C 591 7.29 -39.07 24.03
C THR C 591 6.46 -40.14 23.34
N SER C 592 5.47 -39.69 22.57
CA SER C 592 4.67 -40.56 21.72
C SER C 592 4.67 -39.99 20.31
N GLY C 593 4.96 -40.85 19.33
CA GLY C 593 5.01 -40.37 17.95
C GLY C 593 3.70 -39.72 17.54
N LYS C 594 3.81 -38.62 16.80
CA LYS C 594 2.64 -37.86 16.36
C LYS C 594 1.85 -37.33 17.56
N GLY C 595 2.57 -36.86 18.56
CA GLY C 595 1.95 -36.33 19.76
C GLY C 595 2.17 -34.84 19.95
N SER C 596 1.08 -34.08 19.97
CA SER C 596 1.19 -32.63 20.15
C SER C 596 1.60 -32.26 21.56
N SER C 597 1.18 -33.05 22.56
CA SER C 597 1.51 -32.72 23.94
C SER C 597 3.01 -32.74 24.19
N ALA C 598 3.71 -33.71 23.61
CA ALA C 598 5.15 -33.81 23.81
C ALA C 598 5.86 -32.63 23.16
N VAL C 599 7.04 -32.30 23.69
CA VAL C 599 7.81 -31.19 23.17
C VAL C 599 8.20 -31.44 21.72
N GLY C 600 8.60 -32.67 21.40
CA GLY C 600 9.00 -33.02 20.05
C GLY C 600 10.25 -33.87 20.02
N LEU C 601 10.46 -34.59 18.92
CA LEU C 601 11.62 -35.47 18.80
C LEU C 601 12.80 -34.82 18.10
N THR C 602 12.59 -33.68 17.42
CA THR C 602 13.65 -33.03 16.66
C THR C 602 13.75 -31.58 17.06
N ALA C 603 14.96 -31.03 16.94
CA ALA C 603 15.17 -29.62 17.23
C ALA C 603 14.45 -28.76 16.20
N TYR C 604 13.98 -27.60 16.65
CA TYR C 604 13.21 -26.70 15.80
C TYR C 604 13.47 -25.26 16.23
N ILE C 605 13.24 -24.34 15.31
CA ILE C 605 13.39 -22.91 15.55
C ILE C 605 11.99 -22.33 15.77
N THR C 606 11.75 -21.68 16.85
CA THR C 606 10.54 -21.11 17.31
C THR C 606 10.69 -19.66 17.72
N ARG C 607 9.66 -18.98 18.05
CA ARG C 607 9.53 -17.66 18.52
C ARG C 607 9.13 -17.60 19.97
N ASP C 608 9.83 -16.97 20.84
CA ASP C 608 9.59 -16.75 22.22
C ASP C 608 8.46 -15.75 22.36
N VAL C 609 7.25 -16.15 22.59
CA VAL C 609 6.10 -15.33 22.74
C VAL C 609 6.29 -14.33 23.86
N ASP C 610 6.83 -14.76 24.96
CA ASP C 610 7.08 -14.00 26.13
C ASP C 610 7.93 -12.79 25.83
N THR C 611 9.01 -12.95 25.15
CA THR C 611 10.00 -12.02 24.77
C THR C 611 10.00 -11.59 23.33
N LYS C 612 9.15 -12.09 22.45
CA LYS C 612 9.18 -11.89 20.99
C LYS C 612 10.57 -12.05 20.35
N GLN C 613 11.34 -13.09 20.73
CA GLN C 613 12.66 -13.39 20.33
C GLN C 613 12.79 -14.73 19.67
N LEU C 614 13.68 -14.92 18.75
CA LEU C 614 14.04 -16.11 18.10
C LEU C 614 14.89 -16.99 18.98
N VAL C 615 14.52 -18.18 19.29
CA VAL C 615 15.13 -19.14 20.14
C VAL C 615 15.21 -20.51 19.50
N LEU C 616 16.37 -21.16 19.58
CA LEU C 616 16.52 -22.52 19.07
C LEU C 616 16.24 -23.49 20.22
N GLU C 617 15.16 -24.26 20.09
CA GLU C 617 14.74 -25.21 21.11
C GLU C 617 15.14 -26.61 20.70
N SER C 618 15.74 -27.35 21.64
CA SER C 618 16.19 -28.70 21.39
C SER C 618 15.04 -29.69 21.60
N GLY C 619 15.07 -30.77 20.82
CA GLY C 619 14.03 -31.77 20.87
C GLY C 619 14.22 -32.77 21.99
N ALA C 620 13.29 -33.74 22.05
CA ALA C 620 13.35 -34.75 23.10
C ALA C 620 14.61 -35.59 23.01
N LEU C 621 15.00 -35.98 21.78
CA LEU C 621 16.18 -36.81 21.62
C LEU C 621 17.43 -36.07 22.10
N VAL C 622 17.53 -34.78 21.79
CA VAL C 622 18.69 -34.01 22.23
C VAL C 622 18.73 -33.92 23.75
N LEU C 623 17.57 -33.67 24.37
CA LEU C 623 17.53 -33.55 25.83
C LEU C 623 17.86 -34.87 26.52
N SER C 624 17.78 -35.99 25.81
CA SER C 624 18.06 -37.30 26.38
C SER C 624 19.53 -37.70 26.25
N ASP C 625 20.38 -36.79 25.78
CA ASP C 625 21.80 -37.09 25.61
C ASP C 625 22.37 -37.78 26.84
N GLY C 626 22.91 -38.97 26.64
CA GLY C 626 23.47 -39.75 27.73
C GLY C 626 22.45 -40.54 28.53
N GLY C 627 21.18 -40.52 28.14
CA GLY C 627 20.14 -41.24 28.86
C GLY C 627 19.34 -42.16 27.96
N VAL C 628 18.14 -42.52 28.39
CA VAL C 628 17.25 -43.41 27.64
C VAL C 628 16.01 -42.62 27.26
N CYS C 629 15.72 -42.58 25.96
CA CYS C 629 14.54 -41.90 25.43
C CYS C 629 13.48 -42.95 25.12
N CYS C 630 12.35 -42.86 25.80
CA CYS C 630 11.26 -43.82 25.63
C CYS C 630 10.20 -43.21 24.73
N ILE C 631 9.92 -43.89 23.62
CA ILE C 631 8.89 -43.47 22.66
C ILE C 631 7.74 -44.44 22.78
N ASP C 632 6.59 -43.95 23.23
CA ASP C 632 5.48 -44.84 23.56
C ASP C 632 4.82 -45.42 22.30
N GLU C 633 4.57 -44.58 21.31
CA GLU C 633 3.81 -44.98 20.11
C GLU C 633 4.72 -44.80 18.89
N PHE C 634 5.47 -45.85 18.57
CA PHE C 634 6.36 -45.82 17.42
C PHE C 634 5.63 -46.01 16.10
N ASP C 635 4.48 -46.70 16.12
CA ASP C 635 3.80 -47.06 14.88
C ASP C 635 3.38 -45.83 14.09
N LYS C 636 2.67 -44.92 14.73
CA LYS C 636 2.20 -43.70 14.08
C LYS C 636 3.23 -42.61 14.27
N MET C 637 3.86 -42.20 13.17
CA MET C 637 4.93 -41.22 13.22
C MET C 637 5.08 -40.60 11.84
N SER C 638 5.38 -39.35 11.75
CA SER C 638 5.62 -38.59 10.58
C SER C 638 6.83 -39.09 9.84
N ASP C 639 6.90 -38.98 8.55
CA ASP C 639 7.99 -39.32 7.73
C ASP C 639 9.24 -38.58 8.12
N SER C 640 9.15 -37.31 8.34
CA SER C 640 10.17 -36.45 8.80
C SER C 640 10.74 -36.92 10.11
N THR C 641 9.84 -37.24 11.04
CA THR C 641 10.27 -37.76 12.32
C THR C 641 11.00 -39.09 12.17
N ARG C 642 10.52 -39.95 11.25
CA ARG C 642 11.21 -41.21 11.01
C ARG C 642 12.62 -40.97 10.47
N SER C 643 12.76 -40.01 9.55
CA SER C 643 14.08 -39.69 9.03
C SER C 643 15.00 -39.15 10.14
N VAL C 644 14.45 -38.31 11.02
CA VAL C 644 15.24 -37.79 12.14
C VAL C 644 15.68 -38.94 13.04
N LEU C 645 14.78 -39.88 13.32
CA LEU C 645 15.14 -41.03 14.14
C LEU C 645 16.24 -41.85 13.48
N HIS C 646 16.14 -42.06 12.17
CA HIS C 646 17.18 -42.79 11.46
C HIS C 646 18.52 -42.07 11.57
N GLU C 647 18.52 -40.75 11.38
CA GLU C 647 19.76 -40.00 11.49
C GLU C 647 20.34 -40.10 12.90
N VAL C 648 19.48 -40.00 13.92
CA VAL C 648 19.96 -40.07 15.30
C VAL C 648 20.56 -41.43 15.59
N MET C 649 19.90 -42.50 15.15
CA MET C 649 20.40 -43.84 15.39
C MET C 649 21.57 -44.21 14.49
N GLU C 650 21.86 -43.43 13.46
CA GLU C 650 23.00 -43.68 12.58
C GLU C 650 24.19 -42.80 12.94
N GLN C 651 24.00 -41.48 12.95
CA GLN C 651 25.10 -40.54 13.19
C GLN C 651 25.15 -40.03 14.63
N GLN C 652 24.09 -40.22 15.41
CA GLN C 652 24.03 -39.79 16.81
C GLN C 652 24.08 -38.28 16.97
N THR C 653 23.80 -37.53 15.90
CA THR C 653 23.74 -36.08 15.96
C THR C 653 22.59 -35.60 15.09
N ILE C 654 22.00 -34.48 15.50
CA ILE C 654 20.90 -33.84 14.77
C ILE C 654 21.42 -32.55 14.17
N SER C 655 21.18 -32.38 12.87
CA SER C 655 21.67 -31.22 12.13
C SER C 655 20.48 -30.44 11.60
N ILE C 656 20.51 -29.12 11.81
CA ILE C 656 19.47 -28.21 11.34
C ILE C 656 20.13 -27.04 10.63
N ALA C 657 19.58 -26.67 9.47
CA ALA C 657 20.15 -25.62 8.64
C ALA C 657 19.04 -24.68 8.18
N LYS C 658 18.19 -24.23 9.05
CA LYS C 658 17.05 -23.40 8.87
C LYS C 658 17.11 -22.13 9.67
N ALA C 659 16.45 -21.10 9.27
CA ALA C 659 16.37 -19.85 9.93
C ALA C 659 17.70 -19.14 10.02
N GLY C 660 18.59 -19.33 9.10
CA GLY C 660 19.87 -18.83 9.11
C GLY C 660 20.85 -19.37 10.07
N ILE C 661 20.50 -20.52 10.65
CA ILE C 661 21.32 -21.16 11.68
C ILE C 661 21.80 -22.50 11.13
N ILE C 662 23.11 -22.74 11.21
CA ILE C 662 23.72 -23.99 10.79
C ILE C 662 24.42 -24.55 12.03
N THR C 663 23.81 -25.57 12.65
CA THR C 663 24.34 -26.13 13.89
C THR C 663 24.07 -27.63 13.92
N THR C 664 24.85 -28.32 14.72
CA THR C 664 24.68 -29.75 14.97
C THR C 664 24.61 -29.97 16.47
N LEU C 665 23.62 -30.76 16.91
CA LEU C 665 23.37 -31.01 18.32
C LEU C 665 23.63 -32.47 18.64
N ASN C 666 24.34 -32.72 19.73
CA ASN C 666 24.62 -34.08 20.17
C ASN C 666 23.34 -34.76 20.62
N ALA C 667 23.17 -36.01 20.21
CA ALA C 667 22.00 -36.81 20.58
C ALA C 667 22.43 -38.22 20.95
N ARG C 668 23.51 -38.34 21.72
CA ARG C 668 24.02 -39.65 22.13
C ARG C 668 23.11 -40.25 23.19
N SER C 669 21.94 -40.73 22.79
CA SER C 669 20.96 -41.27 23.70
C SER C 669 20.43 -42.60 23.17
N SER C 670 20.08 -43.48 24.10
CA SER C 670 19.47 -44.75 23.75
C SER C 670 17.97 -44.57 23.53
N ILE C 671 17.37 -45.54 22.83
CA ILE C 671 15.96 -45.48 22.47
C ILE C 671 15.31 -46.78 22.91
N LEU C 672 14.15 -46.66 23.58
CA LEU C 672 13.34 -47.81 24.00
C LEU C 672 11.92 -47.51 23.53
N ALA C 673 11.58 -47.99 22.34
CA ALA C 673 10.30 -47.71 21.71
C ALA C 673 9.34 -48.89 21.87
N SER C 674 8.06 -48.61 21.69
CA SER C 674 7.01 -49.62 21.75
C SER C 674 6.16 -49.53 20.49
N ALA C 675 5.62 -50.68 20.08
CA ALA C 675 4.85 -50.77 18.84
C ALA C 675 3.69 -51.74 19.03
N ASN C 676 2.71 -51.60 18.16
CA ASN C 676 1.50 -52.41 18.14
C ASN C 676 1.25 -52.92 16.73
N PRO C 677 0.54 -54.03 16.58
CA PRO C 677 0.29 -54.57 15.24
C PRO C 677 -0.74 -53.74 14.48
N ILE C 678 -0.83 -54.02 13.18
CA ILE C 678 -1.77 -53.30 12.32
C ILE C 678 -3.20 -53.53 12.79
N GLY C 679 -3.55 -54.78 13.10
CA GLY C 679 -4.89 -55.14 13.49
C GLY C 679 -5.05 -55.21 15.01
N SER C 680 -6.09 -55.92 15.43
CA SER C 680 -6.37 -56.08 16.85
C SER C 680 -5.39 -57.04 17.53
N ARG C 681 -4.57 -57.76 16.77
CA ARG C 681 -3.62 -58.70 17.36
C ARG C 681 -2.49 -58.93 16.37
N TYR C 682 -1.43 -59.55 16.87
CA TYR C 682 -0.27 -59.91 16.06
C TYR C 682 -0.47 -61.32 15.51
N ASN C 683 -0.42 -61.46 14.19
CA ASN C 683 -0.64 -62.75 13.55
C ASN C 683 0.68 -63.51 13.48
N PRO C 684 0.80 -64.67 14.14
CA PRO C 684 2.08 -65.40 14.08
C PRO C 684 2.47 -65.83 12.68
N ASN C 685 1.49 -66.10 11.80
CA ASN C 685 1.81 -66.64 10.48
C ASN C 685 2.67 -65.66 9.68
N LEU C 686 2.28 -64.39 9.67
CA LEU C 686 3.01 -63.38 8.92
C LEU C 686 4.30 -63.02 9.65
N PRO C 687 5.29 -62.49 8.93
CA PRO C 687 6.55 -62.13 9.58
C PRO C 687 6.41 -60.88 10.43
N VAL C 688 7.40 -60.67 11.30
CA VAL C 688 7.36 -59.54 12.22
C VAL C 688 7.31 -58.22 11.45
N THR C 689 8.05 -58.13 10.34
CA THR C 689 8.10 -56.88 9.60
C THR C 689 6.72 -56.46 9.13
N GLU C 690 5.93 -57.42 8.62
CA GLU C 690 4.59 -57.08 8.16
C GLU C 690 3.70 -56.67 9.32
N ASN C 691 3.79 -57.35 10.46
CA ASN C 691 2.90 -57.07 11.58
C ASN C 691 3.20 -55.69 12.19
N ILE C 692 4.47 -55.41 12.47
CA ILE C 692 4.81 -54.17 13.16
C ILE C 692 4.51 -52.96 12.28
N ASP C 693 4.57 -53.12 10.96
CA ASP C 693 4.29 -52.03 10.03
C ASP C 693 5.32 -50.91 10.18
N LEU C 694 6.58 -51.28 10.04
CA LEU C 694 7.69 -50.34 10.05
C LEU C 694 8.65 -50.71 8.92
N PRO C 695 9.42 -49.75 8.42
CA PRO C 695 10.38 -50.06 7.35
C PRO C 695 11.39 -51.10 7.82
N PRO C 696 11.77 -52.05 6.96
CA PRO C 696 12.79 -53.02 7.36
C PRO C 696 14.08 -52.34 7.78
N PRO C 697 14.49 -51.26 7.11
CA PRO C 697 15.71 -50.57 7.55
C PRO C 697 15.65 -50.10 9.00
N LEU C 698 14.61 -49.35 9.36
CA LEU C 698 14.51 -48.83 10.72
C LEU C 698 14.37 -49.95 11.74
N LEU C 699 13.73 -51.06 11.37
CA LEU C 699 13.53 -52.18 12.29
C LEU C 699 14.80 -53.01 12.47
N SER C 700 15.77 -52.90 11.58
CA SER C 700 16.99 -53.70 11.64
C SER C 700 18.09 -53.03 12.45
N ARG C 701 17.83 -51.86 13.03
CA ARG C 701 18.84 -51.14 13.80
C ARG C 701 18.72 -51.37 15.30
N PHE C 702 17.65 -51.98 15.77
CA PHE C 702 17.48 -52.24 17.20
C PHE C 702 18.28 -53.49 17.59
N ASP C 703 19.09 -53.36 18.63
CA ASP C 703 19.93 -54.48 19.06
C ASP C 703 19.09 -55.66 19.49
N LEU C 704 18.07 -55.42 20.31
CA LEU C 704 17.18 -56.46 20.81
C LEU C 704 15.75 -56.13 20.42
N VAL C 705 15.06 -57.09 19.83
CA VAL C 705 13.66 -56.96 19.44
C VAL C 705 12.87 -57.98 20.23
N TYR C 706 11.91 -57.52 21.02
CA TYR C 706 11.12 -58.36 21.89
C TYR C 706 9.69 -58.43 21.39
N LEU C 707 9.16 -59.65 21.24
CA LEU C 707 7.80 -59.89 20.79
C LEU C 707 7.03 -60.50 21.95
N VAL C 708 6.46 -59.63 22.79
CA VAL C 708 5.63 -60.07 23.90
C VAL C 708 4.22 -60.30 23.37
N LEU C 709 3.80 -61.56 23.30
CA LEU C 709 2.53 -61.94 22.71
C LEU C 709 1.61 -62.54 23.77
N ASP C 710 0.34 -62.13 23.73
CA ASP C 710 -0.65 -62.58 24.69
C ASP C 710 -1.39 -63.81 24.18
N LYS C 711 -0.64 -64.89 24.01
CA LYS C 711 -1.24 -66.16 23.59
C LYS C 711 -2.18 -66.66 24.68
N VAL C 712 -3.31 -67.21 24.25
CA VAL C 712 -4.36 -67.66 25.17
C VAL C 712 -3.95 -69.02 25.72
N ASP C 713 -3.47 -69.04 26.96
CA ASP C 713 -3.10 -70.28 27.65
C ASP C 713 -3.78 -70.30 29.01
N GLU C 714 -4.42 -71.42 29.33
CA GLU C 714 -5.17 -71.51 30.59
C GLU C 714 -4.28 -71.20 31.78
N LYS C 715 -3.10 -71.83 31.84
CA LYS C 715 -2.20 -71.61 32.97
C LYS C 715 -1.76 -70.15 33.04
N ASN C 716 -1.32 -69.59 31.91
CA ASN C 716 -0.83 -68.21 31.92
C ASN C 716 -1.94 -67.24 32.28
N ASP C 717 -3.14 -67.44 31.72
CA ASP C 717 -4.26 -66.57 32.05
C ASP C 717 -4.59 -66.65 33.53
N ARG C 718 -4.62 -67.86 34.09
CA ARG C 718 -4.93 -68.02 35.51
C ARG C 718 -3.90 -67.31 36.38
N GLU C 719 -2.61 -67.50 36.07
CA GLU C 719 -1.57 -66.88 36.88
C GLU C 719 -1.63 -65.35 36.77
N LEU C 720 -1.87 -64.83 35.57
CA LEU C 720 -1.99 -63.39 35.42
C LEU C 720 -3.17 -62.86 36.22
N ALA C 721 -4.29 -63.59 36.21
CA ALA C 721 -5.45 -63.17 37.00
C ALA C 721 -5.12 -63.18 38.49
N LYS C 722 -4.43 -64.22 38.97
CA LYS C 722 -4.03 -64.26 40.38
C LYS C 722 -3.17 -63.07 40.73
N HIS C 723 -2.18 -62.77 39.89
CA HIS C 723 -1.29 -61.64 40.17
C HIS C 723 -2.08 -60.34 40.21
N LEU C 724 -2.92 -60.10 39.21
CA LEU C 724 -3.66 -58.85 39.15
C LEU C 724 -4.60 -58.69 40.34
N THR C 725 -5.30 -59.75 40.71
CA THR C 725 -6.22 -59.65 41.84
C THR C 725 -5.48 -59.52 43.16
N ASN C 726 -4.31 -60.14 43.29
CA ASN C 726 -3.52 -59.97 44.50
C ASN C 726 -2.94 -58.56 44.60
N LEU C 727 -2.72 -57.90 43.46
CA LEU C 727 -2.25 -56.52 43.50
C LEU C 727 -3.22 -55.60 44.23
N TYR C 728 -4.49 -55.98 44.34
CA TYR C 728 -5.47 -55.19 45.07
C TYR C 728 -5.37 -55.46 46.57
N ASP C 739 12.28 -62.93 47.80
CA ASP C 739 12.93 -62.09 46.80
C ASP C 739 12.85 -60.62 47.19
N ASP C 740 13.97 -60.08 47.64
CA ASP C 740 14.02 -58.68 48.05
C ASP C 740 13.91 -57.76 46.84
N VAL C 741 13.44 -56.54 47.09
CA VAL C 741 13.29 -55.52 46.07
C VAL C 741 14.02 -54.27 46.53
N LEU C 742 14.81 -53.67 45.62
CA LEU C 742 15.57 -52.48 45.97
C LEU C 742 14.73 -51.22 45.76
N PRO C 743 14.96 -50.17 46.55
CA PRO C 743 14.25 -48.91 46.32
C PRO C 743 14.64 -48.30 44.98
N VAL C 744 13.70 -47.53 44.41
CA VAL C 744 13.95 -46.90 43.12
C VAL C 744 15.12 -45.92 43.21
N GLU C 745 15.18 -45.15 44.30
CA GLU C 745 16.24 -44.17 44.44
C GLU C 745 17.61 -44.83 44.46
N PHE C 746 17.75 -45.92 45.22
CA PHE C 746 19.03 -46.60 45.28
C PHE C 746 19.40 -47.20 43.92
N LEU C 747 18.42 -47.74 43.21
CA LEU C 747 18.70 -48.30 41.88
C LEU C 747 19.18 -47.22 40.94
N THR C 748 18.53 -46.05 40.96
CA THR C 748 18.97 -44.95 40.12
C THR C 748 20.38 -44.50 40.47
N MET C 749 20.68 -44.41 41.77
CA MET C 749 22.02 -44.01 42.19
C MET C 749 23.06 -45.03 41.74
N TYR C 750 22.73 -46.32 41.88
CA TYR C 750 23.65 -47.38 41.44
C TYR C 750 23.91 -47.28 39.94
N ILE C 751 22.85 -47.07 39.15
CA ILE C 751 23.01 -46.95 37.70
C ILE C 751 23.88 -45.75 37.38
N SER C 752 23.64 -44.61 38.05
CA SER C 752 24.44 -43.42 37.79
C SER C 752 25.90 -43.66 38.10
N TYR C 753 26.19 -44.26 39.26
CA TYR C 753 27.58 -44.51 39.62
C TYR C 753 28.25 -45.46 38.63
N ALA C 754 27.56 -46.53 38.25
CA ALA C 754 28.14 -47.48 37.31
C ALA C 754 28.42 -46.84 35.96
N LYS C 755 27.46 -46.03 35.48
CA LYS C 755 27.65 -45.36 34.20
C LYS C 755 28.73 -44.28 34.26
N GLU C 756 28.99 -43.72 35.44
CA GLU C 756 29.95 -42.64 35.57
C GLU C 756 31.38 -43.14 35.77
N HIS C 757 31.57 -44.24 36.49
CA HIS C 757 32.90 -44.66 36.92
C HIS C 757 33.44 -45.88 36.18
N ILE C 758 32.67 -46.96 36.08
CA ILE C 758 33.20 -48.22 35.58
C ILE C 758 33.25 -48.19 34.06
N HIS C 759 34.36 -48.69 33.51
CA HIS C 759 34.56 -48.78 32.06
C HIS C 759 35.18 -50.13 31.74
N PRO C 760 34.38 -51.12 31.35
CA PRO C 760 34.93 -52.45 31.07
C PRO C 760 35.74 -52.48 29.78
N ILE C 761 36.62 -53.48 29.69
CA ILE C 761 37.49 -53.68 28.54
C ILE C 761 37.45 -55.16 28.15
N ILE C 762 37.48 -55.43 26.85
CA ILE C 762 37.41 -56.80 26.36
C ILE C 762 38.77 -57.47 26.50
N THR C 763 38.76 -58.76 26.82
CA THR C 763 39.97 -59.55 27.02
C THR C 763 40.09 -60.60 25.92
N GLU C 764 41.20 -61.33 25.94
CA GLU C 764 41.46 -62.34 24.90
C GLU C 764 40.41 -63.44 24.92
N ALA C 765 40.05 -63.92 26.11
CA ALA C 765 39.01 -64.95 26.20
C ALA C 765 37.68 -64.43 25.66
N ALA C 766 37.34 -63.18 25.98
CA ALA C 766 36.13 -62.59 25.43
C ALA C 766 36.20 -62.51 23.91
N LYS C 767 37.37 -62.15 23.37
CA LYS C 767 37.53 -62.09 21.91
C LYS C 767 37.30 -63.46 21.30
N THR C 768 37.91 -64.50 21.87
CA THR C 768 37.74 -65.84 21.32
C THR C 768 36.28 -66.28 21.39
N GLU C 769 35.63 -66.04 22.52
CA GLU C 769 34.23 -66.45 22.66
C GLU C 769 33.35 -65.71 21.67
N LEU C 770 33.57 -64.40 21.51
CA LEU C 770 32.76 -63.62 20.58
C LEU C 770 32.94 -64.13 19.16
N VAL C 771 34.19 -64.37 18.76
CA VAL C 771 34.46 -64.84 17.40
C VAL C 771 33.78 -66.19 17.17
N ARG C 772 33.93 -67.11 18.13
CA ARG C 772 33.34 -68.43 17.98
C ARG C 772 31.82 -68.34 17.90
N ALA C 773 31.21 -67.51 18.76
CA ALA C 773 29.76 -67.40 18.76
C ALA C 773 29.25 -66.82 17.44
N TYR C 774 29.93 -65.79 16.93
CA TYR C 774 29.50 -65.21 15.66
C TYR C 774 29.64 -66.22 14.53
N VAL C 775 30.75 -66.95 14.50
CA VAL C 775 30.94 -67.96 13.45
C VAL C 775 29.85 -69.02 13.54
N GLY C 776 29.55 -69.49 14.75
CA GLY C 776 28.50 -70.48 14.90
C GLY C 776 27.15 -69.97 14.46
N MET C 777 26.81 -68.74 14.83
CA MET C 777 25.53 -68.16 14.43
C MET C 777 25.45 -68.03 12.91
N ARG C 778 26.54 -67.60 12.27
CA ARG C 778 26.54 -67.49 10.82
C ARG C 778 26.39 -68.85 10.16
N LYS C 779 27.04 -69.87 10.73
CA LYS C 779 27.01 -71.20 10.12
C LYS C 779 25.65 -71.86 10.20
N MET C 780 24.74 -71.32 11.02
CA MET C 780 23.43 -71.95 11.16
C MET C 780 22.68 -71.98 9.84
N GLY C 781 22.72 -70.88 9.09
CA GLY C 781 22.04 -70.81 7.81
C GLY C 781 22.92 -71.23 6.65
N LYS C 789 20.65 -69.25 -0.16
CA LYS C 789 21.07 -69.47 1.25
C LYS C 789 20.43 -68.41 2.14
N ARG C 790 20.12 -68.75 3.39
CA ARG C 790 19.50 -67.81 4.37
C ARG C 790 20.60 -67.27 5.27
N ILE C 791 20.64 -65.95 5.52
CA ILE C 791 21.63 -65.33 6.40
C ILE C 791 21.03 -65.25 7.80
N THR C 792 21.55 -66.07 8.72
CA THR C 792 21.01 -66.09 10.08
C THR C 792 21.40 -64.83 10.85
N ALA C 793 22.61 -64.32 10.64
CA ALA C 793 23.09 -63.16 11.38
C ALA C 793 24.01 -62.35 10.49
N THR C 794 24.19 -61.09 10.86
CA THR C 794 25.05 -60.15 10.16
C THR C 794 26.05 -59.55 11.15
N THR C 795 26.92 -58.68 10.62
CA THR C 795 27.91 -58.03 11.47
C THR C 795 27.27 -57.18 12.56
N ARG C 796 26.06 -56.67 12.34
CA ARG C 796 25.37 -55.91 13.38
C ARG C 796 25.13 -56.78 14.60
N GLN C 797 24.85 -58.07 14.39
CA GLN C 797 24.66 -59.00 15.49
C GLN C 797 25.93 -59.24 16.29
N LEU C 798 27.09 -58.82 15.78
CA LEU C 798 28.34 -58.89 16.53
C LEU C 798 28.56 -57.64 17.38
N GLU C 799 28.31 -56.46 16.82
CA GLU C 799 28.41 -55.23 17.61
C GLU C 799 27.38 -55.23 18.72
N SER C 800 26.17 -55.75 18.45
CA SER C 800 25.16 -55.83 19.50
C SER C 800 25.62 -56.72 20.63
N MET C 801 26.23 -57.87 20.31
CA MET C 801 26.77 -58.74 21.35
C MET C 801 27.88 -58.05 22.13
N ILE C 802 28.75 -57.32 21.44
CA ILE C 802 29.83 -56.62 22.13
C ILE C 802 29.25 -55.60 23.12
N ARG C 803 28.27 -54.82 22.67
CA ARG C 803 27.65 -53.84 23.54
C ARG C 803 26.96 -54.49 24.72
N LEU C 804 26.24 -55.59 24.48
CA LEU C 804 25.54 -56.27 25.56
C LEU C 804 26.52 -56.82 26.59
N ALA C 805 27.62 -57.41 26.12
CA ALA C 805 28.63 -57.93 27.04
C ALA C 805 29.25 -56.81 27.86
N GLU C 806 29.55 -55.68 27.21
CA GLU C 806 30.11 -54.55 27.94
C GLU C 806 29.13 -54.04 29.00
N ALA C 807 27.85 -53.96 28.64
CA ALA C 807 26.85 -53.51 29.61
C ALA C 807 26.74 -54.48 30.78
N HIS C 808 26.76 -55.78 30.50
CA HIS C 808 26.69 -56.76 31.58
C HIS C 808 27.90 -56.64 32.50
N ALA C 809 29.08 -56.46 31.92
CA ALA C 809 30.27 -56.23 32.74
C ALA C 809 30.11 -54.97 33.59
N LYS C 810 29.56 -53.91 32.99
CA LYS C 810 29.27 -52.70 33.76
C LYS C 810 28.37 -53.00 34.95
N MET C 811 27.38 -53.88 34.75
CA MET C 811 26.42 -54.15 35.81
C MET C 811 27.11 -54.73 37.05
N LYS C 812 28.07 -55.63 36.86
CA LYS C 812 28.79 -56.24 37.96
C LYS C 812 29.92 -55.35 38.49
N LEU C 813 30.00 -54.11 38.04
CA LEU C 813 31.07 -53.19 38.46
C LEU C 813 32.44 -53.78 38.16
N LYS C 814 32.57 -54.45 37.03
CA LYS C 814 33.82 -55.04 36.58
C LYS C 814 34.44 -54.18 35.49
N ASN C 815 35.77 -54.06 35.54
CA ASN C 815 36.53 -53.35 34.52
C ASN C 815 37.06 -54.28 33.43
N VAL C 816 36.72 -55.56 33.50
CA VAL C 816 37.19 -56.55 32.52
C VAL C 816 36.00 -57.40 32.11
N VAL C 817 35.82 -57.59 30.81
CA VAL C 817 34.77 -58.44 30.28
C VAL C 817 35.28 -59.88 30.24
N GLU C 818 34.53 -60.78 30.87
CA GLU C 818 34.93 -62.18 31.00
C GLU C 818 33.99 -63.07 30.19
N LEU C 819 34.28 -64.38 30.23
CA LEU C 819 33.51 -65.32 29.43
C LEU C 819 32.04 -65.36 29.83
N GLU C 820 31.74 -65.14 31.11
CA GLU C 820 30.35 -65.18 31.55
C GLU C 820 29.53 -64.09 30.89
N ASP C 821 30.11 -62.89 30.76
CA ASP C 821 29.39 -61.79 30.11
C ASP C 821 29.11 -62.12 28.64
N VAL C 822 30.08 -62.70 27.95
CA VAL C 822 29.86 -63.06 26.55
C VAL C 822 28.79 -64.14 26.44
N GLN C 823 28.82 -65.12 27.35
CA GLN C 823 27.80 -66.16 27.32
C GLN C 823 26.41 -65.57 27.54
N GLU C 824 26.28 -64.64 28.50
CA GLU C 824 24.99 -63.99 28.71
C GLU C 824 24.57 -63.20 27.48
N ALA C 825 25.50 -62.50 26.85
CA ALA C 825 25.18 -61.70 25.67
C ALA C 825 24.67 -62.59 24.54
N VAL C 826 25.40 -63.65 24.21
CA VAL C 826 24.97 -64.48 23.06
C VAL C 826 23.55 -64.93 23.36
N ARG C 827 23.24 -65.35 24.59
CA ARG C 827 21.91 -65.89 24.94
C ARG C 827 20.76 -64.89 24.77
N LEU C 828 20.94 -63.65 25.23
CA LEU C 828 19.88 -62.62 25.10
C LEU C 828 19.69 -62.31 23.62
N ILE C 829 20.78 -62.17 22.87
CA ILE C 829 20.73 -61.84 21.42
C ILE C 829 20.03 -62.98 20.69
N ARG C 830 20.37 -64.23 21.03
CA ARG C 830 19.82 -65.42 20.35
C ARG C 830 18.32 -65.52 20.58
N SER C 831 17.84 -65.24 21.78
CA SER C 831 16.41 -65.42 22.11
C SER C 831 15.58 -64.47 21.25
N ALA C 832 16.03 -63.23 21.08
CA ALA C 832 15.33 -62.24 20.23
C ALA C 832 15.37 -62.71 18.77
N ILE C 833 16.51 -63.25 18.32
CA ILE C 833 16.68 -63.73 16.92
C ILE C 833 15.69 -64.88 16.71
N LYS C 834 15.52 -65.73 17.71
CA LYS C 834 14.61 -66.90 17.62
C LYS C 834 13.19 -66.38 17.41
N ASP C 835 12.82 -65.30 18.09
CA ASP C 835 11.49 -64.66 17.89
C ASP C 835 11.47 -64.21 16.44
N TYR C 836 12.60 -63.69 15.96
CA TYR C 836 12.74 -63.24 14.55
C TYR C 836 13.01 -64.43 13.63
N ASP D 22 -4.62 44.10 -10.58
CA ASP D 22 -3.90 44.80 -11.67
C ASP D 22 -3.84 43.93 -12.93
N ASP D 23 -2.86 43.02 -12.97
CA ASP D 23 -2.73 42.13 -14.11
C ASP D 23 -3.88 41.14 -14.18
N ASN D 24 -4.41 40.71 -13.03
CA ASN D 24 -5.54 39.79 -13.03
C ASN D 24 -6.75 40.39 -13.72
N THR D 25 -7.02 41.68 -13.47
CA THR D 25 -8.15 42.33 -14.12
C THR D 25 -7.96 42.36 -15.63
N GLU D 26 -6.74 42.64 -16.10
CA GLU D 26 -6.48 42.64 -17.54
C GLU D 26 -6.67 41.26 -18.14
N ILE D 27 -6.21 40.21 -17.43
CA ILE D 27 -6.40 38.85 -17.92
C ILE D 27 -7.87 38.52 -18.02
N ILE D 28 -8.65 38.89 -16.99
CA ILE D 28 -10.08 38.64 -17.01
C ILE D 28 -10.74 39.37 -18.17
N LYS D 29 -10.33 40.62 -18.39
CA LYS D 29 -10.89 41.38 -19.51
C LYS D 29 -10.55 40.73 -20.84
N SER D 30 -9.33 40.23 -21.00
CA SER D 30 -8.95 39.56 -22.24
C SER D 30 -9.79 38.30 -22.46
N PHE D 31 -10.01 37.52 -21.40
CA PHE D 31 -10.83 36.32 -21.54
C PHE D 31 -12.27 36.69 -21.89
N LYS D 32 -12.80 37.74 -21.26
CA LYS D 32 -14.15 38.19 -21.58
C LYS D 32 -14.26 38.62 -23.03
N ASN D 33 -13.26 39.35 -23.53
CA ASN D 33 -13.26 39.78 -24.92
C ASN D 33 -13.20 38.58 -25.85
N PHE D 34 -12.38 37.58 -25.51
CA PHE D 34 -12.33 36.37 -26.33
C PHE D 34 -13.69 35.69 -26.39
N ILE D 35 -14.37 35.58 -25.24
CA ILE D 35 -15.67 34.94 -25.22
C ILE D 35 -16.68 35.73 -26.05
N LEU D 36 -16.68 37.05 -25.90
CA LEU D 36 -17.71 37.88 -26.50
C LEU D 36 -17.43 38.27 -27.95
N GLU D 37 -16.24 37.97 -28.47
CA GLU D 37 -15.85 38.43 -29.81
C GLU D 37 -15.52 37.32 -30.79
N PHE D 38 -15.29 36.09 -30.33
CA PHE D 38 -14.89 35.03 -31.23
C PHE D 38 -16.00 34.72 -32.24
N ARG D 39 -15.72 34.31 -33.48
CA ARG D 39 -16.70 34.03 -34.55
C ARG D 39 -15.89 33.48 -35.70
N LEU D 40 -16.31 32.43 -36.36
CA LEU D 40 -15.56 31.81 -37.47
C LEU D 40 -16.33 32.07 -38.75
N ASP D 41 -17.63 32.31 -38.69
CA ASP D 41 -18.37 32.72 -39.90
C ASP D 41 -19.43 33.76 -39.56
N SER D 42 -20.49 33.41 -38.89
CA SER D 42 -21.49 34.42 -38.49
C SER D 42 -22.19 34.01 -37.20
N GLN D 43 -21.69 33.02 -36.49
CA GLN D 43 -22.24 32.56 -35.22
C GLN D 43 -21.17 32.81 -34.21
N PHE D 44 -21.51 33.38 -33.07
CA PHE D 44 -20.57 33.59 -31.96
C PHE D 44 -20.67 32.24 -31.27
N ILE D 45 -19.68 31.40 -31.45
CA ILE D 45 -19.79 30.01 -31.01
C ILE D 45 -19.93 29.95 -29.48
N TYR D 46 -19.02 30.60 -28.77
CA TYR D 46 -18.98 30.45 -27.32
C TYR D 46 -20.08 31.23 -26.62
N ARG D 47 -20.45 32.39 -27.16
CA ARG D 47 -21.59 33.13 -26.58
C ARG D 47 -22.87 32.29 -26.64
N ASP D 48 -23.18 31.76 -27.83
CA ASP D 48 -24.38 30.93 -27.97
C ASP D 48 -24.27 29.66 -27.15
N GLN D 49 -23.09 29.04 -27.11
CA GLN D 49 -22.92 27.84 -26.31
C GLN D 49 -23.16 28.12 -24.83
N LEU D 50 -22.65 29.25 -24.34
CA LEU D 50 -22.86 29.62 -22.94
C LEU D 50 -24.34 29.86 -22.66
N ARG D 51 -25.03 30.55 -23.56
CA ARG D 51 -26.46 30.78 -23.35
C ARG D 51 -27.22 29.46 -23.31
N ASN D 52 -26.91 28.56 -24.25
CA ASN D 52 -27.61 27.27 -24.30
C ASN D 52 -27.32 26.46 -23.04
N ASN D 53 -26.07 26.46 -22.58
CA ASN D 53 -25.72 25.73 -21.36
C ASN D 53 -26.45 26.31 -20.16
N ILE D 54 -26.56 27.63 -20.07
CA ILE D 54 -27.27 28.25 -18.97
C ILE D 54 -28.75 27.88 -19.01
N LEU D 55 -29.31 27.75 -20.22
CA LEU D 55 -30.74 27.45 -20.33
C LEU D 55 -31.09 26.15 -19.62
N VAL D 56 -30.24 25.14 -19.73
CA VAL D 56 -30.53 23.82 -19.18
C VAL D 56 -29.84 23.60 -17.83
N LYS D 57 -29.45 24.68 -17.15
CA LYS D 57 -28.82 24.60 -15.83
C LYS D 57 -27.55 23.76 -15.88
N ASN D 58 -26.72 24.01 -16.89
CA ASN D 58 -25.41 23.39 -17.06
C ASN D 58 -24.37 24.50 -16.96
N TYR D 59 -23.90 24.76 -15.74
CA TYR D 59 -22.99 25.88 -15.50
C TYR D 59 -21.57 25.43 -15.81
N SER D 60 -21.22 25.51 -17.10
CA SER D 60 -19.89 25.15 -17.57
C SER D 60 -19.71 25.74 -18.97
N LEU D 61 -18.53 25.50 -19.53
CA LEU D 61 -18.22 25.97 -20.88
C LEU D 61 -17.03 25.19 -21.41
N THR D 62 -17.20 24.59 -22.58
CA THR D 62 -16.14 23.81 -23.22
C THR D 62 -15.46 24.68 -24.28
N VAL D 63 -14.15 24.82 -24.17
CA VAL D 63 -13.37 25.69 -25.05
C VAL D 63 -12.35 24.85 -25.79
N ASN D 64 -12.31 25.00 -27.11
CA ASN D 64 -11.32 24.34 -27.94
C ASN D 64 -10.06 25.19 -28.01
N MET D 65 -8.92 24.60 -27.66
CA MET D 65 -7.69 25.38 -27.52
C MET D 65 -7.19 25.89 -28.86
N GLU D 66 -7.52 25.23 -29.97
CA GLU D 66 -7.12 25.74 -31.28
C GLU D 66 -7.75 27.10 -31.54
N HIS D 67 -9.01 27.27 -31.16
CA HIS D 67 -9.67 28.56 -31.31
C HIS D 67 -8.97 29.63 -30.46
N LEU D 68 -8.58 29.27 -29.24
CA LEU D 68 -7.87 30.22 -28.38
C LEU D 68 -6.54 30.62 -29.01
N ILE D 69 -5.81 29.67 -29.59
CA ILE D 69 -4.56 29.99 -30.25
C ILE D 69 -4.81 30.91 -31.44
N GLY D 70 -5.84 30.61 -32.22
CA GLY D 70 -6.13 31.45 -33.38
C GLY D 70 -6.51 32.87 -33.01
N TYR D 71 -7.34 33.03 -31.98
CA TYR D 71 -7.77 34.36 -31.57
C TYR D 71 -6.61 35.22 -31.13
N ASN D 72 -5.79 34.71 -30.22
CA ASN D 72 -4.64 35.46 -29.70
C ASN D 72 -3.66 34.47 -29.09
N GLU D 73 -2.45 34.43 -29.62
CA GLU D 73 -1.45 33.49 -29.13
C GLU D 73 -0.94 33.88 -27.74
N ASP D 74 -1.00 35.17 -27.40
CA ASP D 74 -0.54 35.61 -26.09
C ASP D 74 -1.39 35.02 -24.98
N ILE D 75 -2.71 34.95 -25.18
CA ILE D 75 -3.59 34.37 -24.18
C ILE D 75 -3.26 32.91 -23.96
N TYR D 76 -3.02 32.17 -25.06
CA TYR D 76 -2.64 30.76 -24.93
C TYR D 76 -1.31 30.62 -24.21
N LYS D 77 -0.35 31.49 -24.51
CA LYS D 77 0.94 31.43 -23.81
C LYS D 77 0.75 31.65 -22.32
N LYS D 78 -0.06 32.64 -21.95
CA LYS D 78 -0.32 32.89 -20.53
C LYS D 78 -0.99 31.68 -19.88
N LEU D 79 -1.96 31.09 -20.57
CA LEU D 79 -2.67 29.94 -20.00
C LEU D 79 -1.73 28.76 -19.81
N SER D 80 -0.84 28.52 -20.77
CA SER D 80 0.04 27.36 -20.69
C SER D 80 1.15 27.56 -19.67
N ASP D 81 1.62 28.80 -19.50
CA ASP D 81 2.74 29.05 -18.60
C ASP D 81 2.38 28.71 -17.16
N GLU D 82 1.25 29.23 -16.67
CA GLU D 82 0.83 29.05 -15.29
C GLU D 82 -0.64 28.67 -15.27
N PRO D 83 -0.98 27.43 -15.65
CA PRO D 83 -2.40 27.05 -15.68
C PRO D 83 -3.11 27.19 -14.34
N SER D 84 -2.46 26.78 -13.25
CA SER D 84 -3.12 26.77 -11.95
C SER D 84 -3.50 28.16 -11.48
N ASP D 85 -2.81 29.20 -11.96
CA ASP D 85 -3.11 30.56 -11.58
C ASP D 85 -3.96 31.30 -12.61
N ILE D 86 -3.98 30.83 -13.85
CA ILE D 86 -4.71 31.53 -14.91
C ILE D 86 -6.12 30.98 -15.07
N ILE D 87 -6.31 29.67 -14.91
CA ILE D 87 -7.63 29.07 -15.14
C ILE D 87 -8.68 29.69 -14.24
N PRO D 88 -8.45 29.93 -12.94
CA PRO D 88 -9.48 30.58 -12.12
C PRO D 88 -9.93 31.93 -12.66
N LEU D 89 -9.00 32.71 -13.21
CA LEU D 89 -9.39 33.97 -13.84
C LEU D 89 -10.31 33.73 -15.03
N PHE D 90 -10.03 32.70 -15.82
CA PHE D 90 -10.90 32.36 -16.94
C PHE D 90 -12.29 31.98 -16.43
N GLU D 91 -12.35 31.22 -15.34
CA GLU D 91 -13.65 30.85 -14.78
C GLU D 91 -14.41 32.09 -14.30
N THR D 92 -13.71 33.03 -13.67
CA THR D 92 -14.35 34.26 -13.24
C THR D 92 -14.88 35.06 -14.43
N ALA D 93 -14.09 35.14 -15.50
CA ALA D 93 -14.55 35.83 -16.71
C ALA D 93 -15.78 35.16 -17.29
N ILE D 94 -15.78 33.82 -17.33
CA ILE D 94 -16.94 33.09 -17.84
C ILE D 94 -18.17 33.38 -16.97
N THR D 95 -17.99 33.41 -15.65
CA THR D 95 -19.12 33.70 -14.77
C THR D 95 -19.66 35.11 -15.03
N GLN D 96 -18.77 36.09 -15.18
CA GLN D 96 -19.23 37.45 -15.44
C GLN D 96 -19.98 37.54 -16.77
N VAL D 97 -19.47 36.90 -17.81
CA VAL D 97 -20.14 36.93 -19.10
C VAL D 97 -21.49 36.23 -19.01
N ALA D 98 -21.56 35.12 -18.28
CA ALA D 98 -22.83 34.43 -18.10
C ALA D 98 -23.84 35.30 -17.39
N LYS D 99 -23.41 36.01 -16.34
CA LYS D 99 -24.31 36.91 -15.64
C LYS D 99 -24.79 38.02 -16.56
N ARG D 100 -23.90 38.55 -17.40
CA ARG D 100 -24.31 39.58 -18.35
C ARG D 100 -25.34 39.04 -19.34
N ILE D 101 -25.14 37.81 -19.81
CA ILE D 101 -25.96 37.28 -20.89
C ILE D 101 -27.28 36.67 -20.42
N SER D 102 -27.37 36.29 -19.14
CA SER D 102 -28.54 35.58 -18.65
C SER D 102 -29.44 36.40 -17.73
N ILE D 103 -28.89 37.41 -17.05
CA ILE D 103 -29.62 38.19 -16.07
C ILE D 103 -29.76 39.62 -16.58
N LEU D 104 -30.99 40.16 -16.50
CA LEU D 104 -31.28 41.53 -16.91
C LEU D 104 -31.25 42.40 -15.67
N SER D 105 -30.17 43.15 -15.51
CA SER D 105 -30.01 44.03 -14.35
C SER D 105 -31.02 45.17 -14.39
N LEU D 132 -26.33 31.80 -9.46
CA LEU D 132 -25.34 31.46 -10.47
C LEU D 132 -23.97 31.26 -9.83
N PRO D 133 -23.60 30.01 -9.56
CA PRO D 133 -22.28 29.74 -9.00
C PRO D 133 -21.17 29.90 -10.03
N THR D 134 -19.94 29.85 -9.55
CA THR D 134 -18.79 29.96 -10.44
C THR D 134 -18.83 28.87 -11.50
N PHE D 135 -18.63 29.25 -12.75
CA PHE D 135 -18.69 28.30 -13.84
C PHE D 135 -17.40 27.48 -13.92
N GLN D 136 -17.49 26.36 -14.63
CA GLN D 136 -16.37 25.44 -14.79
C GLN D 136 -15.83 25.50 -16.21
N LEU D 137 -14.52 25.42 -16.34
CA LEU D 137 -13.85 25.47 -17.64
C LEU D 137 -13.40 24.07 -18.01
N ILE D 138 -13.84 23.59 -19.18
CA ILE D 138 -13.46 22.29 -19.70
C ILE D 138 -12.71 22.51 -21.00
N LEU D 139 -11.52 21.92 -21.11
CA LEU D 139 -10.62 22.18 -22.22
C LEU D 139 -10.56 20.99 -23.17
N ASN D 140 -10.38 21.29 -24.45
CA ASN D 140 -10.18 20.29 -25.49
C ASN D 140 -8.94 20.67 -26.28
N SER D 141 -8.09 19.68 -26.55
CA SER D 141 -6.84 19.93 -27.25
C SER D 141 -6.49 18.74 -28.11
N ASN D 142 -5.65 18.98 -29.12
CA ASN D 142 -5.17 17.95 -30.03
C ASN D 142 -3.65 17.77 -29.94
N ALA D 143 -3.06 18.14 -28.81
CA ALA D 143 -1.62 18.02 -28.64
C ALA D 143 -1.20 16.56 -28.54
N ASN D 144 0.07 16.30 -28.83
CA ASN D 144 0.58 14.94 -28.79
C ASN D 144 0.37 14.33 -27.40
N GLN D 145 -0.10 13.09 -27.37
CA GLN D 145 -0.33 12.41 -26.11
C GLN D 145 1.00 11.91 -25.54
N ILE D 146 1.27 12.26 -24.29
CA ILE D 146 2.49 11.84 -23.61
C ILE D 146 2.24 10.48 -22.98
N PRO D 147 3.11 9.48 -23.17
CA PRO D 147 2.92 8.20 -22.49
C PRO D 147 2.86 8.38 -20.99
N LEU D 148 2.00 7.57 -20.34
CA LEU D 148 1.79 7.74 -18.91
C LEU D 148 3.08 7.60 -18.12
N ARG D 149 4.00 6.78 -18.51
CA ARG D 149 5.26 6.54 -17.92
C ARG D 149 6.29 7.61 -18.19
N ASP D 150 6.04 8.45 -19.19
CA ASP D 150 6.95 9.53 -19.54
C ASP D 150 6.70 10.79 -18.73
N LEU D 151 5.71 10.88 -17.92
CA LEU D 151 5.40 11.92 -17.02
C LEU D 151 6.40 11.96 -15.89
N ASP D 152 7.16 12.99 -15.72
CA ASP D 152 8.19 13.17 -14.78
C ASP D 152 8.32 14.60 -14.31
N SER D 153 9.38 14.96 -13.66
CA SER D 153 9.67 16.25 -13.16
C SER D 153 9.55 17.33 -14.19
N GLU D 154 9.92 16.99 -15.43
CA GLU D 154 9.91 17.97 -16.51
C GLU D 154 8.50 18.46 -16.83
N HIS D 155 7.47 17.70 -16.44
CA HIS D 155 6.09 18.03 -16.79
C HIS D 155 5.29 18.52 -15.58
N VAL D 156 5.89 18.99 -14.54
CA VAL D 156 5.31 19.48 -13.35
C VAL D 156 4.59 20.77 -13.59
N SER D 157 3.33 20.87 -13.20
CA SER D 157 2.55 22.10 -13.33
C SER D 157 2.43 22.53 -14.79
N LYS D 158 2.00 21.58 -15.63
CA LYS D 158 1.80 21.85 -17.05
C LYS D 158 0.59 21.08 -17.53
N ILE D 159 -0.02 21.57 -18.61
CA ILE D 159 -1.17 20.92 -19.20
C ILE D 159 -0.67 19.81 -20.11
N VAL D 160 -1.10 18.58 -19.83
CA VAL D 160 -0.66 17.40 -20.58
C VAL D 160 -1.89 16.60 -20.99
N ARG D 161 -1.75 15.87 -22.09
CA ARG D 161 -2.80 14.98 -22.60
C ARG D 161 -2.27 13.55 -22.60
N LEU D 162 -3.05 12.64 -22.03
CA LEU D 162 -2.66 11.24 -21.95
C LEU D 162 -3.90 10.37 -21.95
N SER D 163 -3.71 9.11 -22.31
CA SER D 163 -4.79 8.13 -22.37
C SER D 163 -4.42 6.91 -21.53
N GLY D 164 -5.43 6.31 -20.92
CA GLY D 164 -5.22 5.16 -20.07
C GLY D 164 -6.51 4.41 -19.85
N ILE D 165 -6.47 3.50 -18.89
CA ILE D 165 -7.61 2.66 -18.51
C ILE D 165 -7.96 2.95 -17.06
N ILE D 166 -9.22 3.28 -16.82
CA ILE D 166 -9.69 3.54 -15.46
C ILE D 166 -9.90 2.21 -14.76
N ILE D 167 -9.27 2.06 -13.59
CA ILE D 167 -9.36 0.82 -12.83
C ILE D 167 -10.10 0.98 -11.52
N SER D 168 -10.29 2.21 -11.02
CA SER D 168 -10.99 2.40 -9.76
C SER D 168 -11.54 3.82 -9.72
N THR D 169 -12.71 3.96 -9.10
CA THR D 169 -13.33 5.25 -8.84
C THR D 169 -13.77 5.30 -7.39
N SER D 170 -13.73 6.50 -6.81
CA SER D 170 -14.06 6.69 -5.40
C SER D 170 -15.47 7.23 -5.25
N VAL D 171 -15.91 7.30 -4.01
CA VAL D 171 -17.21 7.86 -3.67
C VAL D 171 -17.11 9.37 -3.64
N LEU D 172 -18.15 10.05 -4.10
CA LEU D 172 -18.12 11.50 -4.17
C LEU D 172 -17.90 12.09 -2.78
N SER D 173 -16.99 13.05 -2.71
CA SER D 173 -16.71 13.79 -1.49
C SER D 173 -17.25 15.21 -1.63
N SER D 174 -17.00 16.03 -0.59
CA SER D 174 -17.49 17.40 -0.55
C SER D 174 -16.31 18.33 -0.33
N ARG D 175 -16.07 19.27 -1.18
CA ARG D 175 -15.14 20.33 -1.15
C ARG D 175 -15.77 21.64 -0.75
N ALA D 176 -14.95 22.59 -0.31
CA ALA D 176 -15.42 23.88 0.16
C ALA D 176 -15.13 24.95 -0.88
N THR D 177 -16.15 25.73 -1.22
CA THR D 177 -16.02 26.88 -2.12
C THR D 177 -16.26 28.20 -1.40
N TYR D 178 -17.35 28.28 -0.64
CA TYR D 178 -17.68 29.46 0.15
C TYR D 178 -17.81 29.04 1.61
N LEU D 179 -16.92 29.54 2.45
CA LEU D 179 -16.87 29.18 3.86
C LEU D 179 -17.29 30.37 4.72
N SER D 180 -18.19 30.11 5.67
CA SER D 180 -18.57 31.10 6.67
C SER D 180 -17.91 30.73 7.99
N ILE D 181 -17.19 31.68 8.58
CA ILE D 181 -16.41 31.44 9.78
C ILE D 181 -16.76 32.46 10.84
N MET D 182 -16.50 32.10 12.09
CA MET D 182 -16.77 32.96 13.23
C MET D 182 -15.68 32.74 14.27
N CYS D 183 -15.30 33.81 14.95
CA CYS D 183 -14.26 33.74 15.97
C CYS D 183 -14.87 33.34 17.31
N ARG D 184 -14.17 32.46 18.03
CA ARG D 184 -14.71 31.93 19.29
C ARG D 184 -14.90 33.05 20.31
N ASN D 185 -13.91 33.94 20.42
CA ASN D 185 -13.91 34.92 21.52
C ASN D 185 -14.82 36.10 21.23
N CYS D 186 -14.51 36.87 20.19
CA CYS D 186 -15.24 38.10 19.89
C CYS D 186 -16.38 37.89 18.89
N ARG D 187 -16.55 36.68 18.37
CA ARG D 187 -17.66 36.35 17.48
C ARG D 187 -17.70 37.31 16.29
N HIS D 188 -16.63 37.28 15.50
CA HIS D 188 -16.50 38.11 14.31
C HIS D 188 -16.85 37.28 13.08
N THR D 189 -17.85 37.72 12.33
CA THR D 189 -18.29 36.99 11.14
C THR D 189 -17.38 37.33 9.97
N THR D 190 -16.96 36.29 9.25
CA THR D 190 -16.09 36.46 8.09
C THR D 190 -16.38 35.36 7.10
N SER D 191 -15.96 35.59 5.85
CA SER D 191 -16.20 34.65 4.76
C SER D 191 -14.91 34.42 3.98
N ILE D 192 -14.81 33.24 3.38
CA ILE D 192 -13.66 32.86 2.57
C ILE D 192 -14.17 32.27 1.26
N THR D 193 -13.55 32.67 0.15
CA THR D 193 -13.82 32.12 -1.16
C THR D 193 -12.61 31.30 -1.59
N ILE D 194 -12.83 30.04 -1.93
CA ILE D 194 -11.76 29.08 -2.19
C ILE D 194 -11.91 28.55 -3.61
N ASN D 195 -10.82 28.57 -4.37
CA ASN D 195 -10.73 27.89 -5.65
C ASN D 195 -10.05 26.54 -5.45
N ASN D 196 -10.44 25.56 -6.28
CA ASN D 196 -9.99 24.19 -6.10
C ASN D 196 -8.62 23.93 -6.69
N PHE D 197 -7.99 24.91 -7.31
CA PHE D 197 -6.65 24.76 -7.88
C PHE D 197 -5.61 25.04 -6.80
N ASN D 198 -4.73 24.14 -6.53
CA ASN D 198 -3.69 24.14 -5.57
C ASN D 198 -2.34 24.45 -6.17
N SER D 199 -1.61 25.38 -5.58
CA SER D 199 -0.28 25.73 -6.07
C SER D 199 0.69 24.57 -5.85
N VAL D 205 -4.83 27.42 0.84
CA VAL D 205 -5.83 28.05 1.62
C VAL D 205 -6.10 27.44 2.96
N SER D 206 -6.27 28.17 4.00
CA SER D 206 -6.52 27.76 5.33
C SER D 206 -7.24 28.81 6.14
N LEU D 207 -7.83 28.47 7.23
CA LEU D 207 -8.43 29.34 8.17
C LEU D 207 -7.42 30.32 8.69
N PRO D 208 -7.76 31.60 8.90
CA PRO D 208 -6.76 32.55 9.38
C PRO D 208 -6.14 32.10 10.69
N ARG D 209 -4.86 32.24 10.85
CA ARG D 209 -4.09 32.01 12.02
C ARG D 209 -4.24 33.07 13.08
N SER D 210 -4.64 34.27 12.67
CA SER D 210 -4.79 35.40 13.56
C SER D 210 -6.18 35.99 13.37
N CYS D 211 -6.86 36.27 14.49
CA CYS D 211 -8.18 36.84 14.43
C CYS D 211 -8.15 38.24 13.82
N LEU D 212 -9.33 38.74 13.46
CA LEU D 212 -9.46 40.07 12.88
C LEU D 212 -10.48 40.89 13.67
N ASN D 235 -7.76 39.56 23.47
CA ASN D 235 -6.87 38.73 22.74
C ASN D 235 -7.50 37.43 22.33
N CYS D 236 -7.17 36.91 21.15
CA CYS D 236 -7.68 35.63 20.67
C CYS D 236 -6.50 34.72 20.35
N GLY D 237 -6.55 33.49 20.71
CA GLY D 237 -5.59 32.54 20.52
C GLY D 237 -5.38 32.06 19.15
N PRO D 238 -4.33 31.28 18.88
CA PRO D 238 -4.10 30.77 17.55
C PRO D 238 -5.24 29.96 16.99
N ASP D 239 -5.54 30.05 15.75
CA ASP D 239 -6.58 29.36 15.10
C ASP D 239 -7.92 29.60 15.79
N PRO D 240 -8.39 30.84 15.87
CA PRO D 240 -9.60 31.13 16.64
C PRO D 240 -10.91 30.99 15.88
N TYR D 241 -10.85 30.77 14.57
CA TYR D 241 -12.06 30.75 13.74
C TYR D 241 -12.63 29.34 13.66
N ILE D 242 -13.95 29.25 13.73
CA ILE D 242 -14.68 27.99 13.61
C ILE D 242 -15.69 28.14 12.47
N ILE D 243 -15.74 27.14 11.59
CA ILE D 243 -16.57 27.23 10.40
C ILE D 243 -18.04 27.05 10.77
N ILE D 244 -18.88 27.94 10.27
CA ILE D 244 -20.33 27.79 10.37
C ILE D 244 -20.79 27.06 9.11
N HIS D 245 -21.30 25.89 9.22
CA HIS D 245 -21.61 24.97 8.18
C HIS D 245 -22.89 25.27 7.45
N GLU D 246 -23.92 25.67 8.20
CA GLU D 246 -25.23 25.89 7.60
C GLU D 246 -25.24 27.03 6.61
N SER D 247 -24.23 27.88 6.61
CA SER D 247 -24.14 29.02 5.69
C SER D 247 -23.08 28.84 4.62
N SER D 248 -22.46 27.67 4.52
CA SER D 248 -21.40 27.42 3.56
C SER D 248 -21.94 26.68 2.34
N LYS D 249 -21.17 26.74 1.26
CA LYS D 249 -21.50 26.09 0.00
C LYS D 249 -20.39 25.12 -0.39
N PHE D 250 -20.78 23.95 -0.89
CA PHE D 250 -19.85 22.89 -1.21
C PHE D 250 -20.10 22.40 -2.63
N ILE D 251 -19.10 21.69 -3.18
CA ILE D 251 -19.16 21.10 -4.51
C ILE D 251 -18.80 19.62 -4.39
N ASP D 252 -18.86 18.93 -5.53
CA ASP D 252 -18.57 17.51 -5.60
C ASP D 252 -17.14 17.27 -6.07
N GLN D 253 -16.50 16.25 -5.60
CA GLN D 253 -15.20 15.80 -5.88
C GLN D 253 -15.10 14.31 -5.97
N GLN D 254 -14.25 13.80 -6.86
CA GLN D 254 -14.09 12.36 -7.04
C GLN D 254 -12.63 12.05 -7.37
N PHE D 255 -12.15 10.91 -7.00
CA PHE D 255 -10.87 10.35 -7.20
C PHE D 255 -10.88 9.20 -8.16
N LEU D 256 -9.95 9.18 -9.12
CA LEU D 256 -9.86 8.10 -10.10
C LEU D 256 -8.43 7.59 -10.15
N LYS D 257 -8.24 6.35 -10.45
CA LYS D 257 -7.05 5.63 -10.69
C LYS D 257 -6.91 5.28 -12.15
N LEU D 258 -5.88 5.78 -12.83
CA LEU D 258 -5.70 5.59 -14.26
C LEU D 258 -4.47 4.75 -14.51
N GLN D 259 -4.65 3.64 -15.21
CA GLN D 259 -3.55 2.77 -15.61
C GLN D 259 -3.16 3.05 -17.05
N GLU D 260 -1.99 2.56 -17.44
CA GLU D 260 -1.48 2.78 -18.78
C GLU D 260 -1.93 1.66 -19.71
N ILE D 261 -2.05 1.99 -20.99
CA ILE D 261 -2.56 1.01 -21.96
C ILE D 261 -1.59 -0.17 -22.03
N PRO D 262 -2.07 -1.41 -22.15
CA PRO D 262 -1.13 -2.54 -22.18
C PRO D 262 -0.12 -2.45 -23.31
N GLU D 263 -0.51 -1.93 -24.47
CA GLU D 263 0.41 -1.87 -25.60
C GLU D 263 1.52 -0.85 -25.39
N LEU D 264 1.30 0.15 -24.52
CA LEU D 264 2.29 1.20 -24.30
C LEU D 264 3.25 0.90 -23.16
N VAL D 265 3.04 -0.20 -22.44
CA VAL D 265 3.92 -0.51 -21.30
C VAL D 265 5.32 -0.82 -21.82
N PRO D 266 6.39 -0.37 -21.14
CA PRO D 266 7.74 -0.73 -21.60
C PRO D 266 8.05 -2.21 -21.42
N VAL D 267 9.28 -2.61 -21.75
CA VAL D 267 9.62 -4.02 -21.73
C VAL D 267 9.73 -4.51 -20.29
N GLY D 268 9.04 -5.61 -19.99
CA GLY D 268 9.15 -6.27 -18.71
C GLY D 268 8.86 -5.38 -17.52
N GLU D 269 7.78 -4.61 -17.60
CA GLU D 269 7.40 -3.70 -16.52
C GLU D 269 5.91 -3.88 -16.21
N MET D 270 5.52 -3.80 -14.98
CA MET D 270 4.21 -3.77 -14.50
C MET D 270 3.51 -2.50 -14.91
N PRO D 271 2.22 -2.52 -15.26
CA PRO D 271 1.51 -1.28 -15.52
C PRO D 271 1.53 -0.33 -14.36
N ARG D 272 1.62 0.94 -14.58
CA ARG D 272 1.72 2.02 -13.67
C ARG D 272 0.40 2.70 -13.42
N ASN D 273 0.04 3.04 -12.22
CA ASN D 273 -1.10 3.73 -11.77
C ASN D 273 -0.85 5.20 -11.53
N LEU D 274 -1.79 6.06 -11.73
CA LEU D 274 -1.81 7.46 -11.55
C LEU D 274 -3.07 7.95 -10.88
N THR D 275 -3.02 8.73 -9.87
CA THR D 275 -4.09 9.33 -9.15
C THR D 275 -4.61 10.56 -9.86
N MET D 276 -5.92 10.69 -9.98
CA MET D 276 -6.52 11.82 -10.68
C MET D 276 -7.78 12.25 -9.94
N THR D 277 -8.18 13.48 -10.07
CA THR D 277 -9.27 14.14 -9.47
C THR D 277 -10.12 14.91 -10.45
N CYS D 278 -11.43 14.93 -10.24
CA CYS D 278 -12.35 15.69 -11.08
C CYS D 278 -13.33 16.44 -10.19
N ASP D 279 -13.90 17.52 -10.74
CA ASP D 279 -14.74 18.42 -9.97
C ASP D 279 -16.06 18.66 -10.71
N ARG D 280 -17.12 18.80 -9.92
CA ARG D 280 -18.42 19.25 -10.41
C ARG D 280 -18.92 18.43 -11.58
N TYR D 281 -18.86 18.98 -12.80
CA TYR D 281 -19.49 18.38 -13.96
C TYR D 281 -18.65 17.30 -14.62
N LEU D 282 -17.42 17.06 -14.15
CA LEU D 282 -16.59 15.99 -14.66
C LEU D 282 -16.65 14.75 -13.79
N THR D 283 -17.53 14.72 -12.80
CA THR D 283 -17.72 13.56 -11.95
C THR D 283 -18.79 12.66 -12.54
N ASN D 284 -18.73 11.38 -12.18
CA ASN D 284 -19.67 10.38 -12.67
C ASN D 284 -19.71 10.38 -14.20
N LYS D 285 -18.53 10.38 -14.81
CA LYS D 285 -18.40 10.37 -16.26
C LYS D 285 -17.75 9.10 -16.81
N VAL D 286 -17.06 8.33 -15.98
CA VAL D 286 -16.35 7.14 -16.43
C VAL D 286 -16.62 6.00 -15.45
N ILE D 287 -16.61 4.78 -15.98
CA ILE D 287 -16.76 3.58 -15.17
C ILE D 287 -15.46 2.78 -15.26
N PRO D 288 -15.13 1.97 -14.26
CA PRO D 288 -13.88 1.21 -14.32
C PRO D 288 -13.83 0.29 -15.53
N GLY D 289 -12.64 0.18 -16.12
CA GLY D 289 -12.42 -0.72 -17.23
C GLY D 289 -12.60 -0.11 -18.60
N THR D 290 -12.77 1.20 -18.71
CA THR D 290 -13.01 1.86 -19.98
C THR D 290 -11.84 2.79 -20.31
N ARG D 291 -11.32 2.66 -21.53
CA ARG D 291 -10.25 3.54 -21.99
C ARG D 291 -10.77 4.96 -22.12
N VAL D 292 -9.97 5.92 -21.66
CA VAL D 292 -10.33 7.33 -21.69
C VAL D 292 -9.11 8.15 -22.07
N THR D 293 -9.36 9.38 -22.52
CA THR D 293 -8.32 10.37 -22.78
C THR D 293 -8.54 11.54 -21.84
N ILE D 294 -7.47 11.99 -21.20
CA ILE D 294 -7.55 12.96 -20.11
C ILE D 294 -6.68 14.17 -20.44
N VAL D 295 -7.24 15.36 -20.22
CA VAL D 295 -6.51 16.62 -20.28
C VAL D 295 -6.52 17.22 -18.87
N GLY D 296 -5.34 17.48 -18.33
CA GLY D 296 -5.26 17.98 -16.97
C GLY D 296 -3.90 18.56 -16.68
N ILE D 297 -3.72 18.93 -15.42
CA ILE D 297 -2.48 19.53 -14.93
C ILE D 297 -1.76 18.50 -14.08
N TYR D 298 -0.51 18.26 -14.32
CA TYR D 298 0.40 17.39 -13.66
C TYR D 298 0.95 18.09 -12.43
N SER D 299 0.25 18.02 -11.31
CA SER D 299 0.61 18.72 -10.08
C SER D 299 1.10 17.71 -9.05
N ILE D 300 1.46 18.16 -7.89
CA ILE D 300 1.99 17.50 -6.76
C ILE D 300 1.42 17.99 -5.47
N TYR D 301 1.17 17.18 -4.50
CA TYR D 301 0.69 17.43 -3.19
C TYR D 301 1.53 16.77 -2.13
N ASN D 302 1.86 17.42 -1.06
CA ASN D 302 2.60 16.98 0.06
C ASN D 302 1.73 16.17 0.97
N SER D 303 1.82 14.84 0.98
CA SER D 303 1.11 13.99 1.93
C SER D 303 1.28 14.43 3.39
N VAL D 321 9.74 13.98 3.22
CA VAL D 321 9.65 15.43 3.44
C VAL D 321 10.21 16.20 2.23
N ALA D 322 11.23 15.65 1.58
CA ALA D 322 11.83 16.17 0.34
C ALA D 322 11.16 15.65 -0.94
N ILE D 323 9.98 15.04 -0.85
CA ILE D 323 9.23 14.45 -1.96
C ILE D 323 7.76 14.88 -1.92
N ARG D 324 7.09 14.87 -3.07
CA ARG D 324 5.74 15.16 -3.37
C ARG D 324 5.07 14.09 -4.18
N THR D 325 3.91 13.64 -3.85
CA THR D 325 3.14 12.66 -4.52
C THR D 325 2.53 13.22 -5.77
N PRO D 326 2.85 12.74 -6.98
CA PRO D 326 2.24 13.26 -8.17
C PRO D 326 0.78 12.91 -8.33
N TYR D 327 0.01 13.69 -9.00
CA TYR D 327 -1.36 13.53 -9.32
C TYR D 327 -1.77 14.38 -10.50
N ILE D 328 -2.93 14.08 -11.08
CA ILE D 328 -3.43 14.78 -12.25
C ILE D 328 -4.74 15.47 -11.88
N LYS D 329 -4.84 16.77 -12.19
CA LYS D 329 -6.06 17.54 -12.02
C LYS D 329 -6.80 17.53 -13.36
N ILE D 330 -7.90 16.77 -13.43
CA ILE D 330 -8.61 16.59 -14.69
C ILE D 330 -9.25 17.90 -15.10
N LEU D 331 -9.07 18.27 -16.37
CA LEU D 331 -9.75 19.41 -16.96
C LEU D 331 -10.74 19.01 -18.04
N GLY D 332 -10.62 17.81 -18.60
CA GLY D 332 -11.55 17.33 -19.60
C GLY D 332 -11.42 15.84 -19.83
N ILE D 333 -12.55 15.15 -20.00
CA ILE D 333 -12.58 13.71 -20.17
C ILE D 333 -13.19 13.39 -21.53
N GLN D 334 -12.50 12.55 -22.30
CA GLN D 334 -12.97 12.12 -23.61
C GLN D 334 -12.87 10.61 -23.67
N SER D 335 -14.00 9.95 -23.88
CA SER D 335 -14.07 8.49 -23.90
C SER D 335 -14.84 8.04 -25.14
N ASP D 336 -14.55 6.81 -25.56
CA ASP D 336 -15.18 6.22 -26.74
C ASP D 336 -16.45 5.44 -26.40
N VAL D 337 -16.86 5.42 -25.13
CA VAL D 337 -18.05 4.70 -24.69
C VAL D 337 -18.97 5.69 -23.99
N GLU D 338 -20.24 5.71 -24.40
CA GLU D 338 -21.24 6.60 -23.80
C GLU D 338 -21.66 5.99 -22.47
N THR D 339 -20.90 6.33 -21.42
CA THR D 339 -21.20 5.79 -20.10
C THR D 339 -22.53 6.30 -19.56
N SER D 340 -22.89 7.54 -19.91
CA SER D 340 -24.16 8.10 -19.43
C SER D 340 -25.34 7.27 -19.93
N SER D 341 -25.30 6.83 -21.17
CA SER D 341 -26.38 6.05 -21.76
C SER D 341 -26.36 4.59 -21.33
N ILE D 342 -25.30 4.13 -20.67
CA ILE D 342 -25.20 2.74 -20.26
C ILE D 342 -25.77 2.53 -18.87
N TRP D 343 -25.45 3.42 -17.92
CA TRP D 343 -25.93 3.27 -16.56
C TRP D 343 -27.30 3.93 -16.34
N ASN D 344 -27.82 4.64 -17.33
CA ASN D 344 -29.15 5.23 -17.27
C ASN D 344 -30.04 4.65 -18.35
N SER D 345 -31.34 4.61 -18.08
CA SER D 345 -32.30 4.34 -19.14
C SER D 345 -32.24 5.42 -20.21
N VAL D 346 -31.79 6.63 -19.83
CA VAL D 346 -31.55 7.69 -20.79
C VAL D 346 -30.56 7.22 -21.84
N THR D 347 -30.75 7.68 -23.07
CA THR D 347 -29.88 7.32 -24.19
C THR D 347 -29.36 8.60 -24.85
N MET D 348 -28.06 8.65 -25.08
CA MET D 348 -27.39 9.78 -25.70
C MET D 348 -27.02 9.41 -27.14
N PHE D 349 -27.71 10.01 -28.11
CA PHE D 349 -27.39 9.82 -29.52
C PHE D 349 -27.87 11.04 -30.32
N THR D 350 -26.98 11.68 -31.06
CA THR D 350 -27.34 12.88 -31.82
C THR D 350 -28.41 12.51 -32.83
N GLU D 351 -29.16 13.49 -33.31
CA GLU D 351 -30.22 13.26 -34.30
C GLU D 351 -29.59 12.70 -35.54
N GLU D 352 -28.41 13.13 -35.85
CA GLU D 352 -27.72 12.65 -37.08
C GLU D 352 -27.31 11.20 -36.85
N GLU D 353 -27.01 10.83 -35.62
CA GLU D 353 -26.69 9.41 -35.31
C GLU D 353 -27.97 8.61 -35.43
N GLU D 354 -28.96 8.92 -34.64
CA GLU D 354 -30.21 8.16 -34.65
C GLU D 354 -30.56 7.92 -36.11
N GLU D 355 -30.39 8.86 -37.02
CA GLU D 355 -30.89 8.65 -38.41
C GLU D 355 -29.89 7.86 -39.24
N GLU D 356 -28.69 7.66 -38.76
CA GLU D 356 -27.71 6.84 -39.47
C GLU D 356 -27.97 5.40 -39.11
N PHE D 357 -28.37 5.15 -37.88
CA PHE D 357 -28.59 3.79 -37.38
C PHE D 357 -29.93 3.33 -37.88
N LEU D 358 -30.88 4.21 -38.14
CA LEU D 358 -32.13 3.77 -38.77
C LEU D 358 -31.91 3.37 -40.22
N GLN D 359 -31.12 4.16 -40.95
CA GLN D 359 -30.84 3.83 -42.35
C GLN D 359 -30.09 2.51 -42.46
N LEU D 360 -29.13 2.28 -41.57
CA LEU D 360 -28.41 1.01 -41.57
C LEU D 360 -29.37 -0.15 -41.27
N SER D 361 -30.25 0.02 -40.30
CA SER D 361 -31.22 -1.01 -39.98
C SER D 361 -32.14 -1.29 -41.16
N ARG D 362 -32.46 -0.27 -41.95
CA ARG D 362 -33.32 -0.45 -43.11
C ARG D 362 -32.66 -1.29 -44.20
N ASN D 363 -31.37 -1.56 -44.10
CA ASN D 363 -30.69 -2.35 -45.12
C ASN D 363 -31.32 -3.74 -45.19
N PRO D 364 -31.66 -4.24 -46.38
CA PRO D 364 -32.33 -5.54 -46.46
C PRO D 364 -31.49 -6.71 -45.99
N LYS D 365 -30.17 -6.57 -45.93
CA LYS D 365 -29.27 -7.68 -45.63
C LYS D 365 -28.24 -7.27 -44.57
N LEU D 366 -28.71 -6.59 -43.51
CA LEU D 366 -27.81 -6.19 -42.45
C LEU D 366 -27.15 -7.39 -41.78
N TYR D 367 -27.84 -8.53 -41.74
CA TYR D 367 -27.29 -9.71 -41.10
C TYR D 367 -25.98 -10.14 -41.75
N GLU D 368 -25.96 -10.17 -43.09
CA GLU D 368 -24.74 -10.54 -43.80
C GLU D 368 -23.62 -9.54 -43.53
N ILE D 369 -23.95 -8.25 -43.50
CA ILE D 369 -22.93 -7.23 -43.26
C ILE D 369 -22.30 -7.44 -41.89
N LEU D 370 -23.12 -7.63 -40.85
CA LEU D 370 -22.56 -7.82 -39.52
C LEU D 370 -21.79 -9.13 -39.42
N THR D 371 -22.28 -10.20 -40.07
CA THR D 371 -21.55 -11.47 -40.04
C THR D 371 -20.18 -11.31 -40.68
N ASN D 372 -20.09 -10.57 -41.78
CA ASN D 372 -18.81 -10.33 -42.42
C ASN D 372 -17.94 -9.35 -41.65
N SER D 373 -18.55 -8.50 -40.81
CA SER D 373 -17.80 -7.47 -40.11
C SER D 373 -17.08 -7.98 -38.86
N ILE D 374 -17.29 -9.23 -38.47
CA ILE D 374 -16.68 -9.80 -37.28
C ILE D 374 -15.51 -10.68 -37.71
N ALA D 375 -14.34 -10.40 -37.18
CA ALA D 375 -13.12 -11.14 -37.50
C ALA D 375 -12.92 -11.24 -39.02
N PRO D 376 -12.74 -10.11 -39.70
CA PRO D 376 -12.50 -10.17 -41.15
C PRO D 376 -11.26 -10.93 -41.52
N SER D 377 -10.31 -11.09 -40.61
CA SER D 377 -9.05 -11.77 -40.88
C SER D 377 -9.11 -13.27 -40.62
N ILE D 378 -10.28 -13.80 -40.24
CA ILE D 378 -10.45 -15.22 -39.99
C ILE D 378 -11.30 -15.80 -41.11
N PHE D 379 -10.84 -16.91 -41.67
CA PHE D 379 -11.50 -17.55 -42.80
C PHE D 379 -12.58 -18.51 -42.31
N GLY D 380 -13.73 -18.49 -42.97
CA GLY D 380 -14.81 -19.40 -42.63
C GLY D 380 -15.38 -19.10 -41.25
N ASN D 381 -15.84 -20.15 -40.58
CA ASN D 381 -16.45 -20.04 -39.26
C ASN D 381 -17.66 -19.12 -39.29
N GLU D 382 -18.44 -19.20 -40.38
CA GLU D 382 -19.59 -18.31 -40.52
C GLU D 382 -20.62 -18.54 -39.42
N ASP D 383 -20.89 -19.80 -39.08
CA ASP D 383 -21.88 -20.09 -38.05
C ASP D 383 -21.45 -19.53 -36.70
N ILE D 384 -20.16 -19.65 -36.37
CA ILE D 384 -19.67 -19.11 -35.10
C ILE D 384 -19.75 -17.59 -35.12
N LYS D 385 -19.51 -16.97 -36.27
CA LYS D 385 -19.65 -15.52 -36.37
C LYS D 385 -21.10 -15.09 -36.16
N LYS D 386 -22.05 -15.84 -36.72
CA LYS D 386 -23.46 -15.54 -36.48
C LYS D 386 -23.81 -15.70 -35.01
N ALA D 387 -23.28 -16.75 -34.37
CA ALA D 387 -23.52 -16.95 -32.95
C ALA D 387 -22.96 -15.79 -32.14
N ILE D 388 -21.78 -15.29 -32.53
CA ILE D 388 -21.18 -14.15 -31.83
C ILE D 388 -22.03 -12.90 -32.02
N VAL D 389 -22.58 -12.72 -33.23
CA VAL D 389 -23.48 -11.59 -33.47
C VAL D 389 -24.69 -11.68 -32.54
N CYS D 390 -25.28 -12.87 -32.46
CA CYS D 390 -26.45 -13.05 -31.58
C CYS D 390 -26.08 -12.78 -30.13
N LEU D 391 -24.91 -13.25 -29.70
CA LEU D 391 -24.48 -13.02 -28.32
C LEU D 391 -24.29 -11.53 -28.06
N LEU D 392 -23.69 -10.81 -29.00
CA LEU D 392 -23.49 -9.37 -28.82
C LEU D 392 -24.83 -8.65 -28.74
N MET D 393 -25.75 -8.95 -29.66
CA MET D 393 -27.05 -8.31 -29.62
C MET D 393 -27.82 -8.67 -28.37
N GLY D 394 -27.81 -9.95 -27.99
CA GLY D 394 -28.51 -10.39 -26.81
C GLY D 394 -30.01 -10.46 -27.01
N GLY D 395 -30.72 -11.06 -26.05
CA GLY D 395 -32.15 -11.16 -26.11
C GLY D 395 -32.83 -10.10 -25.26
N SER D 396 -34.10 -10.35 -24.95
CA SER D 396 -34.88 -9.48 -24.10
C SER D 396 -35.20 -10.16 -22.78
N LYS D 397 -35.18 -9.38 -21.70
CA LYS D 397 -35.42 -9.87 -20.36
C LYS D 397 -36.81 -9.46 -19.90
N LYS D 398 -37.54 -10.39 -19.30
CA LYS D 398 -38.91 -10.18 -18.84
C LYS D 398 -38.98 -10.37 -17.33
N ILE D 399 -39.69 -9.48 -16.66
CA ILE D 399 -39.93 -9.55 -15.23
C ILE D 399 -41.42 -9.79 -15.04
N LEU D 400 -41.78 -10.96 -14.55
CA LEU D 400 -43.18 -11.34 -14.41
C LEU D 400 -43.81 -10.65 -13.20
N PRO D 401 -45.14 -10.54 -13.19
CA PRO D 401 -45.80 -9.89 -12.05
C PRO D 401 -45.51 -10.55 -10.72
N ASP D 402 -45.30 -11.86 -10.71
CA ASP D 402 -45.02 -12.59 -9.47
C ASP D 402 -43.61 -12.36 -8.97
N GLY D 403 -42.76 -11.65 -9.72
CA GLY D 403 -41.40 -11.38 -9.35
C GLY D 403 -40.37 -12.23 -10.06
N MET D 404 -40.79 -13.33 -10.68
CA MET D 404 -39.85 -14.17 -11.41
C MET D 404 -39.21 -13.39 -12.55
N ARG D 405 -37.91 -13.56 -12.71
CA ARG D 405 -37.13 -12.88 -13.74
C ARG D 405 -36.53 -13.89 -14.70
N LEU D 406 -36.57 -13.58 -15.98
CA LEU D 406 -36.08 -14.47 -17.03
C LEU D 406 -34.83 -13.89 -17.65
N ARG D 407 -33.79 -14.72 -17.78
CA ARG D 407 -32.52 -14.26 -18.31
C ARG D 407 -32.68 -13.83 -19.77
N GLY D 408 -31.84 -12.87 -20.19
CA GLY D 408 -31.89 -12.36 -21.54
C GLY D 408 -30.53 -12.29 -22.19
N ASP D 409 -29.55 -12.98 -21.63
CA ASP D 409 -28.19 -13.01 -22.15
C ASP D 409 -27.89 -14.38 -22.76
N ILE D 410 -27.07 -14.39 -23.80
CA ILE D 410 -26.75 -15.59 -24.55
C ILE D 410 -25.30 -15.95 -24.29
N ASN D 411 -25.06 -17.20 -23.90
CA ASN D 411 -23.72 -17.72 -23.66
C ASN D 411 -23.35 -18.72 -24.75
N VAL D 412 -22.08 -18.70 -25.15
CA VAL D 412 -21.59 -19.55 -26.22
C VAL D 412 -20.29 -20.22 -25.77
N LEU D 413 -20.18 -21.52 -26.03
CA LEU D 413 -18.99 -22.29 -25.71
C LEU D 413 -18.38 -22.82 -27.00
N LEU D 414 -17.04 -22.80 -27.07
CA LEU D 414 -16.30 -23.27 -28.23
C LEU D 414 -15.35 -24.37 -27.79
N LEU D 415 -15.71 -25.62 -28.07
CA LEU D 415 -14.88 -26.79 -27.79
C LEU D 415 -14.33 -27.29 -29.12
N GLY D 416 -13.03 -27.16 -29.34
CA GLY D 416 -12.46 -27.53 -30.61
C GLY D 416 -10.98 -27.85 -30.51
N ASP D 417 -10.42 -28.23 -31.67
CA ASP D 417 -9.03 -28.61 -31.77
C ASP D 417 -8.13 -27.38 -31.86
N PRO D 418 -6.83 -27.55 -31.61
CA PRO D 418 -5.91 -26.41 -31.72
C PRO D 418 -5.88 -25.85 -33.14
N GLY D 419 -5.62 -24.55 -33.24
CA GLY D 419 -5.55 -23.89 -34.53
C GLY D 419 -6.88 -23.51 -35.12
N THR D 420 -7.96 -23.57 -34.35
CA THR D 420 -9.29 -23.23 -34.84
C THR D 420 -9.56 -21.73 -34.84
N ALA D 421 -8.69 -20.94 -34.20
CA ALA D 421 -8.84 -19.49 -34.11
C ALA D 421 -9.97 -19.11 -33.14
N LYS D 422 -10.14 -19.89 -32.08
CA LYS D 422 -11.10 -19.54 -31.05
C LYS D 422 -10.62 -18.36 -30.22
N SER D 423 -9.35 -18.35 -29.84
CA SER D 423 -8.82 -17.28 -29.01
C SER D 423 -8.86 -15.95 -29.75
N GLN D 424 -8.57 -15.97 -31.06
CA GLN D 424 -8.66 -14.73 -31.84
C GLN D 424 -10.09 -14.21 -31.88
N LEU D 425 -11.06 -15.11 -32.03
CA LEU D 425 -12.46 -14.69 -32.00
C LEU D 425 -12.81 -14.09 -30.64
N LEU D 426 -12.32 -14.69 -29.55
CA LEU D 426 -12.57 -14.13 -28.23
C LEU D 426 -11.96 -12.74 -28.10
N LYS D 427 -10.74 -12.56 -28.59
CA LYS D 427 -10.10 -11.25 -28.52
C LYS D 427 -10.89 -10.22 -29.32
N PHE D 428 -11.36 -10.60 -30.52
CA PHE D 428 -12.14 -9.66 -31.31
C PHE D 428 -13.45 -9.31 -30.61
N VAL D 429 -14.10 -10.30 -29.99
CA VAL D 429 -15.34 -10.02 -29.26
C VAL D 429 -15.06 -9.06 -28.12
N GLU D 430 -13.98 -9.27 -27.39
CA GLU D 430 -13.61 -8.35 -26.32
C GLU D 430 -13.34 -6.95 -26.86
N LYS D 431 -12.78 -6.86 -28.06
CA LYS D 431 -12.45 -5.55 -28.63
C LYS D 431 -13.70 -4.81 -29.10
N VAL D 432 -14.67 -5.53 -29.67
CA VAL D 432 -15.80 -4.87 -30.32
C VAL D 432 -16.93 -4.54 -29.35
N SER D 433 -17.16 -5.38 -28.34
CA SER D 433 -18.29 -5.16 -27.45
C SER D 433 -18.11 -3.86 -26.68
N PRO D 434 -19.20 -3.12 -26.41
CA PRO D 434 -19.04 -1.88 -25.62
C PRO D 434 -18.39 -2.09 -24.27
N ILE D 435 -18.73 -3.18 -23.59
CA ILE D 435 -18.13 -3.56 -22.32
C ILE D 435 -17.69 -5.02 -22.43
N ALA D 436 -16.44 -5.29 -22.09
CA ALA D 436 -15.94 -6.65 -22.18
C ALA D 436 -14.67 -6.78 -21.36
N VAL D 437 -14.46 -7.98 -20.82
CA VAL D 437 -13.26 -8.32 -20.07
C VAL D 437 -12.75 -9.65 -20.58
N TYR D 438 -11.47 -9.70 -20.93
CA TYR D 438 -10.82 -10.92 -21.39
C TYR D 438 -10.03 -11.53 -20.24
N THR D 439 -10.35 -12.70 -19.81
CA THR D 439 -9.81 -13.45 -18.75
C THR D 439 -9.42 -14.85 -19.15
N SER D 440 -8.40 -15.42 -18.61
CA SER D 440 -7.89 -16.72 -18.77
C SER D 440 -8.33 -17.64 -17.65
N GLY D 441 -8.90 -18.76 -17.89
CA GLY D 441 -9.29 -19.66 -16.92
C GLY D 441 -8.25 -20.13 -15.99
N LYS D 442 -7.08 -20.38 -16.49
CA LYS D 442 -5.91 -20.77 -15.79
C LYS D 442 -5.53 -19.75 -14.74
N GLY D 443 -5.48 -18.51 -15.09
CA GLY D 443 -5.14 -17.44 -14.31
C GLY D 443 -6.22 -16.68 -13.63
N SER D 444 -7.24 -17.35 -13.21
CA SER D 444 -8.43 -16.91 -12.59
C SER D 444 -8.68 -17.60 -11.28
N SER D 445 -9.55 -17.04 -10.44
CA SER D 445 -9.96 -17.61 -9.16
C SER D 445 -11.43 -17.29 -8.90
N ALA D 446 -12.05 -18.01 -7.96
CA ALA D 446 -13.35 -17.81 -7.47
C ALA D 446 -13.58 -16.39 -7.03
N ALA D 447 -12.63 -15.83 -6.27
CA ALA D 447 -12.68 -14.46 -5.77
C ALA D 447 -12.27 -13.43 -6.84
N GLY D 448 -11.46 -13.79 -7.83
CA GLY D 448 -11.17 -13.01 -8.91
C GLY D 448 -12.31 -12.68 -9.79
N LEU D 449 -13.16 -13.66 -10.11
CA LEU D 449 -14.25 -13.58 -11.12
C LEU D 449 -15.61 -13.18 -10.58
N THR D 450 -15.86 -13.17 -9.29
CA THR D 450 -17.12 -12.71 -8.70
C THR D 450 -16.80 -11.43 -7.93
N ALA D 451 -16.64 -11.45 -6.63
CA ALA D 451 -16.29 -10.30 -5.79
C ALA D 451 -15.44 -10.76 -4.63
N SER D 452 -14.60 -9.92 -4.07
CA SER D 452 -13.64 -10.30 -3.03
C SER D 452 -13.79 -9.50 -1.77
N VAL D 453 -13.86 -10.09 -0.58
CA VAL D 453 -13.90 -9.35 0.69
C VAL D 453 -12.50 -8.84 0.90
N GLN D 454 -12.32 -7.54 1.07
CA GLN D 454 -11.01 -6.89 1.22
C GLN D 454 -11.10 -6.04 2.47
N ARG D 455 -10.14 -6.06 3.40
CA ARG D 455 -10.09 -5.22 4.63
C ARG D 455 -9.35 -3.94 4.33
N ASP D 456 -9.87 -2.78 4.75
CA ASP D 456 -9.24 -1.48 4.48
C ASP D 456 -8.07 -1.43 5.42
N PRO D 457 -6.91 -0.93 5.00
CA PRO D 457 -5.77 -1.02 5.87
C PRO D 457 -5.97 -0.12 7.07
N MET D 458 -6.43 1.10 6.81
CA MET D 458 -6.65 2.12 7.86
C MET D 458 -7.89 1.79 8.70
N THR D 459 -9.11 1.94 8.20
CA THR D 459 -10.34 1.77 9.01
C THR D 459 -10.48 0.36 9.61
N ARG D 460 -9.73 -0.63 9.19
CA ARG D 460 -9.87 -2.03 9.66
C ARG D 460 -11.27 -2.56 9.39
N GLU D 461 -11.96 -2.05 8.37
CA GLU D 461 -13.32 -2.44 8.00
C GLU D 461 -13.24 -3.21 6.70
N PHE D 462 -14.08 -4.21 6.49
CA PHE D 462 -14.14 -5.06 5.31
C PHE D 462 -15.06 -4.44 4.27
N TYR D 463 -14.66 -4.35 3.01
CA TYR D 463 -15.45 -3.82 1.86
C TYR D 463 -15.47 -4.90 0.83
N LEU D 464 -16.10 -4.76 -0.33
CA LEU D 464 -16.22 -5.75 -1.42
C LEU D 464 -15.67 -5.09 -2.64
N GLU D 465 -14.67 -5.66 -3.30
CA GLU D 465 -14.10 -5.16 -4.58
C GLU D 465 -14.83 -5.97 -5.61
N GLY D 466 -14.58 -5.81 -6.87
CA GLY D 466 -15.36 -6.49 -7.88
C GLY D 466 -14.45 -7.23 -8.80
N GLY D 467 -14.97 -8.24 -9.45
CA GLY D 467 -14.19 -9.06 -10.34
C GLY D 467 -14.72 -9.00 -11.74
N ALA D 468 -14.19 -9.80 -12.60
CA ALA D 468 -14.51 -9.75 -14.01
C ALA D 468 -16.01 -9.79 -14.25
N MET D 469 -16.79 -10.41 -13.43
CA MET D 469 -18.20 -10.54 -13.76
C MET D 469 -18.96 -9.37 -13.19
N VAL D 470 -18.35 -8.48 -12.41
CA VAL D 470 -18.96 -7.22 -11.90
C VAL D 470 -18.42 -6.10 -12.75
N LEU D 471 -17.20 -6.21 -13.21
CA LEU D 471 -16.56 -5.18 -14.03
C LEU D 471 -17.13 -5.29 -15.42
N ALA D 472 -17.66 -6.42 -15.82
CA ALA D 472 -18.15 -6.68 -17.17
C ALA D 472 -19.65 -6.78 -17.10
N ASP D 473 -20.24 -6.22 -16.11
CA ASP D 473 -21.69 -6.12 -16.01
C ASP D 473 -22.24 -5.37 -17.22
N GLY D 474 -23.29 -5.92 -17.83
CA GLY D 474 -23.86 -5.34 -19.03
C GLY D 474 -23.05 -5.58 -20.29
N GLY D 475 -22.08 -6.48 -20.25
CA GLY D 475 -21.24 -6.75 -21.41
C GLY D 475 -21.00 -8.23 -21.64
N VAL D 476 -19.78 -8.58 -22.03
CA VAL D 476 -19.42 -9.96 -22.36
C VAL D 476 -18.13 -10.31 -21.61
N VAL D 477 -18.10 -11.52 -21.04
CA VAL D 477 -16.92 -12.04 -20.37
C VAL D 477 -16.34 -13.14 -21.24
N CYS D 478 -15.11 -12.96 -21.69
CA CYS D 478 -14.42 -13.93 -22.54
C CYS D 478 -13.49 -14.75 -21.65
N ILE D 479 -13.86 -15.92 -21.27
CA ILE D 479 -13.20 -16.87 -20.44
C ILE D 479 -12.42 -17.82 -21.31
N ASP D 480 -11.20 -17.45 -21.70
CA ASP D 480 -10.37 -18.34 -22.50
C ASP D 480 -9.81 -19.46 -21.62
N GLU D 481 -9.44 -20.55 -22.20
CA GLU D 481 -8.92 -21.69 -21.54
C GLU D 481 -9.87 -22.18 -20.48
N PHE D 482 -11.12 -22.35 -20.77
CA PHE D 482 -12.15 -22.72 -19.90
C PHE D 482 -11.89 -24.03 -19.21
N ASP D 483 -11.26 -24.96 -19.87
CA ASP D 483 -10.92 -26.26 -19.42
C ASP D 483 -9.88 -26.29 -18.33
N LYS D 484 -8.98 -25.35 -18.30
CA LYS D 484 -7.92 -25.20 -17.38
C LYS D 484 -8.36 -24.78 -16.01
N MET D 485 -9.48 -24.16 -15.87
CA MET D 485 -10.06 -23.69 -14.67
C MET D 485 -10.27 -24.80 -13.68
N ARG D 486 -9.89 -24.59 -12.41
CA ARG D 486 -10.16 -25.58 -11.36
C ARG D 486 -11.66 -25.67 -11.11
N ASP D 487 -12.10 -26.80 -10.57
CA ASP D 487 -13.43 -27.10 -10.21
C ASP D 487 -14.01 -26.08 -9.27
N GLU D 488 -13.30 -25.73 -8.25
CA GLU D 488 -13.65 -24.78 -7.25
C GLU D 488 -13.97 -23.44 -7.84
N ASP D 489 -13.12 -22.95 -8.68
CA ASP D 489 -13.26 -21.74 -9.41
C ASP D 489 -14.45 -21.78 -10.35
N ARG D 490 -14.62 -22.84 -11.07
CA ARG D 490 -15.62 -23.08 -12.02
C ARG D 490 -17.01 -23.00 -11.43
N VAL D 491 -17.23 -23.64 -10.32
CA VAL D 491 -18.47 -23.77 -9.64
C VAL D 491 -19.05 -22.47 -9.18
N ALA D 492 -18.30 -21.42 -9.10
CA ALA D 492 -18.65 -20.11 -8.70
C ALA D 492 -19.35 -19.30 -9.77
N ILE D 493 -19.45 -19.77 -10.97
CA ILE D 493 -19.95 -19.18 -12.15
C ILE D 493 -21.40 -19.48 -12.44
N HIS D 494 -21.94 -20.52 -11.80
CA HIS D 494 -23.27 -21.00 -12.15
C HIS D 494 -24.34 -19.94 -11.90
N GLU D 495 -24.36 -19.39 -10.69
CA GLU D 495 -25.39 -18.41 -10.35
C GLU D 495 -25.25 -17.16 -11.21
N ALA D 496 -24.07 -16.69 -11.48
CA ALA D 496 -23.77 -15.59 -12.31
C ALA D 496 -24.32 -15.77 -13.69
N MET D 497 -24.11 -16.97 -14.25
CA MET D 497 -24.59 -17.26 -15.60
C MET D 497 -26.11 -17.32 -15.64
N GLU D 498 -26.72 -18.01 -14.68
CA GLU D 498 -28.16 -18.29 -14.77
C GLU D 498 -28.99 -17.20 -14.08
N GLN D 499 -28.78 -17.01 -12.78
CA GLN D 499 -29.58 -16.05 -12.03
C GLN D 499 -29.09 -14.61 -12.19
N GLN D 500 -27.92 -14.40 -12.80
CA GLN D 500 -27.39 -13.07 -13.03
C GLN D 500 -27.28 -12.28 -11.73
N THR D 501 -26.77 -12.95 -10.69
CA THR D 501 -26.55 -12.30 -9.41
C THR D 501 -25.38 -12.99 -8.72
N ILE D 502 -24.75 -12.34 -7.79
CA ILE D 502 -23.68 -12.72 -6.95
C ILE D 502 -24.08 -12.60 -5.50
N SER D 503 -24.17 -13.63 -4.74
CA SER D 503 -24.49 -13.73 -3.37
C SER D 503 -23.25 -13.88 -2.52
N ILE D 504 -22.96 -13.00 -1.62
CA ILE D 504 -21.85 -12.91 -0.76
C ILE D 504 -22.27 -12.90 0.69
N ALA D 505 -21.83 -13.78 1.52
CA ALA D 505 -21.98 -13.90 2.93
C ALA D 505 -20.65 -14.13 3.59
N LYS D 506 -19.84 -13.09 3.79
CA LYS D 506 -18.46 -13.21 4.28
C LYS D 506 -18.13 -12.03 5.19
N ALA D 507 -17.35 -12.23 6.24
CA ALA D 507 -16.92 -11.16 7.16
C ALA D 507 -18.02 -10.16 7.60
N GLY D 508 -19.26 -10.61 7.80
CA GLY D 508 -20.37 -9.86 8.13
C GLY D 508 -21.04 -9.06 7.10
N ILE D 509 -20.77 -9.30 5.85
CA ILE D 509 -21.27 -8.70 4.67
C ILE D 509 -22.25 -9.62 3.99
N THR D 510 -23.51 -9.35 3.94
CA THR D 510 -24.59 -10.05 3.36
C THR D 510 -25.26 -9.23 2.29
N THR D 511 -25.00 -9.43 1.04
CA THR D 511 -25.46 -8.71 -0.09
C THR D 511 -25.61 -9.56 -1.31
N VAL D 512 -26.37 -9.17 -2.27
CA VAL D 512 -26.66 -9.76 -3.53
C VAL D 512 -26.35 -8.80 -4.64
N LEU D 513 -25.20 -8.83 -5.25
CA LEU D 513 -24.76 -8.04 -6.32
C LEU D 513 -25.46 -8.42 -7.61
N ASN D 514 -25.38 -7.63 -8.63
CA ASN D 514 -25.89 -7.76 -9.94
C ASN D 514 -24.80 -7.99 -10.96
N SER D 515 -24.82 -9.03 -11.72
CA SER D 515 -23.94 -9.40 -12.78
C SER D 515 -24.71 -9.89 -13.98
N ARG D 516 -25.16 -8.97 -14.83
CA ARG D 516 -25.93 -9.31 -16.03
C ARG D 516 -24.97 -9.35 -17.21
N THR D 517 -24.29 -10.49 -17.36
CA THR D 517 -23.22 -10.65 -18.34
C THR D 517 -23.49 -11.85 -19.24
N SER D 518 -22.82 -11.85 -20.38
CA SER D 518 -22.81 -12.97 -21.30
C SER D 518 -21.42 -13.59 -21.31
N VAL D 519 -21.36 -14.92 -21.25
CA VAL D 519 -20.11 -15.65 -21.14
C VAL D 519 -19.80 -16.30 -22.48
N LEU D 520 -18.64 -15.98 -23.03
CA LEU D 520 -18.12 -16.62 -24.24
C LEU D 520 -16.85 -17.35 -23.85
N ALA D 521 -16.91 -18.69 -23.86
CA ALA D 521 -15.82 -19.52 -23.38
C ALA D 521 -15.26 -20.38 -24.50
N ALA D 522 -13.96 -20.66 -24.42
CA ALA D 522 -13.27 -21.55 -25.34
C ALA D 522 -12.51 -22.60 -24.54
N ALA D 523 -12.50 -23.83 -25.05
CA ALA D 523 -11.88 -24.93 -24.33
C ALA D 523 -11.46 -26.00 -25.33
N ASN D 524 -10.65 -26.94 -24.85
CA ASN D 524 -10.19 -28.08 -25.63
C ASN D 524 -10.71 -29.37 -25.02
N PRO D 525 -10.85 -30.44 -25.83
CA PRO D 525 -11.28 -31.72 -25.26
C PRO D 525 -10.28 -32.27 -24.26
N ILE D 526 -10.59 -33.43 -23.68
CA ILE D 526 -9.72 -34.00 -22.65
C ILE D 526 -8.33 -34.29 -23.21
N TYR D 527 -8.27 -34.87 -24.40
CA TYR D 527 -7.02 -35.32 -25.00
C TYR D 527 -6.42 -34.30 -25.97
N GLY D 528 -6.98 -33.10 -26.05
CA GLY D 528 -6.50 -32.09 -26.96
C GLY D 528 -7.09 -32.16 -28.34
N ARG D 529 -7.73 -33.27 -28.71
CA ARG D 529 -8.42 -33.41 -29.98
C ARG D 529 -9.66 -34.25 -29.77
N TYR D 530 -10.65 -34.05 -30.65
CA TYR D 530 -11.90 -34.81 -30.58
C TYR D 530 -11.69 -36.12 -31.31
N ASP D 531 -11.30 -37.16 -30.56
CA ASP D 531 -11.05 -38.48 -31.13
C ASP D 531 -12.38 -39.15 -31.40
N ASP D 532 -12.70 -39.38 -32.68
CA ASP D 532 -13.96 -40.00 -33.03
C ASP D 532 -14.05 -41.45 -32.56
N LEU D 533 -12.91 -42.10 -32.31
CA LEU D 533 -12.94 -43.48 -31.86
C LEU D 533 -13.60 -43.59 -30.49
N LYS D 534 -13.33 -42.65 -29.59
CA LYS D 534 -13.90 -42.65 -28.26
C LYS D 534 -15.25 -41.96 -28.25
N SER D 535 -16.06 -42.27 -27.25
CA SER D 535 -17.39 -41.72 -27.14
C SER D 535 -17.33 -40.24 -26.78
N PRO D 536 -18.38 -39.48 -27.10
CA PRO D 536 -18.38 -38.05 -26.71
C PRO D 536 -18.18 -37.84 -25.22
N GLY D 537 -18.73 -38.73 -24.39
CA GLY D 537 -18.57 -38.57 -22.95
C GLY D 537 -17.12 -38.56 -22.52
N ASP D 538 -16.29 -39.39 -23.16
CA ASP D 538 -14.87 -39.43 -22.83
C ASP D 538 -14.11 -38.22 -23.35
N ASN D 539 -14.66 -37.51 -24.35
CA ASN D 539 -14.01 -36.34 -24.91
C ASN D 539 -14.36 -35.04 -24.18
N ILE D 540 -15.33 -35.06 -23.27
CA ILE D 540 -15.78 -33.88 -22.56
C ILE D 540 -15.76 -34.19 -21.07
N ASP D 541 -14.96 -33.43 -20.31
CA ASP D 541 -14.92 -33.57 -18.86
C ASP D 541 -15.89 -32.64 -18.14
N PHE D 542 -16.53 -31.73 -18.79
CA PHE D 542 -17.50 -30.83 -18.27
C PHE D 542 -18.71 -31.56 -17.77
N GLN D 543 -19.15 -31.27 -16.55
CA GLN D 543 -20.40 -31.83 -16.05
C GLN D 543 -21.58 -31.21 -16.78
N THR D 544 -22.69 -31.95 -16.83
CA THR D 544 -23.85 -31.46 -17.57
C THR D 544 -24.40 -30.17 -16.98
N THR D 545 -24.20 -29.94 -15.68
CA THR D 545 -24.76 -28.76 -15.04
C THR D 545 -24.21 -27.48 -15.67
N ILE D 546 -22.89 -27.43 -15.89
CA ILE D 546 -22.30 -26.24 -16.49
C ILE D 546 -22.68 -26.15 -17.97
N LEU D 547 -22.71 -27.29 -18.66
CA LEU D 547 -22.99 -27.27 -20.09
C LEU D 547 -24.41 -26.82 -20.39
N SER D 548 -25.37 -27.16 -19.52
CA SER D 548 -26.76 -26.80 -19.78
C SER D 548 -26.95 -25.29 -19.82
N ARG D 549 -26.09 -24.54 -19.13
CA ARG D 549 -26.23 -23.09 -19.08
C ARG D 549 -25.80 -22.43 -20.39
N PHE D 550 -24.93 -23.07 -21.16
CA PHE D 550 -24.51 -22.50 -22.42
C PHE D 550 -25.60 -22.67 -23.47
N ASP D 551 -26.04 -21.55 -24.05
CA ASP D 551 -27.12 -21.59 -25.03
C ASP D 551 -26.71 -22.38 -26.27
N MET D 552 -25.52 -22.14 -26.78
CA MET D 552 -25.03 -22.80 -27.99
C MET D 552 -23.64 -23.37 -27.74
N ILE D 553 -23.46 -24.64 -28.07
CA ILE D 553 -22.17 -25.31 -27.92
C ILE D 553 -21.68 -25.68 -29.32
N PHE D 554 -20.46 -25.28 -29.64
CA PHE D 554 -19.86 -25.52 -30.94
C PHE D 554 -18.71 -26.52 -30.78
N ILE D 555 -18.86 -27.69 -31.36
CA ILE D 555 -17.80 -28.71 -31.40
C ILE D 555 -17.12 -28.57 -32.74
N VAL D 556 -15.98 -27.88 -32.76
CA VAL D 556 -15.25 -27.60 -33.99
C VAL D 556 -14.15 -28.64 -34.13
N LYS D 557 -14.19 -29.39 -35.23
CA LYS D 557 -13.21 -30.42 -35.53
C LYS D 557 -12.44 -30.02 -36.78
N ASP D 558 -11.11 -30.12 -36.73
CA ASP D 558 -10.25 -29.76 -37.85
C ASP D 558 -10.18 -30.96 -38.81
N ASP D 559 -10.78 -30.81 -39.98
CA ASP D 559 -10.80 -31.85 -41.00
C ASP D 559 -9.83 -31.46 -42.11
N HIS D 560 -8.93 -32.39 -42.45
CA HIS D 560 -7.89 -32.12 -43.44
C HIS D 560 -8.47 -32.33 -44.84
N ASN D 561 -8.95 -31.25 -45.43
CA ASN D 561 -9.45 -31.24 -46.79
C ASN D 561 -8.54 -30.37 -47.64
N GLU D 562 -8.10 -30.91 -48.79
CA GLU D 562 -7.10 -30.21 -49.59
C GLU D 562 -7.62 -28.86 -50.07
N GLU D 563 -8.87 -28.81 -50.51
CA GLU D 563 -9.40 -27.54 -51.02
C GLU D 563 -9.50 -26.50 -49.92
N ARG D 564 -10.08 -26.87 -48.77
CA ARG D 564 -10.19 -25.94 -47.67
C ARG D 564 -8.82 -25.54 -47.15
N ASP D 565 -7.89 -26.50 -47.08
CA ASP D 565 -6.54 -26.18 -46.64
C ASP D 565 -5.89 -25.17 -47.57
N ILE D 566 -6.03 -25.35 -48.89
CA ILE D 566 -5.45 -24.41 -49.83
C ILE D 566 -6.09 -23.04 -49.69
N SER D 567 -7.41 -23.00 -49.53
CA SER D 567 -8.10 -21.72 -49.37
C SER D 567 -7.61 -20.99 -48.13
N ILE D 568 -7.49 -21.71 -47.01
CA ILE D 568 -7.06 -21.08 -45.77
C ILE D 568 -5.61 -20.62 -45.89
N ALA D 569 -4.76 -21.41 -46.54
CA ALA D 569 -3.37 -21.00 -46.72
C ALA D 569 -3.29 -19.74 -47.56
N ASN D 570 -4.07 -19.66 -48.64
CA ASN D 570 -4.08 -18.46 -49.47
C ASN D 570 -4.56 -17.26 -48.67
N HIS D 571 -5.62 -17.42 -47.87
CA HIS D 571 -6.13 -16.32 -47.07
C HIS D 571 -5.09 -15.82 -46.08
N VAL D 572 -4.41 -16.75 -45.39
CA VAL D 572 -3.42 -16.36 -44.40
C VAL D 572 -2.22 -15.70 -45.07
N ILE D 573 -1.82 -16.21 -46.24
CA ILE D 573 -0.68 -15.62 -46.94
C ILE D 573 -1.02 -14.20 -47.38
N ASN D 574 -2.24 -13.99 -47.89
CA ASN D 574 -2.67 -12.64 -48.26
C ASN D 574 -2.68 -11.73 -47.04
N ILE D 575 -3.13 -12.24 -45.89
CA ILE D 575 -3.12 -11.46 -44.66
C ILE D 575 -1.69 -11.03 -44.32
N HIS D 576 -0.75 -11.98 -44.38
CA HIS D 576 0.62 -11.69 -43.97
C HIS D 576 1.30 -10.71 -44.92
N THR D 577 1.20 -10.98 -46.23
CA THR D 577 1.89 -10.13 -47.19
C THR D 577 1.25 -8.75 -47.30
N GLY D 578 -0.07 -8.67 -47.17
CA GLY D 578 -0.77 -7.41 -47.28
C GLY D 578 -0.33 -6.40 -46.24
N GLN D 587 -9.68 -3.09 -47.30
CA GLN D 587 -10.64 -2.11 -46.81
C GLN D 587 -11.83 -2.01 -47.76
N GLU D 588 -12.76 -2.96 -47.65
CA GLU D 588 -13.95 -2.95 -48.50
C GLU D 588 -14.77 -1.70 -48.26
N GLU D 589 -15.30 -1.54 -47.04
CA GLU D 589 -16.11 -0.39 -46.65
C GLU D 589 -17.03 0.08 -47.76
N ASN D 590 -17.64 -0.86 -48.48
CA ASN D 590 -18.59 -0.57 -49.55
C ASN D 590 -19.97 -1.10 -49.20
N GLY D 591 -20.33 -1.03 -47.93
CA GLY D 591 -21.58 -1.58 -47.44
C GLY D 591 -21.53 -3.05 -47.10
N SER D 592 -20.41 -3.72 -47.34
CA SER D 592 -20.25 -5.12 -46.98
C SER D 592 -19.58 -5.33 -45.63
N GLU D 593 -19.22 -4.24 -44.94
CA GLU D 593 -18.58 -4.35 -43.64
C GLU D 593 -18.50 -2.97 -43.01
N ILE D 594 -18.66 -2.91 -41.70
CA ILE D 594 -18.61 -1.66 -40.94
C ILE D 594 -17.52 -1.78 -39.89
N SER D 595 -16.83 -0.69 -39.64
CA SER D 595 -15.68 -0.70 -38.73
C SER D 595 -16.13 -1.04 -37.31
N ILE D 596 -15.15 -1.19 -36.42
CA ILE D 596 -15.44 -1.60 -35.05
C ILE D 596 -16.24 -0.53 -34.32
N GLU D 597 -15.89 0.74 -34.50
CA GLU D 597 -16.56 1.81 -33.76
C GLU D 597 -18.04 1.89 -34.13
N LYS D 598 -18.35 1.86 -35.42
CA LYS D 598 -19.73 1.92 -35.85
C LYS D 598 -20.51 0.71 -35.36
N MET D 599 -19.90 -0.48 -35.41
CA MET D 599 -20.58 -1.67 -34.92
C MET D 599 -20.86 -1.58 -33.43
N LYS D 600 -19.90 -1.07 -32.65
CA LYS D 600 -20.12 -0.92 -31.22
C LYS D 600 -21.24 0.06 -30.93
N ARG D 601 -21.26 1.20 -31.64
CA ARG D 601 -22.31 2.17 -31.43
C ARG D 601 -23.68 1.59 -31.81
N TYR D 602 -23.73 0.85 -32.91
CA TYR D 602 -24.99 0.23 -33.33
C TYR D 602 -25.44 -0.80 -32.31
N ILE D 603 -24.51 -1.57 -31.75
CA ILE D 603 -24.86 -2.56 -30.73
C ILE D 603 -25.46 -1.86 -29.52
N THR D 604 -24.83 -0.77 -29.08
CA THR D 604 -25.36 -0.03 -27.94
C THR D 604 -26.76 0.50 -28.24
N TYR D 605 -26.95 1.08 -29.42
CA TYR D 605 -28.25 1.64 -29.78
C TYR D 605 -29.32 0.56 -29.81
N CYS D 606 -29.02 -0.58 -30.44
CA CYS D 606 -30.00 -1.65 -30.52
C CYS D 606 -30.34 -2.19 -29.15
N ARG D 607 -29.33 -2.38 -28.29
CA ARG D 607 -29.60 -2.89 -26.95
C ARG D 607 -30.46 -1.92 -26.16
N LEU D 608 -30.21 -0.62 -26.29
CA LEU D 608 -30.94 0.37 -25.51
C LEU D 608 -32.29 0.74 -26.13
N LYS D 609 -32.58 0.32 -27.36
CA LYS D 609 -33.78 0.77 -28.06
C LYS D 609 -34.83 -0.31 -28.22
N CYS D 610 -34.46 -1.54 -28.58
CA CYS D 610 -35.43 -2.56 -28.97
C CYS D 610 -35.38 -3.75 -28.03
N ALA D 611 -36.55 -4.37 -27.84
CA ALA D 611 -36.68 -5.59 -27.04
C ALA D 611 -37.84 -6.40 -27.61
N PRO D 612 -37.62 -7.09 -28.72
CA PRO D 612 -38.74 -7.68 -29.46
C PRO D 612 -39.51 -8.74 -28.68
N ARG D 613 -40.58 -9.24 -29.30
CA ARG D 613 -41.44 -10.25 -28.69
C ARG D 613 -41.86 -11.26 -29.75
N LEU D 614 -42.12 -12.49 -29.30
CA LEU D 614 -42.50 -13.56 -30.20
C LEU D 614 -43.98 -13.49 -30.55
N SER D 615 -44.30 -13.77 -31.81
CA SER D 615 -45.68 -13.86 -32.26
C SER D 615 -46.22 -15.26 -32.02
N PRO D 616 -47.55 -15.42 -32.01
CA PRO D 616 -48.12 -16.74 -31.73
C PRO D 616 -47.62 -17.83 -32.67
N GLN D 617 -47.44 -17.51 -33.96
CA GLN D 617 -46.92 -18.50 -34.90
C GLN D 617 -45.52 -18.93 -34.50
N ALA D 618 -44.69 -17.98 -34.09
CA ALA D 618 -43.35 -18.30 -33.62
C ALA D 618 -43.41 -19.24 -32.43
N ALA D 619 -44.31 -18.97 -31.48
CA ALA D 619 -44.43 -19.82 -30.31
C ALA D 619 -44.86 -21.24 -30.70
N GLU D 620 -45.83 -21.36 -31.61
CA GLU D 620 -46.27 -22.69 -32.03
C GLU D 620 -45.15 -23.46 -32.71
N LYS D 621 -44.44 -22.80 -33.63
CA LYS D 621 -43.33 -23.46 -34.32
C LYS D 621 -42.25 -23.86 -33.32
N LEU D 622 -41.97 -23.00 -32.34
CA LEU D 622 -40.92 -23.28 -31.38
C LEU D 622 -41.29 -24.46 -30.49
N SER D 623 -42.55 -24.53 -30.07
CA SER D 623 -43.00 -25.67 -29.28
C SER D 623 -42.88 -26.96 -30.09
N SER D 624 -43.29 -26.93 -31.35
CA SER D 624 -43.18 -28.12 -32.18
C SER D 624 -41.73 -28.57 -32.32
N ASN D 625 -40.83 -27.61 -32.57
CA ASN D 625 -39.42 -27.96 -32.71
C ASN D 625 -38.85 -28.50 -31.42
N PHE D 626 -39.23 -27.92 -30.28
CA PHE D 626 -38.73 -28.40 -29.00
C PHE D 626 -39.18 -29.83 -28.75
N VAL D 627 -40.45 -30.13 -29.03
CA VAL D 627 -40.93 -31.50 -28.88
C VAL D 627 -40.15 -32.44 -29.78
N THR D 628 -39.93 -32.05 -31.03
CA THR D 628 -39.19 -32.90 -31.96
C THR D 628 -37.77 -33.14 -31.48
N ILE D 629 -37.10 -32.09 -31.00
CA ILE D 629 -35.71 -32.22 -30.56
C ILE D 629 -35.63 -33.13 -29.35
N ARG D 630 -36.53 -32.95 -28.38
CA ARG D 630 -36.51 -33.80 -27.20
C ARG D 630 -36.78 -35.26 -27.56
N LYS D 631 -37.74 -35.50 -28.47
CA LYS D 631 -38.01 -36.86 -28.91
C LYS D 631 -36.78 -37.46 -29.58
N GLN D 632 -36.11 -36.70 -30.44
CA GLN D 632 -34.92 -37.20 -31.10
C GLN D 632 -33.82 -37.53 -30.08
N LEU D 633 -33.63 -36.66 -29.10
CA LEU D 633 -32.63 -36.95 -28.07
C LEU D 633 -32.97 -38.21 -27.31
N LEU D 634 -34.24 -38.40 -26.97
CA LEU D 634 -34.65 -39.63 -26.29
C LEU D 634 -34.37 -40.85 -27.16
N ILE D 635 -34.65 -40.76 -28.46
CA ILE D 635 -34.39 -41.88 -29.36
C ILE D 635 -32.90 -42.15 -29.46
N ASN D 636 -32.09 -41.09 -29.56
CA ASN D 636 -30.66 -41.25 -29.79
C ASN D 636 -29.95 -41.91 -28.62
N GLU D 637 -30.58 -42.00 -27.45
CA GLU D 637 -29.92 -42.55 -26.28
C GLU D 637 -29.52 -44.00 -26.52
N GLU D 639 -28.35 -44.37 -25.99
CA GLU D 639 -27.87 -45.74 -26.02
C GLU D 639 -27.80 -46.28 -24.60
N SER D 640 -27.99 -47.60 -24.47
CA SER D 640 -28.02 -48.20 -23.14
C SER D 640 -26.69 -48.02 -22.42
N THR D 641 -25.58 -47.96 -23.15
CA THR D 641 -24.27 -47.90 -22.51
C THR D 641 -24.10 -46.60 -21.71
N GLU D 642 -24.50 -45.47 -22.28
CA GLU D 642 -24.27 -44.18 -21.65
C GLU D 642 -25.45 -43.25 -21.93
N ARG D 643 -25.57 -42.24 -21.08
CA ARG D 643 -26.59 -41.20 -21.23
C ARG D 643 -25.97 -39.97 -21.86
N SER D 644 -26.80 -39.22 -22.58
CA SER D 644 -26.31 -38.07 -23.35
C SER D 644 -25.53 -37.11 -22.47
N SER D 645 -24.28 -36.85 -22.86
CA SER D 645 -23.46 -35.89 -22.12
C SER D 645 -23.91 -34.46 -22.41
N ILE D 646 -24.25 -34.17 -23.65
CA ILE D 646 -24.78 -32.86 -24.02
C ILE D 646 -26.27 -32.85 -23.66
N PRO D 647 -26.73 -31.96 -22.78
CA PRO D 647 -28.12 -32.00 -22.34
C PRO D 647 -29.04 -31.17 -23.21
N ILE D 648 -30.33 -31.51 -23.15
CA ILE D 648 -31.40 -30.74 -23.77
C ILE D 648 -32.50 -30.60 -22.72
N THR D 649 -32.61 -29.43 -22.13
CA THR D 649 -33.59 -29.13 -21.09
C THR D 649 -34.40 -27.90 -21.50
N ILE D 650 -35.20 -27.39 -20.56
CA ILE D 650 -35.96 -26.18 -20.82
C ILE D 650 -35.04 -25.02 -21.12
N ARG D 651 -33.81 -25.05 -20.58
CA ARG D 651 -32.85 -24.00 -20.84
C ARG D 651 -32.55 -23.86 -22.33
N GLN D 652 -32.59 -24.97 -23.07
CA GLN D 652 -32.35 -24.88 -24.52
C GLN D 652 -33.51 -24.21 -25.23
N LEU D 653 -34.75 -24.47 -24.78
CA LEU D 653 -35.89 -23.75 -25.32
C LEU D 653 -35.75 -22.25 -25.05
N GLU D 654 -35.37 -21.89 -23.82
CA GLU D 654 -35.17 -20.49 -23.50
C GLU D 654 -34.04 -19.89 -24.35
N ALA D 655 -32.99 -20.66 -24.59
CA ALA D 655 -31.88 -20.19 -25.41
C ALA D 655 -32.32 -19.93 -26.85
N ILE D 656 -33.14 -20.83 -27.40
CA ILE D 656 -33.63 -20.63 -28.76
C ILE D 656 -34.53 -19.40 -28.82
N ILE D 657 -35.37 -19.21 -27.80
CA ILE D 657 -36.21 -18.02 -27.75
C ILE D 657 -35.34 -16.77 -27.71
N ARG D 658 -34.28 -16.80 -26.91
CA ARG D 658 -33.37 -15.66 -26.83
C ARG D 658 -32.71 -15.39 -28.17
N ILE D 659 -32.30 -16.45 -28.87
CA ILE D 659 -31.66 -16.27 -30.18
C ILE D 659 -32.63 -15.64 -31.16
N THR D 660 -33.88 -16.10 -31.16
CA THR D 660 -34.89 -15.52 -32.04
C THR D 660 -35.11 -14.05 -31.71
N GLU D 661 -35.21 -13.73 -30.42
CA GLU D 661 -35.43 -12.34 -30.02
C GLU D 661 -34.24 -11.46 -30.40
N SER D 662 -33.01 -11.99 -30.27
CA SER D 662 -31.84 -11.23 -30.68
C SER D 662 -31.84 -11.01 -32.18
N LEU D 663 -32.22 -12.02 -32.96
CA LEU D 663 -32.30 -11.85 -34.41
C LEU D 663 -33.31 -10.76 -34.76
N ALA D 664 -34.47 -10.76 -34.10
CA ALA D 664 -35.45 -9.72 -34.35
C ALA D 664 -34.92 -8.35 -33.95
N LYS D 665 -34.26 -8.27 -32.79
CA LYS D 665 -33.70 -7.00 -32.33
C LYS D 665 -32.64 -6.48 -33.30
N LEU D 666 -31.97 -7.39 -34.01
CA LEU D 666 -30.93 -6.98 -34.94
C LEU D 666 -31.45 -5.95 -35.94
N GLU D 667 -32.69 -6.10 -36.39
CA GLU D 667 -33.27 -5.23 -37.40
C GLU D 667 -34.17 -4.16 -36.79
N LEU D 668 -34.13 -3.98 -35.47
CA LEU D 668 -35.01 -3.04 -34.78
C LEU D 668 -36.48 -3.35 -35.05
N SER D 669 -36.79 -4.63 -35.17
CA SER D 669 -38.16 -5.07 -35.41
C SER D 669 -38.86 -5.32 -34.07
N PRO D 670 -39.98 -4.65 -33.78
CA PRO D 670 -40.64 -4.87 -32.48
C PRO D 670 -41.17 -6.28 -32.30
N ILE D 671 -41.36 -7.03 -33.38
CA ILE D 671 -41.93 -8.38 -33.31
C ILE D 671 -41.03 -9.35 -34.05
N ALA D 672 -40.93 -10.56 -33.53
CA ALA D 672 -40.15 -11.63 -34.15
C ALA D 672 -41.10 -12.59 -34.85
N GLN D 673 -40.85 -12.83 -36.14
CA GLN D 673 -41.71 -13.66 -36.96
C GLN D 673 -41.04 -15.00 -37.23
N GLU D 674 -41.72 -15.84 -38.02
CA GLU D 674 -41.20 -17.16 -38.33
C GLU D 674 -39.87 -17.09 -39.09
N ARG D 675 -39.62 -15.98 -39.80
CA ARG D 675 -38.37 -15.83 -40.53
C ARG D 675 -37.17 -15.88 -39.59
N HIS D 676 -37.28 -15.22 -38.43
CA HIS D 676 -36.21 -15.28 -37.45
C HIS D 676 -36.19 -16.61 -36.70
N VAL D 677 -37.37 -17.22 -36.50
CA VAL D 677 -37.44 -18.52 -35.85
C VAL D 677 -36.68 -19.55 -36.65
N ASP D 678 -36.81 -19.50 -37.98
CA ASP D 678 -36.10 -20.46 -38.83
C ASP D 678 -34.59 -20.32 -38.67
N GLU D 679 -34.09 -19.08 -38.66
CA GLU D 679 -32.65 -18.87 -38.50
C GLU D 679 -32.17 -19.34 -37.13
N ALA D 680 -32.94 -19.05 -36.08
CA ALA D 680 -32.56 -19.50 -34.74
C ALA D 680 -32.53 -21.02 -34.68
N ILE D 681 -33.52 -21.68 -35.27
CA ILE D 681 -33.57 -23.13 -35.27
C ILE D 681 -32.38 -23.69 -36.04
N ARG D 682 -32.05 -23.08 -37.17
CA ARG D 682 -30.91 -23.53 -37.95
C ARG D 682 -29.62 -23.41 -37.16
N LEU D 683 -29.43 -22.28 -36.45
CA LEU D 683 -28.23 -22.13 -35.65
C LEU D 683 -28.16 -23.17 -34.54
N PHE D 684 -29.28 -23.41 -33.86
CA PHE D 684 -29.28 -24.41 -32.80
C PHE D 684 -28.95 -25.79 -33.36
N GLN D 685 -29.56 -26.15 -34.49
CA GLN D 685 -29.27 -27.45 -35.09
C GLN D 685 -27.80 -27.54 -35.50
N ALA D 686 -27.25 -26.45 -36.02
CA ALA D 686 -25.87 -26.46 -36.49
C ALA D 686 -24.87 -26.55 -35.37
N SER D 687 -25.19 -26.08 -34.17
CA SER D 687 -24.24 -26.09 -33.08
C SER D 687 -24.56 -27.12 -31.99
N THR D 688 -25.71 -26.98 -31.31
CA THR D 688 -25.93 -27.79 -30.11
C THR D 688 -26.36 -29.21 -30.48
N MET D 689 -27.34 -29.34 -31.38
CA MET D 689 -27.73 -30.67 -31.82
C MET D 689 -26.62 -31.34 -32.60
N ASP D 690 -25.81 -30.56 -33.32
CA ASP D 690 -24.65 -31.14 -33.99
C ASP D 690 -23.66 -31.72 -32.99
N ALA D 691 -23.40 -31.00 -31.90
CA ALA D 691 -22.54 -31.53 -30.85
C ALA D 691 -23.15 -32.76 -30.19
N ALA D 692 -24.46 -32.73 -29.95
CA ALA D 692 -25.09 -33.82 -29.20
C ALA D 692 -25.18 -35.09 -30.03
N SER D 693 -25.48 -34.98 -31.33
CA SER D 693 -25.66 -36.16 -32.16
C SER D 693 -24.38 -36.99 -32.22
N GLN D 694 -23.24 -36.34 -32.37
CA GLN D 694 -21.96 -37.03 -32.47
C GLN D 694 -21.73 -37.94 -31.26
N SER E 91 34.33 44.59 24.64
CA SER E 91 32.86 44.83 24.68
C SER E 91 32.12 43.56 25.12
N PHE E 92 32.80 42.61 25.76
CA PHE E 92 32.19 41.31 26.11
C PHE E 92 32.76 40.77 27.40
N LYS E 93 32.02 39.90 28.06
CA LYS E 93 32.42 39.32 29.36
C LYS E 93 32.80 37.89 29.03
N SER E 94 33.94 37.42 29.50
CA SER E 94 34.45 36.09 29.15
C SER E 94 35.12 35.43 30.33
N ARG E 95 34.81 34.18 30.61
CA ARG E 95 35.32 33.36 31.65
C ARG E 95 36.15 32.23 31.13
N ALA E 96 37.31 31.96 31.61
CA ALA E 96 38.28 31.01 31.24
C ALA E 96 38.42 29.88 32.22
N LEU E 97 38.48 28.65 31.80
CA LEU E 97 38.72 27.45 32.48
C LEU E 97 39.95 26.74 31.99
N ASN E 98 40.74 26.17 32.89
CA ASN E 98 42.02 25.57 32.54
C ASN E 98 42.02 24.08 32.85
N HIS E 99 42.82 23.34 32.10
CA HIS E 99 42.98 21.90 32.31
C HIS E 99 43.96 21.57 33.42
N VAL E 100 44.72 22.55 33.92
CA VAL E 100 45.67 22.30 34.99
C VAL E 100 45.01 22.27 36.36
N LYS E 101 43.80 22.68 36.53
CA LYS E 101 42.99 22.63 37.68
C LYS E 101 42.37 21.29 37.95
N LYS E 102 42.46 20.37 36.98
CA LYS E 102 41.80 19.08 37.09
C LYS E 102 42.50 18.20 38.12
N VAL E 103 41.71 17.36 38.78
CA VAL E 103 42.25 16.41 39.75
C VAL E 103 42.60 15.12 39.03
N ASP E 104 43.83 14.65 39.22
CA ASP E 104 44.30 13.43 38.56
C ASP E 104 43.90 12.20 39.35
N ASP E 105 43.83 11.07 38.65
CA ASP E 105 43.54 9.77 39.26
C ASP E 105 44.86 9.10 39.58
N VAL E 106 45.30 9.22 40.84
CA VAL E 106 46.63 8.72 41.22
C VAL E 106 46.69 7.22 41.02
N THR E 107 45.65 6.49 41.45
CA THR E 107 45.67 5.04 41.34
C THR E 107 45.72 4.62 39.87
N GLY E 108 44.94 5.27 39.01
CA GLY E 108 44.94 4.91 37.60
C GLY E 108 46.31 5.07 36.96
N GLU E 109 47.03 6.13 37.32
CA GLU E 109 48.36 6.34 36.77
C GLU E 109 49.32 5.24 37.16
N LYS E 110 49.25 4.76 38.40
CA LYS E 110 50.13 3.67 38.82
C LYS E 110 49.80 2.39 38.06
N VAL E 111 48.51 2.15 37.78
CA VAL E 111 48.14 1.00 36.96
C VAL E 111 48.78 1.11 35.58
N ARG E 112 48.77 2.31 35.01
CA ARG E 112 49.45 2.52 33.74
C ARG E 112 50.94 2.26 33.87
N GLU E 113 51.55 2.72 34.97
CA GLU E 113 52.97 2.48 35.18
C GLU E 113 53.28 1.00 35.27
N ALA E 114 52.46 0.25 36.02
CA ALA E 114 52.68 -1.19 36.14
C ALA E 114 52.47 -1.89 34.79
N PHE E 115 51.46 -1.46 34.03
CA PHE E 115 51.18 -2.10 32.75
C PHE E 115 52.34 -1.90 31.77
N GLU E 116 52.95 -0.72 31.79
CA GLU E 116 54.07 -0.48 30.88
C GLU E 116 55.21 -1.44 31.15
N GLN E 117 55.51 -1.69 32.43
CA GLN E 117 56.57 -2.63 32.76
C GLN E 117 56.24 -4.05 32.30
N PHE E 118 54.99 -4.46 32.47
CA PHE E 118 54.59 -5.82 32.10
C PHE E 118 54.77 -6.04 30.60
N LEU E 119 54.33 -5.08 29.78
CA LEU E 119 54.43 -5.22 28.34
C LEU E 119 55.87 -5.12 27.84
N GLU E 120 56.76 -4.53 28.63
CA GLU E 120 58.11 -4.23 28.19
C GLU E 120 59.16 -5.20 28.74
N ASP E 121 58.89 -5.86 29.86
CA ASP E 121 59.88 -6.69 30.53
C ASP E 121 59.47 -8.15 30.67
N PHE E 122 58.22 -8.50 30.44
CA PHE E 122 57.79 -9.89 30.60
C PHE E 122 58.47 -10.78 29.57
N SER E 123 58.89 -11.97 30.01
CA SER E 123 59.54 -12.92 29.13
C SER E 123 59.26 -14.33 29.64
N VAL E 124 59.41 -15.29 28.73
CA VAL E 124 59.17 -16.70 29.06
C VAL E 124 60.34 -17.55 28.60
N VAL E 132 64.93 -17.47 25.93
CA VAL E 132 64.03 -16.64 26.71
C VAL E 132 63.90 -15.27 26.05
N GLU E 133 63.03 -15.18 25.05
CA GLU E 133 62.80 -13.95 24.30
C GLU E 133 61.58 -13.23 24.85
N LYS E 134 61.58 -11.90 24.67
CA LYS E 134 60.44 -11.10 25.10
C LYS E 134 59.20 -11.48 24.30
N VAL E 135 58.08 -11.62 24.98
CA VAL E 135 56.85 -12.09 24.36
C VAL E 135 56.09 -10.94 23.69
N TYR E 136 55.77 -9.90 24.45
CA TYR E 136 54.95 -8.81 23.93
C TYR E 136 55.74 -7.77 23.17
N ARG E 137 57.04 -7.62 23.45
CA ARG E 137 57.87 -6.79 22.61
C ARG E 137 57.94 -7.35 21.19
N ALA E 138 58.09 -8.67 21.06
CA ALA E 138 58.07 -9.30 19.75
C ALA E 138 56.70 -9.16 19.09
N GLN E 139 55.62 -9.32 19.87
CA GLN E 139 54.29 -9.20 19.29
C GLN E 139 54.06 -7.80 18.75
N ILE E 140 54.47 -6.77 19.49
CA ILE E 140 54.32 -5.40 19.00
C ILE E 140 55.05 -5.23 17.68
N GLU E 141 56.24 -5.84 17.57
CA GLU E 141 56.96 -5.80 16.30
C GLU E 141 56.17 -6.47 15.20
N PHE E 142 55.53 -7.61 15.51
CA PHE E 142 54.76 -8.32 14.50
C PHE E 142 53.62 -7.45 13.95
N MET E 143 52.91 -6.75 14.83
CA MET E 143 51.84 -5.87 14.37
C MET E 143 52.40 -4.74 13.53
N LYS E 144 53.63 -4.30 13.81
CA LYS E 144 54.23 -3.22 13.02
C LYS E 144 54.41 -3.63 11.57
N ILE E 145 54.87 -4.86 11.32
CA ILE E 145 55.14 -5.29 9.95
C ILE E 145 53.83 -5.44 9.18
N TYR E 146 52.84 -6.10 9.78
CA TYR E 146 51.59 -6.39 9.11
C TYR E 146 50.54 -5.31 9.31
N ASP E 147 50.83 -4.28 10.10
CA ASP E 147 49.90 -3.18 10.34
C ASP E 147 48.58 -3.71 10.91
N LEU E 148 48.66 -4.32 12.08
CA LEU E 148 47.51 -4.86 12.79
C LEU E 148 47.16 -3.97 13.98
N ASN E 149 45.89 -3.98 14.35
CA ASN E 149 45.40 -3.16 15.45
C ASN E 149 45.35 -3.92 16.77
N THR E 150 44.64 -5.06 16.78
CA THR E 150 44.44 -5.80 18.02
C THR E 150 45.76 -6.35 18.55
N ILE E 151 45.90 -6.34 19.86
CA ILE E 151 47.03 -6.96 20.56
C ILE E 151 46.46 -7.93 21.59
N TYR E 152 46.94 -9.17 21.54
CA TYR E 152 46.43 -10.24 22.39
C TYR E 152 47.34 -10.43 23.59
N ILE E 153 46.77 -10.41 24.79
CA ILE E 153 47.48 -10.63 26.03
C ILE E 153 46.88 -11.85 26.72
N ASP E 154 47.74 -12.79 27.11
CA ASP E 154 47.30 -13.98 27.83
C ASP E 154 47.08 -13.63 29.30
N TYR E 155 45.87 -13.87 29.80
CA TYR E 155 45.58 -13.54 31.19
C TYR E 155 46.44 -14.35 32.15
N GLN E 156 46.83 -15.56 31.75
CA GLN E 156 47.68 -16.38 32.61
C GLN E 156 49.02 -15.69 32.86
N HIS E 157 49.58 -15.07 31.83
CA HIS E 157 50.86 -14.37 32.00
C HIS E 157 50.71 -13.19 32.96
N LEU E 158 49.59 -12.48 32.89
CA LEU E 158 49.42 -11.28 33.70
C LEU E 158 49.49 -11.61 35.19
N SER E 159 48.84 -12.70 35.61
CA SER E 159 48.80 -13.04 37.02
C SER E 159 50.18 -13.33 37.59
N MET E 160 51.14 -13.74 36.75
CA MET E 160 52.46 -14.09 37.26
C MET E 160 53.20 -12.85 37.76
N ARG E 161 53.22 -11.79 36.96
CA ARG E 161 54.00 -10.60 37.30
C ARG E 161 53.29 -9.77 38.36
N GLU E 162 54.08 -9.15 39.22
CA GLU E 162 53.59 -8.17 40.20
C GLU E 162 52.81 -8.81 41.34
N ASN E 163 53.05 -10.10 41.62
CA ASN E 163 52.41 -10.86 42.69
C ASN E 163 50.93 -11.12 42.40
N GLY E 164 50.38 -10.57 41.31
CA GLY E 164 48.98 -10.70 41.01
C GLY E 164 48.14 -9.48 41.32
N ALA E 165 48.75 -8.43 41.88
CA ALA E 165 47.98 -7.22 42.17
C ALA E 165 47.45 -6.58 40.89
N LEU E 166 48.29 -6.51 39.85
CA LEU E 166 47.84 -5.91 38.60
C LEU E 166 46.70 -6.70 37.98
N ALA E 167 46.80 -8.04 37.97
CA ALA E 167 45.74 -8.85 37.39
C ALA E 167 44.44 -8.68 38.17
N MET E 168 44.51 -8.67 39.50
CA MET E 168 43.30 -8.56 40.30
C MET E 168 42.64 -7.20 40.10
N ALA E 169 43.43 -6.14 40.05
CA ALA E 169 42.87 -4.79 39.88
C ALA E 169 42.14 -4.66 38.54
N ILE E 170 42.75 -5.19 37.48
CA ILE E 170 42.10 -5.13 36.16
C ILE E 170 40.82 -5.96 36.15
N SER E 171 40.81 -7.08 36.89
CA SER E 171 39.67 -7.98 36.85
C SER E 171 38.42 -7.31 37.43
N GLU E 172 38.53 -6.75 38.64
CA GLU E 172 37.36 -6.12 39.25
C GLU E 172 36.93 -4.88 38.47
N GLN E 173 37.88 -3.99 38.18
CA GLN E 173 37.59 -2.68 37.58
C GLN E 173 38.25 -2.64 36.21
N TYR E 174 37.55 -3.14 35.20
CA TYR E 174 38.03 -3.08 33.83
C TYR E 174 37.55 -1.81 33.12
N TYR E 175 36.30 -1.41 33.35
CA TYR E 175 35.80 -0.18 32.75
C TYR E 175 36.57 1.02 33.24
N ARG E 176 36.90 1.06 34.54
CA ARG E 176 37.60 2.21 35.10
C ARG E 176 39.03 2.30 34.58
N PHE E 177 39.75 1.17 34.59
CA PHE E 177 41.18 1.17 34.30
C PHE E 177 41.50 0.96 32.82
N LEU E 178 40.51 0.66 31.98
CA LEU E 178 40.80 0.42 30.57
C LEU E 178 41.42 1.64 29.90
N PRO E 179 40.91 2.87 30.09
CA PRO E 179 41.55 4.02 29.44
C PRO E 179 43.01 4.18 29.82
N PHE E 180 43.38 3.84 31.06
CA PHE E 180 44.77 3.97 31.48
C PHE E 180 45.65 2.88 30.88
N LEU E 181 45.09 1.69 30.64
CA LEU E 181 45.86 0.65 29.95
C LEU E 181 46.24 1.08 28.55
N GLN E 182 45.32 1.73 27.84
CA GLN E 182 45.61 2.21 26.49
C GLN E 182 46.70 3.29 26.51
N LYS E 183 46.70 4.15 27.52
CA LYS E 183 47.77 5.14 27.63
C LYS E 183 49.13 4.45 27.79
N GLY E 184 49.19 3.40 28.61
CA GLY E 184 50.45 2.69 28.77
C GLY E 184 50.89 2.00 27.50
N LEU E 185 49.96 1.39 26.78
CA LEU E 185 50.31 0.71 25.53
C LEU E 185 50.89 1.70 24.52
N ARG E 186 50.29 2.88 24.41
CA ARG E 186 50.77 3.85 23.44
C ARG E 186 52.20 4.28 23.75
N ARG E 187 52.52 4.46 25.04
CA ARG E 187 53.88 4.86 25.40
C ARG E 187 54.90 3.82 24.98
N VAL E 188 54.60 2.54 25.23
CA VAL E 188 55.52 1.47 24.82
C VAL E 188 55.60 1.40 23.31
N VAL E 189 54.47 1.56 22.63
CA VAL E 189 54.47 1.57 21.16
C VAL E 189 55.34 2.72 20.65
N ARG E 190 55.24 3.88 21.28
CA ARG E 190 56.02 5.03 20.85
C ARG E 190 57.52 4.74 20.94
N LYS E 191 57.96 4.14 22.04
CA LYS E 191 59.39 3.93 22.26
C LYS E 191 59.98 2.98 21.22
N TYR E 192 59.29 1.88 20.91
CA TYR E 192 59.85 0.83 20.07
C TYR E 192 59.28 0.79 18.66
N ALA E 193 58.07 1.27 18.45
CA ALA E 193 57.44 1.31 17.13
C ALA E 193 56.84 2.70 16.90
N PRO E 194 57.68 3.73 16.75
CA PRO E 194 57.14 5.08 16.57
C PRO E 194 56.18 5.20 15.40
N GLU E 195 56.46 4.50 14.29
CA GLU E 195 55.62 4.59 13.12
C GLU E 195 54.29 3.87 13.29
N LEU E 196 54.14 3.05 14.33
CA LEU E 196 52.90 2.30 14.52
C LEU E 196 51.76 3.21 14.97
N LEU E 197 52.09 4.33 15.64
CA LEU E 197 51.06 5.21 16.16
C LEU E 197 50.18 5.76 15.03
N ASN E 198 50.80 6.17 13.94
CA ASN E 198 50.05 6.70 12.81
C ASN E 198 49.46 5.57 11.98
N THR E 199 48.23 5.77 11.51
CA THR E 199 47.59 4.79 10.65
C THR E 199 48.32 4.67 9.32
N SER E 200 48.26 3.47 8.74
CA SER E 200 48.91 3.20 7.46
C SER E 200 48.44 4.19 6.39
N THR E 252 54.12 8.02 -5.14
CA THR E 252 53.13 8.47 -6.10
C THR E 252 52.59 9.85 -5.72
N SER E 253 52.05 9.95 -4.51
CA SER E 253 51.49 11.21 -4.02
C SER E 253 51.45 11.16 -2.50
N THR E 254 51.27 12.33 -1.89
CA THR E 254 51.20 12.46 -0.44
C THR E 254 49.76 12.25 0.02
N SER E 255 49.57 11.30 0.93
CA SER E 255 48.25 11.08 1.51
C SER E 255 48.01 12.07 2.64
N PRO E 256 46.96 12.89 2.57
CA PRO E 256 46.73 13.89 3.63
C PRO E 256 46.03 13.34 4.86
N GLU E 257 45.32 12.21 4.74
CA GLU E 257 44.53 11.66 5.83
C GLU E 257 45.30 10.49 6.46
N GLN E 258 45.97 10.76 7.57
CA GLN E 258 46.66 9.73 8.35
C GLN E 258 46.40 10.03 9.83
N THR E 259 45.36 9.39 10.37
CA THR E 259 44.94 9.63 11.74
C THR E 259 45.64 8.64 12.68
N GLU E 260 45.52 8.89 13.98
CA GLU E 260 46.12 8.02 14.98
C GLU E 260 45.38 6.68 15.01
N ARG E 261 46.14 5.62 15.28
CA ARG E 261 45.58 4.28 15.31
C ARG E 261 44.74 4.06 16.55
N VAL E 262 43.66 3.29 16.40
CA VAL E 262 42.78 2.96 17.51
C VAL E 262 43.15 1.55 17.94
N PHE E 263 44.06 1.44 18.90
CA PHE E 263 44.47 0.15 19.41
C PHE E 263 43.34 -0.51 20.19
N GLN E 264 43.26 -1.83 20.10
CA GLN E 264 42.29 -2.63 20.82
C GLN E 264 43.02 -3.72 21.59
N ILE E 265 42.71 -3.86 22.87
CA ILE E 265 43.36 -4.83 23.74
C ILE E 265 42.41 -6.00 23.93
N SER E 266 42.87 -7.21 23.59
CA SER E 266 42.07 -8.42 23.68
C SER E 266 42.70 -9.35 24.70
N PHE E 267 41.89 -9.80 25.65
CA PHE E 267 42.32 -10.76 26.67
C PHE E 267 41.71 -12.12 26.40
N PHE E 268 42.37 -13.16 26.92
CA PHE E 268 41.88 -14.52 26.76
C PHE E 268 42.56 -15.41 27.78
N ASN E 269 42.12 -16.66 27.85
CA ASN E 269 42.67 -17.66 28.76
C ASN E 269 42.29 -17.35 30.21
N LEU E 270 41.09 -16.84 30.42
CA LEU E 270 40.63 -16.57 31.78
C LEU E 270 40.46 -17.88 32.54
N PRO E 271 40.73 -17.88 33.84
CA PRO E 271 40.65 -19.14 34.60
C PRO E 271 39.27 -19.78 34.59
N THR E 272 38.21 -18.98 34.56
CA THR E 272 36.85 -19.48 34.70
C THR E 272 36.00 -19.01 33.52
N VAL E 273 35.08 -19.88 33.10
CA VAL E 273 34.10 -19.57 32.06
C VAL E 273 32.71 -19.67 32.68
N HIS E 274 31.93 -18.61 32.55
CA HIS E 274 30.61 -18.53 33.14
C HIS E 274 29.53 -18.88 32.13
N ARG E 275 28.36 -19.24 32.65
CA ARG E 275 27.18 -19.47 31.84
C ARG E 275 26.32 -18.22 31.81
N ILE E 276 25.40 -18.17 30.85
CA ILE E 276 24.51 -17.02 30.74
C ILE E 276 23.62 -16.93 31.98
N ARG E 277 23.21 -18.07 32.51
CA ARG E 277 22.39 -18.08 33.72
C ARG E 277 23.17 -17.68 34.97
N ASP E 278 24.50 -17.67 34.90
CA ASP E 278 25.32 -17.32 36.05
C ASP E 278 25.71 -15.85 36.08
N ILE E 279 25.22 -15.05 35.14
CA ILE E 279 25.55 -13.63 35.09
C ILE E 279 24.74 -12.90 36.15
N ARG E 280 25.43 -12.09 36.97
CA ARG E 280 24.79 -11.31 38.02
C ARG E 280 25.24 -9.85 37.91
N SER E 281 24.56 -8.98 38.66
CA SER E 281 24.84 -7.56 38.63
C SER E 281 26.09 -7.18 39.41
N GLU E 282 26.61 -8.08 40.26
CA GLU E 282 27.79 -7.76 41.04
C GLU E 282 29.05 -7.69 40.20
N LYS E 283 29.03 -8.24 38.98
CA LYS E 283 30.20 -8.29 38.11
C LYS E 283 30.19 -7.22 37.03
N ILE E 284 29.25 -6.28 37.09
CA ILE E 284 29.20 -5.23 36.08
C ILE E 284 30.49 -4.44 36.10
N GLY E 285 31.10 -4.26 34.93
CA GLY E 285 32.37 -3.59 34.83
C GLY E 285 33.58 -4.47 35.10
N SER E 286 33.41 -5.79 35.09
CA SER E 286 34.48 -6.72 35.37
C SER E 286 34.79 -7.55 34.13
N LEU E 287 36.03 -8.04 34.06
CA LEU E 287 36.49 -8.85 32.94
C LEU E 287 36.20 -10.31 33.22
N LEU E 288 35.37 -10.93 32.38
CA LEU E 288 35.01 -12.32 32.56
C LEU E 288 34.66 -12.92 31.21
N SER E 289 34.64 -14.25 31.16
CA SER E 289 34.35 -15.00 29.95
C SER E 289 33.04 -15.76 30.09
N ILE E 290 32.29 -15.84 29.00
CA ILE E 290 31.03 -16.56 28.95
C ILE E 290 31.00 -17.45 27.72
N SER E 291 30.13 -18.46 27.76
CA SER E 291 29.96 -19.40 26.66
C SER E 291 28.49 -19.53 26.33
N GLY E 292 28.20 -19.61 25.04
CA GLY E 292 26.82 -19.74 24.59
C GLY E 292 26.76 -20.11 23.13
N THR E 293 25.54 -20.29 22.64
CA THR E 293 25.28 -20.63 21.25
C THR E 293 24.72 -19.40 20.53
N VAL E 294 25.34 -19.04 19.41
CA VAL E 294 24.89 -17.87 18.66
C VAL E 294 23.58 -18.18 17.96
N THR E 295 22.59 -17.37 18.10
CA THR E 295 21.28 -17.43 17.56
C THR E 295 21.01 -16.52 16.41
N ARG E 296 21.47 -15.32 16.42
CA ARG E 296 21.28 -14.27 15.49
C ARG E 296 22.43 -13.31 15.44
N THR E 297 22.74 -12.78 14.25
CA THR E 297 23.81 -11.81 14.09
C THR E 297 23.29 -10.64 13.27
N SER E 298 23.50 -9.43 13.78
CA SER E 298 23.12 -8.22 13.07
C SER E 298 24.19 -7.83 12.06
N GLU E 299 23.87 -6.87 11.21
CA GLU E 299 24.81 -6.39 10.21
C GLU E 299 25.82 -5.44 10.85
N VAL E 300 26.88 -5.15 10.10
CA VAL E 300 27.94 -4.27 10.55
C VAL E 300 27.55 -2.84 10.22
N ARG E 301 27.57 -1.94 11.15
CA ARG E 301 27.22 -0.58 11.16
C ARG E 301 28.33 0.32 11.60
N PRO E 302 28.40 1.57 11.12
CA PRO E 302 29.40 2.51 11.65
C PRO E 302 28.90 3.15 12.94
N GLU E 303 29.77 3.19 13.94
CA GLU E 303 29.45 3.73 15.25
C GLU E 303 30.28 4.98 15.51
N LEU E 304 29.62 6.07 15.90
CA LEU E 304 30.32 7.31 16.17
C LEU E 304 31.21 7.15 17.40
N TYR E 305 32.48 7.52 17.26
CA TYR E 305 33.46 7.35 18.32
C TYR E 305 34.00 8.68 18.84
N LYS E 306 34.52 9.53 17.95
CA LYS E 306 35.05 10.85 18.32
C LYS E 306 34.48 11.85 17.33
N ALA E 307 33.45 12.58 17.76
CA ALA E 307 32.74 13.49 16.89
C ALA E 307 33.42 14.86 16.83
N SER E 308 33.22 15.55 15.70
CA SER E 308 33.71 16.89 15.50
C SER E 308 32.56 17.76 15.00
N PHE E 309 32.40 18.94 15.60
CA PHE E 309 31.29 19.82 15.29
C PHE E 309 31.81 21.20 14.90
N THR E 310 30.98 21.92 14.15
CA THR E 310 31.27 23.30 13.74
C THR E 310 30.15 24.21 14.21
N CYS E 311 30.46 25.34 14.75
CA CYS E 311 29.57 26.33 15.23
C CYS E 311 28.75 26.93 14.12
N ASP E 312 27.47 27.02 14.23
CA ASP E 312 26.58 27.59 13.30
C ASP E 312 26.84 29.04 13.04
N MET E 313 27.08 29.81 14.05
CA MET E 313 27.23 31.21 14.08
C MET E 313 28.56 31.70 13.56
N CYS E 314 29.61 31.39 14.33
CA CYS E 314 30.94 31.90 14.06
C CYS E 314 31.83 30.92 13.32
N ARG E 315 31.32 29.73 12.99
CA ARG E 315 32.06 28.71 12.25
C ARG E 315 33.21 28.12 13.07
N ALA E 316 33.20 28.29 14.39
CA ALA E 316 34.24 27.70 15.22
C ALA E 316 34.15 26.18 15.20
N ILE E 317 35.23 25.52 15.59
CA ILE E 317 35.36 24.07 15.51
C ILE E 317 35.59 23.51 16.91
N VAL E 318 34.85 22.53 17.30
CA VAL E 318 34.95 21.74 18.49
C VAL E 318 35.23 20.31 18.13
N ASP E 319 36.31 19.73 18.65
CA ASP E 319 36.75 18.39 18.27
C ASP E 319 36.90 17.50 19.49
N ASN E 320 36.96 16.19 19.22
CA ASN E 320 37.17 15.19 20.26
C ASN E 320 36.07 15.24 21.31
N VAL E 321 34.83 15.06 20.85
CA VAL E 321 33.66 15.01 21.73
C VAL E 321 33.35 13.53 21.95
N GLU E 322 33.76 13.00 23.11
CA GLU E 322 33.49 11.62 23.43
C GLU E 322 31.99 11.37 23.46
N GLN E 323 31.58 10.22 22.94
CA GLN E 323 30.18 9.86 22.80
C GLN E 323 29.81 8.79 23.81
N SER E 324 28.69 9.00 24.50
CA SER E 324 28.14 8.00 25.40
C SER E 324 27.16 7.12 24.62
N PHE E 325 26.33 6.36 25.32
CA PHE E 325 25.40 5.46 24.63
C PHE E 325 24.43 6.20 23.72
N LYS E 326 24.22 7.48 23.86
CA LYS E 326 23.39 8.36 23.15
C LYS E 326 24.17 9.35 22.31
N TYR E 327 23.46 10.09 21.46
CA TYR E 327 24.10 11.13 20.66
C TYR E 327 24.40 12.33 21.54
N THR E 328 25.61 12.89 21.39
CA THR E 328 26.08 13.98 22.23
C THR E 328 26.56 15.13 21.35
N GLU E 329 26.34 16.34 21.74
CA GLU E 329 26.68 17.58 21.16
C GLU E 329 27.28 18.53 22.15
N PRO E 330 28.14 19.46 21.73
CA PRO E 330 28.66 20.47 22.63
C PRO E 330 27.61 21.38 23.22
N THR E 331 27.90 22.21 24.17
CA THR E 331 27.09 23.18 24.80
C THR E 331 27.60 24.59 24.88
N PHE E 332 28.87 24.83 24.84
CA PHE E 332 29.57 26.06 24.94
C PHE E 332 30.52 26.29 23.81
N CYS E 333 30.41 27.31 23.04
CA CYS E 333 31.29 27.71 22.02
C CYS E 333 32.64 28.08 22.57
N PRO E 334 33.75 27.66 21.96
CA PRO E 334 35.06 28.10 22.38
C PRO E 334 35.46 29.51 22.05
N ASN E 335 34.67 30.26 21.36
CA ASN E 335 34.87 31.61 20.96
C ASN E 335 34.39 32.57 22.03
N PRO E 336 35.24 33.39 22.65
CA PRO E 336 34.75 34.30 23.67
C PRO E 336 33.62 35.19 23.27
N SER E 337 33.63 35.70 22.08
CA SER E 337 32.67 36.58 21.52
C SER E 337 31.35 35.93 21.21
N CYS E 338 31.35 34.75 20.69
CA CYS E 338 30.23 33.99 20.30
C CYS E 338 29.39 33.58 21.48
N GLU E 339 28.10 33.60 21.41
CA GLU E 339 27.11 33.25 22.35
C GLU E 339 26.37 31.97 22.08
N ASN E 340 26.65 31.26 21.05
CA ASN E 340 26.05 30.04 20.65
C ASN E 340 26.20 29.00 21.72
N ARG E 341 25.12 28.31 22.12
CA ARG E 341 25.21 27.23 23.10
C ARG E 341 24.62 25.91 22.61
N ALA E 342 23.49 25.96 21.93
CA ALA E 342 22.67 24.87 21.54
C ALA E 342 22.36 24.79 20.07
N PHE E 343 23.23 25.16 19.20
CA PHE E 343 23.16 25.19 17.77
C PHE E 343 24.43 24.66 17.14
N TRP E 344 24.54 23.41 16.81
CA TRP E 344 25.65 22.71 16.30
C TRP E 344 25.32 21.83 15.14
N THR E 345 26.29 21.62 14.24
CA THR E 345 26.14 20.73 13.11
C THR E 345 27.31 19.76 13.08
N LEU E 346 27.01 18.47 12.93
CA LEU E 346 28.05 17.46 12.92
C LEU E 346 28.88 17.55 11.64
N ASN E 347 30.17 17.26 11.76
CA ASN E 347 31.09 17.24 10.63
C ASN E 347 31.63 15.82 10.49
N VAL E 348 31.21 15.08 9.52
CA VAL E 348 31.57 13.75 9.21
C VAL E 348 32.95 13.58 8.65
N THR E 349 33.47 14.63 8.00
CA THR E 349 34.80 14.56 7.42
C THR E 349 35.86 14.33 8.50
N ARG E 350 35.75 15.07 9.60
CA ARG E 350 36.71 14.99 10.69
C ARG E 350 36.31 13.99 11.77
N SER E 351 35.12 13.41 11.69
CA SER E 351 34.68 12.45 12.69
C SER E 351 35.38 11.11 12.48
N ARG E 352 35.30 10.26 13.50
CA ARG E 352 35.88 8.92 13.46
C ARG E 352 34.80 7.91 13.81
N PHE E 353 34.68 6.87 12.98
CA PHE E 353 33.69 5.82 13.17
C PHE E 353 34.38 4.48 13.37
N LEU E 354 33.66 3.55 13.99
CA LEU E 354 34.16 2.21 14.25
C LEU E 354 33.12 1.18 13.84
N ASP E 355 33.59 -0.01 13.49
CA ASP E 355 32.68 -1.10 13.16
C ASP E 355 31.93 -1.55 14.41
N TRP E 356 30.71 -1.94 14.28
CA TRP E 356 29.78 -2.28 15.27
C TRP E 356 28.86 -3.40 14.87
N GLN E 357 28.72 -4.44 15.70
CA GLN E 357 27.83 -5.55 15.39
C GLN E 357 27.20 -6.05 16.68
N LYS E 358 25.98 -6.47 16.64
CA LYS E 358 25.16 -7.02 17.65
C LYS E 358 24.98 -8.51 17.49
N VAL E 359 25.35 -9.30 18.47
CA VAL E 359 25.25 -10.75 18.41
C VAL E 359 24.35 -11.23 19.55
N ARG E 360 23.37 -12.01 19.29
CA ARG E 360 22.44 -12.64 20.15
C ARG E 360 22.82 -14.07 20.42
N ILE E 361 23.01 -14.44 21.69
CA ILE E 361 23.44 -15.79 22.05
C ILE E 361 22.48 -16.34 23.10
N GLN E 362 22.43 -17.67 23.18
CA GLN E 362 21.62 -18.36 24.17
C GLN E 362 22.43 -19.48 24.78
N GLU E 363 22.07 -19.85 26.00
CA GLU E 363 22.82 -20.88 26.72
C GLU E 363 22.70 -22.22 26.01
N ASN E 364 23.74 -23.04 26.16
CA ASN E 364 23.78 -24.33 25.50
C ASN E 364 22.68 -25.24 26.02
N ALA E 365 22.24 -26.18 25.17
CA ALA E 365 21.15 -27.06 25.54
C ALA E 365 21.51 -27.92 26.73
N ASN E 366 22.75 -28.43 26.78
CA ASN E 366 23.15 -29.28 27.89
C ASN E 366 23.08 -28.53 29.22
N GLU E 367 23.45 -27.25 29.21
CA GLU E 367 23.39 -26.44 30.43
C GLU E 367 21.97 -26.04 30.80
N ILE E 368 21.02 -26.17 29.88
CA ILE E 368 19.66 -25.70 30.15
C ILE E 368 19.00 -26.62 31.18
N PRO E 369 18.46 -26.09 32.27
CA PRO E 369 17.64 -26.93 33.15
C PRO E 369 16.48 -27.55 32.38
N THR E 370 16.16 -28.79 32.72
CA THR E 370 15.12 -29.51 31.99
C THR E 370 13.81 -28.75 32.03
N GLY E 371 13.15 -28.68 30.88
CA GLY E 371 11.85 -28.02 30.79
C GLY E 371 11.89 -26.55 31.12
N SER E 372 12.92 -25.83 30.62
CA SER E 372 13.06 -24.41 30.84
C SER E 372 13.39 -23.71 29.54
N MET E 373 12.94 -22.52 29.35
CA MET E 373 13.20 -21.68 28.25
C MET E 373 14.64 -21.25 28.22
N PRO E 374 15.33 -21.26 27.07
CA PRO E 374 16.72 -20.79 27.06
C PRO E 374 16.83 -19.33 27.45
N ARG E 375 17.97 -19.00 28.04
CA ARG E 375 18.27 -17.63 28.44
C ARG E 375 19.05 -16.99 27.32
N THR E 376 18.87 -15.72 27.05
CA THR E 376 19.38 -14.91 26.01
C THR E 376 20.19 -13.74 26.50
N LEU E 377 21.20 -13.34 25.72
CA LEU E 377 22.02 -12.19 26.07
C LEU E 377 22.49 -11.53 24.78
N ASP E 378 22.80 -10.28 24.80
CA ASP E 378 23.26 -9.43 23.78
C ASP E 378 24.75 -9.20 23.88
N VAL E 379 25.51 -9.49 22.84
CA VAL E 379 26.96 -9.29 22.81
C VAL E 379 27.29 -8.31 21.70
N ILE E 380 28.12 -7.32 22.01
CA ILE E 380 28.49 -6.28 21.07
C ILE E 380 29.96 -6.46 20.70
N LEU E 381 30.24 -6.48 19.39
CA LEU E 381 31.59 -6.63 18.87
C LEU E 381 32.00 -5.34 18.17
N ARG E 382 33.29 -5.01 18.29
CA ARG E 382 33.83 -3.79 17.71
C ARG E 382 35.14 -4.09 17.01
N GLY E 383 35.47 -3.26 16.02
CA GLY E 383 36.74 -3.37 15.34
C GLY E 383 36.92 -4.71 14.66
N ASP E 384 38.10 -5.31 14.85
CA ASP E 384 38.46 -6.53 14.13
C ASP E 384 37.65 -7.74 14.57
N SER E 385 36.99 -7.68 15.72
CA SER E 385 36.21 -8.81 16.20
C SER E 385 34.86 -8.93 15.51
N VAL E 386 34.58 -8.07 14.54
CA VAL E 386 33.30 -8.08 13.84
C VAL E 386 33.25 -9.26 12.88
N GLU E 387 32.06 -9.87 12.74
CA GLU E 387 31.84 -10.96 11.81
C GLU E 387 32.78 -12.13 12.08
N ARG E 388 33.05 -12.38 13.36
CA ARG E 388 33.82 -13.56 13.78
C ARG E 388 32.95 -14.64 14.40
N ALA E 389 31.67 -14.37 14.63
CA ALA E 389 30.74 -15.35 15.16
C ALA E 389 29.56 -15.48 14.21
N LYS E 390 29.26 -16.72 13.81
CA LYS E 390 28.15 -16.97 12.90
C LYS E 390 27.01 -17.68 13.65
N PRO E 391 25.77 -17.48 13.22
CA PRO E 391 24.65 -18.16 13.90
C PRO E 391 24.83 -19.66 13.89
N GLY E 392 24.45 -20.30 15.00
CA GLY E 392 24.57 -21.72 15.16
C GLY E 392 25.86 -22.20 15.77
N ASP E 393 26.88 -21.33 15.81
CA ASP E 393 28.15 -21.71 16.40
C ASP E 393 28.07 -21.69 17.93
N ARG E 394 29.00 -22.39 18.56
CA ARG E 394 29.18 -22.37 20.00
C ARG E 394 30.47 -21.61 20.28
N CYS E 395 30.34 -20.40 20.80
CA CYS E 395 31.47 -19.49 20.95
C CYS E 395 31.73 -19.18 22.41
N LYS E 396 32.98 -18.78 22.68
CA LYS E 396 33.41 -18.38 24.02
C LYS E 396 33.90 -16.94 23.92
N PHE E 397 33.13 -16.02 24.51
CA PHE E 397 33.45 -14.60 24.46
C PHE E 397 34.15 -14.17 25.74
N THR E 398 35.17 -13.34 25.59
CA THR E 398 35.87 -12.71 26.71
C THR E 398 35.71 -11.20 26.59
N GLY E 399 35.23 -10.57 27.65
CA GLY E 399 34.97 -9.14 27.62
C GLY E 399 34.50 -8.59 28.95
N VAL E 400 33.81 -7.46 28.91
CA VAL E 400 33.37 -6.74 30.10
C VAL E 400 31.86 -6.72 30.12
N GLU E 401 31.28 -7.08 31.26
CA GLU E 401 29.85 -6.99 31.46
C GLU E 401 29.47 -5.53 31.70
N ILE E 402 28.53 -5.02 30.89
CA ILE E 402 28.12 -3.62 30.95
C ILE E 402 26.62 -3.56 31.18
N VAL E 403 26.14 -2.36 31.45
CA VAL E 403 24.72 -2.08 31.59
C VAL E 403 24.36 -0.97 30.61
N VAL E 404 23.38 -1.15 29.81
CA VAL E 404 22.89 -0.34 28.75
C VAL E 404 21.66 0.41 29.17
N PRO E 405 21.62 1.74 29.17
CA PRO E 405 20.43 2.48 29.50
C PRO E 405 19.42 2.52 28.39
N ASP E 406 18.33 3.18 28.56
CA ASP E 406 17.29 3.52 27.65
C ASP E 406 17.58 4.88 27.06
N VAL E 407 18.28 5.00 25.99
CA VAL E 407 18.70 6.20 25.37
C VAL E 407 17.54 7.11 25.06
N THR E 408 16.38 6.57 24.82
CA THR E 408 15.18 7.25 24.54
C THR E 408 14.83 8.25 25.62
N GLN E 409 14.85 7.83 26.85
CA GLN E 409 14.55 8.58 28.00
C GLN E 409 15.48 9.75 28.16
N LEU E 410 16.74 9.57 27.99
CA LEU E 410 17.77 10.51 28.11
C LEU E 410 17.57 11.72 27.22
N GLY E 411 16.87 11.59 26.15
CA GLY E 411 16.63 12.55 25.19
C GLY E 411 17.43 12.56 23.96
N LEU E 412 16.90 12.19 22.83
CA LEU E 412 17.48 12.07 21.55
C LEU E 412 16.97 13.10 20.57
N PRO E 413 17.80 13.69 19.72
CA PRO E 413 17.30 14.61 18.71
C PRO E 413 16.26 14.00 17.80
N GLY E 414 15.07 14.49 17.75
CA GLY E 414 14.04 14.08 16.93
C GLY E 414 13.32 12.83 17.23
N VAL E 415 13.55 12.23 18.35
CA VAL E 415 13.01 11.03 18.88
C VAL E 415 12.15 11.31 20.09
N LYS E 416 10.86 11.04 20.03
CA LYS E 416 9.97 11.21 21.17
C LYS E 416 10.14 10.00 22.10
N PRO E 417 10.58 10.17 23.37
CA PRO E 417 10.72 9.06 24.28
C PRO E 417 9.45 8.27 24.45
N SER E 418 9.50 6.98 24.52
CA SER E 418 8.40 6.13 24.72
C SER E 418 7.35 6.33 23.65
N THR E 429 6.14 -10.01 30.64
CA THR E 429 7.16 -10.39 31.53
C THR E 429 6.91 -9.86 32.92
N THR E 430 7.31 -8.60 33.11
CA THR E 430 7.08 -7.90 34.37
C THR E 430 5.78 -7.12 34.25
N GLU E 431 4.85 -7.37 35.17
CA GLU E 431 3.53 -6.75 35.14
C GLU E 431 3.57 -5.36 35.78
N GLY E 432 4.40 -4.49 35.19
CA GLY E 432 4.52 -3.13 35.65
C GLY E 432 5.36 -2.95 36.89
N LEU E 433 6.01 -4.01 37.38
CA LEU E 433 6.86 -3.92 38.56
C LEU E 433 8.28 -3.48 38.25
N ASN E 434 8.63 -3.35 36.96
CA ASN E 434 9.97 -2.91 36.57
C ASN E 434 9.95 -1.39 36.48
N SER E 435 10.20 -0.73 37.61
CA SER E 435 10.22 0.72 37.69
C SER E 435 11.67 1.19 37.70
N GLY E 436 12.03 2.11 36.87
CA GLY E 436 13.28 2.68 36.77
C GLY E 436 13.65 3.69 37.76
N VAL E 437 14.83 4.17 37.80
CA VAL E 437 15.38 5.17 38.64
C VAL E 437 15.08 6.55 38.10
N THR E 438 14.81 7.52 38.91
CA THR E 438 14.50 8.86 38.62
C THR E 438 15.30 9.87 39.39
N GLY E 439 15.03 11.13 39.29
CA GLY E 439 15.65 12.20 39.91
C GLY E 439 16.66 13.02 39.21
N LEU E 440 17.07 12.62 38.05
CA LEU E 440 17.97 13.27 37.18
C LEU E 440 17.36 14.49 36.55
N ARG E 441 18.13 15.47 36.17
CA ARG E 441 17.76 16.64 35.49
C ARG E 441 17.24 16.35 34.10
N SER E 442 17.87 15.50 33.38
CA SER E 442 17.50 15.02 32.10
C SER E 442 16.13 14.39 32.13
N LEU E 443 15.88 13.53 33.06
CA LEU E 443 14.68 12.86 33.38
C LEU E 443 13.82 13.73 34.26
N GLY E 444 13.24 14.79 33.69
CA GLY E 444 12.50 15.78 34.49
C GLY E 444 11.31 15.17 35.25
N VAL E 445 10.52 14.35 34.55
CA VAL E 445 9.40 13.58 35.10
C VAL E 445 9.46 12.08 34.71
N ARG E 446 10.39 11.69 33.83
CA ARG E 446 10.61 10.30 33.36
C ARG E 446 11.50 9.51 34.33
N ASP E 447 11.65 8.20 34.12
CA ASP E 447 12.45 7.26 34.80
C ASP E 447 13.34 6.46 33.87
N LEU E 448 14.47 6.01 34.29
CA LEU E 448 15.49 5.31 33.61
C LEU E 448 15.55 3.86 33.97
N THR E 449 15.41 2.93 33.08
CA THR E 449 15.57 1.54 33.16
C THR E 449 16.87 1.06 32.58
N TYR E 450 17.33 -0.12 33.00
CA TYR E 450 18.64 -0.61 32.60
C TYR E 450 18.54 -2.03 32.07
N LYS E 451 19.44 -2.43 31.24
CA LYS E 451 19.57 -3.65 30.55
C LYS E 451 20.98 -4.20 30.58
N ILE E 452 21.14 -5.48 30.88
CA ILE E 452 22.47 -6.09 30.96
C ILE E 452 22.90 -6.53 29.58
N SER E 453 24.09 -6.11 29.16
CA SER E 453 24.67 -6.51 27.88
C SER E 453 26.11 -6.96 28.08
N PHE E 454 26.80 -7.28 26.99
CA PHE E 454 28.16 -7.78 27.04
C PHE E 454 28.98 -7.13 25.94
N LEU E 455 30.17 -6.63 26.29
CA LEU E 455 31.11 -6.06 25.34
C LEU E 455 32.29 -7.02 25.23
N ALA E 456 32.40 -7.72 24.12
CA ALA E 456 33.40 -8.76 23.93
C ALA E 456 34.61 -8.20 23.19
N CYS E 457 35.80 -8.57 23.67
CA CYS E 457 37.06 -8.19 23.04
C CYS E 457 37.82 -9.38 22.49
N HIS E 458 37.25 -10.57 22.55
CA HIS E 458 37.91 -11.77 22.06
C HIS E 458 36.86 -12.84 21.82
N VAL E 459 36.92 -13.49 20.66
CA VAL E 459 35.94 -14.49 20.25
C VAL E 459 36.67 -15.76 19.87
N ILE E 460 36.24 -16.89 20.43
CA ILE E 460 36.74 -18.20 20.08
C ILE E 460 35.54 -19.09 19.79
N SER E 461 35.49 -19.64 18.56
CA SER E 461 34.39 -20.49 18.13
C SER E 461 34.73 -21.93 18.49
N ILE E 462 34.13 -22.43 19.57
CA ILE E 462 34.38 -23.81 19.99
C ILE E 462 33.91 -24.79 18.92
N GLY E 463 32.73 -24.55 18.36
CA GLY E 463 32.19 -25.42 17.33
C GLY E 463 31.43 -24.64 16.27
N ASP E 500 49.66 -21.61 -7.86
CA ASP E 500 48.99 -22.05 -6.64
C ASP E 500 49.91 -22.94 -5.82
N GLN E 501 50.81 -23.65 -6.50
CA GLN E 501 51.75 -24.52 -5.79
C GLN E 501 52.66 -23.73 -4.87
N GLU E 502 53.16 -22.59 -5.34
CA GLU E 502 54.07 -21.79 -4.53
C GLU E 502 53.38 -21.29 -3.26
N VAL E 503 52.12 -20.86 -3.39
CA VAL E 503 51.40 -20.35 -2.22
C VAL E 503 51.27 -21.45 -1.17
N PHE E 504 50.88 -22.65 -1.60
CA PHE E 504 50.70 -23.75 -0.65
C PHE E 504 52.01 -24.13 0.01
N LEU E 505 53.10 -24.22 -0.75
CA LEU E 505 54.37 -24.63 -0.19
C LEU E 505 54.86 -23.64 0.87
N ASN E 506 54.63 -22.34 0.64
CA ASN E 506 55.07 -21.33 1.59
C ASN E 506 54.36 -21.51 2.94
N SER E 507 53.08 -21.89 2.92
CA SER E 507 52.34 -22.06 4.16
C SER E 507 52.94 -23.15 5.03
N LEU E 508 53.33 -24.28 4.42
CA LEU E 508 53.87 -25.40 5.18
C LEU E 508 55.22 -25.03 5.78
N SER E 509 55.53 -25.67 6.91
CA SER E 509 56.82 -25.48 7.56
C SER E 509 57.91 -26.26 6.82
N SER E 510 59.16 -25.98 7.20
CA SER E 510 60.29 -26.65 6.55
C SER E 510 60.22 -28.16 6.77
N ASP E 511 59.90 -28.59 7.99
CA ASP E 511 59.82 -30.02 8.26
C ASP E 511 58.72 -30.68 7.45
N GLU E 512 57.57 -30.01 7.32
CA GLU E 512 56.47 -30.57 6.53
C GLU E 512 56.88 -30.73 5.06
N ILE E 513 57.63 -29.77 4.53
CA ILE E 513 58.05 -29.85 3.13
C ILE E 513 58.90 -31.09 2.91
N ASN E 514 59.80 -31.39 3.83
CA ASN E 514 60.62 -32.58 3.69
C ASN E 514 59.76 -33.84 3.67
N GLU E 515 58.74 -33.89 4.53
CA GLU E 515 57.82 -35.03 4.53
C GLU E 515 57.09 -35.12 3.19
N LEU E 516 56.65 -33.97 2.66
CA LEU E 516 55.92 -33.98 1.39
C LEU E 516 56.81 -34.53 0.27
N LYS E 517 58.06 -34.09 0.22
CA LYS E 517 58.97 -34.57 -0.82
C LYS E 517 59.27 -36.05 -0.64
N GLU E 518 59.35 -36.51 0.61
CA GLU E 518 59.61 -37.93 0.85
C GLU E 518 58.48 -38.79 0.31
N MET E 519 57.23 -38.35 0.50
CA MET E 519 56.09 -39.15 0.05
C MET E 519 56.09 -39.31 -1.47
N VAL E 520 56.25 -38.21 -2.19
CA VAL E 520 56.22 -38.27 -3.65
C VAL E 520 57.41 -39.05 -4.18
N LYS E 521 58.51 -39.14 -3.43
CA LYS E 521 59.66 -39.91 -3.88
C LYS E 521 59.42 -41.42 -3.81
N ASP E 522 58.47 -41.87 -2.99
CA ASP E 522 58.22 -43.29 -2.84
C ASP E 522 57.77 -43.88 -4.17
N GLU E 523 58.26 -45.09 -4.46
CA GLU E 523 57.86 -45.76 -5.70
C GLU E 523 56.44 -46.31 -5.62
N HIS E 524 56.07 -46.86 -4.45
CA HIS E 524 54.74 -47.44 -4.23
C HIS E 524 53.78 -46.44 -3.62
N ILE E 525 53.95 -45.14 -3.89
CA ILE E 525 53.11 -44.12 -3.27
C ILE E 525 51.64 -44.36 -3.61
N TYR E 526 51.35 -44.66 -4.87
CA TYR E 526 49.96 -44.78 -5.30
C TYR E 526 49.23 -45.88 -4.54
N ASP E 527 49.89 -47.03 -4.36
CA ASP E 527 49.26 -48.13 -3.63
C ASP E 527 49.01 -47.75 -2.18
N LYS E 528 49.97 -47.06 -1.54
CA LYS E 528 49.84 -46.75 -0.12
C LYS E 528 48.63 -45.85 0.15
N LEU E 529 48.40 -44.86 -0.71
CA LEU E 529 47.27 -43.97 -0.51
C LEU E 529 45.95 -44.74 -0.56
N VAL E 530 45.83 -45.68 -1.49
CA VAL E 530 44.61 -46.48 -1.58
C VAL E 530 44.42 -47.27 -0.28
N ARG E 531 45.50 -47.86 0.24
CA ARG E 531 45.44 -48.63 1.46
C ARG E 531 45.29 -47.77 2.71
N SER E 532 45.47 -46.45 2.61
CA SER E 532 45.40 -45.55 3.75
C SER E 532 44.07 -44.82 3.83
N ILE E 533 43.08 -45.21 3.04
CA ILE E 533 41.77 -44.58 3.04
C ILE E 533 40.81 -45.45 3.84
N ALA E 534 40.18 -44.86 4.85
CA ALA E 534 39.23 -45.56 5.70
C ALA E 534 39.82 -46.87 6.23
N PRO E 535 40.88 -46.79 7.04
CA PRO E 535 41.54 -48.01 7.52
C PRO E 535 40.62 -48.91 8.33
N ALA E 536 39.57 -48.36 8.95
CA ALA E 536 38.65 -49.19 9.72
C ALA E 536 38.00 -50.26 8.84
N VAL E 537 37.59 -49.89 7.63
CA VAL E 537 37.01 -50.86 6.73
C VAL E 537 38.06 -51.91 6.37
N PHE E 538 37.61 -53.14 6.17
CA PHE E 538 38.49 -54.28 5.93
C PHE E 538 38.23 -54.87 4.55
N GLY E 539 39.29 -55.01 3.76
CA GLY E 539 39.23 -55.74 2.51
C GLY E 539 38.28 -55.16 1.47
N HIS E 540 38.34 -53.85 1.25
CA HIS E 540 37.55 -53.19 0.21
C HIS E 540 38.41 -52.19 -0.55
N GLU E 541 39.60 -52.65 -0.97
CA GLU E 541 40.54 -51.76 -1.66
C GLU E 541 39.92 -51.17 -2.92
N ALA E 542 39.06 -51.91 -3.60
CA ALA E 542 38.44 -51.40 -4.82
C ALA E 542 37.63 -50.15 -4.55
N VAL E 543 36.84 -50.16 -3.47
CA VAL E 543 36.05 -48.98 -3.12
C VAL E 543 36.97 -47.85 -2.65
N LYS E 544 38.04 -48.19 -1.94
CA LYS E 544 38.94 -47.15 -1.45
C LYS E 544 39.56 -46.37 -2.59
N LYS E 545 39.95 -47.06 -3.66
CA LYS E 545 40.55 -46.37 -4.80
C LYS E 545 39.58 -45.37 -5.40
N GLY E 546 38.28 -45.70 -5.46
CA GLY E 546 37.31 -44.76 -5.98
C GLY E 546 37.19 -43.51 -5.11
N ILE E 547 37.16 -43.70 -3.79
CA ILE E 547 37.02 -42.56 -2.88
C ILE E 547 38.24 -41.65 -2.97
N LEU E 548 39.43 -42.24 -3.05
CA LEU E 548 40.64 -41.42 -3.14
C LEU E 548 40.62 -40.55 -4.39
N LEU E 549 40.24 -41.13 -5.53
CA LEU E 549 40.20 -40.36 -6.77
C LEU E 549 39.14 -39.27 -6.71
N GLN E 550 38.00 -39.55 -6.07
CA GLN E 550 36.96 -38.53 -5.96
C GLN E 550 37.45 -37.32 -5.18
N MET E 551 38.19 -37.55 -4.09
CA MET E 551 38.70 -36.43 -3.31
C MET E 551 39.65 -35.57 -4.14
N LEU E 552 40.53 -36.21 -4.90
CA LEU E 552 41.45 -35.45 -5.76
C LEU E 552 40.67 -34.69 -6.83
N GLY E 553 39.66 -35.33 -7.42
CA GLY E 553 38.82 -34.67 -8.40
C GLY E 553 39.52 -34.50 -9.74
N GLY E 554 38.83 -33.80 -10.64
CA GLY E 554 39.36 -33.51 -11.95
C GLY E 554 39.45 -32.02 -12.22
N VAL E 555 40.19 -31.64 -13.25
CA VAL E 555 40.36 -30.23 -13.57
C VAL E 555 39.05 -29.67 -14.08
N HIS E 556 38.64 -28.53 -13.52
CA HIS E 556 37.44 -27.84 -13.98
C HIS E 556 37.80 -26.90 -15.12
N LYS E 557 37.08 -27.02 -16.24
CA LYS E 557 37.39 -26.29 -17.45
C LYS E 557 36.15 -25.56 -17.94
N SER E 558 36.38 -24.44 -18.62
CA SER E 558 35.32 -23.65 -19.23
C SER E 558 35.73 -23.31 -20.66
N THR E 559 34.81 -23.51 -21.60
CA THR E 559 35.11 -23.29 -23.00
C THR E 559 35.21 -21.79 -23.28
N VAL E 560 35.36 -21.44 -24.57
CA VAL E 560 35.56 -20.05 -24.96
C VAL E 560 34.26 -19.29 -25.16
N GLU E 561 33.11 -19.89 -24.85
CA GLU E 561 31.82 -19.23 -24.99
C GLU E 561 30.94 -19.46 -23.76
N GLY E 562 31.55 -19.68 -22.61
CA GLY E 562 30.81 -19.78 -21.36
C GLY E 562 30.16 -21.12 -21.09
N ILE E 563 30.49 -22.16 -21.83
CA ILE E 563 29.98 -23.50 -21.56
C ILE E 563 30.92 -24.18 -20.58
N LYS E 564 30.37 -24.68 -19.48
CA LYS E 564 31.16 -25.28 -18.41
C LYS E 564 31.24 -26.78 -18.59
N LEU E 565 32.41 -27.34 -18.31
CA LEU E 565 32.65 -28.78 -18.36
C LEU E 565 32.89 -29.27 -16.94
N ARG E 566 32.11 -30.25 -16.50
CA ARG E 566 32.21 -30.73 -15.12
C ARG E 566 33.58 -31.35 -14.87
N GLY E 567 34.06 -31.19 -13.64
CA GLY E 567 35.33 -31.74 -13.23
C GLY E 567 35.26 -32.50 -11.93
N ASP E 568 34.03 -32.84 -11.51
CA ASP E 568 33.79 -33.57 -10.27
C ASP E 568 33.40 -35.01 -10.58
N ILE E 569 33.76 -35.92 -9.68
CA ILE E 569 33.55 -37.35 -9.86
C ILE E 569 32.46 -37.80 -8.90
N ASN E 570 31.44 -38.46 -9.43
CA ASN E 570 30.35 -39.01 -8.64
C ASN E 570 30.49 -40.52 -8.55
N ILE E 571 30.28 -41.06 -7.35
CA ILE E 571 30.44 -42.48 -7.08
C ILE E 571 29.18 -42.99 -6.41
N CYS E 572 28.69 -44.14 -6.88
CA CYS E 572 27.53 -44.81 -6.28
C CYS E 572 27.96 -46.21 -5.84
N VAL E 573 27.66 -46.53 -4.59
CA VAL E 573 28.04 -47.82 -4.00
C VAL E 573 26.77 -48.60 -3.72
N VAL E 574 26.69 -49.82 -4.24
CA VAL E 574 25.56 -50.72 -4.04
C VAL E 574 26.06 -51.96 -3.31
N GLY E 575 25.29 -52.42 -2.34
CA GLY E 575 25.69 -53.60 -1.59
C GLY E 575 24.56 -54.10 -0.72
N ASP E 576 24.75 -55.32 -0.23
CA ASP E 576 23.78 -55.94 0.65
C ASP E 576 23.84 -55.29 2.04
N PRO E 577 22.80 -55.45 2.84
CA PRO E 577 22.82 -54.87 4.19
C PRO E 577 24.01 -55.38 4.99
N SER E 578 24.56 -54.50 5.83
CA SER E 578 25.71 -54.81 6.67
C SER E 578 26.92 -55.18 5.81
N THR E 579 27.33 -54.23 4.97
CA THR E 579 28.48 -54.39 4.09
C THR E 579 29.41 -53.18 4.15
N SER E 580 29.28 -52.35 5.19
CA SER E 580 30.15 -51.18 5.39
C SER E 580 29.86 -50.07 4.39
N LYS E 581 28.65 -50.04 3.84
CA LYS E 581 28.29 -48.96 2.93
C LYS E 581 28.28 -47.62 3.66
N SER E 582 27.63 -47.55 4.82
CA SER E 582 27.57 -46.31 5.57
C SER E 582 28.94 -45.89 6.07
N GLN E 583 29.76 -46.86 6.49
CA GLN E 583 31.07 -46.54 7.04
C GLN E 583 31.89 -45.71 6.06
N PHE E 584 31.79 -46.02 4.76
CA PHE E 584 32.53 -45.26 3.77
C PHE E 584 32.08 -43.80 3.76
N LEU E 585 30.76 -43.56 3.81
CA LEU E 585 30.27 -42.20 3.85
C LEU E 585 30.71 -41.48 5.12
N LYS E 586 30.68 -42.19 6.25
CA LYS E 586 31.05 -41.57 7.52
C LYS E 586 32.50 -41.09 7.49
N TYR E 587 33.40 -41.91 6.95
CA TYR E 587 34.80 -41.51 6.88
C TYR E 587 34.99 -40.29 6.00
N VAL E 588 34.31 -40.25 4.85
CA VAL E 588 34.46 -39.11 3.95
C VAL E 588 33.95 -37.84 4.60
N VAL E 589 32.87 -37.94 5.37
CA VAL E 589 32.29 -36.76 6.00
C VAL E 589 33.28 -36.13 6.97
N GLY E 590 33.94 -36.96 7.79
CA GLY E 590 34.85 -36.47 8.80
C GLY E 590 36.26 -36.20 8.34
N PHE E 591 36.55 -36.36 7.04
CA PHE E 591 37.89 -36.16 6.51
C PHE E 591 37.97 -35.03 5.51
N ALA E 592 37.05 -34.98 4.54
CA ALA E 592 37.11 -33.96 3.52
C ALA E 592 36.83 -32.58 4.12
N PRO E 593 37.42 -31.51 3.56
CA PRO E 593 37.19 -30.18 4.12
C PRO E 593 35.72 -29.80 4.17
N ARG E 594 35.06 -29.82 3.02
CA ARG E 594 33.64 -29.50 2.93
C ARG E 594 32.87 -30.78 2.61
N SER E 595 31.81 -31.04 3.37
CA SER E 595 31.03 -32.25 3.18
C SER E 595 29.77 -32.16 4.02
N VAL E 596 28.74 -32.88 3.58
CA VAL E 596 27.46 -32.95 4.28
C VAL E 596 26.96 -34.38 4.23
N TYR E 597 26.45 -34.86 5.37
CA TYR E 597 25.85 -36.18 5.46
C TYR E 597 24.33 -36.03 5.45
N THR E 598 23.67 -36.73 4.52
CA THR E 598 22.23 -36.66 4.39
C THR E 598 21.71 -38.02 3.93
N SER E 599 20.41 -38.10 3.72
CA SER E 599 19.76 -39.30 3.22
C SER E 599 18.73 -38.91 2.17
N GLY E 600 18.41 -39.86 1.31
CA GLY E 600 17.42 -39.59 0.27
C GLY E 600 16.08 -39.16 0.86
N LYS E 601 15.66 -39.80 1.94
CA LYS E 601 14.42 -39.45 2.62
C LYS E 601 14.69 -38.34 3.63
N ALA E 602 15.03 -37.19 3.18
CA ALA E 602 15.35 -36.01 3.89
C ALA E 602 14.16 -35.51 4.68
N SER E 603 14.28 -35.19 5.92
CA SER E 603 13.29 -34.68 6.79
C SER E 603 12.86 -33.28 6.42
N SER E 604 13.77 -32.40 6.22
CA SER E 604 13.60 -31.03 5.95
C SER E 604 12.83 -30.80 4.67
N ALA E 605 12.04 -29.73 4.62
CA ALA E 605 11.31 -29.32 3.42
C ALA E 605 12.24 -28.94 2.26
N ALA E 606 13.50 -28.59 2.55
CA ALA E 606 14.54 -28.32 1.64
C ALA E 606 14.93 -29.54 0.85
N GLY E 607 15.15 -30.64 1.49
CA GLY E 607 15.62 -31.79 0.92
C GLY E 607 17.00 -31.73 0.39
N LEU E 608 17.37 -32.49 -0.57
CA LEU E 608 18.62 -32.48 -1.23
C LEU E 608 18.90 -31.15 -1.88
N THR E 609 17.99 -30.65 -2.64
CA THR E 609 17.97 -29.43 -3.37
C THR E 609 17.45 -28.29 -2.55
N ALA E 610 17.25 -27.14 -3.11
CA ALA E 610 16.72 -25.96 -2.56
C ALA E 610 15.22 -26.02 -2.41
N ALA E 611 14.65 -25.20 -1.53
CA ALA E 611 13.21 -25.04 -1.39
C ALA E 611 12.86 -23.62 -0.96
N VAL E 612 11.61 -23.25 -1.19
CA VAL E 612 11.14 -21.90 -0.90
C VAL E 612 10.21 -21.90 0.30
N VAL E 613 10.46 -21.01 1.25
CA VAL E 613 9.66 -20.81 2.46
C VAL E 613 9.42 -19.33 2.66
N ARG E 614 8.18 -18.96 2.94
CA ARG E 614 7.65 -17.68 3.20
C ARG E 614 7.24 -17.50 4.64
N ASP E 615 7.83 -16.52 5.32
CA ASP E 615 7.38 -16.20 6.70
C ASP E 615 5.92 -15.82 6.51
N GLU E 616 5.02 -16.18 7.41
CA GLU E 616 3.56 -16.01 7.13
C GLU E 616 3.24 -14.53 6.92
N GLU E 617 2.41 -14.22 5.93
CA GLU E 617 1.89 -12.85 5.68
C GLU E 617 2.98 -11.99 5.02
N GLY E 618 2.77 -10.67 4.90
CA GLY E 618 3.72 -9.69 4.31
C GLY E 618 5.02 -10.27 3.81
N GLY E 619 5.90 -10.81 4.66
CA GLY E 619 7.10 -11.32 4.27
C GLY E 619 7.12 -12.14 3.05
N ASP E 620 7.97 -11.92 2.11
CA ASP E 620 8.09 -12.55 0.86
C ASP E 620 8.72 -13.92 0.95
N TYR E 621 8.64 -14.69 -0.12
CA TYR E 621 9.29 -15.99 -0.21
C TYR E 621 10.81 -15.88 -0.11
N THR E 622 11.42 -16.83 0.62
CA THR E 622 12.79 -16.97 0.96
C THR E 622 13.34 -18.32 0.59
N ILE E 623 14.58 -18.44 0.26
CA ILE E 623 15.32 -19.59 -0.12
C ILE E 623 15.91 -20.26 1.09
N GLU E 624 15.71 -21.51 1.32
CA GLU E 624 16.25 -22.37 2.31
C GLU E 624 17.22 -23.35 1.71
N ALA E 625 18.44 -23.42 2.14
CA ALA E 625 19.48 -24.23 1.64
C ALA E 625 19.18 -25.70 1.79
N GLY E 626 19.64 -26.54 0.93
CA GLY E 626 19.62 -27.91 0.94
C GLY E 626 20.90 -28.63 1.11
N ALA E 627 20.93 -29.92 1.11
CA ALA E 627 22.07 -30.74 1.26
C ALA E 627 23.11 -30.45 0.21
N LEU E 628 22.65 -30.41 -1.05
CA LEU E 628 23.58 -30.15 -2.15
C LEU E 628 24.13 -28.74 -2.10
N MET E 629 23.38 -27.74 -1.77
CA MET E 629 23.77 -26.39 -1.60
C MET E 629 24.80 -26.24 -0.52
N LEU E 630 24.50 -26.82 0.64
CA LEU E 630 25.39 -26.67 1.80
C LEU E 630 26.75 -27.29 1.53
N ALA E 631 26.81 -28.34 0.72
CA ALA E 631 28.05 -29.02 0.40
C ALA E 631 28.74 -28.44 -0.84
N ASP E 632 28.46 -27.19 -1.18
CA ASP E 632 29.05 -26.58 -2.35
C ASP E 632 30.58 -26.63 -2.24
N ASN E 633 31.22 -26.96 -3.36
CA ASN E 633 32.67 -27.12 -3.41
C ASN E 633 33.16 -28.22 -2.48
N GLY E 634 32.29 -29.18 -2.17
CA GLY E 634 32.66 -30.29 -1.30
C GLY E 634 32.14 -31.61 -1.81
N ILE E 635 31.81 -32.52 -0.90
CA ILE E 635 31.30 -33.84 -1.25
C ILE E 635 30.04 -34.08 -0.44
N CYS E 636 28.93 -34.35 -1.13
CA CYS E 636 27.66 -34.64 -0.49
C CYS E 636 27.45 -36.14 -0.46
N CYS E 637 27.37 -36.71 0.75
CA CYS E 637 27.18 -38.14 0.93
C CYS E 637 25.72 -38.41 1.25
N ILE E 638 25.06 -39.20 0.40
CA ILE E 638 23.65 -39.53 0.54
C ILE E 638 23.56 -40.98 0.98
N ASP E 639 22.90 -41.23 2.12
CA ASP E 639 22.90 -42.57 2.69
C ASP E 639 22.06 -43.53 1.88
N GLU E 640 20.87 -43.11 1.44
CA GLU E 640 19.92 -43.97 0.72
C GLU E 640 19.48 -43.25 -0.55
N PHE E 641 20.22 -43.45 -1.64
CA PHE E 641 19.85 -42.84 -2.90
C PHE E 641 18.59 -43.47 -3.49
N ASP E 642 18.30 -44.71 -3.11
CA ASP E 642 17.15 -45.43 -3.66
C ASP E 642 15.83 -45.07 -2.99
N LYS E 643 15.79 -43.97 -2.23
CA LYS E 643 14.56 -43.55 -1.56
C LYS E 643 14.33 -42.05 -1.69
N MET E 644 15.00 -41.39 -2.64
CA MET E 644 14.84 -39.96 -2.82
C MET E 644 13.42 -39.65 -3.30
N ASP E 645 12.92 -38.50 -3.00
CA ASP E 645 11.67 -37.98 -3.38
C ASP E 645 11.61 -37.74 -4.87
N ILE E 646 10.45 -37.74 -5.47
CA ILE E 646 10.21 -37.48 -6.83
C ILE E 646 10.76 -36.13 -7.23
N SER E 647 10.50 -35.13 -6.47
CA SER E 647 10.94 -33.80 -6.64
C SER E 647 12.44 -33.72 -6.74
N ASP E 648 13.14 -34.34 -5.84
CA ASP E 648 14.54 -34.44 -5.78
C ASP E 648 15.11 -35.22 -6.93
N GLN E 649 14.43 -36.32 -7.28
CA GLN E 649 14.89 -37.15 -8.39
C GLN E 649 14.93 -36.34 -9.67
N VAL E 650 13.89 -35.55 -9.94
CA VAL E 650 13.89 -34.67 -11.10
C VAL E 650 14.87 -33.52 -10.89
N ALA E 651 14.90 -32.91 -9.75
CA ALA E 651 15.71 -31.80 -9.40
C ALA E 651 17.18 -32.10 -9.49
N ILE E 652 17.56 -33.31 -9.07
CA ILE E 652 18.96 -33.71 -9.06
C ILE E 652 19.52 -33.93 -10.45
N HIS E 653 18.68 -33.93 -11.49
CA HIS E 653 19.18 -34.06 -12.85
C HIS E 653 20.13 -32.92 -13.18
N GLU E 654 19.73 -31.68 -12.90
CA GLU E 654 20.55 -30.53 -13.26
C GLU E 654 21.76 -30.40 -12.35
N ALA E 655 21.60 -30.73 -11.07
CA ALA E 655 22.68 -30.51 -10.10
C ALA E 655 23.89 -31.38 -10.43
N MET E 656 23.68 -32.62 -10.84
CA MET E 656 24.79 -33.55 -11.04
C MET E 656 25.61 -33.19 -12.28
N GLU E 657 25.00 -32.54 -13.27
CA GLU E 657 25.68 -32.23 -14.52
C GLU E 657 25.92 -30.74 -14.69
N GLN E 658 24.86 -29.93 -14.64
CA GLN E 658 25.02 -28.49 -14.83
C GLN E 658 25.60 -27.81 -13.60
N GLN E 659 25.62 -28.48 -12.45
CA GLN E 659 26.16 -27.92 -11.22
C GLN E 659 25.40 -26.67 -10.79
N THR E 660 24.10 -26.63 -11.06
CA THR E 660 23.27 -25.50 -10.67
C THR E 660 21.87 -26.01 -10.33
N ILE E 661 21.13 -25.26 -9.58
CA ILE E 661 19.77 -25.42 -9.18
C ILE E 661 18.96 -24.23 -9.57
N SER E 662 18.05 -24.30 -10.48
CA SER E 662 17.20 -23.30 -11.02
C SER E 662 15.80 -23.41 -10.47
N ILE E 663 15.28 -22.45 -9.79
CA ILE E 663 13.99 -22.32 -9.21
C ILE E 663 13.27 -21.10 -9.71
N ALA E 664 12.03 -21.15 -10.06
CA ALA E 664 11.15 -20.11 -10.48
C ALA E 664 9.82 -20.23 -9.78
N LYS E 665 9.68 -19.73 -8.55
CA LYS E 665 8.46 -19.83 -7.72
C LYS E 665 7.81 -18.45 -7.60
N ALA E 666 6.68 -18.31 -6.91
CA ALA E 666 6.01 -17.01 -6.78
C ALA E 666 6.93 -15.96 -6.15
N GLY E 667 7.32 -14.95 -6.94
CA GLY E 667 8.08 -13.86 -6.58
C GLY E 667 9.53 -13.97 -6.39
N ILE E 668 10.10 -15.11 -6.58
CA ILE E 668 11.45 -15.49 -6.43
C ILE E 668 11.95 -16.35 -7.57
N HIS E 669 13.06 -16.07 -8.17
CA HIS E 669 13.73 -16.79 -9.17
C HIS E 669 15.23 -16.66 -9.05
N ALA E 670 15.99 -17.69 -9.04
CA ALA E 670 17.38 -17.74 -8.82
C ALA E 670 18.06 -18.96 -9.38
N THR E 671 19.36 -18.87 -9.62
CA THR E 671 20.19 -20.01 -9.99
C THR E 671 21.22 -20.20 -8.88
N LEU E 672 21.26 -21.32 -8.24
CA LEU E 672 21.98 -21.69 -7.10
C LEU E 672 23.15 -22.59 -7.41
N ASN E 673 24.35 -22.25 -6.97
CA ASN E 673 25.51 -23.07 -7.25
C ASN E 673 25.42 -24.39 -6.50
N ALA E 674 25.76 -25.48 -7.19
CA ALA E 674 25.75 -26.82 -6.61
C ALA E 674 26.97 -27.60 -7.07
N ARG E 675 28.14 -26.97 -7.06
CA ARG E 675 29.38 -27.61 -7.51
C ARG E 675 29.84 -28.59 -6.43
N THR E 676 29.23 -29.78 -6.44
CA THR E 676 29.51 -30.81 -5.46
C THR E 676 29.76 -32.14 -6.17
N SER E 677 30.39 -33.06 -5.43
CA SER E 677 30.58 -34.43 -5.86
C SER E 677 29.71 -35.33 -4.99
N ILE E 678 28.86 -36.13 -5.63
CA ILE E 678 27.89 -36.95 -4.92
C ILE E 678 28.48 -38.33 -4.71
N LEU E 679 28.56 -38.75 -3.45
CA LEU E 679 29.00 -40.11 -3.08
C LEU E 679 27.80 -40.77 -2.42
N ALA E 680 27.05 -41.54 -3.19
CA ALA E 680 25.79 -42.11 -2.74
C ALA E 680 25.93 -43.59 -2.47
N ALA E 681 25.12 -44.08 -1.53
CA ALA E 681 25.02 -45.49 -1.20
C ALA E 681 23.59 -45.94 -1.38
N ALA E 682 23.38 -47.04 -2.10
CA ALA E 682 22.04 -47.52 -2.41
C ALA E 682 21.96 -49.02 -2.16
N ASN E 683 20.74 -49.48 -1.87
CA ASN E 683 20.48 -50.89 -1.68
C ASN E 683 19.89 -51.51 -2.95
N PRO E 684 20.08 -52.81 -3.17
CA PRO E 684 19.47 -53.44 -4.34
C PRO E 684 17.95 -53.35 -4.29
N VAL E 685 17.32 -53.35 -5.46
CA VAL E 685 15.87 -53.25 -5.53
C VAL E 685 15.22 -54.37 -4.73
N GLY E 686 15.78 -55.57 -4.80
CA GLY E 686 15.34 -56.67 -3.98
C GLY E 686 16.01 -56.65 -2.62
N GLY E 687 15.78 -57.74 -1.87
CA GLY E 687 16.40 -57.86 -0.57
C GLY E 687 17.91 -57.89 -0.63
N ARG E 688 18.46 -58.64 -1.59
CA ARG E 688 19.90 -58.76 -1.78
C ARG E 688 20.22 -58.60 -3.26
N TYR E 689 21.50 -58.38 -3.54
CA TYR E 689 21.96 -58.21 -4.92
C TYR E 689 21.84 -59.54 -5.64
N ASN E 690 20.99 -59.59 -6.67
CA ASN E 690 20.79 -60.79 -7.46
C ASN E 690 21.82 -60.81 -8.58
N ARG E 691 22.80 -61.71 -8.48
CA ARG E 691 23.88 -61.74 -9.44
C ARG E 691 23.39 -62.06 -10.84
N LYS E 692 22.29 -62.82 -10.96
CA LYS E 692 21.80 -63.20 -12.27
C LYS E 692 21.38 -61.99 -13.09
N LEU E 693 20.69 -61.04 -12.46
CA LEU E 693 20.25 -59.84 -13.16
C LEU E 693 21.41 -58.86 -13.32
N SER E 694 21.26 -57.96 -14.29
CA SER E 694 22.25 -56.94 -14.54
C SER E 694 22.15 -55.84 -13.48
N LEU E 695 23.18 -54.97 -13.46
CA LEU E 695 23.19 -53.88 -12.49
C LEU E 695 21.97 -52.98 -12.66
N ARG E 696 21.53 -52.77 -13.90
CA ARG E 696 20.36 -51.94 -14.14
C ARG E 696 19.12 -52.54 -13.46
N GLY E 697 18.94 -53.85 -13.56
CA GLY E 697 17.79 -54.48 -12.94
C GLY E 697 17.81 -54.38 -11.43
N ASN E 698 18.98 -54.56 -10.82
CA ASN E 698 19.08 -54.54 -9.37
C ASN E 698 18.85 -53.13 -8.80
N LEU E 699 18.92 -52.10 -9.62
CA LEU E 699 18.82 -50.72 -9.17
C LEU E 699 17.52 -50.09 -9.67
N ASN E 700 16.88 -49.32 -8.80
CA ASN E 700 15.68 -48.58 -9.18
C ASN E 700 16.01 -47.35 -10.02
N MET E 701 17.28 -46.98 -10.12
CA MET E 701 17.67 -45.79 -10.85
C MET E 701 17.41 -45.95 -12.34
N THR E 702 17.03 -44.85 -12.98
CA THR E 702 16.74 -44.83 -14.40
C THR E 702 18.01 -44.56 -15.21
N ALA E 703 17.89 -44.68 -16.53
CA ALA E 703 19.05 -44.49 -17.40
C ALA E 703 19.66 -43.10 -17.27
N PRO E 704 18.89 -42.01 -17.26
CA PRO E 704 19.53 -40.69 -17.13
C PRO E 704 20.42 -40.56 -15.91
N ILE E 705 19.91 -40.89 -14.72
CA ILE E 705 20.72 -40.75 -13.51
C ILE E 705 21.92 -41.69 -13.56
N MET E 706 21.71 -42.92 -14.03
CA MET E 706 22.80 -43.90 -14.06
C MET E 706 23.96 -43.41 -14.92
N SER E 707 23.68 -42.62 -15.95
CA SER E 707 24.76 -42.12 -16.79
C SER E 707 25.56 -41.02 -16.11
N ARG E 708 24.93 -40.28 -15.20
CA ARG E 708 25.61 -39.18 -14.53
C ARG E 708 26.61 -39.64 -13.47
N PHE E 709 26.61 -40.93 -13.12
CA PHE E 709 27.56 -41.46 -12.15
C PHE E 709 28.80 -41.95 -12.85
N ASP E 710 29.97 -41.49 -12.38
CA ASP E 710 31.22 -41.83 -13.04
C ASP E 710 31.61 -43.28 -12.77
N LEU E 711 31.44 -43.75 -11.53
CA LEU E 711 31.86 -45.08 -11.14
C LEU E 711 30.74 -45.77 -10.37
N PHE E 712 30.72 -47.10 -10.47
CA PHE E 712 29.81 -47.94 -9.72
C PHE E 712 30.60 -49.04 -9.02
N PHE E 713 30.23 -49.32 -7.78
CA PHE E 713 30.88 -50.36 -6.99
C PHE E 713 29.80 -51.24 -6.36
N VAL E 714 30.01 -52.55 -6.42
CA VAL E 714 29.07 -53.53 -5.89
C VAL E 714 29.78 -54.34 -4.81
N ILE E 715 29.18 -54.40 -3.63
CA ILE E 715 29.73 -55.14 -2.50
C ILE E 715 28.76 -56.28 -2.18
N LEU E 716 29.29 -57.49 -2.12
CA LEU E 716 28.49 -58.69 -1.88
C LEU E 716 28.72 -59.21 -0.46
N ASP E 717 27.79 -60.04 0.00
CA ASP E 717 27.85 -60.65 1.32
C ASP E 717 27.96 -62.16 1.13
N ASP E 718 29.15 -62.70 1.36
CA ASP E 718 29.40 -64.13 1.21
C ASP E 718 29.11 -64.84 2.53
N CYS E 719 29.46 -66.12 2.60
CA CYS E 719 29.25 -66.91 3.82
C CYS E 719 30.43 -67.82 4.13
N ASN E 720 31.57 -67.64 3.47
CA ASN E 720 32.72 -68.51 3.73
C ASN E 720 33.19 -68.34 5.17
N GLU E 721 33.58 -69.46 5.78
CA GLU E 721 34.05 -69.43 7.16
C GLU E 721 35.29 -68.56 7.30
N LYS E 722 36.23 -68.68 6.36
CA LYS E 722 37.47 -67.91 6.45
C LYS E 722 37.18 -66.41 6.39
N ILE E 723 36.29 -66.00 5.48
CA ILE E 723 35.96 -64.58 5.36
C ILE E 723 35.27 -64.10 6.62
N ASP E 724 34.31 -64.89 7.13
CA ASP E 724 33.60 -64.50 8.34
C ASP E 724 34.54 -64.42 9.53
N THR E 725 35.44 -65.39 9.67
CA THR E 725 36.39 -65.37 10.78
C THR E 725 37.30 -64.15 10.71
N GLU E 726 37.80 -63.84 9.51
CA GLU E 726 38.68 -62.69 9.35
C GLU E 726 37.96 -61.39 9.69
N LEU E 727 36.75 -61.22 9.13
CA LEU E 727 35.98 -60.00 9.41
C LEU E 727 35.58 -59.93 10.88
N ALA E 728 35.13 -61.05 11.44
CA ALA E 728 34.68 -61.04 12.84
C ALA E 728 35.81 -60.67 13.78
N SER E 729 36.99 -61.25 13.58
CA SER E 729 38.12 -60.94 14.46
C SER E 729 38.51 -59.47 14.35
N HIS E 730 38.57 -58.94 13.13
CA HIS E 730 39.03 -57.57 12.94
C HIS E 730 38.18 -56.59 13.72
N ILE E 731 36.86 -56.78 13.70
CA ILE E 731 35.98 -55.87 14.43
C ILE E 731 36.30 -55.92 15.92
N VAL E 732 36.52 -57.13 16.45
CA VAL E 732 36.79 -57.26 17.88
C VAL E 732 38.08 -56.55 18.26
N ASP E 733 39.14 -56.74 17.47
CA ASP E 733 40.40 -56.07 17.78
C ASP E 733 40.27 -54.56 17.70
N LEU E 734 39.30 -54.06 16.93
CA LEU E 734 39.09 -52.61 16.86
C LEU E 734 38.70 -52.07 18.24
N HIS E 735 37.83 -52.78 18.96
CA HIS E 735 37.46 -52.39 20.31
C HIS E 735 38.55 -52.76 21.31
N MET E 736 39.28 -53.85 21.08
CA MET E 736 40.26 -54.32 22.05
C MET E 736 41.53 -53.47 22.01
N LYS E 737 42.21 -53.45 20.86
CA LYS E 737 43.47 -52.73 20.74
C LYS E 737 43.28 -51.23 20.54
N ARG E 738 42.05 -50.78 20.27
CA ARG E 738 41.75 -49.35 20.11
C ARG E 738 42.58 -48.84 18.93
N ASP E 739 43.30 -47.72 19.08
CA ASP E 739 44.05 -47.17 17.94
C ASP E 739 45.16 -48.11 17.49
N GLU E 740 45.69 -48.94 18.39
CA GLU E 740 46.79 -49.82 18.02
C GLU E 740 46.40 -50.77 16.90
N ALA E 741 45.12 -51.11 16.78
CA ALA E 741 44.68 -52.03 15.74
C ALA E 741 44.85 -51.44 14.35
N ILE E 742 44.72 -50.13 14.22
CA ILE E 742 44.74 -49.45 12.93
C ILE E 742 46.12 -48.82 12.76
N GLU E 743 46.87 -49.30 11.77
CA GLU E 743 48.24 -48.83 11.49
C GLU E 743 48.40 -48.62 9.99
N PRO E 744 47.78 -47.57 9.45
CA PRO E 744 47.87 -47.33 8.01
C PRO E 744 49.24 -46.81 7.63
N PRO E 745 49.63 -46.96 6.36
CA PRO E 745 50.96 -46.42 5.96
C PRO E 745 51.10 -44.94 6.22
N PHE E 746 50.04 -44.16 6.03
CA PHE E 746 50.07 -42.72 6.23
C PHE E 746 48.94 -42.32 7.16
N SER E 747 49.25 -41.42 8.09
CA SER E 747 48.24 -40.93 9.02
C SER E 747 47.28 -39.98 8.31
N ALA E 748 46.22 -39.59 9.02
CA ALA E 748 45.24 -38.68 8.44
C ALA E 748 45.87 -37.34 8.12
N GLU E 749 46.73 -36.83 9.00
CA GLU E 749 47.37 -35.54 8.76
C GLU E 749 48.24 -35.59 7.50
N GLN E 750 49.03 -36.65 7.35
CA GLN E 750 49.88 -36.77 6.18
C GLN E 750 49.05 -36.88 4.91
N LEU E 751 48.00 -37.71 4.94
CA LEU E 751 47.15 -37.87 3.76
C LEU E 751 46.46 -36.57 3.40
N ARG E 752 45.95 -35.86 4.41
CA ARG E 752 45.26 -34.59 4.14
C ARG E 752 46.20 -33.59 3.49
N ARG E 753 47.42 -33.48 4.01
CA ARG E 753 48.37 -32.52 3.43
C ARG E 753 48.73 -32.90 2.00
N TYR E 754 48.96 -34.19 1.75
CA TYR E 754 49.33 -34.61 0.40
C TYR E 754 48.20 -34.35 -0.60
N ILE E 755 46.97 -34.64 -0.20
CA ILE E 755 45.83 -34.41 -1.10
C ILE E 755 45.76 -32.94 -1.51
N LYS E 756 45.92 -32.04 -0.55
CA LYS E 756 45.91 -30.61 -0.86
C LYS E 756 47.02 -30.26 -1.84
N TYR E 757 48.20 -30.86 -1.65
CA TYR E 757 49.29 -30.61 -2.58
C TYR E 757 48.95 -31.10 -3.98
N ALA E 758 48.32 -32.28 -4.08
CA ALA E 758 47.99 -32.83 -5.39
C ALA E 758 46.99 -31.95 -6.13
N ARG E 759 46.00 -31.41 -5.42
CA ARG E 759 44.98 -30.60 -6.06
C ARG E 759 45.54 -29.34 -6.70
N THR E 760 46.75 -28.93 -6.33
CA THR E 760 47.37 -27.77 -6.98
C THR E 760 47.75 -28.07 -8.42
N PHE E 761 48.14 -29.31 -8.70
CA PHE E 761 48.51 -29.68 -10.07
C PHE E 761 47.29 -29.67 -10.98
N LYS E 762 47.52 -29.31 -12.24
CA LYS E 762 46.49 -29.31 -13.27
C LYS E 762 47.05 -30.05 -14.48
N PRO E 763 47.03 -31.38 -14.46
CA PRO E 763 47.66 -32.14 -15.53
C PRO E 763 46.97 -31.93 -16.87
N ILE E 764 47.76 -32.08 -17.93
CA ILE E 764 47.27 -31.94 -19.30
C ILE E 764 47.27 -33.30 -19.98
N LEU E 765 46.72 -33.34 -21.19
CA LEU E 765 46.65 -34.55 -22.00
C LEU E 765 47.70 -34.48 -23.09
N THR E 766 48.56 -35.50 -23.15
CA THR E 766 49.61 -35.55 -24.15
C THR E 766 49.06 -36.00 -25.50
N LYS E 767 49.86 -35.83 -26.54
CA LYS E 767 49.43 -36.23 -27.88
C LYS E 767 49.17 -37.73 -27.95
N GLU E 768 50.04 -38.53 -27.34
CA GLU E 768 49.82 -39.97 -27.32
C GLU E 768 48.56 -40.31 -26.55
N ALA E 769 48.33 -39.65 -25.42
CA ALA E 769 47.13 -39.92 -24.64
C ALA E 769 45.87 -39.58 -25.40
N ARG E 770 45.89 -38.47 -26.16
CA ARG E 770 44.70 -38.07 -26.90
C ARG E 770 44.29 -39.14 -27.91
N SER E 771 45.23 -39.61 -28.72
CA SER E 771 44.91 -40.65 -29.69
C SER E 771 44.46 -41.93 -28.99
N TYR E 772 45.15 -42.32 -27.93
CA TYR E 772 44.75 -43.50 -27.17
C TYR E 772 43.37 -43.31 -26.54
N LEU E 773 43.08 -42.08 -26.10
CA LEU E 773 41.78 -41.81 -25.49
C LEU E 773 40.64 -42.04 -26.47
N VAL E 774 40.80 -41.61 -27.71
CA VAL E 774 39.74 -41.79 -28.70
C VAL E 774 39.50 -43.26 -28.97
N GLU E 775 40.59 -44.04 -29.10
CA GLU E 775 40.44 -45.46 -29.43
C GLU E 775 39.68 -46.20 -28.33
N LYS E 776 40.00 -45.91 -27.06
CA LYS E 776 39.34 -46.61 -25.97
C LYS E 776 37.85 -46.30 -25.93
N TYR E 777 37.48 -45.04 -26.17
CA TYR E 777 36.06 -44.69 -26.22
C TYR E 777 35.35 -45.43 -27.34
N LYS E 778 36.00 -45.55 -28.50
CA LYS E 778 35.41 -46.27 -29.62
C LYS E 778 35.15 -47.73 -29.24
N GLU E 779 36.11 -48.37 -28.57
CA GLU E 779 35.92 -49.75 -28.15
C GLU E 779 34.78 -49.87 -27.15
N LEU E 780 34.72 -48.94 -26.18
CA LEU E 780 33.67 -49.00 -25.17
C LEU E 780 32.29 -48.86 -25.79
N ARG E 781 32.14 -47.93 -26.74
CA ARG E 781 30.84 -47.76 -27.39
C ARG E 781 30.45 -49.00 -28.17
N LYS E 782 31.41 -49.66 -28.83
CA LYS E 782 31.10 -50.83 -29.63
C LYS E 782 30.52 -51.95 -28.77
N ASP E 783 31.10 -52.18 -27.59
CA ASP E 783 30.61 -53.25 -26.73
C ASP E 783 29.20 -52.97 -26.22
N ASP E 784 28.85 -51.69 -26.05
CA ASP E 784 27.53 -51.37 -25.53
C ASP E 784 26.43 -51.84 -26.47
N ALA E 785 26.60 -51.65 -27.77
CA ALA E 785 25.60 -52.06 -28.75
C ALA E 785 25.58 -53.59 -28.87
N TYR E 793 22.20 -49.66 -22.52
CA TYR E 793 22.90 -48.56 -23.16
C TYR E 793 23.58 -47.68 -22.12
N ARG E 794 24.43 -48.29 -21.29
CA ARG E 794 25.08 -47.58 -20.21
C ARG E 794 26.08 -46.55 -20.73
N ILE E 795 26.62 -46.76 -21.93
CA ILE E 795 27.70 -45.93 -22.45
C ILE E 795 27.11 -44.79 -23.27
N THR E 796 27.61 -43.58 -23.05
CA THR E 796 27.18 -42.39 -23.77
C THR E 796 28.37 -41.44 -23.85
N VAL E 797 28.09 -40.18 -24.22
CA VAL E 797 29.16 -39.20 -24.32
C VAL E 797 29.69 -38.84 -22.93
N ARG E 798 28.84 -38.89 -21.90
CA ARG E 798 29.29 -38.54 -20.56
C ARG E 798 30.44 -39.43 -20.09
N GLN E 799 30.49 -40.68 -20.57
CA GLN E 799 31.57 -41.57 -20.15
C GLN E 799 32.89 -41.20 -20.80
N LEU E 800 32.86 -40.58 -21.97
CA LEU E 800 34.09 -40.10 -22.58
C LEU E 800 34.76 -39.04 -21.70
N GLU E 801 33.97 -38.13 -21.15
CA GLU E 801 34.51 -37.14 -20.23
C GLU E 801 34.86 -37.76 -18.88
N SER E 802 34.16 -38.83 -18.50
CA SER E 802 34.48 -39.49 -17.23
C SER E 802 35.90 -40.04 -17.24
N MET E 803 36.31 -40.64 -18.36
CA MET E 803 37.68 -41.12 -18.46
C MET E 803 38.69 -39.98 -18.39
N ILE E 804 38.35 -38.83 -18.97
CA ILE E 804 39.19 -37.65 -18.83
C ILE E 804 39.27 -37.23 -17.37
N ARG E 805 38.13 -37.24 -16.68
CA ARG E 805 38.12 -36.86 -15.27
C ARG E 805 38.96 -37.82 -14.44
N LEU E 806 38.75 -39.12 -14.63
CA LEU E 806 39.52 -40.11 -13.87
C LEU E 806 41.00 -40.05 -14.21
N SER E 807 41.32 -39.80 -15.49
CA SER E 807 42.72 -39.72 -15.88
C SER E 807 43.42 -38.58 -15.15
N GLU E 808 42.78 -37.43 -15.05
CA GLU E 808 43.36 -36.31 -14.32
C GLU E 808 43.55 -36.65 -12.85
N ALA E 809 42.56 -37.29 -12.24
CA ALA E 809 42.66 -37.63 -10.83
C ALA E 809 43.80 -38.63 -10.59
N ILE E 810 43.95 -39.61 -11.47
CA ILE E 810 45.03 -40.57 -11.32
C ILE E 810 46.38 -39.88 -11.46
N ALA E 811 46.48 -38.94 -12.39
CA ALA E 811 47.73 -38.19 -12.55
C ALA E 811 48.05 -37.39 -11.29
N ARG E 812 47.03 -36.78 -10.68
CA ARG E 812 47.27 -36.00 -9.47
C ARG E 812 47.79 -36.88 -8.34
N ALA E 813 47.26 -38.09 -8.22
CA ALA E 813 47.74 -39.01 -7.20
C ALA E 813 49.23 -39.28 -7.34
N ASN E 814 49.74 -39.28 -8.57
CA ASN E 814 51.16 -39.48 -8.84
C ASN E 814 51.94 -38.18 -8.86
N CYS E 815 51.28 -37.03 -8.70
CA CYS E 815 51.93 -35.73 -8.72
C CYS E 815 52.71 -35.53 -10.02
N VAL E 816 51.99 -35.68 -11.13
CA VAL E 816 52.55 -35.57 -12.47
C VAL E 816 51.65 -34.64 -13.27
N ASP E 817 52.27 -33.74 -14.04
CA ASP E 817 51.54 -32.70 -14.76
C ASP E 817 51.19 -33.09 -16.19
N GLU E 818 51.57 -34.29 -16.63
CA GLU E 818 51.23 -34.77 -17.96
C GLU E 818 50.59 -36.14 -17.85
N ILE E 819 49.45 -36.32 -18.51
CA ILE E 819 48.74 -37.59 -18.50
C ILE E 819 49.32 -38.47 -19.60
N THR E 820 49.78 -39.65 -19.22
CA THR E 820 50.36 -40.62 -20.13
C THR E 820 49.34 -41.68 -20.50
N PRO E 821 49.59 -42.44 -21.57
CA PRO E 821 48.64 -43.50 -21.94
C PRO E 821 48.40 -44.51 -20.83
N SER E 822 49.40 -44.76 -19.98
CA SER E 822 49.21 -45.69 -18.89
C SER E 822 48.10 -45.24 -17.95
N PHE E 823 48.06 -43.94 -17.64
CA PHE E 823 46.96 -43.41 -16.83
C PHE E 823 45.63 -43.58 -17.55
N ILE E 824 45.61 -43.37 -18.86
CA ILE E 824 44.37 -43.55 -19.62
C ILE E 824 43.92 -45.01 -19.54
N ALA E 825 44.85 -45.95 -19.66
CA ALA E 825 44.49 -47.36 -19.55
C ALA E 825 43.90 -47.67 -18.20
N GLU E 826 44.49 -47.14 -17.12
CA GLU E 826 43.96 -47.42 -15.79
C GLU E 826 42.53 -46.91 -15.65
N ALA E 827 42.24 -45.75 -16.22
CA ALA E 827 40.87 -45.25 -16.21
C ALA E 827 39.94 -46.19 -16.96
N TYR E 828 40.43 -46.80 -18.05
CA TYR E 828 39.59 -47.69 -18.83
C TYR E 828 39.13 -48.88 -18.01
N ASP E 829 40.03 -49.48 -17.23
CA ASP E 829 39.67 -50.64 -16.42
C ASP E 829 38.60 -50.28 -15.39
N LEU E 830 38.72 -49.11 -14.76
CA LEU E 830 37.77 -48.73 -13.73
C LEU E 830 36.35 -48.61 -14.32
N LEU E 831 36.22 -48.01 -15.49
CA LEU E 831 34.90 -47.92 -16.11
C LEU E 831 34.37 -49.29 -16.49
N ARG E 832 35.22 -50.15 -17.03
CA ARG E 832 34.79 -51.50 -17.39
C ARG E 832 34.31 -52.26 -16.16
N GLN E 833 35.01 -52.13 -15.04
CA GLN E 833 34.58 -52.79 -13.81
C GLN E 833 33.16 -52.39 -13.43
N SER E 834 32.77 -51.15 -13.75
CA SER E 834 31.44 -50.67 -13.44
C SER E 834 30.36 -51.30 -14.32
N ILE E 835 30.75 -52.03 -15.35
CA ILE E 835 29.77 -52.64 -16.24
C ILE E 835 29.70 -54.12 -15.92
N LEU F 5 -22.91 30.02 35.13
CA LEU F 5 -23.56 29.01 35.89
C LEU F 5 -24.94 29.43 36.35
N PRO F 6 -25.89 29.54 35.43
CA PRO F 6 -27.24 29.94 35.82
C PRO F 6 -27.86 28.96 36.81
N SER F 7 -28.69 29.47 37.70
CA SER F 7 -29.28 28.70 38.78
C SER F 7 -30.71 28.28 38.43
N ILE F 8 -31.18 27.24 39.12
CA ILE F 8 -32.53 26.75 39.00
C ILE F 8 -33.13 26.63 40.40
N GLN F 9 -34.46 26.65 40.46
CA GLN F 9 -35.20 26.50 41.70
C GLN F 9 -35.87 25.13 41.69
N LEU F 10 -35.23 24.14 42.34
CA LEU F 10 -35.78 22.79 42.39
C LEU F 10 -36.50 22.57 43.72
N PRO F 11 -37.57 21.75 43.74
CA PRO F 11 -38.37 21.54 44.95
C PRO F 11 -37.77 20.49 45.90
N VAL F 12 -36.51 20.68 46.25
CA VAL F 12 -35.81 19.79 47.20
C VAL F 12 -35.03 20.66 48.18
N ASP F 13 -35.17 20.37 49.47
CA ASP F 13 -34.46 21.08 50.53
C ASP F 13 -33.65 20.03 51.30
N TYR F 14 -32.34 20.02 51.05
CA TYR F 14 -31.50 18.98 51.63
C TYR F 14 -31.42 19.06 53.16
N ASN F 15 -31.62 20.24 53.74
CA ASN F 15 -31.60 20.34 55.20
C ASN F 15 -32.74 19.55 55.81
N ASN F 16 -33.95 19.70 55.28
CA ASN F 16 -35.08 18.95 55.78
C ASN F 16 -34.89 17.46 55.59
N LEU F 17 -34.32 17.06 54.45
CA LEU F 17 -34.06 15.64 54.21
C LEU F 17 -33.02 15.10 55.17
N PHE F 18 -32.00 15.89 55.49
CA PHE F 18 -31.00 15.45 56.47
C PHE F 18 -31.64 15.29 57.85
N ASN F 19 -32.52 16.23 58.22
CA ASN F 19 -33.24 16.08 59.48
C ASN F 19 -34.10 14.82 59.47
N GLU F 20 -34.76 14.55 58.34
CA GLU F 20 -35.55 13.33 58.21
C GLU F 20 -34.68 12.10 58.40
N ILE F 21 -33.51 12.07 57.78
CA ILE F 21 -32.62 10.92 57.88
C ILE F 21 -32.16 10.73 59.31
N THR F 22 -31.79 11.82 59.98
CA THR F 22 -31.35 11.72 61.37
C THR F 22 -32.47 11.19 62.26
N ASP F 23 -33.69 11.72 62.07
CA ASP F 23 -34.83 11.25 62.87
C ASP F 23 -35.10 9.78 62.61
N PHE F 24 -35.03 9.36 61.34
CA PHE F 24 -35.26 7.95 61.02
C PHE F 24 -34.22 7.06 61.68
N LEU F 25 -32.95 7.47 61.63
CA LEU F 25 -31.90 6.66 62.24
C LEU F 25 -32.06 6.58 63.75
N VAL F 26 -32.45 7.69 64.38
CA VAL F 26 -32.48 7.74 65.84
C VAL F 26 -33.73 7.04 66.39
N THR F 27 -34.89 7.26 65.77
CA THR F 27 -36.16 6.89 66.37
C THR F 27 -36.77 5.62 65.80
N PHE F 28 -36.47 5.27 64.55
CA PHE F 28 -37.16 4.17 63.91
C PHE F 28 -37.03 2.88 64.72
N LYS F 29 -38.14 2.16 64.84
CA LYS F 29 -38.18 0.91 65.59
C LYS F 29 -38.87 -0.15 64.75
N GLN F 30 -38.44 -1.39 64.92
CA GLN F 30 -39.02 -2.52 64.20
C GLN F 30 -38.72 -3.83 64.91
N LYS F 59 -37.43 -3.73 72.05
CA LYS F 59 -36.02 -3.37 72.15
C LYS F 59 -35.78 -1.97 71.64
N GLY F 60 -34.51 -1.59 71.51
CA GLY F 60 -34.14 -0.28 71.03
C GLY F 60 -34.23 -0.18 69.52
N PRO F 61 -33.89 1.00 69.01
CA PRO F 61 -33.93 1.20 67.55
C PRO F 61 -32.99 0.24 66.84
N LYS F 62 -33.42 -0.24 65.67
CA LYS F 62 -32.62 -1.21 64.92
C LYS F 62 -31.30 -0.60 64.46
N TYR F 63 -31.37 0.60 63.87
CA TYR F 63 -30.16 1.21 63.32
C TYR F 63 -29.24 1.73 64.42
N MET F 64 -29.80 2.14 65.56
CA MET F 64 -28.95 2.48 66.70
C MET F 64 -28.16 1.26 67.17
N ALA F 65 -28.82 0.11 67.23
CA ALA F 65 -28.10 -1.13 67.58
C ALA F 65 -27.05 -1.46 66.54
N MET F 66 -27.37 -1.27 65.26
CA MET F 66 -26.39 -1.53 64.21
C MET F 66 -25.16 -0.64 64.36
N LEU F 67 -25.39 0.65 64.65
CA LEU F 67 -24.27 1.56 64.84
C LEU F 67 -23.47 1.20 66.08
N GLN F 68 -24.15 0.75 67.15
CA GLN F 68 -23.43 0.30 68.34
C GLN F 68 -22.55 -0.89 68.01
N LYS F 69 -23.06 -1.83 67.21
CA LYS F 69 -22.23 -2.96 66.78
C LYS F 69 -21.04 -2.48 65.95
N VAL F 70 -21.28 -1.53 65.05
CA VAL F 70 -20.19 -1.03 64.21
C VAL F 70 -19.11 -0.37 65.07
N ALA F 71 -19.51 0.34 66.12
CA ALA F 71 -18.54 1.03 66.97
C ALA F 71 -17.58 0.05 67.61
N ASN F 72 -18.09 -1.10 68.06
CA ASN F 72 -17.28 -2.12 68.71
C ASN F 72 -16.50 -2.98 67.73
N ARG F 73 -16.38 -2.57 66.48
CA ARG F 73 -15.63 -3.31 65.45
C ARG F 73 -16.26 -4.66 65.15
N GLU F 74 -17.55 -4.82 65.44
CA GLU F 74 -18.24 -6.07 65.18
C GLU F 74 -18.86 -6.13 63.78
N LEU F 75 -19.15 -4.98 63.18
CA LEU F 75 -19.77 -4.92 61.86
C LEU F 75 -19.05 -3.89 61.01
N ASN F 76 -18.82 -4.22 59.74
CA ASN F 76 -18.11 -3.34 58.81
C ASN F 76 -18.98 -2.93 57.62
N SER F 77 -20.29 -3.16 57.68
CA SER F 77 -21.18 -2.80 56.59
C SER F 77 -22.57 -2.52 57.14
N VAL F 78 -23.13 -1.37 56.78
CA VAL F 78 -24.47 -0.97 57.20
C VAL F 78 -25.35 -0.88 55.96
N ILE F 79 -26.50 -1.53 56.02
CA ILE F 79 -27.43 -1.58 54.89
C ILE F 79 -28.72 -0.89 55.30
N ILE F 80 -29.13 0.10 54.51
CA ILE F 80 -30.36 0.85 54.75
C ILE F 80 -31.48 0.21 53.95
N ASP F 81 -32.53 -0.23 54.63
CA ASP F 81 -33.66 -0.88 54.00
C ASP F 81 -34.70 0.19 53.64
N LEU F 82 -34.97 0.34 52.35
CA LEU F 82 -35.96 1.33 51.92
C LEU F 82 -37.35 1.00 52.46
N ASP F 83 -37.61 -0.27 52.76
CA ASP F 83 -38.88 -0.63 53.37
C ASP F 83 -39.04 0.05 54.72
N ASP F 84 -37.96 0.10 55.51
CA ASP F 84 -38.03 0.80 56.79
C ASP F 84 -38.33 2.27 56.60
N ILE F 85 -37.71 2.90 55.60
CA ILE F 85 -37.97 4.32 55.34
C ILE F 85 -39.43 4.52 54.95
N LEU F 86 -39.97 3.64 54.11
CA LEU F 86 -41.36 3.77 53.70
C LEU F 86 -42.30 3.60 54.89
N GLN F 87 -42.00 2.63 55.76
CA GLN F 87 -42.83 2.42 56.95
C GLN F 87 -42.75 3.64 57.88
N TYR F 88 -41.56 4.21 58.05
CA TYR F 88 -41.42 5.40 58.88
C TYR F 88 -42.21 6.57 58.30
N GLN F 89 -42.15 6.74 56.98
CA GLN F 89 -42.93 7.80 56.35
C GLN F 89 -44.43 7.58 56.55
N ASN F 90 -44.89 6.34 56.41
CA ASN F 90 -46.30 6.05 56.62
C ASN F 90 -46.71 6.36 58.06
N GLU F 91 -45.88 5.97 59.03
CA GLU F 91 -46.20 6.25 60.42
C GLU F 91 -46.24 7.75 60.68
N LYS F 92 -45.28 8.50 60.14
CA LYS F 92 -45.29 9.95 60.33
C LYS F 92 -46.53 10.58 59.72
N PHE F 93 -46.93 10.13 58.53
CA PHE F 93 -48.15 10.65 57.92
C PHE F 93 -49.37 10.32 58.76
N LEU F 94 -49.43 9.10 59.30
CA LEU F 94 -50.55 8.72 60.14
C LEU F 94 -50.62 9.59 61.39
N GLN F 95 -49.48 9.87 62.01
CA GLN F 95 -49.45 10.71 63.20
C GLN F 95 -49.86 12.15 62.92
N GLY F 96 -49.91 12.56 61.65
CA GLY F 96 -50.28 13.90 61.27
C GLY F 96 -49.12 14.81 60.94
N THR F 97 -47.91 14.45 61.35
CA THR F 97 -46.72 15.24 61.04
C THR F 97 -46.13 14.74 59.71
N GLN F 98 -46.84 15.06 58.64
CA GLN F 98 -46.41 14.64 57.31
C GLN F 98 -45.03 15.18 57.01
N ALA F 99 -44.17 14.33 56.46
CA ALA F 99 -42.79 14.66 56.15
C ALA F 99 -42.51 14.40 54.67
N ASP F 100 -41.35 14.85 54.22
CA ASP F 100 -40.98 14.73 52.83
C ASP F 100 -40.83 13.26 52.43
N ASP F 101 -41.10 12.97 51.17
CA ASP F 101 -40.96 11.62 50.62
C ASP F 101 -39.49 11.30 50.45
N LEU F 102 -38.91 10.61 51.44
CA LEU F 102 -37.49 10.29 51.39
C LEU F 102 -37.18 9.15 50.43
N VAL F 103 -38.10 8.19 50.28
CA VAL F 103 -37.84 7.04 49.41
C VAL F 103 -37.67 7.51 47.96
N SER F 104 -38.58 8.36 47.50
CA SER F 104 -38.49 8.85 46.12
C SER F 104 -37.22 9.67 45.91
N ALA F 105 -36.87 10.51 46.88
CA ALA F 105 -35.65 11.31 46.76
C ALA F 105 -34.42 10.43 46.68
N ILE F 106 -34.37 9.38 47.51
CA ILE F 106 -33.24 8.45 47.46
C ILE F 106 -33.18 7.76 46.11
N GLN F 107 -34.33 7.29 45.62
CA GLN F 107 -34.35 6.55 44.36
C GLN F 107 -33.92 7.43 43.19
N GLN F 108 -34.41 8.68 43.15
CA GLN F 108 -34.12 9.54 42.01
C GLN F 108 -32.66 9.95 41.94
N ASN F 109 -32.03 10.16 43.10
CA ASN F 109 -30.63 10.58 43.15
C ASN F 109 -30.01 9.97 44.39
N ALA F 110 -29.31 8.84 44.21
CA ALA F 110 -28.79 8.08 45.34
C ALA F 110 -27.36 8.45 45.70
N ASN F 111 -26.60 9.04 44.78
CA ASN F 111 -25.21 9.35 45.07
C ASN F 111 -25.09 10.34 46.22
N HIS F 112 -25.92 11.39 46.21
CA HIS F 112 -25.87 12.38 47.29
C HIS F 112 -26.32 11.78 48.62
N PHE F 113 -27.31 10.90 48.58
CA PHE F 113 -27.86 10.37 49.82
C PHE F 113 -26.91 9.40 50.50
N THR F 114 -25.99 8.77 49.77
CA THR F 114 -24.95 7.99 50.43
C THR F 114 -24.13 8.87 51.36
N GLU F 115 -23.66 10.01 50.86
CA GLU F 115 -22.90 10.93 51.69
C GLU F 115 -23.75 11.49 52.82
N LEU F 116 -25.02 11.81 52.53
CA LEU F 116 -25.90 12.33 53.58
C LEU F 116 -26.07 11.32 54.71
N PHE F 117 -26.30 10.06 54.37
CA PHE F 117 -26.45 9.02 55.39
C PHE F 117 -25.15 8.80 56.15
N CYS F 118 -24.01 8.85 55.44
CA CYS F 118 -22.74 8.72 56.13
C CYS F 118 -22.54 9.83 57.15
N ARG F 119 -22.85 11.08 56.76
CA ARG F 119 -22.74 12.19 57.69
C ARG F 119 -23.68 12.02 58.87
N ALA F 120 -24.91 11.60 58.62
CA ALA F 120 -25.86 11.39 59.70
C ALA F 120 -25.38 10.33 60.67
N ILE F 121 -24.84 9.23 60.15
CA ILE F 121 -24.31 8.17 61.01
C ILE F 121 -23.14 8.69 61.83
N ASP F 122 -22.24 9.45 61.20
CA ASP F 122 -21.09 9.99 61.92
C ASP F 122 -21.53 10.90 63.06
N ASN F 123 -22.52 11.75 62.80
CA ASN F 123 -22.96 12.71 63.82
C ASN F 123 -23.62 12.02 65.02
N ASN F 124 -24.02 10.76 64.89
CA ASN F 124 -24.72 10.05 65.95
C ASN F 124 -24.08 8.70 66.25
N MET F 125 -22.76 8.61 66.12
CA MET F 125 -22.07 7.35 66.41
C MET F 125 -21.97 7.17 67.92
N PRO F 126 -22.51 6.08 68.49
CA PRO F 126 -22.41 5.91 69.94
C PRO F 126 -20.98 5.61 70.37
N LEU F 127 -20.69 5.94 71.62
CA LEU F 127 -19.38 5.66 72.18
C LEU F 127 -19.19 4.14 72.30
N PRO F 128 -17.99 3.63 72.07
CA PRO F 128 -17.79 2.17 72.15
C PRO F 128 -18.07 1.66 73.56
N THR F 129 -18.63 0.44 73.62
CA THR F 129 -18.92 -0.22 74.89
C THR F 129 -17.87 -1.27 75.25
N LYS F 130 -17.04 -1.70 74.30
CA LYS F 130 -16.01 -2.70 74.53
C LYS F 130 -14.66 -2.03 74.31
N GLU F 131 -13.80 -2.07 75.33
CA GLU F 131 -12.48 -1.46 75.21
C GLU F 131 -11.70 -2.10 74.07
N ILE F 132 -10.97 -1.26 73.33
CA ILE F 132 -10.18 -1.71 72.20
C ILE F 132 -8.79 -1.09 72.30
N ASP F 133 -7.84 -1.70 71.59
CA ASP F 133 -6.45 -1.26 71.60
C ASP F 133 -6.30 -0.13 70.57
N TYR F 134 -6.54 1.10 71.04
CA TYR F 134 -6.45 2.25 70.15
C TYR F 134 -5.03 2.45 69.64
N LYS F 135 -4.04 2.29 70.53
CA LYS F 135 -2.66 2.56 70.15
C LYS F 135 -2.17 1.64 69.03
N ASP F 136 -2.81 0.49 68.83
CA ASP F 136 -2.38 -0.42 67.77
C ASP F 136 -2.56 0.24 66.40
N ASP F 137 -3.67 0.93 66.20
CA ASP F 137 -3.95 1.54 64.90
C ASP F 137 -2.98 2.68 64.62
N VAL F 138 -2.44 2.70 63.40
CA VAL F 138 -1.54 3.77 62.99
C VAL F 138 -2.28 5.10 62.90
N LEU F 139 -3.50 5.07 62.36
CA LEU F 139 -4.25 6.31 62.17
C LEU F 139 -4.52 7.00 63.50
N ASP F 140 -4.86 6.23 64.53
CA ASP F 140 -5.13 6.83 65.84
C ASP F 140 -3.92 7.60 66.34
N VAL F 141 -2.73 6.98 66.27
CA VAL F 141 -1.52 7.63 66.75
C VAL F 141 -1.22 8.87 65.92
N ILE F 142 -1.37 8.76 64.60
CA ILE F 142 -1.04 9.89 63.74
C ILE F 142 -1.95 11.07 64.04
N LEU F 143 -3.25 10.81 64.18
CA LEU F 143 -4.19 11.89 64.48
C LEU F 143 -3.96 12.47 65.88
N ASN F 144 -3.62 11.62 66.85
CA ASN F 144 -3.32 12.11 68.19
C ASN F 144 -2.11 13.05 68.17
N GLN F 145 -1.07 12.67 67.43
CA GLN F 145 0.10 13.53 67.32
C GLN F 145 -0.19 14.80 66.54
N ARG F 146 -1.05 14.73 65.52
CA ARG F 146 -1.48 15.94 64.84
C ARG F 146 -2.21 16.88 65.80
N ARG F 147 -3.07 16.31 66.65
CA ARG F 147 -3.74 17.12 67.66
C ARG F 147 -2.74 17.76 68.62
N LEU F 148 -1.73 17.00 69.04
CA LEU F 148 -0.70 17.56 69.92
C LEU F 148 0.03 18.71 69.24
N ARG F 149 0.40 18.53 67.98
CA ARG F 149 1.10 19.58 67.24
C ARG F 149 0.22 20.82 67.09
N ASN F 150 -1.07 20.62 66.81
CA ASN F 150 -1.98 21.75 66.70
C ASN F 150 -2.12 22.49 68.02
N GLU F 151 -2.19 21.75 69.12
CA GLU F 151 -2.26 22.38 70.43
C GLU F 151 -1.00 23.18 70.70
N ARG F 152 0.16 22.63 70.36
CA ARG F 152 1.41 23.38 70.54
C ARG F 152 1.42 24.65 69.71
N MET F 153 0.96 24.55 68.45
CA MET F 153 0.92 25.72 67.58
C MET F 153 -0.02 26.79 68.15
N LEU F 154 -1.19 26.38 68.63
CA LEU F 154 -2.13 27.34 69.21
C LEU F 154 -1.56 27.99 70.45
N SER F 155 -0.86 27.21 71.30
CA SER F 155 -0.27 27.78 72.50
C SER F 155 0.78 28.83 72.17
N ASP F 156 1.40 28.73 71.00
CA ASP F 156 2.42 29.70 70.59
C ASP F 156 1.79 31.08 70.40
N LEU F 191 -9.76 18.51 60.57
CA LEU F 191 -8.37 18.56 60.14
C LEU F 191 -8.08 17.46 59.13
N PHE F 192 -8.90 16.42 59.13
CA PHE F 192 -8.76 15.28 58.24
C PHE F 192 -10.09 14.98 57.57
N PRO F 193 -10.07 14.40 56.37
CA PRO F 193 -11.33 14.07 55.70
C PRO F 193 -12.16 13.09 56.53
N PRO F 194 -13.49 13.24 56.53
CA PRO F 194 -14.31 12.28 57.30
C PRO F 194 -14.17 10.85 56.81
N ASN F 195 -13.97 10.65 55.51
CA ASN F 195 -13.85 9.30 54.96
C ASN F 195 -12.63 8.57 55.51
N LEU F 196 -11.61 9.30 55.96
CA LEU F 196 -10.38 8.66 56.40
C LEU F 196 -10.62 7.75 57.59
N THR F 197 -11.40 8.21 58.57
CA THR F 197 -11.63 7.47 59.80
C THR F 197 -12.85 6.55 59.74
N ARG F 198 -13.61 6.59 58.65
CA ARG F 198 -14.79 5.74 58.55
C ARG F 198 -14.37 4.27 58.45
N ARG F 199 -15.00 3.43 59.25
CA ARG F 199 -14.72 2.00 59.30
C ARG F 199 -15.96 1.18 58.98
N TYR F 200 -16.74 1.66 58.01
CA TYR F 200 -17.96 0.96 57.61
C TYR F 200 -18.29 1.34 56.17
N PHE F 201 -19.17 0.55 55.56
CA PHE F 201 -19.65 0.80 54.21
C PHE F 201 -21.16 0.87 54.22
N LEU F 202 -21.71 1.73 53.36
CA LEU F 202 -23.14 1.99 53.29
C LEU F 202 -23.69 1.46 51.98
N TYR F 203 -24.82 0.74 52.06
CA TYR F 203 -25.48 0.19 50.89
C TYR F 203 -26.98 0.41 51.03
N PHE F 204 -27.66 0.46 49.89
CA PHE F 204 -29.10 0.69 49.83
C PHE F 204 -29.78 -0.60 49.36
N LYS F 205 -30.73 -1.08 50.15
CA LYS F 205 -31.52 -2.25 49.76
C LYS F 205 -32.77 -1.80 49.03
N PRO F 206 -33.05 -2.31 47.83
CA PRO F 206 -34.19 -1.81 47.06
C PRO F 206 -35.50 -2.01 47.79
N LEU F 207 -36.52 -1.29 47.31
CA LEU F 207 -37.84 -1.34 47.91
C LEU F 207 -38.56 -2.60 47.44
N SER F 208 -38.90 -3.48 48.38
CA SER F 208 -39.54 -4.73 48.02
C SER F 208 -40.91 -4.48 47.38
N GLN F 209 -41.25 -5.31 46.40
CA GLN F 209 -42.52 -5.15 45.71
C GLN F 209 -43.70 -5.34 46.65
N ASN F 210 -43.60 -6.32 47.56
CA ASN F 210 -44.70 -6.59 48.47
C ASN F 210 -44.98 -5.38 49.36
N CYS F 211 -43.93 -4.78 49.91
CA CYS F 211 -44.12 -3.62 50.77
C CYS F 211 -44.69 -2.44 49.98
N ALA F 212 -44.20 -2.22 48.76
CA ALA F 212 -44.71 -1.13 47.95
C ALA F 212 -46.19 -1.32 47.63
N ARG F 213 -46.59 -2.55 47.28
CA ARG F 213 -47.99 -2.81 46.99
C ARG F 213 -48.85 -2.70 48.25
N ARG F 214 -48.29 -3.02 49.41
CA ARG F 214 -49.03 -2.87 50.66
C ARG F 214 -49.39 -1.41 50.91
N TYR F 215 -48.47 -0.50 50.60
CA TYR F 215 -48.66 0.93 50.84
C TYR F 215 -49.09 1.67 49.58
N ARG F 216 -49.48 0.96 48.53
CA ARG F 216 -49.96 1.58 47.29
C ARG F 216 -48.90 2.51 46.69
N LYS F 217 -47.78 1.91 46.31
CA LYS F 217 -46.71 2.64 45.67
C LYS F 217 -46.03 1.74 44.64
N LYS F 218 -45.37 2.37 43.68
CA LYS F 218 -44.65 1.66 42.62
C LYS F 218 -43.17 1.58 42.97
N ALA F 219 -42.61 0.39 42.86
CA ALA F 219 -41.21 0.14 43.22
C ALA F 219 -40.39 0.10 41.93
N ILE F 220 -39.85 1.25 41.54
CA ILE F 220 -38.99 1.31 40.37
C ILE F 220 -37.67 0.62 40.63
N SER F 221 -37.12 0.80 41.84
CA SER F 221 -35.78 0.27 42.13
C SER F 221 -35.73 -1.24 42.03
N SER F 222 -36.74 -1.93 42.55
CA SER F 222 -36.73 -3.38 42.62
C SER F 222 -37.30 -4.05 41.38
N LYS F 223 -37.80 -3.28 40.41
CA LYS F 223 -38.33 -3.87 39.19
C LYS F 223 -37.18 -4.34 38.31
N PRO F 224 -37.07 -5.63 37.99
CA PRO F 224 -35.98 -6.08 37.13
C PRO F 224 -36.02 -5.43 35.77
N LEU F 225 -34.84 -5.15 35.22
CA LEU F 225 -34.70 -4.59 33.89
C LEU F 225 -33.60 -5.33 33.14
N SER F 226 -33.71 -5.35 31.82
CA SER F 226 -32.66 -5.89 30.98
C SER F 226 -31.62 -4.81 30.69
N VAL F 227 -30.51 -5.22 30.09
CA VAL F 227 -29.46 -4.27 29.74
C VAL F 227 -29.99 -3.25 28.74
N ARG F 228 -30.82 -3.69 27.80
CA ARG F 228 -31.37 -2.78 26.80
C ARG F 228 -32.27 -1.73 27.45
N GLN F 229 -33.07 -2.13 28.43
CA GLN F 229 -34.02 -1.21 29.06
C GLN F 229 -33.31 -0.14 29.91
N ILE F 230 -32.02 -0.29 30.17
CA ILE F 230 -31.26 0.71 30.92
C ILE F 230 -30.78 1.76 29.93
N LYS F 231 -31.45 2.90 29.90
CA LYS F 231 -31.16 3.99 28.98
C LYS F 231 -30.43 5.11 29.71
N GLY F 232 -30.19 6.20 28.98
CA GLY F 232 -29.51 7.35 29.56
C GLY F 232 -30.35 8.12 30.56
N ASP F 233 -31.69 8.00 30.47
CA ASP F 233 -32.57 8.69 31.40
C ASP F 233 -32.61 8.01 32.76
N PHE F 234 -32.04 6.82 32.91
CA PHE F 234 -31.96 6.13 34.18
C PHE F 234 -30.70 6.47 34.96
N LEU F 235 -29.81 7.28 34.40
CA LEU F 235 -28.55 7.59 35.07
C LEU F 235 -28.81 8.33 36.38
N GLY F 236 -28.06 7.97 37.41
CA GLY F 236 -28.19 8.59 38.71
C GLY F 236 -29.30 8.06 39.57
N GLN F 237 -29.93 6.94 39.19
CA GLN F 237 -31.02 6.35 39.94
C GLN F 237 -30.62 4.98 40.47
N LEU F 238 -31.43 4.48 41.41
CA LEU F 238 -31.23 3.16 42.00
C LEU F 238 -32.13 2.18 41.24
N ILE F 239 -31.51 1.30 40.45
CA ILE F 239 -32.24 0.38 39.59
C ILE F 239 -31.67 -1.03 39.77
N THR F 240 -32.43 -2.01 39.31
CA THR F 240 -32.06 -3.41 39.38
C THR F 240 -31.86 -3.96 37.96
N VAL F 241 -30.89 -4.86 37.83
CA VAL F 241 -30.55 -5.46 36.54
C VAL F 241 -30.58 -6.98 36.70
N ARG F 242 -31.19 -7.65 35.74
CA ARG F 242 -31.25 -9.11 35.69
C ARG F 242 -30.43 -9.61 34.52
N GLY F 243 -29.57 -10.59 34.79
CA GLY F 243 -28.70 -11.11 33.75
C GLY F 243 -27.78 -12.17 34.30
N ILE F 244 -26.83 -12.58 33.45
CA ILE F 244 -25.87 -13.62 33.79
C ILE F 244 -24.48 -13.02 33.79
N ILE F 245 -23.74 -13.23 34.89
CA ILE F 245 -22.38 -12.72 34.98
C ILE F 245 -21.47 -13.51 34.06
N THR F 246 -20.72 -12.82 33.22
CA THR F 246 -19.83 -13.45 32.26
C THR F 246 -18.35 -13.25 32.57
N ARG F 247 -17.95 -12.35 33.41
CA ARG F 247 -16.63 -12.02 33.76
C ARG F 247 -16.52 -11.35 35.11
N VAL F 248 -15.59 -11.79 35.95
CA VAL F 248 -15.30 -11.15 37.23
C VAL F 248 -13.79 -11.00 37.35
N SER F 249 -13.34 -9.80 37.69
CA SER F 249 -11.92 -9.52 37.80
C SER F 249 -11.43 -9.84 39.21
N ASP F 250 -10.10 -9.77 39.37
CA ASP F 250 -9.48 -10.02 40.66
C ASP F 250 -9.71 -8.84 41.59
N VAL F 251 -9.71 -9.13 42.90
CA VAL F 251 -9.90 -8.08 43.89
C VAL F 251 -8.62 -7.26 43.98
N LYS F 252 -8.74 -5.95 43.83
CA LYS F 252 -7.61 -5.03 43.88
C LYS F 252 -7.93 -3.87 44.81
N PRO F 253 -6.91 -3.23 45.39
CA PRO F 253 -7.16 -2.12 46.30
C PRO F 253 -7.35 -0.81 45.54
N ALA F 254 -8.47 -0.14 45.79
CA ALA F 254 -8.75 1.16 45.20
C ALA F 254 -8.50 2.24 46.24
N VAL F 255 -7.67 3.22 45.88
CA VAL F 255 -7.28 4.25 46.82
C VAL F 255 -8.37 5.30 46.92
N GLU F 256 -8.68 5.72 48.15
CA GLU F 256 -9.65 6.77 48.41
C GLU F 256 -9.01 8.00 49.06
N VAL F 257 -8.17 7.79 50.06
CA VAL F 257 -7.45 8.87 50.72
C VAL F 257 -5.97 8.51 50.74
N ILE F 258 -5.10 9.37 50.32
CA ILE F 258 -3.69 9.27 50.22
C ILE F 258 -3.01 10.09 51.29
N ALA F 259 -2.06 9.51 52.02
CA ALA F 259 -1.35 10.20 53.06
C ALA F 259 0.10 10.44 52.62
N TYR F 260 0.60 11.63 52.72
CA TYR F 260 1.88 12.12 52.44
C TYR F 260 2.65 12.49 53.68
N THR F 261 3.96 12.68 53.53
CA THR F 261 4.81 13.10 54.64
C THR F 261 5.81 14.14 54.15
N CYS F 262 6.22 15.04 54.97
CA CYS F 262 7.15 16.09 54.80
C CYS F 262 8.47 15.75 55.45
N ASP F 263 9.57 15.72 54.77
CA ASP F 263 10.87 15.42 55.24
C ASP F 263 11.44 16.46 56.16
N GLN F 264 11.09 17.70 56.01
CA GLN F 264 11.50 18.85 56.72
C GLN F 264 10.57 19.32 57.81
N CYS F 265 9.31 19.44 57.53
CA CYS F 265 8.27 19.85 58.41
C CYS F 265 8.05 18.89 59.54
N GLY F 266 7.87 17.62 59.18
CA GLY F 266 7.43 16.62 60.12
C GLY F 266 5.93 16.49 60.23
N TYR F 267 5.17 17.03 59.28
CA TYR F 267 3.72 17.02 59.29
C TYR F 267 3.20 16.05 58.24
N GLU F 268 1.93 15.70 58.37
CA GLU F 268 1.25 14.77 57.48
C GLU F 268 0.19 15.49 56.67
N VAL F 269 0.13 15.18 55.38
CA VAL F 269 -0.85 15.77 54.47
C VAL F 269 -1.75 14.66 53.95
N PHE F 270 -2.94 15.04 53.52
CA PHE F 270 -3.94 14.09 53.04
C PHE F 270 -4.54 14.59 51.74
N GLN F 271 -5.00 13.72 50.90
CA GLN F 271 -5.59 13.89 49.62
C GLN F 271 -6.73 12.96 49.36
N GLU F 272 -7.83 13.40 48.83
CA GLU F 272 -9.00 12.68 48.50
C GLU F 272 -9.08 12.38 47.02
N VAL F 273 -9.28 11.18 46.60
CA VAL F 273 -9.37 10.68 45.27
C VAL F 273 -10.78 10.26 44.97
N ASN F 274 -11.44 10.82 44.00
CA ASN F 274 -12.75 10.53 43.52
C ASN F 274 -12.83 10.44 42.02
N SER F 275 -11.85 9.96 41.35
CA SER F 275 -11.67 9.89 39.95
C SER F 275 -10.85 8.70 39.51
N ARG F 276 -10.78 8.41 38.26
CA ARG F 276 -10.01 7.38 37.65
C ARG F 276 -8.53 7.60 37.82
N THR F 277 -8.07 8.80 37.83
CA THR F 277 -6.75 9.27 37.91
C THR F 277 -6.58 10.44 38.85
N PHE F 278 -5.44 10.69 39.37
CA PHE F 278 -5.06 11.71 40.26
C PHE F 278 -3.66 12.20 40.07
N THR F 279 -3.37 13.46 40.40
CA THR F 279 -2.03 14.02 40.32
C THR F 279 -1.45 14.03 41.73
N PRO F 280 -0.33 13.34 42.02
CA PRO F 280 0.29 13.39 43.32
C PRO F 280 0.85 14.74 43.69
N LEU F 281 0.88 15.11 44.93
CA LEU F 281 1.46 16.26 45.48
C LEU F 281 2.96 16.23 45.40
N SER F 282 3.63 17.33 45.30
CA SER F 282 5.03 17.51 45.13
C SER F 282 5.69 18.40 46.14
N GLU F 283 5.02 19.40 46.62
CA GLU F 283 5.42 20.44 47.49
C GLU F 283 4.59 20.53 48.74
N CYS F 284 5.14 20.70 49.89
CA CYS F 284 4.52 20.85 51.14
C CYS F 284 3.65 22.07 51.18
N THR F 285 2.49 22.05 51.78
CA THR F 285 1.55 23.07 51.99
C THR F 285 1.29 23.41 53.44
N SER F 286 2.11 22.93 54.36
CA SER F 286 1.87 23.12 55.78
C SER F 286 2.11 24.58 56.17
N GLU F 287 1.52 24.96 57.31
CA GLU F 287 1.70 26.31 57.82
C GLU F 287 3.17 26.57 58.15
N GLU F 288 3.84 25.67 58.80
CA GLU F 288 5.21 25.77 59.18
C GLU F 288 6.11 25.97 57.98
N CYS F 289 5.97 25.18 56.98
CA CYS F 289 6.70 25.21 55.76
C CYS F 289 6.55 26.53 55.06
N SER F 290 5.35 27.01 54.92
CA SER F 290 4.98 28.23 54.32
C SER F 290 5.61 29.40 55.03
N GLN F 291 5.51 29.46 56.33
CA GLN F 291 6.00 30.46 57.18
C GLN F 291 7.51 30.57 57.12
N ASN F 292 8.19 29.50 57.32
CA ASN F 292 9.59 29.33 57.30
C ASN F 292 10.21 29.33 55.94
N GLN F 293 9.46 29.23 54.89
CA GLN F 293 9.88 29.22 53.55
C GLN F 293 10.62 27.98 53.13
N THR F 294 10.74 26.99 53.95
CA THR F 294 11.34 25.74 53.72
C THR F 294 10.65 25.00 52.60
N LYS F 295 11.39 24.58 51.58
CA LYS F 295 10.84 23.80 50.46
C LYS F 295 11.01 22.31 50.77
N GLY F 296 9.97 21.64 51.22
CA GLY F 296 9.87 20.29 51.50
C GLY F 296 9.10 19.46 50.56
N GLN F 297 9.60 18.36 50.10
CA GLN F 297 9.03 17.44 49.21
C GLN F 297 8.08 16.49 49.89
N LEU F 298 6.97 16.13 49.34
CA LEU F 298 5.98 15.24 49.78
C LEU F 298 6.22 13.84 49.24
N PHE F 299 6.18 12.82 50.12
CA PHE F 299 6.41 11.44 49.72
C PHE F 299 5.22 10.60 50.14
N MET F 300 4.69 9.80 49.28
CA MET F 300 3.58 8.94 49.46
C MET F 300 3.83 7.94 50.55
N SER F 301 2.83 7.66 51.38
CA SER F 301 2.92 6.67 52.45
C SER F 301 1.72 5.75 52.36
N THR F 302 1.95 4.50 51.95
CA THR F 302 0.86 3.55 51.78
C THR F 302 0.40 2.93 53.10
N ARG F 303 1.18 3.08 54.18
CA ARG F 303 0.76 2.50 55.45
C ARG F 303 -0.46 3.21 56.02
N ALA F 304 -0.48 4.54 55.95
CA ALA F 304 -1.56 5.33 56.52
C ALA F 304 -2.67 5.64 55.53
N SER F 305 -2.54 5.22 54.27
CA SER F 305 -3.58 5.48 53.29
C SER F 305 -4.78 4.57 53.53
N LYS F 306 -5.91 4.97 52.93
CA LYS F 306 -7.14 4.21 53.03
C LYS F 306 -7.43 3.56 51.68
N PHE F 307 -7.71 2.25 51.71
CA PHE F 307 -7.99 1.48 50.50
C PHE F 307 -9.30 0.73 50.68
N SER F 308 -9.96 0.46 49.56
CA SER F 308 -11.19 -0.31 49.53
C SER F 308 -11.09 -1.36 48.44
N ALA F 309 -11.58 -2.57 48.74
CA ALA F 309 -11.54 -3.65 47.76
C ALA F 309 -12.39 -3.28 46.55
N PHE F 310 -11.85 -3.56 45.37
CA PHE F 310 -12.50 -3.20 44.11
C PHE F 310 -12.57 -4.42 43.21
N GLN F 311 -13.70 -4.59 42.54
CA GLN F 311 -13.90 -5.69 41.59
C GLN F 311 -14.80 -5.21 40.47
N GLU F 312 -14.43 -5.54 39.23
CA GLU F 312 -15.17 -5.17 38.05
C GLU F 312 -15.76 -6.41 37.42
N CYS F 313 -17.07 -6.39 37.16
CA CYS F 313 -17.78 -7.54 36.62
C CYS F 313 -18.61 -7.10 35.42
N LYS F 314 -18.89 -7.99 34.52
CA LYS F 314 -19.66 -7.91 33.34
C LYS F 314 -20.92 -8.71 33.44
N ILE F 315 -22.08 -8.10 33.19
CA ILE F 315 -23.36 -8.79 33.22
C ILE F 315 -23.95 -8.73 31.81
N GLN F 316 -24.39 -9.88 31.30
CA GLN F 316 -24.89 -10.00 29.95
C GLN F 316 -26.37 -10.35 29.97
N GLU F 317 -27.04 -10.06 28.85
CA GLU F 317 -28.47 -10.31 28.74
C GLU F 317 -28.75 -11.81 28.69
N LEU F 318 -29.89 -12.19 29.25
CA LEU F 318 -30.37 -13.55 29.11
C LEU F 318 -30.93 -13.77 27.71
N SER F 319 -30.97 -15.03 27.28
CA SER F 319 -31.43 -15.35 25.93
C SER F 319 -32.87 -14.91 25.73
N GLN F 320 -33.73 -15.13 26.71
CA GLN F 320 -35.15 -14.79 26.58
C GLN F 320 -35.41 -13.29 26.57
N GLN F 321 -34.41 -12.47 26.92
CA GLN F 321 -34.59 -11.02 26.94
C GLN F 321 -34.21 -10.34 25.64
N VAL F 322 -33.41 -11.00 24.80
CA VAL F 322 -32.99 -10.37 23.54
C VAL F 322 -34.16 -10.37 22.57
N PRO F 323 -34.38 -9.28 21.81
CA PRO F 323 -35.45 -9.31 20.80
C PRO F 323 -35.11 -10.23 19.64
N VAL F 324 -35.98 -10.28 18.64
CA VAL F 324 -35.77 -11.13 17.48
C VAL F 324 -34.74 -10.49 16.57
N GLY F 325 -33.74 -11.27 16.15
CA GLY F 325 -32.70 -10.78 15.27
C GLY F 325 -31.81 -9.72 15.89
N HIS F 326 -31.48 -9.86 17.17
CA HIS F 326 -30.63 -8.92 17.87
C HIS F 326 -29.55 -9.68 18.62
N ILE F 327 -28.44 -9.06 18.87
CA ILE F 327 -27.30 -9.53 19.56
C ILE F 327 -27.33 -9.11 21.00
N PRO F 328 -26.99 -9.96 21.98
CA PRO F 328 -27.02 -9.55 23.36
C PRO F 328 -26.03 -8.46 23.70
N ARG F 329 -26.36 -7.66 24.72
CA ARG F 329 -25.49 -6.58 25.18
C ARG F 329 -25.13 -6.81 26.65
N SER F 330 -24.07 -6.22 27.10
CA SER F 330 -23.47 -6.30 28.37
C SER F 330 -23.33 -4.96 29.04
N LEU F 331 -23.34 -4.95 30.38
CA LEU F 331 -23.22 -3.73 31.17
C LEU F 331 -22.18 -3.95 32.25
N ASN F 332 -21.31 -2.97 32.46
CA ASN F 332 -20.27 -3.08 33.47
C ASN F 332 -20.85 -2.92 34.87
N ILE F 333 -20.20 -3.58 35.84
CA ILE F 333 -20.59 -3.51 37.24
C ILE F 333 -19.34 -3.22 38.05
N HIS F 334 -19.45 -2.29 39.00
CA HIS F 334 -18.38 -1.95 39.92
C HIS F 334 -18.79 -2.37 41.33
N VAL F 335 -17.94 -3.14 42.00
CA VAL F 335 -18.19 -3.65 43.33
C VAL F 335 -17.15 -3.06 44.27
N ASN F 336 -17.61 -2.44 45.36
CA ASN F 336 -16.74 -1.80 46.33
C ASN F 336 -17.16 -2.21 47.73
N GLY F 337 -16.17 -2.31 48.62
CA GLY F 337 -16.43 -2.63 50.01
C GLY F 337 -16.57 -4.10 50.29
N THR F 338 -17.53 -4.47 51.14
CA THR F 338 -17.71 -5.85 51.55
C THR F 338 -18.49 -6.68 50.54
N LEU F 339 -19.09 -6.05 49.52
CA LEU F 339 -19.81 -6.81 48.50
C LEU F 339 -18.87 -7.60 47.59
N VAL F 340 -17.56 -7.38 47.69
CA VAL F 340 -16.62 -8.09 46.84
C VAL F 340 -16.76 -9.59 47.05
N ARG F 341 -16.56 -10.36 45.99
CA ARG F 341 -16.65 -11.82 45.94
C ARG F 341 -18.09 -12.31 46.02
N SER F 342 -19.07 -11.43 45.87
CA SER F 342 -20.47 -11.85 45.87
C SER F 342 -20.98 -12.25 44.49
N LEU F 343 -20.19 -12.01 43.44
CA LEU F 343 -20.58 -12.34 42.07
C LEU F 343 -19.49 -13.21 41.45
N SER F 344 -19.91 -14.30 40.82
CA SER F 344 -19.02 -15.22 40.14
C SER F 344 -19.53 -15.48 38.74
N PRO F 345 -18.66 -15.85 37.81
CA PRO F 345 -19.12 -16.13 36.44
C PRO F 345 -20.16 -17.24 36.40
N GLY F 346 -21.15 -17.08 35.53
CA GLY F 346 -22.12 -18.11 35.27
C GLY F 346 -23.36 -18.09 36.13
N ASP F 347 -23.42 -17.23 37.14
CA ASP F 347 -24.58 -17.16 38.02
C ASP F 347 -25.53 -16.06 37.56
N ILE F 348 -26.81 -16.40 37.44
CA ILE F 348 -27.84 -15.41 37.14
C ILE F 348 -28.19 -14.67 38.42
N VAL F 349 -28.09 -13.34 38.38
CA VAL F 349 -28.22 -12.51 39.58
C VAL F 349 -29.14 -11.33 39.30
N ASP F 350 -29.61 -10.73 40.38
CA ASP F 350 -30.41 -9.51 40.35
C ASP F 350 -29.60 -8.43 41.05
N VAL F 351 -28.74 -7.76 40.29
CA VAL F 351 -27.83 -6.77 40.85
C VAL F 351 -28.55 -5.43 40.97
N THR F 352 -28.58 -4.89 42.18
CA THR F 352 -29.15 -3.57 42.44
C THR F 352 -28.02 -2.58 42.68
N GLY F 353 -28.05 -1.45 41.98
CA GLY F 353 -26.99 -0.48 42.10
C GLY F 353 -27.43 0.87 41.60
N ILE F 354 -26.48 1.80 41.62
CA ILE F 354 -26.71 3.18 41.17
C ILE F 354 -26.06 3.34 39.80
N PHE F 355 -26.87 3.58 38.79
CA PHE F 355 -26.37 3.78 37.43
C PHE F 355 -25.74 5.17 37.34
N LEU F 356 -24.44 5.20 37.08
CA LEU F 356 -23.67 6.44 37.07
C LEU F 356 -22.76 6.48 35.86
N PRO F 357 -22.38 7.67 35.41
CA PRO F 357 -21.42 7.80 34.31
C PRO F 357 -19.98 7.74 34.83
N ALA F 358 -19.05 7.59 33.89
CA ALA F 358 -17.62 7.51 34.18
C ALA F 358 -16.90 8.52 33.29
N PRO F 359 -16.89 9.80 33.68
CA PRO F 359 -16.22 10.80 32.87
C PRO F 359 -14.76 10.52 32.65
N TYR F 360 -14.22 10.78 31.51
CA TYR F 360 -12.86 10.76 31.17
C TYR F 360 -12.10 11.87 31.86
N THR F 361 -10.82 11.93 31.76
CA THR F 361 -9.90 12.88 32.26
C THR F 361 -8.84 13.26 31.27
N GLY F 362 -8.37 14.52 31.32
CA GLY F 362 -7.26 15.01 30.49
C GLY F 362 -7.61 15.06 29.00
N PHE F 363 -6.60 14.84 28.14
CA PHE F 363 -6.76 14.92 26.69
C PHE F 363 -7.86 13.99 26.13
N LYS F 364 -8.08 12.81 26.73
CA LYS F 364 -9.09 11.88 26.42
C LYS F 364 -10.46 12.47 26.55
N ALA F 365 -10.70 13.21 27.60
CA ALA F 365 -11.89 13.92 27.88
C ALA F 365 -12.25 14.86 26.76
N LEU F 366 -11.27 15.65 26.31
CA LEU F 366 -11.45 16.61 25.22
C LEU F 366 -11.71 15.91 23.88
N LYS F 367 -11.01 14.80 23.61
CA LYS F 367 -11.08 14.08 22.33
C LYS F 367 -12.34 13.22 22.18
N ALA F 368 -12.91 12.70 23.27
CA ALA F 368 -14.03 11.86 23.32
C ALA F 368 -15.30 12.57 22.89
N GLY F 369 -15.55 13.72 23.42
CA GLY F 369 -16.70 14.45 23.29
C GLY F 369 -17.73 14.33 24.33
N LEU F 370 -18.99 14.43 24.06
CA LEU F 370 -20.09 14.31 24.94
C LEU F 370 -20.47 12.88 25.27
N LEU F 371 -20.05 11.91 24.52
CA LEU F 371 -20.26 10.53 24.71
C LEU F 371 -19.63 10.06 26.00
N THR F 372 -20.32 9.39 26.86
CA THR F 372 -19.95 8.96 28.17
C THR F 372 -20.07 7.47 28.37
N GLU F 373 -19.12 6.87 29.08
CA GLU F 373 -19.25 5.50 29.52
C GLU F 373 -20.11 5.43 30.77
N THR F 374 -20.57 4.22 31.09
CA THR F 374 -21.43 4.01 32.24
C THR F 374 -21.08 2.70 32.93
N TYR F 375 -21.46 2.63 34.21
CA TYR F 375 -21.25 1.42 35.00
C TYR F 375 -22.28 1.42 36.12
N LEU F 376 -22.34 0.32 36.86
CA LEU F 376 -23.28 0.14 37.95
C LEU F 376 -22.52 -0.04 39.25
N GLU F 377 -22.87 0.75 40.26
CA GLU F 377 -22.27 0.65 41.59
C GLU F 377 -23.09 -0.35 42.39
N ALA F 378 -22.55 -1.56 42.55
CA ALA F 378 -23.30 -2.63 43.20
C ALA F 378 -23.70 -2.23 44.60
N GLN F 379 -24.97 -2.46 44.94
CA GLN F 379 -25.51 -2.18 46.26
C GLN F 379 -26.18 -3.37 46.91
N PHE F 380 -26.72 -4.31 46.12
CA PHE F 380 -27.38 -5.48 46.65
C PHE F 380 -27.39 -6.55 45.56
N VAL F 381 -27.14 -7.79 45.95
CA VAL F 381 -27.09 -8.91 45.01
C VAL F 381 -28.04 -9.98 45.51
N ARG F 382 -28.97 -10.39 44.66
CA ARG F 382 -29.91 -11.47 44.94
C ARG F 382 -29.59 -12.62 44.00
N GLN F 383 -29.31 -13.80 44.57
CA GLN F 383 -28.88 -14.96 43.80
C GLN F 383 -30.06 -15.86 43.52
N HIS F 384 -30.26 -16.19 42.25
CA HIS F 384 -31.29 -17.14 41.87
C HIS F 384 -30.87 -18.57 42.21
N LYS F 385 -31.85 -19.44 42.37
CA LYS F 385 -31.60 -20.83 42.72
C LYS F 385 -30.69 -21.48 41.68
N ASP F 409 -34.79 -52.43 44.88
CA ASP F 409 -35.51 -51.92 43.72
C ASP F 409 -35.06 -50.50 43.38
N VAL F 410 -34.06 -50.00 44.12
CA VAL F 410 -33.58 -48.64 43.88
C VAL F 410 -32.94 -48.54 42.50
N TYR F 411 -32.26 -49.61 42.06
CA TYR F 411 -31.57 -49.55 40.77
C TYR F 411 -32.54 -49.30 39.64
N ASN F 412 -33.62 -50.07 39.58
CA ASN F 412 -34.60 -49.91 38.50
C ASN F 412 -35.25 -48.55 38.55
N ARG F 413 -35.60 -48.08 39.75
CA ARG F 413 -36.25 -46.77 39.87
C ARG F 413 -35.32 -45.66 39.38
N LEU F 414 -34.05 -45.69 39.80
CA LEU F 414 -33.11 -44.68 39.36
C LEU F 414 -32.93 -44.72 37.84
N ALA F 415 -32.77 -45.93 37.30
CA ALA F 415 -32.58 -46.06 35.86
C ALA F 415 -33.76 -45.49 35.10
N LYS F 416 -34.98 -45.84 35.52
CA LYS F 416 -36.17 -45.34 34.84
C LYS F 416 -36.31 -43.83 34.99
N SER F 417 -35.88 -43.29 36.14
CA SER F 417 -36.00 -41.85 36.37
C SER F 417 -34.89 -41.04 35.74
N ILE F 418 -33.85 -41.70 35.19
CA ILE F 418 -32.78 -40.95 34.53
C ILE F 418 -33.35 -40.09 33.41
N ALA F 419 -34.14 -40.68 32.53
CA ALA F 419 -34.69 -39.99 31.36
C ALA F 419 -36.07 -40.53 31.08
N PRO F 420 -37.07 -40.11 31.85
CA PRO F 420 -38.43 -40.64 31.64
C PRO F 420 -38.98 -40.39 30.24
N GLU F 421 -38.57 -39.30 29.59
CA GLU F 421 -39.17 -38.93 28.31
C GLU F 421 -38.85 -39.94 27.21
N ILE F 422 -37.79 -40.72 27.35
CA ILE F 422 -37.39 -41.66 26.31
C ILE F 422 -38.07 -43.00 26.54
N TYR F 423 -38.09 -43.82 25.49
CA TYR F 423 -38.62 -45.17 25.61
C TYR F 423 -37.67 -46.03 26.43
N GLY F 424 -38.23 -46.95 27.20
CA GLY F 424 -37.46 -47.74 28.15
C GLY F 424 -36.26 -48.44 27.56
N ASN F 425 -35.06 -48.05 28.02
CA ASN F 425 -33.80 -48.73 27.68
C ASN F 425 -33.10 -48.99 29.01
N LEU F 426 -33.45 -50.11 29.65
CA LEU F 426 -33.02 -50.34 31.03
C LEU F 426 -31.52 -50.55 31.12
N ASP F 427 -30.95 -51.36 30.23
CA ASP F 427 -29.52 -51.68 30.31
C ASP F 427 -28.67 -50.43 30.13
N VAL F 428 -29.02 -49.59 29.16
CA VAL F 428 -28.27 -48.36 28.93
C VAL F 428 -28.35 -47.45 30.15
N LYS F 429 -29.54 -47.35 30.75
CA LYS F 429 -29.71 -46.51 31.93
C LYS F 429 -28.87 -47.05 33.10
N LYS F 430 -28.84 -48.36 33.27
CA LYS F 430 -28.02 -48.94 34.34
C LYS F 430 -26.54 -48.66 34.09
N ALA F 431 -26.10 -48.77 32.84
CA ALA F 431 -24.71 -48.44 32.51
C ALA F 431 -24.42 -46.98 32.82
N LEU F 432 -25.37 -46.09 32.52
CA LEU F 432 -25.18 -44.67 32.82
C LEU F 432 -25.08 -44.44 34.33
N LEU F 433 -25.91 -45.13 35.11
CA LEU F 433 -25.78 -45.05 36.57
C LEU F 433 -24.38 -45.49 37.01
N LEU F 434 -23.92 -46.62 36.48
CA LEU F 434 -22.60 -47.13 36.87
C LEU F 434 -21.51 -46.13 36.53
N LEU F 435 -21.59 -45.52 35.35
CA LEU F 435 -20.63 -44.48 34.99
C LEU F 435 -20.71 -43.30 35.94
N LEU F 436 -21.93 -42.86 36.27
CA LEU F 436 -22.11 -41.67 37.09
C LEU F 436 -21.52 -41.86 38.48
N VAL F 437 -21.87 -42.98 39.12
CA VAL F 437 -21.34 -43.24 40.46
C VAL F 437 -19.83 -43.46 40.39
N GLY F 438 -19.38 -44.31 39.46
CA GLY F 438 -17.95 -44.49 39.25
C GLY F 438 -17.20 -44.96 40.48
N GLY F 439 -17.81 -45.83 41.28
CA GLY F 439 -17.13 -46.32 42.47
C GLY F 439 -15.90 -47.13 42.10
N VAL F 440 -14.82 -46.91 42.85
CA VAL F 440 -13.56 -47.59 42.61
C VAL F 440 -12.62 -47.42 43.79
N ASP F 441 -11.71 -48.38 43.97
CA ASP F 441 -10.64 -48.29 44.97
C ASP F 441 -9.33 -48.25 44.20
N LYS F 442 -8.75 -47.06 44.09
CA LYS F 442 -7.54 -46.83 43.29
C LYS F 442 -6.42 -46.39 44.24
N ARG F 443 -5.78 -47.37 44.87
CA ARG F 443 -4.71 -47.10 45.84
C ARG F 443 -3.60 -48.13 45.71
N VAL F 444 -3.19 -48.45 44.49
CA VAL F 444 -2.17 -49.47 44.28
C VAL F 444 -0.87 -49.07 44.96
N GLY F 445 -0.40 -47.85 44.70
CA GLY F 445 0.79 -47.34 45.35
C GLY F 445 2.10 -47.92 44.86
N ASP F 446 2.08 -48.71 43.79
CA ASP F 446 3.30 -49.34 43.27
C ASP F 446 3.94 -48.53 42.15
N GLY F 447 3.41 -47.35 41.83
CA GLY F 447 3.91 -46.55 40.73
C GLY F 447 2.79 -46.12 39.80
N MET F 448 1.78 -46.97 39.65
CA MET F 448 0.59 -46.64 38.84
C MET F 448 -0.63 -47.03 39.68
N LYS F 449 -1.84 -46.81 39.19
CA LYS F 449 -3.07 -47.27 39.89
C LYS F 449 -4.15 -47.48 38.83
N ILE F 450 -4.87 -48.59 38.88
CA ILE F 450 -5.91 -48.90 37.91
C ILE F 450 -6.83 -47.69 37.76
N ARG F 451 -7.19 -47.39 36.51
CA ARG F 451 -8.03 -46.21 36.24
C ARG F 451 -9.33 -46.30 37.03
N GLY F 452 -9.73 -45.17 37.60
CA GLY F 452 -10.89 -45.14 38.47
C GLY F 452 -12.16 -44.64 37.81
N ASP F 453 -12.20 -44.68 36.49
CA ASP F 453 -13.34 -44.19 35.72
C ASP F 453 -13.93 -45.33 34.90
N ILE F 454 -15.24 -45.53 35.05
CA ILE F 454 -15.96 -46.55 34.25
C ILE F 454 -16.47 -45.81 33.02
N ASN F 455 -15.61 -45.70 32.01
CA ASN F 455 -15.96 -45.00 30.79
C ASN F 455 -17.05 -45.74 30.03
N VAL F 456 -17.96 -44.99 29.42
CA VAL F 456 -19.08 -45.55 28.67
C VAL F 456 -19.07 -44.94 27.27
N CYS F 457 -19.24 -45.78 26.25
CA CYS F 457 -19.33 -45.33 24.87
C CYS F 457 -20.61 -45.89 24.26
N LEU F 458 -21.40 -45.01 23.65
CA LEU F 458 -22.63 -45.39 22.98
C LEU F 458 -22.45 -45.19 21.47
N MET F 459 -22.69 -46.24 20.70
CA MET F 459 -22.62 -46.17 19.24
C MET F 459 -23.85 -46.83 18.66
N GLY F 460 -24.52 -46.11 17.76
CA GLY F 460 -25.74 -46.62 17.16
C GLY F 460 -26.15 -45.79 15.96
N ASP F 461 -27.04 -46.38 15.16
CA ASP F 461 -27.55 -45.69 13.99
C ASP F 461 -28.43 -44.52 14.40
N PRO F 462 -28.60 -43.53 13.53
CA PRO F 462 -29.44 -42.38 13.88
C PRO F 462 -30.87 -42.81 14.16
N GLY F 463 -31.49 -42.15 15.13
CA GLY F 463 -32.85 -42.48 15.52
C GLY F 463 -32.97 -42.77 17.00
N VAL F 464 -31.97 -43.45 17.57
CA VAL F 464 -31.93 -43.61 19.02
C VAL F 464 -31.69 -42.25 19.67
N ALA F 465 -32.14 -42.13 20.92
CA ALA F 465 -32.10 -40.83 21.59
C ALA F 465 -30.75 -40.58 22.24
N LYS F 466 -29.67 -40.75 21.48
CA LYS F 466 -28.33 -40.57 22.04
C LYS F 466 -28.16 -39.18 22.63
N SER F 467 -28.62 -38.17 21.91
CA SER F 467 -28.52 -36.79 22.42
C SER F 467 -29.28 -36.64 23.72
N GLN F 468 -30.44 -37.30 23.84
CA GLN F 468 -31.24 -37.16 25.06
C GLN F 468 -30.53 -37.79 26.26
N LEU F 469 -29.99 -39.01 26.09
CA LEU F 469 -29.19 -39.59 27.17
C LEU F 469 -28.03 -38.68 27.53
N LEU F 470 -27.31 -38.17 26.54
CA LEU F 470 -26.17 -37.31 26.83
C LEU F 470 -26.60 -36.11 27.66
N LYS F 471 -27.63 -35.39 27.20
CA LYS F 471 -28.04 -34.17 27.88
C LYS F 471 -28.54 -34.47 29.29
N ALA F 472 -29.35 -35.51 29.45
CA ALA F 472 -29.90 -35.82 30.78
C ALA F 472 -28.79 -36.21 31.75
N ILE F 473 -27.94 -37.16 31.34
CA ILE F 473 -26.88 -37.64 32.23
C ILE F 473 -25.90 -36.53 32.54
N CYS F 474 -25.69 -35.61 31.60
CA CYS F 474 -24.82 -34.47 31.88
C CYS F 474 -25.46 -33.50 32.84
N LYS F 475 -26.77 -33.27 32.72
CA LYS F 475 -27.46 -32.37 33.63
C LYS F 475 -27.41 -32.89 35.05
N ILE F 476 -27.68 -34.20 35.24
CA ILE F 476 -27.72 -34.74 36.60
C ILE F 476 -26.35 -34.64 37.24
N SER F 477 -25.29 -34.96 36.49
CA SER F 477 -23.96 -34.98 37.06
C SER F 477 -23.58 -33.60 37.58
N PRO F 478 -22.89 -33.51 38.73
CA PRO F 478 -22.46 -32.18 39.20
C PRO F 478 -21.35 -31.59 38.37
N ARG F 479 -20.42 -32.42 37.88
CA ARG F 479 -19.30 -31.97 37.08
C ARG F 479 -19.45 -32.31 35.61
N GLY F 480 -20.62 -32.78 35.18
CA GLY F 480 -20.85 -33.12 33.80
C GLY F 480 -20.65 -31.94 32.87
N VAL F 481 -19.88 -32.14 31.79
CA VAL F 481 -19.59 -31.11 30.81
C VAL F 481 -20.03 -31.61 29.45
N TYR F 482 -20.80 -30.78 28.74
CA TYR F 482 -21.33 -31.14 27.42
C TYR F 482 -20.53 -30.42 26.34
N THR F 483 -20.00 -31.20 25.39
CA THR F 483 -19.22 -30.67 24.29
C THR F 483 -19.60 -31.40 23.01
N THR F 484 -19.30 -30.77 21.89
CA THR F 484 -19.57 -31.32 20.56
C THR F 484 -18.27 -31.42 19.78
N GLY F 485 -18.03 -32.58 19.18
CA GLY F 485 -16.82 -32.80 18.42
C GLY F 485 -16.75 -31.92 17.18
N ALA F 512 -12.78 -27.67 27.67
CA ALA F 512 -13.93 -28.20 28.38
C ALA F 512 -13.54 -29.39 29.24
N LEU F 513 -12.42 -30.03 28.89
CA LEU F 513 -11.94 -31.17 29.68
C LEU F 513 -11.58 -30.75 31.09
N VAL F 514 -11.02 -29.55 31.25
CA VAL F 514 -10.63 -29.08 32.58
C VAL F 514 -11.84 -28.99 33.49
N LEU F 515 -12.95 -28.45 32.98
CA LEU F 515 -14.17 -28.40 33.78
C LEU F 515 -14.66 -29.80 34.13
N ALA F 516 -14.31 -30.80 33.33
CA ALA F 516 -14.73 -32.18 33.56
C ALA F 516 -13.78 -32.94 34.49
N ASP F 517 -12.73 -32.29 34.99
CA ASP F 517 -11.79 -32.97 35.88
C ASP F 517 -12.52 -33.53 37.09
N ASN F 518 -12.17 -34.76 37.45
CA ASN F 518 -12.83 -35.47 38.56
C ASN F 518 -14.33 -35.57 38.31
N GLY F 519 -14.71 -35.76 37.06
CA GLY F 519 -16.11 -35.85 36.69
C GLY F 519 -16.27 -36.39 35.30
N ILE F 520 -17.50 -36.80 35.00
CA ILE F 520 -17.80 -37.39 33.69
C ILE F 520 -17.75 -36.31 32.62
N CYS F 521 -17.27 -36.69 31.44
CA CYS F 521 -17.24 -35.81 30.28
C CYS F 521 -18.30 -36.26 29.29
N CYS F 522 -19.14 -35.32 28.84
CA CYS F 522 -20.24 -35.61 27.92
C CYS F 522 -19.82 -35.10 26.54
N ILE F 523 -19.33 -36.02 25.70
CA ILE F 523 -18.84 -35.69 24.37
C ILE F 523 -19.84 -36.21 23.36
N ASP F 524 -20.35 -35.31 22.52
CA ASP F 524 -21.26 -35.67 21.44
C ASP F 524 -20.53 -35.62 20.10
N GLU F 525 -21.05 -36.40 19.15
CA GLU F 525 -20.42 -36.53 17.84
C GLU F 525 -18.96 -36.95 18.00
N PHE F 526 -18.77 -38.05 18.72
CA PHE F 526 -17.42 -38.50 19.07
C PHE F 526 -16.61 -38.85 17.83
N ASP F 527 -17.24 -39.51 16.85
CA ASP F 527 -16.52 -39.92 15.65
C ASP F 527 -16.04 -38.71 14.84
N LYS F 528 -16.84 -37.65 14.78
CA LYS F 528 -16.47 -36.47 14.00
C LYS F 528 -15.33 -35.69 14.62
N MET F 529 -14.91 -36.02 15.85
CA MET F 529 -13.88 -35.25 16.52
C MET F 529 -12.57 -35.30 15.74
N ASP F 530 -11.82 -34.20 15.79
CA ASP F 530 -10.55 -34.11 15.10
C ASP F 530 -9.49 -34.97 15.78
N GLU F 531 -8.44 -35.30 15.02
CA GLU F 531 -7.42 -36.20 15.53
C GLU F 531 -6.68 -35.61 16.73
N SER F 532 -6.49 -34.29 16.75
CA SER F 532 -5.83 -33.67 17.88
C SER F 532 -6.61 -33.89 19.17
N ASP F 533 -7.93 -33.72 19.11
CA ASP F 533 -8.76 -34.01 20.29
C ASP F 533 -8.78 -35.50 20.60
N ARG F 534 -8.63 -36.36 19.58
CA ARG F 534 -8.51 -37.78 19.84
C ARG F 534 -7.27 -38.07 20.67
N THR F 535 -6.13 -37.46 20.31
CA THR F 535 -4.92 -37.63 21.10
C THR F 535 -5.08 -37.03 22.49
N ALA F 536 -5.80 -35.91 22.59
CA ALA F 536 -6.03 -35.30 23.91
C ALA F 536 -6.80 -36.25 24.82
N ILE F 537 -7.88 -36.85 24.30
CA ILE F 537 -8.65 -37.78 25.11
C ILE F 537 -7.85 -39.05 25.40
N HIS F 538 -6.99 -39.47 24.45
CA HIS F 538 -6.13 -40.61 24.71
C HIS F 538 -5.20 -40.34 25.88
N GLU F 539 -4.62 -39.13 25.94
CA GLU F 539 -3.81 -38.74 27.08
C GLU F 539 -4.66 -38.70 28.35
N VAL F 540 -5.90 -38.21 28.24
CA VAL F 540 -6.78 -38.14 29.40
C VAL F 540 -7.02 -39.53 29.97
N MET F 541 -7.24 -40.52 29.11
CA MET F 541 -7.55 -41.86 29.59
C MET F 541 -6.30 -42.55 30.14
N GLU F 542 -5.29 -42.73 29.29
CA GLU F 542 -4.13 -43.51 29.70
C GLU F 542 -3.39 -42.86 30.87
N GLN F 543 -3.21 -41.53 30.82
CA GLN F 543 -2.40 -40.83 31.81
C GLN F 543 -3.20 -40.02 32.81
N GLN F 544 -4.45 -39.67 32.50
CA GLN F 544 -5.27 -38.88 33.41
C GLN F 544 -4.56 -37.57 33.77
N THR F 545 -3.91 -36.97 32.78
CA THR F 545 -3.20 -35.71 32.97
C THR F 545 -3.43 -34.81 31.76
N ILE F 546 -3.47 -33.51 32.01
CA ILE F 546 -3.55 -32.49 30.96
C ILE F 546 -2.25 -31.71 30.98
N SER F 547 -1.54 -31.73 29.86
CA SER F 547 -0.22 -31.10 29.74
C SER F 547 -0.26 -30.03 28.67
N ILE F 548 0.31 -28.87 28.98
CA ILE F 548 0.43 -27.76 28.05
C ILE F 548 1.91 -27.44 27.89
N SER F 549 2.39 -27.46 26.64
CA SER F 549 3.78 -27.17 26.33
C SER F 549 3.80 -26.03 25.32
N LYS F 550 3.80 -24.81 25.83
CA LYS F 550 3.80 -23.61 25.00
C LYS F 550 4.80 -22.61 25.54
N ALA F 551 5.34 -21.77 24.71
CA ALA F 551 6.17 -20.67 25.02
C ALA F 551 5.49 -19.71 25.96
N GLY F 552 4.26 -19.39 25.71
CA GLY F 552 3.51 -18.55 26.49
C GLY F 552 3.33 -18.95 27.91
N ILE F 553 3.08 -20.24 28.10
CA ILE F 553 2.89 -20.79 29.44
C ILE F 553 3.10 -22.30 29.37
N ASN F 554 3.42 -22.91 30.51
CA ASN F 554 3.62 -24.36 30.61
C ASN F 554 3.00 -24.81 31.94
N THR F 555 1.76 -25.29 31.86
CA THR F 555 1.02 -25.74 33.02
C THR F 555 0.50 -27.15 32.79
N THR F 556 0.60 -27.98 33.83
CA THR F 556 0.11 -29.36 33.79
C THR F 556 -0.94 -29.53 34.88
N LEU F 557 -2.16 -29.88 34.47
CA LEU F 557 -3.27 -30.07 35.40
C LEU F 557 -3.73 -31.53 35.35
N ASN F 558 -3.82 -32.14 36.52
CA ASN F 558 -4.31 -33.51 36.60
C ASN F 558 -5.76 -33.58 36.16
N ALA F 559 -6.11 -34.67 35.46
CA ALA F 559 -7.46 -34.85 34.93
C ALA F 559 -7.84 -36.32 35.09
N ARG F 560 -8.47 -36.65 36.21
CA ARG F 560 -9.04 -37.98 36.42
C ARG F 560 -10.54 -37.94 36.12
N THR F 561 -10.84 -37.72 34.84
CA THR F 561 -12.20 -37.48 34.37
C THR F 561 -12.68 -38.64 33.50
N SER F 562 -13.90 -39.09 33.76
CA SER F 562 -14.52 -40.10 32.90
C SER F 562 -15.09 -39.45 31.65
N ILE F 563 -15.31 -40.30 30.63
CA ILE F 563 -15.74 -39.83 29.32
C ILE F 563 -16.99 -40.60 28.91
N LEU F 564 -18.01 -39.87 28.44
CA LEU F 564 -19.18 -40.45 27.80
C LEU F 564 -19.13 -40.06 26.33
N ALA F 565 -19.12 -41.07 25.45
CA ALA F 565 -18.91 -40.86 24.02
C ALA F 565 -20.13 -41.36 23.25
N ALA F 566 -20.57 -40.55 22.29
CA ALA F 566 -21.62 -40.92 21.35
C ALA F 566 -21.06 -40.82 19.94
N ALA F 567 -21.21 -41.87 19.15
CA ALA F 567 -20.64 -41.94 17.82
C ALA F 567 -21.60 -42.67 16.89
N ASN F 568 -21.39 -42.44 15.59
CA ASN F 568 -22.15 -43.11 14.54
C ASN F 568 -21.24 -44.02 13.73
N PRO F 569 -21.77 -45.08 13.12
CA PRO F 569 -20.92 -45.99 12.34
C PRO F 569 -20.26 -45.30 11.16
N LEU F 570 -19.36 -46.03 10.47
CA LEU F 570 -18.63 -45.44 9.35
C LEU F 570 -19.59 -45.01 8.24
N TYR F 571 -20.55 -45.87 7.90
CA TYR F 571 -21.49 -45.59 6.83
C TYR F 571 -22.69 -44.79 7.30
N GLY F 572 -22.70 -44.33 8.54
CA GLY F 572 -23.84 -43.64 9.13
C GLY F 572 -24.76 -44.60 9.87
N ARG F 573 -24.96 -45.79 9.31
CA ARG F 573 -25.77 -46.82 9.94
C ARG F 573 -24.99 -48.13 9.96
N TYR F 574 -25.23 -48.93 11.00
CA TYR F 574 -24.51 -50.18 11.15
C TYR F 574 -24.87 -51.14 10.02
N ASN F 575 -23.85 -51.78 9.46
CA ASN F 575 -24.04 -52.76 8.39
C ASN F 575 -23.79 -54.16 8.93
N PRO F 576 -24.81 -55.01 9.03
CA PRO F 576 -24.57 -56.36 9.57
C PRO F 576 -23.52 -57.14 8.80
N ARG F 577 -23.42 -56.94 7.49
CA ARG F 577 -22.46 -57.70 6.70
C ARG F 577 -21.03 -57.44 7.17
N LEU F 578 -20.69 -56.17 7.40
CA LEU F 578 -19.35 -55.83 7.84
C LEU F 578 -19.15 -56.19 9.31
N SER F 579 -17.90 -56.45 9.68
CA SER F 579 -17.58 -56.79 11.05
C SER F 579 -17.74 -55.57 11.95
N PRO F 580 -17.95 -55.78 13.25
CA PRO F 580 -18.11 -54.62 14.15
C PRO F 580 -16.94 -53.67 14.09
N LEU F 581 -15.71 -54.18 13.98
CA LEU F 581 -14.55 -53.30 13.91
C LEU F 581 -14.59 -52.44 12.66
N ASP F 582 -15.04 -53.01 11.54
CA ASP F 582 -15.12 -52.24 10.30
C ASP F 582 -16.08 -51.07 10.43
N ASN F 583 -17.23 -51.29 11.06
CA ASN F 583 -18.21 -50.23 11.23
C ASN F 583 -17.71 -49.10 12.12
N ILE F 584 -16.69 -49.36 12.93
CA ILE F 584 -16.18 -48.38 13.89
C ILE F 584 -14.94 -47.73 13.29
N ASN F 585 -14.99 -46.39 13.14
CA ASN F 585 -13.86 -45.67 12.56
C ASN F 585 -12.72 -45.49 13.55
N LEU F 586 -13.00 -45.45 14.85
CA LEU F 586 -11.99 -45.13 15.82
C LEU F 586 -10.95 -46.25 15.92
N PRO F 587 -9.73 -45.94 16.34
CA PRO F 587 -8.72 -46.98 16.47
C PRO F 587 -9.13 -48.06 17.45
N ALA F 588 -8.74 -49.31 17.15
CA ALA F 588 -9.12 -50.44 17.98
C ALA F 588 -8.63 -50.27 19.42
N ALA F 589 -7.49 -49.61 19.61
CA ALA F 589 -6.96 -49.42 20.95
C ALA F 589 -7.91 -48.58 21.80
N LEU F 590 -8.49 -47.53 21.21
CA LEU F 590 -9.44 -46.70 21.94
C LEU F 590 -10.67 -47.51 22.35
N LEU F 591 -11.17 -48.35 21.44
CA LEU F 591 -12.31 -49.19 21.78
C LEU F 591 -11.96 -50.15 22.91
N SER F 592 -10.77 -50.74 22.86
CA SER F 592 -10.35 -51.67 23.91
C SER F 592 -10.26 -50.96 25.26
N ARG F 593 -9.74 -49.73 25.27
CA ARG F 593 -9.59 -49.00 26.52
C ARG F 593 -10.94 -48.67 27.15
N PHE F 594 -12.02 -48.62 26.38
CA PHE F 594 -13.33 -48.34 26.94
C PHE F 594 -13.78 -49.50 27.81
N ASP F 595 -14.20 -49.19 29.04
CA ASP F 595 -14.59 -50.24 29.98
C ASP F 595 -15.84 -50.96 29.49
N ILE F 596 -16.84 -50.22 29.04
CA ILE F 596 -18.09 -50.79 28.54
C ILE F 596 -18.46 -50.08 27.25
N LEU F 597 -18.83 -50.86 26.24
CA LEU F 597 -19.29 -50.33 24.95
C LEU F 597 -20.69 -50.85 24.70
N PHE F 598 -21.64 -49.93 24.51
CA PHE F 598 -23.03 -50.27 24.28
C PHE F 598 -23.39 -49.96 22.83
N LEU F 599 -23.88 -50.96 22.12
CA LEU F 599 -24.31 -50.81 20.73
C LEU F 599 -25.83 -50.76 20.70
N MET F 600 -26.38 -49.67 20.17
CA MET F 600 -27.82 -49.45 20.10
C MET F 600 -28.24 -49.39 18.64
N LEU F 601 -29.31 -50.11 18.31
CA LEU F 601 -29.78 -50.19 16.92
C LEU F 601 -31.29 -50.04 16.91
N ASP F 602 -31.80 -49.61 15.76
CA ASP F 602 -33.23 -49.41 15.54
C ASP F 602 -33.73 -50.50 14.60
N ILE F 603 -34.36 -51.52 15.17
CA ILE F 603 -34.89 -52.66 14.40
C ILE F 603 -36.40 -52.44 14.24
N PRO F 604 -36.90 -52.29 13.02
CA PRO F 604 -38.34 -52.08 12.85
C PRO F 604 -39.16 -53.23 13.41
N SER F 605 -40.33 -52.89 13.98
CA SER F 605 -41.23 -53.88 14.55
C SER F 605 -42.57 -53.20 14.82
N ARG F 606 -43.67 -53.92 14.55
CA ARG F 606 -44.99 -53.33 14.72
C ARG F 606 -45.20 -52.86 16.15
N ASP F 607 -44.98 -53.75 17.12
CA ASP F 607 -45.28 -53.45 18.51
C ASP F 607 -44.42 -52.30 19.02
N ASP F 608 -43.10 -52.41 18.86
CA ASP F 608 -42.20 -51.39 19.38
C ASP F 608 -42.45 -50.04 18.73
N ASP F 609 -42.66 -50.03 17.42
CA ASP F 609 -42.94 -48.77 16.73
C ASP F 609 -44.24 -48.15 17.22
N GLU F 610 -45.26 -48.99 17.43
CA GLU F 610 -46.54 -48.46 17.90
C GLU F 610 -46.40 -47.85 19.29
N LYS F 611 -45.72 -48.53 20.20
CA LYS F 611 -45.53 -47.98 21.54
C LYS F 611 -44.71 -46.69 21.48
N LEU F 612 -43.65 -46.67 20.67
CA LEU F 612 -42.84 -45.46 20.56
C LEU F 612 -43.67 -44.29 20.04
N ALA F 613 -44.48 -44.54 19.01
CA ALA F 613 -45.31 -43.47 18.45
C ALA F 613 -46.32 -42.98 19.48
N GLU F 614 -46.96 -43.90 20.21
CA GLU F 614 -47.91 -43.50 21.23
C GLU F 614 -47.24 -42.65 22.29
N HIS F 615 -46.05 -43.05 22.75
CA HIS F 615 -45.34 -42.30 23.77
C HIS F 615 -45.01 -40.90 23.27
N VAL F 616 -44.47 -40.79 22.06
CA VAL F 616 -44.09 -39.48 21.54
C VAL F 616 -45.33 -38.59 21.37
N THR F 617 -46.41 -39.16 20.86
CA THR F 617 -47.63 -38.38 20.65
C THR F 617 -48.19 -37.89 21.98
N TYR F 618 -48.21 -38.74 23.00
CA TYR F 618 -48.69 -38.31 24.31
C TYR F 618 -47.80 -37.21 24.88
N VAL F 619 -46.48 -37.36 24.75
CA VAL F 619 -45.58 -36.33 25.24
C VAL F 619 -45.85 -35.00 24.53
N HIS F 620 -46.05 -35.06 23.21
CA HIS F 620 -46.30 -33.84 22.45
C HIS F 620 -47.61 -33.18 22.88
N MET F 621 -48.65 -33.98 23.11
CA MET F 621 -49.95 -33.40 23.43
C MET F 621 -49.97 -32.85 24.86
N HIS F 622 -49.75 -33.72 25.84
CA HIS F 622 -49.99 -33.38 27.24
C HIS F 622 -48.77 -32.78 27.93
N ASN F 623 -47.62 -32.73 27.25
CA ASN F 623 -46.41 -32.13 27.82
C ASN F 623 -46.06 -32.77 29.18
N LYS F 624 -46.23 -34.09 29.26
CA LYS F 624 -45.93 -34.81 30.49
C LYS F 624 -45.65 -36.27 30.15
N GLN F 625 -45.03 -36.95 31.09
CA GLN F 625 -44.68 -38.35 30.88
C GLN F 625 -45.95 -39.19 30.74
N PRO F 626 -46.04 -40.04 29.70
CA PRO F 626 -47.26 -40.86 29.56
C PRO F 626 -47.35 -41.98 30.57
N ASP F 627 -46.23 -42.56 30.98
CA ASP F 627 -46.25 -43.70 31.89
C ASP F 627 -46.89 -43.31 33.21
N LEU F 628 -47.79 -44.17 33.70
CA LEU F 628 -48.42 -43.98 34.99
C LEU F 628 -48.30 -45.21 35.89
N ASP F 629 -47.68 -46.29 35.42
CA ASP F 629 -47.54 -47.49 36.24
C ASP F 629 -46.69 -47.20 37.48
N PHE F 630 -45.61 -46.42 37.30
CA PHE F 630 -44.71 -46.08 38.40
C PHE F 630 -44.49 -44.57 38.41
N THR F 631 -44.17 -44.04 39.59
CA THR F 631 -43.91 -42.63 39.76
C THR F 631 -42.41 -42.38 39.80
N PRO F 632 -41.85 -41.55 38.92
CA PRO F 632 -40.39 -41.35 38.93
C PRO F 632 -39.90 -40.76 40.24
N VAL F 633 -38.70 -41.19 40.65
CA VAL F 633 -38.11 -40.68 41.87
C VAL F 633 -37.66 -39.24 41.66
N GLU F 634 -37.68 -38.45 42.73
CA GLU F 634 -37.30 -37.05 42.63
C GLU F 634 -35.83 -36.93 42.27
N PRO F 635 -35.48 -36.02 41.34
CA PRO F 635 -34.07 -35.90 40.95
C PRO F 635 -33.14 -35.55 42.10
N SER F 636 -33.59 -34.70 43.03
CA SER F 636 -32.74 -34.30 44.15
C SER F 636 -32.34 -35.50 44.98
N LYS F 637 -33.31 -36.38 45.29
CA LYS F 637 -33.01 -37.58 46.05
C LYS F 637 -32.00 -38.45 45.30
N MET F 638 -32.17 -38.60 44.00
CA MET F 638 -31.26 -39.42 43.21
C MET F 638 -29.85 -38.87 43.25
N ARG F 639 -29.70 -37.55 43.08
CA ARG F 639 -28.36 -36.98 43.05
C ARG F 639 -27.69 -37.06 44.43
N GLU F 640 -28.44 -36.81 45.50
CA GLU F 640 -27.81 -36.92 46.82
C GLU F 640 -27.48 -38.37 47.15
N TYR F 641 -28.30 -39.32 46.70
CA TYR F 641 -27.96 -40.73 46.87
C TYR F 641 -26.69 -41.07 46.11
N ILE F 642 -26.54 -40.54 44.89
CA ILE F 642 -25.33 -40.77 44.11
C ILE F 642 -24.12 -40.20 44.85
N ALA F 643 -24.26 -39.01 45.41
CA ALA F 643 -23.15 -38.42 46.18
C ALA F 643 -22.80 -39.28 47.38
N TYR F 644 -23.81 -39.77 48.10
CA TYR F 644 -23.56 -40.64 49.24
C TYR F 644 -22.82 -41.90 48.81
N ALA F 645 -23.25 -42.51 47.70
CA ALA F 645 -22.59 -43.70 47.19
C ALA F 645 -21.14 -43.39 46.83
N LYS F 646 -20.89 -42.25 46.20
CA LYS F 646 -19.53 -41.87 45.86
C LYS F 646 -18.67 -41.73 47.11
N THR F 647 -19.22 -41.13 48.17
CA THR F 647 -18.48 -41.00 49.41
C THR F 647 -18.12 -42.36 50.01
N LYS F 648 -18.87 -43.40 49.65
CA LYS F 648 -18.68 -44.71 50.24
C LYS F 648 -17.49 -45.43 49.62
N ARG F 649 -16.88 -46.32 50.39
CA ARG F 649 -15.74 -47.12 49.93
C ARG F 649 -16.03 -48.60 50.19
N PRO F 650 -16.07 -49.45 49.15
CA PRO F 650 -16.30 -50.88 49.40
C PRO F 650 -15.01 -51.66 49.65
N VAL F 651 -15.14 -52.99 49.80
CA VAL F 651 -13.99 -53.85 50.01
C VAL F 651 -14.36 -55.24 49.50
N MET F 652 -13.34 -55.99 49.07
CA MET F 652 -13.52 -57.32 48.49
C MET F 652 -12.66 -58.33 49.23
N SER F 653 -13.11 -59.58 49.22
CA SER F 653 -12.46 -60.67 49.92
C SER F 653 -11.69 -61.56 48.94
N GLU F 654 -11.08 -62.63 49.47
CA GLU F 654 -10.32 -63.55 48.64
C GLU F 654 -11.23 -64.50 47.86
N ALA F 655 -12.35 -64.92 48.45
CA ALA F 655 -13.26 -65.81 47.74
C ALA F 655 -13.85 -65.13 46.51
N VAL F 656 -14.27 -63.87 46.64
CA VAL F 656 -14.76 -63.14 45.49
C VAL F 656 -13.64 -62.93 44.48
N ASN F 657 -12.40 -62.75 44.94
CA ASN F 657 -11.28 -62.65 44.01
C ASN F 657 -11.12 -63.93 43.20
N ASP F 658 -11.21 -65.08 43.85
CA ASP F 658 -11.10 -66.34 43.12
C ASP F 658 -12.27 -66.52 42.15
N TYR F 659 -13.48 -66.12 42.56
CA TYR F 659 -14.62 -66.18 41.66
C TYR F 659 -14.39 -65.30 40.43
N VAL F 660 -13.85 -64.11 40.64
CA VAL F 660 -13.57 -63.21 39.52
C VAL F 660 -12.50 -63.81 38.62
N VAL F 661 -11.51 -64.48 39.21
CA VAL F 661 -10.47 -65.12 38.40
C VAL F 661 -11.08 -66.21 37.53
N GLN F 662 -11.96 -67.03 38.11
CA GLN F 662 -12.62 -68.07 37.33
C GLN F 662 -13.47 -67.47 36.21
N ALA F 663 -14.23 -66.42 36.53
CA ALA F 663 -15.01 -65.74 35.50
C ALA F 663 -14.10 -65.21 34.40
N TYR F 664 -12.92 -64.71 34.78
CA TYR F 664 -11.99 -64.18 33.79
C TYR F 664 -11.47 -65.26 32.86
N ILE F 665 -11.11 -66.43 33.40
CA ILE F 665 -10.60 -67.48 32.52
C ILE F 665 -11.71 -67.94 31.59
N ARG F 666 -12.93 -68.09 32.12
CA ARG F 666 -14.06 -68.49 31.27
C ARG F 666 -14.28 -67.47 30.17
N LEU F 667 -14.29 -66.19 30.51
CA LEU F 667 -14.51 -65.13 29.53
C LEU F 667 -13.39 -65.10 28.50
N ARG F 668 -12.15 -65.33 28.93
CA ARG F 668 -11.03 -65.33 28.01
C ARG F 668 -11.16 -66.46 26.99
N GLN F 669 -11.50 -67.66 27.47
CA GLN F 669 -11.70 -68.78 26.54
C GLN F 669 -12.84 -68.49 25.57
N ASP F 670 -13.96 -68.00 26.09
CA ASP F 670 -15.11 -67.70 25.23
C ASP F 670 -14.76 -66.64 24.20
N SER F 671 -14.03 -65.61 24.62
CA SER F 671 -13.70 -64.51 23.71
C SER F 671 -12.70 -64.96 22.65
N LYS F 672 -11.75 -65.83 23.02
CA LYS F 672 -10.84 -66.38 22.02
C LYS F 672 -11.62 -67.20 20.99
N ARG F 673 -12.53 -68.05 21.47
CA ARG F 673 -13.33 -68.84 20.54
C ARG F 673 -14.16 -67.94 19.62
N GLU F 674 -14.74 -66.88 20.17
CA GLU F 674 -15.53 -65.95 19.35
C GLU F 674 -14.64 -65.23 18.34
N MET F 675 -13.46 -64.77 18.77
CA MET F 675 -12.57 -64.06 17.87
C MET F 675 -11.99 -64.96 16.80
N ASP F 676 -12.02 -66.28 17.02
CA ASP F 676 -11.68 -67.18 15.92
C ASP F 676 -12.54 -66.90 14.69
N SER F 677 -13.76 -66.41 14.91
CA SER F 677 -14.60 -65.85 13.87
C SER F 677 -14.46 -64.33 13.83
N LYS F 678 -15.04 -63.72 12.80
CA LYS F 678 -14.94 -62.28 12.61
C LYS F 678 -16.03 -61.49 13.32
N PHE F 679 -16.99 -62.16 13.95
CA PHE F 679 -18.10 -61.45 14.57
C PHE F 679 -17.71 -60.76 15.86
N SER F 680 -16.69 -61.29 16.56
CA SER F 680 -16.33 -60.76 17.87
C SER F 680 -15.81 -59.33 17.75
N PHE F 681 -16.23 -58.47 18.68
CA PHE F 681 -15.71 -57.11 18.74
C PHE F 681 -14.22 -57.12 19.04
N GLY F 682 -13.80 -57.95 19.99
CA GLY F 682 -12.39 -58.02 20.36
C GLY F 682 -12.20 -59.04 21.47
N GLN F 683 -10.97 -59.50 21.59
CA GLN F 683 -10.63 -60.50 22.60
C GLN F 683 -10.62 -59.86 23.99
N ALA F 684 -11.04 -60.63 24.98
CA ALA F 684 -10.96 -60.17 26.36
C ALA F 684 -9.51 -60.02 26.79
N THR F 685 -9.24 -58.98 27.54
CA THR F 685 -7.90 -58.62 27.98
C THR F 685 -7.91 -58.27 29.46
N PRO F 686 -6.74 -58.25 30.10
CA PRO F 686 -6.71 -57.80 31.50
C PRO F 686 -7.41 -56.48 31.73
N ARG F 687 -7.51 -55.64 30.69
CA ARG F 687 -8.30 -54.42 30.80
C ARG F 687 -9.76 -54.76 31.05
N THR F 688 -10.27 -55.80 30.39
CA THR F 688 -11.63 -56.25 30.68
C THR F 688 -11.77 -56.69 32.13
N LEU F 689 -10.76 -57.39 32.65
CA LEU F 689 -10.75 -57.72 34.07
C LEU F 689 -10.90 -56.46 34.91
N LEU F 690 -9.93 -55.55 34.81
CA LEU F 690 -9.95 -54.34 35.62
C LEU F 690 -11.30 -53.63 35.52
N GLY F 691 -11.87 -53.60 34.32
CA GLY F 691 -13.21 -53.03 34.18
C GLY F 691 -14.25 -53.79 34.96
N ILE F 692 -14.13 -55.12 34.99
CA ILE F 692 -15.11 -55.93 35.74
C ILE F 692 -15.02 -55.62 37.23
N ILE F 693 -13.80 -55.57 37.77
CA ILE F 693 -13.65 -55.22 39.18
C ILE F 693 -14.12 -53.79 39.44
N ARG F 694 -13.88 -52.88 38.50
CA ARG F 694 -14.35 -51.50 38.69
C ARG F 694 -15.88 -51.46 38.77
N LEU F 695 -16.55 -52.18 37.86
CA LEU F 695 -18.00 -52.22 37.88
C LEU F 695 -18.51 -52.87 39.17
N SER F 696 -17.84 -53.94 39.62
CA SER F 696 -18.25 -54.58 40.86
C SER F 696 -18.10 -53.62 42.04
N GLN F 697 -17.01 -52.87 42.10
CA GLN F 697 -16.82 -51.90 43.17
C GLN F 697 -17.89 -50.82 43.12
N ALA F 698 -18.22 -50.34 41.92
CA ALA F 698 -19.28 -49.34 41.79
C ALA F 698 -20.62 -49.89 42.27
N LEU F 699 -20.92 -51.14 41.91
CA LEU F 699 -22.18 -51.74 42.36
C LEU F 699 -22.20 -51.91 43.87
N ALA F 700 -21.06 -52.29 44.45
CA ALA F 700 -20.98 -52.39 45.91
C ALA F 700 -21.20 -51.03 46.56
N LYS F 701 -20.60 -49.98 46.00
CA LYS F 701 -20.88 -48.63 46.48
C LYS F 701 -22.38 -48.34 46.41
N LEU F 702 -23.03 -48.77 45.34
CA LEU F 702 -24.47 -48.61 45.23
C LEU F 702 -25.19 -49.32 46.37
N ARG F 703 -24.77 -50.55 46.67
CA ARG F 703 -25.45 -51.36 47.69
C ARG F 703 -25.28 -50.79 49.09
N LEU F 704 -24.31 -49.92 49.30
CA LEU F 704 -24.00 -49.37 50.62
C LEU F 704 -23.52 -50.44 51.59
N ALA F 705 -23.00 -51.56 51.07
CA ALA F 705 -22.45 -52.63 51.88
C ALA F 705 -20.96 -52.76 51.56
N ASP F 706 -20.13 -52.81 52.61
CA ASP F 706 -18.68 -52.78 52.40
C ASP F 706 -18.22 -53.97 51.60
N MET F 707 -18.70 -55.16 51.93
CA MET F 707 -18.23 -56.38 51.27
C MET F 707 -18.84 -56.48 49.87
N VAL F 708 -17.99 -56.75 48.88
CA VAL F 708 -18.45 -56.98 47.52
C VAL F 708 -19.07 -58.38 47.47
N ASP F 709 -20.31 -58.47 47.00
CA ASP F 709 -21.04 -59.72 46.95
C ASP F 709 -20.95 -60.34 45.56
N ILE F 710 -21.22 -61.65 45.51
CA ILE F 710 -21.21 -62.37 44.24
C ILE F 710 -22.30 -61.85 43.32
N ASP F 711 -23.42 -61.38 43.89
CA ASP F 711 -24.50 -60.85 43.08
C ASP F 711 -24.04 -59.64 42.27
N ASP F 712 -23.22 -58.78 42.88
CA ASP F 712 -22.71 -57.62 42.15
C ASP F 712 -21.84 -58.04 40.97
N VAL F 713 -20.98 -59.05 41.18
CA VAL F 713 -20.11 -59.51 40.10
C VAL F 713 -20.95 -60.12 38.98
N GLU F 714 -21.96 -60.91 39.34
CA GLU F 714 -22.84 -61.49 38.32
C GLU F 714 -23.58 -60.41 37.55
N GLU F 715 -24.05 -59.38 38.25
CA GLU F 715 -24.73 -58.28 37.58
C GLU F 715 -23.80 -57.55 36.63
N ALA F 716 -22.55 -57.33 37.04
CA ALA F 716 -21.58 -56.69 36.16
C ALA F 716 -21.31 -57.54 34.93
N LEU F 717 -21.19 -58.86 35.12
CA LEU F 717 -20.95 -59.74 33.99
C LEU F 717 -22.12 -59.72 33.01
N ARG F 718 -23.35 -59.75 33.52
CA ARG F 718 -24.51 -59.72 32.64
C ARG F 718 -24.61 -58.37 31.93
N LEU F 719 -24.27 -57.28 32.61
CA LEU F 719 -24.23 -55.98 31.95
C LEU F 719 -23.22 -55.99 30.82
N VAL F 720 -22.05 -56.59 31.05
CA VAL F 720 -21.03 -56.66 30.01
C VAL F 720 -21.55 -57.45 28.81
N ARG F 721 -22.20 -58.58 29.08
CA ARG F 721 -22.75 -59.39 27.99
C ARG F 721 -23.81 -58.63 27.20
N VAL F 722 -24.74 -57.96 27.90
CA VAL F 722 -25.87 -57.33 27.23
C VAL F 722 -25.49 -56.00 26.59
N SER F 723 -24.35 -55.42 26.95
CA SER F 723 -23.92 -54.19 26.31
C SER F 723 -23.71 -54.39 24.82
N LYS F 724 -23.10 -55.50 24.43
CA LYS F 724 -22.78 -55.76 23.03
C LYS F 724 -23.50 -56.99 22.47
N GLU F 725 -23.35 -58.16 23.11
CA GLU F 725 -23.81 -59.39 22.49
C GLU F 725 -25.32 -59.39 22.31
N SER F 726 -26.05 -58.84 23.28
CA SER F 726 -27.51 -58.86 23.22
C SER F 726 -28.01 -58.24 21.93
N LEU F 727 -27.42 -57.10 21.53
CA LEU F 727 -27.85 -56.45 20.31
C LEU F 727 -27.18 -57.03 19.07
N TYR F 728 -25.93 -57.51 19.19
CA TYR F 728 -25.27 -58.08 18.03
C TYR F 728 -25.97 -59.34 17.54
N GLN F 729 -26.37 -60.21 18.46
CA GLN F 729 -27.04 -61.45 18.07
C GLN F 729 -28.36 -61.17 17.37
N GLU F 730 -29.02 -60.07 17.71
CA GLU F 730 -30.28 -59.72 17.07
C GLU F 730 -30.06 -59.37 15.61
N MET G 1 -61.29 -8.24 -24.41
CA MET G 1 -62.67 -7.68 -24.57
C MET G 1 -63.05 -7.67 -26.05
N TYR G 2 -63.35 -6.49 -26.60
CA TYR G 2 -63.79 -6.36 -27.98
C TYR G 2 -62.95 -5.39 -28.79
N GLY G 3 -62.53 -4.27 -28.21
CA GLY G 3 -61.80 -3.26 -28.93
C GLY G 3 -60.29 -3.43 -28.90
N ASP G 4 -59.78 -4.56 -28.44
CA ASP G 4 -58.34 -4.75 -28.36
C ASP G 4 -57.70 -4.76 -29.75
N LEU G 5 -58.35 -5.44 -30.71
CA LEU G 5 -57.81 -5.47 -32.06
C LEU G 5 -57.78 -4.07 -32.68
N GLY G 6 -58.85 -3.30 -32.47
CA GLY G 6 -58.86 -1.93 -32.95
C GLY G 6 -57.79 -1.08 -32.30
N ASN G 7 -57.57 -1.28 -31.00
CA ASN G 7 -56.51 -0.54 -30.31
C ASN G 7 -55.15 -0.88 -30.88
N LYS G 8 -54.91 -2.17 -31.17
CA LYS G 8 -53.64 -2.55 -31.78
C LYS G 8 -53.48 -1.93 -33.16
N LEU G 9 -54.56 -1.90 -33.93
CA LEU G 9 -54.51 -1.27 -35.26
C LEU G 9 -54.18 0.21 -35.14
N VAL G 10 -54.79 0.90 -34.17
CA VAL G 10 -54.50 2.32 -33.98
C VAL G 10 -53.07 2.51 -33.50
N LEU G 11 -52.55 1.60 -32.69
CA LEU G 11 -51.14 1.68 -32.31
C LEU G 11 -50.25 1.58 -33.54
N GLU G 12 -50.57 0.67 -34.46
CA GLU G 12 -49.80 0.55 -35.68
C GLU G 12 -49.93 1.82 -36.53
N ALA G 13 -51.12 2.42 -36.55
CA ALA G 13 -51.30 3.68 -37.25
C ALA G 13 -50.42 4.78 -36.66
N LYS G 14 -50.33 4.83 -35.33
CA LYS G 14 -49.45 5.80 -34.68
C LYS G 14 -48.00 5.54 -35.05
N ARG G 15 -47.60 4.27 -35.09
CA ARG G 15 -46.24 3.95 -35.52
C ARG G 15 -45.98 4.44 -36.94
N THR G 16 -46.95 4.24 -37.84
CA THR G 16 -46.80 4.71 -39.21
C THR G 16 -46.69 6.22 -39.27
N LYS G 17 -47.50 6.92 -38.47
CA LYS G 17 -47.43 8.38 -38.45
C LYS G 17 -46.06 8.86 -37.95
N GLN G 18 -45.54 8.21 -36.91
CA GLN G 18 -44.22 8.58 -36.40
C GLN G 18 -43.14 8.32 -37.44
N LEU G 19 -43.25 7.19 -38.15
CA LEU G 19 -42.29 6.91 -39.23
C LEU G 19 -42.35 7.98 -40.31
N TYR G 20 -43.57 8.39 -40.69
CA TYR G 20 -43.72 9.45 -41.68
C TYR G 20 -43.08 10.74 -41.20
N ALA G 21 -43.31 11.10 -39.93
CA ALA G 21 -42.74 12.34 -39.40
C ALA G 21 -41.21 12.28 -39.39
N ARG G 22 -40.65 11.16 -38.93
CA ARG G 22 -39.20 11.05 -38.83
C ARG G 22 -38.54 11.09 -40.20
N SER G 23 -39.14 10.42 -41.18
CA SER G 23 -38.52 10.32 -42.51
C SER G 23 -38.26 11.71 -43.09
N ASN G 24 -37.08 11.88 -43.68
CA ASN G 24 -36.70 13.18 -44.22
C ASN G 24 -37.28 13.39 -45.61
N GLN G 25 -36.89 12.55 -46.57
CA GLN G 25 -37.29 12.71 -47.96
C GLN G 25 -38.08 11.52 -48.49
N ASP G 26 -37.59 10.31 -48.28
CA ASP G 26 -38.18 9.10 -48.85
C ASP G 26 -39.12 8.45 -47.85
N VAL G 27 -40.36 8.20 -48.27
CA VAL G 27 -41.36 7.55 -47.43
C VAL G 27 -41.99 6.41 -48.24
N ASN G 28 -42.07 5.23 -47.63
CA ASN G 28 -42.73 4.09 -48.23
C ASN G 28 -43.77 3.57 -47.23
N LEU G 29 -45.03 3.57 -47.64
CA LEU G 29 -46.08 3.16 -46.73
C LEU G 29 -45.92 1.68 -46.38
N PRO G 30 -46.08 1.29 -45.12
CA PRO G 30 -46.01 -0.13 -44.76
C PRO G 30 -47.11 -0.92 -45.47
N MET G 31 -47.00 -2.24 -45.36
CA MET G 31 -47.98 -3.12 -45.99
C MET G 31 -49.33 -2.97 -45.32
N TYR G 32 -50.38 -2.93 -46.13
CA TYR G 32 -51.74 -2.87 -45.62
C TYR G 32 -51.99 -4.04 -44.69
N HIS G 33 -52.43 -3.75 -43.46
CA HIS G 33 -52.63 -4.77 -42.44
C HIS G 33 -53.95 -5.47 -42.73
N GLU G 34 -53.92 -6.36 -43.70
CA GLU G 34 -55.14 -7.05 -44.13
C GLU G 34 -55.67 -7.96 -43.04
N ASP G 35 -54.78 -8.68 -42.34
CA ASP G 35 -55.23 -9.68 -41.37
C ASP G 35 -55.96 -9.02 -40.19
N ILE G 36 -55.41 -7.91 -39.67
CA ILE G 36 -56.05 -7.27 -38.52
C ILE G 36 -57.41 -6.73 -38.90
N ILE G 37 -57.52 -6.11 -40.08
CA ILE G 37 -58.80 -5.57 -40.52
C ILE G 37 -59.79 -6.71 -40.76
N ARG G 38 -59.32 -7.84 -41.29
CA ARG G 38 -60.18 -8.99 -41.47
C ARG G 38 -60.73 -9.48 -40.13
N ASN G 39 -59.86 -9.55 -39.13
CA ASN G 39 -60.30 -9.98 -37.81
C ASN G 39 -61.31 -8.99 -37.22
N ILE G 40 -61.07 -7.68 -37.41
CA ILE G 40 -61.99 -6.68 -36.90
C ILE G 40 -63.35 -6.82 -37.57
N LEU G 41 -63.37 -7.04 -38.88
CA LEU G 41 -64.64 -7.20 -39.58
C LEU G 41 -65.36 -8.47 -39.16
N LYS G 42 -64.61 -9.54 -38.91
CA LYS G 42 -65.23 -10.76 -38.40
C LYS G 42 -65.86 -10.51 -37.03
N GLU G 43 -65.17 -9.75 -36.17
CA GLU G 43 -65.72 -9.40 -34.87
C GLU G 43 -66.98 -8.56 -35.02
N VAL G 44 -66.99 -7.63 -35.96
CA VAL G 44 -68.19 -6.83 -36.22
C VAL G 44 -69.33 -7.72 -36.66
N SER G 45 -69.04 -8.71 -37.51
CA SER G 45 -70.09 -9.64 -37.94
C SER G 45 -70.62 -10.44 -36.76
N ASN G 46 -69.74 -10.87 -35.86
CA ASN G 46 -70.19 -11.58 -34.67
C ASN G 46 -71.08 -10.69 -33.81
N LEU G 47 -70.72 -9.41 -33.68
CA LEU G 47 -71.56 -8.49 -32.92
C LEU G 47 -72.92 -8.30 -33.58
N ARG G 48 -72.95 -8.24 -34.92
CA ARG G 48 -74.22 -8.16 -35.61
C ARG G 48 -75.07 -9.40 -35.36
N LYS G 49 -74.43 -10.58 -35.36
CA LYS G 49 -75.15 -11.80 -35.03
C LYS G 49 -75.72 -11.74 -33.61
N ASN G 50 -74.93 -11.21 -32.68
CA ASN G 50 -75.41 -11.05 -31.30
C ASN G 50 -76.63 -10.13 -31.25
N THR G 51 -76.59 -9.02 -32.00
CA THR G 51 -77.72 -8.10 -32.02
C THR G 51 -78.96 -8.75 -32.60
N GLU G 52 -78.80 -9.51 -33.69
CA GLU G 52 -79.94 -10.20 -34.29
C GLU G 52 -80.51 -11.23 -33.32
N TYR G 53 -79.64 -11.97 -32.63
CA TYR G 53 -80.11 -12.94 -31.66
C TYR G 53 -80.86 -12.27 -30.51
N LEU G 54 -80.35 -11.12 -30.04
CA LEU G 54 -81.04 -10.40 -28.98
C LEU G 54 -82.41 -9.93 -29.44
N LYS G 55 -82.50 -9.42 -30.67
CA LYS G 55 -83.80 -8.98 -31.19
C LYS G 55 -84.77 -10.16 -31.29
N GLU G 56 -84.29 -11.30 -31.78
CA GLU G 56 -85.14 -12.47 -31.88
C GLU G 56 -85.59 -12.93 -30.50
N GLN G 57 -84.69 -12.92 -29.52
CA GLN G 57 -85.06 -13.30 -28.16
C GLN G 57 -86.12 -12.35 -27.61
N GLN G 58 -85.97 -11.06 -27.85
CA GLN G 58 -86.97 -10.10 -27.41
C GLN G 58 -88.32 -10.36 -28.07
N GLN G 59 -88.30 -10.71 -29.36
CA GLN G 59 -89.55 -11.04 -30.05
C GLN G 59 -90.22 -12.25 -29.41
N LEU G 60 -89.46 -13.27 -29.07
CA LEU G 60 -89.99 -14.47 -28.42
C LEU G 60 -88.95 -14.95 -27.41
N GLY G 61 -89.12 -14.55 -26.15
CA GLY G 61 -88.20 -14.94 -25.10
C GLY G 61 -88.60 -14.31 -23.79
N MET G 62 -87.83 -14.65 -22.75
CA MET G 62 -88.07 -14.15 -21.41
C MET G 62 -87.23 -12.95 -21.06
N LEU G 63 -86.42 -12.44 -22.00
CA LEU G 63 -85.60 -11.27 -21.73
C LEU G 63 -86.47 -10.06 -21.44
N ASP G 64 -86.04 -9.26 -20.47
CA ASP G 64 -86.79 -8.08 -20.04
C ASP G 64 -86.19 -6.82 -20.67
N ASP G 65 -86.78 -5.67 -20.32
CA ASP G 65 -86.43 -4.43 -21.02
C ASP G 65 -85.05 -3.94 -20.63
N LYS G 66 -84.71 -3.95 -19.34
CA LYS G 66 -83.44 -3.39 -18.90
C LYS G 66 -82.27 -4.18 -19.49
N VAL G 67 -82.36 -5.52 -19.44
CA VAL G 67 -81.28 -6.36 -19.96
C VAL G 67 -81.11 -6.14 -21.45
N ALA G 68 -82.22 -6.11 -22.18
CA ALA G 68 -82.15 -5.88 -23.62
C ALA G 68 -81.53 -4.53 -23.93
N LYS G 69 -81.94 -3.49 -23.20
CA LYS G 69 -81.40 -2.16 -23.44
C LYS G 69 -79.89 -2.14 -23.21
N CYS G 70 -79.45 -2.70 -22.08
CA CYS G 70 -78.02 -2.67 -21.77
C CYS G 70 -77.21 -3.46 -22.79
N GLN G 71 -77.68 -4.65 -23.16
CA GLN G 71 -76.94 -5.46 -24.14
C GLN G 71 -76.88 -4.77 -25.49
N TYR G 72 -78.01 -4.20 -25.93
CA TYR G 72 -78.03 -3.50 -27.22
C TYR G 72 -77.08 -2.31 -27.20
N PHE G 73 -77.08 -1.55 -26.11
CA PHE G 73 -76.20 -0.38 -26.03
C PHE G 73 -74.74 -0.81 -26.04
N VAL G 74 -74.40 -1.88 -25.31
CA VAL G 74 -73.02 -2.33 -25.28
C VAL G 74 -72.59 -2.77 -26.68
N THR G 75 -73.45 -3.52 -27.37
CA THR G 75 -73.11 -3.98 -28.73
C THR G 75 -72.91 -2.80 -29.65
N LEU G 76 -73.82 -1.82 -29.60
CA LEU G 76 -73.71 -0.66 -30.49
C LEU G 76 -72.44 0.13 -30.21
N LEU G 77 -72.10 0.31 -28.93
CA LEU G 77 -70.88 1.03 -28.60
C LEU G 77 -69.64 0.30 -29.08
N CYS G 78 -69.61 -1.03 -28.93
CA CYS G 78 -68.47 -1.79 -29.44
C CYS G 78 -68.34 -1.64 -30.95
N MET G 79 -69.46 -1.70 -31.67
CA MET G 79 -69.41 -1.51 -33.12
C MET G 79 -68.91 -0.11 -33.47
N GLU G 80 -69.37 0.91 -32.74
CA GLU G 80 -68.89 2.26 -32.97
C GLU G 80 -67.39 2.37 -32.77
N ARG G 81 -66.88 1.75 -31.70
CA ARG G 81 -65.44 1.81 -31.43
C ARG G 81 -64.65 1.15 -32.56
N ASN G 82 -65.09 -0.02 -33.01
CA ASN G 82 -64.38 -0.70 -34.09
C ASN G 82 -64.42 0.13 -35.37
N LYS G 83 -65.57 0.71 -35.69
CA LYS G 83 -65.68 1.55 -36.86
C LYS G 83 -64.74 2.74 -36.78
N ARG G 84 -64.68 3.37 -35.60
CA ARG G 84 -63.80 4.54 -35.44
C ARG G 84 -62.34 4.15 -35.64
N CYS G 85 -61.92 3.03 -35.06
CA CYS G 85 -60.53 2.61 -35.22
C CYS G 85 -60.21 2.36 -36.70
N LEU G 86 -61.08 1.60 -37.39
CA LEU G 86 -60.84 1.33 -38.80
C LEU G 86 -60.75 2.61 -39.61
N LEU G 87 -61.69 3.53 -39.37
CA LEU G 87 -61.73 4.76 -40.15
C LEU G 87 -60.51 5.62 -39.88
N ALA G 88 -60.06 5.68 -38.62
CA ALA G 88 -58.87 6.46 -38.31
C ALA G 88 -57.65 5.90 -39.04
N TYR G 89 -57.48 4.58 -38.99
CA TYR G 89 -56.35 3.96 -39.68
C TYR G 89 -56.39 4.27 -41.17
N GLN G 90 -57.56 4.07 -41.79
CA GLN G 90 -57.68 4.29 -43.22
C GLN G 90 -57.46 5.75 -43.59
N ARG G 91 -57.96 6.67 -42.75
CA ARG G 91 -57.80 8.09 -43.02
C ARG G 91 -56.34 8.51 -42.94
N LEU G 92 -55.60 7.99 -41.96
CA LEU G 92 -54.17 8.31 -41.88
C LEU G 92 -53.44 7.81 -43.13
N ARG G 93 -53.72 6.57 -43.54
CA ARG G 93 -53.07 6.05 -44.73
C ARG G 93 -53.43 6.88 -45.96
N THR G 94 -54.69 7.27 -46.07
CA THR G 94 -55.12 8.09 -47.20
C THR G 94 -54.46 9.45 -47.20
N ASP G 95 -54.28 10.05 -46.03
CA ASP G 95 -53.59 11.34 -45.96
C ASP G 95 -52.15 11.21 -46.42
N ILE G 96 -51.46 10.15 -46.00
CA ILE G 96 -50.09 9.96 -46.46
C ILE G 96 -50.06 9.75 -47.97
N LEU G 97 -51.01 8.98 -48.50
CA LEU G 97 -51.09 8.79 -49.95
C LEU G 97 -51.35 10.10 -50.67
N ASP G 98 -52.18 10.96 -50.08
CA ASP G 98 -52.47 12.26 -50.67
C ASP G 98 -51.21 13.12 -50.75
N SER G 99 -50.44 13.13 -49.67
CA SER G 99 -49.18 13.86 -49.66
C SER G 99 -48.24 13.31 -50.73
N MET G 100 -48.15 11.98 -50.84
CA MET G 100 -47.30 11.39 -51.87
C MET G 100 -47.74 11.81 -53.26
N ALA G 101 -49.05 11.80 -53.51
CA ALA G 101 -49.56 12.17 -54.83
C ALA G 101 -49.23 13.62 -55.15
N TRP G 102 -49.40 14.52 -54.17
CA TRP G 102 -49.06 15.92 -54.43
C TRP G 102 -47.56 16.11 -54.62
N ASN G 103 -46.73 15.31 -53.95
CA ASN G 103 -45.29 15.45 -54.10
C ASN G 103 -44.87 15.24 -55.55
N ASN G 104 -45.43 14.24 -56.21
CA ASN G 104 -45.20 14.04 -57.63
C ASN G 104 -46.00 15.06 -58.44
N ASN G 105 -45.64 15.19 -59.72
CA ASN G 105 -46.32 16.14 -60.59
C ASN G 105 -47.80 15.81 -60.75
N GLY G 106 -48.20 14.58 -60.48
CA GLY G 106 -49.59 14.19 -60.60
C GLY G 106 -49.79 12.69 -60.57
N ASP G 119 -43.11 -0.53 -52.99
CA ASP G 119 -43.82 -0.08 -54.18
C ASP G 119 -45.33 -0.06 -53.93
N THR G 120 -46.11 -0.13 -55.01
CA THR G 120 -47.56 -0.16 -54.88
C THR G 120 -48.07 -1.45 -54.26
N ASN G 121 -47.23 -2.48 -54.13
CA ASN G 121 -47.66 -3.74 -53.55
C ASN G 121 -48.16 -3.57 -52.12
N ASN G 122 -47.64 -2.59 -51.39
CA ASN G 122 -48.12 -2.34 -50.03
C ASN G 122 -49.56 -1.86 -50.02
N LEU G 123 -49.94 -1.06 -51.02
CA LEU G 123 -51.31 -0.57 -51.10
C LEU G 123 -52.28 -1.71 -51.40
N SER G 124 -53.52 -1.53 -50.98
CA SER G 124 -54.59 -2.43 -51.36
C SER G 124 -55.19 -1.99 -52.69
N HIS G 125 -56.11 -2.79 -53.23
CA HIS G 125 -56.74 -2.43 -54.50
C HIS G 125 -57.55 -1.15 -54.37
N GLN G 126 -58.30 -1.00 -53.27
CA GLN G 126 -59.05 0.23 -53.07
C GLN G 126 -58.14 1.44 -52.99
N GLU G 127 -57.02 1.30 -52.27
CA GLU G 127 -56.09 2.42 -52.15
C GLU G 127 -55.43 2.75 -53.48
N GLN G 128 -55.12 1.73 -54.28
CA GLN G 128 -54.54 1.98 -55.60
C GLN G 128 -55.52 2.74 -56.49
N GLU G 129 -56.79 2.30 -56.49
CA GLU G 129 -57.79 3.00 -57.28
C GLU G 129 -57.97 4.44 -56.78
N TYR G 130 -57.97 4.63 -55.46
CA TYR G 130 -58.07 5.97 -54.89
C TYR G 130 -56.92 6.84 -55.35
N LEU G 131 -55.70 6.30 -55.33
CA LEU G 131 -54.54 7.08 -55.75
C LEU G 131 -54.65 7.45 -57.22
N LYS G 132 -55.07 6.51 -58.07
CA LYS G 132 -55.21 6.82 -59.49
C LYS G 132 -56.24 7.93 -59.70
N GLU G 133 -57.39 7.83 -59.05
CA GLU G 133 -58.41 8.84 -59.21
C GLU G 133 -57.96 10.19 -58.67
N TYR G 134 -57.22 10.20 -57.57
CA TYR G 134 -56.74 11.48 -57.03
C TYR G 134 -55.73 12.13 -57.96
N CYS G 135 -54.84 11.32 -58.57
CA CYS G 135 -53.90 11.88 -59.54
C CYS G 135 -54.66 12.46 -60.74
N ASP G 136 -55.69 11.76 -61.21
CA ASP G 136 -56.50 12.30 -62.29
C ASP G 136 -57.14 13.62 -61.88
N LEU G 137 -57.66 13.69 -60.66
CA LEU G 137 -58.28 14.93 -60.18
C LEU G 137 -57.27 16.07 -60.12
N ILE G 138 -56.05 15.77 -59.66
CA ILE G 138 -55.01 16.80 -59.59
C ILE G 138 -54.70 17.32 -60.99
N THR G 139 -54.57 16.41 -61.96
CA THR G 139 -54.30 16.84 -63.33
C THR G 139 -55.45 17.69 -63.86
N ASP G 140 -56.69 17.28 -63.60
CA ASP G 140 -57.84 18.07 -64.04
C ASP G 140 -57.81 19.47 -63.44
N LEU G 141 -57.47 19.57 -62.15
CA LEU G 141 -57.34 20.87 -61.52
C LEU G 141 -56.26 21.70 -62.20
N LYS G 142 -55.12 21.09 -62.49
CA LYS G 142 -54.05 21.81 -63.18
C LYS G 142 -54.45 22.23 -64.58
N SER G 143 -55.45 21.58 -65.17
CA SER G 143 -55.86 21.90 -66.53
C SER G 143 -56.81 23.10 -66.62
N GLY G 144 -57.19 23.70 -65.49
CA GLY G 144 -58.18 24.75 -65.51
C GLY G 144 -57.62 26.15 -65.66
N ASP G 145 -58.29 27.14 -65.06
CA ASP G 145 -57.85 28.53 -65.15
C ASP G 145 -56.52 28.77 -64.47
N LEU G 146 -56.05 27.83 -63.64
CA LEU G 146 -54.75 27.93 -63.01
C LEU G 146 -53.64 27.29 -63.85
N VAL G 147 -53.82 27.26 -65.17
CA VAL G 147 -52.80 26.68 -66.03
C VAL G 147 -51.53 27.51 -66.01
N ASP G 148 -51.65 28.83 -65.93
CA ASP G 148 -50.47 29.68 -65.88
C ASP G 148 -49.60 29.33 -64.69
N ILE G 149 -50.22 29.12 -63.53
CA ILE G 149 -49.49 28.61 -62.38
C ILE G 149 -49.36 27.09 -62.49
N ASP G 150 -48.35 26.55 -61.80
CA ASP G 150 -48.14 25.11 -61.73
C ASP G 150 -48.41 24.71 -60.27
N LEU G 151 -49.67 24.35 -59.99
CA LEU G 151 -50.07 24.10 -58.61
C LEU G 151 -49.13 23.11 -57.93
N SER G 152 -48.74 22.06 -58.64
CA SER G 152 -47.81 21.06 -58.10
C SER G 152 -46.36 21.50 -58.28
N GLY G 153 -46.06 22.72 -57.82
CA GLY G 153 -44.73 23.28 -57.91
C GLY G 153 -44.06 23.41 -56.55
N SER G 154 -42.89 24.04 -56.56
CA SER G 154 -42.15 24.25 -55.33
C SER G 154 -42.88 25.25 -54.44
N LEU G 155 -42.86 24.98 -53.14
CA LEU G 155 -43.46 25.86 -52.14
C LEU G 155 -42.42 26.71 -51.42
N VAL G 156 -41.15 26.64 -51.83
CA VAL G 156 -40.11 27.48 -51.27
C VAL G 156 -40.09 28.79 -52.07
N PRO G 157 -40.17 29.95 -51.43
CA PRO G 157 -40.20 31.20 -52.18
C PRO G 157 -38.96 31.32 -53.05
N PRO G 158 -39.09 31.88 -54.25
CA PRO G 158 -37.90 32.12 -55.07
C PRO G 158 -37.00 33.17 -54.44
N SER G 159 -35.70 32.88 -54.42
CA SER G 159 -34.72 33.78 -53.82
C SER G 159 -33.69 34.28 -54.82
N ASP G 160 -33.03 33.39 -55.56
CA ASP G 160 -31.97 33.76 -56.49
C ASP G 160 -32.41 33.40 -57.90
N VAL G 161 -32.22 34.34 -58.84
CA VAL G 161 -32.61 34.10 -60.22
C VAL G 161 -31.71 33.06 -60.86
N PHE G 162 -30.40 33.17 -60.64
CA PHE G 162 -29.42 32.29 -61.26
C PHE G 162 -28.71 31.47 -60.18
N ILE G 163 -28.57 30.17 -60.41
CA ILE G 163 -27.97 29.26 -59.45
C ILE G 163 -27.03 28.31 -60.18
N ASP G 164 -26.13 27.69 -59.40
CA ASP G 164 -25.23 26.66 -59.89
C ASP G 164 -25.82 25.29 -59.55
N VAL G 165 -25.87 24.40 -60.55
CA VAL G 165 -26.40 23.05 -60.35
C VAL G 165 -25.40 22.05 -60.89
N ARG G 166 -25.49 20.83 -60.37
CA ARG G 166 -24.60 19.74 -60.74
C ARG G 166 -25.43 18.50 -61.08
N VAL G 167 -25.03 17.80 -62.14
CA VAL G 167 -25.75 16.62 -62.58
C VAL G 167 -25.45 15.46 -61.64
N LEU G 168 -26.49 14.79 -61.17
CA LEU G 168 -26.37 13.71 -60.20
C LEU G 168 -26.48 12.33 -60.84
N LYS G 169 -27.33 12.16 -61.85
CA LYS G 169 -27.49 10.89 -62.54
C LYS G 169 -27.41 11.12 -64.04
N ASP G 170 -26.61 10.30 -64.73
CA ASP G 170 -26.43 10.46 -66.16
C ASP G 170 -27.75 10.28 -66.91
N ALA G 171 -27.96 11.12 -67.91
CA ALA G 171 -29.13 11.00 -68.78
C ALA G 171 -28.79 11.65 -70.12
N GLY G 172 -29.54 11.27 -71.14
CA GLY G 172 -29.31 11.81 -72.46
C GLY G 172 -29.63 13.29 -72.54
N GLU G 173 -29.70 13.79 -73.76
CA GLU G 173 -30.01 15.19 -74.02
C GLU G 173 -31.51 15.37 -73.89
N ILE G 174 -31.98 15.57 -72.66
CA ILE G 174 -33.39 15.76 -72.39
C ILE G 174 -33.78 17.16 -72.83
N GLN G 175 -34.83 17.26 -73.65
CA GLN G 175 -35.29 18.53 -74.21
C GLN G 175 -36.44 19.04 -73.34
N THR G 176 -36.12 19.97 -72.45
CA THR G 176 -37.14 20.58 -71.60
C THR G 176 -37.85 21.70 -72.35
N GLU G 177 -38.94 22.19 -71.75
CA GLU G 177 -39.68 23.29 -72.36
C GLU G 177 -38.81 24.54 -72.45
N TYR G 178 -38.03 24.82 -71.40
CA TYR G 178 -37.20 26.02 -71.38
C TYR G 178 -36.03 25.89 -72.34
N GLY G 179 -35.45 24.70 -72.45
CA GLY G 179 -34.31 24.52 -73.34
C GLY G 179 -33.86 23.08 -73.34
N VAL G 180 -32.72 22.86 -73.98
CA VAL G 180 -32.11 21.53 -74.10
C VAL G 180 -30.90 21.48 -73.18
N PHE G 181 -30.91 20.53 -72.25
CA PHE G 181 -29.84 20.37 -71.26
C PHE G 181 -29.26 18.98 -71.40
N ASN G 182 -28.05 18.88 -71.94
CA ASN G 182 -27.37 17.60 -72.13
C ASN G 182 -26.76 17.20 -70.80
N LEU G 183 -27.53 16.45 -70.01
CA LEU G 183 -27.17 16.12 -68.64
C LEU G 183 -26.09 15.06 -68.62
N ILE G 184 -24.85 15.51 -68.77
CA ILE G 184 -23.70 14.64 -68.57
C ILE G 184 -23.38 14.61 -67.08
N LYS G 185 -23.21 13.40 -66.54
CA LYS G 185 -22.94 13.27 -65.11
C LYS G 185 -21.66 14.00 -64.74
N ASP G 186 -21.67 14.63 -63.58
CA ASP G 186 -20.53 15.41 -63.09
C ASP G 186 -20.20 16.54 -64.05
N SER G 187 -21.18 17.42 -64.25
CA SER G 187 -21.01 18.62 -65.04
C SER G 187 -21.91 19.71 -64.45
N GLN G 188 -21.35 20.91 -64.29
CA GLN G 188 -22.06 22.00 -63.64
C GLN G 188 -22.70 22.93 -64.68
N PHE G 189 -23.87 23.45 -64.31
CA PHE G 189 -24.56 24.46 -65.11
C PHE G 189 -24.74 25.71 -64.27
N PHE G 190 -24.63 26.87 -64.92
CA PHE G 190 -25.00 28.15 -64.34
C PHE G 190 -26.23 28.63 -65.08
N VAL G 191 -27.41 28.30 -64.53
CA VAL G 191 -28.68 28.52 -65.20
C VAL G 191 -29.67 29.10 -64.20
N ARG G 192 -30.84 29.46 -64.70
CA ARG G 192 -31.91 29.99 -63.86
C ARG G 192 -32.53 28.87 -63.03
N GLN G 193 -32.93 29.22 -61.81
CA GLN G 193 -33.57 28.23 -60.95
C GLN G 193 -34.90 27.76 -61.53
N SER G 194 -35.66 28.66 -62.16
CA SER G 194 -36.96 28.30 -62.70
C SER G 194 -36.84 27.24 -63.79
N ASP G 195 -35.86 27.39 -64.68
CA ASP G 195 -35.75 26.49 -65.82
C ASP G 195 -35.49 25.06 -65.38
N VAL G 196 -34.60 24.86 -64.39
CA VAL G 196 -34.18 23.53 -63.97
C VAL G 196 -34.80 23.13 -62.64
N GLU G 197 -35.87 23.82 -62.22
CA GLU G 197 -36.50 23.47 -60.95
C GLU G 197 -37.06 22.06 -60.99
N ARG G 198 -37.73 21.70 -62.09
CA ARG G 198 -38.31 20.36 -62.18
C ARG G 198 -37.24 19.28 -62.15
N LEU G 199 -36.14 19.51 -62.86
CA LEU G 199 -35.07 18.51 -62.87
C LEU G 199 -34.51 18.30 -61.48
N ILE G 200 -34.34 19.38 -60.72
CA ILE G 200 -33.92 19.24 -59.32
C ILE G 200 -34.97 18.46 -58.54
N GLN G 201 -36.26 18.72 -58.81
CA GLN G 201 -37.31 18.03 -58.09
C GLN G 201 -37.24 16.52 -58.32
N GLN G 202 -37.02 16.10 -59.56
CA GLN G 202 -36.94 14.67 -59.86
C GLN G 202 -35.62 14.04 -59.43
N GLY G 203 -34.62 14.84 -59.07
CA GLY G 203 -33.36 14.33 -58.60
C GLY G 203 -32.27 14.24 -59.64
N TYR G 204 -32.50 14.72 -60.86
CA TYR G 204 -31.46 14.67 -61.89
C TYR G 204 -30.32 15.64 -61.57
N LEU G 205 -30.65 16.80 -61.01
CA LEU G 205 -29.67 17.84 -60.71
C LEU G 205 -29.59 18.04 -59.20
N GLN G 206 -28.64 18.88 -58.80
CA GLN G 206 -28.46 19.24 -57.39
C GLN G 206 -28.00 20.69 -57.32
N LYS G 207 -28.49 21.40 -56.32
CA LYS G 207 -28.16 22.82 -56.14
C LYS G 207 -26.90 22.90 -55.27
N ILE G 208 -25.77 23.13 -55.92
CA ILE G 208 -24.50 23.25 -55.22
C ILE G 208 -23.45 23.84 -56.14
N MET H 1 -51.40 16.47 -47.21
CA MET H 1 -52.32 16.81 -48.34
C MET H 1 -51.64 17.82 -49.26
N SER H 2 -52.37 18.86 -49.67
CA SER H 2 -51.81 19.87 -50.55
C SER H 2 -50.66 20.62 -49.88
N LEU H 3 -50.79 20.93 -48.59
CA LEU H 3 -49.82 21.73 -47.87
C LEU H 3 -49.08 20.86 -46.86
N PRO H 4 -47.75 20.88 -46.83
CA PRO H 4 -47.02 20.08 -45.83
C PRO H 4 -47.42 20.45 -44.42
N ALA H 5 -46.96 19.62 -43.48
CA ALA H 5 -47.31 19.82 -42.08
C ALA H 5 -46.51 20.96 -41.44
N HIS H 6 -45.27 21.16 -41.86
CA HIS H 6 -44.43 22.21 -41.28
C HIS H 6 -44.80 23.60 -41.78
N LEU H 7 -45.55 23.69 -42.88
CA LEU H 7 -46.04 24.98 -43.37
C LEU H 7 -47.43 25.31 -42.86
N GLN H 8 -48.01 24.45 -42.02
CA GLN H 8 -49.36 24.66 -41.52
C GLN H 8 -49.33 25.52 -40.26
N GLN H 9 -50.16 26.56 -40.24
CA GLN H 9 -50.35 27.44 -39.10
C GLN H 9 -49.19 28.38 -38.87
N THR H 10 -48.13 28.32 -39.67
CA THR H 10 -46.95 29.14 -39.45
C THR H 10 -46.23 29.36 -40.76
N PHE H 11 -45.35 30.35 -40.77
CA PHE H 11 -44.51 30.67 -41.92
C PHE H 11 -43.10 30.13 -41.70
N SER H 12 -42.52 29.60 -42.76
CA SER H 12 -41.12 29.21 -42.72
C SER H 12 -40.23 30.45 -42.85
N PRO H 13 -38.99 30.37 -42.39
CA PRO H 13 -38.10 31.55 -42.49
C PRO H 13 -37.99 32.10 -43.89
N GLU H 14 -38.01 31.23 -44.90
CA GLU H 14 -37.94 31.71 -46.28
C GLU H 14 -39.17 32.55 -46.63
N GLU H 15 -40.34 32.14 -46.13
CA GLU H 15 -41.55 32.94 -46.36
C GLU H 15 -41.45 34.30 -45.68
N ILE H 16 -40.89 34.34 -44.47
CA ILE H 16 -40.70 35.61 -43.78
C ILE H 16 -39.76 36.51 -44.57
N GLN H 17 -38.66 35.93 -45.08
CA GLN H 17 -37.76 36.70 -45.92
C GLN H 17 -38.47 37.23 -47.16
N PHE H 18 -39.27 36.38 -47.81
CA PHE H 18 -40.00 36.81 -48.99
C PHE H 18 -40.93 37.98 -48.67
N ILE H 19 -41.60 37.90 -47.52
CA ILE H 19 -42.45 39.02 -47.09
C ILE H 19 -41.62 40.28 -46.89
N VAL H 20 -40.44 40.13 -46.28
CA VAL H 20 -39.61 41.29 -45.99
C VAL H 20 -39.16 41.97 -47.27
N GLU H 21 -38.74 41.19 -48.26
CA GLU H 21 -38.18 41.77 -49.48
C GLU H 21 -39.21 42.54 -50.31
N ASN H 22 -40.46 42.62 -49.88
CA ASN H 22 -41.45 43.43 -50.57
C ASN H 22 -41.40 44.90 -50.14
N GLU H 23 -40.67 45.23 -49.08
CA GLU H 23 -40.65 46.58 -48.55
C GLU H 23 -39.70 47.46 -49.37
N PRO H 24 -39.88 48.78 -49.32
CA PRO H 24 -39.01 49.68 -50.07
C PRO H 24 -37.65 49.83 -49.41
N ILE H 25 -36.72 50.39 -50.19
CA ILE H 25 -35.37 50.70 -49.70
C ILE H 25 -34.80 51.78 -50.59
N LYS H 26 -33.83 52.51 -50.06
CA LYS H 26 -33.19 53.61 -50.78
C LYS H 26 -31.88 53.13 -51.39
N ILE H 27 -31.62 53.54 -52.63
CA ILE H 27 -30.42 53.12 -53.36
C ILE H 27 -29.82 54.32 -54.08
N PHE H 28 -28.58 54.15 -54.52
CA PHE H 28 -27.90 55.14 -55.36
C PHE H 28 -27.67 54.52 -56.73
N PRO H 29 -28.49 54.83 -57.73
CA PRO H 29 -28.30 54.22 -59.05
C PRO H 29 -26.93 54.54 -59.62
N ARG H 30 -26.31 53.61 -60.31
CA ARG H 30 -25.02 53.82 -60.92
C ARG H 30 -25.23 53.89 -62.43
N ILE H 31 -26.47 53.96 -62.93
CA ILE H 31 -26.77 54.16 -64.34
C ILE H 31 -27.88 55.20 -64.45
N THR H 32 -28.10 55.67 -65.67
CA THR H 32 -29.08 56.71 -65.95
C THR H 32 -30.16 56.12 -66.86
N THR H 33 -31.22 55.61 -66.25
CA THR H 33 -32.33 55.09 -67.04
C THR H 33 -33.22 56.21 -67.58
N ARG H 34 -33.36 57.30 -66.82
CA ARG H 34 -34.22 58.39 -67.25
C ARG H 34 -33.72 59.00 -68.56
N GLN H 35 -34.66 59.36 -69.42
CA GLN H 35 -34.37 59.92 -70.73
C GLN H 35 -34.65 61.42 -70.73
N LYS H 36 -33.77 62.17 -71.39
CA LYS H 36 -33.92 63.63 -71.48
C LYS H 36 -33.75 64.09 -72.92
N THR H 48 -35.03 48.83 -72.51
CA THR H 48 -36.41 49.27 -72.67
C THR H 48 -36.93 49.86 -71.36
N ARG H 49 -38.25 49.96 -71.23
CA ARG H 49 -38.88 50.54 -70.05
C ARG H 49 -39.40 49.45 -69.13
N TRP H 50 -39.13 49.60 -67.84
CA TRP H 50 -39.71 48.70 -66.85
C TRP H 50 -41.23 48.80 -66.88
N GLN H 51 -41.90 47.65 -66.96
CA GLN H 51 -43.36 47.57 -66.88
C GLN H 51 -43.69 46.47 -65.88
N LEU H 52 -43.74 46.83 -64.61
CA LEU H 52 -44.01 45.88 -63.53
C LEU H 52 -45.47 45.93 -63.14
N ILE H 53 -45.99 44.79 -62.67
CA ILE H 53 -47.39 44.67 -62.31
C ILE H 53 -47.61 44.50 -60.81
N THR H 54 -46.56 44.20 -60.03
CA THR H 54 -46.68 44.07 -58.60
C THR H 54 -46.27 45.32 -57.84
N THR H 55 -45.26 46.04 -58.32
CA THR H 55 -44.79 47.26 -57.71
C THR H 55 -44.88 48.41 -58.70
N ASP H 56 -44.36 49.57 -58.32
CA ASP H 56 -44.38 50.76 -59.16
C ASP H 56 -43.13 50.80 -60.02
N ASP H 57 -43.31 51.13 -61.30
CA ASP H 57 -42.21 51.21 -62.25
C ASP H 57 -41.78 52.65 -62.55
N LYS H 58 -42.50 53.64 -62.01
CA LYS H 58 -42.12 55.03 -62.26
C LYS H 58 -40.75 55.34 -61.68
N ALA H 59 -40.45 54.83 -60.48
CA ALA H 59 -39.19 55.14 -59.84
C ALA H 59 -38.01 54.61 -60.65
N LEU H 60 -38.10 53.38 -61.13
CA LEU H 60 -37.00 52.79 -61.87
C LEU H 60 -36.73 53.55 -63.17
N ASN H 61 -37.78 53.91 -63.90
CA ASN H 61 -37.60 54.63 -65.15
C ASN H 61 -36.97 56.00 -64.92
N ASN H 62 -37.40 56.70 -63.88
CA ASN H 62 -36.86 58.02 -63.55
C ASN H 62 -35.72 57.89 -62.55
N MET H 63 -34.68 57.13 -62.94
CA MET H 63 -33.48 56.87 -62.10
C MET H 63 -32.29 57.60 -62.70
N VAL H 64 -31.56 58.39 -61.92
CA VAL H 64 -30.39 59.15 -62.35
C VAL H 64 -29.20 58.72 -61.51
N ALA H 65 -28.01 58.91 -62.07
CA ALA H 65 -26.79 58.46 -61.41
C ALA H 65 -26.55 59.23 -60.12
N MET H 66 -26.19 58.51 -59.07
CA MET H 66 -25.82 59.12 -57.80
C MET H 66 -26.91 60.05 -57.29
N ARG H 67 -28.17 59.65 -57.47
CA ARG H 67 -29.31 60.39 -56.97
C ARG H 67 -30.22 59.43 -56.20
N SER H 68 -30.57 59.81 -54.97
CA SER H 68 -31.36 58.93 -54.13
C SER H 68 -32.69 58.60 -54.80
N THR H 69 -33.04 57.30 -54.78
CA THR H 69 -34.32 56.85 -55.31
C THR H 69 -34.77 55.64 -54.50
N GLU H 70 -36.08 55.38 -54.54
CA GLU H 70 -36.69 54.31 -53.75
C GLU H 70 -37.21 53.23 -54.69
N VAL H 71 -36.84 51.98 -54.41
CA VAL H 71 -37.30 50.82 -55.15
C VAL H 71 -37.54 49.68 -54.16
N VAL H 72 -38.02 48.55 -54.68
CA VAL H 72 -38.30 47.39 -53.84
C VAL H 72 -36.99 46.71 -53.48
N LEU H 73 -37.00 46.03 -52.33
CA LEU H 73 -35.75 45.45 -51.81
C LEU H 73 -35.19 44.39 -52.75
N TRP H 74 -36.06 43.53 -53.30
CA TRP H 74 -35.56 42.48 -54.17
C TRP H 74 -35.03 43.04 -55.48
N ILE H 75 -35.70 44.05 -56.03
CA ILE H 75 -35.17 44.72 -57.21
C ILE H 75 -33.84 45.39 -56.88
N ALA H 76 -33.74 45.98 -55.69
CA ALA H 76 -32.49 46.61 -55.28
C ALA H 76 -31.36 45.59 -55.21
N LEU H 77 -31.64 44.40 -54.65
CA LEU H 77 -30.62 43.36 -54.58
C LEU H 77 -30.24 42.87 -55.98
N LEU H 78 -31.22 42.72 -56.87
CA LEU H 78 -30.91 42.31 -58.23
C LEU H 78 -30.00 43.32 -58.91
N LEU H 79 -30.28 44.61 -58.74
CA LEU H 79 -29.40 45.64 -59.30
C LEU H 79 -28.02 45.58 -58.66
N LYS H 80 -27.97 45.39 -57.33
CA LYS H 80 -26.69 45.36 -56.63
C LYS H 80 -25.83 44.20 -57.14
N GLN H 81 -26.43 43.07 -57.45
CA GLN H 81 -25.66 41.94 -57.97
C GLN H 81 -24.89 42.34 -59.21
N GLN H 82 -25.49 43.16 -60.08
CA GLN H 82 -24.83 43.66 -61.27
C GLN H 82 -23.94 44.87 -60.99
N SER H 83 -23.79 45.26 -59.72
CA SER H 83 -22.99 46.42 -59.37
C SER H 83 -23.49 47.68 -60.07
N LYS H 84 -24.81 47.78 -60.24
CA LYS H 84 -25.44 48.92 -60.87
C LYS H 84 -26.17 49.81 -59.88
N CYS H 85 -26.00 49.58 -58.58
CA CYS H 85 -26.63 50.41 -57.56
C CYS H 85 -26.02 50.09 -56.21
N SER H 86 -25.78 51.12 -55.41
CA SER H 86 -25.27 50.97 -54.05
C SER H 86 -26.41 51.17 -53.07
N ILE H 87 -26.64 50.18 -52.21
CA ILE H 87 -27.77 50.21 -51.30
C ILE H 87 -27.44 51.14 -50.14
N VAL H 88 -28.35 52.08 -49.85
CA VAL H 88 -28.22 52.98 -48.71
C VAL H 88 -28.77 52.25 -47.49
N ALA H 89 -27.91 51.98 -46.52
CA ALA H 89 -28.33 51.20 -45.36
C ALA H 89 -29.36 52.01 -44.55
N PRO H 90 -30.26 51.32 -43.85
CA PRO H 90 -31.25 52.04 -43.04
C PRO H 90 -30.59 52.88 -41.97
N GLN H 91 -31.25 53.98 -41.60
CA GLN H 91 -30.71 54.86 -40.58
C GLN H 91 -30.57 54.14 -39.25
N TRP H 92 -31.53 53.29 -38.91
CA TRP H 92 -31.50 52.57 -37.64
C TRP H 92 -30.34 51.58 -37.54
N LEU H 93 -29.67 51.27 -38.66
CA LEU H 93 -28.58 50.30 -38.67
C LEU H 93 -27.22 50.94 -38.49
N THR H 94 -27.15 52.04 -37.75
CA THR H 94 -25.90 52.69 -37.41
C THR H 94 -25.47 52.27 -36.00
N THR H 95 -24.17 52.39 -35.73
CA THR H 95 -23.67 52.01 -34.42
C THR H 95 -24.29 52.86 -33.31
N LYS H 96 -24.40 54.16 -33.55
CA LYS H 96 -24.97 55.05 -32.55
C LYS H 96 -26.42 54.71 -32.25
N GLU H 97 -27.23 54.46 -33.29
CA GLU H 97 -28.63 54.14 -33.08
C GLU H 97 -28.79 52.80 -32.38
N LEU H 98 -27.98 51.81 -32.75
CA LEU H 98 -28.03 50.52 -32.07
C LEU H 98 -27.64 50.66 -30.60
N ASP H 99 -26.63 51.49 -30.31
CA ASP H 99 -26.26 51.72 -28.92
C ASP H 99 -27.40 52.39 -28.15
N ARG H 100 -28.07 53.36 -28.77
CA ARG H 100 -29.21 54.00 -28.12
C ARG H 100 -30.31 52.98 -27.84
N LYS H 101 -30.57 52.08 -28.79
CA LYS H 101 -31.59 51.07 -28.58
C LYS H 101 -31.21 50.12 -27.47
N ILE H 102 -29.93 49.75 -27.39
CA ILE H 102 -29.46 48.89 -26.31
C ILE H 102 -29.66 49.59 -24.96
N GLN H 103 -29.35 50.88 -24.89
CA GLN H 103 -29.54 51.62 -23.66
C GLN H 103 -31.02 51.67 -23.28
N TYR H 104 -31.90 51.90 -24.27
CA TYR H 104 -33.33 51.91 -23.98
C TYR H 104 -33.79 50.55 -23.46
N GLU H 105 -33.31 49.47 -24.07
CA GLU H 105 -33.67 48.14 -23.58
C GLU H 105 -33.21 47.94 -22.15
N LYS H 106 -31.97 48.35 -21.84
CA LYS H 106 -31.44 48.15 -20.50
C LYS H 106 -32.22 48.96 -19.46
N THR H 107 -32.61 50.19 -19.80
CA THR H 107 -33.25 51.05 -18.80
C THR H 107 -34.68 50.61 -18.50
N HIS H 108 -35.35 49.96 -19.45
CA HIS H 108 -36.75 49.56 -19.31
C HIS H 108 -36.87 48.05 -19.40
N PRO H 109 -36.78 47.31 -18.28
CA PRO H 109 -36.86 45.85 -18.35
C PRO H 109 -38.25 45.31 -18.64
N ASP H 110 -39.26 46.16 -18.79
CA ASP H 110 -40.64 45.71 -18.97
C ASP H 110 -41.13 45.78 -20.41
N ARG H 111 -40.54 46.63 -21.23
CA ARG H 111 -40.99 46.86 -22.60
C ARG H 111 -39.91 46.44 -23.59
N PHE H 112 -40.24 46.54 -24.87
CA PHE H 112 -39.32 46.28 -25.96
C PHE H 112 -39.02 47.57 -26.71
N SER H 113 -37.79 47.69 -27.19
CA SER H 113 -37.41 48.88 -27.96
C SER H 113 -38.16 48.92 -29.28
N GLU H 114 -38.37 50.13 -29.79
CA GLU H 114 -39.16 50.35 -31.00
C GLU H 114 -38.30 50.15 -32.25
N LEU H 115 -37.75 48.94 -32.36
CA LEU H 115 -37.01 48.58 -33.55
C LEU H 115 -37.97 48.29 -34.70
N PRO H 116 -37.51 48.37 -35.94
CA PRO H 116 -38.37 48.00 -37.07
C PRO H 116 -38.79 46.55 -36.99
N TRP H 117 -39.98 46.27 -37.52
CA TRP H 117 -40.53 44.92 -37.47
C TRP H 117 -39.72 43.93 -38.30
N ASN H 118 -38.81 44.40 -39.16
CA ASN H 118 -38.01 43.54 -40.01
C ASN H 118 -36.52 43.73 -39.78
N TRP H 119 -36.13 44.10 -38.56
CA TRP H 119 -34.75 44.47 -38.32
C TRP H 119 -33.80 43.27 -38.46
N LEU H 120 -34.19 42.11 -37.92
CA LEU H 120 -33.31 40.94 -37.98
C LEU H 120 -33.13 40.46 -39.42
N VAL H 121 -34.24 40.26 -40.13
CA VAL H 121 -34.17 39.74 -41.49
C VAL H 121 -33.42 40.71 -42.39
N LEU H 122 -33.76 42.00 -42.30
CA LEU H 122 -33.10 43.00 -43.12
C LEU H 122 -31.61 43.08 -42.80
N ALA H 123 -31.26 43.01 -41.52
CA ALA H 123 -29.85 43.05 -41.13
C ALA H 123 -29.09 41.87 -41.74
N ARG H 124 -29.66 40.67 -41.64
CA ARG H 124 -28.99 39.51 -42.22
C ARG H 124 -28.84 39.66 -43.73
N ILE H 125 -29.91 40.10 -44.40
CA ILE H 125 -29.87 40.23 -45.86
C ILE H 125 -28.80 41.24 -46.27
N LEU H 126 -28.75 42.38 -45.59
CA LEU H 126 -27.81 43.42 -45.97
C LEU H 126 -26.37 43.02 -45.65
N PHE H 127 -26.16 42.33 -44.52
CA PHE H 127 -24.82 41.86 -44.20
C PHE H 127 -24.34 40.86 -45.24
N ASN H 128 -25.22 39.97 -45.69
CA ASN H 128 -24.80 38.95 -46.64
C ASN H 128 -24.59 39.53 -48.04
N LYS H 129 -25.47 40.45 -48.45
CA LYS H 129 -25.47 40.92 -49.83
C LYS H 129 -24.71 42.23 -50.02
N ALA H 130 -24.86 43.18 -49.09
CA ALA H 130 -24.25 44.51 -49.20
C ALA H 130 -23.31 44.71 -48.02
N LYS H 131 -22.05 44.31 -48.20
CA LYS H 131 -21.06 44.44 -47.13
C LYS H 131 -20.27 45.73 -47.21
N ASP H 132 -20.01 46.23 -48.42
CA ASP H 132 -19.22 47.45 -48.59
C ASP H 132 -20.06 48.72 -48.52
N ASP H 133 -21.39 48.60 -48.49
CA ASP H 133 -22.24 49.78 -48.46
C ASP H 133 -22.28 50.42 -47.08
N PHE H 134 -22.08 49.63 -46.02
CA PHE H 134 -22.17 50.17 -44.68
C PHE H 134 -21.03 51.13 -44.39
N HIS H 135 -21.36 52.23 -43.70
CA HIS H 135 -20.34 53.20 -43.31
C HIS H 135 -19.54 52.72 -42.12
N ASP H 136 -20.12 51.92 -41.25
CA ASP H 136 -19.47 51.44 -40.03
C ASP H 136 -18.93 50.03 -40.24
N PRO H 137 -17.94 49.62 -39.45
CA PRO H 137 -17.42 48.26 -39.57
C PRO H 137 -18.50 47.22 -39.33
N ILE H 138 -18.43 46.12 -40.09
CA ILE H 138 -19.48 45.11 -40.04
C ILE H 138 -19.45 44.37 -38.71
N HIS H 139 -18.27 44.10 -38.17
CA HIS H 139 -18.18 43.32 -36.94
C HIS H 139 -18.83 44.05 -35.77
N GLU H 140 -18.66 45.37 -35.69
CA GLU H 140 -19.31 46.13 -34.64
C GLU H 140 -20.83 46.01 -34.73
N LEU H 141 -21.36 46.13 -35.95
CA LEU H 141 -22.80 45.99 -36.13
C LEU H 141 -23.27 44.59 -35.74
N ARG H 142 -22.50 43.56 -36.11
CA ARG H 142 -22.87 42.21 -35.71
C ARG H 142 -22.91 42.06 -34.21
N GLY H 143 -21.90 42.61 -33.52
CA GLY H 143 -21.91 42.53 -32.06
C GLY H 143 -23.08 43.25 -31.44
N LYS H 144 -23.39 44.45 -31.93
CA LYS H 144 -24.53 45.19 -31.40
C LYS H 144 -25.83 44.42 -31.61
N ILE H 145 -26.01 43.85 -32.80
CA ILE H 145 -27.22 43.09 -33.09
C ILE H 145 -27.30 41.87 -32.19
N GLN H 146 -26.17 41.21 -31.96
CA GLN H 146 -26.16 40.06 -31.07
C GLN H 146 -26.59 40.44 -29.67
N ASP H 147 -26.04 41.55 -29.15
CA ASP H 147 -26.39 41.98 -27.79
C ASP H 147 -27.86 42.32 -27.69
N LEU H 148 -28.38 43.03 -28.69
CA LEU H 148 -29.81 43.35 -28.70
C LEU H 148 -30.63 42.08 -28.71
N ARG H 149 -30.23 41.09 -29.51
CA ARG H 149 -30.97 39.84 -29.57
C ARG H 149 -30.97 39.13 -28.23
N GLU H 150 -29.82 39.07 -27.54
CA GLU H 150 -29.81 38.40 -26.24
C GLU H 150 -30.69 39.13 -25.24
N ILE H 151 -30.64 40.46 -25.21
CA ILE H 151 -31.49 41.19 -24.27
C ILE H 151 -32.95 40.91 -24.55
N ARG H 152 -33.34 40.94 -25.82
CA ARG H 152 -34.73 40.65 -26.17
C ARG H 152 -35.11 39.22 -25.82
N GLN H 153 -34.17 38.27 -25.94
CA GLN H 153 -34.46 36.90 -25.55
C GLN H 153 -34.69 36.79 -24.05
N ILE H 154 -33.89 37.50 -23.25
CA ILE H 154 -34.12 37.52 -21.81
C ILE H 154 -35.51 38.07 -21.51
N LYS H 155 -35.88 39.16 -22.17
CA LYS H 155 -37.20 39.75 -21.94
C LYS H 155 -38.31 38.79 -22.34
N VAL H 156 -38.13 38.09 -23.45
CA VAL H 156 -39.14 37.12 -23.90
C VAL H 156 -39.29 35.99 -22.88
N LEU H 157 -38.17 35.48 -22.38
CA LEU H 157 -38.23 34.41 -21.40
C LEU H 157 -38.93 34.88 -20.13
N LYS H 158 -38.63 36.11 -19.69
CA LYS H 158 -39.30 36.63 -18.50
C LYS H 158 -40.80 36.80 -18.74
N GLY H 159 -41.19 37.26 -19.92
CA GLY H 159 -42.59 37.48 -20.22
C GLY H 159 -43.39 36.24 -20.55
N LEU H 160 -42.71 35.12 -20.83
CA LEU H 160 -43.43 33.88 -21.11
C LEU H 160 -44.11 33.28 -19.89
N LYS H 161 -43.85 33.82 -18.70
CA LYS H 161 -44.41 33.26 -17.47
C LYS H 161 -45.87 33.66 -17.23
N TYR H 162 -46.43 34.53 -18.06
CA TYR H 162 -47.77 35.07 -17.84
C TYR H 162 -48.80 34.53 -18.81
N LEU H 163 -48.52 33.41 -19.47
CA LEU H 163 -49.48 32.81 -20.38
C LEU H 163 -50.76 32.46 -19.64
N ASN H 164 -51.90 32.79 -20.23
CA ASN H 164 -53.18 32.61 -19.58
C ASN H 164 -54.24 32.29 -20.63
N GLU H 165 -55.42 31.89 -20.15
CA GLU H 165 -56.53 31.59 -21.05
C GLU H 165 -57.05 32.83 -21.76
N SER H 166 -56.77 34.02 -21.24
CA SER H 166 -57.23 35.26 -21.85
C SER H 166 -56.15 35.78 -22.81
N HIS H 167 -56.32 37.01 -23.29
CA HIS H 167 -55.42 37.57 -24.29
C HIS H 167 -53.99 37.70 -23.77
N LEU H 168 -53.10 38.19 -24.63
CA LEU H 168 -51.71 38.45 -24.28
C LEU H 168 -51.18 39.53 -25.21
N GLN H 169 -50.34 40.41 -24.68
CA GLN H 169 -49.81 41.55 -25.43
C GLN H 169 -48.29 41.44 -25.51
N LEU H 170 -47.75 41.57 -26.72
CA LEU H 170 -46.31 41.60 -26.96
C LEU H 170 -46.05 42.73 -27.95
N ASP H 171 -45.84 43.93 -27.43
CA ASP H 171 -45.67 45.10 -28.28
C ASP H 171 -44.23 45.20 -28.78
N ASN H 172 -44.09 45.71 -30.00
CA ASN H 172 -42.81 46.00 -30.65
C ASN H 172 -41.99 44.75 -30.93
N LEU H 173 -42.52 43.56 -30.67
CA LEU H 173 -41.80 42.34 -31.01
C LEU H 173 -41.74 42.17 -32.52
N SER H 174 -40.57 41.77 -33.01
CA SER H 174 -40.33 41.72 -34.45
C SER H 174 -41.05 40.53 -35.07
N LEU H 175 -41.01 40.46 -36.40
CA LEU H 175 -41.72 39.39 -37.11
C LEU H 175 -41.03 38.05 -36.94
N LEU H 176 -39.70 38.01 -37.00
CA LEU H 176 -39.00 36.75 -36.88
C LEU H 176 -39.17 36.14 -35.50
N GLU H 177 -39.12 36.95 -34.45
CA GLU H 177 -39.33 36.43 -33.10
C GLU H 177 -40.74 35.89 -32.92
N ILE H 178 -41.74 36.60 -33.45
CA ILE H 178 -43.12 36.12 -33.38
C ILE H 178 -43.26 34.81 -34.13
N ASN H 179 -42.63 34.70 -35.30
CA ASN H 179 -42.68 33.45 -36.06
C ASN H 179 -42.03 32.32 -35.28
N GLU H 180 -40.91 32.60 -34.62
CA GLU H 180 -40.25 31.56 -33.82
C GLU H 180 -41.12 31.11 -32.68
N LEU H 181 -41.81 32.04 -32.01
CA LEU H 181 -42.55 31.72 -30.80
C LEU H 181 -43.99 31.29 -31.07
N ARG H 182 -44.48 31.39 -32.30
CA ARG H 182 -45.88 31.11 -32.56
C ARG H 182 -46.30 29.71 -32.11
N PRO H 183 -45.58 28.64 -32.46
CA PRO H 183 -46.05 27.30 -32.09
C PRO H 183 -46.25 27.12 -30.60
N PHE H 184 -45.19 27.38 -29.82
CA PHE H 184 -45.24 27.13 -28.39
C PHE H 184 -46.31 27.98 -27.71
N ILE H 185 -46.29 29.29 -27.96
CA ILE H 185 -47.26 30.18 -27.31
C ILE H 185 -48.67 29.78 -27.68
N THR H 186 -48.91 29.59 -28.98
CA THR H 186 -50.27 29.28 -29.44
C THR H 186 -50.77 27.98 -28.82
N GLU H 187 -49.95 26.93 -28.84
CA GLU H 187 -50.39 25.64 -28.31
C GLU H 187 -50.63 25.71 -26.81
N ILE H 188 -49.73 26.35 -26.06
CA ILE H 188 -49.89 26.40 -24.61
C ILE H 188 -51.15 27.19 -24.25
N MET H 189 -51.37 28.34 -24.90
CA MET H 189 -52.56 29.11 -24.60
C MET H 189 -53.81 28.37 -25.02
N ASP H 190 -53.76 27.63 -26.14
CA ASP H 190 -54.92 26.84 -26.56
C ASP H 190 -55.26 25.79 -25.53
N LYS H 191 -54.25 25.10 -24.99
CA LYS H 191 -54.53 24.07 -24.00
C LYS H 191 -55.07 24.67 -22.71
N LEU H 192 -54.52 25.82 -22.29
CA LEU H 192 -55.05 26.48 -21.10
C LEU H 192 -56.51 26.87 -21.31
N ARG H 193 -56.83 27.41 -22.49
CA ARG H 193 -58.22 27.77 -22.78
C ARG H 193 -59.11 26.54 -22.78
N GLU H 194 -58.62 25.43 -23.34
CA GLU H 194 -59.41 24.21 -23.35
C GLU H 194 -59.71 23.73 -21.94
N ILE H 195 -58.69 23.75 -21.06
CA ILE H 195 -58.91 23.34 -19.68
C ILE H 195 -59.93 24.24 -19.00
N HIS H 196 -59.78 25.55 -19.18
CA HIS H 196 -60.72 26.48 -18.55
C HIS H 196 -62.13 26.27 -19.06
N THR H 197 -62.29 26.06 -20.37
CA THR H 197 -63.61 25.83 -20.93
C THR H 197 -64.22 24.55 -20.37
N ALA H 198 -63.42 23.49 -20.26
CA ALA H 198 -63.92 22.26 -19.69
C ALA H 198 -64.33 22.45 -18.23
N SER H 199 -63.63 23.33 -17.50
CA SER H 199 -63.95 23.53 -16.09
C SER H 199 -65.38 24.03 -15.91
N LEU H 200 -65.81 24.98 -16.75
CA LEU H 200 -67.14 25.55 -16.63
C LEU H 200 -68.22 24.47 -16.76
N TYR I 26 -62.10 13.20 -33.94
CA TYR I 26 -62.74 11.92 -34.32
C TYR I 26 -61.81 11.09 -35.12
N TYR I 27 -60.79 11.60 -35.75
CA TYR I 27 -59.95 10.83 -36.67
C TYR I 27 -58.59 11.06 -36.27
N ASP I 28 -58.37 11.66 -35.13
CA ASP I 28 -57.03 12.00 -34.60
C ASP I 28 -56.58 10.82 -33.82
N ILE I 29 -55.46 10.29 -34.09
CA ILE I 29 -55.03 9.01 -33.55
C ILE I 29 -54.88 9.09 -32.03
N ASP I 30 -54.28 10.15 -31.53
CA ASP I 30 -54.02 10.24 -30.09
C ASP I 30 -55.32 10.25 -29.30
N ASP I 31 -56.37 10.89 -29.84
CA ASP I 31 -57.65 10.90 -29.15
C ASP I 31 -58.23 9.50 -29.06
N VAL I 32 -58.08 8.69 -30.12
CA VAL I 32 -58.58 7.33 -30.09
C VAL I 32 -57.87 6.52 -29.02
N LEU I 33 -56.54 6.67 -28.92
CA LEU I 33 -55.79 5.94 -27.91
C LEU I 33 -56.18 6.38 -26.50
N ALA I 34 -56.40 7.67 -26.31
CA ALA I 34 -56.75 8.17 -24.98
C ALA I 34 -58.07 7.58 -24.50
N ASP I 35 -59.03 7.43 -25.42
CA ASP I 35 -60.34 6.87 -25.05
C ASP I 35 -60.29 5.39 -24.74
N GLY I 36 -59.17 4.72 -24.98
CA GLY I 36 -59.08 3.29 -24.76
C GLY I 36 -58.60 2.91 -23.37
N THR I 37 -58.18 3.88 -22.57
CA THR I 37 -57.68 3.59 -21.24
C THR I 37 -58.80 3.08 -20.33
N GLU I 38 -58.42 2.24 -19.38
CA GLU I 38 -59.37 1.59 -18.50
C GLU I 38 -59.58 2.42 -17.23
N PHE I 39 -60.85 2.64 -16.87
CA PHE I 39 -61.22 3.38 -15.68
C PHE I 39 -62.01 2.48 -14.74
N PRO I 40 -61.89 2.68 -13.42
CA PRO I 40 -62.68 1.86 -12.50
C PRO I 40 -64.17 2.13 -12.66
N CYS I 41 -64.98 1.11 -12.37
CA CYS I 41 -66.42 1.20 -12.57
C CYS I 41 -67.11 0.31 -11.55
N LYS I 42 -68.41 0.53 -11.39
CA LYS I 42 -69.22 -0.26 -10.46
C LYS I 42 -70.65 -0.30 -11.00
N PHE I 43 -71.08 -1.48 -11.43
CA PHE I 43 -72.43 -1.63 -11.96
C PHE I 43 -73.47 -1.41 -10.87
N GLN I 44 -74.64 -0.92 -11.27
CA GLN I 44 -75.73 -0.63 -10.35
C GLN I 44 -76.98 -1.44 -10.64
N TYR I 45 -76.98 -2.29 -11.66
CA TYR I 45 -78.11 -3.12 -12.02
C TYR I 45 -77.66 -4.55 -12.22
N ASP I 46 -78.62 -5.47 -12.24
CA ASP I 46 -78.37 -6.88 -12.50
C ASP I 46 -78.67 -7.14 -13.98
N ILE I 47 -77.61 -7.30 -14.77
CA ILE I 47 -77.72 -7.45 -16.21
C ILE I 47 -77.17 -8.83 -16.59
N PRO I 48 -78.02 -9.82 -16.79
CA PRO I 48 -77.55 -11.12 -17.27
C PRO I 48 -76.97 -11.01 -18.67
N GLY I 49 -76.00 -11.87 -18.95
CA GLY I 49 -75.43 -11.98 -20.28
C GLY I 49 -74.34 -10.98 -20.59
N LEU I 50 -73.94 -10.13 -19.64
CA LEU I 50 -72.87 -9.16 -19.84
C LEU I 50 -71.56 -9.64 -19.22
N GLY I 51 -71.30 -10.95 -19.23
CA GLY I 51 -70.06 -11.46 -18.68
C GLY I 51 -68.84 -11.16 -19.52
N TYR I 52 -69.01 -10.98 -20.83
CA TYR I 52 -67.86 -10.73 -21.69
C TYR I 52 -67.11 -9.48 -21.26
N LEU I 53 -67.81 -8.49 -20.70
CA LEU I 53 -67.12 -7.39 -20.04
C LEU I 53 -66.32 -7.89 -18.85
N GLU I 54 -66.91 -8.79 -18.07
CA GLU I 54 -66.20 -9.44 -16.98
C GLU I 54 -65.14 -10.38 -17.55
N ASN I 55 -64.30 -10.91 -16.67
CA ASN I 55 -63.27 -11.83 -17.11
C ASN I 55 -63.87 -13.09 -17.73
N ASN I 56 -64.92 -13.64 -17.10
CA ASN I 56 -65.54 -14.86 -17.59
C ASN I 56 -66.62 -14.54 -18.62
N PRO I 57 -66.74 -15.32 -19.70
CA PRO I 57 -67.83 -15.09 -20.66
C PRO I 57 -69.12 -15.78 -20.24
N GLY I 58 -70.22 -15.19 -20.69
CA GLY I 58 -71.52 -15.85 -20.58
C GLY I 58 -71.99 -16.14 -19.18
N ARG I 59 -71.77 -15.22 -18.25
CA ARG I 59 -72.30 -15.34 -16.91
C ARG I 59 -72.94 -14.01 -16.48
N PRO I 60 -74.02 -14.05 -15.71
CA PRO I 60 -74.64 -12.79 -15.28
C PRO I 60 -73.71 -12.00 -14.36
N ILE I 61 -73.85 -10.68 -14.41
CA ILE I 61 -73.04 -9.76 -13.62
C ILE I 61 -73.94 -9.14 -12.57
N THR I 62 -73.60 -9.35 -11.29
CA THR I 62 -74.40 -8.84 -10.20
C THR I 62 -74.10 -7.37 -9.96
N LYS I 63 -75.04 -6.70 -9.30
CA LYS I 63 -74.87 -5.28 -8.99
C LYS I 63 -73.74 -5.10 -7.98
N ASN I 64 -73.17 -3.89 -7.99
CA ASN I 64 -72.06 -3.48 -7.14
C ASN I 64 -70.74 -4.16 -7.52
N THR I 65 -70.74 -5.00 -8.56
CA THR I 65 -69.49 -5.61 -9.00
C THR I 65 -68.52 -4.54 -9.46
N LYS I 66 -67.25 -4.72 -9.09
CA LYS I 66 -66.21 -3.75 -9.41
C LYS I 66 -65.35 -4.29 -10.54
N LEU I 67 -65.17 -3.49 -11.59
CA LEU I 67 -64.35 -3.87 -12.72
C LEU I 67 -63.93 -2.61 -13.46
N SER I 68 -62.94 -2.76 -14.33
CA SER I 68 -62.41 -1.66 -15.12
C SER I 68 -62.87 -1.80 -16.56
N LEU I 69 -63.37 -0.71 -17.13
CA LEU I 69 -63.87 -0.68 -18.49
C LEU I 69 -63.17 0.42 -19.28
N PRO I 70 -63.11 0.29 -20.61
CA PRO I 70 -62.55 1.38 -21.41
C PRO I 70 -63.42 2.63 -21.33
N LEU I 71 -62.78 3.78 -21.57
CA LEU I 71 -63.47 5.05 -21.39
C LEU I 71 -64.65 5.17 -22.34
N TRP I 72 -64.51 4.71 -23.58
CA TRP I 72 -65.60 4.85 -24.54
C TRP I 72 -66.86 4.13 -24.07
N LEU I 73 -66.71 2.93 -23.52
CA LEU I 73 -67.87 2.23 -22.97
C LEU I 73 -68.29 2.79 -21.62
N ALA I 74 -67.33 3.19 -20.79
CA ALA I 74 -67.64 3.62 -19.43
C ALA I 74 -68.45 4.91 -19.43
N ARG I 75 -67.99 5.91 -20.20
CA ARG I 75 -68.65 7.21 -20.16
C ARG I 75 -70.11 7.11 -20.57
N ILE I 76 -70.37 6.46 -21.71
CA ILE I 76 -71.75 6.35 -22.20
C ILE I 76 -72.60 5.55 -21.22
N LEU I 77 -72.06 4.45 -20.71
CA LEU I 77 -72.82 3.64 -19.76
C LEU I 77 -73.12 4.43 -18.50
N ALA I 78 -72.18 5.29 -18.07
CA ALA I 78 -72.41 6.08 -16.87
C ALA I 78 -73.50 7.12 -17.09
N ILE I 79 -73.42 7.86 -18.20
CA ILE I 79 -74.37 8.94 -18.41
C ILE I 79 -75.77 8.38 -18.72
N VAL I 80 -75.85 7.33 -19.53
CA VAL I 80 -77.14 6.76 -19.92
C VAL I 80 -77.47 5.61 -18.99
N GLY I 81 -78.77 5.34 -18.85
CA GLY I 81 -79.23 4.22 -18.03
C GLY I 81 -80.35 4.60 -17.09
N PRO I 91 -82.97 8.89 -13.23
CA PRO I 91 -82.96 7.60 -12.53
C PRO I 91 -81.55 7.13 -12.18
N VAL I 92 -81.42 5.91 -11.68
CA VAL I 92 -80.13 5.33 -11.33
C VAL I 92 -79.45 4.89 -12.63
N PRO I 93 -78.27 5.43 -12.96
CA PRO I 93 -77.59 4.97 -14.20
C PRO I 93 -77.12 3.53 -14.10
N PHE I 94 -76.53 3.02 -15.17
CA PHE I 94 -76.05 1.64 -15.17
C PHE I 94 -74.77 1.50 -14.36
N VAL I 95 -73.86 2.47 -14.45
CA VAL I 95 -72.56 2.38 -13.81
C VAL I 95 -72.26 3.68 -13.07
N GLU I 96 -71.39 3.59 -12.09
CA GLU I 96 -70.87 4.74 -11.36
C GLU I 96 -69.36 4.79 -11.54
N LEU I 97 -68.84 5.94 -11.94
CA LEU I 97 -67.42 6.10 -12.20
C LEU I 97 -66.70 6.38 -10.89
N LEU I 98 -65.91 5.41 -10.43
CA LEU I 98 -65.15 5.57 -9.21
C LEU I 98 -63.93 6.45 -9.44
N PRO I 99 -63.40 7.08 -8.39
CA PRO I 99 -62.23 7.95 -8.57
C PRO I 99 -61.03 7.16 -9.08
N PRO I 100 -60.41 7.58 -10.19
CA PRO I 100 -59.24 6.84 -10.70
C PRO I 100 -58.00 7.03 -9.84
N ASP I 101 -56.96 6.25 -10.14
CA ASP I 101 -55.69 6.40 -9.44
C ASP I 101 -54.82 7.51 -10.02
N MET I 102 -55.15 8.02 -11.20
CA MET I 102 -54.38 9.11 -11.80
C MET I 102 -54.81 10.48 -11.28
N PHE I 103 -55.94 10.57 -10.58
CA PHE I 103 -56.41 11.81 -9.99
C PHE I 103 -56.58 11.65 -8.49
N SER I 104 -55.62 11.00 -7.84
CA SER I 104 -55.68 10.74 -6.41
C SER I 104 -54.99 11.86 -5.63
N THR I 105 -55.16 11.80 -4.31
CA THR I 105 -54.58 12.83 -3.45
C THR I 105 -53.06 12.81 -3.54
N LYS I 106 -52.46 11.61 -3.61
CA LYS I 106 -51.01 11.51 -3.70
C LYS I 106 -50.50 12.19 -4.97
N VAL I 107 -51.14 11.92 -6.11
CA VAL I 107 -50.72 12.51 -7.37
C VAL I 107 -50.91 14.02 -7.34
N MET I 108 -52.04 14.48 -6.79
CA MET I 108 -52.27 15.92 -6.70
C MET I 108 -51.22 16.60 -5.83
N ASN I 109 -50.87 15.97 -4.70
CA ASN I 109 -49.85 16.55 -3.84
C ASN I 109 -48.49 16.59 -4.52
N ALA I 110 -48.14 15.53 -5.25
CA ALA I 110 -46.87 15.54 -5.98
C ALA I 110 -46.86 16.63 -7.04
N ILE I 111 -47.99 16.79 -7.74
CA ILE I 111 -48.10 17.84 -8.76
C ILE I 111 -47.88 19.21 -8.12
N LYS I 112 -48.55 19.46 -6.99
CA LYS I 112 -48.40 20.75 -6.32
C LYS I 112 -46.98 20.94 -5.81
N THR I 113 -46.34 19.88 -5.33
CA THR I 113 -45.02 20.01 -4.73
C THR I 113 -43.96 20.32 -5.79
N ASP I 114 -43.94 19.57 -6.89
CA ASP I 114 -42.88 19.73 -7.89
C ASP I 114 -43.40 19.35 -9.27
N PRO I 115 -44.07 20.29 -9.95
CA PRO I 115 -44.57 19.97 -11.30
C PRO I 115 -43.47 19.57 -12.27
N VAL I 116 -42.31 20.24 -12.22
CA VAL I 116 -41.26 19.95 -13.19
C VAL I 116 -40.64 18.59 -12.93
N ALA I 117 -40.33 18.29 -11.66
CA ALA I 117 -39.69 17.02 -11.34
C ALA I 117 -40.65 15.84 -11.43
N LEU I 118 -41.95 16.08 -11.34
CA LEU I 118 -42.91 14.98 -11.44
C LEU I 118 -42.78 14.30 -12.79
N ASP I 119 -42.81 12.98 -12.78
CA ASP I 119 -42.73 12.17 -14.00
C ASP I 119 -44.14 11.75 -14.38
N LEU I 120 -44.73 12.43 -15.36
CA LEU I 120 -46.11 12.21 -15.73
C LEU I 120 -46.29 10.98 -16.63
N HIS I 121 -45.24 10.57 -17.33
CA HIS I 121 -45.38 9.45 -18.26
C HIS I 121 -45.71 8.16 -17.53
N SER I 122 -45.04 7.90 -16.40
CA SER I 122 -45.34 6.70 -15.64
C SER I 122 -46.76 6.72 -15.09
N ILE I 123 -47.24 7.89 -14.66
CA ILE I 123 -48.62 7.99 -14.21
C ILE I 123 -49.58 7.67 -15.35
N ASN I 124 -49.35 8.28 -16.52
CA ASN I 124 -50.15 8.00 -17.70
C ASN I 124 -49.54 8.71 -18.89
N SER I 125 -49.70 8.12 -20.08
CA SER I 125 -49.17 8.71 -21.30
C SER I 125 -50.14 9.68 -21.98
N HIS I 126 -51.38 9.76 -21.52
CA HIS I 126 -52.38 10.67 -22.03
C HIS I 126 -53.03 11.43 -20.88
N PHE I 127 -52.18 11.89 -19.96
CA PHE I 127 -52.69 12.47 -18.71
C PHE I 127 -53.51 13.72 -18.97
N PHE I 128 -53.02 14.62 -19.80
CA PHE I 128 -53.73 15.88 -20.01
C PHE I 128 -55.04 15.66 -20.74
N SER I 129 -55.05 14.79 -21.76
CA SER I 129 -56.29 14.49 -22.46
C SER I 129 -57.32 13.88 -21.53
N LEU I 130 -56.90 12.91 -20.70
CA LEU I 130 -57.83 12.26 -19.79
C LEU I 130 -58.31 13.23 -18.73
N ALA I 131 -57.43 14.11 -18.26
CA ALA I 131 -57.84 15.11 -17.28
C ALA I 131 -58.87 16.07 -17.86
N ILE I 132 -58.66 16.51 -19.10
CA ILE I 132 -59.64 17.38 -19.73
C ILE I 132 -60.98 16.67 -19.87
N LYS I 133 -60.94 15.41 -20.28
CA LYS I 133 -62.18 14.65 -20.41
C LYS I 133 -62.89 14.51 -19.06
N TRP I 134 -62.13 14.20 -18.00
CA TRP I 134 -62.72 14.06 -16.68
C TRP I 134 -63.33 15.37 -16.19
N ILE I 135 -62.63 16.48 -16.41
CA ILE I 135 -63.15 17.78 -16.02
C ILE I 135 -64.43 18.09 -16.78
N MET I 136 -64.44 17.84 -18.09
CA MET I 136 -65.66 18.07 -18.86
C MET I 136 -66.80 17.21 -18.34
N LEU I 137 -66.50 15.96 -17.96
CA LEU I 137 -67.53 15.06 -17.47
C LEU I 137 -68.12 15.56 -16.15
N PHE I 138 -67.27 16.04 -15.24
CA PHE I 138 -67.69 16.26 -13.85
C PHE I 138 -67.83 17.71 -13.43
N SER I 139 -67.55 18.68 -14.30
CA SER I 139 -67.76 20.10 -13.98
C SER I 139 -67.16 20.45 -12.61
N GLU I 140 -65.85 20.26 -12.50
CA GLU I 140 -65.11 20.56 -11.29
C GLU I 140 -63.97 21.53 -11.60
N LYS I 141 -63.66 22.39 -10.64
CA LYS I 141 -62.71 23.47 -10.86
C LYS I 141 -61.38 23.29 -10.12
N GLU I 142 -61.36 22.53 -9.03
CA GLU I 142 -60.11 22.30 -8.32
C GLU I 142 -59.11 21.57 -9.20
N LEU I 143 -59.54 20.48 -9.84
CA LEU I 143 -58.67 19.76 -10.74
C LEU I 143 -58.25 20.64 -11.92
N ALA I 144 -59.18 21.47 -12.40
CA ALA I 144 -58.84 22.37 -13.50
C ALA I 144 -57.72 23.32 -13.11
N ASN I 145 -57.81 23.91 -11.92
CA ASN I 145 -56.77 24.82 -11.45
C ASN I 145 -55.45 24.09 -11.31
N VAL I 146 -55.47 22.90 -10.70
CA VAL I 146 -54.23 22.15 -10.50
C VAL I 146 -53.59 21.83 -11.83
N VAL I 147 -54.38 21.36 -12.79
CA VAL I 147 -53.84 20.96 -14.09
C VAL I 147 -53.31 22.16 -14.84
N SER I 148 -54.01 23.30 -14.76
CA SER I 148 -53.53 24.50 -15.44
C SER I 148 -52.18 24.94 -14.88
N GLU I 149 -52.06 24.96 -13.55
CA GLU I 149 -50.79 25.33 -12.94
C GLU I 149 -49.69 24.36 -13.36
N LEU I 150 -49.98 23.06 -13.33
CA LEU I 150 -48.98 22.06 -13.72
C LEU I 150 -48.54 22.27 -15.16
N LEU I 151 -49.49 22.50 -16.06
CA LEU I 151 -49.15 22.68 -17.46
C LEU I 151 -48.28 23.90 -17.66
N LEU I 152 -48.61 25.01 -17.01
CA LEU I 152 -47.80 26.22 -17.17
C LEU I 152 -46.38 26.00 -16.65
N GLN I 153 -46.25 25.42 -15.46
CA GLN I 153 -44.93 25.23 -14.87
C GLN I 153 -44.11 24.22 -15.66
N ARG I 154 -44.76 23.25 -16.32
CA ARG I 154 -44.03 22.32 -17.17
C ARG I 154 -43.64 22.95 -18.50
N ALA I 155 -44.52 23.79 -19.06
CA ALA I 155 -44.23 24.43 -20.33
C ALA I 155 -43.06 25.38 -20.22
N GLN I 156 -42.87 26.01 -19.06
CA GLN I 156 -41.68 26.85 -18.89
C GLN I 156 -40.41 26.06 -19.18
N GLU I 157 -40.23 24.91 -18.52
CA GLU I 157 -39.05 24.11 -18.74
C GLU I 157 -39.04 23.50 -20.14
N LEU I 158 -40.21 23.17 -20.68
CA LEU I 158 -40.28 22.65 -22.04
C LEU I 158 -39.72 23.66 -23.03
N ASN I 159 -40.11 24.93 -22.90
CA ASN I 159 -39.59 25.96 -23.78
C ASN I 159 -38.10 26.18 -23.57
N HIS I 160 -37.65 26.13 -22.30
CA HIS I 160 -36.21 26.24 -22.06
C HIS I 160 -35.45 25.17 -22.83
N HIS I 161 -35.89 23.91 -22.71
CA HIS I 161 -35.19 22.82 -23.39
C HIS I 161 -35.28 22.96 -24.89
N ALA I 162 -36.44 23.35 -25.43
CA ALA I 162 -36.58 23.51 -26.86
C ALA I 162 -35.66 24.60 -27.39
N SER I 163 -35.56 25.72 -26.66
CA SER I 163 -34.65 26.79 -27.07
C SER I 163 -33.20 26.31 -27.04
N SER I 164 -32.83 25.54 -26.03
CA SER I 164 -31.47 25.03 -25.94
C SER I 164 -31.13 24.21 -27.19
N LEU I 165 -30.13 24.65 -27.94
CA LEU I 165 -29.67 23.98 -29.14
C LEU I 165 -28.18 23.68 -29.05
N SER I 166 -27.75 22.62 -29.72
CA SER I 166 -26.35 22.22 -29.68
C SER I 166 -25.53 22.99 -30.72
N ILE I 167 -24.21 23.00 -30.50
CA ILE I 167 -23.26 23.65 -31.39
C ILE I 167 -22.06 22.74 -31.55
N ASP I 168 -21.52 22.69 -32.77
CA ASP I 168 -20.39 21.82 -33.10
C ASP I 168 -19.11 22.66 -33.07
N LEU I 169 -18.36 22.56 -31.97
CA LEU I 169 -17.10 23.27 -31.87
C LEU I 169 -16.02 22.65 -32.75
N ASN I 170 -15.91 21.32 -32.73
CA ASN I 170 -14.88 20.65 -33.51
C ASN I 170 -15.07 20.87 -35.00
N ALA I 171 -16.31 20.78 -35.47
CA ALA I 171 -16.61 20.96 -36.89
C ALA I 171 -16.80 22.44 -37.22
N ASN I 182 -27.83 17.88 -22.81
CA ASN I 182 -27.71 16.48 -23.19
C ASN I 182 -28.31 15.57 -22.13
N ILE I 183 -27.58 15.37 -21.02
CA ILE I 183 -28.07 14.50 -19.97
C ILE I 183 -29.37 15.02 -19.39
N ALA I 184 -29.39 16.31 -19.01
CA ALA I 184 -30.62 16.89 -18.46
C ALA I 184 -31.72 16.92 -19.50
N THR I 185 -31.38 17.23 -20.75
CA THR I 185 -32.39 17.27 -21.80
C THR I 185 -33.08 15.93 -21.94
N SER I 186 -32.31 14.84 -22.04
CA SER I 186 -32.92 13.52 -22.18
C SER I 186 -33.65 13.10 -20.92
N THR I 187 -33.12 13.48 -19.74
CA THR I 187 -33.79 13.13 -18.50
C THR I 187 -35.17 13.76 -18.43
N PHE I 188 -35.29 15.02 -18.84
CA PHE I 188 -36.60 15.66 -18.87
C PHE I 188 -37.47 15.07 -19.98
N LEU I 189 -36.88 14.78 -21.14
CA LEU I 189 -37.66 14.23 -22.23
C LEU I 189 -38.30 12.91 -21.86
N LEU I 190 -37.62 12.08 -21.05
CA LEU I 190 -38.21 10.82 -20.64
C LEU I 190 -39.46 11.01 -19.78
N LYS I 191 -39.66 12.19 -19.21
CA LYS I 191 -40.77 12.44 -18.30
C LYS I 191 -41.98 13.07 -18.96
N LEU I 192 -41.95 13.25 -20.28
CA LEU I 192 -42.98 14.04 -20.94
C LEU I 192 -44.18 13.16 -21.36
N GLU I 193 -45.34 13.79 -21.38
CA GLU I 193 -46.58 13.19 -21.88
C GLU I 193 -46.63 13.37 -23.40
N GLU I 194 -47.61 12.74 -24.04
CA GLU I 194 -47.66 12.74 -25.51
C GLU I 194 -47.89 14.15 -26.06
N MET I 195 -48.85 14.88 -25.48
CA MET I 195 -49.11 16.23 -25.95
C MET I 195 -47.90 17.13 -25.74
N GLU I 196 -47.24 17.00 -24.59
CA GLU I 196 -46.03 17.77 -24.34
C GLU I 196 -44.94 17.40 -25.33
N LYS I 197 -44.85 16.12 -25.69
CA LYS I 197 -43.86 15.70 -26.69
C LYS I 197 -44.16 16.35 -28.04
N GLU I 198 -45.43 16.39 -28.43
CA GLU I 198 -45.78 17.03 -29.70
C GLU I 198 -45.44 18.51 -29.69
N ILE I 199 -45.78 19.21 -28.59
CA ILE I 199 -45.48 20.63 -28.50
C ILE I 199 -43.98 20.86 -28.53
N TYR I 200 -43.22 20.01 -27.81
CA TYR I 200 -41.78 20.13 -27.81
C TYR I 200 -41.20 19.93 -29.20
N LYS I 201 -41.70 18.92 -29.92
CA LYS I 201 -41.20 18.67 -31.28
C LYS I 201 -41.46 19.88 -32.18
N LYS I 202 -42.68 20.42 -32.12
CA LYS I 202 -43.01 21.57 -32.96
C LYS I 202 -42.10 22.76 -32.65
N SER I 203 -41.96 23.09 -31.36
CA SER I 203 -41.16 24.24 -30.98
C SER I 203 -39.70 24.04 -31.34
N HIS I 204 -39.17 22.83 -31.11
CA HIS I 204 -37.78 22.55 -31.43
C HIS I 204 -37.53 22.68 -32.92
N GLU I 205 -38.45 22.15 -33.74
CA GLU I 205 -38.28 22.28 -35.19
C GLU I 205 -38.32 23.74 -35.61
N SER I 206 -39.22 24.53 -35.04
CA SER I 206 -39.29 25.95 -35.37
C SER I 206 -37.98 26.65 -35.02
N TYR I 207 -37.46 26.40 -33.82
CA TYR I 207 -36.21 27.04 -33.42
C TYR I 207 -35.06 26.61 -34.31
N LYS I 208 -34.98 25.31 -34.63
CA LYS I 208 -33.91 24.83 -35.49
C LYS I 208 -33.98 25.46 -36.87
N ASP I 209 -35.18 25.55 -37.45
CA ASP I 209 -35.32 26.17 -38.77
C ASP I 209 -34.91 27.63 -38.73
N THR I 210 -35.33 28.36 -37.70
CA THR I 210 -34.95 29.77 -37.61
C THR I 210 -33.43 29.91 -37.49
N LYS I 211 -32.80 29.10 -36.65
CA LYS I 211 -31.35 29.18 -36.50
C LYS I 211 -30.64 28.84 -37.80
N ARG I 212 -31.11 27.80 -38.49
CA ARG I 212 -30.50 27.41 -39.76
C ARG I 212 -30.61 28.53 -40.78
N TRP I 213 -31.78 29.15 -40.89
CA TRP I 213 -31.92 30.25 -41.82
C TRP I 213 -31.01 31.41 -41.45
N MET I 214 -30.93 31.73 -40.15
CA MET I 214 -30.12 32.87 -39.73
C MET I 214 -28.64 32.64 -40.05
N PHE I 215 -28.13 31.44 -39.80
CA PHE I 215 -26.71 31.18 -39.94
C PHE I 215 -26.32 30.47 -41.23
N LYS I 216 -27.26 30.31 -42.17
CA LYS I 216 -26.88 29.80 -43.47
C LYS I 216 -25.80 30.67 -44.10
N LYS I 217 -24.79 30.00 -44.66
CA LYS I 217 -23.66 30.70 -45.28
C LYS I 217 -24.04 31.26 -46.64
N ILE J 52 -63.68 47.19 -56.05
CA ILE J 52 -63.35 48.48 -56.71
C ILE J 52 -61.89 48.48 -57.11
N TYR J 53 -61.64 48.29 -58.41
CA TYR J 53 -60.27 48.28 -58.92
C TYR J 53 -59.62 49.64 -58.74
N VAL J 54 -58.35 49.62 -58.33
CA VAL J 54 -57.59 50.85 -58.12
C VAL J 54 -56.34 50.83 -58.98
N SER J 55 -55.46 49.86 -58.73
CA SER J 55 -54.19 49.76 -59.42
C SER J 55 -53.60 48.38 -59.13
N PRO J 56 -52.68 47.91 -59.98
CA PRO J 56 -52.07 46.59 -59.73
C PRO J 56 -51.40 46.48 -58.37
N GLN J 57 -50.79 47.57 -57.88
CA GLN J 57 -50.11 47.51 -56.59
C GLN J 57 -51.11 47.19 -55.47
N GLN J 58 -52.28 47.83 -55.49
CA GLN J 58 -53.28 47.54 -54.48
C GLN J 58 -53.77 46.10 -54.59
N ASP J 59 -53.93 45.59 -55.80
CA ASP J 59 -54.32 44.20 -55.98
C ASP J 59 -53.28 43.27 -55.37
N PHE J 60 -52.00 43.53 -55.61
CA PHE J 60 -50.96 42.69 -55.04
C PHE J 60 -50.96 42.77 -53.51
N SER J 61 -51.16 43.97 -52.96
CA SER J 61 -51.23 44.11 -51.51
C SER J 61 -52.39 43.31 -50.93
N ASP J 62 -53.56 43.40 -51.57
CA ASP J 62 -54.71 42.64 -51.10
C ASP J 62 -54.48 41.14 -51.21
N LEU J 63 -53.83 40.70 -52.29
CA LEU J 63 -53.51 39.29 -52.43
C LEU J 63 -52.59 38.82 -51.32
N MET J 64 -51.57 39.61 -50.99
CA MET J 64 -50.68 39.26 -49.90
C MET J 64 -51.41 39.19 -48.57
N LYS J 65 -52.28 40.18 -48.31
CA LYS J 65 -53.06 40.17 -47.09
C LYS J 65 -53.93 38.92 -46.99
N SER J 66 -54.60 38.58 -48.09
CA SER J 66 -55.45 37.39 -48.10
C SER J 66 -54.62 36.13 -47.87
N TRP J 67 -53.45 36.04 -48.49
CA TRP J 67 -52.59 34.88 -48.31
C TRP J 67 -52.18 34.74 -46.84
N LYS J 68 -51.75 35.84 -46.21
CA LYS J 68 -51.34 35.77 -44.82
C LYS J 68 -52.52 35.37 -43.93
N ASN J 69 -53.68 35.98 -44.16
CA ASN J 69 -54.84 35.67 -43.32
C ASN J 69 -55.25 34.21 -43.47
N GLU J 70 -55.26 33.70 -44.71
CA GLU J 70 -55.62 32.30 -44.93
C GLU J 70 -54.61 31.37 -44.26
N ARG J 71 -53.33 31.69 -44.34
CA ARG J 71 -52.32 30.84 -43.72
C ARG J 71 -52.50 30.81 -42.20
N CYS J 72 -52.80 31.96 -41.60
CA CYS J 72 -52.89 32.06 -40.15
C CYS J 72 -54.31 31.89 -39.62
N SER J 73 -55.32 31.70 -40.49
CA SER J 73 -56.67 31.64 -39.99
C SER J 73 -57.10 30.21 -39.73
N PRO J 74 -57.94 29.96 -38.72
CA PRO J 74 -58.44 28.60 -38.49
C PRO J 74 -59.50 28.19 -39.50
N GLU J 75 -60.42 29.10 -39.79
CA GLU J 75 -61.53 28.82 -40.70
C GLU J 75 -61.12 29.04 -42.15
N LEU J 76 -62.05 28.73 -43.05
CA LEU J 76 -61.86 28.97 -44.47
C LEU J 76 -62.56 30.28 -44.84
N LEU J 77 -61.78 31.28 -45.21
CA LEU J 77 -62.31 32.60 -45.50
C LEU J 77 -62.91 32.67 -46.89
N PRO J 78 -63.81 33.63 -47.12
CA PRO J 78 -64.44 33.73 -48.45
C PRO J 78 -63.43 34.02 -49.54
N TYR J 79 -63.74 33.52 -50.74
CA TYR J 79 -62.85 33.64 -51.89
C TYR J 79 -62.96 35.03 -52.50
N PRO J 80 -61.83 35.71 -52.76
CA PRO J 80 -61.89 36.98 -53.51
C PRO J 80 -61.99 36.75 -55.01
N HIS J 81 -63.22 36.56 -55.51
CA HIS J 81 -63.38 36.16 -56.90
C HIS J 81 -62.86 37.23 -57.86
N GLN J 82 -63.29 38.47 -57.69
CA GLN J 82 -62.92 39.52 -58.64
C GLN J 82 -61.42 39.75 -58.62
N LEU J 83 -60.82 39.82 -57.43
CA LEU J 83 -59.39 40.07 -57.33
C LEU J 83 -58.60 38.96 -58.00
N MET J 84 -58.98 37.71 -57.76
CA MET J 84 -58.26 36.59 -58.37
C MET J 84 -58.43 36.57 -59.88
N LYS J 85 -59.63 36.88 -60.38
CA LYS J 85 -59.81 36.96 -61.82
C LYS J 85 -58.92 38.03 -62.42
N ARG J 86 -58.88 39.21 -61.79
CA ARG J 86 -58.02 40.28 -62.28
C ARG J 86 -56.56 39.85 -62.28
N LEU J 87 -56.13 39.18 -61.21
CA LEU J 87 -54.74 38.76 -61.11
C LEU J 87 -54.39 37.75 -62.19
N LEU J 88 -55.26 36.77 -62.43
CA LEU J 88 -54.98 35.77 -63.46
C LEU J 88 -54.92 36.42 -64.84
N ASN J 89 -55.86 37.33 -65.14
CA ASN J 89 -55.84 38.01 -66.43
C ASN J 89 -54.56 38.83 -66.58
N ARG J 90 -54.16 39.53 -65.51
CA ARG J 90 -52.94 40.32 -65.56
C ARG J 90 -51.72 39.44 -65.77
N ILE J 91 -51.69 38.28 -65.13
CA ILE J 91 -50.58 37.35 -65.33
C ILE J 91 -50.51 36.90 -66.78
N SER J 92 -51.66 36.57 -67.36
CA SER J 92 -51.68 36.16 -68.76
C SER J 92 -51.14 37.27 -69.66
N MET J 93 -51.64 38.49 -69.48
CA MET J 93 -51.20 39.60 -70.33
C MET J 93 -49.72 39.88 -70.13
N GLN J 94 -49.23 39.82 -68.89
CA GLN J 94 -47.82 40.10 -68.64
C GLN J 94 -46.94 39.01 -69.24
N SER J 95 -47.36 37.76 -69.18
CA SER J 95 -46.59 36.69 -69.82
C SER J 95 -46.53 36.91 -71.33
N GLN J 96 -47.67 37.28 -71.93
CA GLN J 96 -47.65 37.56 -73.37
C GLN J 96 -46.72 38.72 -73.69
N LEU J 97 -46.73 39.77 -72.86
CA LEU J 97 -45.86 40.92 -73.08
C LEU J 97 -44.39 40.52 -72.97
N ILE J 98 -44.06 39.70 -71.97
CA ILE J 98 -42.68 39.24 -71.81
C ILE J 98 -42.25 38.44 -73.02
N GLU J 99 -43.12 37.54 -73.50
CA GLU J 99 -42.79 36.76 -74.69
C GLU J 99 -42.58 37.66 -75.89
N ASN J 100 -43.44 38.67 -76.06
CA ASN J 100 -43.30 39.57 -77.20
C ASN J 100 -41.98 40.32 -77.14
N ILE J 101 -41.60 40.81 -75.96
CA ILE J 101 -40.33 41.52 -75.83
C ILE J 101 -39.16 40.58 -76.10
N SER J 102 -39.20 39.38 -75.53
CA SER J 102 -38.09 38.45 -75.67
C SER J 102 -37.89 38.02 -77.12
N MET J 103 -39.00 37.80 -77.85
CA MET J 103 -38.89 37.35 -79.22
C MET J 103 -38.14 38.37 -80.07
N GLY J 104 -38.41 39.65 -79.88
CA GLY J 104 -37.75 40.70 -80.62
C GLY J 104 -36.25 40.75 -80.34
N ASN J 120 -28.07 45.40 -75.24
CA ASN J 120 -27.89 44.73 -73.96
C ASN J 120 -28.52 45.52 -72.82
N GLU J 121 -28.88 46.78 -73.10
CA GLU J 121 -29.50 47.63 -72.09
C GLU J 121 -30.86 47.10 -71.66
N SER J 122 -31.50 46.27 -72.48
CA SER J 122 -32.82 45.73 -72.20
C SER J 122 -32.77 44.38 -71.50
N LYS J 123 -31.58 43.89 -71.15
CA LYS J 123 -31.48 42.59 -70.51
C LYS J 123 -31.96 42.65 -69.06
N LEU J 124 -31.54 43.67 -68.31
CA LEU J 124 -31.93 43.75 -66.90
C LEU J 124 -33.44 43.91 -66.73
N PRO J 125 -34.12 44.80 -67.45
CA PRO J 125 -35.59 44.90 -67.28
C PRO J 125 -36.29 43.57 -67.48
N LEU J 126 -35.89 42.79 -68.47
CA LEU J 126 -36.54 41.50 -68.72
C LEU J 126 -36.35 40.56 -67.55
N LEU J 127 -35.14 40.53 -66.99
CA LEU J 127 -34.90 39.72 -65.79
C LEU J 127 -35.82 40.15 -64.67
N CYS J 128 -36.00 41.46 -64.49
CA CYS J 128 -36.91 41.94 -63.45
C CYS J 128 -38.33 41.48 -63.70
N MET J 129 -38.80 41.55 -64.95
CA MET J 129 -40.17 41.11 -65.24
C MET J 129 -40.32 39.63 -64.91
N GLU J 130 -39.37 38.80 -65.33
CA GLU J 130 -39.47 37.38 -65.11
C GLU J 130 -39.46 37.04 -63.62
N THR J 131 -38.56 37.69 -62.86
CA THR J 131 -38.53 37.45 -61.42
C THR J 131 -39.84 37.86 -60.77
N GLU J 132 -40.39 39.01 -61.15
CA GLU J 132 -41.66 39.45 -60.59
C GLU J 132 -42.78 38.46 -60.90
N LEU J 133 -42.82 37.97 -62.14
CA LEU J 133 -43.83 36.99 -62.52
C LEU J 133 -43.69 35.73 -61.67
N GLU J 134 -42.46 35.27 -61.46
CA GLU J 134 -42.25 34.08 -60.64
C GLU J 134 -42.73 34.30 -59.21
N ARG J 135 -42.44 35.47 -58.64
CA ARG J 135 -42.88 35.75 -57.27
C ARG J 135 -44.41 35.74 -57.18
N LEU J 136 -45.08 36.40 -58.13
CA LEU J 136 -46.54 36.44 -58.10
C LEU J 136 -47.12 35.04 -58.25
N LYS J 137 -46.56 34.24 -59.16
CA LYS J 137 -47.02 32.88 -59.34
C LYS J 137 -46.86 32.07 -58.07
N PHE J 138 -45.73 32.21 -57.39
CA PHE J 138 -45.52 31.49 -56.14
C PHE J 138 -46.56 31.89 -55.09
N VAL J 139 -46.83 33.20 -54.98
CA VAL J 139 -47.80 33.64 -53.97
C VAL J 139 -49.17 33.03 -54.26
N ILE J 140 -49.61 33.10 -55.51
CA ILE J 140 -50.93 32.55 -55.85
C ILE J 140 -50.96 31.05 -55.60
N ARG J 141 -49.89 30.35 -55.98
CA ARG J 141 -49.83 28.91 -55.79
C ARG J 141 -49.96 28.54 -54.32
N SER J 142 -49.20 29.22 -53.46
CA SER J 142 -49.26 28.91 -52.03
C SER J 142 -50.64 29.19 -51.48
N TYR J 143 -51.25 30.32 -51.87
CA TYR J 143 -52.58 30.65 -51.39
C TYR J 143 -53.57 29.56 -51.77
N ILE J 144 -53.57 29.14 -53.04
CA ILE J 144 -54.54 28.17 -53.51
C ILE J 144 -54.32 26.82 -52.86
N ARG J 145 -53.05 26.42 -52.67
CA ARG J 145 -52.78 25.14 -52.04
C ARG J 145 -53.23 25.13 -50.58
N CYS J 146 -53.01 26.23 -49.86
CA CYS J 146 -53.52 26.31 -48.49
C CYS J 146 -55.05 26.21 -48.48
N ARG J 147 -55.71 26.89 -49.41
CA ARG J 147 -57.17 26.80 -49.48
C ARG J 147 -57.62 25.36 -49.75
N LEU J 148 -56.94 24.67 -50.66
CA LEU J 148 -57.31 23.29 -50.96
C LEU J 148 -57.11 22.39 -49.74
N SER J 149 -56.02 22.58 -49.00
CA SER J 149 -55.82 21.79 -47.80
C SER J 149 -56.94 22.04 -46.78
N LYS J 150 -57.31 23.31 -46.60
CA LYS J 150 -58.40 23.62 -45.68
C LYS J 150 -59.70 22.96 -46.13
N ILE J 151 -59.97 22.98 -47.44
CA ILE J 151 -61.17 22.32 -47.95
C ILE J 151 -61.11 20.82 -47.66
N ASP J 152 -59.93 20.22 -47.79
CA ASP J 152 -59.77 18.82 -47.44
C ASP J 152 -60.13 18.56 -45.99
N LYS J 153 -59.69 19.46 -45.10
CA LYS J 153 -59.92 19.23 -43.67
C LYS J 153 -61.36 19.48 -43.25
N PHE J 154 -62.16 20.16 -44.08
CA PHE J 154 -63.52 20.53 -43.72
C PHE J 154 -64.54 20.10 -44.77
N SER J 155 -64.33 18.96 -45.41
CA SER J 155 -65.27 18.51 -46.44
C SER J 155 -66.66 18.28 -45.86
N LEU J 156 -66.73 17.55 -44.76
CA LEU J 156 -68.03 17.24 -44.17
C LEU J 156 -68.73 18.48 -43.65
N TYR J 157 -67.97 19.42 -43.08
CA TYR J 157 -68.58 20.65 -42.58
C TYR J 157 -69.20 21.46 -43.72
CA LEU J 158 -69.05 22.30 -45.98
C LEU J 158 -70.25 21.59 -46.57
N ARG J 159 -70.20 20.25 -46.65
CA ARG J 159 -71.36 19.51 -47.12
C ARG J 159 -72.56 19.75 -46.21
N GLN J 160 -72.33 19.77 -44.89
CA GLN J 160 -73.41 20.05 -43.96
C GLN J 160 -73.95 21.47 -44.17
N LEU J 161 -73.06 22.42 -44.41
CA LEU J 161 -73.50 23.79 -44.68
C LEU J 161 -74.45 23.81 -45.88
N ASN J 162 -74.06 23.15 -46.97
CA ASN J 162 -74.94 23.13 -48.14
C ASN J 162 -76.25 22.39 -47.84
N GLU J 163 -76.18 21.28 -47.12
CA GLU J 163 -77.40 20.51 -46.83
C GLU J 163 -78.42 21.33 -46.06
N ASP J 164 -77.99 22.36 -45.35
CA ASP J 164 -78.91 23.24 -44.63
C ASP J 164 -79.34 24.39 -45.51
N GLU J 165 -80.63 24.72 -45.47
CA GLU J 165 -81.17 25.83 -46.24
C GLU J 165 -81.29 27.11 -45.43
N ASN J 166 -81.45 27.00 -44.10
CA ASN J 166 -81.54 28.20 -43.27
C ASN J 166 -80.21 28.92 -43.16
N SER J 167 -79.10 28.23 -43.37
CA SER J 167 -77.80 28.88 -43.32
C SER J 167 -77.68 29.92 -44.42
N LEU J 168 -77.10 31.06 -44.08
CA LEU J 168 -76.96 32.15 -45.05
C LEU J 168 -75.84 31.87 -46.05
N ILE J 169 -74.76 31.22 -45.61
CA ILE J 169 -73.62 31.00 -46.47
C ILE J 169 -73.93 29.90 -47.48
N SER J 170 -73.39 30.06 -48.69
CA SER J 170 -73.48 29.05 -49.74
C SER J 170 -72.10 28.86 -50.35
N LEU J 171 -71.77 27.61 -50.69
CA LEU J 171 -70.42 27.32 -51.16
C LEU J 171 -70.10 28.03 -52.46
N THR J 172 -71.11 28.42 -53.24
CA THR J 172 -70.83 29.16 -54.47
C THR J 172 -70.16 30.49 -54.17
N ASP J 173 -70.62 31.18 -53.12
CA ASP J 173 -69.96 32.41 -52.69
C ASP J 173 -68.68 32.11 -51.91
N LEU J 174 -68.69 31.04 -51.10
CA LEU J 174 -67.56 30.74 -50.23
C LEU J 174 -66.41 30.07 -50.96
N LEU J 175 -66.64 29.52 -52.15
CA LEU J 175 -65.60 28.82 -52.88
C LEU J 175 -65.66 29.19 -54.36
N SER J 176 -64.53 29.02 -55.05
CA SER J 176 -64.49 29.17 -56.49
C SER J 176 -64.95 27.89 -57.17
N LYS J 177 -65.12 27.97 -58.49
CA LYS J 177 -65.59 26.80 -59.23
C LYS J 177 -64.61 25.65 -59.14
N ASP J 178 -63.32 25.93 -59.26
CA ASP J 178 -62.31 24.89 -59.14
C ASP J 178 -62.35 24.24 -57.75
N GLU J 179 -62.51 25.06 -56.71
CA GLU J 179 -62.60 24.51 -55.36
C GLU J 179 -63.84 23.64 -55.21
N ILE J 180 -64.96 24.06 -55.80
CA ILE J 180 -66.18 23.25 -55.72
C ILE J 180 -65.97 21.91 -56.39
N LYS J 181 -65.39 21.93 -57.60
CA LYS J 181 -65.15 20.67 -58.31
C LYS J 181 -64.22 19.77 -57.52
N TYR J 182 -63.13 20.33 -56.99
CA TYR J 182 -62.20 19.54 -56.20
C TYR J 182 -62.88 18.94 -54.97
N HIS J 183 -63.68 19.75 -54.27
CA HIS J 183 -64.38 19.26 -53.09
C HIS J 183 -65.29 18.10 -53.44
N ASP J 184 -66.12 18.26 -54.48
CA ASP J 184 -67.06 17.20 -54.85
C ASP J 184 -66.32 15.93 -55.26
N THR J 185 -65.31 16.07 -56.11
CA THR J 185 -64.59 14.90 -56.60
C THR J 185 -63.88 14.17 -55.46
N HIS J 186 -63.20 14.90 -54.59
CA HIS J 186 -62.50 14.26 -53.48
C HIS J 186 -63.47 13.59 -52.54
N SER J 187 -64.61 14.24 -52.25
CA SER J 187 -65.60 13.62 -51.38
C SER J 187 -66.10 12.32 -51.99
N LEU J 188 -66.43 12.32 -53.28
CA LEU J 188 -66.92 11.11 -53.91
C LEU J 188 -65.88 10.00 -53.88
N ILE J 189 -64.62 10.34 -54.19
CA ILE J 189 -63.57 9.32 -54.24
C ILE J 189 -63.35 8.71 -52.86
N TRP J 190 -63.25 9.56 -51.83
CA TRP J 190 -63.02 9.05 -50.49
C TRP J 190 -64.21 8.23 -50.00
N LEU J 191 -65.43 8.67 -50.33
CA LEU J 191 -66.61 7.92 -49.94
C LEU J 191 -66.61 6.55 -50.60
N LYS J 192 -66.25 6.49 -51.89
CA LYS J 192 -66.18 5.19 -52.57
C LYS J 192 -65.16 4.29 -51.90
N LEU J 193 -63.98 4.83 -51.59
CA LEU J 193 -62.96 4.01 -50.93
C LEU J 193 -63.47 3.44 -49.61
N VAL J 194 -63.98 4.31 -48.74
CA VAL J 194 -64.40 3.87 -47.42
C VAL J 194 -65.63 2.97 -47.48
N ASN J 195 -66.46 3.10 -48.52
CA ASN J 195 -67.61 2.21 -48.66
C ASN J 195 -67.17 0.84 -49.12
N ASP J 196 -66.25 0.78 -50.09
CA ASP J 196 -65.76 -0.51 -50.56
C ASP J 196 -64.87 -1.20 -49.53
N SER J 197 -64.33 -0.45 -48.57
CA SER J 197 -63.40 -1.03 -47.60
C SER J 197 -64.09 -1.42 -46.29
N ILE J 198 -64.77 -0.48 -45.64
CA ILE J 198 -65.20 -0.63 -44.25
C ILE J 198 -66.71 -0.50 -44.12
N LEU J 199 -67.30 0.57 -44.64
CA LEU J 199 -68.66 0.93 -44.28
C LEU J 199 -69.67 -0.14 -44.66
N LYS J 200 -69.43 -0.88 -45.75
CA LYS J 200 -70.43 -1.80 -46.25
C LYS J 200 -70.68 -2.97 -45.32
N TYR J 201 -69.83 -3.20 -44.32
CA TYR J 201 -70.01 -4.30 -43.39
C TYR J 201 -70.78 -3.90 -42.14
N MET J 202 -70.75 -2.63 -41.77
CA MET J 202 -71.44 -2.19 -40.57
C MET J 202 -72.95 -2.22 -40.79
N PRO J 203 -73.73 -2.31 -39.72
CA PRO J 203 -75.19 -2.28 -39.86
C PRO J 203 -75.66 -0.94 -40.39
N GLU J 204 -76.94 -0.89 -40.75
CA GLU J 204 -77.50 0.33 -41.32
C GLU J 204 -77.32 1.52 -40.39
N GLU J 205 -77.42 1.28 -39.08
CA GLU J 205 -77.29 2.38 -38.12
C GLU J 205 -75.90 3.01 -38.16
N LEU J 206 -74.88 2.28 -38.58
CA LEU J 206 -73.50 2.77 -38.56
C LEU J 206 -72.94 2.95 -39.96
N GLN J 207 -73.80 3.01 -40.98
CA GLN J 207 -73.36 3.11 -42.37
C GLN J 207 -73.24 4.55 -42.86
N ALA J 208 -73.42 5.53 -41.98
CA ALA J 208 -73.32 6.94 -42.35
C ALA J 208 -71.93 7.45 -42.03
N ILE J 209 -71.28 8.08 -43.02
CA ILE J 209 -69.95 8.63 -42.80
C ILE J 209 -70.00 9.89 -41.94
N ASN J 210 -71.15 10.55 -41.85
CA ASN J 210 -71.30 11.80 -41.10
C ASN J 210 -72.51 11.67 -40.18
N ASP J 211 -72.28 11.14 -38.98
CA ASP J 211 -73.31 11.03 -37.96
C ASP J 211 -72.94 11.94 -36.80
N THR J 212 -73.86 12.83 -36.43
CA THR J 212 -73.65 13.76 -35.33
C THR J 212 -74.29 13.30 -34.03
N GLU J 213 -75.09 12.24 -34.05
CA GLU J 213 -75.77 11.74 -32.86
C GLU J 213 -75.01 10.61 -32.18
N GLY J 214 -73.83 10.24 -32.69
CA GLY J 214 -73.07 9.16 -32.11
C GLY J 214 -72.30 9.57 -30.87
N SER J 215 -71.51 8.62 -30.37
CA SER J 215 -70.72 8.90 -29.18
C SER J 215 -69.71 10.01 -29.43
N VAL J 216 -69.06 10.00 -30.59
CA VAL J 216 -68.12 11.04 -30.99
C VAL J 216 -68.58 11.61 -32.32
N ASN J 217 -68.69 12.92 -32.40
CA ASN J 217 -69.16 13.57 -33.61
C ASN J 217 -68.12 13.42 -34.73
N MET J 218 -68.57 12.99 -35.91
CA MET J 218 -67.68 12.73 -37.03
C MET J 218 -67.38 13.96 -37.87
N ILE J 219 -68.13 15.05 -37.69
CA ILE J 219 -67.93 16.26 -38.49
C ILE J 219 -66.97 17.17 -37.73
N ASP J 220 -65.83 17.45 -38.34
CA ASP J 220 -64.78 18.25 -37.71
C ASP J 220 -64.99 19.72 -38.07
N GLU J 221 -65.49 20.50 -37.11
CA GLU J 221 -65.68 21.92 -37.31
C GLU J 221 -64.39 22.68 -37.02
N PRO J 222 -64.26 23.91 -37.51
CA PRO J 222 -63.06 24.69 -37.21
C PRO J 222 -62.98 25.05 -35.73
N ASP J 223 -61.75 25.24 -35.27
CA ASP J 223 -61.51 25.68 -33.89
C ASP J 223 -61.77 27.18 -33.83
N TRP J 224 -62.97 27.55 -33.39
CA TRP J 224 -63.37 28.96 -33.41
C TRP J 224 -62.49 29.80 -32.49
N ASN J 225 -62.16 29.27 -31.31
CA ASN J 225 -61.42 30.03 -30.31
C ASN J 225 -59.92 29.81 -30.39
N LYS J 226 -59.40 29.52 -31.58
CA LYS J 226 -57.97 29.33 -31.74
C LYS J 226 -57.24 30.66 -31.54
N PHE J 227 -56.10 30.59 -30.85
CA PHE J 227 -55.31 31.79 -30.57
C PHE J 227 -54.43 32.12 -31.76
N VAL J 228 -54.49 33.39 -32.19
CA VAL J 228 -53.72 33.86 -33.33
C VAL J 228 -53.10 35.20 -32.98
N PHE J 229 -52.01 35.53 -33.68
CA PHE J 229 -51.36 36.83 -33.55
C PHE J 229 -52.04 37.84 -34.45
N ILE J 230 -52.18 39.07 -33.96
CA ILE J 230 -52.81 40.15 -34.72
C ILE J 230 -51.98 41.41 -34.60
N HIS J 231 -52.14 42.29 -35.58
CA HIS J 231 -51.57 43.63 -35.56
C HIS J 231 -52.68 44.61 -35.89
N VAL J 232 -52.98 45.51 -34.96
CA VAL J 232 -54.09 46.44 -35.13
C VAL J 232 -53.62 47.60 -36.01
N ASN J 233 -54.35 47.85 -37.09
CA ASN J 233 -54.02 48.91 -38.03
C ASN J 233 -55.05 50.02 -38.10
N GLY J 234 -56.28 49.78 -37.65
CA GLY J 234 -57.31 50.78 -37.71
C GLY J 234 -57.92 50.88 -39.09
N PRO J 235 -58.85 51.83 -39.27
CA PRO J 235 -59.50 51.96 -40.57
C PRO J 235 -58.47 52.26 -41.65
N PRO J 236 -58.69 51.74 -42.88
CA PRO J 236 -57.76 52.00 -43.98
C PRO J 236 -57.46 53.48 -44.18
N ASP J 243 -64.92 55.87 -37.96
CA ASP J 243 -65.01 54.51 -37.44
C ASP J 243 -65.88 54.49 -36.18
N PRO J 244 -67.14 54.06 -36.32
CA PRO J 244 -68.01 53.98 -35.13
C PRO J 244 -67.45 53.10 -34.03
N LEU J 245 -66.80 51.99 -34.40
CA LEU J 245 -66.28 51.07 -33.40
C LEU J 245 -65.04 51.61 -32.70
N LEU J 246 -64.37 52.60 -33.28
CA LEU J 246 -63.14 53.13 -32.71
C LEU J 246 -63.47 54.08 -31.56
N GLN J 247 -62.66 54.01 -30.50
CA GLN J 247 -62.79 54.92 -29.38
C GLN J 247 -61.42 55.09 -28.73
N GLU J 248 -61.27 56.19 -28.00
CA GLU J 248 -60.01 56.54 -27.36
C GLU J 248 -59.96 56.00 -25.94
N ASN J 249 -58.73 55.79 -25.47
CA ASN J 249 -58.48 55.28 -24.13
C ASN J 249 -58.07 56.42 -23.21
N GLU J 250 -57.69 56.08 -21.97
CA GLU J 250 -57.27 57.10 -21.01
C GLU J 250 -56.02 57.83 -21.49
N PHE J 251 -55.06 57.10 -22.06
CA PHE J 251 -53.78 57.65 -22.45
C PHE J 251 -53.84 58.41 -23.78
N GLY J 252 -55.03 58.64 -24.33
CA GLY J 252 -55.16 59.45 -25.52
C GLY J 252 -54.82 58.76 -26.82
N LYS J 253 -54.73 57.42 -26.82
CA LYS J 253 -54.47 56.70 -28.06
C LYS J 253 -55.74 56.03 -28.56
N PRO J 254 -55.94 55.94 -29.88
CA PRO J 254 -57.11 55.22 -30.40
C PRO J 254 -57.06 53.75 -30.01
N CYS J 255 -58.24 53.17 -29.79
CA CYS J 255 -58.31 51.81 -29.30
C CYS J 255 -59.63 51.18 -29.71
N TYR J 256 -59.65 49.84 -29.69
CA TYR J 256 -60.84 49.04 -29.94
C TYR J 256 -61.17 48.23 -28.69
N THR J 257 -62.45 47.99 -28.47
CA THR J 257 -62.92 47.22 -27.32
C THR J 257 -63.66 45.98 -27.82
N VAL J 258 -63.24 44.82 -27.32
CA VAL J 258 -63.87 43.54 -27.63
C VAL J 258 -64.12 42.80 -26.32
N THR J 259 -65.08 41.88 -26.36
CA THR J 259 -65.48 41.12 -25.19
C THR J 259 -65.21 39.63 -25.39
N ILE J 260 -64.98 38.95 -24.28
CA ILE J 260 -64.80 37.49 -24.28
C ILE J 260 -65.96 36.89 -23.51
N PRO J 261 -67.01 36.39 -24.18
CA PRO J 261 -68.20 35.97 -23.44
C PRO J 261 -67.94 34.96 -22.34
N ASP J 262 -67.04 34.00 -22.58
CA ASP J 262 -66.81 32.95 -21.60
C ASP J 262 -66.28 33.51 -20.30
N LEU J 263 -65.32 34.44 -20.37
CA LEU J 263 -64.68 35.01 -19.20
C LEU J 263 -65.29 36.34 -18.77
N LYS J 264 -66.25 36.87 -19.52
CA LYS J 264 -66.90 38.13 -19.18
C LYS J 264 -65.89 39.26 -19.01
N GLU J 265 -64.87 39.26 -19.86
CA GLU J 265 -63.82 40.27 -19.82
C GLU J 265 -64.03 41.30 -20.93
N GLU J 266 -63.30 42.42 -20.80
CA GLU J 266 -63.25 43.45 -21.82
C GLU J 266 -61.79 43.74 -22.11
N VAL J 267 -61.41 43.64 -23.38
CA VAL J 267 -60.02 43.79 -23.82
C VAL J 267 -59.94 45.04 -24.68
N GLU J 268 -58.96 45.90 -24.39
CA GLU J 268 -58.76 47.15 -25.11
C GLU J 268 -57.58 46.96 -26.07
N LEU J 269 -57.86 46.98 -27.37
CA LEU J 269 -56.83 46.84 -28.39
C LEU J 269 -56.40 48.23 -28.85
N THR J 270 -55.11 48.51 -28.73
CA THR J 270 -54.55 49.81 -29.10
C THR J 270 -53.97 49.72 -30.52
N ILE J 271 -54.25 50.75 -31.32
CA ILE J 271 -53.77 50.75 -32.70
C ILE J 271 -52.25 50.66 -32.70
N GLY J 272 -51.71 49.83 -33.59
CA GLY J 272 -50.28 49.66 -33.70
C GLY J 272 -49.67 48.71 -32.71
N SER J 273 -50.47 47.96 -31.96
CA SER J 273 -49.98 47.03 -30.95
C SER J 273 -50.28 45.60 -31.37
N ILE J 274 -49.34 44.70 -31.07
CA ILE J 274 -49.48 43.29 -31.40
C ILE J 274 -50.10 42.56 -30.22
N TYR J 275 -51.10 41.74 -30.48
CA TYR J 275 -51.81 40.99 -29.46
C TYR J 275 -51.91 39.53 -29.88
N VAL J 276 -52.25 38.69 -28.91
CA VAL J 276 -52.53 37.27 -29.14
C VAL J 276 -53.95 37.03 -28.64
N MET J 277 -54.91 37.14 -29.54
CA MET J 277 -56.33 37.08 -29.20
C MET J 277 -56.94 35.78 -29.70
N ARG J 278 -58.14 35.49 -29.22
CA ARG J 278 -58.95 34.43 -29.79
C ARG J 278 -59.53 34.87 -31.13
N TYR J 279 -59.65 33.92 -32.04
CA TYR J 279 -60.08 34.26 -33.40
C TYR J 279 -61.53 34.75 -33.41
N GLU J 280 -62.39 34.16 -32.58
CA GLU J 280 -63.81 34.48 -32.65
C GLU J 280 -64.07 35.95 -32.33
N VAL J 281 -63.42 36.48 -31.30
CA VAL J 281 -63.69 37.86 -30.90
C VAL J 281 -63.15 38.85 -31.92
N ILE J 282 -62.06 38.51 -32.61
CA ILE J 282 -61.46 39.40 -33.59
C ILE J 282 -61.95 39.11 -35.00
N ARG J 283 -62.92 38.20 -35.16
CA ARG J 283 -63.37 37.82 -36.49
C ARG J 283 -63.95 39.03 -37.23
N ASP J 284 -64.79 39.81 -36.56
CA ASP J 284 -65.43 40.94 -37.23
C ASP J 284 -64.40 41.98 -37.64
N LEU J 285 -63.45 42.29 -36.76
CA LEU J 285 -62.41 43.26 -37.11
C LEU J 285 -61.55 42.76 -38.26
N LEU J 286 -61.21 41.47 -38.25
CA LEU J 286 -60.41 40.92 -39.34
C LEU J 286 -61.17 41.00 -40.66
N ARG J 287 -62.47 40.68 -40.65
CA ARG J 287 -63.25 40.76 -41.87
C ARG J 287 -63.34 42.21 -42.36
N ASP J 288 -63.54 43.15 -41.44
CA ASP J 288 -63.59 44.56 -41.81
C ASP J 288 -62.22 45.12 -42.17
N ASP J 289 -61.15 44.36 -41.96
CA ASP J 289 -59.78 44.75 -42.26
C ASP J 289 -59.22 45.75 -41.25
N LYS J 290 -59.76 45.79 -40.04
CA LYS J 290 -59.21 46.65 -39.01
C LYS J 290 -58.01 46.03 -38.32
N VAL J 291 -57.82 44.72 -38.45
CA VAL J 291 -56.64 44.03 -37.94
C VAL J 291 -56.19 43.03 -38.99
N ALA J 292 -54.93 42.61 -38.88
CA ALA J 292 -54.34 41.66 -39.81
C ALA J 292 -53.54 40.63 -39.06
N LEU J 293 -53.74 39.35 -39.40
CA LEU J 293 -52.99 38.29 -38.77
C LEU J 293 -51.52 38.36 -39.18
N ILE J 294 -50.63 38.21 -38.21
CA ILE J 294 -49.20 38.25 -38.47
C ILE J 294 -48.74 36.87 -38.93
N MET K 1 -6.34 31.16 -86.30
CA MET K 1 -5.83 32.48 -85.86
C MET K 1 -5.52 32.45 -84.37
N TYR K 2 -4.75 33.43 -83.90
CA TYR K 2 -4.36 33.53 -82.50
C TYR K 2 -4.52 34.97 -82.03
N TYR K 3 -4.74 35.11 -80.72
CA TYR K 3 -4.89 36.42 -80.08
C TYR K 3 -3.62 36.74 -79.31
N GLY K 4 -3.08 37.93 -79.54
CA GLY K 4 -1.92 38.39 -78.80
C GLY K 4 -2.24 38.63 -77.35
N ILE K 5 -1.28 39.18 -76.60
CA ILE K 5 -1.51 39.44 -75.18
C ILE K 5 -2.57 40.52 -75.00
N SER K 6 -2.58 41.52 -75.89
CA SER K 6 -3.51 42.63 -75.79
C SER K 6 -4.89 42.30 -76.34
N GLN K 7 -5.05 41.19 -77.03
CA GLN K 7 -6.33 40.83 -77.64
C GLN K 7 -7.21 39.99 -76.72
N PHE K 8 -6.79 39.77 -75.47
CA PHE K 8 -7.63 39.02 -74.54
C PHE K 8 -8.94 39.75 -74.27
N SER K 9 -8.87 41.08 -74.13
CA SER K 9 -10.09 41.86 -73.94
C SER K 9 -11.02 41.74 -75.13
N GLU K 10 -10.47 41.77 -76.34
CA GLU K 10 -11.31 41.62 -77.52
C GLU K 10 -11.95 40.24 -77.59
N ALA K 11 -11.19 39.20 -77.24
CA ALA K 11 -11.77 37.85 -77.22
C ALA K 11 -12.88 37.75 -76.18
N TYR K 12 -12.67 38.33 -75.00
CA TYR K 12 -13.71 38.31 -73.97
C TYR K 12 -14.94 39.06 -74.44
N ASN K 13 -14.76 40.20 -75.09
CA ASN K 13 -15.89 40.95 -75.62
C ASN K 13 -16.63 40.16 -76.69
N LYS K 14 -15.89 39.43 -77.54
CA LYS K 14 -16.53 38.59 -78.53
C LYS K 14 -17.36 37.50 -77.87
N ILE K 15 -16.82 36.87 -76.84
CA ILE K 15 -17.58 35.84 -76.12
C ILE K 15 -18.84 36.44 -75.51
N LEU K 16 -18.73 37.62 -74.92
CA LEU K 16 -19.91 38.28 -74.36
C LEU K 16 -20.93 38.57 -75.45
N ARG K 17 -20.48 39.08 -76.60
CA ARG K 17 -21.40 39.45 -77.66
C ARG K 17 -22.14 38.24 -78.22
N ASN K 18 -21.41 37.14 -78.46
CA ASN K 18 -22.03 35.98 -79.09
C ASN K 18 -22.79 35.12 -78.08
N SER K 19 -22.07 34.58 -77.09
CA SER K 19 -22.66 33.62 -76.16
C SER K 19 -23.18 34.36 -74.92
N SER K 20 -24.26 35.12 -75.13
CA SER K 20 -24.92 35.80 -74.02
C SER K 20 -26.36 36.04 -74.41
N SER K 21 -27.27 35.25 -73.84
CA SER K 21 -28.70 35.44 -74.04
C SER K 21 -29.42 34.70 -72.93
N HIS K 22 -30.18 35.43 -72.12
CA HIS K 22 -30.82 34.82 -70.96
C HIS K 22 -31.85 33.75 -71.35
N SER K 23 -32.28 33.72 -72.62
CA SER K 23 -33.24 32.71 -73.04
C SER K 23 -32.69 31.30 -72.89
N SER K 24 -31.43 31.10 -73.28
CA SER K 24 -30.82 29.78 -73.21
C SER K 24 -29.30 29.94 -73.12
N CYS K 25 -28.64 28.86 -72.71
CA CYS K 25 -27.20 28.85 -72.56
C CYS K 25 -26.53 28.53 -73.90
N GLN K 26 -25.39 29.19 -74.16
CA GLN K 26 -24.68 29.00 -75.41
C GLN K 26 -23.17 28.88 -75.19
N LEU K 27 -22.72 28.63 -73.96
CA LEU K 27 -21.30 28.57 -73.65
C LEU K 27 -20.99 27.28 -72.93
N VAL K 28 -19.97 26.57 -73.41
CA VAL K 28 -19.53 25.30 -72.81
C VAL K 28 -18.02 25.35 -72.67
N ILE K 29 -17.53 24.91 -71.50
CA ILE K 29 -16.11 24.93 -71.19
C ILE K 29 -15.66 23.49 -70.96
N PHE K 30 -14.63 23.07 -71.69
CA PHE K 30 -14.00 21.77 -71.50
C PHE K 30 -12.71 21.97 -70.71
N VAL K 31 -12.54 21.19 -69.65
CA VAL K 31 -11.45 21.36 -68.70
C VAL K 31 -10.69 20.05 -68.57
N SER K 32 -9.36 20.14 -68.58
CA SER K 32 -8.54 18.97 -68.26
C SER K 32 -8.84 18.52 -66.84
N CYS K 33 -9.10 17.22 -66.67
CA CYS K 33 -9.60 16.73 -65.39
C CYS K 33 -8.53 16.65 -64.32
N LEU K 34 -7.25 16.55 -64.70
CA LEU K 34 -6.18 16.29 -63.76
C LEU K 34 -5.08 17.34 -63.90
N ASN K 35 -5.46 18.61 -63.93
CA ASN K 35 -4.52 19.72 -63.97
C ASN K 35 -5.00 20.80 -63.01
N ILE K 36 -4.17 21.13 -62.03
CA ILE K 36 -4.55 22.15 -61.05
C ILE K 36 -4.60 23.53 -61.68
N ASP K 37 -3.66 23.82 -62.59
CA ASP K 37 -3.65 25.12 -63.24
C ASP K 37 -4.94 25.34 -64.04
N ALA K 38 -5.37 24.31 -64.77
CA ALA K 38 -6.63 24.41 -65.51
C ALA K 38 -7.80 24.58 -64.54
N LEU K 39 -7.75 23.89 -63.40
CA LEU K 39 -8.82 24.03 -62.42
C LEU K 39 -8.94 25.47 -61.94
N CYS K 40 -7.82 26.09 -61.59
CA CYS K 40 -7.85 27.48 -61.11
C CYS K 40 -8.27 28.43 -62.21
N ALA K 41 -7.78 28.22 -63.44
CA ALA K 41 -8.18 29.10 -64.54
C ALA K 41 -9.67 29.00 -64.80
N THR K 42 -10.22 27.79 -64.79
CA THR K 42 -11.66 27.63 -64.99
C THR K 42 -12.45 28.22 -63.84
N LYS K 43 -11.94 28.14 -62.61
CA LYS K 43 -12.63 28.80 -61.49
C LYS K 43 -12.69 30.31 -61.71
N MET K 44 -11.57 30.90 -62.14
CA MET K 44 -11.56 32.33 -62.41
C MET K 44 -12.54 32.69 -63.51
N LEU K 45 -12.55 31.91 -64.59
CA LEU K 45 -13.48 32.17 -65.69
C LEU K 45 -14.92 32.01 -65.24
N SER K 46 -15.19 31.01 -64.40
CA SER K 46 -16.55 30.79 -63.90
C SER K 46 -17.02 31.97 -63.07
N LEU K 47 -16.16 32.47 -62.18
CA LEU K 47 -16.54 33.65 -61.40
C LEU K 47 -16.77 34.85 -62.30
N LEU K 48 -15.90 35.05 -63.29
CA LEU K 48 -16.05 36.19 -64.19
C LEU K 48 -17.36 36.12 -64.95
N PHE K 49 -17.73 34.93 -65.43
CA PHE K 49 -18.98 34.77 -66.18
C PHE K 49 -20.19 34.87 -65.26
N LYS K 50 -20.06 34.44 -64.02
CA LYS K 50 -21.14 34.62 -63.06
C LYS K 50 -21.39 36.10 -62.81
N LYS K 51 -20.33 36.91 -62.77
CA LYS K 51 -20.50 38.34 -62.55
C LYS K 51 -21.36 38.96 -63.65
N GLN K 52 -21.16 38.56 -64.90
CA GLN K 52 -21.88 39.13 -66.03
C GLN K 52 -23.16 38.37 -66.36
N LEU K 53 -23.55 37.39 -65.54
CA LEU K 53 -24.78 36.63 -65.77
C LEU K 53 -24.77 35.96 -67.13
N VAL K 54 -23.76 35.11 -67.35
CA VAL K 54 -23.61 34.36 -68.60
C VAL K 54 -23.89 32.90 -68.30
N GLN K 55 -24.91 32.36 -68.96
CA GLN K 55 -25.24 30.94 -68.83
C GLN K 55 -24.12 30.09 -69.42
N SER K 56 -23.70 29.08 -68.69
CA SER K 56 -22.55 28.28 -69.10
C SER K 56 -22.65 26.88 -68.52
N GLN K 57 -21.89 25.97 -69.13
CA GLN K 57 -21.75 24.60 -68.67
C GLN K 57 -20.26 24.26 -68.57
N ILE K 58 -19.90 23.55 -67.51
CA ILE K 58 -18.51 23.14 -67.27
C ILE K 58 -18.46 21.62 -67.27
N VAL K 59 -17.61 21.06 -68.12
CA VAL K 59 -17.53 19.61 -68.29
C VAL K 59 -16.09 19.15 -68.08
N PRO K 60 -15.77 18.48 -66.97
CA PRO K 60 -14.45 17.88 -66.84
C PRO K 60 -14.22 16.81 -67.90
N ILE K 61 -12.97 16.70 -68.34
CA ILE K 61 -12.61 15.79 -69.43
C ILE K 61 -11.28 15.14 -69.12
N PHE K 62 -11.17 13.86 -69.44
CA PHE K 62 -9.93 13.09 -69.28
C PHE K 62 -9.64 12.38 -70.60
N GLY K 63 -8.57 12.79 -71.28
CA GLY K 63 -8.14 12.15 -72.50
C GLY K 63 -8.82 12.72 -73.73
N TYR K 64 -8.23 12.40 -74.88
CA TYR K 64 -8.72 12.90 -76.16
C TYR K 64 -9.97 12.17 -76.63
N SER K 65 -10.11 10.88 -76.31
CA SER K 65 -11.29 10.14 -76.72
C SER K 65 -12.55 10.74 -76.11
N GLU K 66 -12.51 11.08 -74.82
CA GLU K 66 -13.66 11.72 -74.20
C GLU K 66 -13.92 13.09 -74.80
N LEU K 67 -12.87 13.82 -75.18
CA LEU K 67 -13.06 15.09 -75.87
C LEU K 67 -13.83 14.89 -77.16
N ARG K 68 -13.43 13.89 -77.96
CA ARG K 68 -14.11 13.63 -79.22
C ARG K 68 -15.57 13.26 -78.96
N ARG K 69 -15.82 12.39 -77.99
CA ARG K 69 -17.18 11.97 -77.69
C ARG K 69 -18.04 13.17 -77.29
N HIS K 70 -17.55 13.98 -76.34
CA HIS K 70 -18.34 15.10 -75.85
C HIS K 70 -18.57 16.13 -76.95
N TYR K 71 -17.55 16.41 -77.77
CA TYR K 71 -17.75 17.35 -78.87
C TYR K 71 -18.78 16.84 -79.85
N SER K 72 -18.76 15.53 -80.16
CA SER K 72 -19.78 14.97 -81.02
C SER K 72 -21.16 15.07 -80.39
N GLN K 73 -21.24 15.03 -79.06
CA GLN K 73 -22.52 15.14 -78.37
C GLN K 73 -22.99 16.57 -78.19
N LEU K 74 -22.19 17.57 -78.57
CA LEU K 74 -22.57 18.96 -78.35
C LEU K 74 -23.78 19.35 -79.19
N ASP K 75 -24.57 20.27 -78.66
CA ASP K 75 -25.74 20.79 -79.35
C ASP K 75 -25.34 21.88 -80.34
N ASP K 76 -26.31 22.29 -81.16
CA ASP K 76 -26.06 23.32 -82.17
C ASP K 76 -26.19 24.73 -81.63
N ASN K 77 -26.63 24.90 -80.39
CA ASN K 77 -26.80 26.22 -79.80
C ASN K 77 -25.57 26.71 -79.08
N ILE K 78 -24.45 25.99 -79.15
CA ILE K 78 -23.21 26.37 -78.50
C ILE K 78 -22.45 27.27 -79.47
N ASN K 79 -22.52 28.59 -79.24
CA ASN K 79 -21.84 29.53 -80.11
C ASN K 79 -20.33 29.50 -79.88
N SER K 80 -19.90 29.32 -78.64
CA SER K 80 -18.48 29.35 -78.29
C SER K 80 -18.14 28.14 -77.42
N LEU K 81 -16.97 27.58 -77.66
CA LEU K 81 -16.45 26.44 -76.90
C LEU K 81 -15.08 26.82 -76.36
N LEU K 82 -14.86 26.53 -75.07
CA LEU K 82 -13.60 26.85 -74.40
C LEU K 82 -12.85 25.56 -74.09
N LEU K 83 -11.61 25.47 -74.56
CA LEU K 83 -10.74 24.33 -74.30
C LEU K 83 -9.64 24.81 -73.34
N VAL K 84 -9.81 24.52 -72.06
CA VAL K 84 -8.92 25.02 -71.02
C VAL K 84 -7.99 23.89 -70.60
N GLY K 85 -6.70 24.05 -70.87
CA GLY K 85 -5.69 23.12 -70.40
C GLY K 85 -5.23 22.07 -71.38
N PHE K 86 -5.66 22.14 -72.65
CA PHE K 86 -5.26 21.15 -73.63
C PHE K 86 -5.61 21.67 -75.03
N GLY K 87 -5.27 20.87 -76.03
CA GLY K 87 -5.62 21.14 -77.41
C GLY K 87 -4.56 21.87 -78.21
N GLY K 88 -3.53 22.41 -77.55
CA GLY K 88 -2.54 23.19 -78.28
C GLY K 88 -1.71 22.35 -79.24
N VAL K 89 -1.35 21.14 -78.83
CA VAL K 89 -0.39 20.35 -79.60
C VAL K 89 -1.07 19.62 -80.75
N ILE K 90 -2.35 19.27 -80.61
CA ILE K 90 -3.02 18.45 -81.60
C ILE K 90 -3.77 19.33 -82.59
N ASP K 91 -4.11 18.75 -83.74
CA ASP K 91 -4.87 19.44 -84.78
C ASP K 91 -6.35 19.27 -84.48
N LEU K 92 -6.96 20.30 -83.88
CA LEU K 92 -8.37 20.22 -83.53
C LEU K 92 -9.24 20.03 -84.77
N GLU K 93 -8.93 20.76 -85.84
CA GLU K 93 -9.72 20.64 -87.06
C GLU K 93 -9.68 19.21 -87.60
N ALA K 94 -8.47 18.65 -87.76
CA ALA K 94 -8.35 17.29 -88.25
C ALA K 94 -8.85 16.28 -87.22
N PHE K 95 -8.50 16.47 -85.95
CA PHE K 95 -8.87 15.50 -84.93
C PHE K 95 -10.39 15.47 -84.72
N LEU K 96 -11.03 16.63 -84.68
CA LEU K 96 -12.46 16.71 -84.42
C LEU K 96 -13.32 16.62 -85.67
N GLU K 97 -12.71 16.38 -86.83
CA GLU K 97 -13.46 16.26 -88.09
C GLU K 97 -14.28 17.52 -88.36
N ILE K 98 -13.70 18.68 -88.05
CA ILE K 98 -14.38 19.95 -88.25
C ILE K 98 -14.15 20.40 -89.69
N ASP K 99 -15.25 20.51 -90.45
CA ASP K 99 -15.18 21.02 -91.81
C ASP K 99 -15.71 22.44 -91.83
N PRO K 100 -14.90 23.45 -92.17
CA PRO K 100 -15.39 24.83 -92.06
C PRO K 100 -16.63 25.10 -92.87
N GLN K 101 -16.80 24.45 -94.02
CA GLN K 101 -17.96 24.74 -94.86
C GLN K 101 -19.26 24.41 -94.14
N GLU K 102 -19.30 23.28 -93.43
CA GLU K 102 -20.50 22.91 -92.68
C GLU K 102 -20.72 23.77 -91.44
N TYR K 103 -19.75 24.58 -91.04
CA TYR K 103 -19.87 25.43 -89.87
C TYR K 103 -20.12 26.89 -90.21
N VAL K 104 -20.10 27.26 -91.50
CA VAL K 104 -20.26 28.66 -91.87
C VAL K 104 -21.72 29.07 -91.74
N ILE K 105 -21.93 30.37 -91.53
CA ILE K 105 -23.27 30.96 -91.48
C ILE K 105 -23.51 31.89 -92.66
N ASP K 106 -22.70 32.94 -92.79
CA ASP K 106 -22.81 33.89 -93.89
C ASP K 106 -21.43 34.19 -94.43
N THR K 107 -21.36 34.43 -95.73
CA THR K 107 -20.11 34.77 -96.41
C THR K 107 -20.31 36.06 -97.18
N ASP K 108 -19.38 37.00 -97.01
CA ASP K 108 -19.41 38.29 -97.70
C ASP K 108 -18.22 38.38 -98.63
N GLU K 109 -18.49 38.57 -99.93
CA GLU K 109 -17.40 38.69 -100.90
C GLU K 109 -16.57 39.93 -100.64
N LYS K 110 -17.22 41.06 -100.35
CA LYS K 110 -16.48 42.30 -100.10
C LYS K 110 -15.59 42.17 -98.88
N SER K 111 -16.11 41.59 -97.79
CA SER K 111 -15.32 41.47 -96.58
C SER K 111 -14.21 40.44 -96.71
N GLY K 112 -14.46 39.37 -97.48
CA GLY K 112 -13.48 38.31 -97.61
C GLY K 112 -13.39 37.40 -96.41
N GLU K 113 -14.34 37.47 -95.49
CA GLU K 113 -14.35 36.65 -94.28
C GLU K 113 -15.68 35.92 -94.18
N GLN K 114 -15.66 34.81 -93.44
CA GLN K 114 -16.82 33.96 -93.26
C GLN K 114 -17.17 33.85 -91.79
N SER K 115 -18.47 33.90 -91.50
CA SER K 115 -18.96 33.77 -90.14
C SER K 115 -19.33 32.32 -89.85
N PHE K 116 -18.98 31.86 -88.65
CA PHE K 116 -19.20 30.47 -88.25
C PHE K 116 -20.06 30.44 -87.00
N ARG K 117 -20.98 29.46 -86.95
CA ARG K 117 -21.89 29.37 -85.81
C ARG K 117 -21.14 29.07 -84.52
N ARG K 118 -20.15 28.19 -84.58
CA ARG K 118 -19.41 27.75 -83.39
C ARG K 118 -18.00 28.31 -83.43
N ASP K 119 -17.49 28.70 -82.26
CA ASP K 119 -16.13 29.18 -82.10
C ASP K 119 -15.46 28.38 -80.99
N ILE K 120 -14.16 28.12 -81.17
CA ILE K 120 -13.37 27.33 -80.24
C ILE K 120 -12.19 28.17 -79.76
N TYR K 121 -12.02 28.24 -78.44
CA TYR K 121 -10.93 28.98 -77.82
C TYR K 121 -10.02 27.99 -77.10
N VAL K 122 -8.71 28.09 -77.34
CA VAL K 122 -7.73 27.17 -76.78
C VAL K 122 -6.87 27.93 -75.79
N LEU K 123 -6.88 27.47 -74.54
CA LEU K 123 -6.03 28.01 -73.48
C LEU K 123 -5.08 26.90 -73.07
N ASP K 124 -3.95 26.80 -73.77
CA ASP K 124 -2.98 25.74 -73.56
C ASP K 124 -1.62 26.37 -73.29
N ALA K 125 -0.96 25.92 -72.23
CA ALA K 125 0.39 26.37 -71.91
C ALA K 125 1.47 25.52 -72.55
N HIS K 126 1.12 24.34 -73.07
CA HIS K 126 2.12 23.45 -73.64
C HIS K 126 2.60 23.96 -74.99
N ARG K 127 3.79 23.54 -75.36
CA ARG K 127 4.44 23.90 -76.61
C ARG K 127 5.06 22.64 -77.20
N PRO K 128 5.34 22.63 -78.51
CA PRO K 128 5.15 23.69 -79.50
C PRO K 128 3.71 23.81 -79.97
N TRP K 129 3.31 25.01 -80.41
CA TRP K 129 2.00 25.18 -81.00
C TRP K 129 1.89 24.41 -82.31
N ASN K 130 0.71 23.88 -82.58
CA ASN K 130 0.45 23.22 -83.86
C ASN K 130 0.13 24.28 -84.90
N LEU K 131 1.00 24.42 -85.90
CA LEU K 131 0.87 25.52 -86.86
C LEU K 131 -0.45 25.47 -87.61
N ASP K 132 -1.10 24.31 -87.70
CA ASP K 132 -2.40 24.24 -88.34
C ASP K 132 -3.42 25.07 -87.57
N ASN K 133 -3.39 25.00 -86.23
CA ASN K 133 -4.33 25.75 -85.42
C ASN K 133 -3.99 27.24 -85.37
N ILE K 134 -2.72 27.58 -85.52
CA ILE K 134 -2.27 28.96 -85.33
C ILE K 134 -2.36 29.76 -86.61
N PHE K 135 -1.81 29.24 -87.71
CA PHE K 135 -1.71 29.99 -88.95
C PHE K 135 -2.67 29.54 -90.04
N GLY K 136 -3.20 28.32 -89.95
CA GLY K 136 -4.06 27.80 -90.99
C GLY K 136 -5.55 27.99 -90.73
N SER K 137 -6.01 27.58 -89.56
CA SER K 137 -7.43 27.50 -89.28
C SER K 137 -7.98 28.84 -88.79
N GLN K 138 -9.25 29.09 -89.12
CA GLN K 138 -9.96 30.27 -88.63
C GLN K 138 -10.95 29.96 -87.53
N ILE K 139 -11.52 28.75 -87.52
CA ILE K 139 -12.47 28.39 -86.47
C ILE K 139 -11.76 28.27 -85.13
N ILE K 140 -10.54 27.75 -85.13
CA ILE K 140 -9.78 27.54 -83.90
C ILE K 140 -9.07 28.84 -83.54
N GLN K 141 -9.33 29.35 -82.35
CA GLN K 141 -8.70 30.55 -81.82
C GLN K 141 -7.85 30.17 -80.62
N CYS K 142 -6.58 30.58 -80.62
CA CYS K 142 -5.63 30.20 -79.58
C CYS K 142 -5.24 31.43 -78.78
N PHE K 143 -5.18 31.27 -77.45
CA PHE K 143 -4.77 32.35 -76.55
C PHE K 143 -3.27 32.29 -76.40
N ASP K 144 -2.57 32.99 -77.29
CA ASP K 144 -1.11 32.97 -77.28
C ASP K 144 -0.56 33.95 -76.26
N ASP K 145 0.59 33.60 -75.68
CA ASP K 145 1.29 34.47 -74.74
C ASP K 145 2.41 35.26 -75.40
N GLY K 146 2.38 35.38 -76.72
CA GLY K 146 3.39 36.12 -77.46
C GLY K 146 4.45 35.25 -78.11
N THR K 147 4.42 33.93 -77.89
CA THR K 147 5.46 33.07 -78.46
C THR K 147 5.47 33.15 -79.98
N VAL K 148 4.30 33.20 -80.60
CA VAL K 148 4.22 33.17 -82.06
C VAL K 148 4.98 34.36 -82.65
N ASP K 149 4.73 35.56 -82.12
CA ASP K 149 5.42 36.74 -82.61
C ASP K 149 6.88 36.77 -82.17
N ASP K 150 7.18 36.20 -80.99
CA ASP K 150 8.54 36.27 -80.47
C ASP K 150 9.50 35.40 -81.26
N THR K 151 9.09 34.18 -81.61
CA THR K 151 10.04 33.22 -82.18
C THR K 151 9.54 32.43 -83.38
N LEU K 152 8.28 32.57 -83.80
CA LEU K 152 7.72 31.71 -84.85
C LEU K 152 7.55 32.45 -86.17
N GLY K 153 8.27 33.55 -86.39
CA GLY K 153 8.17 34.25 -87.65
C GLY K 153 8.68 33.43 -88.82
N GLU K 154 9.83 32.76 -88.65
CA GLU K 154 10.41 31.97 -89.73
C GLU K 154 9.54 30.77 -90.06
N GLN K 155 9.06 30.06 -89.03
CA GLN K 155 8.13 28.96 -89.26
C GLN K 155 6.85 29.46 -89.89
N LYS K 156 6.38 30.64 -89.49
CA LYS K 156 5.21 31.23 -90.13
C LYS K 156 5.44 31.41 -91.63
N GLU K 157 6.58 32.00 -91.99
CA GLU K 157 6.89 32.21 -93.40
C GLU K 157 6.96 30.88 -94.15
N ALA K 158 7.61 29.88 -93.54
CA ALA K 158 7.74 28.59 -94.20
C ALA K 158 6.38 27.94 -94.43
N TYR K 159 5.51 27.98 -93.41
CA TYR K 159 4.19 27.39 -93.55
C TYR K 159 3.36 28.12 -94.59
N TYR K 160 3.44 29.46 -94.61
CA TYR K 160 2.69 30.22 -95.60
C TYR K 160 3.17 29.91 -97.01
N LYS K 161 4.48 29.78 -97.20
CA LYS K 161 4.99 29.43 -98.52
C LYS K 161 4.59 28.01 -98.91
N LEU K 162 4.55 27.09 -97.95
CA LEU K 162 4.07 25.74 -98.24
C LEU K 162 2.63 25.78 -98.71
N LEU K 163 1.79 26.56 -98.03
CA LEU K 163 0.39 26.70 -98.44
C LEU K 163 0.30 27.33 -99.82
N GLU K 164 1.13 28.34 -100.09
CA GLU K 164 1.13 29.01 -101.39
C GLU K 164 1.56 28.09 -102.53
N LEU K 165 2.17 26.96 -102.22
CA LEU K 165 2.65 26.05 -103.26
C LEU K 165 2.12 24.63 -103.01
N GLN K 225 12.02 22.81 -110.48
CA GLN K 225 12.82 23.75 -109.69
C GLN K 225 12.13 24.03 -108.36
N ARG K 226 10.79 24.09 -108.39
CA ARG K 226 10.03 24.36 -107.17
C ARG K 226 10.20 23.26 -106.14
N LYS K 227 10.62 22.06 -106.57
CA LYS K 227 10.76 20.96 -105.64
C LYS K 227 11.81 21.26 -104.57
N LYS K 228 12.89 21.93 -104.95
CA LYS K 228 13.92 22.28 -103.96
C LYS K 228 13.37 23.24 -102.92
N GLN K 229 12.60 24.24 -103.34
CA GLN K 229 12.01 25.18 -102.39
C GLN K 229 11.03 24.48 -101.47
N ILE K 230 10.20 23.60 -102.02
CA ILE K 230 9.27 22.83 -101.20
C ILE K 230 10.04 21.96 -100.22
N HIS K 231 11.17 21.40 -100.66
CA HIS K 231 11.99 20.58 -99.77
C HIS K 231 12.54 21.41 -98.62
N GLU K 232 13.04 22.61 -98.90
CA GLU K 232 13.58 23.44 -97.83
C GLU K 232 12.49 23.82 -96.83
N TYR K 233 11.32 24.21 -97.33
CA TYR K 233 10.24 24.62 -96.43
C TYR K 233 9.74 23.45 -95.59
N GLU K 234 9.51 22.29 -96.21
CA GLU K 234 9.08 21.14 -95.44
C GLU K 234 10.16 20.68 -94.47
N GLY K 235 11.43 20.85 -94.83
CA GLY K 235 12.50 20.50 -93.91
C GLY K 235 12.51 21.37 -92.68
N VAL K 236 12.35 22.69 -92.85
CA VAL K 236 12.29 23.56 -91.69
C VAL K 236 11.06 23.26 -90.84
N LEU K 237 9.94 22.95 -91.50
CA LEU K 237 8.73 22.59 -90.76
C LEU K 237 8.95 21.31 -89.94
N GLU K 238 9.58 20.31 -90.55
CA GLU K 238 9.86 19.06 -89.83
C GLU K 238 10.82 19.30 -88.68
N GLU K 239 11.84 20.14 -88.89
CA GLU K 239 12.76 20.46 -87.81
C GLU K 239 12.03 21.13 -86.66
N TYR K 240 11.10 22.05 -86.97
CA TYR K 240 10.30 22.66 -85.92
C TYR K 240 9.47 21.61 -85.18
N TYR K 241 8.86 20.68 -85.92
CA TYR K 241 7.99 19.68 -85.32
C TYR K 241 8.76 18.60 -84.58
N SER K 242 10.08 18.49 -84.78
CA SER K 242 10.86 17.41 -84.19
C SER K 242 11.18 17.62 -82.72
N GLN K 243 10.96 18.83 -82.19
CA GLN K 243 11.30 19.10 -80.80
C GLN K 243 10.27 18.47 -79.86
N GLY K 244 10.64 18.38 -78.59
CA GLY K 244 9.77 17.83 -77.57
C GLY K 244 8.74 18.83 -77.09
N THR K 245 8.14 18.51 -75.95
CA THR K 245 7.07 19.31 -75.38
C THR K 245 7.41 19.71 -73.95
N THR K 246 7.09 20.96 -73.60
CA THR K 246 7.27 21.47 -72.25
C THR K 246 6.16 22.48 -71.97
N VAL K 247 6.21 23.09 -70.79
CA VAL K 247 5.27 24.11 -70.37
C VAL K 247 6.02 25.45 -70.32
N VAL K 248 5.42 26.48 -70.91
CA VAL K 248 6.08 27.76 -71.03
C VAL K 248 5.48 28.83 -70.11
N ASN K 249 4.22 28.70 -69.74
CA ASN K 249 3.55 29.75 -68.96
C ASN K 249 2.36 29.12 -68.25
N SER K 250 1.82 29.84 -67.27
CA SER K 250 0.65 29.40 -66.53
C SER K 250 -0.60 30.03 -67.12
N ILE K 251 -1.62 29.20 -67.34
CA ILE K 251 -2.87 29.68 -67.92
C ILE K 251 -3.55 30.66 -66.97
N SER K 252 -3.45 30.41 -65.67
CA SER K 252 -4.01 31.33 -64.70
C SER K 252 -3.39 32.72 -64.84
N ALA K 253 -2.12 32.80 -65.19
CA ALA K 253 -1.50 34.10 -65.43
C ALA K 253 -2.17 34.81 -66.60
N GLN K 254 -2.47 34.08 -67.68
CA GLN K 254 -3.13 34.70 -68.82
C GLN K 254 -4.55 35.15 -68.46
N ILE K 255 -5.27 34.34 -67.68
CA ILE K 255 -6.61 34.75 -67.27
C ILE K 255 -6.55 35.99 -66.39
N TYR K 256 -5.55 36.06 -65.50
CA TYR K 256 -5.40 37.24 -64.67
C TYR K 256 -5.03 38.46 -65.51
N SER K 257 -4.22 38.26 -66.56
CA SER K 257 -3.91 39.35 -67.46
C SER K 257 -5.18 39.86 -68.15
N LEU K 258 -6.05 38.95 -68.58
CA LEU K 258 -7.33 39.35 -69.15
C LEU K 258 -8.14 40.16 -68.15
N LEU K 259 -8.23 39.65 -66.91
CA LEU K 259 -9.01 40.35 -65.89
C LEU K 259 -8.45 41.75 -65.63
N SER K 260 -7.12 41.88 -65.57
CA SER K 260 -6.52 43.18 -65.40
C SER K 260 -6.83 44.09 -66.59
N ALA K 261 -6.84 43.53 -67.80
CA ALA K 261 -7.20 44.32 -68.97
C ALA K 261 -8.61 44.87 -68.85
N ILE K 262 -9.56 44.03 -68.40
CA ILE K 262 -10.93 44.48 -68.20
C ILE K 262 -11.19 44.96 -66.78
N GLY K 263 -10.16 45.02 -65.93
CA GLY K 263 -10.29 45.63 -64.62
C GLY K 263 -11.23 44.92 -63.67
N GLU K 264 -11.12 43.60 -63.58
CA GLU K 264 -11.90 42.81 -62.63
C GLU K 264 -11.00 42.07 -61.63
N THR K 265 -9.81 42.58 -61.39
CA THR K 265 -8.86 41.91 -60.50
C THR K 265 -9.15 42.26 -59.05
N ASN K 266 -9.21 41.23 -58.20
CA ASN K 266 -9.41 41.42 -56.77
C ASN K 266 -8.54 40.41 -56.03
N LEU K 267 -8.77 40.26 -54.73
CA LEU K 267 -7.91 39.39 -53.93
C LEU K 267 -8.18 37.91 -54.20
N SER K 268 -9.43 37.52 -54.43
CA SER K 268 -9.73 36.12 -54.74
C SER K 268 -9.09 35.73 -56.08
N ASN K 269 -9.19 36.60 -57.08
CA ASN K 269 -8.56 36.31 -58.36
C ASN K 269 -7.05 36.21 -58.21
N LEU K 270 -6.46 37.09 -57.40
CA LEU K 270 -5.02 37.03 -57.18
C LEU K 270 -4.63 35.73 -56.48
N TRP K 271 -5.44 35.28 -55.52
CA TRP K 271 -5.15 34.02 -54.84
C TRP K 271 -5.21 32.86 -55.82
N LEU K 272 -6.22 32.84 -56.68
CA LEU K 272 -6.31 31.77 -57.66
C LEU K 272 -5.13 31.81 -58.63
N ASN K 273 -4.72 33.02 -59.03
CA ASN K 273 -3.55 33.15 -59.90
C ASN K 273 -2.30 32.61 -59.21
N ILE K 274 -2.14 32.93 -57.93
CA ILE K 274 -0.98 32.45 -57.18
C ILE K 274 -0.98 30.92 -57.12
N LEU K 275 -2.14 30.34 -56.84
CA LEU K 275 -2.23 28.88 -56.79
C LEU K 275 -1.88 28.25 -58.13
N GLY K 276 -2.44 28.80 -59.22
CA GLY K 276 -2.14 28.27 -60.53
C GLY K 276 -0.66 28.36 -60.87
N THR K 277 -0.04 29.51 -60.57
CA THR K 277 1.37 29.68 -60.87
C THR K 277 2.24 28.75 -60.03
N THR K 278 1.95 28.63 -58.73
CA THR K 278 2.79 27.81 -57.88
C THR K 278 2.58 26.32 -58.12
N SER K 279 1.48 25.93 -58.75
CA SER K 279 1.31 24.52 -59.11
C SER K 279 2.45 24.03 -59.98
N LEU K 280 3.10 24.93 -60.73
CA LEU K 280 4.19 24.56 -61.63
C LEU K 280 5.55 24.54 -60.96
N ASP K 281 5.65 24.98 -59.71
CA ASP K 281 6.96 25.11 -59.06
C ASP K 281 7.65 23.75 -58.96
N ILE K 282 6.89 22.69 -58.70
CA ILE K 282 7.50 21.38 -58.45
C ILE K 282 8.25 20.90 -59.68
N ALA K 283 7.66 21.06 -60.87
CA ALA K 283 8.24 20.51 -62.10
C ALA K 283 9.00 21.57 -62.89
N TYR K 284 8.32 22.64 -63.29
CA TYR K 284 8.93 23.70 -64.09
C TYR K 284 9.22 24.90 -63.19
N ALA K 285 10.38 24.85 -62.54
CA ALA K 285 10.76 25.93 -61.64
C ALA K 285 11.16 27.21 -62.39
N GLN K 286 11.61 27.08 -63.63
CA GLN K 286 11.99 28.27 -64.40
C GLN K 286 10.77 29.15 -64.67
N VAL K 287 9.64 28.55 -65.01
CA VAL K 287 8.42 29.33 -65.22
C VAL K 287 8.02 30.05 -63.95
N TYR K 288 8.08 29.36 -62.81
CA TYR K 288 7.72 29.98 -61.55
C TYR K 288 8.66 31.13 -61.22
N ASN K 289 9.96 30.95 -61.46
CA ASN K 289 10.90 32.03 -61.21
C ASN K 289 10.66 33.21 -62.13
N ARG K 290 10.26 32.96 -63.38
CA ARG K 290 9.96 34.05 -64.30
C ARG K 290 8.71 34.81 -63.88
N LEU K 291 7.70 34.11 -63.35
CA LEU K 291 6.43 34.74 -63.00
C LEU K 291 6.39 35.25 -61.56
N TYR K 292 7.37 34.93 -60.74
CA TYR K 292 7.32 35.34 -59.33
C TYR K 292 7.33 36.86 -59.15
N PRO K 293 8.19 37.63 -59.82
CA PRO K 293 8.21 39.08 -59.57
C PRO K 293 6.86 39.75 -59.82
N LEU K 294 6.13 39.32 -60.85
CA LEU K 294 4.82 39.89 -61.12
C LEU K 294 3.86 39.59 -59.98
N LEU K 295 3.89 38.37 -59.45
CA LEU K 295 3.04 38.04 -58.31
C LEU K 295 3.40 38.90 -57.10
N GLN K 296 4.70 39.10 -56.85
CA GLN K 296 5.11 39.97 -55.76
C GLN K 296 4.54 41.37 -55.93
N ASP K 297 4.70 41.94 -57.13
CA ASP K 297 4.23 43.29 -57.37
C ASP K 297 2.72 43.39 -57.21
N GLU K 298 1.99 42.39 -57.72
CA GLU K 298 0.53 42.42 -57.61
C GLU K 298 0.08 42.30 -56.16
N VAL K 299 0.74 41.44 -55.37
CA VAL K 299 0.40 41.33 -53.96
C VAL K 299 0.67 42.66 -53.26
N LYS K 300 1.78 43.31 -53.60
CA LYS K 300 2.07 44.62 -53.02
C LYS K 300 0.99 45.62 -53.37
N ARG K 301 0.56 45.63 -54.63
CA ARG K 301 -0.44 46.61 -55.08
C ARG K 301 -1.78 46.38 -54.40
N LEU K 302 -2.22 45.11 -54.29
CA LEU K 302 -3.55 44.82 -53.79
C LEU K 302 -3.63 44.82 -52.27
N THR K 303 -2.51 44.94 -51.56
CA THR K 303 -2.54 44.88 -50.11
C THR K 303 -2.79 46.26 -49.51
N PRO K 304 -3.65 46.38 -48.50
CA PRO K 304 -3.84 47.69 -47.87
C PRO K 304 -2.54 48.22 -47.27
N SER K 305 -2.36 49.53 -47.37
CA SER K 305 -1.11 50.14 -46.91
C SER K 305 -0.91 49.98 -45.40
N SER K 306 -1.98 50.17 -44.63
CA SER K 306 -1.89 50.19 -43.17
C SER K 306 -2.34 48.84 -42.61
N ARG K 307 -1.50 48.25 -41.76
CA ARG K 307 -1.81 47.00 -41.08
C ARG K 307 -1.88 47.17 -39.56
N ASN K 308 -1.94 48.42 -39.07
CA ASN K 308 -1.95 48.66 -37.63
C ASN K 308 -3.23 48.18 -36.97
N SER K 309 -4.33 48.09 -37.72
CA SER K 309 -5.59 47.67 -37.13
C SER K 309 -5.50 46.25 -36.59
N VAL K 310 -6.13 46.02 -35.44
CA VAL K 310 -6.10 44.70 -34.83
C VAL K 310 -6.95 43.73 -35.66
N LYS K 311 -6.64 42.45 -35.51
CA LYS K 311 -7.35 41.42 -36.26
C LYS K 311 -8.84 41.45 -35.95
N THR K 312 -9.64 41.24 -36.98
CA THR K 312 -11.09 41.11 -36.87
C THR K 312 -11.51 39.75 -37.43
N PRO K 313 -12.71 39.29 -37.08
CA PRO K 313 -13.15 37.97 -37.58
C PRO K 313 -13.19 37.91 -39.10
N ASP K 314 -13.38 39.03 -39.78
CA ASP K 314 -13.49 39.06 -41.24
C ASP K 314 -12.22 39.51 -41.94
N THR K 315 -11.17 39.82 -41.20
CA THR K 315 -9.94 40.29 -41.83
C THR K 315 -9.34 39.21 -42.71
N LEU K 316 -8.82 39.62 -43.86
CA LEU K 316 -8.17 38.73 -44.81
C LEU K 316 -6.77 39.23 -45.09
N THR K 317 -5.77 38.38 -44.85
CA THR K 317 -4.38 38.74 -45.01
C THR K 317 -3.75 37.95 -46.15
N LEU K 318 -2.85 38.60 -46.88
CA LEU K 318 -2.13 37.96 -47.98
C LEU K 318 -0.72 38.55 -47.98
N ASN K 319 0.20 37.85 -47.31
CA ASN K 319 1.54 38.34 -47.07
C ASN K 319 2.57 37.49 -47.82
N ILE K 320 3.73 38.11 -48.09
CA ILE K 320 4.87 37.42 -48.67
C ILE K 320 5.80 37.11 -47.51
N GLN K 321 5.61 35.94 -46.91
CA GLN K 321 6.39 35.50 -45.77
C GLN K 321 7.39 34.44 -46.18
N PRO K 322 8.47 34.27 -45.42
CA PRO K 322 9.45 33.22 -45.76
C PRO K 322 8.83 31.83 -45.72
N ASP K 323 8.76 31.18 -46.88
CA ASP K 323 8.29 29.82 -46.99
C ASP K 323 9.48 28.86 -47.05
N TYR K 324 9.19 27.58 -46.88
CA TYR K 324 10.24 26.56 -46.80
C TYR K 324 9.87 25.38 -47.68
N TYR K 325 10.91 24.73 -48.21
CA TYR K 325 10.74 23.54 -49.05
C TYR K 325 10.52 22.31 -48.16
N LEU K 326 9.48 22.40 -47.33
CA LEU K 326 9.10 21.34 -46.41
C LEU K 326 7.66 20.94 -46.67
N PHE K 327 7.34 19.69 -46.37
CA PHE K 327 6.03 19.13 -46.67
C PHE K 327 5.05 19.49 -45.55
N LEU K 328 4.10 20.36 -45.85
CA LEU K 328 3.01 20.71 -44.94
C LEU K 328 3.56 21.05 -43.55
N LEU K 329 4.37 22.11 -43.51
CA LEU K 329 4.97 22.52 -42.25
C LEU K 329 3.91 22.95 -41.24
N ARG K 330 2.91 23.70 -41.69
CA ARG K 330 1.94 24.32 -40.79
C ARG K 330 0.80 23.41 -40.39
N HIS K 331 0.68 22.22 -40.99
CA HIS K 331 -0.39 21.28 -40.67
C HIS K 331 0.15 19.93 -40.21
N SER K 332 1.43 19.86 -39.87
CA SER K 332 2.03 18.65 -39.34
C SER K 332 3.16 19.06 -38.40
N SER K 333 4.02 18.11 -38.04
CA SER K 333 5.13 18.38 -37.16
C SER K 333 6.36 18.79 -37.98
N LEU K 334 7.30 19.47 -37.30
CA LEU K 334 8.55 19.84 -37.97
C LEU K 334 9.33 18.60 -38.38
N TYR K 335 9.36 17.59 -37.53
CA TYR K 335 10.04 16.34 -37.87
C TYR K 335 9.44 15.73 -39.12
N ASP K 336 8.10 15.69 -39.20
CA ASP K 336 7.44 15.18 -40.39
C ASP K 336 7.74 16.05 -41.59
N SER K 337 7.79 17.38 -41.39
CA SER K 337 8.06 18.29 -42.49
C SER K 337 9.42 18.01 -43.11
N PHE K 338 10.43 17.81 -42.28
CA PHE K 338 11.76 17.48 -42.81
C PHE K 338 11.81 16.07 -43.36
N TYR K 339 11.07 15.14 -42.75
CA TYR K 339 11.16 13.73 -43.11
C TYR K 339 10.55 13.47 -44.48
N TYR K 340 9.36 14.00 -44.74
CA TYR K 340 8.60 13.70 -45.95
C TYR K 340 8.77 14.77 -47.03
N SER K 341 9.95 15.39 -47.09
CA SER K 341 10.26 16.38 -48.12
C SER K 341 11.17 15.75 -49.17
N ASN K 342 10.86 16.00 -50.44
CA ASN K 342 11.70 15.46 -51.50
C ASN K 342 13.12 15.99 -51.43
N TYR K 343 13.27 17.29 -51.23
CA TYR K 343 14.60 17.89 -51.22
C TYR K 343 15.43 17.40 -50.04
N VAL K 344 14.83 17.35 -48.85
CA VAL K 344 15.57 16.90 -47.67
C VAL K 344 16.01 15.46 -47.83
N ASN K 345 15.11 14.59 -48.30
CA ASN K 345 15.47 13.20 -48.51
C ASN K 345 16.56 13.07 -49.57
N ALA K 346 16.48 13.87 -50.63
CA ALA K 346 17.51 13.83 -51.67
C ALA K 346 18.86 14.22 -51.12
N LYS K 347 18.91 15.26 -50.29
CA LYS K 347 20.17 15.78 -49.77
C LYS K 347 20.66 15.04 -48.54
N LEU K 348 19.85 14.13 -47.97
CA LEU K 348 20.26 13.38 -46.80
C LEU K 348 20.06 11.88 -46.92
N SER K 349 19.32 11.40 -47.91
CA SER K 349 19.06 9.98 -48.09
C SER K 349 18.35 9.39 -46.87
N LEU K 350 17.16 9.92 -46.59
CA LEU K 350 16.39 9.49 -45.44
C LEU K 350 15.76 8.13 -45.62
N TRP K 351 16.03 7.42 -46.71
CA TRP K 351 15.44 6.11 -46.94
C TRP K 351 16.20 4.97 -46.26
N ASN K 352 17.34 5.26 -45.63
CA ASN K 352 18.09 4.28 -44.86
C ASN K 352 18.37 4.85 -43.46
N GLU K 353 19.07 4.07 -42.65
CA GLU K 353 19.32 4.47 -41.27
C GLU K 353 20.27 5.65 -41.17
N ASN K 354 21.24 5.74 -42.10
CA ASN K 354 22.20 6.84 -42.05
C ASN K 354 21.51 8.19 -42.19
N GLY K 355 20.53 8.28 -43.08
CA GLY K 355 19.79 9.52 -43.23
C GLY K 355 19.05 9.92 -41.98
N LYS K 356 18.40 8.95 -41.33
CA LYS K 356 17.69 9.25 -40.09
C LYS K 356 18.66 9.70 -39.00
N LYS K 357 19.83 9.05 -38.91
CA LYS K 357 20.83 9.47 -37.95
C LYS K 357 21.30 10.88 -38.23
N ARG K 358 21.53 11.22 -39.50
CA ARG K 358 21.96 12.56 -39.85
C ARG K 358 20.88 13.58 -39.49
N LEU K 359 19.62 13.25 -39.74
CA LEU K 359 18.54 14.18 -39.40
C LEU K 359 18.46 14.39 -37.89
N HIS K 360 18.61 13.31 -37.11
CA HIS K 360 18.59 13.45 -35.66
C HIS K 360 19.76 14.29 -35.18
N LYS K 361 20.94 14.11 -35.77
CA LYS K 361 22.09 14.92 -35.40
C LYS K 361 21.85 16.39 -35.73
N MET K 362 21.25 16.66 -36.90
CA MET K 362 20.95 18.04 -37.27
C MET K 362 19.99 18.67 -36.27
N PHE K 363 18.92 17.95 -35.92
CA PHE K 363 17.95 18.50 -34.97
C PHE K 363 18.60 18.73 -33.61
N ALA K 364 19.46 17.83 -33.17
CA ALA K 364 20.18 18.04 -31.92
C ALA K 364 21.06 19.27 -31.98
N ARG K 365 21.73 19.61 -33.07
CA ARG K 365 22.65 20.74 -33.15
C ARG K 365 21.83 21.98 -33.26
N MET K 366 20.64 21.93 -33.86
CA MET K 366 19.82 23.14 -33.89
C MET K 366 19.28 23.52 -32.52
N GLY K 367 19.37 22.64 -31.53
CA GLY K 367 18.88 22.92 -30.19
C GLY K 367 17.42 22.61 -29.96
N ILE K 368 16.76 21.96 -30.90
CA ILE K 368 15.35 21.61 -30.77
C ILE K 368 15.27 20.19 -30.22
N PRO K 369 14.67 19.97 -29.04
CA PRO K 369 14.50 18.60 -28.55
C PRO K 369 13.65 17.78 -29.50
N LEU K 370 13.93 16.47 -29.53
CA LEU K 370 13.19 15.59 -30.41
C LEU K 370 11.69 15.59 -30.08
N SER K 371 11.37 15.62 -28.78
CA SER K 371 9.96 15.68 -28.39
C SER K 371 9.31 16.98 -28.87
N THR K 372 10.03 18.09 -28.76
CA THR K 372 9.50 19.37 -29.23
C THR K 372 9.31 19.36 -30.74
N ALA K 373 10.27 18.80 -31.48
CA ALA K 373 10.17 18.79 -32.94
C ALA K 373 8.95 18.00 -33.41
N GLN K 374 8.69 16.85 -32.79
CA GLN K 374 7.57 16.01 -33.18
C GLN K 374 6.23 16.58 -32.74
N GLU K 375 6.21 17.61 -31.90
CA GLU K 375 4.95 18.25 -31.54
C GLU K 375 4.35 18.96 -32.74
N THR K 376 3.02 18.98 -32.79
CA THR K 376 2.33 19.60 -33.90
C THR K 376 2.63 21.09 -33.96
N TRP K 377 2.41 21.69 -35.12
CA TRP K 377 2.82 23.06 -35.35
C TRP K 377 2.11 24.02 -34.41
N LEU K 378 0.81 23.84 -34.21
CA LEU K 378 0.04 24.79 -33.41
C LEU K 378 0.54 24.82 -31.96
N TYR K 379 0.80 23.65 -31.39
CA TYR K 379 1.14 23.54 -29.98
C TYR K 379 2.64 23.51 -29.71
N MET K 380 3.47 23.68 -30.75
CA MET K 380 4.91 23.72 -30.54
C MET K 380 5.28 24.96 -29.72
N ASP K 381 6.37 24.82 -28.95
CA ASP K 381 6.82 25.91 -28.10
C ASP K 381 7.03 27.18 -28.92
N HIS K 382 6.48 28.29 -28.43
CA HIS K 382 6.47 29.52 -29.23
C HIS K 382 7.86 30.10 -29.40
N SER K 383 8.75 29.92 -28.42
CA SER K 383 10.10 30.46 -28.55
C SER K 383 10.82 29.84 -29.74
N ILE K 384 10.75 28.51 -29.86
CA ILE K 384 11.41 27.84 -30.98
C ILE K 384 10.75 28.23 -32.30
N LYS K 385 9.43 28.34 -32.32
CA LYS K 385 8.75 28.73 -33.54
C LYS K 385 9.19 30.13 -34.00
N ARG K 386 9.33 31.06 -33.05
CA ARG K 386 9.77 32.40 -33.40
C ARG K 386 11.23 32.40 -33.85
N GLU K 387 12.08 31.60 -33.21
CA GLU K 387 13.49 31.57 -33.55
C GLU K 387 13.80 30.72 -34.78
N LEU K 388 12.81 29.98 -35.30
CA LEU K 388 13.05 29.05 -36.39
C LEU K 388 13.82 29.68 -37.54
N GLY K 389 13.48 30.92 -37.91
CA GLY K 389 14.17 31.56 -39.01
C GLY K 389 15.66 31.69 -38.76
N ILE K 390 16.02 32.20 -37.58
CA ILE K 390 17.44 32.35 -37.25
C ILE K 390 18.10 30.98 -37.16
N ILE K 391 17.44 30.03 -36.51
CA ILE K 391 18.01 28.70 -36.34
C ILE K 391 18.34 28.08 -37.69
N PHE K 392 17.42 28.19 -38.65
CA PHE K 392 17.69 27.70 -39.99
C PHE K 392 18.81 28.50 -40.65
N ASP K 393 18.87 29.81 -40.39
CA ASP K 393 19.88 30.64 -41.06
C ASP K 393 21.29 30.20 -40.72
N LYS K 394 21.47 29.68 -39.53
CA LYS K 394 22.80 29.34 -39.01
C LYS K 394 23.16 27.87 -39.11
N ASN K 395 22.22 26.97 -39.27
CA ASN K 395 22.48 25.54 -39.20
C ASN K 395 22.24 24.79 -40.50
N LEU K 396 21.33 25.26 -41.36
CA LEU K 396 21.01 24.50 -42.56
C LEU K 396 22.19 24.42 -43.50
N ASP K 397 23.08 25.43 -43.49
CA ASP K 397 24.21 25.42 -44.41
C ASP K 397 25.13 24.24 -44.14
N ARG K 398 25.25 23.82 -42.88
CA ARG K 398 26.17 22.75 -42.54
C ARG K 398 25.82 21.44 -43.25
N TYR K 399 24.52 21.13 -43.31
CA TYR K 399 24.06 19.87 -43.87
C TYR K 399 23.68 19.98 -45.35
N GLY K 400 23.93 21.12 -45.98
CA GLY K 400 23.65 21.27 -47.40
C GLY K 400 22.22 21.60 -47.73
N LEU K 401 21.40 21.99 -46.76
CA LEU K 401 20.00 22.34 -46.98
C LEU K 401 19.79 23.83 -47.09
N GLN K 402 20.75 24.54 -47.68
CA GLN K 402 20.66 25.99 -47.80
C GLN K 402 19.50 26.42 -48.70
N ASP K 403 18.99 25.52 -49.53
CA ASP K 403 17.91 25.87 -50.46
C ASP K 403 16.54 25.84 -49.82
N ILE K 404 16.41 25.35 -48.59
CA ILE K 404 15.11 25.33 -47.93
C ILE K 404 14.58 26.73 -47.72
N ILE K 405 15.45 27.72 -47.67
CA ILE K 405 15.05 29.11 -47.45
C ILE K 405 14.41 29.63 -48.73
N ARG K 406 13.20 30.17 -48.62
CA ARG K 406 12.46 30.65 -49.79
C ARG K 406 11.38 31.61 -49.31
N ASP K 407 10.86 32.38 -50.25
CA ASP K 407 9.78 33.33 -49.99
C ASP K 407 8.52 32.84 -50.70
N GLY K 408 7.43 32.69 -49.95
CA GLY K 408 6.18 32.23 -50.49
C GLY K 408 5.02 33.12 -50.05
N PHE K 409 3.84 32.75 -50.52
CA PHE K 409 2.61 33.49 -50.23
C PHE K 409 1.79 32.74 -49.20
N VAL K 410 1.42 33.43 -48.13
CA VAL K 410 0.64 32.86 -47.03
C VAL K 410 -0.65 33.65 -46.90
N ARG K 411 -1.77 32.94 -46.89
CA ARG K 411 -3.09 33.54 -46.78
C ARG K 411 -3.72 33.17 -45.44
N THR K 412 -4.33 34.16 -44.79
CA THR K 412 -4.95 33.97 -43.50
C THR K 412 -6.34 34.58 -43.49
N LEU K 413 -7.24 33.96 -42.72
CA LEU K 413 -8.57 34.48 -42.47
C LEU K 413 -8.71 34.77 -40.99
N GLY K 414 -9.56 35.73 -40.65
CA GLY K 414 -9.71 36.16 -39.28
C GLY K 414 -10.02 35.01 -38.33
N TYR K 415 -9.18 34.84 -37.31
CA TYR K 415 -9.33 33.83 -36.27
C TYR K 415 -9.20 32.41 -36.79
N ARG K 416 -8.70 32.23 -38.01
CA ARG K 416 -8.43 30.93 -38.58
C ARG K 416 -6.93 30.72 -38.76
N GLY K 417 -6.56 29.49 -39.08
CA GLY K 417 -5.16 29.20 -39.32
C GLY K 417 -4.67 29.78 -40.63
N SER K 418 -3.35 29.89 -40.75
CA SER K 418 -2.71 30.41 -41.94
C SER K 418 -2.16 29.26 -42.77
N ILE K 419 -2.41 29.31 -44.08
CA ILE K 419 -2.01 28.26 -45.00
C ILE K 419 -1.26 28.89 -46.16
N SER K 420 -0.16 28.27 -46.56
CA SER K 420 0.66 28.78 -47.66
C SER K 420 0.15 28.22 -48.99
N ALA K 421 0.64 28.84 -50.08
CA ALA K 421 0.19 28.44 -51.41
C ALA K 421 0.57 27.01 -51.73
N SER K 422 1.80 26.62 -51.37
CA SER K 422 2.26 25.26 -51.66
C SER K 422 1.40 24.23 -50.93
N GLU K 423 1.05 24.49 -49.68
CA GLU K 423 0.22 23.56 -48.92
C GLU K 423 -1.18 23.48 -49.53
N PHE K 424 -1.72 24.61 -49.96
CA PHE K 424 -3.03 24.60 -50.62
C PHE K 424 -2.99 23.76 -51.89
N VAL K 425 -1.94 23.92 -52.70
CA VAL K 425 -1.83 23.15 -53.93
C VAL K 425 -1.67 21.67 -53.61
N GLU K 426 -0.92 21.35 -52.56
CA GLU K 426 -0.77 19.95 -52.17
C GLU K 426 -2.09 19.35 -51.75
N ALA K 427 -2.90 20.09 -50.98
CA ALA K 427 -4.20 19.60 -50.58
C ALA K 427 -5.10 19.39 -51.79
N LEU K 428 -5.09 20.34 -52.73
CA LEU K 428 -5.92 20.19 -53.92
C LEU K 428 -5.51 18.98 -54.74
N THR K 429 -4.19 18.77 -54.91
CA THR K 429 -3.72 17.62 -55.67
C THR K 429 -4.08 16.31 -54.96
N ALA K 430 -3.96 16.28 -53.64
CA ALA K 430 -4.33 15.07 -52.91
C ALA K 430 -5.82 14.77 -53.08
N LEU K 431 -6.66 15.80 -53.02
CA LEU K 431 -8.09 15.58 -53.27
C LEU K 431 -8.33 15.08 -54.68
N LEU K 432 -7.60 15.63 -55.66
CA LEU K 432 -7.75 15.18 -57.04
C LEU K 432 -7.35 13.71 -57.19
N GLU K 433 -6.32 13.28 -56.45
CA GLU K 433 -5.77 11.95 -56.65
C GLU K 433 -6.59 10.87 -55.98
N VAL K 434 -6.77 10.98 -54.66
CA VAL K 434 -7.39 9.92 -53.87
C VAL K 434 -8.72 10.36 -53.27
N GLY K 435 -9.31 11.43 -53.79
CA GLY K 435 -10.58 11.89 -53.26
C GLY K 435 -11.68 10.86 -53.47
N ASN K 436 -12.67 10.90 -52.59
CA ASN K 436 -13.80 9.98 -52.69
C ASN K 436 -14.92 10.42 -51.75
N SER K 462 -13.09 -5.05 -69.39
CA SER K 462 -11.84 -4.32 -69.60
C SER K 462 -12.11 -2.83 -69.78
N ALA K 463 -12.78 -2.48 -70.87
CA ALA K 463 -13.10 -1.07 -71.12
C ALA K 463 -14.04 -0.52 -70.07
N GLN K 464 -14.94 -1.34 -69.54
CA GLN K 464 -15.87 -0.88 -68.52
C GLN K 464 -15.14 -0.41 -67.27
N LYS K 465 -14.14 -1.18 -66.83
CA LYS K 465 -13.38 -0.80 -65.65
C LYS K 465 -12.61 0.50 -65.88
N LEU K 466 -12.01 0.64 -67.07
CA LEU K 466 -11.31 1.87 -67.40
C LEU K 466 -12.26 3.06 -67.37
N THR K 467 -13.45 2.90 -67.95
CA THR K 467 -14.43 3.97 -67.95
C THR K 467 -14.85 4.32 -66.53
N ASN K 468 -15.04 3.32 -65.67
CA ASN K 468 -15.42 3.58 -64.30
C ASN K 468 -14.33 4.34 -63.55
N LEU K 469 -13.07 3.96 -63.78
CA LEU K 469 -11.96 4.65 -63.13
C LEU K 469 -11.90 6.11 -63.57
N ARG K 470 -12.04 6.34 -64.87
CA ARG K 470 -12.01 7.72 -65.37
C ARG K 470 -13.21 8.53 -64.87
N LYS K 471 -14.36 7.88 -64.72
CA LYS K 471 -15.51 8.55 -64.11
C LYS K 471 -15.21 8.93 -62.67
N ARG K 472 -14.55 8.05 -61.93
CA ARG K 472 -14.18 8.38 -60.55
C ARG K 472 -13.26 9.58 -60.51
N TRP K 473 -12.29 9.64 -61.43
CA TRP K 473 -11.40 10.80 -61.47
C TRP K 473 -12.16 12.07 -61.82
N VAL K 474 -13.09 11.99 -62.76
CA VAL K 474 -13.92 13.15 -63.10
C VAL K 474 -14.69 13.60 -61.86
N SER K 475 -15.18 12.65 -61.07
CA SER K 475 -15.88 13.01 -59.84
C SER K 475 -14.95 13.70 -58.85
N ASN K 476 -13.73 13.19 -58.71
CA ASN K 476 -12.77 13.81 -57.81
C ASN K 476 -12.46 15.25 -58.21
N PHE K 477 -12.54 15.53 -59.51
CA PHE K 477 -12.34 16.92 -59.97
C PHE K 477 -13.26 17.87 -59.22
N TRP K 478 -14.50 17.46 -58.95
CA TRP K 478 -15.45 18.36 -58.31
C TRP K 478 -15.18 18.53 -56.82
N LEU K 479 -14.66 17.50 -56.15
CA LEU K 479 -14.18 17.70 -54.78
C LEU K 479 -13.07 18.74 -54.77
N SER K 480 -12.12 18.62 -55.71
CA SER K 480 -11.05 19.62 -55.79
C SER K 480 -11.62 21.01 -56.05
N TRP K 481 -12.61 21.11 -56.93
CA TRP K 481 -13.24 22.39 -57.23
C TRP K 481 -13.90 22.98 -55.99
N ASP K 482 -14.62 22.15 -55.23
CA ASP K 482 -15.29 22.64 -54.03
C ASP K 482 -14.28 23.11 -53.00
N ALA K 483 -13.13 22.43 -52.89
CA ALA K 483 -12.13 22.82 -51.91
C ALA K 483 -11.65 24.26 -52.10
N LEU K 484 -11.80 24.81 -53.30
CA LEU K 484 -11.31 26.16 -53.59
C LEU K 484 -12.14 27.24 -52.90
N ASP K 485 -13.31 26.91 -52.35
CA ASP K 485 -14.17 27.90 -51.73
C ASP K 485 -13.81 28.07 -50.26
N ASP K 486 -14.01 29.29 -49.75
CA ASP K 486 -13.72 29.59 -48.36
C ASP K 486 -14.74 28.99 -47.41
N ARG K 487 -15.96 28.72 -47.87
CA ARG K 487 -16.97 28.12 -47.01
C ARG K 487 -16.70 26.64 -46.77
N LYS K 488 -16.06 25.96 -47.72
CA LYS K 488 -15.80 24.52 -47.62
C LYS K 488 -14.36 24.34 -47.14
N VAL K 489 -14.17 24.49 -45.83
CA VAL K 489 -12.85 24.29 -45.24
C VAL K 489 -12.66 22.84 -44.76
N GLU K 490 -13.75 22.16 -44.42
CA GLU K 490 -13.64 20.76 -44.05
C GLU K 490 -13.07 19.94 -45.20
N LEU K 491 -13.44 20.27 -46.43
CA LEU K 491 -12.86 19.61 -47.58
C LEU K 491 -11.35 19.85 -47.65
N LEU K 492 -10.92 21.07 -47.33
CA LEU K 492 -9.49 21.37 -47.36
C LEU K 492 -8.75 20.57 -46.29
N ASN K 493 -9.33 20.46 -45.09
CA ASN K 493 -8.69 19.66 -44.05
C ASN K 493 -8.60 18.19 -44.44
N ARG K 494 -9.69 17.67 -45.03
CA ARG K 494 -9.66 16.28 -45.50
C ARG K 494 -8.59 16.10 -46.57
N GLY K 495 -8.47 17.07 -47.47
CA GLY K 495 -7.43 17.00 -48.48
C GLY K 495 -6.04 17.01 -47.88
N ILE K 496 -5.84 17.81 -46.82
CA ILE K 496 -4.54 17.84 -46.16
C ILE K 496 -4.21 16.48 -45.56
N GLN K 497 -5.19 15.87 -44.89
CA GLN K 497 -4.96 14.54 -44.31
C GLN K 497 -4.64 13.52 -45.41
N LEU K 498 -5.40 13.56 -46.51
CA LEU K 498 -5.15 12.63 -47.61
C LEU K 498 -3.77 12.88 -48.21
N ALA K 499 -3.34 14.13 -48.28
CA ALA K 499 -2.01 14.44 -48.78
C ALA K 499 -0.94 13.84 -47.88
N GLN K 500 -1.12 13.94 -46.56
CA GLN K 500 -0.17 13.31 -45.65
C GLN K 500 -0.10 11.81 -45.89
N ASP K 501 -1.26 11.16 -45.98
CA ASP K 501 -1.27 9.71 -46.19
C ASP K 501 -0.62 9.34 -47.52
N LEU K 502 -0.92 10.09 -48.58
CA LEU K 502 -0.37 9.79 -49.89
C LEU K 502 1.14 9.97 -49.90
N GLN K 503 1.65 11.02 -49.26
CA GLN K 503 3.09 11.21 -49.19
C GLN K 503 3.75 10.07 -48.42
N ARG K 504 3.11 9.61 -47.34
CA ARG K 504 3.65 8.48 -46.59
C ARG K 504 3.72 7.23 -47.47
N ALA K 505 2.65 6.97 -48.23
CA ALA K 505 2.64 5.80 -49.11
C ALA K 505 3.71 5.90 -50.19
N ILE K 506 3.85 7.07 -50.80
CA ILE K 506 4.87 7.27 -51.83
C ILE K 506 6.27 7.10 -51.25
N PHE K 507 6.48 7.59 -50.02
CA PHE K 507 7.77 7.40 -49.38
C PHE K 507 8.07 5.92 -49.17
N ASN K 508 7.07 5.15 -48.72
CA ASN K 508 7.27 3.72 -48.54
C ASN K 508 7.61 3.04 -49.87
N THR K 509 6.86 3.39 -50.93
CA THR K 509 7.13 2.78 -52.23
C THR K 509 8.53 3.13 -52.74
N GLY K 510 8.94 4.38 -52.54
CA GLY K 510 10.27 4.77 -52.96
C GLY K 510 11.36 4.07 -52.18
N VAL K 511 11.14 3.88 -50.88
CA VAL K 511 12.08 3.12 -50.06
C VAL K 511 12.21 1.71 -50.61
N ALA K 512 11.07 1.09 -50.92
CA ALA K 512 11.11 -0.27 -51.48
C ALA K 512 11.87 -0.29 -52.80
N ILE K 513 11.62 0.70 -53.67
CA ILE K 513 12.27 0.73 -54.98
C ILE K 513 13.78 0.87 -54.82
N LEU K 514 14.22 1.80 -53.97
CA LEU K 514 15.63 2.09 -53.85
C LEU K 514 16.39 0.98 -53.12
N GLU K 515 15.78 0.38 -52.10
CA GLU K 515 16.45 -0.70 -51.37
C GLU K 515 16.68 -1.91 -52.29
N LYS K 516 15.69 -2.25 -53.11
CA LYS K 516 15.81 -3.40 -54.00
C LYS K 516 16.70 -3.11 -55.21
N LYS K 517 17.09 -1.87 -55.44
CA LYS K 517 17.91 -1.50 -56.59
C LYS K 517 17.19 -1.87 -57.90
N LEU K 518 15.91 -1.51 -57.96
CA LEU K 518 15.09 -1.82 -59.13
C LEU K 518 15.33 -0.87 -60.29
N ILE K 519 16.06 0.22 -60.09
CA ILE K 519 16.25 1.22 -61.13
C ILE K 519 17.40 0.77 -62.04
N LYS K 520 17.07 0.02 -63.08
CA LYS K 520 18.08 -0.39 -64.04
C LYS K 520 18.59 0.81 -64.81
N HIS K 521 19.87 0.80 -65.14
CA HIS K 521 20.53 1.91 -65.83
C HIS K 521 20.99 1.42 -67.20
N LEU K 522 20.35 1.93 -68.25
CA LEU K 522 20.81 1.76 -69.62
C LEU K 522 21.40 3.08 -70.11
N ARG K 523 22.31 2.97 -71.08
CA ARG K 523 23.05 4.15 -71.51
C ARG K 523 22.11 5.25 -71.97
N ILE K 524 21.07 4.90 -72.73
CA ILE K 524 20.16 5.91 -73.26
C ILE K 524 19.30 6.50 -72.15
N TYR K 525 18.82 5.67 -71.23
CA TYR K 525 17.84 6.11 -70.25
C TYR K 525 17.84 5.15 -69.06
N ARG K 526 17.19 5.59 -67.99
CA ARG K 526 16.95 4.76 -66.82
C ARG K 526 15.60 4.07 -66.95
N LEU K 527 15.44 2.97 -66.20
CA LEU K 527 14.21 2.18 -66.24
C LEU K 527 13.88 1.71 -64.83
N CYS K 528 12.60 1.77 -64.49
CA CYS K 528 12.11 1.30 -63.20
C CYS K 528 10.71 0.74 -63.38
N VAL K 529 10.50 -0.52 -63.01
CA VAL K 529 9.24 -1.22 -63.23
C VAL K 529 8.74 -1.75 -61.90
N LEU K 530 7.48 -1.48 -61.59
CA LEU K 530 6.84 -1.98 -60.38
C LEU K 530 5.96 -3.17 -60.73
N GLN K 531 6.14 -4.28 -60.01
CA GLN K 531 5.41 -5.50 -60.32
C GLN K 531 4.67 -6.09 -59.13
N ASP K 532 5.25 -6.04 -57.93
CA ASP K 532 4.66 -6.71 -56.77
C ASP K 532 4.77 -5.83 -55.53
N GLY K 533 4.45 -4.55 -55.66
CA GLY K 533 4.47 -3.65 -54.55
C GLY K 533 3.29 -3.88 -53.63
N PRO K 534 3.30 -3.19 -52.49
CA PRO K 534 2.18 -3.31 -51.54
C PRO K 534 1.02 -2.40 -51.87
N ASP K 535 1.29 -1.28 -52.54
CA ASP K 535 0.27 -0.28 -52.84
C ASP K 535 0.17 -0.02 -54.33
N LEU K 536 0.13 -1.08 -55.14
CA LEU K 536 0.10 -0.92 -56.58
C LEU K 536 -1.16 -0.19 -57.05
N ASP K 537 -2.27 -0.30 -56.32
CA ASP K 537 -3.52 0.30 -56.76
C ASP K 537 -3.41 1.82 -56.84
N LEU K 538 -2.69 2.43 -55.90
CA LEU K 538 -2.63 3.88 -55.84
C LEU K 538 -2.05 4.48 -57.11
N TYR K 539 -1.25 3.72 -57.85
CA TYR K 539 -0.48 4.25 -58.97
C TYR K 539 -1.18 4.06 -60.30
N ARG K 540 -2.47 3.73 -60.31
CA ARG K 540 -3.25 3.77 -61.53
C ARG K 540 -3.51 5.20 -61.97
N ASN K 541 -3.67 6.11 -61.03
CA ASN K 541 -3.85 7.52 -61.36
C ASN K 541 -2.55 8.10 -61.90
N PRO K 542 -2.56 8.77 -63.06
CA PRO K 542 -1.30 9.34 -63.57
C PRO K 542 -0.65 10.33 -62.60
N LEU K 543 -1.44 11.07 -61.82
CA LEU K 543 -0.87 12.06 -60.93
C LEU K 543 -0.03 11.42 -59.83
N THR K 544 -0.52 10.33 -59.23
CA THR K 544 0.26 9.65 -58.21
C THR K 544 1.56 9.08 -58.78
N LEU K 545 1.48 8.53 -59.99
CA LEU K 545 2.69 8.02 -60.64
C LEU K 545 3.68 9.14 -60.89
N LEU K 546 3.20 10.31 -61.31
CA LEU K 546 4.08 11.46 -61.50
C LEU K 546 4.69 11.91 -60.18
N ARG K 547 3.90 11.86 -59.09
CA ARG K 547 4.45 12.21 -57.78
C ARG K 547 5.59 11.29 -57.39
N LEU K 548 5.38 9.98 -57.57
CA LEU K 548 6.44 9.02 -57.26
C LEU K 548 7.65 9.23 -58.16
N GLY K 549 7.40 9.52 -59.44
CA GLY K 549 8.51 9.77 -60.35
C GLY K 549 9.32 10.99 -59.96
N ASN K 550 8.66 12.06 -59.53
CA ASN K 550 9.37 13.24 -59.06
C ASN K 550 10.18 12.92 -57.80
N TRP K 551 9.57 12.17 -56.88
CA TRP K 551 10.29 11.77 -55.67
C TRP K 551 11.56 11.01 -56.03
N LEU K 552 11.46 10.08 -56.97
CA LEU K 552 12.63 9.31 -57.38
C LEU K 552 13.64 10.16 -58.14
N ILE K 553 13.16 11.11 -58.94
CA ILE K 553 14.07 11.94 -59.73
C ILE K 553 14.90 12.83 -58.82
N GLU K 554 14.27 13.47 -57.84
CA GLU K 554 15.03 14.33 -56.95
C GLU K 554 16.00 13.52 -56.11
N CYS K 555 15.62 12.30 -55.72
CA CYS K 555 16.43 11.48 -54.82
C CYS K 555 17.38 10.60 -55.63
N CYS K 556 18.68 10.70 -55.31
CA CYS K 556 19.74 9.86 -55.84
C CYS K 556 20.01 10.06 -57.33
N ALA K 557 19.25 10.93 -58.00
CA ALA K 557 19.49 11.24 -59.41
C ALA K 557 19.85 12.70 -59.62
N GLU K 558 19.08 13.62 -59.06
CA GLU K 558 19.47 15.03 -59.09
C GLU K 558 20.81 15.22 -58.40
N SER K 559 21.09 14.44 -57.36
CA SER K 559 22.39 14.44 -56.70
C SER K 559 23.27 13.35 -57.33
N GLU K 560 24.40 13.06 -56.68
CA GLU K 560 25.35 12.02 -57.08
C GLU K 560 26.21 12.44 -58.26
N ASP K 561 26.01 13.63 -58.82
CA ASP K 561 26.81 14.11 -59.95
C ASP K 561 26.75 13.13 -61.12
N LYS K 562 25.56 12.60 -61.39
CA LYS K 562 25.33 11.67 -62.48
C LYS K 562 24.72 12.41 -63.67
N GLN K 563 25.18 12.06 -64.87
CA GLN K 563 24.68 12.71 -66.07
C GLN K 563 23.17 12.57 -66.16
N LEU K 564 22.51 13.68 -66.51
CA LEU K 564 21.06 13.68 -66.60
C LEU K 564 20.58 12.65 -67.60
N LEU K 565 19.57 11.87 -67.20
CA LEU K 565 19.02 10.81 -68.05
C LEU K 565 17.51 10.76 -67.84
N PRO K 566 16.72 10.72 -68.91
CA PRO K 566 15.27 10.57 -68.72
C PRO K 566 14.95 9.24 -68.06
N MET K 567 13.90 9.25 -67.25
CA MET K 567 13.51 8.10 -66.44
C MET K 567 12.21 7.51 -66.96
N VAL K 568 12.12 6.18 -66.92
CA VAL K 568 10.91 5.45 -67.30
C VAL K 568 10.36 4.78 -66.05
N LEU K 569 9.12 5.11 -65.70
CA LEU K 569 8.44 4.55 -64.55
C LEU K 569 7.19 3.84 -65.04
N ALA K 570 7.04 2.57 -64.66
CA ALA K 570 5.91 1.75 -65.09
C ALA K 570 5.29 1.07 -63.88
N SER K 571 3.96 0.94 -63.90
CA SER K 571 3.23 0.27 -62.85
C SER K 571 2.25 -0.71 -63.47
N ILE K 572 1.73 -1.62 -62.64
CA ILE K 572 0.90 -2.71 -63.11
C ILE K 572 -0.36 -2.80 -62.23
N ASP K 573 -1.50 -3.02 -62.87
CA ASP K 573 -2.75 -3.26 -62.17
C ASP K 573 -3.29 -4.62 -62.59
N GLU K 574 -3.57 -5.48 -61.61
CA GLU K 574 -4.02 -6.83 -61.91
C GLU K 574 -5.47 -6.84 -62.37
N ASN K 575 -6.28 -5.88 -61.92
CA ASN K 575 -7.69 -5.87 -62.29
C ASN K 575 -7.90 -5.69 -63.79
N THR K 576 -6.89 -5.19 -64.50
CA THR K 576 -6.99 -5.02 -65.94
C THR K 576 -5.80 -5.59 -66.70
N ASP K 577 -4.70 -5.94 -66.03
CA ASP K 577 -3.55 -6.56 -66.68
C ASP K 577 -2.99 -5.67 -67.79
N THR K 578 -2.53 -4.49 -67.38
CA THR K 578 -1.91 -3.55 -68.31
C THR K 578 -0.97 -2.65 -67.51
N TYR K 579 -0.11 -1.95 -68.23
CA TYR K 579 0.90 -1.08 -67.65
C TYR K 579 0.52 0.39 -67.83
N LEU K 580 1.18 1.25 -67.07
CA LEU K 580 1.03 2.70 -67.17
C LEU K 580 2.44 3.29 -67.24
N VAL K 581 3.00 3.34 -68.44
CA VAL K 581 4.34 3.86 -68.63
C VAL K 581 4.31 5.38 -68.65
N ALA K 582 5.27 6.00 -67.96
CA ALA K 582 5.32 7.45 -67.86
C ALA K 582 6.77 7.90 -68.04
N GLY K 583 7.03 8.64 -69.12
CA GLY K 583 8.34 9.23 -69.31
C GLY K 583 8.48 10.52 -68.53
N LEU K 584 9.66 10.70 -67.94
CA LEU K 584 9.94 11.86 -67.10
C LEU K 584 11.23 12.53 -67.56
N THR K 585 11.17 13.85 -67.73
CA THR K 585 12.35 14.60 -68.13
C THR K 585 13.29 14.80 -66.93
N PRO K 586 14.59 14.83 -67.16
CA PRO K 586 15.53 15.07 -66.06
C PRO K 586 15.50 16.52 -65.60
N ARG K 587 15.96 16.71 -64.37
CA ARG K 587 15.98 18.02 -63.72
C ARG K 587 17.39 18.35 -63.25
N TYR K 588 17.80 19.60 -63.44
CA TYR K 588 19.06 20.07 -62.91
C TYR K 588 18.97 20.19 -61.38
N PRO K 589 20.11 20.23 -60.70
CA PRO K 589 20.08 20.45 -59.25
C PRO K 589 19.28 21.71 -58.90
N ARG K 590 18.41 21.58 -57.90
CA ARG K 590 17.50 22.65 -57.56
C ARG K 590 18.26 23.86 -57.03
N GLY K 591 17.81 25.05 -57.44
CA GLY K 591 18.40 26.29 -56.97
C GLY K 591 19.86 26.43 -57.31
N LEU K 592 20.22 26.14 -58.57
CA LEU K 592 21.59 26.27 -59.06
C LEU K 592 21.53 27.07 -60.36
N ASP K 593 21.56 28.39 -60.24
CA ASP K 593 21.49 29.25 -61.41
C ASP K 593 22.75 29.09 -62.26
N THR K 594 22.57 28.73 -63.53
CA THR K 594 23.70 28.55 -64.44
C THR K 594 23.18 28.71 -65.86
N ILE K 595 24.11 28.95 -66.79
CA ILE K 595 23.73 29.12 -68.19
C ILE K 595 23.07 27.85 -68.72
N HIS K 596 23.63 26.69 -68.40
CA HIS K 596 23.02 25.44 -68.83
C HIS K 596 21.74 25.15 -68.04
N THR K 597 21.70 25.54 -66.76
CA THR K 597 20.46 25.41 -65.99
C THR K 597 19.41 26.40 -66.49
N LYS K 598 19.84 27.56 -67.00
CA LYS K 598 18.90 28.50 -67.59
C LYS K 598 18.17 27.88 -68.77
N LYS K 599 18.90 27.16 -69.62
CA LYS K 599 18.27 26.50 -70.75
C LYS K 599 17.35 25.39 -70.24
N PRO K 600 16.20 25.18 -70.87
CA PRO K 600 15.29 24.12 -70.43
C PRO K 600 15.65 22.78 -71.06
N ILE K 601 15.02 21.73 -70.54
CA ILE K 601 15.17 20.37 -71.05
C ILE K 601 13.81 19.93 -71.56
N LEU K 602 13.75 19.53 -72.83
CA LEU K 602 12.50 19.17 -73.46
C LEU K 602 12.19 17.69 -73.22
N ASN K 603 10.91 17.35 -73.31
CA ASN K 603 10.44 15.98 -73.11
C ASN K 603 10.20 15.37 -74.48
N ASN K 604 11.12 14.51 -74.90
CA ASN K 604 11.08 13.91 -76.23
C ASN K 604 10.36 12.56 -76.25
N PHE K 605 9.80 12.12 -75.13
CA PHE K 605 9.26 10.76 -75.08
C PHE K 605 8.00 10.61 -75.91
N SER K 606 7.22 11.69 -76.08
CA SER K 606 5.99 11.58 -76.85
C SER K 606 6.28 11.14 -78.28
N MET K 607 7.27 11.76 -78.92
CA MET K 607 7.59 11.44 -80.31
C MET K 607 8.06 10.00 -80.44
N ALA K 608 8.97 9.58 -79.55
CA ALA K 608 9.49 8.21 -79.63
C ALA K 608 8.38 7.19 -79.39
N PHE K 609 7.53 7.44 -78.39
CA PHE K 609 6.43 6.53 -78.11
C PHE K 609 5.48 6.42 -79.29
N GLN K 610 5.14 7.57 -79.90
CA GLN K 610 4.25 7.54 -81.06
C GLN K 610 4.87 6.79 -82.21
N GLN K 611 6.15 7.01 -82.47
CA GLN K 611 6.81 6.34 -83.58
C GLN K 611 6.85 4.83 -83.35
N ILE K 612 7.17 4.41 -82.12
CA ILE K 612 7.22 2.98 -81.81
C ILE K 612 5.83 2.37 -81.95
N THR K 613 4.82 3.04 -81.44
CA THR K 613 3.45 2.51 -81.53
C THR K 613 3.03 2.37 -82.99
N ALA K 614 3.32 3.38 -83.81
CA ALA K 614 2.95 3.31 -85.22
C ALA K 614 3.69 2.18 -85.93
N GLU K 615 4.99 2.04 -85.66
CA GLU K 615 5.76 0.99 -86.31
C GLU K 615 5.41 -0.39 -85.77
N THR K 616 5.29 -0.51 -84.45
CA THR K 616 5.01 -1.79 -83.82
C THR K 616 3.51 -2.09 -83.83
N ASP K 617 3.14 -3.24 -83.27
CA ASP K 617 1.74 -3.66 -83.14
C ASP K 617 1.57 -4.23 -81.73
N ALA K 618 1.17 -3.36 -80.80
CA ALA K 618 1.00 -3.76 -79.41
C ALA K 618 -0.26 -3.20 -78.78
N LYS K 619 -1.13 -2.53 -79.56
CA LYS K 619 -2.37 -1.95 -79.04
C LYS K 619 -2.07 -1.04 -77.84
N VAL K 620 -1.29 -0.01 -78.11
CA VAL K 620 -0.94 0.98 -77.09
C VAL K 620 -1.95 2.11 -77.11
N ARG K 621 -2.09 2.78 -75.97
CA ARG K 621 -3.04 3.88 -75.82
C ARG K 621 -2.28 5.19 -75.61
N ILE K 622 -2.58 6.18 -76.45
CA ILE K 622 -1.97 7.49 -76.33
C ILE K 622 -3.11 8.51 -76.19
N ASP K 623 -4.20 8.09 -75.57
CA ASP K 623 -5.36 8.96 -75.41
C ASP K 623 -5.17 10.02 -74.34
N ASN K 624 -4.21 9.85 -73.45
CA ASN K 624 -4.00 10.82 -72.38
C ASN K 624 -3.49 12.14 -72.95
N PHE K 625 -3.89 13.23 -72.30
CA PHE K 625 -3.44 14.56 -72.73
C PHE K 625 -1.93 14.69 -72.62
N GLU K 626 -1.38 14.24 -71.50
CA GLU K 626 0.07 14.21 -71.33
C GLU K 626 0.62 13.08 -72.19
N SER K 627 1.17 13.43 -73.37
CA SER K 627 1.51 12.42 -74.35
C SER K 627 2.59 11.46 -73.85
N SER K 628 3.32 11.81 -72.80
CA SER K 628 4.37 10.95 -72.29
C SER K 628 3.84 9.78 -71.49
N ILE K 629 2.56 9.79 -71.12
CA ILE K 629 1.96 8.72 -70.33
C ILE K 629 1.11 7.87 -71.26
N ILE K 630 1.41 6.56 -71.30
CA ILE K 630 0.72 5.63 -72.16
C ILE K 630 0.37 4.39 -71.35
N GLU K 631 -0.54 3.59 -71.90
CA GLU K 631 -0.93 2.31 -71.32
C GLU K 631 -0.49 1.19 -72.25
N ILE K 632 0.19 0.20 -71.68
CA ILE K 632 0.83 -0.87 -72.44
C ILE K 632 0.33 -2.21 -71.93
N ARG K 633 0.09 -3.15 -72.84
CA ARG K 633 -0.33 -4.48 -72.45
C ARG K 633 0.79 -5.20 -71.71
N ARG K 634 0.40 -6.20 -70.90
CA ARG K 634 1.37 -6.88 -70.05
C ARG K 634 2.49 -7.50 -70.87
N GLU K 635 2.15 -8.11 -72.01
CA GLU K 635 3.13 -8.88 -72.76
C GLU K 635 4.08 -7.99 -73.55
N ASP K 636 3.63 -6.82 -73.99
CA ASP K 636 4.34 -6.04 -74.99
C ASP K 636 5.39 -5.10 -74.42
N LEU K 637 5.51 -5.00 -73.09
CA LEU K 637 6.44 -4.03 -72.51
C LEU K 637 7.88 -4.38 -72.87
N SER K 638 8.25 -5.66 -72.84
CA SER K 638 9.62 -6.03 -73.16
C SER K 638 9.98 -5.69 -74.60
N PRO K 639 9.21 -6.06 -75.62
CA PRO K 639 9.51 -5.58 -76.98
C PRO K 639 9.49 -4.07 -77.09
N PHE K 640 8.57 -3.40 -76.40
CA PHE K 640 8.51 -1.95 -76.47
C PHE K 640 9.78 -1.32 -75.92
N LEU K 641 10.29 -1.83 -74.80
CA LEU K 641 11.52 -1.30 -74.24
C LEU K 641 12.73 -1.65 -75.10
N GLU K 642 12.73 -2.83 -75.72
CA GLU K 642 13.79 -3.15 -76.67
C GLU K 642 13.83 -2.14 -77.80
N LYS K 643 12.66 -1.85 -78.39
CA LYS K 643 12.61 -0.89 -79.49
C LYS K 643 12.98 0.51 -79.00
N LEU K 644 12.57 0.86 -77.78
CA LEU K 644 12.93 2.17 -77.25
C LEU K 644 14.44 2.31 -77.10
N THR K 645 15.09 1.27 -76.58
CA THR K 645 16.54 1.31 -76.45
C THR K 645 17.21 1.40 -77.80
N LEU K 646 16.70 0.65 -78.79
CA LEU K 646 17.31 0.65 -80.11
C LEU K 646 17.01 1.92 -80.91
N SER K 647 15.98 2.69 -80.52
CA SER K 647 15.58 3.86 -81.30
C SER K 647 16.60 4.98 -81.14
N GLY K 648 17.01 5.28 -79.90
CA GLY K 648 17.98 6.33 -79.67
C GLY K 648 17.46 7.73 -79.94
N LEU K 649 16.15 7.93 -79.94
CA LEU K 649 15.55 9.24 -80.13
C LEU K 649 15.12 9.90 -78.83
N LEU K 650 15.49 9.33 -77.70
CA LEU K 650 15.13 9.89 -76.39
C LEU K 650 16.05 11.06 -76.05
N ALA N 12 34.79 42.47 0.45
CA ALA N 12 35.74 43.39 1.13
C ALA N 12 36.69 42.62 2.04
N ALA N 13 36.27 42.38 3.28
CA ALA N 13 37.11 41.64 4.21
C ALA N 13 37.14 40.15 3.86
N ASP N 14 35.98 39.57 3.55
CA ASP N 14 35.94 38.15 3.19
C ASP N 14 36.65 37.91 1.86
N PHE N 15 36.43 38.77 0.88
CA PHE N 15 37.12 38.62 -0.39
C PHE N 15 38.62 38.76 -0.22
N SER N 16 39.07 39.73 0.59
CA SER N 16 40.49 39.88 0.84
C SER N 16 41.06 38.66 1.54
N LEU N 17 40.30 38.08 2.47
CA LEU N 17 40.74 36.85 3.13
C LEU N 17 40.89 35.73 2.11
N THR N 18 39.94 35.62 1.18
CA THR N 18 40.05 34.59 0.15
C THR N 18 41.29 34.79 -0.72
N VAL N 19 41.56 36.05 -1.11
CA VAL N 19 42.75 36.32 -1.91
C VAL N 19 44.02 35.98 -1.13
N LEU N 20 44.05 36.34 0.15
CA LEU N 20 45.20 36.04 0.98
C LEU N 20 45.43 34.53 1.05
N ARG N 21 44.37 33.76 1.28
CA ARG N 21 44.50 32.32 1.38
C ARG N 21 44.98 31.74 0.05
N ALA N 22 44.43 32.20 -1.06
CA ALA N 22 44.85 31.68 -2.36
C ALA N 22 46.32 31.99 -2.63
N ARG N 23 46.75 33.21 -2.32
CA ARG N 23 48.14 33.57 -2.58
C ARG N 23 49.10 32.78 -1.71
N ILE N 24 48.75 32.59 -0.43
CA ILE N 24 49.64 31.80 0.43
C ILE N 24 49.63 30.34 0.02
N ALA N 25 48.49 29.83 -0.46
CA ALA N 25 48.47 28.46 -0.98
C ALA N 25 49.39 28.32 -2.19
N LEU N 26 49.36 29.30 -3.09
CA LEU N 26 50.27 29.27 -4.23
C LEU N 26 51.71 29.31 -3.77
N LEU N 27 52.01 30.14 -2.77
CA LEU N 27 53.37 30.18 -2.23
C LEU N 27 53.78 28.81 -1.67
N ALA N 28 52.87 28.17 -0.92
CA ALA N 28 53.17 26.89 -0.32
C ALA N 28 53.45 25.84 -1.41
N THR N 29 52.62 25.80 -2.44
CA THR N 29 52.84 24.87 -3.53
C THR N 29 54.10 25.20 -4.32
N ALA N 30 54.53 26.45 -4.32
CA ALA N 30 55.72 26.84 -5.07
C ALA N 30 57.01 26.67 -4.30
N ILE N 31 56.95 26.54 -2.98
CA ILE N 31 58.18 26.37 -2.19
C ILE N 31 58.93 25.13 -2.67
N GLY N 32 58.23 24.01 -2.78
CA GLY N 32 58.86 22.77 -3.19
C GLY N 32 58.08 21.59 -2.67
N GLY N 33 58.58 20.41 -3.01
CA GLY N 33 57.96 19.17 -2.60
C GLY N 33 58.80 17.96 -2.91
N PRO N 34 58.36 16.78 -2.46
CA PRO N 34 59.12 15.56 -2.72
C PRO N 34 59.19 15.25 -4.20
N ASP N 35 60.32 14.68 -4.62
CA ASP N 35 60.54 14.28 -6.01
C ASP N 35 60.19 12.80 -6.13
N TYR N 36 59.05 12.51 -6.73
CA TYR N 36 58.59 11.14 -6.89
C TYR N 36 59.20 10.45 -8.12
N THR N 37 59.90 11.19 -8.98
CA THR N 37 60.49 10.59 -10.15
C THR N 37 61.55 9.56 -9.78
N SER N 38 62.39 9.88 -8.79
CA SER N 38 63.46 8.98 -8.39
C SER N 38 62.88 7.69 -7.82
N GLN N 39 63.52 6.57 -8.17
CA GLN N 39 63.06 5.27 -7.68
C GLN N 39 63.41 5.03 -6.22
N ILE N 40 64.33 5.80 -5.65
CA ILE N 40 64.72 5.62 -4.26
C ILE N 40 63.54 5.97 -3.35
N ASP N 41 63.30 5.11 -2.36
CA ASP N 41 62.23 5.33 -1.42
C ASP N 41 62.76 5.22 0.01
N PRO N 42 62.28 6.06 0.95
CA PRO N 42 61.26 7.12 0.77
C PRO N 42 61.81 8.27 -0.07
N PRO N 43 60.96 8.96 -0.83
CA PRO N 43 61.47 9.93 -1.80
C PRO N 43 62.18 11.06 -1.09
N PRO N 44 63.20 11.65 -1.73
CA PRO N 44 63.90 12.78 -1.12
C PRO N 44 63.24 14.10 -1.46
N TYR N 45 63.22 15.00 -0.48
CA TYR N 45 62.68 16.33 -0.71
C TYR N 45 63.55 17.10 -1.68
N LYS N 46 62.91 17.81 -2.60
CA LYS N 46 63.60 18.58 -3.63
C LYS N 46 63.21 20.05 -3.50
N LEU N 47 64.20 20.93 -3.52
CA LEU N 47 63.96 22.36 -3.41
C LEU N 47 63.49 22.92 -4.75
N GLY N 48 62.58 23.88 -4.69
CA GLY N 48 62.07 24.52 -5.89
C GLY N 48 63.06 25.53 -6.46
N ASP N 49 62.67 26.10 -7.61
CA ASP N 49 63.53 27.07 -8.28
C ASP N 49 63.73 28.31 -7.44
N ASP N 50 62.67 28.77 -6.76
CA ASP N 50 62.71 30.01 -5.99
C ASP N 50 62.42 29.75 -4.52
N CYS N 51 63.06 28.73 -3.95
CA CYS N 51 62.83 28.41 -2.54
C CYS N 51 63.17 29.57 -1.64
N LEU N 52 64.39 30.13 -1.79
CA LEU N 52 64.79 31.24 -0.93
C LEU N 52 63.89 32.45 -1.15
N ALA N 53 63.54 32.74 -2.40
CA ALA N 53 62.64 33.85 -2.67
C ALA N 53 61.27 33.61 -2.05
N CYS N 54 60.79 32.37 -2.10
CA CYS N 54 59.51 32.05 -1.49
C CYS N 54 59.55 32.27 0.02
N LEU N 55 60.63 31.84 0.66
CA LEU N 55 60.75 32.03 2.11
C LEU N 55 60.84 33.52 2.46
N LYS N 56 61.59 34.28 1.67
CA LYS N 56 61.67 35.72 1.91
C LYS N 56 60.31 36.38 1.75
N ASP N 57 59.56 35.97 0.73
CA ASP N 57 58.22 36.53 0.53
C ASP N 57 57.30 36.16 1.68
N LEU N 58 57.41 34.92 2.19
CA LEU N 58 56.59 34.52 3.33
C LEU N 58 56.92 35.37 4.55
N LYS N 59 58.21 35.62 4.79
CA LYS N 59 58.59 36.48 5.91
C LYS N 59 58.07 37.90 5.71
N ARG N 60 58.10 38.40 4.47
CA ARG N 60 57.57 39.73 4.19
C ARG N 60 56.08 39.79 4.45
N TRP N 61 55.33 38.76 4.05
CA TRP N 61 53.91 38.69 4.37
C TRP N 61 53.69 38.73 5.87
N PHE N 62 54.46 37.93 6.61
CA PHE N 62 54.35 37.92 8.06
C PHE N 62 54.55 39.31 8.64
N LYS N 63 55.61 40.00 8.19
CA LYS N 63 55.92 41.31 8.74
C LYS N 63 54.84 42.33 8.39
N LEU N 64 54.39 42.34 7.14
CA LEU N 64 53.56 43.43 6.64
C LEU N 64 52.07 43.23 6.87
N VAL N 65 51.62 42.03 7.23
CA VAL N 65 50.20 41.74 7.43
C VAL N 65 49.91 41.33 8.86
N ASP N 66 50.67 40.38 9.39
CA ASP N 66 50.37 39.85 10.72
C ASP N 66 50.56 40.91 11.80
N ASP N 67 51.68 41.63 11.75
CA ASP N 67 52.03 42.53 12.84
C ASP N 67 51.50 43.95 12.59
N GLN N 68 51.94 44.58 11.49
CA GLN N 68 51.65 45.99 11.30
C GLN N 68 50.16 46.28 11.21
N GLN N 69 49.35 45.32 10.77
CA GLN N 69 47.92 45.50 10.69
C GLN N 69 47.16 44.88 11.85
N LYS N 70 47.87 44.30 12.82
CA LYS N 70 47.27 43.75 14.03
C LYS N 70 46.17 42.72 13.69
N ARG N 71 46.61 41.64 13.04
CA ARG N 71 45.74 40.52 12.72
C ARG N 71 46.56 39.24 12.77
N TRP N 72 45.88 38.10 12.60
CA TRP N 72 46.55 36.80 12.62
C TRP N 72 46.04 35.90 11.50
N ASP N 73 45.55 36.49 10.41
CA ASP N 73 45.06 35.69 9.30
C ASP N 73 46.19 34.98 8.57
N VAL N 74 47.36 35.60 8.49
CA VAL N 74 48.48 34.97 7.79
C VAL N 74 48.87 33.66 8.45
N ALA N 75 48.92 33.65 9.78
CA ALA N 75 49.30 32.43 10.50
C ALA N 75 48.27 31.33 10.27
N MET N 76 46.97 31.67 10.29
CA MET N 76 45.94 30.68 10.03
C MET N 76 46.06 30.13 8.61
N ALA N 77 46.32 31.00 7.63
CA ALA N 77 46.48 30.54 6.26
C ALA N 77 47.70 29.61 6.14
N VAL N 78 48.79 29.96 6.82
CA VAL N 78 49.99 29.13 6.79
C VAL N 78 49.71 27.77 7.42
N ALA N 79 48.98 27.74 8.53
CA ALA N 79 48.68 26.48 9.18
C ALA N 79 47.71 25.63 8.36
N GLU N 80 46.80 26.26 7.63
CA GLU N 80 45.81 25.52 6.87
C GLU N 80 46.47 24.65 5.80
N TYR N 81 47.49 25.17 5.13
CA TYR N 81 48.12 24.49 4.00
C TYR N 81 49.40 23.76 4.39
N ARG N 82 49.66 23.59 5.69
CA ARG N 82 50.74 22.74 6.18
C ARG N 82 52.08 23.14 5.56
N ILE N 83 52.38 24.44 5.58
CA ILE N 83 53.66 24.91 5.08
C ILE N 83 54.80 24.38 5.94
N LEU N 84 54.59 24.26 7.25
CA LEU N 84 55.67 23.88 8.15
C LEU N 84 55.92 22.37 8.10
N THR N 85 54.90 21.58 8.40
CA THR N 85 55.10 20.14 8.54
C THR N 85 55.54 19.47 7.25
N ASP N 86 55.37 20.14 6.10
CA ASP N 86 55.65 19.52 4.81
C ASP N 86 56.84 20.15 4.07
N ASP N 87 57.19 21.40 4.37
CA ASP N 87 58.26 22.07 3.63
C ASP N 87 59.47 22.39 4.51
N LEU N 88 59.28 23.14 5.60
CA LEU N 88 60.42 23.65 6.35
C LEU N 88 61.12 22.54 7.13
N LEU N 89 60.36 21.72 7.84
CA LEU N 89 60.99 20.64 8.62
C LEU N 89 61.72 19.66 7.73
N PRO N 90 61.16 19.16 6.62
CA PRO N 90 61.94 18.31 5.73
C PRO N 90 63.19 19.00 5.19
N ILE N 91 63.10 20.29 4.87
CA ILE N 91 64.27 20.99 4.34
C ILE N 91 65.38 21.02 5.38
N LEU N 92 65.04 21.38 6.62
CA LEU N 92 66.03 21.43 7.67
C LEU N 92 66.64 20.05 7.93
N ILE N 93 65.79 19.01 7.96
CA ILE N 93 66.28 17.67 8.24
C ILE N 93 67.21 17.21 7.12
N ASP N 94 66.85 17.46 5.86
CA ASP N 94 67.70 17.07 4.75
C ASP N 94 69.02 17.82 4.80
N TRP N 95 69.00 19.12 5.11
CA TRP N 95 70.24 19.87 5.19
C TRP N 95 71.13 19.33 6.32
N GLU N 96 70.52 19.00 7.47
CA GLU N 96 71.29 18.43 8.57
C GLU N 96 71.90 17.10 8.17
N ASN N 97 71.15 16.26 7.46
CA ASN N 97 71.68 14.98 7.02
C ASN N 97 72.84 15.17 6.04
N LYS N 98 72.72 16.15 5.14
CA LYS N 98 73.81 16.45 4.22
C LYS N 98 75.05 16.89 4.98
N CYS N 99 74.88 17.75 5.98
CA CYS N 99 76.02 18.18 6.78
C CYS N 99 76.65 17.02 7.53
N SER N 100 75.83 16.12 8.07
CA SER N 100 76.36 14.96 8.76
C SER N 100 77.16 14.07 7.81
N LEU N 101 76.65 13.86 6.59
CA LEU N 101 77.39 13.09 5.60
C LEU N 101 78.71 13.77 5.25
N ALA N 102 78.69 15.09 5.12
CA ALA N 102 79.93 15.82 4.85
C ALA N 102 80.92 15.66 5.98
N ALA N 103 80.45 15.70 7.22
CA ALA N 103 81.34 15.50 8.37
C ALA N 103 81.94 14.09 8.36
N LYS N 104 81.11 13.09 8.05
CA LYS N 104 81.62 11.72 7.96
C LYS N 104 82.68 11.60 6.87
N LEU N 105 82.43 12.22 5.71
CA LEU N 105 83.41 12.19 4.63
C LEU N 105 84.70 12.88 5.05
N ALA N 106 84.60 14.02 5.73
CA ALA N 106 85.80 14.69 6.23
C ALA N 106 86.56 13.80 7.20
N LYS N 107 85.85 13.09 8.07
CA LYS N 107 86.51 12.11 8.94
C LYS N 107 87.26 11.08 8.11
N ASN N 108 86.62 10.56 7.07
CA ASN N 108 87.30 9.62 6.18
C ASN N 108 88.49 10.30 5.50
N ASN N 109 88.29 11.51 5.00
CA ASN N 109 89.35 12.29 4.36
C ASN N 109 89.03 13.77 4.47
N PRO N 110 89.82 14.56 5.20
CA PRO N 110 89.46 15.98 5.39
C PRO N 110 89.34 16.74 4.09
N ASP N 111 90.11 16.38 3.07
CA ASP N 111 90.05 17.07 1.79
C ASP N 111 88.80 16.70 0.98
N HIS N 112 88.16 15.58 1.31
CA HIS N 112 86.96 15.17 0.59
C HIS N 112 85.82 16.13 0.88
N GLU N 113 85.14 16.58 -0.17
CA GLU N 113 84.01 17.48 -0.05
C GLU N 113 82.90 17.03 -0.98
N GLU N 114 81.67 17.14 -0.50
CA GLU N 114 80.47 16.76 -1.26
C GLU N 114 79.41 17.84 -1.13
N PHE N 115 79.81 19.10 -1.27
CA PHE N 115 78.91 20.23 -1.13
C PHE N 115 79.06 21.18 -2.31
N ARG N 116 77.93 21.65 -2.82
CA ARG N 116 77.89 22.71 -3.81
C ARG N 116 76.79 23.69 -3.41
N ASN N 117 77.00 24.97 -3.70
CA ASN N 117 76.08 26.02 -3.28
C ASN N 117 75.86 25.97 -1.77
N LYS N 118 76.96 25.80 -1.03
CA LYS N 118 76.88 25.72 0.41
C LYS N 118 76.29 27.00 1.00
N ALA N 119 76.69 28.15 0.47
CA ALA N 119 76.16 29.42 0.96
C ALA N 119 74.65 29.49 0.77
N TYR N 120 74.15 29.06 -0.39
CA TYR N 120 72.73 29.09 -0.65
C TYR N 120 71.97 28.15 0.28
N TYR N 121 72.51 26.95 0.51
CA TYR N 121 71.87 26.02 1.43
C TYR N 121 71.82 26.59 2.85
N ASP N 122 72.92 27.20 3.30
CA ASP N 122 72.92 27.80 4.62
C ASP N 122 71.93 28.95 4.72
N LYS N 123 71.81 29.74 3.66
CA LYS N 123 70.84 30.83 3.64
C LYS N 123 69.42 30.28 3.76
N ILE N 124 69.11 29.22 3.01
CA ILE N 124 67.78 28.64 3.07
C ILE N 124 67.51 28.08 4.47
N ALA N 125 68.50 27.41 5.06
CA ALA N 125 68.32 26.86 6.39
C ALA N 125 68.08 27.96 7.42
N LEU N 126 68.85 29.04 7.33
CA LEU N 126 68.68 30.13 8.29
C LEU N 126 67.32 30.78 8.15
N ASN N 127 66.87 30.99 6.90
CA ASN N 127 65.53 31.56 6.71
C ASN N 127 64.45 30.62 7.23
N CYS N 128 64.63 29.31 7.03
CA CYS N 128 63.66 28.35 7.55
C CYS N 128 63.61 28.41 9.07
N LEU N 129 64.76 28.49 9.73
CA LEU N 129 64.77 28.58 11.19
C LEU N 129 64.11 29.87 11.67
N GLN N 130 64.38 30.98 10.98
CA GLN N 130 63.73 32.24 11.35
C GLN N 130 62.22 32.13 11.23
N LEU N 131 61.73 31.53 10.15
CA LEU N 131 60.30 31.40 9.97
C LEU N 131 59.70 30.45 11.01
N LEU N 132 60.45 29.40 11.38
CA LEU N 132 60.01 28.52 12.45
C LEU N 132 59.85 29.28 13.76
N VAL N 133 60.84 30.11 14.11
CA VAL N 133 60.73 30.90 15.33
C VAL N 133 59.55 31.84 15.25
N LEU N 134 59.34 32.45 14.08
CA LEU N 134 58.20 33.36 13.91
C LEU N 134 56.89 32.65 14.16
N MET N 135 56.73 31.45 13.60
CA MET N 135 55.46 30.74 13.73
C MET N 135 55.27 30.16 15.13
N THR N 136 56.36 29.83 15.82
CA THR N 136 56.28 29.19 17.13
C THR N 136 56.35 30.18 18.28
N TRP N 137 56.38 31.48 17.99
CA TRP N 137 56.49 32.45 19.06
C TRP N 137 55.26 32.38 19.97
N PRO N 138 55.42 32.58 21.28
CA PRO N 138 54.26 32.50 22.18
C PRO N 138 53.18 33.50 21.79
N LEU N 139 51.94 33.08 21.97
CA LEU N 139 50.77 33.92 21.69
C LEU N 139 50.22 34.49 22.99
N ILE N 140 50.08 35.80 23.05
CA ILE N 140 49.60 36.50 24.24
C ILE N 140 48.45 37.41 23.82
N VAL N 141 47.32 37.31 24.54
CA VAL N 141 46.15 38.13 24.30
C VAL N 141 46.07 39.16 25.40
N THR N 142 46.02 40.43 25.01
CA THR N 142 45.93 41.56 25.94
C THR N 142 44.54 42.18 25.84
N GLU N 143 44.33 43.25 26.61
CA GLU N 143 43.06 43.96 26.56
C GLU N 143 42.90 44.75 25.27
N GLN N 144 44.00 45.24 24.70
CA GLN N 144 43.96 46.04 23.49
C GLN N 144 43.96 45.22 22.22
N SER N 145 44.07 43.90 22.31
CA SER N 145 44.13 43.06 21.13
C SER N 145 42.86 43.22 20.29
N SER N 146 43.04 43.28 18.98
CA SER N 146 41.92 43.50 18.08
C SER N 146 40.94 42.33 18.13
N SER N 147 39.77 42.54 17.52
CA SER N 147 38.76 41.49 17.49
C SER N 147 39.26 40.27 16.72
N ASN N 148 39.95 40.50 15.60
CA ASN N 148 40.49 39.38 14.84
C ASN N 148 41.49 38.58 15.66
N GLN N 149 42.38 39.26 16.39
CA GLN N 149 43.34 38.56 17.23
C GLN N 149 42.63 37.77 18.32
N ILE N 150 41.61 38.34 18.93
CA ILE N 150 40.89 37.65 19.99
C ILE N 150 40.18 36.42 19.46
N THR N 151 39.63 36.51 18.25
CA THR N 151 38.79 35.44 17.72
C THR N 151 39.59 34.21 17.29
N LEU N 152 40.85 34.40 16.92
CA LEU N 152 41.67 33.31 16.38
C LEU N 152 42.63 32.71 17.40
N TYR N 153 42.44 33.00 18.68
CA TYR N 153 43.38 32.56 19.71
C TYR N 153 43.42 31.04 19.80
N GLY N 154 42.26 30.41 19.97
CA GLY N 154 42.22 28.97 20.20
C GLY N 154 42.70 28.16 19.02
N GLU N 155 42.26 28.53 17.81
CA GLU N 155 42.68 27.79 16.63
C GLU N 155 44.18 27.87 16.43
N LEU N 156 44.76 29.04 16.63
CA LEU N 156 46.20 29.18 16.47
C LEU N 156 46.96 28.43 17.56
N LYS N 157 46.42 28.39 18.77
CA LYS N 157 47.05 27.59 19.82
C LYS N 157 47.03 26.11 19.47
N LYS N 158 45.91 25.63 18.90
CA LYS N 158 45.85 24.24 18.47
C LYS N 158 46.86 23.95 17.37
N HIS N 159 46.99 24.87 16.41
CA HIS N 159 47.98 24.71 15.35
C HIS N 159 49.39 24.68 15.94
N GLN N 160 49.64 25.51 16.96
CA GLN N 160 50.94 25.47 17.63
C GLN N 160 51.19 24.13 18.29
N LEU N 161 50.16 23.56 18.90
CA LEU N 161 50.29 22.21 19.48
C LEU N 161 50.68 21.20 18.42
N VAL N 162 50.02 21.27 17.26
CA VAL N 162 50.37 20.36 16.17
C VAL N 162 51.83 20.58 15.74
N TYR N 163 52.25 21.84 15.65
CA TYR N 163 53.62 22.14 15.27
C TYR N 163 54.61 21.52 16.24
N LYS N 164 54.35 21.67 17.54
CA LYS N 164 55.24 21.11 18.54
C LYS N 164 55.30 19.60 18.46
N LYS N 165 54.14 18.95 18.29
CA LYS N 165 54.13 17.50 18.17
C LYS N 165 54.95 17.04 16.99
N THR N 166 54.76 17.69 15.83
CA THR N 166 55.53 17.32 14.65
C THR N 166 57.01 17.55 14.86
N ILE N 167 57.38 18.68 15.47
CA ILE N 167 58.79 18.98 15.69
C ILE N 167 59.43 17.91 16.57
N LEU N 168 58.73 17.48 17.61
CA LEU N 168 59.29 16.49 18.53
C LEU N 168 59.24 15.07 17.98
N SER N 169 58.38 14.79 17.00
CA SER N 169 58.21 13.42 16.51
C SER N 169 58.95 13.15 15.21
N MET N 170 58.81 14.01 14.21
CA MET N 170 59.34 13.74 12.87
C MET N 170 60.82 13.43 12.92
N GLU N 171 61.20 12.30 12.33
CA GLU N 171 62.61 11.87 12.28
C GLU N 171 63.23 11.83 13.67
N SER N 172 62.41 11.56 14.69
CA SER N 172 62.87 11.59 16.08
C SER N 172 63.41 12.96 16.47
N GLY N 173 62.96 14.01 15.79
CA GLY N 173 63.36 15.36 16.11
C GLY N 173 64.76 15.71 15.67
N LYS N 174 65.04 15.65 14.37
CA LYS N 174 66.33 16.04 13.84
C LYS N 174 66.45 17.54 13.59
N VAL N 175 65.35 18.27 13.56
CA VAL N 175 65.42 19.71 13.40
C VAL N 175 66.08 20.34 14.61
N LEU N 176 65.96 19.70 15.78
CA LEU N 176 66.73 20.15 16.94
C LEU N 176 68.22 20.06 16.67
N ARG N 177 68.65 18.97 16.04
CA ARG N 177 70.06 18.84 15.67
C ARG N 177 70.45 19.89 14.63
N ALA N 178 69.53 20.20 13.70
CA ALA N 178 69.81 21.24 12.72
C ALA N 178 70.03 22.58 13.40
N ALA N 179 69.18 22.92 14.37
CA ALA N 179 69.35 24.17 15.11
C ALA N 179 70.64 24.18 15.91
N ILE N 180 70.99 23.04 16.51
CA ILE N 180 72.25 22.94 17.24
C ILE N 180 73.42 23.18 16.29
N ARG N 181 73.35 22.62 15.09
CA ARG N 181 74.42 22.84 14.11
C ARG N 181 74.50 24.30 13.70
N LEU N 182 73.35 24.96 13.52
CA LEU N 182 73.36 26.37 13.20
C LEU N 182 74.02 27.18 14.31
N ALA N 183 73.72 26.85 15.56
CA ALA N 183 74.36 27.55 16.68
C ALA N 183 75.86 27.26 16.73
N LEU N 184 76.25 26.01 16.49
CA LEU N 184 77.67 25.67 16.51
C LEU N 184 78.42 26.38 15.40
N ASP N 185 77.76 26.68 14.29
CA ASP N 185 78.40 27.46 13.24
C ASP N 185 78.84 28.82 13.78
N VAL N 186 77.99 29.47 14.57
CA VAL N 186 78.37 30.72 15.21
C VAL N 186 79.45 30.47 16.28
N ILE N 187 79.31 29.38 17.03
CA ILE N 187 80.29 29.08 18.07
C ILE N 187 81.68 28.85 17.48
N LYS N 188 81.76 28.47 16.20
CA LYS N 188 83.05 28.17 15.60
C LYS N 188 83.96 29.38 15.49
N ILE N 189 83.42 30.59 15.61
CA ILE N 189 84.22 31.81 15.48
C ILE N 189 84.38 32.44 16.85
N ASP N 190 85.51 33.12 17.04
CA ASP N 190 85.87 33.65 18.34
C ASP N 190 84.92 34.76 18.78
N ARG N 191 84.93 35.05 20.07
CA ARG N 191 84.02 36.05 20.64
C ARG N 191 84.28 37.43 20.03
N LEU N 192 85.56 37.81 19.94
CA LEU N 192 85.88 39.10 19.33
C LEU N 192 85.48 39.14 17.86
N SER N 193 85.71 38.03 17.14
CA SER N 193 85.33 37.94 15.74
C SER N 193 83.84 37.80 15.54
N ARG N 194 83.07 37.59 16.61
CA ARG N 194 81.63 37.40 16.46
C ARG N 194 80.94 38.71 16.11
N THR N 195 80.31 38.74 14.94
CA THR N 195 79.56 39.90 14.51
C THR N 195 78.18 39.92 15.17
N PRO N 196 77.50 41.07 15.18
CA PRO N 196 76.15 41.10 15.75
C PRO N 196 75.21 40.10 15.11
N ARG N 197 75.40 39.80 13.82
CA ARG N 197 74.56 38.81 13.16
C ARG N 197 74.69 37.45 13.83
N ASP N 198 75.92 37.06 14.19
CA ASP N 198 76.12 35.76 14.84
C ASP N 198 75.42 35.70 16.19
N ASN N 199 75.52 36.78 16.97
CA ASN N 199 74.83 36.81 18.25
C ASN N 199 73.32 36.74 18.05
N MET N 200 72.82 37.40 17.00
CA MET N 200 71.39 37.31 16.69
C MET N 200 70.99 35.88 16.35
N VAL N 201 71.84 35.17 15.60
CA VAL N 201 71.55 33.77 15.29
C VAL N 201 71.51 32.94 16.55
N LEU N 202 72.47 33.16 17.46
CA LEU N 202 72.47 32.43 18.72
C LEU N 202 71.19 32.68 19.50
N LYS N 203 70.79 33.95 19.59
CA LYS N 203 69.55 34.29 20.29
C LYS N 203 68.36 33.64 19.60
N LEU N 204 68.40 33.56 18.27
CA LEU N 204 67.31 32.91 17.54
C LEU N 204 67.21 31.43 17.90
N VAL N 205 68.36 30.75 17.98
CA VAL N 205 68.34 29.33 18.33
C VAL N 205 67.79 29.14 19.74
N LEU N 206 68.25 29.97 20.68
CA LEU N 206 67.77 29.85 22.05
C LEU N 206 66.28 30.14 22.15
N ASN N 207 65.81 31.13 21.39
CA ASN N 207 64.38 31.43 21.37
C ASN N 207 63.60 30.28 20.77
N PHE N 208 64.15 29.61 19.76
CA PHE N 208 63.49 28.46 19.18
C PHE N 208 63.31 27.36 20.22
N PHE N 209 64.38 27.07 20.97
CA PHE N 209 64.26 26.05 22.01
C PHE N 209 63.25 26.46 23.07
N ARG N 210 63.29 27.72 23.50
CA ARG N 210 62.35 28.19 24.51
C ARG N 210 60.91 28.06 24.02
N ASN N 211 60.65 28.43 22.78
CA ASN N 211 59.30 28.31 22.22
C ASN N 211 58.87 26.87 22.18
N VAL N 212 59.77 25.96 21.76
CA VAL N 212 59.41 24.55 21.68
C VAL N 212 59.01 24.03 23.06
N ILE N 213 59.77 24.39 24.09
CA ILE N 213 59.44 23.92 25.43
C ILE N 213 58.15 24.56 25.93
N ALA N 214 57.93 25.84 25.60
CA ALA N 214 56.88 26.61 26.26
C ALA N 214 55.48 26.15 25.85
N ILE N 215 55.27 25.88 24.56
CA ILE N 215 53.92 25.64 24.03
C ILE N 215 53.18 24.62 24.88
N GLU N 216 51.89 24.81 25.06
CA GLU N 216 51.05 23.94 25.86
C GLU N 216 49.59 24.28 25.57
N PRO N 217 48.66 23.40 25.95
CA PRO N 217 47.25 23.66 25.65
C PRO N 217 46.77 24.97 26.28
N GLY N 218 45.85 25.63 25.57
CA GLY N 218 45.30 26.88 26.04
C GLY N 218 44.13 26.67 26.98
N GLU N 219 43.44 27.77 27.26
CA GLU N 219 42.28 27.78 28.13
C GLU N 219 40.99 27.71 27.32
N PHE N 220 39.93 27.30 27.92
CA PHE N 220 38.60 27.19 27.41
C PHE N 220 37.82 28.43 27.78
N THR N 221 37.68 29.40 26.95
CA THR N 221 37.03 30.65 27.09
C THR N 221 35.57 30.55 26.71
N ILE N 222 34.65 30.92 27.54
CA ILE N 222 33.24 30.89 27.42
C ILE N 222 32.60 32.23 27.65
N ASN N 223 31.72 32.71 26.84
CA ASN N 223 30.95 33.88 27.00
C ASN N 223 30.08 33.78 28.23
N THR N 224 29.93 34.80 29.01
CA THR N 224 29.20 34.94 30.22
C THR N 224 28.02 35.88 30.15
N LYS N 225 27.58 36.30 29.02
CA LYS N 225 26.47 37.16 28.80
C LYS N 225 25.21 36.61 29.41
N LYS N 226 24.91 35.37 29.17
CA LYS N 226 23.82 34.59 29.58
C LYS N 226 24.17 33.64 30.69
N SER N 227 23.33 33.52 31.72
CA SER N 227 23.51 32.50 32.75
C SER N 227 23.52 31.11 32.11
N MET N 228 24.43 30.24 32.55
CA MET N 228 24.72 28.97 32.03
C MET N 228 23.46 28.16 31.87
N PRO N 229 23.29 27.37 30.82
CA PRO N 229 22.06 26.63 30.61
C PRO N 229 21.85 25.49 31.56
N LYS N 230 20.66 24.88 31.51
CA LYS N 230 20.30 23.67 32.28
C LYS N 230 21.17 22.44 31.92
N LYS N 231 21.78 22.40 30.73
CA LYS N 231 22.66 21.41 30.25
C LYS N 231 24.00 21.47 30.94
N GLY N 232 24.57 22.63 31.05
CA GLY N 232 25.80 22.89 31.60
C GLY N 232 27.00 22.61 30.78
N ILE N 233 28.16 22.60 31.32
CA ILE N 233 29.42 22.35 30.73
C ILE N 233 29.58 20.89 30.41
N THR N 234 29.88 20.49 29.22
CA THR N 234 30.12 19.19 28.75
C THR N 234 31.53 18.71 29.02
N SER N 235 32.50 19.47 28.50
CA SER N 235 33.91 19.14 28.68
C SER N 235 34.75 20.33 28.25
N ILE N 236 35.94 20.43 28.83
CA ILE N 236 36.89 21.47 28.47
C ILE N 236 38.07 20.83 27.75
N ASP N 237 37.99 20.76 26.43
CA ASP N 237 39.01 20.12 25.61
C ASP N 237 39.51 21.13 24.58
N THR N 238 40.82 21.39 24.59
CA THR N 238 41.45 22.30 23.65
C THR N 238 42.37 21.57 22.68
N LEU N 239 42.55 20.27 22.84
CA LEU N 239 43.48 19.53 22.00
C LEU N 239 42.95 19.43 20.57
N PRO N 240 43.83 19.40 19.58
CA PRO N 240 43.40 19.18 18.20
C PRO N 240 42.85 17.78 18.03
N PRO N 241 42.41 17.42 16.81
CA PRO N 241 41.82 16.10 16.60
C PRO N 241 42.78 14.96 16.85
N ASN N 242 43.94 14.98 16.20
CA ASN N 242 44.88 13.87 16.20
C ASN N 242 46.11 14.14 17.07
N VAL N 243 45.94 14.85 18.18
CA VAL N 243 47.01 15.15 19.10
C VAL N 243 46.57 14.76 20.50
N SER N 244 47.41 14.00 21.20
CA SER N 244 47.15 13.57 22.57
C SER N 244 48.16 14.22 23.51
N MET N 245 47.82 14.24 24.79
CA MET N 245 48.70 14.85 25.78
C MET N 245 50.05 14.15 25.85
N ASP N 246 50.12 12.89 25.41
CA ASP N 246 51.38 12.15 25.46
C ASP N 246 52.40 12.73 24.47
N ASP N 247 51.93 13.33 23.38
CA ASP N 247 52.83 13.83 22.35
C ASP N 247 53.50 15.13 22.76
N ILE N 248 52.83 15.97 23.53
CA ILE N 248 53.32 17.31 23.87
C ILE N 248 53.75 17.41 25.32
N SER N 249 53.75 16.31 26.07
CA SER N 249 54.14 16.37 27.47
C SER N 249 55.65 16.60 27.59
N LEU N 250 56.06 17.05 28.78
CA LEU N 250 57.47 17.27 29.03
C LEU N 250 58.27 15.98 28.93
N ASN N 251 57.62 14.83 29.08
CA ASN N 251 58.32 13.56 28.91
C ASN N 251 58.86 13.41 27.50
N THR N 252 58.03 13.71 26.50
CA THR N 252 58.48 13.65 25.11
C THR N 252 59.58 14.68 24.84
N VAL N 253 59.47 15.86 25.45
CA VAL N 253 60.49 16.88 25.28
C VAL N 253 61.82 16.37 25.83
N ILE N 254 61.80 15.77 27.01
CA ILE N 254 63.03 15.24 27.59
C ILE N 254 63.61 14.15 26.70
N SER N 255 62.75 13.25 26.20
CA SER N 255 63.22 12.17 25.35
C SER N 255 63.91 12.73 24.10
N SER N 256 63.26 13.68 23.43
CA SER N 256 63.83 14.25 22.22
C SER N 256 65.13 14.96 22.50
N PHE N 257 65.16 15.76 23.58
CA PHE N 257 66.38 16.51 23.89
C PHE N 257 67.54 15.56 24.20
N HIS N 258 67.28 14.49 24.95
CA HIS N 258 68.34 13.54 25.23
C HIS N 258 68.80 12.84 23.97
N LYS N 259 67.87 12.48 23.09
CA LYS N 259 68.25 11.77 21.86
C LYS N 259 69.09 12.67 20.95
N ASN N 260 68.77 13.96 20.89
CA ASN N 260 69.44 14.88 19.98
C ASN N 260 70.54 15.69 20.65
N LYS N 261 70.89 15.38 21.89
CA LYS N 261 72.02 16.02 22.57
C LYS N 261 71.82 17.53 22.68
N VAL N 262 70.58 17.96 22.91
CA VAL N 262 70.32 19.37 23.18
C VAL N 262 70.84 19.74 24.56
N PHE N 263 70.71 18.83 25.53
CA PHE N 263 71.16 19.10 26.88
C PHE N 263 72.65 19.40 26.90
N GLY N 264 73.44 18.66 26.13
CA GLY N 264 74.87 18.93 26.08
C GLY N 264 75.18 20.32 25.54
N PHE N 265 74.46 20.73 24.48
CA PHE N 265 74.67 22.06 23.92
C PHE N 265 74.32 23.13 24.93
N LEU N 266 73.19 22.98 25.62
CA LEU N 266 72.80 23.97 26.62
C LEU N 266 73.79 24.03 27.76
N LEU N 267 74.28 22.87 28.22
CA LEU N 267 75.27 22.84 29.28
C LEU N 267 76.56 23.52 28.84
N THR N 268 76.98 23.28 27.60
CA THR N 268 78.19 23.94 27.10
C THR N 268 78.00 25.45 27.05
N LEU N 269 76.84 25.91 26.60
CA LEU N 269 76.59 27.35 26.57
C LEU N 269 76.60 27.95 27.97
N THR N 270 75.97 27.26 28.93
CA THR N 270 75.82 27.82 30.26
C THR N 270 77.06 27.66 31.13
N SER N 271 78.01 26.79 30.74
CA SER N 271 79.24 26.63 31.48
C SER N 271 80.28 27.68 31.10
N SER N 272 80.35 28.03 29.81
CA SER N 272 81.22 29.09 29.32
C SER N 272 80.54 30.44 29.33
N LEU N 273 79.53 30.61 30.18
CA LEU N 273 78.75 31.84 30.20
C LEU N 273 79.57 33.00 30.75
N SER N 274 79.56 34.13 30.04
CA SER N 274 80.22 35.37 30.44
C SER N 274 81.74 35.30 30.36
N LYS N 275 82.30 34.22 29.80
CA LYS N 275 83.74 34.07 29.65
C LYS N 275 84.18 34.08 28.20
N GLU N 276 83.60 33.19 27.38
CA GLU N 276 83.91 33.13 25.96
C GLU N 276 82.77 33.63 25.09
N PHE N 277 81.69 34.13 25.69
CA PHE N 277 80.52 34.59 24.96
C PHE N 277 80.15 35.99 25.43
N ASP N 278 79.34 36.66 24.61
CA ASP N 278 78.73 37.93 25.02
C ASP N 278 77.49 37.63 25.84
N GLN N 279 77.54 37.94 27.15
CA GLN N 279 76.47 37.52 28.04
C GLN N 279 75.17 38.28 27.78
N ASP N 280 75.26 39.50 27.26
CA ASP N 280 74.05 40.31 27.10
C ASP N 280 73.02 39.59 26.22
N PHE N 281 73.49 38.90 25.18
CA PHE N 281 72.57 38.21 24.28
C PHE N 281 72.05 36.90 24.88
N ILE N 282 72.84 36.22 25.70
CA ILE N 282 72.57 34.84 26.05
C ILE N 282 71.97 34.65 27.44
N ASN N 283 72.16 35.60 28.36
CA ASN N 283 71.74 35.38 29.74
C ASN N 283 70.24 35.18 29.84
N ILE N 284 69.46 36.10 29.28
CA ILE N 284 68.00 36.03 29.43
C ILE N 284 67.43 34.80 28.73
N PRO N 285 67.80 34.48 27.48
CA PRO N 285 67.25 33.27 26.85
C PRO N 285 67.51 32.00 27.66
N LEU N 286 68.70 31.85 28.24
CA LEU N 286 68.97 30.68 29.07
C LEU N 286 68.05 30.64 30.28
N LEU N 287 67.86 31.79 30.93
CA LEU N 287 67.01 31.84 32.11
C LEU N 287 65.59 31.44 31.74
N GLU N 288 65.07 31.97 30.64
CA GLU N 288 63.72 31.62 30.20
C GLU N 288 63.61 30.15 29.86
N ILE N 289 64.61 29.61 29.16
CA ILE N 289 64.60 28.19 28.81
C ILE N 289 64.49 27.36 30.08
N MET N 290 65.31 27.68 31.09
CA MET N 290 65.33 26.86 32.29
C MET N 290 64.05 27.02 33.10
N PHE N 291 63.49 28.23 33.14
CA PHE N 291 62.22 28.41 33.82
C PHE N 291 61.14 27.56 33.17
N TYR N 292 61.04 27.61 31.85
CA TYR N 292 60.04 26.79 31.16
C TYR N 292 60.32 25.31 31.34
N PHE N 293 61.59 24.94 31.51
CA PHE N 293 61.93 23.55 31.81
C PHE N 293 61.35 23.12 33.15
N THR N 294 61.59 23.92 34.19
CA THR N 294 61.35 23.51 35.57
C THR N 294 60.15 24.22 36.21
N LYS N 295 59.26 24.79 35.41
CA LYS N 295 58.12 25.50 35.99
C LYS N 295 57.06 24.54 36.51
N ASP N 296 56.84 23.41 35.84
CA ASP N 296 55.77 22.48 36.19
C ASP N 296 56.27 21.25 36.92
N VAL N 297 57.54 21.23 37.33
CA VAL N 297 58.15 20.06 37.94
C VAL N 297 58.23 20.27 39.44
N ASN N 298 57.66 19.32 40.19
CA ASN N 298 57.81 19.31 41.64
C ASN N 298 59.11 18.59 42.01
N GLN N 299 59.91 19.21 42.86
CA GLN N 299 61.23 18.69 43.18
C GLN N 299 61.18 17.45 44.06
N GLU N 300 60.08 17.22 44.78
CA GLU N 300 60.01 16.05 45.65
C GLU N 300 59.96 14.77 44.84
N LEU N 301 59.25 14.78 43.70
CA LEU N 301 59.15 13.57 42.89
C LEU N 301 60.50 13.08 42.42
N LEU N 302 61.46 13.99 42.25
CA LEU N 302 62.78 13.61 41.74
C LEU N 302 63.61 12.84 42.76
N PHE N 303 63.20 12.81 44.03
CA PHE N 303 63.92 12.10 45.09
C PHE N 303 62.93 11.24 45.86
N PRO N 304 62.41 10.16 45.25
CA PRO N 304 61.48 9.27 45.94
C PRO N 304 62.19 8.33 46.92
N THR N 329 58.25 -5.07 41.34
CA THR N 329 58.52 -3.68 40.96
C THR N 329 57.95 -2.73 42.00
N SER N 330 58.58 -1.55 42.13
CA SER N 330 58.08 -0.55 43.06
C SER N 330 56.70 -0.06 42.64
N ALA N 331 56.45 -0.02 41.33
CA ALA N 331 55.13 0.36 40.84
C ALA N 331 54.06 -0.56 41.39
N GLY N 332 54.33 -1.87 41.43
CA GLY N 332 53.37 -2.80 42.00
C GLY N 332 53.14 -2.57 43.48
N PHE N 333 54.20 -2.28 44.23
CA PHE N 333 54.05 -2.00 45.65
C PHE N 333 53.18 -0.78 45.88
N GLU N 334 53.44 0.30 45.12
CA GLU N 334 52.64 1.51 45.26
C GLU N 334 51.20 1.26 44.85
N LEU N 335 51.00 0.46 43.79
CA LEU N 335 49.64 0.14 43.36
C LEU N 335 48.89 -0.63 44.45
N SER N 336 49.57 -1.60 45.08
CA SER N 336 48.93 -2.34 46.16
C SER N 336 48.58 -1.42 47.33
N LYS N 337 49.49 -0.50 47.68
CA LYS N 337 49.20 0.42 48.77
C LYS N 337 47.99 1.31 48.44
N LEU N 338 47.93 1.82 47.20
CA LEU N 338 46.80 2.64 46.80
C LEU N 338 45.51 1.85 46.79
N LEU N 339 45.56 0.58 46.35
CA LEU N 339 44.37 -0.26 46.38
C LEU N 339 43.89 -0.48 47.81
N GLN N 340 44.83 -0.68 48.74
CA GLN N 340 44.44 -0.82 50.14
C GLN N 340 43.80 0.46 50.66
N LYS N 341 44.35 1.62 50.29
CA LYS N 341 43.78 2.89 50.71
C LYS N 341 42.34 3.02 50.20
N GLU N 342 42.13 2.71 48.92
CA GLU N 342 40.78 2.75 48.37
C GLU N 342 39.87 1.74 49.06
N HIS N 343 40.41 0.59 49.44
CA HIS N 343 39.60 -0.41 50.16
C HIS N 343 39.14 0.13 51.50
N GLN N 344 40.04 0.80 52.23
CA GLN N 344 39.64 1.40 53.51
C GLN N 344 38.59 2.47 53.29
N MET N 345 38.76 3.31 52.27
CA MET N 345 37.75 4.33 51.99
C MET N 345 36.40 3.71 51.67
N ARG N 346 36.40 2.65 50.86
CA ARG N 346 35.14 1.98 50.54
C ARG N 346 34.51 1.34 51.77
N LYS N 347 35.34 0.75 52.64
CA LYS N 347 34.81 0.17 53.87
C LYS N 347 34.13 1.23 54.72
N ASN N 348 34.76 2.40 54.85
CA ASN N 348 34.12 3.48 55.59
C ASN N 348 32.85 3.95 54.91
N VAL N 349 32.82 3.91 53.57
CA VAL N 349 31.62 4.30 52.83
C VAL N 349 30.49 3.29 53.03
N ILE N 350 30.82 2.02 53.28
CA ILE N 350 29.81 0.97 53.31
C ILE N 350 28.75 1.23 54.38
N LYS N 351 29.16 1.81 55.51
CA LYS N 351 28.21 2.01 56.60
C LYS N 351 27.06 2.91 56.21
N HIS N 352 27.19 3.68 55.13
CA HIS N 352 26.14 4.58 54.68
C HIS N 352 25.20 3.92 53.67
N THR N 353 25.42 2.67 53.30
CA THR N 353 24.62 1.99 52.31
C THR N 353 23.73 0.94 52.97
N SER N 354 22.50 0.82 52.47
CA SER N 354 21.52 -0.12 53.01
C SER N 354 21.69 -1.49 52.37
N ALA N 355 21.61 -2.53 53.20
CA ALA N 355 21.73 -3.89 52.69
C ALA N 355 20.60 -4.21 51.72
N ARG N 356 19.38 -3.81 52.05
CA ARG N 356 18.25 -4.06 51.18
C ARG N 356 18.20 -3.01 50.06
N HIS N 357 17.36 -3.27 49.07
CA HIS N 357 17.25 -2.38 47.93
C HIS N 357 16.58 -1.07 48.33
N SER N 358 16.58 -0.12 47.40
CA SER N 358 16.11 1.23 47.71
C SER N 358 14.63 1.23 48.10
N ARG N 359 13.82 0.46 47.38
CA ARG N 359 12.37 0.50 47.55
C ARG N 359 11.88 -0.28 48.77
N PHE N 360 12.76 -0.66 49.69
CA PHE N 360 12.31 -1.40 50.86
C PHE N 360 11.31 -0.58 51.67
N GLY N 361 11.61 0.70 51.87
CA GLY N 361 10.62 1.63 52.41
C GLY N 361 10.52 1.67 53.92
N GLY N 362 11.63 1.98 54.59
CA GLY N 362 11.63 2.19 56.03
C GLY N 362 11.51 3.66 56.36
N LEU N 363 10.57 4.00 57.24
CA LEU N 363 10.32 5.38 57.65
C LEU N 363 10.67 5.54 59.12
N LEU N 364 11.36 6.63 59.43
CA LEU N 364 11.81 6.93 60.78
C LEU N 364 11.13 8.20 61.30
N SER N 365 10.92 8.25 62.61
CA SER N 365 10.44 9.44 63.29
C SER N 365 11.40 9.74 64.43
N ILE N 366 11.96 10.94 64.43
CA ILE N 366 12.97 11.36 65.42
C ILE N 366 12.38 12.48 66.25
N GLN N 367 12.53 12.37 67.57
CA GLN N 367 11.92 13.29 68.51
C GLN N 367 12.93 14.36 68.93
N THR N 368 12.55 15.63 68.74
CA THR N 368 13.38 16.75 69.15
C THR N 368 13.28 16.91 70.66
N PRO N 369 14.17 17.71 71.27
CA PRO N 369 14.05 17.95 72.72
C PRO N 369 12.67 18.44 73.12
N ASP N 370 12.06 19.29 72.31
CA ASP N 370 10.64 19.57 72.44
C ASP N 370 9.84 18.50 71.72
N LYS N 371 8.60 18.29 72.15
CA LYS N 371 7.81 17.17 71.64
C LYS N 371 7.34 17.43 70.22
N THR N 372 8.27 17.38 69.27
CA THR N 372 7.96 17.46 67.85
C THR N 372 8.75 16.40 67.12
N ARG N 373 8.09 15.72 66.18
CA ARG N 373 8.68 14.58 65.47
C ARG N 373 9.02 14.98 64.04
N LEU N 374 10.24 14.67 63.62
CA LEU N 374 10.68 14.86 62.24
C LEU N 374 10.80 13.50 61.56
N THR N 375 10.58 13.49 60.25
CA THR N 375 10.53 12.26 59.47
C THR N 375 11.76 12.14 58.59
N VAL N 376 12.39 10.97 58.62
CA VAL N 376 13.52 10.65 57.76
C VAL N 376 13.31 9.25 57.17
N SER N 377 13.95 9.00 56.04
CA SER N 377 13.81 7.74 55.32
C SER N 377 15.17 7.08 55.14
N GLY N 378 15.21 5.76 55.31
CA GLY N 378 16.43 4.99 55.12
C GLY N 378 16.73 4.13 56.32
N SER N 379 17.24 2.92 56.06
CA SER N 379 17.56 2.00 57.16
C SER N 379 18.61 2.58 58.08
N GLN N 380 19.64 3.21 57.52
CA GLN N 380 20.66 3.83 58.35
C GLN N 380 20.08 4.85 59.31
N ALA N 381 19.01 5.54 58.89
CA ALA N 381 18.37 6.49 59.79
C ALA N 381 17.82 5.78 61.03
N LEU N 382 17.12 4.65 60.83
CA LEU N 382 16.59 3.91 61.97
C LEU N 382 17.70 3.37 62.84
N VAL N 383 18.77 2.86 62.24
CA VAL N 383 19.80 2.20 63.04
C VAL N 383 20.79 3.18 63.67
N ASP N 384 20.84 4.43 63.21
CA ASP N 384 21.81 5.39 63.71
C ASP N 384 21.17 6.76 63.82
N GLU N 385 21.75 7.60 64.68
CA GLU N 385 21.27 8.95 64.92
C GLU N 385 22.11 10.00 64.21
N LYS N 386 23.43 9.87 64.25
CA LYS N 386 24.29 10.78 63.51
C LYS N 386 23.95 10.75 62.03
N ILE N 387 23.67 9.56 61.49
CA ILE N 387 23.25 9.45 60.09
C ILE N 387 21.93 10.18 59.89
N ALA N 388 21.03 10.10 60.87
CA ALA N 388 19.75 10.78 60.76
C ALA N 388 19.93 12.28 60.65
N LEU N 389 20.77 12.86 61.52
CA LEU N 389 20.99 14.30 61.47
C LEU N 389 21.74 14.71 60.20
N GLN N 390 22.69 13.88 59.75
CA GLN N 390 23.39 14.17 58.51
C GLN N 390 22.42 14.19 57.33
N LYS N 391 21.50 13.23 57.29
CA LYS N 391 20.50 13.22 56.23
C LYS N 391 19.57 14.44 56.34
N LEU N 392 19.19 14.80 57.56
CA LEU N 392 18.36 16.00 57.74
C LEU N 392 19.05 17.22 57.14
N ASP N 393 20.29 17.43 57.39
CA ASP N 393 21.09 18.48 56.85
C ASP N 393 21.18 18.42 55.35
N ASP N 394 21.50 17.29 54.79
CA ASP N 394 21.73 17.02 53.43
C ASP N 394 20.52 17.23 52.56
N SER N 395 19.35 16.97 53.04
CA SER N 395 18.10 17.07 52.40
C SER N 395 17.67 18.48 52.10
N LYS N 396 18.21 19.46 52.74
CA LYS N 396 17.92 20.84 52.60
C LYS N 396 18.24 21.33 51.22
N LYS N 397 17.44 22.14 50.60
CA LYS N 397 17.52 22.67 49.30
C LYS N 397 18.25 23.98 49.19
N TRP N 398 18.09 24.86 50.17
CA TRP N 398 18.66 26.19 50.14
C TRP N 398 20.17 26.18 50.38
N ASN N 399 20.90 26.88 49.53
CA ASN N 399 22.29 27.09 49.47
C ASN N 399 22.68 28.54 49.56
N LYS N 400 23.60 28.95 50.43
CA LYS N 400 24.08 30.34 50.49
C LYS N 400 25.11 30.57 49.39
N ARG N 401 25.01 31.68 48.66
CA ARG N 401 25.88 31.99 47.52
C ARG N 401 27.34 32.12 47.96
N ILE N 402 28.25 31.51 47.22
CA ILE N 402 29.67 31.56 47.34
C ILE N 402 30.26 32.21 46.11
N ILE N 403 30.91 33.36 46.27
CA ILE N 403 31.52 34.11 45.17
C ILE N 403 33.04 33.98 45.28
N LYS N 404 33.67 33.50 44.22
CA LYS N 404 35.06 33.24 44.05
C LYS N 404 35.68 34.19 43.06
N LYS N 405 36.77 34.85 43.43
CA LYS N 405 37.49 35.82 42.60
C LYS N 405 38.56 35.14 41.75
N HIS N 406 38.18 34.69 40.54
CA HIS N 406 38.95 33.99 39.60
C HIS N 406 39.56 34.89 38.56
N GLN N 407 40.83 34.87 38.32
CA GLN N 407 41.61 35.57 37.36
C GLN N 407 42.21 34.63 36.35
N SER N 408 41.89 34.68 35.11
CA SER N 408 42.46 33.94 34.04
C SER N 408 43.92 34.25 33.90
N VAL N 409 44.78 33.24 33.90
CA VAL N 409 46.22 33.49 33.76
C VAL N 409 46.52 34.04 32.37
N ALA N 410 45.79 33.58 31.35
CA ALA N 410 46.02 34.08 30.00
C ALA N 410 45.79 35.58 29.89
N ALA N 411 45.02 36.16 30.80
CA ALA N 411 44.77 37.60 30.75
C ALA N 411 46.06 38.38 30.95
N GLU N 412 46.90 37.96 31.90
CA GLU N 412 48.17 38.62 32.14
C GLU N 412 49.28 38.13 31.22
N GLY N 413 49.00 37.16 30.36
CA GLY N 413 49.99 36.65 29.44
C GLY N 413 50.95 35.62 30.01
N LEU N 414 50.80 35.27 31.29
CA LEU N 414 51.68 34.30 31.91
C LEU N 414 51.34 32.89 31.46
N PRO N 415 52.29 31.97 31.56
CA PRO N 415 52.00 30.56 31.27
C PRO N 415 51.54 29.82 32.52
N ASN N 416 51.04 28.61 32.29
CA ASN N 416 50.66 27.75 33.42
C ASN N 416 51.91 27.35 34.19
N SER N 417 51.87 27.51 35.51
CA SER N 417 53.03 27.23 36.35
C SER N 417 52.53 26.82 37.73
N LEU N 418 53.45 26.74 38.68
CA LEU N 418 53.10 26.33 40.05
C LEU N 418 52.07 27.26 40.67
N LEU N 419 51.97 28.50 40.21
CA LEU N 419 51.06 29.46 40.84
C LEU N 419 49.61 29.00 40.73
N ASN N 420 49.21 28.50 39.55
CA ASN N 420 47.83 28.10 39.32
C ASN N 420 47.64 26.60 39.21
N SER N 421 48.69 25.84 38.95
CA SER N 421 48.56 24.38 38.89
C SER N 421 48.05 23.85 40.24
N GLN N 422 47.10 22.93 40.18
CA GLN N 422 46.52 22.38 41.39
C GLN N 422 47.59 21.64 42.18
N THR N 423 47.52 21.78 43.52
CA THR N 423 48.48 21.11 44.38
C THR N 423 48.36 19.60 44.21
N GLY N 424 49.51 18.94 44.06
CA GLY N 424 49.58 17.52 43.85
C GLY N 424 49.72 17.11 42.39
N LYS N 425 49.46 18.02 41.46
CA LYS N 425 49.62 17.72 40.04
C LYS N 425 51.06 17.31 39.78
N ALA N 426 51.27 16.05 39.42
CA ALA N 426 52.59 15.45 39.31
C ALA N 426 52.89 15.13 37.86
N ILE N 427 54.08 15.52 37.40
CA ILE N 427 54.55 15.15 36.06
C ILE N 427 55.12 13.74 36.15
N PHE N 428 54.49 12.80 35.47
CA PHE N 428 54.84 11.38 35.57
C PHE N 428 55.96 11.09 34.58
N PHE N 429 57.20 11.11 35.07
CA PHE N 429 58.35 10.79 34.24
C PHE N 429 58.55 9.28 34.15
N THR N 430 59.19 8.85 33.08
CA THR N 430 59.72 7.50 33.00
C THR N 430 61.06 7.46 33.72
N GLU N 431 61.50 6.25 34.08
CA GLU N 431 62.72 6.11 34.85
C GLU N 431 63.92 6.69 34.11
N SER N 432 64.08 6.34 32.84
CA SER N 432 65.21 6.84 32.07
C SER N 432 65.11 8.35 31.88
N ASN N 433 63.92 8.85 31.55
CA ASN N 433 63.75 10.29 31.37
C ASN N 433 63.99 11.03 32.67
N GLY N 434 63.50 10.50 33.78
CA GLY N 434 63.76 11.12 35.07
C GLY N 434 65.23 11.17 35.39
N LYS N 435 65.95 10.07 35.13
CA LYS N 435 67.39 10.06 35.36
C LYS N 435 68.09 11.11 34.50
N HIS N 436 67.70 11.20 33.22
CA HIS N 436 68.32 12.17 32.33
C HIS N 436 68.07 13.60 32.82
N PHE N 437 66.83 13.89 33.20
CA PHE N 437 66.50 15.23 33.67
C PHE N 437 67.25 15.58 34.94
N LYS N 438 67.33 14.64 35.88
CA LYS N 438 68.06 14.88 37.11
C LYS N 438 69.54 15.11 36.84
N GLU N 439 70.13 14.33 35.94
CA GLU N 439 71.54 14.52 35.60
C GLU N 439 71.77 15.88 34.98
N PHE N 440 70.89 16.29 34.07
CA PHE N 440 71.03 17.60 33.43
C PHE N 440 70.95 18.73 34.46
N ILE N 441 69.96 18.66 35.35
CA ILE N 441 69.80 19.72 36.34
C ILE N 441 71.00 19.74 37.29
N ASN N 442 71.47 18.56 37.71
CA ASN N 442 72.62 18.51 38.60
C ASN N 442 73.85 19.11 37.94
N ASN N 443 74.10 18.76 36.68
CA ASN N 443 75.25 19.31 35.98
C ASN N 443 75.14 20.82 35.85
N PHE N 444 73.95 21.33 35.52
CA PHE N 444 73.79 22.78 35.41
C PHE N 444 74.05 23.47 36.74
N ILE N 445 73.50 22.91 37.83
CA ILE N 445 73.68 23.55 39.13
C ILE N 445 75.14 23.52 39.56
N ASP N 446 75.86 22.46 39.23
CA ASP N 446 77.27 22.37 39.58
C ASP N 446 78.16 23.13 38.62
N SER N 447 77.66 23.54 37.46
CA SER N 447 78.48 24.21 36.45
C SER N 447 78.28 25.72 36.40
N GLY N 448 77.04 26.19 36.23
CA GLY N 448 76.84 27.59 35.91
C GLY N 448 75.65 28.29 36.52
N PHE N 449 74.98 27.68 37.51
CA PHE N 449 73.86 28.37 38.16
C PHE N 449 74.33 29.64 38.85
N ASN N 450 75.47 29.57 39.53
CA ASN N 450 76.03 30.74 40.21
C ASN N 450 76.20 31.90 39.22
N ILE N 451 76.87 31.63 38.10
CA ILE N 451 77.18 32.68 37.13
C ILE N 451 75.89 33.20 36.49
N LEU N 452 74.97 32.30 36.14
CA LEU N 452 73.73 32.74 35.51
C LEU N 452 72.93 33.64 36.45
N LEU N 453 72.83 33.25 37.73
CA LEU N 453 72.10 34.09 38.68
C LEU N 453 72.77 35.44 38.84
N HIS N 454 74.10 35.46 38.93
CA HIS N 454 74.80 36.74 39.07
C HIS N 454 74.54 37.64 37.88
N SER N 455 74.67 37.10 36.67
CA SER N 455 74.49 37.92 35.47
C SER N 455 73.06 38.43 35.37
N VAL N 456 72.08 37.56 35.63
CA VAL N 456 70.68 37.96 35.55
C VAL N 456 70.38 39.05 36.57
N THR N 457 70.86 38.87 37.81
CA THR N 457 70.59 39.86 38.84
C THR N 457 71.21 41.21 38.49
N ASN N 458 72.45 41.20 37.98
CA ASN N 458 73.07 42.46 37.57
C ASN N 458 72.25 43.13 36.48
N TYR N 459 71.92 42.38 35.42
CA TYR N 459 71.19 42.97 34.30
C TYR N 459 69.84 43.50 34.73
N PHE N 460 69.16 42.82 35.65
CA PHE N 460 67.81 43.22 36.02
C PHE N 460 67.82 44.38 37.02
N THR N 461 68.71 44.35 38.01
CA THR N 461 68.82 45.48 38.92
C THR N 461 69.29 46.73 38.20
N THR N 462 70.03 46.56 37.09
CA THR N 462 70.38 47.71 36.27
C THR N 462 69.17 48.26 35.52
N GLU N 463 68.17 47.43 35.28
CA GLU N 463 67.01 47.77 34.46
C GLU N 463 65.72 47.34 35.14
N GLN N 464 65.58 47.70 36.41
CA GLN N 464 64.45 47.22 37.20
C GLN N 464 63.12 47.76 36.66
N ASP N 465 63.05 49.06 36.42
CA ASP N 465 61.76 49.68 36.12
C ASP N 465 61.14 49.13 34.83
N ARG N 466 61.97 48.76 33.86
CA ARG N 466 61.45 48.24 32.60
C ARG N 466 60.87 46.84 32.73
N MET N 467 61.01 46.20 33.89
CA MET N 467 60.47 44.87 34.09
C MET N 467 58.98 44.83 33.82
N VAL N 468 58.54 43.78 33.13
CA VAL N 468 57.12 43.47 33.03
C VAL N 468 56.82 42.32 34.00
N THR N 469 55.54 42.08 34.25
CA THR N 469 55.15 41.06 35.23
C THR N 469 55.76 39.71 34.88
N LEU N 470 55.81 39.37 33.60
CA LEU N 470 56.32 38.07 33.19
C LEU N 470 57.77 37.89 33.63
N GLU N 471 58.61 38.91 33.41
CA GLU N 471 60.02 38.78 33.76
C GLU N 471 60.21 38.65 35.27
N GLN N 472 59.44 39.41 36.05
CA GLN N 472 59.53 39.30 37.51
C GLN N 472 59.17 37.90 37.97
N VAL N 473 58.01 37.40 37.53
CA VAL N 473 57.59 36.06 37.92
C VAL N 473 58.63 35.03 37.48
N GLU N 474 59.15 35.19 36.26
CA GLU N 474 60.11 34.24 35.73
C GLU N 474 61.37 34.18 36.59
N TYR N 475 61.96 35.34 36.85
CA TYR N 475 63.17 35.40 37.65
C TYR N 475 62.94 34.80 39.04
N LEU N 476 61.86 35.22 39.70
CA LEU N 476 61.61 34.76 41.06
C LEU N 476 61.41 33.24 41.09
N LEU N 477 60.61 32.72 40.16
CA LEU N 477 60.32 31.29 40.16
C LEU N 477 61.57 30.48 39.85
N PHE N 478 62.38 30.92 38.90
CA PHE N 478 63.61 30.21 38.59
C PHE N 478 64.52 30.16 39.81
N PHE N 479 64.72 31.30 40.46
CA PHE N 479 65.56 31.34 41.65
C PHE N 479 65.04 30.38 42.71
N ALA N 480 63.73 30.47 43.02
CA ALA N 480 63.17 29.65 44.08
C ALA N 480 63.30 28.16 43.75
N TRP N 481 62.95 27.77 42.53
CA TRP N 481 62.99 26.37 42.16
C TRP N 481 64.39 25.81 42.31
N PHE N 482 65.40 26.51 41.77
CA PHE N 482 66.74 25.94 41.81
C PHE N 482 67.29 25.91 43.23
N VAL N 483 67.02 26.94 44.03
CA VAL N 483 67.48 26.93 45.42
C VAL N 483 66.86 25.75 46.16
N LYS N 484 65.55 25.55 46.01
CA LYS N 484 64.89 24.47 46.73
C LYS N 484 65.39 23.10 46.27
N TYR N 485 65.60 22.94 44.96
CA TYR N 485 66.11 21.66 44.47
C TYR N 485 67.49 21.36 45.03
N GLN N 486 68.36 22.38 45.08
CA GLN N 486 69.68 22.16 45.65
C GLN N 486 69.58 21.81 47.13
N LEU N 487 68.67 22.46 47.85
CA LEU N 487 68.46 22.12 49.25
C LEU N 487 68.07 20.64 49.40
N LEU N 488 67.11 20.20 48.58
CA LEU N 488 66.65 18.82 48.68
C LEU N 488 67.76 17.84 48.35
N ARG N 489 68.52 18.10 47.28
CA ARG N 489 69.60 17.20 46.93
C ARG N 489 70.69 17.18 47.99
N SER N 490 70.99 18.32 48.60
CA SER N 490 71.96 18.36 49.69
C SER N 490 71.47 17.51 50.86
N LYS N 491 70.17 17.59 51.17
CA LYS N 491 69.63 16.74 52.22
C LYS N 491 69.80 15.27 51.88
N ILE N 492 69.44 14.88 50.65
CA ILE N 492 69.51 13.47 50.27
C ILE N 492 70.96 13.00 50.20
N ASP N 493 71.81 13.76 49.52
CA ASP N 493 73.20 13.38 49.29
C ASP N 493 74.12 14.32 50.07
N ASN N 494 75.04 13.74 50.84
CA ASN N 494 75.97 14.53 51.62
C ASN N 494 77.06 15.17 50.77
N SER N 495 77.34 14.64 49.58
CA SER N 495 78.36 15.29 48.76
C SER N 495 77.86 16.67 48.34
N ALA N 496 77.14 16.79 47.21
CA ALA N 496 76.67 18.04 46.57
C ALA N 496 76.11 19.02 47.58
N ASP N 497 76.66 20.23 47.69
CA ASP N 497 76.32 21.14 48.82
C ASP N 497 75.95 22.57 48.52
N ILE N 498 75.24 23.23 49.41
CA ILE N 498 74.91 24.68 49.38
C ILE N 498 75.91 25.61 48.66
N LYS N 499 77.17 25.35 48.55
CA LYS N 499 78.09 26.30 47.93
C LYS N 499 77.79 26.52 46.46
N GLN N 500 77.04 25.61 45.84
CA GLN N 500 76.66 25.79 44.44
C GLN N 500 75.55 26.84 44.29
N VAL N 501 74.70 26.99 45.30
CA VAL N 501 73.63 27.98 45.28
C VAL N 501 73.92 29.11 46.28
N SER N 502 75.17 29.22 46.74
CA SER N 502 75.54 30.26 47.69
C SER N 502 75.31 31.67 47.15
N GLU N 503 75.21 31.84 45.83
CA GLU N 503 74.99 33.17 45.26
C GLU N 503 73.64 33.77 45.65
N ALA N 504 72.70 32.94 46.10
CA ALA N 504 71.44 33.48 46.58
C ALA N 504 71.64 34.33 47.83
N LEU N 505 72.61 33.95 48.68
CA LEU N 505 72.83 34.66 49.93
C LEU N 505 73.29 36.09 49.67
N LYS N 506 74.12 36.28 48.64
CA LYS N 506 74.71 37.60 48.39
C LYS N 506 73.63 38.67 48.37
N GLU N 507 74.00 39.86 48.83
CA GLU N 507 73.01 40.90 49.12
C GLU N 507 72.39 41.51 47.87
N VAL N 508 73.06 41.48 46.73
CA VAL N 508 72.47 42.08 45.53
C VAL N 508 71.19 41.34 45.15
N THR N 509 71.26 40.01 45.06
CA THR N 509 70.07 39.22 44.73
C THR N 509 69.01 39.39 45.81
N PHE N 510 69.43 39.39 47.08
CA PHE N 510 68.48 39.50 48.19
C PHE N 510 67.71 40.81 48.12
N ILE N 511 68.40 41.92 47.92
CA ILE N 511 67.74 43.21 47.85
C ILE N 511 66.87 43.31 46.60
N LEU N 512 67.33 42.73 45.49
CA LEU N 512 66.49 42.70 44.30
C LEU N 512 65.18 42.00 44.58
N VAL N 513 65.24 40.82 45.20
CA VAL N 513 64.03 40.06 45.49
C VAL N 513 63.14 40.82 46.45
N SER N 514 63.73 41.41 47.49
CA SER N 514 62.94 42.14 48.47
C SER N 514 62.23 43.34 47.83
N SER N 515 62.94 44.08 46.99
CA SER N 515 62.32 45.21 46.31
C SER N 515 61.20 44.76 45.40
N LEU N 516 61.42 43.67 44.65
CA LEU N 516 60.38 43.16 43.78
C LEU N 516 59.12 42.81 44.57
N LEU N 517 59.30 42.06 45.66
CA LEU N 517 58.14 41.64 46.46
C LEU N 517 57.42 42.84 47.06
N ARG N 518 58.19 43.79 47.61
CA ARG N 518 57.59 44.95 48.26
C ARG N 518 56.82 45.79 47.25
N SER N 519 57.41 46.03 46.08
CA SER N 519 56.72 46.80 45.05
C SER N 519 55.46 46.08 44.58
N ALA N 520 55.53 44.75 44.42
CA ALA N 520 54.36 43.99 44.01
C ALA N 520 53.24 44.13 45.03
N TYR N 521 53.51 44.06 46.29
CA TYR N 521 52.62 44.27 47.37
C TYR N 521 51.99 45.64 47.31
N ASP N 522 52.85 46.65 47.16
CA ASP N 522 52.38 48.03 47.19
C ASP N 522 51.44 48.33 46.03
N LEU N 523 51.77 47.84 44.84
CA LEU N 523 50.97 48.14 43.65
C LEU N 523 49.77 47.20 43.50
N LYS N 524 49.55 46.26 44.35
CA LYS N 524 48.47 45.33 44.29
C LYS N 524 48.56 44.46 43.06
N ASN N 525 49.73 43.85 42.84
CA ASN N 525 49.95 42.88 41.78
C ASN N 525 50.19 41.54 42.47
N TRP N 526 49.19 40.75 42.66
CA TRP N 526 49.15 39.60 43.49
C TRP N 526 49.91 38.43 42.94
N THR N 527 50.05 38.36 41.61
CA THR N 527 50.81 37.27 41.02
C THR N 527 52.31 37.45 41.28
N VAL N 528 52.82 38.66 41.08
CA VAL N 528 54.21 38.94 41.42
C VAL N 528 54.40 38.81 42.93
N THR N 529 53.43 39.16 43.72
CA THR N 529 53.42 38.96 45.13
C THR N 529 53.60 37.50 45.48
N HIS N 530 52.85 36.64 44.80
CA HIS N 530 52.96 35.20 45.02
C HIS N 530 54.34 34.69 44.67
N ALA N 531 54.87 35.11 43.53
CA ALA N 531 56.20 34.67 43.13
C ALA N 531 57.25 35.13 44.13
N GLY N 532 57.15 36.38 44.58
CA GLY N 532 58.09 36.88 45.56
C GLY N 532 57.97 36.16 46.89
N MET N 533 56.79 35.78 47.31
CA MET N 533 56.52 35.00 48.46
C MET N 533 57.25 33.68 48.41
N ILE N 534 57.11 32.99 47.28
CA ILE N 534 57.79 31.71 47.11
C ILE N 534 59.31 31.90 47.18
N ALA N 535 59.81 32.91 46.49
CA ALA N 535 61.25 33.16 46.48
C ALA N 535 61.76 33.47 47.89
N PHE N 536 61.01 34.27 48.64
CA PHE N 536 61.42 34.63 49.99
C PHE N 536 61.38 33.41 50.91
N ASN N 537 60.37 32.55 50.75
CA ASN N 537 60.31 31.34 51.57
C ASN N 537 61.54 30.48 51.33
N GLU N 538 61.90 30.29 50.05
CA GLU N 538 63.09 29.52 49.73
C GLU N 538 64.34 30.18 50.31
N LEU N 539 64.43 31.51 50.23
CA LEU N 539 65.59 32.21 50.76
C LEU N 539 65.72 32.04 52.27
N LEU N 540 64.60 32.13 52.99
CA LEU N 540 64.63 31.90 54.43
C LEU N 540 65.02 30.46 54.78
N ASN N 541 64.49 29.48 54.05
CA ASN N 541 64.92 28.10 54.30
C ASN N 541 66.42 27.96 54.06
N LEU N 542 66.91 28.56 52.98
CA LEU N 542 68.34 28.50 52.69
C LEU N 542 69.15 29.11 53.82
N VAL N 543 68.77 30.30 54.29
CA VAL N 543 69.55 30.98 55.33
C VAL N 543 69.53 30.16 56.61
N SER N 544 68.39 29.52 56.91
CA SER N 544 68.34 28.65 58.07
C SER N 544 69.35 27.51 57.93
N ARG N 545 69.42 26.90 56.76
CA ARG N 545 70.41 25.83 56.56
C ARG N 545 71.84 26.35 56.71
N THR N 546 72.13 27.51 56.14
CA THR N 546 73.50 28.05 56.27
C THR N 546 73.85 28.31 57.72
N LYS N 547 72.92 28.86 58.49
CA LYS N 547 73.19 29.04 59.93
C LYS N 547 73.42 27.70 60.60
N ALA N 548 72.63 26.69 60.24
CA ALA N 548 72.86 25.35 60.78
C ALA N 548 74.26 24.85 60.44
N ALA N 549 74.82 25.28 59.31
CA ALA N 549 76.12 24.80 58.88
C ALA N 549 77.23 25.18 59.86
N GLN N 550 77.52 26.48 59.99
CA GLN N 550 78.58 26.97 60.86
C GLN N 550 78.23 28.36 61.35
N GLU N 551 78.29 28.56 62.67
CA GLU N 551 77.92 29.85 63.24
C GLU N 551 78.97 30.92 62.96
N GLU N 552 80.25 30.58 63.15
CA GLU N 552 81.31 31.56 62.94
C GLU N 552 81.32 32.05 61.49
N ASP N 553 81.21 31.12 60.55
CA ASP N 553 81.06 31.51 59.15
C ASP N 553 79.70 32.14 58.88
N SER N 554 78.73 31.94 59.77
CA SER N 554 77.39 32.48 59.61
C SER N 554 77.19 33.80 60.32
N THR N 555 78.25 34.43 60.85
CA THR N 555 78.11 35.80 61.31
C THR N 555 77.78 36.74 60.15
N ASP N 556 78.46 36.56 59.01
CA ASP N 556 78.14 37.33 57.82
C ASP N 556 76.72 37.08 57.34
N ILE N 557 76.11 35.96 57.75
CA ILE N 557 74.72 35.69 57.42
C ILE N 557 73.78 36.18 58.51
N GLU N 558 74.26 36.29 59.75
CA GLU N 558 73.53 37.03 60.77
C GLU N 558 73.33 38.47 60.32
N PHE N 559 74.33 39.02 59.63
CA PHE N 559 74.16 40.34 59.01
C PHE N 559 72.96 40.33 58.06
N ILE N 560 72.87 39.31 57.20
CA ILE N 560 71.77 39.24 56.24
C ILE N 560 70.45 39.08 56.96
N VAL N 561 70.42 38.26 58.02
CA VAL N 561 69.20 38.05 58.78
C VAL N 561 68.73 39.36 59.40
N SER N 562 69.67 40.13 59.96
CA SER N 562 69.32 41.43 60.52
C SER N 562 68.77 42.35 59.44
N ARG N 563 69.39 42.37 58.27
CA ARG N 563 68.92 43.23 57.20
C ARG N 563 67.51 42.85 56.76
N LEU N 564 67.26 41.56 56.58
CA LEU N 564 65.99 41.12 56.00
C LEU N 564 64.82 41.22 56.96
N PHE N 565 65.06 41.17 58.27
CA PHE N 565 63.99 41.31 59.25
C PHE N 565 63.84 42.77 59.67
N SER N 566 63.70 43.66 58.68
CA SER N 566 63.47 45.07 58.96
C SER N 566 62.01 45.33 59.25
N ASP N 567 61.76 46.32 60.11
CA ASP N 567 60.43 46.51 60.67
C ASP N 567 59.36 46.59 59.58
N GLU N 568 59.59 47.28 58.50
CA GLU N 568 58.73 47.35 57.37
C GLU N 568 58.48 45.97 56.80
N ARG N 569 59.51 45.17 56.66
CA ARG N 569 59.46 43.84 56.19
C ARG N 569 58.67 42.95 57.12
N ILE N 570 58.83 43.07 58.40
CA ILE N 570 58.08 42.43 59.41
C ILE N 570 56.61 42.68 59.22
N GLN N 571 56.24 43.90 59.07
CA GLN N 571 54.93 44.37 58.85
C GLN N 571 54.31 43.76 57.61
N LEU N 572 55.01 43.75 56.53
CA LEU N 572 54.65 43.20 55.28
C LEU N 572 54.35 41.72 55.38
N LEU N 573 55.24 40.98 55.96
CA LEU N 573 55.18 39.58 56.17
C LEU N 573 54.01 39.19 57.04
N SER N 574 53.72 39.93 58.06
CA SER N 574 52.59 39.81 58.89
C SER N 574 51.31 40.10 58.16
N ASN N 575 51.31 41.09 57.27
CA ASN N 575 50.13 41.51 56.52
C ASN N 575 49.71 40.45 55.50
N LEU N 576 50.66 39.72 54.91
CA LEU N 576 50.44 38.75 53.90
C LEU N 576 49.38 37.74 54.30
N PRO N 577 49.58 37.07 55.42
CA PRO N 577 48.55 36.15 55.91
C PRO N 577 47.17 36.72 56.06
N LYS N 578 47.08 37.97 56.54
CA LYS N 578 45.79 38.63 56.83
C LYS N 578 44.95 38.82 55.57
N ILE N 579 45.60 38.98 54.42
CA ILE N 579 45.05 39.12 53.12
C ILE N 579 44.91 37.84 52.35
N GLY N 580 45.61 36.80 52.71
CA GLY N 580 45.59 35.59 52.04
C GLY N 580 44.29 34.91 51.85
N SER N 581 43.39 35.08 52.75
CA SER N 581 42.09 34.50 52.78
C SER N 581 41.25 34.84 51.59
N LYS N 582 41.51 35.98 50.93
CA LYS N 582 40.72 36.53 49.83
C LYS N 582 40.96 35.83 48.49
N TYR N 583 42.17 35.30 48.26
CA TYR N 583 42.70 34.79 47.06
C TYR N 583 42.70 33.29 46.99
N SER N 584 43.25 32.70 45.97
CA SER N 584 43.28 31.34 45.64
C SER N 584 43.92 30.51 46.73
N LEU N 585 43.77 29.22 46.70
CA LEU N 585 44.32 28.27 47.59
C LEU N 585 45.83 28.34 47.64
N GLN N 586 46.42 28.41 46.45
CA GLN N 586 47.88 28.43 46.37
C GLN N 586 48.46 29.63 47.11
N PHE N 587 47.86 30.78 47.05
CA PHE N 587 48.17 31.94 47.78
C PHE N 587 48.20 31.67 49.26
N MET N 588 47.21 31.05 49.78
CA MET N 588 47.04 30.64 51.12
C MET N 588 48.18 29.76 51.56
N LYS N 589 48.47 28.74 50.74
CA LYS N 589 49.52 27.80 51.08
C LYS N 589 50.88 28.50 51.15
N SER N 590 51.16 29.38 50.18
CA SER N 590 52.42 30.12 50.20
C SER N 590 52.50 31.01 51.42
N CYS N 591 51.47 31.67 51.82
CA CYS N 591 51.35 32.47 52.98
C CYS N 591 51.69 31.69 54.22
N ILE N 592 51.10 30.56 54.40
CA ILE N 592 51.28 29.65 55.46
C ILE N 592 52.72 29.23 55.58
N GLU N 593 53.28 28.79 54.45
CA GLU N 593 54.67 28.33 54.46
C GLU N 593 55.63 29.45 54.79
N LEU N 594 55.41 30.64 54.23
CA LEU N 594 56.29 31.76 54.53
C LEU N 594 56.19 32.17 55.98
N THR N 595 55.05 32.17 56.59
CA THR N 595 54.81 32.40 57.97
C THR N 595 55.57 31.43 58.83
N HIS N 596 55.46 30.15 58.46
CA HIS N 596 56.18 29.11 59.19
C HIS N 596 57.68 29.37 59.16
N SER N 597 58.22 29.67 57.98
CA SER N 597 59.65 29.92 57.87
C SER N 597 60.05 31.16 58.67
N VAL N 598 59.25 32.21 58.60
CA VAL N 598 59.56 33.45 59.31
C VAL N 598 59.62 33.20 60.81
N LEU N 599 58.61 32.52 61.35
CA LEU N 599 58.61 32.23 62.78
C LEU N 599 59.77 31.33 63.15
N LYS N 600 60.07 30.34 62.31
CA LYS N 600 61.20 29.44 62.59
C LYS N 600 62.49 30.23 62.73
N VAL N 601 62.81 31.06 61.74
CA VAL N 601 64.06 31.82 61.79
C VAL N 601 64.04 32.78 62.97
N LEU N 602 62.91 33.46 63.20
CA LEU N 602 62.84 34.41 64.31
C LEU N 602 63.14 33.73 65.63
N GLU N 603 62.47 32.61 65.90
CA GLU N 603 62.69 31.92 67.17
C GLU N 603 64.12 31.41 67.28
N GLN N 604 64.64 30.79 66.22
CA GLN N 604 65.98 30.22 66.30
C GLN N 604 67.02 31.30 66.55
N TYR N 605 66.90 32.44 65.86
CA TYR N 605 67.89 33.50 65.99
C TYR N 605 67.70 34.32 67.26
N SER N 606 66.50 34.33 67.85
CA SER N 606 66.34 34.96 69.15
C SER N 606 66.93 34.07 70.25
N ASP N 607 66.72 32.75 70.15
CA ASP N 607 67.32 31.84 71.12
C ASP N 607 68.84 31.84 71.02
N ASP N 608 69.38 31.84 69.79
CA ASP N 608 70.82 31.72 69.62
C ASP N 608 71.55 32.95 70.15
N LYS N 609 71.12 34.14 69.73
CA LYS N 609 71.81 35.38 70.08
C LYS N 609 70.79 36.52 70.12
N THR N 610 71.29 37.74 70.27
CA THR N 610 70.45 38.92 70.20
C THR N 610 70.44 39.47 68.77
N LEU N 611 69.33 40.09 68.40
CA LEU N 611 69.09 40.57 67.04
C LEU N 611 68.87 42.07 67.05
N VAL N 612 69.54 42.77 66.14
CA VAL N 612 69.39 44.22 65.98
C VAL N 612 69.15 44.51 64.51
N ILE N 613 68.02 45.14 64.21
CA ILE N 613 67.69 45.48 62.83
C ILE N 613 68.64 46.55 62.32
N ILE N 655 67.38 48.75 65.92
CA ILE N 655 66.12 48.33 66.50
C ILE N 655 66.19 46.85 66.86
N GLU N 656 66.23 46.56 68.15
CA GLU N 656 66.29 45.18 68.61
C GLU N 656 64.99 44.45 68.27
N VAL N 657 65.13 43.15 67.99
CA VAL N 657 63.98 42.33 67.61
C VAL N 657 63.39 41.71 68.87
N ASN N 658 62.11 41.96 69.10
CA ASN N 658 61.37 41.36 70.22
C ASN N 658 60.47 40.28 69.66
N PHE N 659 60.93 39.02 69.77
CA PHE N 659 60.19 37.91 69.18
C PHE N 659 58.75 37.87 69.67
N GLN N 660 58.53 38.20 70.95
CA GLN N 660 57.17 38.23 71.47
C GLN N 660 56.33 39.28 70.74
N LYS N 661 56.93 40.42 70.41
CA LYS N 661 56.20 41.47 69.69
C LYS N 661 55.72 40.97 68.34
N VAL N 662 56.52 40.32 67.56
CA VAL N 662 56.23 39.73 66.31
C VAL N 662 55.15 38.69 66.43
N GLN N 663 55.30 37.78 67.34
CA GLN N 663 54.38 36.77 67.68
C GLN N 663 53.01 37.35 67.87
N ALA N 664 52.87 38.32 68.72
CA ALA N 664 51.71 39.06 68.99
C ALA N 664 51.13 39.70 67.76
N ASN N 665 51.96 40.24 66.91
CA ASN N 665 51.65 40.74 65.63
C ASN N 665 50.92 39.73 64.79
N TYR N 666 51.23 38.49 64.92
CA TYR N 666 50.72 37.37 64.24
C TYR N 666 49.42 36.82 64.75
N MET N 667 48.93 37.23 65.87
CA MET N 667 47.77 36.81 66.57
C MET N 667 46.62 37.74 66.32
N THR N 668 45.84 37.56 65.25
CA THR N 668 44.59 38.31 65.04
C THR N 668 43.59 37.46 64.27
N GLU N 669 42.31 37.83 64.33
CA GLU N 669 41.21 37.13 63.69
C GLU N 669 41.38 36.84 62.18
N PRO N 670 41.99 37.70 61.34
CA PRO N 670 42.22 37.36 59.94
C PRO N 670 43.16 36.22 59.68
N VAL N 671 44.22 36.12 60.40
CA VAL N 671 45.20 35.09 60.34
C VAL N 671 44.59 33.74 60.59
N ILE N 672 43.84 33.60 61.65
CA ILE N 672 43.14 32.46 62.07
C ILE N 672 42.15 32.03 61.03
N GLU N 673 41.41 32.94 60.49
CA GLU N 673 40.47 32.76 59.44
C GLU N 673 41.10 32.18 58.21
N THR N 674 42.21 32.70 57.79
CA THR N 674 43.02 32.25 56.73
C THR N 674 43.43 30.82 56.91
N TYR N 675 43.93 30.48 58.06
CA TYR N 675 44.34 29.19 58.45
C TYR N 675 43.23 28.19 58.35
N ILE N 676 42.09 28.51 58.85
CA ILE N 676 40.89 27.74 58.83
C ILE N 676 40.45 27.45 57.41
N ASN N 677 40.42 28.43 56.58
CA ASN N 677 40.10 28.37 55.21
C ASN N 677 41.00 27.40 54.48
N PHE N 678 42.31 27.53 54.75
CA PHE N 678 43.27 26.63 54.14
C PHE N 678 43.05 25.20 54.59
N LEU N 679 42.80 25.00 55.89
CA LEU N 679 42.61 23.65 56.42
C LEU N 679 41.32 23.02 55.95
N GLU N 680 40.34 23.82 55.53
CA GLU N 680 39.08 23.25 55.06
C GLU N 680 39.29 22.29 53.89
N ARG N 681 40.23 22.51 53.03
CA ARG N 681 40.61 21.76 51.89
C ARG N 681 41.61 20.67 52.18
N PHE N 682 41.37 19.88 53.24
CA PHE N 682 42.37 18.94 53.73
C PHE N 682 42.42 17.63 52.95
N ARG N 683 41.45 17.37 52.08
CA ARG N 683 41.46 16.15 51.29
C ARG N 683 42.40 16.22 50.10
N GLU N 684 42.94 17.41 49.79
CA GLU N 684 43.90 17.57 48.71
C GLU N 684 45.30 17.87 49.20
N LEU N 685 45.45 18.34 50.43
CA LEU N 685 46.78 18.66 50.96
C LEU N 685 47.52 17.40 51.37
N GLU N 686 48.84 17.55 51.52
CA GLU N 686 49.68 16.49 52.03
C GLU N 686 49.70 16.57 53.56
N ASP N 687 50.60 15.81 54.18
CA ASP N 687 50.74 15.87 55.63
C ASP N 687 51.57 17.05 56.10
N ASP N 688 52.44 17.59 55.23
CA ASP N 688 53.30 18.69 55.64
C ASP N 688 52.50 19.97 55.87
N SER N 689 51.53 20.25 54.99
CA SER N 689 50.70 21.44 55.17
C SER N 689 49.90 21.36 56.46
N ILE N 690 49.32 20.19 56.75
CA ILE N 690 48.57 20.01 57.99
C ILE N 690 49.50 20.17 59.19
N LYS N 691 50.71 19.62 59.09
CA LYS N 691 51.66 19.76 60.18
C LYS N 691 51.99 21.21 60.45
N LYS N 692 52.22 22.00 59.39
CA LYS N 692 52.52 23.42 59.57
C LYS N 692 51.33 24.16 60.17
N VAL N 693 50.13 23.87 59.68
CA VAL N 693 48.94 24.55 60.18
C VAL N 693 48.78 24.28 61.67
N PHE N 694 48.93 23.01 62.07
CA PHE N 694 48.75 22.67 63.47
C PHE N 694 49.93 23.10 64.34
N SER N 695 51.12 23.27 63.76
CA SER N 695 52.21 23.90 64.50
C SER N 695 51.87 25.35 64.83
N PHE N 696 51.32 26.10 63.93
CA PHE N 696 50.84 27.41 64.12
C PHE N 696 49.75 27.47 65.16
N PHE N 697 48.82 26.51 65.06
CA PHE N 697 47.75 26.42 66.06
C PHE N 697 48.31 26.17 67.44
N HIS N 698 49.32 25.30 67.55
CA HIS N 698 49.97 25.07 68.83
C HIS N 698 50.62 26.35 69.35
N ARG N 699 51.27 27.10 68.47
CA ARG N 699 51.84 28.38 68.87
C ARG N 699 50.76 29.30 69.44
N VAL N 700 49.64 29.42 68.81
CA VAL N 700 48.53 30.21 69.20
C VAL N 700 48.01 29.82 70.55
N PHE N 701 47.66 28.53 70.66
CA PHE N 701 46.91 28.04 71.81
C PHE N 701 47.76 27.92 73.06
N VAL N 702 48.99 27.40 72.93
CA VAL N 702 49.80 27.07 74.09
C VAL N 702 50.83 28.17 74.35
N GLN N 703 51.72 28.41 73.39
CA GLN N 703 52.81 29.34 73.60
C GLN N 703 52.28 30.76 73.82
N ALA N 704 51.31 31.19 73.01
CA ALA N 704 50.79 32.55 73.09
C ALA N 704 49.65 32.70 74.08
N LYS N 705 48.93 31.62 74.40
CA LYS N 705 47.82 31.66 75.33
C LYS N 705 46.71 32.61 74.85
N GLU N 706 46.56 32.83 73.58
CA GLU N 706 45.53 33.52 72.89
C GLU N 706 44.46 32.53 72.48
N GLN N 707 43.78 31.95 73.47
CA GLN N 707 42.85 30.86 73.21
C GLN N 707 41.50 31.33 72.70
N ALA N 708 41.04 32.51 73.02
CA ALA N 708 39.82 33.08 72.60
C ALA N 708 39.67 33.13 71.12
N LEU N 709 40.73 33.17 70.37
CA LEU N 709 40.80 33.20 68.96
C LEU N 709 40.24 31.94 68.34
N LEU N 710 40.54 30.81 68.88
CA LEU N 710 40.21 29.50 68.47
C LEU N 710 38.90 28.96 69.00
N PHE N 711 38.24 29.71 69.88
CA PHE N 711 36.94 29.30 70.41
C PHE N 711 35.85 29.74 69.44
N ARG N 712 35.82 29.16 68.29
CA ARG N 712 34.99 29.38 67.17
C ARG N 712 34.27 28.13 66.73
N PHE N 713 33.31 28.26 65.83
CA PHE N 713 32.55 27.11 65.34
C PHE N 713 33.09 26.55 64.03
N ASP N 714 33.72 27.37 63.20
CA ASP N 714 34.37 26.84 62.01
C ASP N 714 35.38 25.77 62.38
N LEU N 715 36.21 26.05 63.39
CA LEU N 715 37.21 25.08 63.83
C LEU N 715 36.56 23.80 64.34
N ILE N 716 35.48 23.93 65.11
CA ILE N 716 34.83 22.76 65.68
C ILE N 716 34.24 21.88 64.59
N ILE N 717 33.53 22.48 63.64
CA ILE N 717 32.95 21.71 62.55
C ILE N 717 34.05 21.04 61.73
N LEU N 718 35.10 21.80 61.41
CA LEU N 718 36.18 21.23 60.60
C LEU N 718 36.88 20.10 61.34
N LEU N 719 37.05 20.23 62.66
CA LEU N 719 37.71 19.18 63.42
C LEU N 719 36.85 17.93 63.50
N ARG N 720 35.53 18.09 63.63
CA ARG N 720 34.67 16.92 63.54
C ARG N 720 34.85 16.24 62.19
N GLU N 721 34.91 17.03 61.12
CA GLU N 721 35.12 16.44 59.80
C GLU N 721 36.45 15.70 59.73
N MET N 722 37.51 16.29 60.29
CA MET N 722 38.83 15.65 60.25
C MET N 722 38.83 14.34 61.01
N LEU N 723 38.27 14.32 62.21
CA LEU N 723 38.34 13.16 63.09
C LEU N 723 37.26 12.12 62.80
N SER N 724 36.30 12.42 61.94
CA SER N 724 35.26 11.46 61.62
C SER N 724 35.87 10.26 60.90
N PRO N 725 35.23 9.09 60.99
CA PRO N 725 35.80 7.91 60.31
C PRO N 725 35.92 8.10 58.81
N ASP N 726 35.04 8.87 58.19
CA ASP N 726 35.08 9.07 56.75
C ASP N 726 36.07 10.15 56.33
N GLY N 727 36.51 10.99 57.25
CA GLY N 727 37.36 12.11 56.91
C GLY N 727 38.80 11.75 56.64
N LEU N 728 39.51 11.29 57.65
CA LEU N 728 40.95 11.04 57.59
C LEU N 728 41.24 9.58 57.89
N ASP N 729 42.24 9.03 57.20
CA ASP N 729 42.63 7.65 57.44
C ASP N 729 43.15 7.49 58.86
N ARG N 730 42.78 6.39 59.50
CA ARG N 730 43.21 6.14 60.87
C ARG N 730 44.72 6.01 60.96
N MET N 731 45.32 5.29 60.02
CA MET N 731 46.78 5.08 60.01
C MET N 731 47.43 6.28 59.34
N SER N 732 47.61 7.34 60.13
CA SER N 732 48.19 8.57 59.62
C SER N 732 48.70 9.40 60.79
N ARG N 733 49.87 10.02 60.60
CA ARG N 733 50.40 10.91 61.63
C ARG N 733 49.64 12.23 61.68
N SER N 734 49.08 12.65 60.55
CA SER N 734 48.24 13.84 60.55
C SER N 734 47.07 13.67 61.51
N ARG N 735 46.45 12.49 61.51
CA ARG N 735 45.39 12.23 62.47
C ARG N 735 45.92 12.27 63.90
N LYS N 736 47.17 11.89 64.11
CA LYS N 736 47.75 11.99 65.45
C LYS N 736 47.84 13.44 65.90
N TYR N 737 48.36 14.31 65.03
CA TYR N 737 48.40 15.73 65.36
C TYR N 737 47.00 16.25 65.66
N VAL N 738 46.04 15.92 64.79
CA VAL N 738 44.68 16.42 64.94
C VAL N 738 44.08 15.94 66.25
N SER N 739 44.30 14.67 66.60
CA SER N 739 43.73 14.13 67.83
C SER N 739 44.33 14.79 69.06
N GLN N 740 45.65 14.98 69.08
CA GLN N 740 46.26 15.65 70.22
C GLN N 740 45.73 17.07 70.38
N PHE N 741 45.69 17.82 69.28
CA PHE N 741 45.19 19.19 69.36
C PHE N 741 43.74 19.21 69.80
N SER N 742 42.92 18.28 69.29
CA SER N 742 41.52 18.24 69.65
C SER N 742 41.34 17.94 71.13
N ASP N 743 42.13 17.00 71.66
CA ASP N 743 42.06 16.71 73.09
C ASP N 743 42.34 17.97 73.90
N TYR N 744 43.45 18.65 73.60
CA TYR N 744 43.79 19.85 74.36
C TYR N 744 42.72 20.92 74.22
N PHE N 745 42.24 21.14 72.99
CA PHE N 745 41.25 22.18 72.74
C PHE N 745 39.95 21.90 73.47
N LEU N 746 39.50 20.64 73.45
CA LEU N 746 38.28 20.28 74.14
C LEU N 746 38.43 20.45 75.65
N ALA N 747 39.58 20.06 76.20
CA ALA N 747 39.79 20.25 77.63
C ALA N 747 39.67 21.73 78.01
N ARG N 748 40.40 22.59 77.30
CA ARG N 748 40.36 24.01 77.63
C ARG N 748 38.98 24.60 77.40
N LEU N 749 38.30 24.19 76.33
CA LEU N 749 36.96 24.70 76.07
C LEU N 749 36.00 24.28 77.17
N LYS N 750 36.10 23.04 77.65
CA LYS N 750 35.26 22.60 78.75
C LYS N 750 35.51 23.43 80.00
N LYS N 751 36.79 23.69 80.30
CA LYS N 751 37.09 24.51 81.47
C LYS N 751 36.48 25.91 81.33
N ARG N 752 36.63 26.52 80.15
CA ARG N 752 36.09 27.86 79.95
C ARG N 752 34.57 27.86 80.07
N LEU N 753 33.91 26.87 79.46
CA LEU N 753 32.45 26.81 79.53
C LEU N 753 31.98 26.61 80.96
N LYS N 754 32.69 25.78 81.72
CA LYS N 754 32.35 25.63 83.13
C LYS N 754 32.48 26.95 83.87
N LYS N 755 33.54 27.71 83.58
CA LYS N 755 33.68 29.02 84.19
C LYS N 755 32.54 29.94 83.79
N SER N 756 32.46 30.28 82.50
CA SER N 756 31.55 31.32 82.02
C SER N 756 30.46 30.74 81.12
N PRO N 757 29.21 30.65 81.59
CA PRO N 757 28.13 30.19 80.71
C PRO N 757 27.94 31.06 79.48
N ALA N 758 28.31 32.31 79.50
CA ALA N 758 28.20 33.24 78.45
C ALA N 758 28.92 32.81 77.19
N TRP N 759 29.95 32.04 77.29
CA TRP N 759 30.72 31.57 76.21
C TRP N 759 29.98 30.66 75.29
N PHE N 760 28.93 30.00 75.80
CA PHE N 760 28.06 29.22 74.93
C PHE N 760 27.49 30.09 73.82
N VAL N 761 26.99 31.25 74.11
CA VAL N 761 26.57 32.26 73.21
C VAL N 761 27.72 32.83 72.44
N GLY N 762 28.81 33.09 73.09
CA GLY N 762 29.94 33.65 72.51
C GLY N 762 30.53 32.95 71.36
N LEU N 763 30.55 31.65 71.39
CA LEU N 763 31.07 30.78 70.41
C LEU N 763 30.56 31.11 69.03
N LEU N 764 29.34 31.50 68.89
CA LEU N 764 28.61 31.71 67.70
C LEU N 764 29.04 32.93 66.92
N PHE N 765 29.62 33.90 67.53
CA PHE N 765 29.88 35.22 67.10
C PHE N 765 31.32 35.64 67.15
N PRO N 766 31.76 36.60 66.35
CA PRO N 766 33.11 37.11 66.43
C PRO N 766 33.41 37.77 67.74
N PRO N 767 34.68 37.95 68.11
CA PRO N 767 35.00 38.58 69.38
C PRO N 767 34.41 39.95 69.56
N LEU N 768 34.00 40.34 70.77
CA LEU N 768 33.59 41.71 71.08
C LEU N 768 34.82 42.63 71.13
N HIS N 769 34.66 43.87 70.68
CA HIS N 769 35.68 44.92 70.82
C HIS N 769 35.11 46.05 71.67
N ASN N 770 35.04 45.83 72.98
CA ASN N 770 34.56 46.68 74.00
C ASN N 770 35.56 46.86 75.10
N SER N 771 35.99 48.04 75.44
CA SER N 771 36.93 48.33 76.45
C SER N 771 36.53 47.76 77.78
N GLU N 772 35.29 47.82 78.12
CA GLU N 772 34.71 47.38 79.33
C GLU N 772 34.87 45.90 79.54
N VAL N 773 34.44 45.11 78.61
CA VAL N 773 34.29 43.71 78.62
C VAL N 773 35.21 42.93 77.72
N GLY N 774 35.93 43.53 76.83
CA GLY N 774 36.78 42.87 75.96
C GLY N 774 37.79 42.01 76.56
N PHE N 775 38.47 42.46 77.57
CA PHE N 775 39.41 41.77 78.35
C PHE N 775 38.80 40.54 78.98
N TYR N 776 37.65 40.66 79.55
CA TYR N 776 36.91 39.64 80.19
C TYR N 776 36.64 38.50 79.26
N GLN N 777 36.18 38.76 78.08
CA GLN N 777 35.92 37.85 77.04
C GLN N 777 37.17 37.13 76.61
N ARG N 778 38.19 37.85 76.26
CA ARG N 778 39.41 37.38 75.72
C ARG N 778 40.13 36.44 76.67
N TYR N 779 40.21 36.86 77.94
CA TYR N 779 41.02 36.17 78.92
C TYR N 779 40.26 35.65 80.12
N GLY N 780 38.99 36.01 80.28
CA GLY N 780 38.20 35.49 81.38
C GLY N 780 38.47 36.15 82.72
N GLU N 781 39.26 37.22 82.76
CA GLU N 781 39.57 37.89 84.02
C GLU N 781 39.57 39.41 83.83
N ARG O 1 9.25 39.49 44.01
CA ARG O 1 8.48 40.45 44.86
C ARG O 1 8.00 39.74 46.13
N ARG O 2 8.76 38.77 46.66
CA ARG O 2 8.39 38.01 47.88
C ARG O 2 9.44 38.29 48.95
N PRO O 3 9.08 38.68 50.20
CA PRO O 3 10.13 38.98 51.16
C PRO O 3 10.88 37.68 51.46
N GLN O 4 12.21 37.71 51.44
CA GLN O 4 13.04 36.54 51.78
C GLN O 4 13.01 36.39 53.30
N VAL O 5 13.30 35.20 53.83
CA VAL O 5 13.42 35.00 55.29
C VAL O 5 14.89 35.22 55.61
N LYS O 6 15.24 36.00 56.63
CA LYS O 6 16.62 36.26 57.06
C LYS O 6 16.73 36.04 58.56
N LEU O 7 17.90 35.62 59.03
CA LEU O 7 18.27 35.49 60.39
C LEU O 7 18.51 36.84 61.01
N THR O 8 17.54 37.67 61.20
CA THR O 8 17.58 38.98 61.72
C THR O 8 17.87 38.98 63.20
N ALA O 9 18.35 40.05 63.75
CA ALA O 9 18.58 40.26 65.12
C ALA O 9 17.36 40.00 65.96
N GLU O 10 16.21 40.31 65.45
CA GLU O 10 14.94 40.08 66.04
C GLU O 10 14.75 38.62 66.38
N LYS O 11 15.00 37.76 65.45
CA LYS O 11 14.95 36.34 65.56
C LYS O 11 15.87 35.83 66.64
N LEU O 12 17.10 36.25 66.61
CA LEU O 12 18.15 35.84 67.47
C LEU O 12 17.85 36.08 68.92
N LEU O 13 17.22 37.16 69.24
CA LEU O 13 16.86 37.65 70.52
C LEU O 13 15.52 37.18 71.04
N SER O 14 14.78 36.45 70.23
CA SER O 14 13.46 35.97 70.63
C SER O 14 13.60 34.93 71.74
N ASP O 15 12.45 34.45 72.24
CA ASP O 15 12.46 33.42 73.27
C ASP O 15 13.15 32.16 72.76
N LYS O 16 12.85 31.76 71.52
CA LYS O 16 13.57 30.69 70.84
C LYS O 16 14.79 31.32 70.19
N GLY O 17 15.94 31.20 70.84
CA GLY O 17 17.16 31.80 70.33
C GLY O 17 18.25 31.84 71.38
N LEU O 18 19.02 32.88 71.45
CA LEU O 18 20.03 33.12 72.40
C LEU O 18 19.58 32.91 73.82
N PRO O 19 18.45 33.48 74.23
CA PRO O 19 17.92 33.17 75.56
C PRO O 19 17.67 31.68 75.76
N TYR O 20 17.20 31.00 74.71
CA TYR O 20 17.04 29.55 74.79
C TYR O 20 18.38 28.86 75.02
N VAL O 21 19.42 29.31 74.31
CA VAL O 21 20.74 28.71 74.48
C VAL O 21 21.23 28.90 75.91
N LEU O 22 21.09 30.12 76.42
CA LEU O 22 21.55 30.39 77.79
C LEU O 22 20.77 29.57 78.81
N LYS O 23 19.45 29.46 78.62
CA LYS O 23 18.62 28.77 79.60
C LYS O 23 19.01 27.30 79.70
N ASN O 24 19.12 26.60 78.57
CA ASN O 24 19.41 25.17 78.55
C ASN O 24 20.43 24.87 77.45
N ALA O 25 21.71 25.06 77.78
CA ALA O 25 22.80 24.58 76.94
C ALA O 25 23.88 23.85 77.71
N HIS O 26 24.01 24.08 79.03
CA HIS O 26 24.95 23.31 79.82
C HIS O 26 24.40 21.94 80.18
N LYS O 27 23.08 21.83 80.34
CA LYS O 27 22.47 20.54 80.69
C LYS O 27 22.64 19.54 79.55
N ARG O 28 22.30 19.95 78.32
CA ARG O 28 22.32 19.02 77.21
C ARG O 28 23.75 18.71 76.76
N ILE O 29 24.61 19.73 76.71
CA ILE O 29 25.99 19.53 76.29
C ILE O 29 26.79 19.00 77.47
N ARG O 30 27.69 18.06 77.19
CA ARG O 30 28.57 17.51 78.21
C ARG O 30 29.83 17.01 77.55
N ILE O 31 30.97 17.57 77.93
CA ILE O 31 32.28 17.14 77.43
C ILE O 31 32.86 16.16 78.45
N SER O 32 33.09 14.92 78.01
CA SER O 32 33.50 13.84 78.89
C SER O 32 34.96 13.50 78.65
N SER O 33 35.73 13.38 79.73
CA SER O 33 37.11 12.93 79.61
C SER O 33 37.19 11.44 79.31
N LYS O 34 36.16 10.67 79.63
CA LYS O 34 36.11 9.24 79.33
C LYS O 34 35.62 8.96 77.91
N LYS O 35 35.19 9.98 77.18
CA LYS O 35 34.69 9.82 75.83
C LYS O 35 35.74 10.29 74.81
N ASN O 36 35.62 9.78 73.59
CA ASN O 36 36.52 10.18 72.52
C ASN O 36 36.27 11.65 72.15
N SER O 37 37.32 12.32 71.69
CA SER O 37 37.20 13.72 71.34
C SER O 37 36.19 13.93 70.21
N TYR O 38 36.20 13.05 69.22
CA TYR O 38 35.23 13.14 68.14
C TYR O 38 33.81 13.05 68.69
N ASP O 39 33.60 12.22 69.71
CA ASP O 39 32.26 12.10 70.30
C ASP O 39 31.84 13.40 70.96
N ASN O 40 32.74 14.05 71.70
CA ASN O 40 32.40 15.33 72.33
C ASN O 40 32.09 16.39 71.28
N LEU O 41 32.92 16.47 70.24
CA LEU O 41 32.66 17.44 69.18
C LEU O 41 31.30 17.19 68.54
N SER O 42 30.99 15.92 68.26
CA SER O 42 29.71 15.58 67.66
C SER O 42 28.56 15.90 68.59
N ASN O 43 28.73 15.73 69.91
CA ASN O 43 27.67 16.08 70.84
C ASN O 43 27.40 17.58 70.84
N ILE O 44 28.46 18.39 70.89
CA ILE O 44 28.27 19.84 70.87
C ILE O 44 27.60 20.27 69.57
N ILE O 45 28.09 19.75 68.44
CA ILE O 45 27.51 20.09 67.15
C ILE O 45 26.06 19.61 67.08
N GLN O 46 25.76 18.48 67.70
CA GLN O 46 24.39 17.96 67.70
C GLN O 46 23.46 18.93 68.41
N PHE O 47 23.84 19.36 69.63
CA PHE O 47 22.98 20.30 70.35
C PHE O 47 22.78 21.58 69.54
N TYR O 48 23.87 22.17 69.07
CA TYR O 48 23.74 23.45 68.37
C TYR O 48 23.01 23.29 67.04
N GLN O 49 23.15 22.14 66.39
CA GLN O 49 22.46 21.90 65.12
C GLN O 49 20.96 21.76 65.34
N LEU O 50 20.55 21.04 66.38
CA LEU O 50 19.12 20.94 66.66
C LEU O 50 18.55 22.30 67.02
N TRP O 51 19.29 23.09 67.81
CA TRP O 51 18.81 24.43 68.14
C TRP O 51 18.68 25.29 66.89
N ALA O 52 19.62 25.27 66.00
CA ALA O 52 19.63 25.99 64.77
C ALA O 52 18.47 25.59 63.88
N HIS O 53 18.23 24.32 63.72
CA HIS O 53 17.15 23.78 62.99
C HIS O 53 15.82 24.28 63.49
N GLU O 54 15.61 24.26 64.77
CA GLU O 54 14.47 24.78 65.41
C GLU O 54 14.27 26.25 65.11
N LEU O 55 15.30 27.03 65.23
CA LEU O 55 15.33 28.44 65.07
C LEU O 55 15.05 28.86 63.64
N PHE O 56 15.80 28.37 62.71
CA PHE O 56 15.96 28.76 61.36
C PHE O 56 16.11 27.61 60.41
N PRO O 57 15.02 26.89 60.08
CA PRO O 57 15.12 25.71 59.24
C PRO O 57 15.68 25.90 57.86
N LYS O 58 15.66 27.11 57.29
CA LYS O 58 16.00 27.29 55.87
C LYS O 58 17.40 26.83 55.53
N ALA O 59 18.38 27.15 56.36
CA ALA O 59 19.76 26.94 56.16
C ALA O 59 20.27 25.65 56.74
N LYS O 60 21.41 25.20 56.33
CA LYS O 60 22.20 24.15 56.85
C LYS O 60 22.89 24.62 58.10
N PHE O 61 23.78 23.87 58.67
CA PHE O 61 24.53 24.17 59.83
C PHE O 61 25.65 25.15 59.59
N LYS O 62 26.53 24.86 58.68
CA LYS O 62 27.63 25.65 58.28
C LYS O 62 27.19 26.99 57.74
N ASP O 63 26.20 27.02 56.91
CA ASP O 63 25.54 28.16 56.42
C ASP O 63 25.02 29.02 57.54
N PHE O 64 24.41 28.43 58.52
CA PHE O 64 23.95 29.02 59.71
C PHE O 64 25.04 29.73 60.45
N MET O 65 26.16 29.10 60.60
CA MET O 65 27.34 29.60 61.21
C MET O 65 27.83 30.86 60.54
N LYS O 66 27.95 30.84 59.25
CA LYS O 66 28.34 31.91 58.42
C LYS O 66 27.42 33.10 58.57
N ILE O 67 26.15 32.89 58.51
CA ILE O 67 25.11 33.83 58.68
C ILE O 67 25.20 34.49 60.03
N CYS O 68 25.43 33.73 61.06
CA CYS O 68 25.64 34.16 62.39
C CYS O 68 26.79 35.11 62.49
N GLN O 69 27.90 34.77 61.91
CA GLN O 69 29.06 35.55 61.79
C GLN O 69 28.74 36.92 61.24
N THR O 70 28.12 36.98 60.06
CA THR O 70 27.76 38.22 59.37
C THR O 70 26.79 39.08 60.18
N VAL O 71 25.79 38.48 60.83
CA VAL O 71 24.83 39.13 61.64
C VAL O 71 25.47 39.78 62.84
N GLY O 72 26.25 39.05 63.56
CA GLY O 72 26.98 39.54 64.62
C GLY O 72 27.92 40.63 64.34
N LYS O 73 28.57 40.59 63.17
CA LYS O 73 29.44 41.69 62.71
C LYS O 73 28.63 42.97 62.43
N THR O 74 27.45 42.83 61.83
CA THR O 74 26.65 43.94 61.31
C THR O 74 25.68 44.58 62.32
N ASP O 75 24.84 43.81 63.01
CA ASP O 75 23.74 44.25 63.79
C ASP O 75 24.20 44.93 65.06
N PRO O 76 23.64 46.10 65.44
CA PRO O 76 24.05 46.86 66.63
C PRO O 76 23.27 46.49 67.91
N VAL O 77 22.08 45.91 67.77
CA VAL O 77 21.21 45.44 68.78
C VAL O 77 21.72 44.15 69.36
N LEU O 78 22.14 43.24 68.55
CA LEU O 78 22.78 42.02 68.86
C LEU O 78 24.03 42.26 69.68
N ARG O 79 24.82 43.26 69.25
CA ARG O 79 26.03 43.73 69.93
C ARG O 79 25.70 44.15 71.35
N GLU O 80 24.64 44.91 71.55
CA GLU O 80 24.12 45.38 72.76
C GLU O 80 23.75 44.23 73.67
N TYR O 81 23.06 43.27 73.17
CA TYR O 81 22.64 42.08 73.81
C TYR O 81 23.82 41.32 74.37
N ARG O 82 24.81 41.08 73.58
CA ARG O 82 26.01 40.40 73.89
C ARG O 82 26.76 41.08 75.02
N VAL O 83 26.96 42.35 74.92
CA VAL O 83 27.58 43.19 75.87
C VAL O 83 26.85 43.14 77.19
N SER O 84 25.56 43.15 77.17
CA SER O 84 24.69 43.04 78.28
C SER O 84 24.91 41.76 79.02
N LEU O 85 24.92 40.66 78.33
CA LEU O 85 25.22 39.37 78.82
C LEU O 85 26.53 39.34 79.57
N PHE O 86 27.57 39.78 78.94
CA PHE O 86 28.90 39.81 79.43
C PHE O 86 29.03 40.64 80.68
N ARG O 87 28.45 41.80 80.71
CA ARG O 87 28.39 42.70 81.78
C ARG O 87 27.72 42.09 82.99
N ASP O 88 26.53 41.53 82.75
CA ASP O 88 25.78 40.91 83.82
C ASP O 88 26.57 39.76 84.43
N GLU O 89 27.29 39.00 83.60
CA GLU O 89 28.09 37.91 84.14
C GLU O 89 29.30 38.44 84.91
N MET O 90 29.95 39.49 84.39
CA MET O 90 31.09 40.07 85.08
C MET O 90 30.69 40.65 86.43
N GLY O 91 29.44 41.09 86.56
CA GLY O 91 28.97 41.60 87.83
C GLY O 91 28.69 40.54 88.87
N MET O 92 28.74 39.27 88.48
CA MET O 92 28.52 38.17 89.42
C MET O 92 29.85 37.63 89.92
#